data_1MNF
#
_entry.id   1MNF
#
_cell.length_a   135.415
_cell.length_b   260.694
_cell.length_c   148.691
_cell.angle_alpha   90.00
_cell.angle_beta   100.94
_cell.angle_gamma   90.00
#
_symmetry.space_group_name_H-M   'P 1 21 1'
#
loop_
_entity.id
_entity.type
_entity.pdbx_description
1 polymer 'groEL protein'
2 polymer '12-residue peptide substrate'
3 water water
#
loop_
_entity_poly.entity_id
_entity_poly.type
_entity_poly.pdbx_seq_one_letter_code
_entity_poly.pdbx_strand_id
1 'polypeptide(L)'
;AAKDVKFGNDARVKMLRGVNVLADAVKVTLGPKGRNVVLDKSFGAPTITKDGVSVAREIELEDKFENMGAQMVKEVASKA
NDAAGDGTTTATVLAQAIITEGLKAVAAGMNPMDLKRGIDKAVTAAVEELKALSVPCSDSKAIAQVGTISANSDETVGKL
IAEAMDKVGKEGVITVEDGTGLQDELDVVEGMQFDRGYLSPYFINKPETGAVELESPFILLADKKISNIREMLPVLEAVA
KAGKPLLIIAEDVEGEALATLVVNTMRGIVKVAAVKAPGFGDRRKAMLQDIATLTGGTVISEEIGMELEKATLEDLGQAK
RVVINKDTTTIIDGVGEEAAIQGRVAQIRQQIEEATSDYDREKLQERVAKLAGGVAVIKVGAATEVEMKEKKARVEDALH
ATRAAVEEGVVAGGGVALIRVASKLADLRGQNEDQNVGIKVALRAMEAPLRQIVLNCGEEPSVVANTVKGGDGNYGYNAA
TEEYGNMIDMGILDPTKVTRSALQYAASVAGLMITTECMVTDLPKNDAADLGAAGGMGGMGGMGGMM
;
A,B,C,D,E,F,G,H,I,J,K,L,M,N
2 'polypeptide(L)' SWMTTPWGFLHP O,P,Q,R,S,T,U,V,W,X,Y,Z,1,2
#
# COMPACT_ATOMS: atom_id res chain seq x y z
N ALA A 1 -31.40 10.18 14.76
CA ALA A 1 -30.37 9.58 13.85
C ALA A 1 -30.02 8.15 14.29
N ALA A 2 -29.25 7.43 13.48
CA ALA A 2 -28.87 6.09 13.83
C ALA A 2 -28.10 6.18 15.13
N LYS A 3 -28.33 5.20 16.00
CA LYS A 3 -27.67 5.17 17.30
C LYS A 3 -26.65 4.07 17.37
N ASP A 4 -25.75 4.18 18.35
CA ASP A 4 -24.74 3.16 18.60
C ASP A 4 -25.20 2.65 19.95
N VAL A 5 -25.52 1.38 20.03
CA VAL A 5 -26.00 0.82 21.29
C VAL A 5 -25.00 -0.17 21.88
N LYS A 6 -24.59 0.08 23.13
CA LYS A 6 -23.66 -0.83 23.81
C LYS A 6 -24.34 -1.52 24.98
N PHE A 7 -23.87 -2.71 25.31
CA PHE A 7 -24.47 -3.47 26.41
C PHE A 7 -23.51 -3.91 27.51
N GLY A 8 -24.12 -4.41 28.57
CA GLY A 8 -23.37 -4.91 29.72
C GLY A 8 -21.94 -4.47 29.95
N ASN A 9 -21.02 -5.42 29.86
CA ASN A 9 -19.62 -5.13 30.12
C ASN A 9 -19.01 -4.06 29.24
N ASP A 10 -19.31 -4.08 27.94
CA ASP A 10 -18.76 -3.06 27.06
C ASP A 10 -19.22 -1.69 27.53
N ALA A 11 -20.51 -1.57 27.84
CA ALA A 11 -21.07 -0.31 28.31
C ALA A 11 -20.42 0.15 29.62
N ARG A 12 -20.24 -0.79 30.54
CA ARG A 12 -19.65 -0.47 31.82
C ARG A 12 -18.21 0.04 31.73
N VAL A 13 -17.32 -0.66 31.03
CA VAL A 13 -15.94 -0.20 30.93
C VAL A 13 -15.87 1.23 30.36
N LYS A 14 -16.73 1.52 29.40
CA LYS A 14 -16.75 2.86 28.81
C LYS A 14 -17.05 3.87 29.90
N MET A 15 -18.10 3.64 30.64
CA MET A 15 -18.44 4.56 31.71
C MET A 15 -17.29 4.72 32.68
N LEU A 16 -16.71 3.60 33.10
CA LEU A 16 -15.59 3.64 34.03
C LEU A 16 -14.49 4.56 33.53
N ARG A 17 -14.07 4.36 32.27
CA ARG A 17 -13.02 5.19 31.67
C ARG A 17 -13.38 6.66 31.69
N GLY A 18 -14.64 6.95 31.40
CA GLY A 18 -15.11 8.32 31.41
C GLY A 18 -14.96 8.96 32.77
N VAL A 19 -15.46 8.31 33.83
CA VAL A 19 -15.36 8.90 35.16
C VAL A 19 -13.94 8.92 35.64
N ASN A 20 -13.11 8.00 35.14
CA ASN A 20 -11.71 8.02 35.55
C ASN A 20 -11.02 9.29 35.03
N VAL A 21 -11.36 9.71 33.82
CA VAL A 21 -10.77 10.92 33.30
C VAL A 21 -11.24 12.10 34.14
N LEU A 22 -12.53 12.11 34.46
CA LEU A 22 -13.10 13.19 35.27
C LEU A 22 -12.49 13.22 36.66
N ALA A 23 -12.71 12.16 37.41
CA ALA A 23 -12.19 12.08 38.77
C ALA A 23 -10.69 12.32 38.82
N ASP A 24 -9.93 11.67 37.94
CA ASP A 24 -8.48 11.82 37.95
C ASP A 24 -8.04 13.26 37.75
N ALA A 25 -8.79 13.98 36.94
CA ALA A 25 -8.47 15.36 36.67
C ALA A 25 -8.81 16.25 37.85
N VAL A 26 -9.94 15.97 38.46
CA VAL A 26 -10.40 16.76 39.58
C VAL A 26 -9.72 16.48 40.91
N LYS A 27 -9.49 15.20 41.24
CA LYS A 27 -8.89 14.87 42.53
C LYS A 27 -7.45 15.34 42.77
N VAL A 28 -6.74 15.78 41.73
CA VAL A 28 -5.38 16.26 41.96
C VAL A 28 -5.39 17.56 42.74
N THR A 29 -6.54 18.22 42.78
CA THR A 29 -6.65 19.49 43.49
C THR A 29 -7.01 19.33 44.96
N LEU A 30 -7.47 18.14 45.32
CA LEU A 30 -7.92 17.87 46.68
C LEU A 30 -6.89 18.04 47.78
N GLY A 31 -7.30 18.71 48.87
CA GLY A 31 -6.40 18.90 50.00
C GLY A 31 -5.51 20.13 49.98
N PRO A 32 -4.88 20.46 51.12
CA PRO A 32 -3.99 21.61 51.23
C PRO A 32 -2.73 21.52 50.39
N LYS A 33 -2.38 20.33 49.91
CA LYS A 33 -1.21 20.20 49.05
C LYS A 33 -1.66 19.88 47.62
N GLY A 34 -2.92 20.27 47.35
CA GLY A 34 -3.50 20.04 46.03
C GLY A 34 -2.64 20.61 44.91
N ARG A 35 -2.69 19.97 43.76
CA ARG A 35 -1.89 20.40 42.62
C ARG A 35 -2.70 21.31 41.71
N ASN A 36 -1.99 21.99 40.81
CA ASN A 36 -2.61 22.89 39.86
C ASN A 36 -3.06 22.16 38.60
N VAL A 37 -4.19 22.58 38.06
CA VAL A 37 -4.69 22.04 36.81
C VAL A 37 -4.68 23.23 35.86
N VAL A 38 -4.20 23.04 34.64
CA VAL A 38 -4.16 24.11 33.67
C VAL A 38 -5.30 23.92 32.66
N LEU A 39 -6.21 24.89 32.62
CA LEU A 39 -7.35 24.83 31.70
C LEU A 39 -7.11 25.84 30.59
N ASP A 40 -7.12 25.34 29.36
CA ASP A 40 -6.89 26.18 28.20
C ASP A 40 -8.08 27.11 27.89
N LYS A 41 -7.80 28.17 27.14
CA LYS A 41 -8.82 29.13 26.78
C LYS A 41 -8.70 29.39 25.30
N SER A 42 -9.83 29.69 24.66
CA SER A 42 -9.82 29.96 23.23
C SER A 42 -8.96 31.20 22.92
N PHE A 43 -9.03 32.21 23.78
CA PHE A 43 -8.25 33.44 23.57
C PHE A 43 -7.66 33.95 24.89
N GLY A 44 -6.33 34.08 24.91
CA GLY A 44 -5.66 34.58 26.09
C GLY A 44 -4.63 33.61 26.64
N ALA A 45 -4.41 33.71 27.94
CA ALA A 45 -3.46 32.85 28.64
C ALA A 45 -4.25 31.76 29.37
N PRO A 46 -3.70 30.54 29.43
CA PRO A 46 -4.39 29.45 30.11
C PRO A 46 -4.78 29.82 31.52
N THR A 47 -5.74 29.11 32.08
CA THR A 47 -6.18 29.34 33.44
C THR A 47 -5.48 28.31 34.32
N ILE A 48 -4.88 28.77 35.41
CA ILE A 48 -4.21 27.85 36.32
C ILE A 48 -5.08 27.81 37.57
N THR A 49 -5.65 26.66 37.87
CA THR A 49 -6.54 26.58 39.04
C THR A 49 -6.42 25.32 39.89
N LYS A 50 -6.82 25.47 41.15
CA LYS A 50 -6.84 24.36 42.08
C LYS A 50 -8.30 24.15 42.50
N ASP A 51 -9.22 24.71 41.71
CA ASP A 51 -10.64 24.60 41.98
C ASP A 51 -11.28 23.44 41.23
N GLY A 52 -11.42 22.33 41.95
CA GLY A 52 -12.02 21.14 41.38
C GLY A 52 -13.28 21.41 40.57
N VAL A 53 -14.12 22.33 41.03
CA VAL A 53 -15.35 22.62 40.29
C VAL A 53 -15.03 23.19 38.91
N SER A 54 -14.06 24.09 38.84
CA SER A 54 -13.70 24.68 37.55
C SER A 54 -13.23 23.60 36.58
N VAL A 55 -12.44 22.67 37.09
CA VAL A 55 -11.90 21.60 36.25
C VAL A 55 -13.04 20.74 35.74
N ALA A 56 -13.93 20.33 36.64
CA ALA A 56 -15.06 19.48 36.28
C ALA A 56 -15.88 20.05 35.13
N ARG A 57 -16.14 21.36 35.19
CA ARG A 57 -16.90 22.06 34.17
C ARG A 57 -16.30 21.90 32.77
N GLU A 58 -14.98 21.85 32.71
CA GLU A 58 -14.28 21.73 31.44
C GLU A 58 -14.19 20.33 30.88
N ILE A 59 -14.55 19.32 31.66
CA ILE A 59 -14.43 17.95 31.18
C ILE A 59 -15.52 17.44 30.25
N GLU A 60 -15.10 17.10 29.03
CA GLU A 60 -15.97 16.56 27.99
C GLU A 60 -15.09 15.62 27.16
N LEU A 61 -15.51 14.36 27.04
CA LEU A 61 -14.71 13.38 26.32
C LEU A 61 -15.14 13.13 24.87
N GLU A 62 -14.18 12.72 24.05
CA GLU A 62 -14.45 12.44 22.64
C GLU A 62 -15.31 11.21 22.42
N ASP A 63 -15.03 10.13 23.13
CA ASP A 63 -15.83 8.91 23.01
C ASP A 63 -17.18 9.18 23.70
N LYS A 64 -18.24 9.12 22.92
CA LYS A 64 -19.58 9.40 23.42
C LYS A 64 -19.98 8.59 24.65
N PHE A 65 -19.59 7.31 24.73
CA PHE A 65 -19.95 6.48 25.87
C PHE A 65 -19.16 6.91 27.10
N GLU A 66 -17.87 7.12 26.90
CA GLU A 66 -17.02 7.55 28.00
C GLU A 66 -17.52 8.90 28.49
N ASN A 67 -17.98 9.73 27.56
CA ASN A 67 -18.48 11.05 27.91
C ASN A 67 -19.74 10.97 28.77
N MET A 68 -20.64 10.06 28.43
CA MET A 68 -21.86 9.91 29.20
C MET A 68 -21.47 9.54 30.62
N GLY A 69 -20.41 8.74 30.74
CA GLY A 69 -19.97 8.36 32.08
C GLY A 69 -19.58 9.60 32.87
N ALA A 70 -18.74 10.43 32.26
CA ALA A 70 -18.28 11.64 32.92
C ALA A 70 -19.43 12.61 33.22
N GLN A 71 -20.30 12.81 32.27
CA GLN A 71 -21.42 13.73 32.47
C GLN A 71 -22.35 13.31 33.59
N MET A 72 -22.50 12.00 33.80
CA MET A 72 -23.39 11.51 34.85
C MET A 72 -22.91 11.84 36.26
N VAL A 73 -21.68 11.46 36.59
CA VAL A 73 -21.20 11.76 37.93
C VAL A 73 -20.99 13.27 38.06
N LYS A 74 -20.58 13.87 36.95
CA LYS A 74 -20.35 15.30 36.91
C LYS A 74 -21.65 16.00 37.34
N GLU A 75 -22.78 15.48 36.86
CA GLU A 75 -24.10 16.03 37.19
C GLU A 75 -24.57 15.90 38.64
N VAL A 76 -24.58 14.68 39.19
CA VAL A 76 -25.05 14.51 40.56
C VAL A 76 -24.03 15.06 41.55
N ALA A 77 -22.75 15.07 41.15
CA ALA A 77 -21.75 15.60 42.03
C ALA A 77 -22.06 17.08 42.23
N SER A 78 -22.45 17.77 41.16
CA SER A 78 -22.75 19.20 41.28
C SER A 78 -23.96 19.40 42.17
N LYS A 79 -24.86 18.42 42.22
CA LYS A 79 -26.04 18.56 43.07
C LYS A 79 -25.60 18.76 44.54
N ALA A 80 -24.46 18.19 44.89
CA ALA A 80 -23.92 18.32 46.24
C ALA A 80 -23.57 19.77 46.53
N ASN A 81 -22.75 20.36 45.67
CA ASN A 81 -22.35 21.75 45.84
C ASN A 81 -23.57 22.64 45.96
N ASP A 82 -24.63 22.32 45.23
CA ASP A 82 -25.85 23.11 45.28
C ASP A 82 -26.52 22.99 46.65
N ALA A 83 -26.55 21.76 47.18
CA ALA A 83 -27.17 21.49 48.47
C ALA A 83 -26.41 21.99 49.69
N ALA A 84 -25.08 22.00 49.63
CA ALA A 84 -24.32 22.44 50.80
C ALA A 84 -23.22 23.45 50.49
N GLY A 85 -23.17 23.91 49.26
CA GLY A 85 -22.16 24.87 48.90
C GLY A 85 -20.76 24.31 48.83
N ASP A 86 -20.64 22.99 48.84
CA ASP A 86 -19.33 22.36 48.77
C ASP A 86 -19.48 20.85 48.66
N GLY A 87 -18.39 20.17 48.29
CA GLY A 87 -18.43 18.72 48.20
C GLY A 87 -18.44 18.05 46.85
N THR A 88 -18.48 18.81 45.75
CA THR A 88 -18.50 18.17 44.43
C THR A 88 -17.26 17.31 44.17
N THR A 89 -16.09 17.89 44.42
CA THR A 89 -14.86 17.14 44.21
C THR A 89 -14.90 15.87 45.08
N THR A 90 -15.22 16.02 46.36
CA THR A 90 -15.29 14.86 47.24
C THR A 90 -16.26 13.83 46.66
N ALA A 91 -17.46 14.29 46.28
CA ALA A 91 -18.47 13.41 45.73
C ALA A 91 -17.90 12.69 44.50
N THR A 92 -17.14 13.43 43.68
CA THR A 92 -16.55 12.86 42.48
C THR A 92 -15.54 11.75 42.78
N VAL A 93 -14.64 11.96 43.74
CA VAL A 93 -13.67 10.92 44.03
C VAL A 93 -14.37 9.73 44.72
N LEU A 94 -15.40 10.02 45.51
CA LEU A 94 -16.14 8.97 46.19
C LEU A 94 -16.84 8.13 45.14
N ALA A 95 -17.38 8.78 44.12
CA ALA A 95 -18.06 8.09 43.03
C ALA A 95 -17.09 7.19 42.26
N GLN A 96 -15.88 7.68 41.97
CA GLN A 96 -14.90 6.88 41.26
C GLN A 96 -14.56 5.61 42.05
N ALA A 97 -14.43 5.77 43.37
CA ALA A 97 -14.11 4.65 44.27
C ALA A 97 -15.21 3.58 44.32
N ILE A 98 -16.45 4.00 44.55
CA ILE A 98 -17.54 3.06 44.60
C ILE A 98 -17.69 2.37 43.23
N ILE A 99 -17.71 3.14 42.15
CA ILE A 99 -17.87 2.60 40.81
C ILE A 99 -16.77 1.62 40.42
N THR A 100 -15.52 1.99 40.68
CA THR A 100 -14.40 1.13 40.34
C THR A 100 -14.53 -0.25 40.97
N GLU A 101 -14.70 -0.30 42.28
CA GLU A 101 -14.84 -1.59 42.96
C GLU A 101 -16.17 -2.26 42.62
N GLY A 102 -17.24 -1.47 42.61
CA GLY A 102 -18.55 -2.01 42.29
C GLY A 102 -18.56 -2.73 40.95
N LEU A 103 -17.91 -2.13 39.95
CA LEU A 103 -17.86 -2.75 38.65
C LEU A 103 -17.00 -4.01 38.66
N LYS A 104 -15.96 -4.02 39.50
CA LYS A 104 -15.12 -5.22 39.58
C LYS A 104 -15.97 -6.37 40.06
N ALA A 105 -16.73 -6.14 41.13
CA ALA A 105 -17.61 -7.15 41.68
C ALA A 105 -18.59 -7.65 40.61
N VAL A 106 -19.10 -6.74 39.79
CA VAL A 106 -20.03 -7.13 38.75
C VAL A 106 -19.36 -8.06 37.75
N ALA A 107 -18.17 -7.69 37.29
CA ALA A 107 -17.44 -8.50 36.33
C ALA A 107 -17.11 -9.87 36.93
N ALA A 108 -17.00 -9.90 38.26
CA ALA A 108 -16.70 -11.15 38.95
C ALA A 108 -17.95 -12.01 39.02
N GLY A 109 -19.06 -11.50 38.46
CA GLY A 109 -20.30 -12.25 38.46
C GLY A 109 -21.27 -11.99 39.61
N MET A 110 -21.02 -10.95 40.40
CA MET A 110 -21.94 -10.68 41.50
C MET A 110 -23.17 -9.91 41.01
N ASN A 111 -24.26 -10.05 41.76
CA ASN A 111 -25.51 -9.41 41.43
C ASN A 111 -25.48 -7.89 41.57
N PRO A 112 -25.65 -7.17 40.46
CA PRO A 112 -25.64 -5.70 40.50
C PRO A 112 -26.63 -5.12 41.51
N MET A 113 -27.87 -5.60 41.47
CA MET A 113 -28.90 -5.12 42.38
C MET A 113 -28.54 -5.34 43.87
N ASP A 114 -28.00 -6.52 44.20
CA ASP A 114 -27.62 -6.74 45.59
C ASP A 114 -26.44 -5.83 45.95
N LEU A 115 -25.51 -5.66 45.01
CA LEU A 115 -24.35 -4.80 45.26
C LEU A 115 -24.85 -3.42 45.61
N LYS A 116 -25.85 -2.95 44.85
CA LYS A 116 -26.41 -1.63 45.08
C LYS A 116 -27.09 -1.54 46.44
N ARG A 117 -27.85 -2.56 46.80
CA ARG A 117 -28.52 -2.56 48.09
C ARG A 117 -27.50 -2.44 49.21
N GLY A 118 -26.39 -3.16 49.08
CA GLY A 118 -25.35 -3.12 50.10
C GLY A 118 -24.72 -1.76 50.27
N ILE A 119 -24.40 -1.13 49.12
CA ILE A 119 -23.79 0.20 49.11
C ILE A 119 -24.73 1.16 49.83
N ASP A 120 -26.00 1.10 49.45
CA ASP A 120 -27.02 1.95 50.06
C ASP A 120 -27.16 1.70 51.56
N LYS A 121 -27.19 0.42 51.95
CA LYS A 121 -27.31 0.13 53.38
C LYS A 121 -26.12 0.72 54.12
N ALA A 122 -24.92 0.55 53.57
CA ALA A 122 -23.71 1.08 54.21
C ALA A 122 -23.78 2.60 54.31
N VAL A 123 -24.28 3.25 53.25
CA VAL A 123 -24.38 4.70 53.25
C VAL A 123 -25.36 5.20 54.32
N THR A 124 -26.53 4.54 54.43
CA THR A 124 -27.50 4.95 55.43
C THR A 124 -26.88 4.87 56.82
N ALA A 125 -26.21 3.75 57.09
CA ALA A 125 -25.55 3.52 58.36
C ALA A 125 -24.54 4.63 58.57
N ALA A 126 -23.72 4.88 57.56
CA ALA A 126 -22.70 5.91 57.63
C ALA A 126 -23.27 7.30 57.93
N VAL A 127 -24.39 7.68 57.31
CA VAL A 127 -24.96 9.00 57.57
C VAL A 127 -25.43 9.13 59.02
N GLU A 128 -25.90 8.04 59.60
CA GLU A 128 -26.33 8.10 61.00
C GLU A 128 -25.09 8.27 61.88
N GLU A 129 -24.07 7.48 61.58
CA GLU A 129 -22.82 7.52 62.32
C GLU A 129 -22.22 8.92 62.21
N LEU A 130 -22.52 9.56 61.09
CA LEU A 130 -22.03 10.92 60.82
C LEU A 130 -22.75 11.92 61.73
N LYS A 131 -24.05 11.75 61.89
CA LYS A 131 -24.82 12.64 62.74
C LYS A 131 -24.31 12.55 64.17
N ALA A 132 -24.01 11.33 64.59
CA ALA A 132 -23.52 11.11 65.93
C ALA A 132 -22.19 11.86 66.13
N LEU A 133 -21.27 11.71 65.16
CA LEU A 133 -19.96 12.34 65.22
C LEU A 133 -20.05 13.86 65.20
N SER A 134 -21.10 14.36 64.58
CA SER A 134 -21.32 15.80 64.43
C SER A 134 -21.34 16.62 65.72
N VAL A 135 -20.69 17.77 65.67
CA VAL A 135 -20.61 18.70 66.79
C VAL A 135 -21.52 19.87 66.46
N PRO A 136 -22.33 20.28 67.42
CA PRO A 136 -23.23 21.40 67.11
C PRO A 136 -22.53 22.73 66.93
N CYS A 137 -23.21 23.62 66.23
CA CYS A 137 -22.73 24.97 65.95
C CYS A 137 -23.97 25.84 66.07
N SER A 138 -24.43 26.05 67.30
CA SER A 138 -25.64 26.82 67.56
C SER A 138 -25.51 28.23 68.11
N ASP A 139 -24.46 28.50 68.86
CA ASP A 139 -24.30 29.85 69.42
C ASP A 139 -23.41 30.70 68.51
N SER A 140 -23.48 32.01 68.67
CA SER A 140 -22.70 32.91 67.84
C SER A 140 -21.20 32.72 67.98
N LYS A 141 -20.77 32.20 69.12
CA LYS A 141 -19.35 31.97 69.34
C LYS A 141 -18.88 30.96 68.30
N ALA A 142 -19.64 29.86 68.19
CA ALA A 142 -19.33 28.80 67.24
C ALA A 142 -19.49 29.31 65.81
N ILE A 143 -20.63 29.93 65.54
CA ILE A 143 -20.91 30.48 64.24
C ILE A 143 -19.72 31.31 63.77
N ALA A 144 -19.16 32.11 64.68
CA ALA A 144 -18.02 32.94 64.35
C ALA A 144 -16.75 32.13 64.06
N GLN A 145 -16.47 31.13 64.91
CA GLN A 145 -15.29 30.29 64.72
C GLN A 145 -15.31 29.64 63.35
N VAL A 146 -16.44 29.01 63.00
CA VAL A 146 -16.57 28.33 61.73
C VAL A 146 -16.37 29.32 60.59
N GLY A 147 -17.03 30.47 60.67
CA GLY A 147 -16.89 31.47 59.63
C GLY A 147 -15.45 31.93 59.47
N THR A 148 -14.75 32.06 60.59
CA THR A 148 -13.36 32.48 60.56
C THR A 148 -12.52 31.43 59.85
N ILE A 149 -12.76 30.17 60.17
CA ILE A 149 -12.02 29.08 59.55
C ILE A 149 -12.28 29.03 58.04
N SER A 150 -13.52 29.33 57.65
CA SER A 150 -13.91 29.31 56.23
C SER A 150 -13.31 30.50 55.48
N ALA A 151 -13.19 31.63 56.16
CA ALA A 151 -12.63 32.83 55.55
C ALA A 151 -11.10 32.78 55.59
N ASN A 152 -10.56 31.60 55.84
CA ASN A 152 -9.12 31.41 55.90
C ASN A 152 -8.49 32.13 57.10
N SER A 153 -9.11 31.97 58.26
CA SER A 153 -8.62 32.55 59.50
C SER A 153 -8.80 34.06 59.64
N ASP A 154 -9.81 34.61 58.98
CA ASP A 154 -10.08 36.03 59.05
C ASP A 154 -11.19 36.28 60.07
N GLU A 155 -10.81 36.57 61.32
CA GLU A 155 -11.78 36.81 62.37
C GLU A 155 -12.83 37.84 62.00
N THR A 156 -12.47 38.75 61.10
CA THR A 156 -13.37 39.79 60.64
C THR A 156 -14.62 39.16 60.04
N VAL A 157 -14.40 38.31 59.06
CA VAL A 157 -15.50 37.62 58.37
C VAL A 157 -16.34 36.85 59.38
N GLY A 158 -15.69 36.08 60.25
CA GLY A 158 -16.41 35.31 61.25
C GLY A 158 -17.32 36.22 62.05
N LYS A 159 -16.79 37.37 62.47
CA LYS A 159 -17.56 38.34 63.24
C LYS A 159 -18.76 38.81 62.43
N LEU A 160 -18.51 39.28 61.22
CA LEU A 160 -19.58 39.76 60.36
C LEU A 160 -20.73 38.77 60.26
N ILE A 161 -20.43 37.54 59.86
CA ILE A 161 -21.45 36.51 59.70
C ILE A 161 -22.24 36.29 60.97
N ALA A 162 -21.55 36.32 62.10
CA ALA A 162 -22.22 36.11 63.38
C ALA A 162 -23.15 37.26 63.69
N GLU A 163 -22.73 38.48 63.36
CA GLU A 163 -23.55 39.67 63.61
C GLU A 163 -24.76 39.61 62.70
N ALA A 164 -24.52 39.22 61.46
CA ALA A 164 -25.59 39.12 60.49
C ALA A 164 -26.66 38.12 60.92
N MET A 165 -26.22 36.94 61.35
CA MET A 165 -27.19 35.92 61.77
C MET A 165 -27.90 36.33 63.05
N ASP A 166 -27.23 37.14 63.85
CA ASP A 166 -27.82 37.59 65.10
C ASP A 166 -28.95 38.56 64.77
N LYS A 167 -28.79 39.30 63.67
CA LYS A 167 -29.78 40.27 63.23
C LYS A 167 -31.04 39.65 62.63
N VAL A 168 -30.86 38.70 61.71
CA VAL A 168 -32.01 38.08 61.05
C VAL A 168 -32.23 36.59 61.34
N GLY A 169 -31.47 36.04 62.28
CA GLY A 169 -31.63 34.63 62.63
C GLY A 169 -30.69 33.80 61.77
N LYS A 170 -30.35 32.59 62.23
CA LYS A 170 -29.45 31.76 61.44
C LYS A 170 -30.12 31.08 60.25
N GLU A 171 -31.41 31.36 60.07
CA GLU A 171 -32.15 30.80 58.95
C GLU A 171 -32.69 31.98 58.14
N GLY A 172 -32.15 33.17 58.40
CA GLY A 172 -32.59 34.37 57.71
C GLY A 172 -31.80 34.68 56.48
N VAL A 173 -32.36 35.53 55.61
CA VAL A 173 -31.70 35.91 54.37
C VAL A 173 -30.53 36.85 54.62
N ILE A 174 -29.40 36.53 54.02
CA ILE A 174 -28.19 37.35 54.15
C ILE A 174 -27.54 37.48 52.77
N THR A 175 -27.21 38.71 52.36
CA THR A 175 -26.57 38.95 51.08
C THR A 175 -25.29 39.73 51.28
N VAL A 176 -24.36 39.65 50.34
CA VAL A 176 -23.11 40.39 50.44
C VAL A 176 -22.95 41.27 49.21
N GLU A 177 -22.41 42.48 49.39
CA GLU A 177 -22.22 43.42 48.28
C GLU A 177 -20.90 44.15 48.46
N ASP A 178 -20.42 44.75 47.38
CA ASP A 178 -19.20 45.53 47.44
C ASP A 178 -19.46 46.67 48.41
N GLY A 179 -18.45 47.05 49.18
CA GLY A 179 -18.65 48.12 50.14
C GLY A 179 -18.48 49.50 49.54
N THR A 180 -18.74 50.51 50.36
CA THR A 180 -18.61 51.89 49.93
C THR A 180 -17.16 52.31 50.07
N GLY A 181 -16.35 51.45 50.67
CA GLY A 181 -14.93 51.74 50.83
C GLY A 181 -14.38 51.67 52.22
N LEU A 182 -13.54 50.66 52.48
CA LEU A 182 -12.90 50.46 53.78
C LEU A 182 -13.92 50.40 54.90
N GLN A 183 -13.82 49.36 55.73
CA GLN A 183 -14.76 49.16 56.84
C GLN A 183 -16.07 48.57 56.35
N ASP A 184 -16.43 47.45 56.95
CA ASP A 184 -17.65 46.75 56.58
C ASP A 184 -18.88 47.49 57.09
N GLU A 185 -20.05 47.07 56.61
CA GLU A 185 -21.30 47.67 57.02
C GLU A 185 -22.34 46.57 57.02
N LEU A 186 -23.16 46.54 58.06
CA LEU A 186 -24.21 45.53 58.14
C LEU A 186 -25.55 46.24 58.28
N ASP A 187 -26.44 46.01 57.33
CA ASP A 187 -27.74 46.67 57.37
C ASP A 187 -28.85 45.69 57.07
N VAL A 188 -30.00 45.92 57.69
CA VAL A 188 -31.14 45.08 57.44
C VAL A 188 -32.17 45.94 56.73
N VAL A 189 -32.61 45.50 55.57
CA VAL A 189 -33.57 46.25 54.79
C VAL A 189 -34.78 45.42 54.43
N GLU A 190 -35.76 46.05 53.78
CA GLU A 190 -36.96 45.33 53.37
C GLU A 190 -36.52 44.51 52.18
N GLY A 191 -36.72 43.20 52.26
CA GLY A 191 -36.32 42.35 51.16
C GLY A 191 -36.96 40.99 51.29
N MET A 192 -36.66 40.13 50.33
CA MET A 192 -37.22 38.80 50.32
C MET A 192 -36.42 37.87 49.40
N GLN A 193 -36.67 36.57 49.52
CA GLN A 193 -35.97 35.58 48.72
C GLN A 193 -36.85 34.36 48.49
N PHE A 194 -36.97 33.92 47.24
CA PHE A 194 -37.77 32.76 46.92
C PHE A 194 -37.01 31.78 46.03
N ASP A 195 -37.50 30.55 45.97
CA ASP A 195 -36.84 29.48 45.23
C ASP A 195 -37.19 29.40 43.76
N ARG A 196 -36.67 30.34 43.00
CA ARG A 196 -36.89 30.37 41.55
C ARG A 196 -35.65 30.98 40.93
N GLY A 197 -35.01 30.23 40.04
CA GLY A 197 -33.81 30.73 39.40
C GLY A 197 -34.13 31.45 38.11
N TYR A 198 -33.09 31.90 37.41
CA TYR A 198 -33.26 32.58 36.13
C TYR A 198 -33.91 31.65 35.13
N LEU A 199 -34.74 32.19 34.25
CA LEU A 199 -35.43 31.39 33.24
C LEU A 199 -34.52 30.96 32.10
N SER A 200 -33.23 31.22 32.26
CA SER A 200 -32.24 30.85 31.25
C SER A 200 -30.95 31.57 31.54
N PRO A 201 -29.80 30.95 31.25
CA PRO A 201 -28.56 31.69 31.52
C PRO A 201 -28.60 32.88 30.57
N TYR A 202 -27.45 33.31 30.07
CA TYR A 202 -27.44 34.46 29.17
C TYR A 202 -27.79 35.71 29.97
N PHE A 203 -28.81 35.62 30.82
CA PHE A 203 -29.19 36.75 31.65
C PHE A 203 -28.00 37.01 32.57
N ILE A 204 -27.28 35.92 32.87
CA ILE A 204 -26.10 35.97 33.71
C ILE A 204 -25.14 37.05 33.27
N ASN A 205 -24.91 38.03 34.14
CA ASN A 205 -23.99 39.12 33.83
C ASN A 205 -22.81 39.10 34.81
N LYS A 206 -22.72 38.00 35.56
CA LYS A 206 -21.64 37.81 36.53
C LYS A 206 -21.28 36.33 36.51
N PRO A 207 -20.64 35.88 35.40
CA PRO A 207 -20.22 34.49 35.16
C PRO A 207 -19.37 33.87 36.26
N GLU A 208 -18.58 34.69 36.94
CA GLU A 208 -17.73 34.19 38.02
C GLU A 208 -18.61 33.46 39.03
N THR A 209 -19.79 34.02 39.28
CA THR A 209 -20.73 33.44 40.23
C THR A 209 -21.90 32.78 39.53
N GLY A 210 -21.95 32.91 38.21
CA GLY A 210 -23.05 32.33 37.48
C GLY A 210 -24.35 32.89 38.02
N ALA A 211 -24.37 34.22 38.20
CA ALA A 211 -25.54 34.90 38.75
C ALA A 211 -25.96 36.11 37.93
N VAL A 212 -27.20 36.53 38.13
CA VAL A 212 -27.74 37.71 37.45
C VAL A 212 -27.82 38.78 38.51
N GLU A 213 -27.27 39.95 38.22
CA GLU A 213 -27.28 41.04 39.17
C GLU A 213 -27.81 42.34 38.56
N LEU A 214 -28.96 42.79 39.03
CA LEU A 214 -29.58 44.01 38.51
C LEU A 214 -29.53 45.11 39.55
N GLU A 215 -29.27 46.34 39.10
CA GLU A 215 -29.18 47.48 40.01
C GLU A 215 -30.30 48.49 39.80
N SER A 216 -31.03 48.78 40.87
CA SER A 216 -32.16 49.72 40.82
C SER A 216 -33.13 49.27 39.73
N PRO A 217 -33.52 47.99 39.75
CA PRO A 217 -34.45 47.49 38.74
C PRO A 217 -35.92 47.68 39.03
N PHE A 218 -36.70 47.70 37.97
CA PHE A 218 -38.14 47.80 38.07
C PHE A 218 -38.54 46.34 38.21
N ILE A 219 -39.76 46.09 38.67
CA ILE A 219 -40.19 44.70 38.82
C ILE A 219 -41.62 44.54 38.31
N LEU A 220 -41.77 43.75 37.26
CA LEU A 220 -43.08 43.48 36.67
C LEU A 220 -43.62 42.18 37.20
N LEU A 221 -44.77 42.26 37.87
CA LEU A 221 -45.40 41.07 38.43
C LEU A 221 -46.60 40.75 37.56
N ALA A 222 -46.53 39.62 36.88
CA ALA A 222 -47.62 39.21 36.00
C ALA A 222 -48.12 37.81 36.32
N ASP A 223 -49.35 37.72 36.80
CA ASP A 223 -49.94 36.43 37.17
C ASP A 223 -50.45 35.69 35.93
N LYS A 224 -49.54 35.44 34.99
CA LYS A 224 -49.89 34.74 33.76
C LYS A 224 -48.63 34.29 33.02
N LYS A 225 -48.81 33.53 31.95
CA LYS A 225 -47.70 33.04 31.15
C LYS A 225 -47.54 33.97 29.95
N ILE A 226 -46.30 34.35 29.63
CA ILE A 226 -46.04 35.27 28.51
C ILE A 226 -45.51 34.58 27.26
N SER A 227 -46.32 34.61 26.20
CA SER A 227 -45.96 33.98 24.92
C SER A 227 -45.58 35.01 23.86
N ASN A 228 -46.47 35.96 23.64
CA ASN A 228 -46.25 36.99 22.64
C ASN A 228 -45.56 38.18 23.28
N ILE A 229 -44.28 38.34 22.99
CA ILE A 229 -43.56 39.44 23.61
C ILE A 229 -44.09 40.80 23.19
N ARG A 230 -45.09 40.82 22.31
CA ARG A 230 -45.68 42.07 21.86
C ARG A 230 -46.33 42.77 23.07
N GLU A 231 -47.05 41.99 23.87
CA GLU A 231 -47.73 42.48 25.07
C GLU A 231 -46.80 43.38 25.90
N MET A 232 -45.53 43.01 25.91
CA MET A 232 -44.53 43.71 26.69
C MET A 232 -44.11 45.05 26.13
N LEU A 233 -43.88 45.11 24.83
CA LEU A 233 -43.42 46.32 24.14
C LEU A 233 -43.72 47.66 24.80
N PRO A 234 -45.00 47.97 25.01
CA PRO A 234 -45.32 49.25 25.65
C PRO A 234 -44.59 49.47 26.97
N VAL A 235 -44.52 48.43 27.80
CA VAL A 235 -43.86 48.52 29.09
C VAL A 235 -42.34 48.52 28.93
N LEU A 236 -41.82 47.59 28.13
CA LEU A 236 -40.38 47.52 27.90
C LEU A 236 -39.84 48.84 27.37
N GLU A 237 -40.59 49.48 26.47
CA GLU A 237 -40.16 50.76 25.92
C GLU A 237 -40.04 51.79 27.04
N ALA A 238 -40.98 51.73 27.99
CA ALA A 238 -41.00 52.65 29.11
C ALA A 238 -39.77 52.41 29.96
N VAL A 239 -39.46 51.13 30.19
CA VAL A 239 -38.30 50.76 30.98
C VAL A 239 -37.04 51.04 30.15
N ALA A 240 -37.18 51.01 28.83
CA ALA A 240 -36.07 51.30 27.94
C ALA A 240 -35.57 52.70 28.29
N LYS A 241 -36.47 53.68 28.27
CA LYS A 241 -36.11 55.02 28.68
C LYS A 241 -35.92 54.83 30.19
N ALA A 242 -35.56 55.88 30.91
CA ALA A 242 -35.35 55.75 32.36
C ALA A 242 -34.05 54.96 32.59
N GLY A 243 -33.65 54.19 31.59
CA GLY A 243 -32.42 53.41 31.68
C GLY A 243 -32.25 52.57 32.92
N LYS A 244 -33.26 51.78 33.23
CA LYS A 244 -33.21 50.91 34.39
C LYS A 244 -33.46 49.48 33.98
N PRO A 245 -32.87 48.50 34.70
CA PRO A 245 -33.06 47.09 34.37
C PRO A 245 -34.46 46.66 34.81
N LEU A 246 -34.95 45.57 34.24
CA LEU A 246 -36.27 45.05 34.56
C LEU A 246 -36.29 43.56 34.90
N LEU A 247 -36.90 43.24 36.02
CA LEU A 247 -37.03 41.86 36.47
C LEU A 247 -38.46 41.45 36.17
N ILE A 248 -38.60 40.40 35.36
CA ILE A 248 -39.93 39.90 35.02
C ILE A 248 -40.25 38.71 35.94
N ILE A 249 -41.34 38.81 36.69
CA ILE A 249 -41.76 37.71 37.56
C ILE A 249 -43.14 37.27 37.07
N ALA A 250 -43.16 36.30 36.17
CA ALA A 250 -44.41 35.82 35.61
C ALA A 250 -44.61 34.34 35.91
N GLU A 251 -45.80 33.84 35.58
CA GLU A 251 -46.10 32.42 35.80
C GLU A 251 -45.11 31.62 34.96
N ASP A 252 -44.61 32.25 33.91
CA ASP A 252 -43.66 31.65 33.01
C ASP A 252 -43.46 32.51 31.75
N VAL A 253 -42.26 32.45 31.16
CA VAL A 253 -41.96 33.19 29.95
C VAL A 253 -41.52 32.14 28.93
N GLU A 254 -42.34 31.94 27.91
CA GLU A 254 -42.06 30.93 26.90
C GLU A 254 -40.95 31.23 25.90
N GLY A 255 -40.42 30.15 25.34
CA GLY A 255 -39.33 30.21 24.37
C GLY A 255 -39.06 31.45 23.53
N GLU A 256 -39.92 31.73 22.55
CA GLU A 256 -39.71 32.87 21.69
C GLU A 256 -39.63 34.19 22.45
N ALA A 257 -40.58 34.41 23.36
CA ALA A 257 -40.58 35.64 24.14
C ALA A 257 -39.26 35.77 24.90
N LEU A 258 -38.85 34.67 25.52
CA LEU A 258 -37.61 34.63 26.29
C LEU A 258 -36.42 34.93 25.38
N ALA A 259 -36.44 34.32 24.20
CA ALA A 259 -35.40 34.54 23.22
C ALA A 259 -35.27 36.04 22.91
N THR A 260 -36.39 36.70 22.72
CA THR A 260 -36.40 38.13 22.43
C THR A 260 -35.73 38.93 23.55
N LEU A 261 -36.10 38.64 24.79
CA LEU A 261 -35.52 39.35 25.92
C LEU A 261 -34.01 39.21 25.92
N VAL A 262 -33.52 37.98 25.80
CA VAL A 262 -32.08 37.73 25.78
C VAL A 262 -31.39 38.54 24.70
N VAL A 263 -31.86 38.41 23.46
CA VAL A 263 -31.28 39.12 22.33
C VAL A 263 -31.20 40.63 22.57
N ASN A 264 -32.35 41.24 22.80
CA ASN A 264 -32.42 42.68 23.02
C ASN A 264 -31.63 43.25 24.18
N THR A 265 -31.58 42.57 25.32
CA THR A 265 -30.82 43.09 26.47
C THR A 265 -29.34 42.93 26.15
N MET A 266 -29.05 41.99 25.27
CA MET A 266 -27.70 41.68 24.83
C MET A 266 -27.22 42.70 23.80
N ARG A 267 -28.14 43.51 23.31
CA ARG A 267 -27.79 44.53 22.32
C ARG A 267 -27.70 45.92 22.99
N GLY A 268 -27.87 45.95 24.30
CA GLY A 268 -27.79 47.21 25.00
C GLY A 268 -29.13 47.87 25.22
N ILE A 269 -30.11 47.56 24.37
CA ILE A 269 -31.45 48.14 24.50
C ILE A 269 -32.27 47.38 25.53
N VAL A 270 -32.51 48.00 26.68
CA VAL A 270 -33.31 47.36 27.72
C VAL A 270 -32.69 46.12 28.36
N LYS A 271 -32.42 46.19 29.66
CA LYS A 271 -31.86 45.05 30.41
C LYS A 271 -32.99 44.34 31.12
N VAL A 272 -33.20 43.08 30.77
CA VAL A 272 -34.27 42.28 31.35
C VAL A 272 -33.75 40.97 31.89
N ALA A 273 -34.55 40.38 32.77
CA ALA A 273 -34.25 39.08 33.40
C ALA A 273 -35.61 38.58 33.86
N ALA A 274 -35.90 37.31 33.64
CA ALA A 274 -37.18 36.76 34.03
C ALA A 274 -37.03 35.49 34.83
N VAL A 275 -37.99 35.27 35.72
CA VAL A 275 -38.04 34.10 36.59
C VAL A 275 -39.50 33.78 36.87
N LYS A 276 -39.80 32.50 37.10
CA LYS A 276 -41.17 32.08 37.38
C LYS A 276 -41.63 32.62 38.71
N ALA A 277 -42.94 32.75 38.88
CA ALA A 277 -43.49 33.23 40.14
C ALA A 277 -43.29 32.12 41.18
N PRO A 278 -43.03 32.50 42.45
CA PRO A 278 -42.82 31.50 43.50
C PRO A 278 -44.03 30.63 43.76
N GLY A 279 -43.79 29.39 44.16
CA GLY A 279 -44.87 28.46 44.47
C GLY A 279 -45.81 28.14 43.31
N PHE A 280 -46.93 27.50 43.64
CA PHE A 280 -47.91 27.12 42.65
C PHE A 280 -49.30 27.19 43.26
N GLY A 281 -50.32 26.97 42.43
CA GLY A 281 -51.69 26.99 42.91
C GLY A 281 -52.15 28.33 43.46
N ASP A 282 -52.76 28.29 44.64
CA ASP A 282 -53.26 29.50 45.28
C ASP A 282 -52.19 30.25 46.06
N ARG A 283 -51.32 29.51 46.74
CA ARG A 283 -50.27 30.15 47.52
C ARG A 283 -49.34 30.91 46.58
N ARG A 284 -49.55 30.76 45.28
CA ARG A 284 -48.74 31.47 44.30
C ARG A 284 -49.28 32.88 44.11
N LYS A 285 -50.59 32.96 43.93
CA LYS A 285 -51.24 34.24 43.73
C LYS A 285 -50.98 35.12 44.95
N ALA A 286 -50.94 34.49 46.12
CA ALA A 286 -50.72 35.21 47.37
C ALA A 286 -49.31 35.76 47.44
N MET A 287 -48.33 34.89 47.23
CA MET A 287 -46.93 35.30 47.29
C MET A 287 -46.61 36.35 46.24
N LEU A 288 -47.22 36.23 45.07
CA LEU A 288 -46.97 37.21 44.01
C LEU A 288 -47.35 38.58 44.54
N GLN A 289 -48.42 38.63 45.33
CA GLN A 289 -48.91 39.87 45.92
C GLN A 289 -47.95 40.38 46.97
N ASP A 290 -47.44 39.49 47.81
CA ASP A 290 -46.48 39.87 48.84
C ASP A 290 -45.33 40.66 48.21
N ILE A 291 -44.79 40.11 47.12
CA ILE A 291 -43.69 40.74 46.40
C ILE A 291 -44.11 42.13 45.93
N ALA A 292 -45.36 42.22 45.47
CA ALA A 292 -45.91 43.49 45.00
C ALA A 292 -45.86 44.53 46.14
N THR A 293 -46.47 44.16 47.27
CA THR A 293 -46.51 45.03 48.44
C THR A 293 -45.11 45.39 48.92
N LEU A 294 -44.22 44.39 48.90
CA LEU A 294 -42.85 44.58 49.34
C LEU A 294 -42.09 45.55 48.44
N THR A 295 -42.35 45.47 47.14
CA THR A 295 -41.66 46.33 46.19
C THR A 295 -42.49 47.52 45.71
N GLY A 296 -43.69 47.67 46.25
CA GLY A 296 -44.56 48.78 45.86
C GLY A 296 -45.06 48.69 44.42
N GLY A 297 -45.24 47.46 43.95
CA GLY A 297 -45.70 47.25 42.59
C GLY A 297 -47.13 46.74 42.58
N THR A 298 -47.68 46.64 41.38
CA THR A 298 -49.05 46.16 41.21
C THR A 298 -49.08 44.87 40.41
N VAL A 299 -49.68 43.83 40.99
CA VAL A 299 -49.78 42.55 40.30
C VAL A 299 -50.71 42.72 39.11
N ILE A 300 -50.31 42.19 37.96
CA ILE A 300 -51.11 42.26 36.75
C ILE A 300 -51.68 40.90 36.38
N SER A 301 -52.92 40.66 36.80
CA SER A 301 -53.59 39.40 36.53
C SER A 301 -54.73 39.55 35.53
N GLU A 302 -54.89 38.53 34.68
CA GLU A 302 -55.94 38.53 33.67
C GLU A 302 -57.31 38.37 34.30
N GLU A 303 -57.37 37.62 35.40
CA GLU A 303 -58.61 37.38 36.11
C GLU A 303 -59.38 38.68 36.34
N ILE A 304 -58.76 39.65 37.00
CA ILE A 304 -59.38 40.94 37.26
C ILE A 304 -59.60 41.69 35.94
N GLY A 305 -59.03 41.18 34.86
CA GLY A 305 -59.19 41.81 33.55
C GLY A 305 -58.12 42.82 33.19
N MET A 306 -56.96 42.77 33.84
CA MET A 306 -55.88 43.71 33.55
C MET A 306 -55.09 43.21 32.35
N GLU A 307 -54.48 44.15 31.63
CA GLU A 307 -53.70 43.84 30.44
C GLU A 307 -52.28 44.38 30.56
N LEU A 308 -51.31 43.65 30.00
CA LEU A 308 -49.93 44.08 30.04
C LEU A 308 -49.68 45.31 29.18
N GLU A 309 -50.34 45.40 28.04
CA GLU A 309 -50.16 46.54 27.15
C GLU A 309 -50.48 47.84 27.87
N LYS A 310 -51.44 47.79 28.78
CA LYS A 310 -51.84 49.00 29.50
C LYS A 310 -51.10 49.20 30.82
N ALA A 311 -49.98 48.49 30.99
CA ALA A 311 -49.20 48.60 32.21
C ALA A 311 -48.16 49.70 32.09
N THR A 312 -48.12 50.60 33.06
CA THR A 312 -47.16 51.69 33.05
C THR A 312 -46.09 51.50 34.13
N LEU A 313 -45.04 52.31 34.07
CA LEU A 313 -43.96 52.21 35.05
C LEU A 313 -44.48 52.27 36.47
N GLU A 314 -45.58 52.98 36.66
CA GLU A 314 -46.16 53.12 37.99
C GLU A 314 -46.69 51.80 38.55
N ASP A 315 -46.99 50.85 37.66
CA ASP A 315 -47.51 49.55 38.08
C ASP A 315 -46.38 48.64 38.53
N LEU A 316 -45.18 48.94 38.03
CA LEU A 316 -43.98 48.17 38.33
C LEU A 316 -43.46 48.40 39.74
N GLY A 317 -42.95 47.34 40.34
CA GLY A 317 -42.40 47.45 41.68
C GLY A 317 -41.01 48.06 41.55
N GLN A 318 -40.25 48.05 42.63
CA GLN A 318 -38.93 48.65 42.57
C GLN A 318 -38.10 48.20 43.78
N ALA A 319 -36.80 48.01 43.56
CA ALA A 319 -35.89 47.58 44.61
C ALA A 319 -34.50 48.07 44.25
N LYS A 320 -33.62 48.21 45.25
CA LYS A 320 -32.28 48.67 44.98
C LYS A 320 -31.38 47.64 44.32
N ARG A 321 -31.69 46.36 44.51
CA ARG A 321 -30.86 45.32 43.91
C ARG A 321 -31.53 43.96 43.97
N VAL A 322 -31.39 43.17 42.91
CA VAL A 322 -31.95 41.83 42.87
C VAL A 322 -30.86 40.90 42.39
N VAL A 323 -30.78 39.72 42.98
CA VAL A 323 -29.77 38.75 42.57
C VAL A 323 -30.42 37.44 42.22
N ILE A 324 -30.15 36.96 41.02
CA ILE A 324 -30.75 35.71 40.56
C ILE A 324 -29.75 34.60 40.37
N ASN A 325 -30.08 33.44 40.95
CA ASN A 325 -29.25 32.25 40.92
C ASN A 325 -29.69 31.21 39.90
N LYS A 326 -29.02 30.08 39.94
CA LYS A 326 -29.34 28.95 39.08
C LYS A 326 -30.71 28.49 39.50
N ASP A 327 -31.08 28.79 40.75
CA ASP A 327 -32.39 28.40 41.30
C ASP A 327 -32.85 29.21 42.52
N THR A 328 -32.52 30.49 42.55
CA THR A 328 -32.91 31.37 43.64
C THR A 328 -32.99 32.82 43.20
N THR A 329 -33.95 33.55 43.76
CA THR A 329 -34.11 34.98 43.45
C THR A 329 -34.29 35.73 44.77
N THR A 330 -33.45 36.75 44.97
CA THR A 330 -33.51 37.54 46.20
C THR A 330 -33.63 39.02 45.87
N ILE A 331 -34.67 39.66 46.43
CA ILE A 331 -34.97 41.07 46.24
C ILE A 331 -34.48 41.87 47.43
N ILE A 332 -33.56 42.81 47.16
CA ILE A 332 -32.95 43.63 48.22
C ILE A 332 -33.36 45.10 48.26
N ASP A 333 -33.90 45.51 49.41
CA ASP A 333 -34.35 46.87 49.65
C ASP A 333 -35.52 47.27 48.77
N GLY A 334 -36.69 46.73 49.08
CA GLY A 334 -37.89 47.04 48.31
C GLY A 334 -38.40 48.43 48.66
N VAL A 335 -38.98 49.10 47.67
CA VAL A 335 -39.51 50.45 47.85
C VAL A 335 -40.82 50.47 48.62
N GLY A 336 -41.56 49.37 48.57
CA GLY A 336 -42.84 49.28 49.25
C GLY A 336 -42.87 50.07 50.54
N GLU A 337 -43.99 50.76 50.78
CA GLU A 337 -44.16 51.55 51.99
C GLU A 337 -44.28 50.66 53.21
N GLU A 338 -43.57 51.02 54.27
CA GLU A 338 -43.59 50.24 55.50
C GLU A 338 -45.01 50.12 56.04
N ALA A 339 -45.83 51.11 55.73
CA ALA A 339 -47.22 51.11 56.18
C ALA A 339 -47.97 49.96 55.51
N ALA A 340 -47.79 49.83 54.20
CA ALA A 340 -48.42 48.79 53.42
C ALA A 340 -47.83 47.42 53.74
N ILE A 341 -46.50 47.35 53.82
CA ILE A 341 -45.83 46.09 54.11
C ILE A 341 -46.25 45.58 55.48
N GLN A 342 -46.03 46.41 56.50
CA GLN A 342 -46.36 46.05 57.86
C GLN A 342 -47.84 45.71 58.03
N GLY A 343 -48.70 46.39 57.26
CA GLY A 343 -50.12 46.11 57.35
C GLY A 343 -50.41 44.74 56.75
N ARG A 344 -49.71 44.45 55.67
CA ARG A 344 -49.85 43.17 54.98
C ARG A 344 -49.50 42.05 55.94
N VAL A 345 -48.43 42.24 56.71
CA VAL A 345 -48.00 41.23 57.67
C VAL A 345 -49.13 40.96 58.66
N ALA A 346 -49.82 42.01 59.06
CA ALA A 346 -50.92 41.90 60.01
C ALA A 346 -52.00 40.98 59.46
N GLN A 347 -52.37 41.19 58.20
CA GLN A 347 -53.40 40.39 57.55
C GLN A 347 -53.04 38.90 57.55
N ILE A 348 -51.78 38.61 57.26
CA ILE A 348 -51.34 37.22 57.23
C ILE A 348 -51.33 36.59 58.62
N ARG A 349 -51.06 37.40 59.63
CA ARG A 349 -51.02 36.90 61.01
C ARG A 349 -52.40 36.54 61.55
N GLN A 350 -53.44 37.14 60.97
CA GLN A 350 -54.80 36.82 61.38
C GLN A 350 -55.19 35.53 60.67
N GLN A 351 -54.66 35.38 59.46
CA GLN A 351 -54.91 34.19 58.66
C GLN A 351 -54.47 33.02 59.52
N ILE A 352 -53.32 33.19 60.18
CA ILE A 352 -52.73 32.16 61.04
C ILE A 352 -53.65 31.84 62.22
N GLU A 353 -54.44 32.83 62.63
CA GLU A 353 -55.37 32.66 63.72
C GLU A 353 -56.55 31.84 63.20
N GLU A 354 -57.18 32.34 62.14
CA GLU A 354 -58.31 31.70 61.50
C GLU A 354 -57.92 30.39 60.84
N ALA A 355 -56.65 30.02 60.98
CA ALA A 355 -56.13 28.78 60.39
C ALA A 355 -56.76 27.56 61.03
N THR A 356 -57.38 26.74 60.19
CA THR A 356 -58.03 25.52 60.65
C THR A 356 -57.18 24.32 60.25
N SER A 357 -55.87 24.50 60.22
CA SER A 357 -54.96 23.44 59.81
C SER A 357 -53.52 23.78 60.19
N ASP A 358 -52.68 22.75 60.32
CA ASP A 358 -51.28 22.97 60.64
C ASP A 358 -50.51 23.33 59.39
N TYR A 359 -50.80 22.63 58.30
CA TYR A 359 -50.15 22.90 57.03
C TYR A 359 -50.40 24.35 56.63
N ASP A 360 -51.68 24.70 56.48
CA ASP A 360 -52.08 26.05 56.10
C ASP A 360 -51.45 27.07 57.02
N ARG A 361 -51.17 26.64 58.24
CA ARG A 361 -50.56 27.50 59.27
C ARG A 361 -49.07 27.68 59.00
N GLU A 362 -48.38 26.58 58.69
CA GLU A 362 -46.95 26.62 58.40
C GLU A 362 -46.66 27.46 57.17
N LYS A 363 -47.54 27.36 56.17
CA LYS A 363 -47.36 28.12 54.94
C LYS A 363 -47.52 29.62 55.16
N LEU A 364 -48.43 30.01 56.04
CA LEU A 364 -48.66 31.42 56.34
C LEU A 364 -47.50 31.99 57.14
N GLN A 365 -46.93 31.18 58.04
CA GLN A 365 -45.80 31.64 58.84
C GLN A 365 -44.62 31.89 57.91
N GLU A 366 -44.41 31.00 56.96
CA GLU A 366 -43.32 31.15 56.00
C GLU A 366 -43.39 32.50 55.31
N ARG A 367 -44.58 32.89 54.88
CA ARG A 367 -44.76 34.15 54.20
C ARG A 367 -44.45 35.36 55.04
N VAL A 368 -44.94 35.40 56.29
CA VAL A 368 -44.68 36.55 57.14
C VAL A 368 -43.19 36.62 57.46
N ALA A 369 -42.59 35.47 57.70
CA ALA A 369 -41.17 35.41 58.00
C ALA A 369 -40.38 36.11 56.90
N LYS A 370 -40.79 35.87 55.66
CA LYS A 370 -40.12 36.49 54.52
C LYS A 370 -40.37 38.00 54.51
N LEU A 371 -41.64 38.36 54.57
CA LEU A 371 -42.05 39.74 54.52
C LEU A 371 -41.58 40.57 55.72
N ALA A 372 -41.72 39.98 56.90
CA ALA A 372 -41.33 40.66 58.13
C ALA A 372 -39.82 40.56 58.45
N GLY A 373 -39.24 39.41 58.12
CA GLY A 373 -37.82 39.17 58.39
C GLY A 373 -36.80 40.10 57.74
N GLY A 374 -37.11 40.53 56.52
CA GLY A 374 -36.20 41.42 55.79
C GLY A 374 -34.99 40.68 55.28
N VAL A 375 -33.94 41.44 55.00
CA VAL A 375 -32.71 40.89 54.48
C VAL A 375 -31.48 41.58 55.04
N ALA A 376 -30.55 40.79 55.57
CA ALA A 376 -29.31 41.31 56.14
C ALA A 376 -28.31 41.55 55.01
N VAL A 377 -27.86 42.77 54.90
CA VAL A 377 -26.92 43.11 53.85
C VAL A 377 -25.52 43.41 54.37
N ILE A 378 -24.58 42.55 54.03
CA ILE A 378 -23.19 42.72 54.44
C ILE A 378 -22.44 43.43 53.33
N LYS A 379 -21.87 44.60 53.65
CA LYS A 379 -21.11 45.36 52.66
C LYS A 379 -19.63 45.20 52.99
N VAL A 380 -18.96 44.34 52.24
CA VAL A 380 -17.55 44.07 52.47
C VAL A 380 -16.66 45.29 52.48
N GLY A 381 -15.73 45.32 53.46
CA GLY A 381 -14.78 46.40 53.64
C GLY A 381 -13.99 46.68 52.36
N ALA A 382 -12.85 47.36 52.44
CA ALA A 382 -12.14 47.65 51.20
C ALA A 382 -10.65 47.96 51.25
N ALA A 383 -10.30 49.12 50.69
CA ALA A 383 -8.93 49.58 50.58
C ALA A 383 -8.41 48.88 49.33
N THR A 384 -8.71 49.47 48.18
CA THR A 384 -8.36 48.98 46.84
C THR A 384 -9.43 48.03 46.32
N GLU A 385 -9.92 48.32 45.12
CA GLU A 385 -10.95 47.53 44.49
C GLU A 385 -10.64 46.04 44.41
N VAL A 386 -9.35 45.72 44.30
CA VAL A 386 -8.93 44.32 44.20
C VAL A 386 -9.15 43.54 45.50
N GLU A 387 -8.59 44.03 46.60
CA GLU A 387 -8.75 43.37 47.89
C GLU A 387 -10.21 43.25 48.27
N MET A 388 -10.96 44.31 47.96
CA MET A 388 -12.39 44.35 48.25
C MET A 388 -13.12 43.19 47.56
N LYS A 389 -12.83 42.97 46.29
CA LYS A 389 -13.48 41.89 45.55
C LYS A 389 -13.05 40.51 46.05
N GLU A 390 -11.80 40.41 46.52
CA GLU A 390 -11.25 39.16 47.03
C GLU A 390 -11.83 38.78 48.40
N LYS A 391 -12.03 39.79 49.25
CA LYS A 391 -12.58 39.57 50.57
C LYS A 391 -14.05 39.19 50.42
N LYS A 392 -14.73 39.87 49.50
CA LYS A 392 -16.15 39.63 49.23
C LYS A 392 -16.35 38.16 48.89
N ALA A 393 -15.38 37.57 48.22
CA ALA A 393 -15.45 36.17 47.83
C ALA A 393 -15.35 35.27 49.07
N ARG A 394 -14.35 35.53 49.90
CA ARG A 394 -14.16 34.75 51.11
C ARG A 394 -15.39 34.82 52.00
N VAL A 395 -15.99 36.00 52.07
CA VAL A 395 -17.18 36.21 52.88
C VAL A 395 -18.31 35.35 52.36
N GLU A 396 -18.52 35.42 51.05
CA GLU A 396 -19.58 34.63 50.42
C GLU A 396 -19.43 33.15 50.70
N ASP A 397 -18.21 32.64 50.60
CA ASP A 397 -17.98 31.22 50.87
C ASP A 397 -18.18 30.93 52.35
N ALA A 398 -17.50 31.69 53.20
CA ALA A 398 -17.62 31.53 54.64
C ALA A 398 -19.10 31.52 55.04
N LEU A 399 -19.91 32.32 54.35
CA LEU A 399 -21.33 32.38 54.64
C LEU A 399 -22.00 31.02 54.37
N HIS A 400 -21.79 30.48 53.17
CA HIS A 400 -22.38 29.20 52.80
C HIS A 400 -21.96 28.11 53.77
N ALA A 401 -20.69 28.12 54.16
CA ALA A 401 -20.14 27.13 55.08
C ALA A 401 -20.80 27.24 56.45
N THR A 402 -20.93 28.46 56.93
CA THR A 402 -21.51 28.69 58.23
C THR A 402 -22.99 28.32 58.21
N ARG A 403 -23.66 28.63 57.10
CA ARG A 403 -25.08 28.32 57.00
C ARG A 403 -25.30 26.83 57.14
N ALA A 404 -24.45 26.05 56.48
CA ALA A 404 -24.57 24.61 56.53
C ALA A 404 -24.19 24.07 57.90
N ALA A 405 -23.16 24.66 58.50
CA ALA A 405 -22.71 24.24 59.81
C ALA A 405 -23.79 24.47 60.86
N VAL A 406 -24.59 25.51 60.66
CA VAL A 406 -25.68 25.85 61.57
C VAL A 406 -26.83 24.86 61.45
N GLU A 407 -26.98 24.26 60.27
CA GLU A 407 -28.04 23.30 60.01
C GLU A 407 -27.78 21.89 60.51
N GLU A 408 -26.55 21.40 60.38
CA GLU A 408 -26.25 20.04 60.80
C GLU A 408 -24.97 19.88 61.57
N GLY A 409 -24.41 20.99 61.99
CA GLY A 409 -23.17 20.91 62.73
C GLY A 409 -21.94 20.69 61.87
N VAL A 410 -20.85 20.31 62.52
CA VAL A 410 -19.59 20.08 61.83
C VAL A 410 -18.96 18.76 62.23
N VAL A 411 -18.05 18.28 61.39
CA VAL A 411 -17.35 17.03 61.64
C VAL A 411 -15.89 17.19 61.20
N ALA A 412 -15.05 16.28 61.64
CA ALA A 412 -13.64 16.33 61.29
C ALA A 412 -13.38 16.31 59.78
N GLY A 413 -12.77 17.38 59.28
CA GLY A 413 -12.45 17.47 57.87
C GLY A 413 -11.23 16.68 57.45
N GLY A 414 -10.63 17.10 56.33
CA GLY A 414 -9.46 16.42 55.80
C GLY A 414 -9.78 14.99 55.43
N GLY A 415 -11.07 14.71 55.29
CA GLY A 415 -11.49 13.37 54.93
C GLY A 415 -11.51 12.37 56.08
N VAL A 416 -11.22 12.80 57.30
CA VAL A 416 -11.20 11.84 58.40
C VAL A 416 -12.57 11.45 58.92
N ALA A 417 -13.55 12.34 58.82
CA ALA A 417 -14.88 12.00 59.32
C ALA A 417 -15.38 10.76 58.57
N LEU A 418 -15.23 10.76 57.25
CA LEU A 418 -15.69 9.64 56.43
C LEU A 418 -14.96 8.35 56.77
N ILE A 419 -13.64 8.42 56.91
CA ILE A 419 -12.89 7.21 57.21
C ILE A 419 -13.19 6.72 58.62
N ARG A 420 -13.44 7.67 59.53
CA ARG A 420 -13.77 7.34 60.90
C ARG A 420 -15.11 6.64 60.95
N VAL A 421 -16.09 7.23 60.28
CA VAL A 421 -17.43 6.66 60.24
C VAL A 421 -17.42 5.24 59.68
N ALA A 422 -16.62 5.00 58.63
CA ALA A 422 -16.55 3.67 58.03
C ALA A 422 -15.90 2.67 58.96
N SER A 423 -14.86 3.09 59.68
CA SER A 423 -14.19 2.19 60.61
C SER A 423 -15.18 1.60 61.66
N LYS A 424 -16.30 2.28 61.89
CA LYS A 424 -17.28 1.79 62.86
C LYS A 424 -18.29 0.81 62.28
N LEU A 425 -18.40 0.76 60.96
CA LEU A 425 -19.37 -0.13 60.33
C LEU A 425 -18.78 -1.47 59.87
N ALA A 426 -17.67 -1.88 60.50
CA ALA A 426 -17.00 -3.12 60.15
C ALA A 426 -17.86 -4.38 60.24
N ASP A 427 -18.93 -4.33 61.04
CA ASP A 427 -19.79 -5.51 61.20
C ASP A 427 -21.12 -5.41 60.45
N LEU A 428 -21.35 -4.29 59.77
CA LEU A 428 -22.60 -4.12 59.03
C LEU A 428 -22.74 -5.24 57.98
N ARG A 429 -23.90 -5.88 57.95
CA ARG A 429 -24.12 -6.98 57.01
C ARG A 429 -25.45 -6.85 56.27
N GLY A 430 -25.57 -7.56 55.16
CA GLY A 430 -26.78 -7.50 54.39
C GLY A 430 -27.56 -8.79 54.44
N GLN A 431 -28.34 -9.07 53.40
CA GLN A 431 -29.13 -10.28 53.34
C GLN A 431 -28.41 -11.46 52.66
N ASN A 432 -27.40 -11.16 51.85
CA ASN A 432 -26.64 -12.20 51.18
C ASN A 432 -25.20 -11.73 50.97
N GLU A 433 -24.34 -12.60 50.46
CA GLU A 433 -22.95 -12.24 50.26
C GLU A 433 -22.72 -11.09 49.29
N ASP A 434 -23.52 -11.01 48.24
CA ASP A 434 -23.36 -9.94 47.28
C ASP A 434 -23.57 -8.61 48.02
N GLN A 435 -24.63 -8.55 48.81
CA GLN A 435 -24.91 -7.34 49.59
C GLN A 435 -23.78 -7.02 50.57
N ASN A 436 -23.12 -8.03 51.10
CA ASN A 436 -22.02 -7.79 52.01
C ASN A 436 -20.89 -7.14 51.25
N VAL A 437 -20.61 -7.62 50.04
CA VAL A 437 -19.56 -7.06 49.22
C VAL A 437 -19.87 -5.60 48.94
N GLY A 438 -21.14 -5.31 48.62
CA GLY A 438 -21.56 -3.95 48.38
C GLY A 438 -21.20 -3.06 49.56
N ILE A 439 -21.51 -3.53 50.76
CA ILE A 439 -21.21 -2.79 52.00
C ILE A 439 -19.70 -2.53 52.12
N LYS A 440 -18.89 -3.55 51.84
CA LYS A 440 -17.44 -3.40 51.92
C LYS A 440 -16.94 -2.45 50.83
N VAL A 441 -17.61 -2.46 49.69
CA VAL A 441 -17.22 -1.59 48.60
C VAL A 441 -17.38 -0.13 49.02
N ALA A 442 -18.51 0.16 49.66
CA ALA A 442 -18.78 1.52 50.10
C ALA A 442 -17.82 1.97 51.22
N LEU A 443 -17.66 1.11 52.23
CA LEU A 443 -16.79 1.46 53.34
C LEU A 443 -15.37 1.69 52.89
N ARG A 444 -14.95 0.89 51.92
CA ARG A 444 -13.61 1.01 51.38
C ARG A 444 -13.48 2.36 50.64
N ALA A 445 -14.53 2.73 49.90
CA ALA A 445 -14.54 3.97 49.15
C ALA A 445 -14.46 5.17 50.07
N MET A 446 -15.10 5.10 51.23
CA MET A 446 -15.08 6.21 52.17
C MET A 446 -13.67 6.65 52.58
N GLU A 447 -12.66 5.90 52.17
CA GLU A 447 -11.28 6.23 52.49
C GLU A 447 -10.63 7.00 51.36
N ALA A 448 -11.27 7.03 50.20
CA ALA A 448 -10.71 7.71 49.03
C ALA A 448 -10.32 9.15 49.27
N PRO A 449 -11.21 9.95 49.85
CA PRO A 449 -10.83 11.35 50.08
C PRO A 449 -9.56 11.53 50.89
N LEU A 450 -9.47 10.90 52.07
CA LEU A 450 -8.28 11.03 52.90
C LEU A 450 -7.06 10.56 52.13
N ARG A 451 -7.13 9.34 51.60
CA ARG A 451 -6.03 8.76 50.85
C ARG A 451 -5.54 9.66 49.74
N GLN A 452 -6.46 10.29 49.02
CA GLN A 452 -6.07 11.18 47.94
C GLN A 452 -5.37 12.42 48.48
N ILE A 453 -5.92 12.96 49.58
CA ILE A 453 -5.32 14.14 50.23
C ILE A 453 -3.90 13.79 50.62
N VAL A 454 -3.71 12.63 51.21
CA VAL A 454 -2.39 12.20 51.62
C VAL A 454 -1.43 12.01 50.45
N LEU A 455 -1.95 11.43 49.36
CA LEU A 455 -1.14 11.19 48.18
C LEU A 455 -0.67 12.53 47.61
N ASN A 456 -1.54 13.53 47.62
CA ASN A 456 -1.14 14.82 47.10
C ASN A 456 0.00 15.42 47.94
N CYS A 457 0.06 15.04 49.21
CA CYS A 457 1.10 15.56 50.11
C CYS A 457 2.41 14.84 49.87
N GLY A 458 2.38 13.77 49.09
CA GLY A 458 3.58 13.01 48.84
C GLY A 458 3.85 12.01 49.94
N GLU A 459 2.80 11.65 50.69
CA GLU A 459 2.93 10.70 51.80
C GLU A 459 2.33 9.35 51.42
N GLU A 460 2.37 8.38 52.34
CA GLU A 460 1.82 7.06 52.07
C GLU A 460 0.41 6.87 52.63
N PRO A 461 -0.61 6.89 51.76
CA PRO A 461 -2.02 6.72 52.12
C PRO A 461 -2.27 5.56 53.05
N SER A 462 -1.76 4.39 52.69
CA SER A 462 -1.97 3.19 53.49
C SER A 462 -1.62 3.42 54.95
N VAL A 463 -0.48 4.07 55.18
CA VAL A 463 -0.03 4.33 56.53
C VAL A 463 -0.90 5.36 57.26
N VAL A 464 -1.11 6.52 56.65
CA VAL A 464 -1.93 7.52 57.30
C VAL A 464 -3.34 7.00 57.56
N ALA A 465 -3.92 6.32 56.57
CA ALA A 465 -5.27 5.79 56.71
C ALA A 465 -5.28 4.80 57.84
N ASN A 466 -4.24 3.99 57.88
CA ASN A 466 -4.09 2.96 58.90
C ASN A 466 -4.04 3.60 60.30
N THR A 467 -3.32 4.70 60.41
CA THR A 467 -3.18 5.39 61.69
C THR A 467 -4.46 6.10 62.11
N VAL A 468 -5.07 6.81 61.18
CA VAL A 468 -6.31 7.51 61.50
C VAL A 468 -7.37 6.51 61.94
N LYS A 469 -7.45 5.37 61.25
CA LYS A 469 -8.43 4.36 61.60
C LYS A 469 -8.14 3.77 62.98
N GLY A 470 -6.86 3.71 63.33
CA GLY A 470 -6.43 3.17 64.60
C GLY A 470 -6.95 3.92 65.81
N GLY A 471 -7.09 5.24 65.67
CA GLY A 471 -7.59 6.05 66.77
C GLY A 471 -9.12 6.11 66.73
N ASP A 472 -9.69 7.13 67.36
CA ASP A 472 -11.15 7.30 67.36
C ASP A 472 -11.57 8.75 67.58
N GLY A 473 -12.88 8.98 67.59
CA GLY A 473 -13.38 10.33 67.77
C GLY A 473 -12.98 11.16 66.55
N ASN A 474 -12.57 12.40 66.80
CA ASN A 474 -12.15 13.26 65.70
C ASN A 474 -10.63 13.32 65.60
N TYR A 475 -10.00 12.18 65.89
CA TYR A 475 -8.56 12.07 65.79
C TYR A 475 -8.27 11.87 64.30
N GLY A 476 -7.45 12.74 63.71
CA GLY A 476 -7.15 12.57 62.30
C GLY A 476 -5.78 13.05 61.87
N TYR A 477 -5.60 13.22 60.57
CA TYR A 477 -4.33 13.67 60.03
C TYR A 477 -4.47 15.05 59.41
N ASN A 478 -3.77 16.01 59.99
CA ASN A 478 -3.77 17.38 59.51
C ASN A 478 -2.82 17.42 58.33
N ALA A 479 -3.37 17.40 57.11
CA ALA A 479 -2.54 17.39 55.91
C ALA A 479 -1.69 18.62 55.78
N ALA A 480 -2.14 19.73 56.36
CA ALA A 480 -1.41 20.99 56.29
C ALA A 480 -0.11 20.89 57.08
N THR A 481 -0.23 20.66 58.38
CA THR A 481 0.93 20.56 59.24
C THR A 481 1.57 19.17 59.17
N GLU A 482 0.86 18.23 58.55
CA GLU A 482 1.34 16.85 58.45
C GLU A 482 1.63 16.29 59.84
N GLU A 483 0.68 16.48 60.75
CA GLU A 483 0.75 16.03 62.13
C GLU A 483 -0.61 15.50 62.53
N TYR A 484 -0.66 14.52 63.43
CA TYR A 484 -1.94 13.99 63.87
C TYR A 484 -2.44 14.78 65.06
N GLY A 485 -3.69 14.53 65.44
CA GLY A 485 -4.30 15.23 66.55
C GLY A 485 -5.80 15.32 66.40
N ASN A 486 -6.44 16.17 67.19
CA ASN A 486 -7.89 16.32 67.09
C ASN A 486 -8.19 17.28 65.93
N MET A 487 -8.88 16.79 64.92
CA MET A 487 -9.21 17.59 63.77
C MET A 487 -10.01 18.85 64.08
N ILE A 488 -10.96 18.77 65.03
CA ILE A 488 -11.76 19.94 65.37
C ILE A 488 -10.95 20.98 66.11
N ASP A 489 -10.18 20.54 67.09
CA ASP A 489 -9.34 21.49 67.82
C ASP A 489 -8.38 22.17 66.87
N MET A 490 -7.82 21.42 65.92
CA MET A 490 -6.88 22.00 64.96
C MET A 490 -7.59 22.87 63.92
N GLY A 491 -8.90 22.97 64.04
CA GLY A 491 -9.68 23.79 63.13
C GLY A 491 -9.80 23.31 61.69
N ILE A 492 -9.80 21.99 61.49
CA ILE A 492 -9.89 21.42 60.16
C ILE A 492 -11.18 20.64 60.14
N LEU A 493 -12.22 21.24 59.59
CA LEU A 493 -13.51 20.60 59.60
C LEU A 493 -14.37 20.95 58.43
N ASP A 494 -15.41 20.14 58.20
CA ASP A 494 -16.37 20.36 57.13
C ASP A 494 -17.77 20.30 57.73
N PRO A 495 -18.70 21.08 57.17
CA PRO A 495 -20.05 21.06 57.70
C PRO A 495 -20.59 19.63 57.54
N THR A 496 -21.15 19.06 58.60
CA THR A 496 -21.67 17.70 58.50
C THR A 496 -22.55 17.53 57.25
N LYS A 497 -23.24 18.60 56.87
CA LYS A 497 -24.09 18.57 55.70
C LYS A 497 -23.31 18.35 54.39
N VAL A 498 -22.15 18.99 54.25
CA VAL A 498 -21.38 18.84 53.01
C VAL A 498 -20.86 17.41 52.87
N THR A 499 -20.37 16.85 53.96
CA THR A 499 -19.87 15.48 53.89
C THR A 499 -21.03 14.52 53.58
N ARG A 500 -22.17 14.72 54.23
CA ARG A 500 -23.33 13.87 54.02
C ARG A 500 -23.83 13.91 52.59
N SER A 501 -23.94 15.11 52.04
CA SER A 501 -24.42 15.25 50.68
C SER A 501 -23.45 14.65 49.68
N ALA A 502 -22.15 14.87 49.89
CA ALA A 502 -21.15 14.35 48.96
C ALA A 502 -21.26 12.82 48.88
N LEU A 503 -21.37 12.19 50.04
CA LEU A 503 -21.47 10.75 50.11
C LEU A 503 -22.76 10.23 49.49
N GLN A 504 -23.89 10.82 49.87
CA GLN A 504 -25.17 10.35 49.35
C GLN A 504 -25.28 10.53 47.84
N TYR A 505 -24.81 11.68 47.34
CA TYR A 505 -24.86 11.94 45.91
C TYR A 505 -23.92 11.04 45.11
N ALA A 506 -22.76 10.74 45.71
CA ALA A 506 -21.79 9.87 45.06
C ALA A 506 -22.42 8.47 44.99
N ALA A 507 -22.90 7.99 46.13
CA ALA A 507 -23.49 6.68 46.24
C ALA A 507 -24.66 6.51 45.28
N SER A 508 -25.33 7.62 45.04
CA SER A 508 -26.47 7.61 44.14
C SER A 508 -26.06 7.30 42.69
N VAL A 509 -25.22 8.15 42.11
CA VAL A 509 -24.82 7.94 40.74
C VAL A 509 -24.05 6.63 40.58
N ALA A 510 -23.28 6.26 41.61
CA ALA A 510 -22.51 5.02 41.54
C ALA A 510 -23.47 3.84 41.47
N GLY A 511 -24.52 3.87 42.31
CA GLY A 511 -25.48 2.79 42.30
C GLY A 511 -26.16 2.67 40.95
N LEU A 512 -26.46 3.81 40.33
CA LEU A 512 -27.13 3.81 39.05
C LEU A 512 -26.26 3.21 37.97
N MET A 513 -24.98 3.58 37.95
CA MET A 513 -24.07 3.07 36.94
C MET A 513 -23.84 1.57 37.09
N ILE A 514 -23.69 1.11 38.32
CA ILE A 514 -23.48 -0.31 38.57
C ILE A 514 -24.69 -1.12 38.09
N THR A 515 -25.86 -0.50 38.04
CA THR A 515 -27.04 -1.21 37.61
C THR A 515 -27.48 -0.78 36.21
N THR A 516 -26.50 -0.41 35.38
CA THR A 516 -26.78 -0.01 34.01
C THR A 516 -26.36 -1.15 33.10
N GLU A 517 -27.25 -1.56 32.20
CA GLU A 517 -26.97 -2.66 31.27
C GLU A 517 -26.93 -2.26 29.81
N CYS A 518 -27.42 -1.06 29.49
CA CYS A 518 -27.44 -0.63 28.10
C CYS A 518 -27.29 0.87 27.96
N MET A 519 -26.52 1.28 26.96
CA MET A 519 -26.27 2.69 26.69
C MET A 519 -26.57 3.00 25.22
N VAL A 520 -27.21 4.14 24.99
CA VAL A 520 -27.57 4.56 23.63
C VAL A 520 -27.12 5.99 23.36
N THR A 521 -26.42 6.17 22.26
CA THR A 521 -25.93 7.48 21.90
C THR A 521 -25.86 7.57 20.39
N ASP A 522 -25.76 8.79 19.86
CA ASP A 522 -25.70 8.99 18.42
C ASP A 522 -24.42 8.42 17.85
N LEU A 523 -24.50 8.00 16.60
CA LEU A 523 -23.35 7.45 15.93
C LEU A 523 -22.37 8.59 15.70
N PRO A 524 -21.07 8.36 15.91
CA PRO A 524 -20.07 9.43 15.72
C PRO A 524 -20.10 10.02 14.30
N LYS A 525 -20.89 9.42 13.42
CA LYS A 525 -21.02 9.89 12.05
C LYS A 525 -21.96 11.08 11.97
N SER B 1 -37.59 38.11 9.14
CA SER B 1 -38.61 37.47 9.96
C SER B 1 -39.04 38.37 11.12
N TRP B 2 -38.07 38.93 11.82
CA TRP B 2 -38.33 39.81 12.95
C TRP B 2 -38.48 41.27 12.54
N MET B 3 -39.06 42.07 13.43
CA MET B 3 -39.27 43.49 13.20
C MET B 3 -38.53 44.32 14.24
N THR B 4 -38.47 45.63 14.02
CA THR B 4 -37.78 46.51 14.95
C THR B 4 -38.63 47.70 15.32
N THR B 5 -38.72 47.98 16.61
CA THR B 5 -39.50 49.12 17.07
C THR B 5 -38.65 50.37 16.85
N PRO B 6 -39.28 51.55 16.92
CA PRO B 6 -38.52 52.79 16.74
C PRO B 6 -37.33 52.84 17.68
N TRP B 7 -37.56 52.48 18.94
CA TRP B 7 -36.50 52.48 19.95
C TRP B 7 -35.48 51.36 19.81
N GLY B 8 -35.59 50.58 18.73
CA GLY B 8 -34.63 49.53 18.46
C GLY B 8 -34.86 48.12 18.99
N PHE B 9 -36.01 47.88 19.60
CA PHE B 9 -36.30 46.55 20.12
C PHE B 9 -36.59 45.56 18.98
N LEU B 10 -35.76 44.52 18.90
CA LEU B 10 -35.90 43.48 17.87
C LEU B 10 -36.87 42.42 18.38
N HIS B 11 -37.91 42.10 17.61
CA HIS B 11 -38.90 41.12 18.06
C HIS B 11 -39.71 40.47 16.94
N PRO B 12 -40.36 39.33 17.22
CA PRO B 12 -41.17 38.62 16.23
C PRO B 12 -42.44 39.40 15.95
N ALA C 1 -16.36 21.69 23.47
CA ALA C 1 -16.08 20.54 22.57
C ALA C 1 -15.34 19.44 23.34
N ALA C 2 -15.13 18.30 22.69
CA ALA C 2 -14.38 17.23 23.33
C ALA C 2 -12.99 17.77 23.64
N LYS C 3 -12.46 17.40 24.80
CA LYS C 3 -11.14 17.85 25.22
C LYS C 3 -10.13 16.73 25.17
N ASP C 4 -8.85 17.10 25.20
CA ASP C 4 -7.76 16.14 25.22
C ASP C 4 -7.19 16.45 26.59
N VAL C 5 -7.16 15.44 27.45
CA VAL C 5 -6.66 15.63 28.82
C VAL C 5 -5.36 14.89 29.07
N LYS C 6 -4.31 15.61 29.45
CA LYS C 6 -3.03 14.99 29.75
C LYS C 6 -2.70 15.07 31.23
N PHE C 7 -1.92 14.12 31.73
CA PHE C 7 -1.61 14.11 33.15
C PHE C 7 -0.11 14.04 33.48
N GLY C 8 0.17 14.26 34.76
CA GLY C 8 1.53 14.22 35.29
C GLY C 8 2.69 14.44 34.35
N ASN C 9 3.49 13.38 34.17
CA ASN C 9 4.67 13.46 33.32
C ASN C 9 4.41 13.87 31.88
N ASP C 10 3.40 13.29 31.25
CA ASP C 10 3.10 13.65 29.87
C ASP C 10 2.82 15.13 29.79
N ALA C 11 2.01 15.63 30.71
CA ALA C 11 1.66 17.04 30.75
C ALA C 11 2.89 17.92 30.95
N ARG C 12 3.75 17.52 31.87
CA ARG C 12 4.96 18.27 32.15
C ARG C 12 5.93 18.38 30.97
N VAL C 13 6.28 17.27 30.33
CA VAL C 13 7.20 17.34 29.20
C VAL C 13 6.65 18.27 28.12
N LYS C 14 5.34 18.24 27.86
CA LYS C 14 4.74 19.12 26.86
C LYS C 14 5.02 20.59 27.24
N MET C 15 4.70 20.96 28.47
CA MET C 15 4.96 22.34 28.89
C MET C 15 6.44 22.67 28.74
N LEU C 16 7.31 21.78 29.17
CA LEU C 16 8.74 22.03 29.06
C LEU C 16 9.13 22.38 27.62
N ARG C 17 8.70 21.55 26.68
CA ARG C 17 9.01 21.77 25.27
C ARG C 17 8.50 23.12 24.80
N GLY C 18 7.31 23.48 25.26
CA GLY C 18 6.72 24.75 24.89
C GLY C 18 7.57 25.93 25.35
N VAL C 19 7.94 25.95 26.62
CA VAL C 19 8.74 27.07 27.11
C VAL C 19 10.15 27.03 26.52
N ASN C 20 10.62 25.85 26.12
CA ASN C 20 11.96 25.78 25.53
C ASN C 20 11.95 26.50 24.18
N VAL C 21 10.89 26.33 23.40
CA VAL C 21 10.81 27.03 22.13
C VAL C 21 10.76 28.54 22.41
N LEU C 22 9.94 28.94 23.37
CA LEU C 22 9.84 30.35 23.72
C LEU C 22 11.18 30.90 24.20
N ALA C 23 11.65 30.41 25.34
CA ALA C 23 12.91 30.88 25.90
C ALA C 23 14.07 30.81 24.91
N ASP C 24 14.23 29.67 24.23
CA ASP C 24 15.33 29.53 23.27
C ASP C 24 15.32 30.58 22.15
N ALA C 25 14.13 30.95 21.71
CA ALA C 25 13.96 31.95 20.66
C ALA C 25 14.26 33.36 21.19
N VAL C 26 13.84 33.62 22.42
CA VAL C 26 14.04 34.93 23.03
C VAL C 26 15.43 35.18 23.59
N LYS C 27 16.00 34.21 24.28
CA LYS C 27 17.33 34.40 24.87
C LYS C 27 18.49 34.65 23.92
N VAL C 28 18.33 34.38 22.63
CA VAL C 28 19.45 34.62 21.73
C VAL C 28 19.70 36.12 21.60
N THR C 29 18.73 36.93 22.03
CA THR C 29 18.88 38.39 21.90
C THR C 29 19.54 39.04 23.11
N LEU C 30 19.57 38.29 24.20
CA LEU C 30 20.12 38.77 25.47
C LEU C 30 21.57 39.21 25.45
N GLY C 31 21.83 40.39 26.02
CA GLY C 31 23.18 40.90 26.10
C GLY C 31 23.67 41.77 24.95
N PRO C 32 24.79 42.47 25.13
CA PRO C 32 25.34 43.34 24.09
C PRO C 32 25.80 42.61 22.83
N LYS C 33 25.92 41.29 22.88
CA LYS C 33 26.35 40.53 21.70
C LYS C 33 25.17 39.67 21.27
N GLY C 34 23.99 40.11 21.66
CA GLY C 34 22.77 39.40 21.31
C GLY C 34 22.64 39.22 19.80
N ARG C 35 22.02 38.12 19.41
CA ARG C 35 21.83 37.82 18.01
C ARG C 35 20.50 38.34 17.47
N ASN C 36 20.36 38.35 16.16
CA ASN C 36 19.15 38.81 15.52
C ASN C 36 18.15 37.67 15.37
N VAL C 37 16.86 37.99 15.46
CA VAL C 37 15.80 37.03 15.26
C VAL C 37 15.01 37.60 14.10
N VAL C 38 14.66 36.76 13.13
CA VAL C 38 13.92 37.21 11.97
C VAL C 38 12.46 36.80 12.09
N LEU C 39 11.58 37.79 12.19
CA LEU C 39 10.16 37.54 12.33
C LEU C 39 9.49 37.83 11.02
N ASP C 40 8.80 36.83 10.48
CA ASP C 40 8.11 36.96 9.20
C ASP C 40 6.87 37.85 9.27
N LYS C 41 6.44 38.36 8.13
CA LYS C 41 5.26 39.21 8.05
C LYS C 41 4.36 38.70 6.92
N SER C 42 3.07 38.90 7.06
CA SER C 42 2.15 38.45 6.02
C SER C 42 2.42 39.18 4.71
N PHE C 43 2.73 40.47 4.80
CA PHE C 43 3.01 41.28 3.61
C PHE C 43 4.18 42.22 3.81
N GLY C 44 5.18 42.11 2.94
CA GLY C 44 6.35 42.96 3.04
C GLY C 44 7.66 42.20 3.25
N ALA C 45 8.62 42.86 3.88
CA ALA C 45 9.92 42.26 4.16
C ALA C 45 9.94 41.82 5.60
N PRO C 46 10.61 40.69 5.90
CA PRO C 46 10.69 40.20 7.29
C PRO C 46 11.21 41.26 8.24
N THR C 47 10.91 41.10 9.51
CA THR C 47 11.39 42.03 10.52
C THR C 47 12.64 41.41 11.15
N ILE C 48 13.71 42.19 11.25
CA ILE C 48 14.94 41.71 11.85
C ILE C 48 15.08 42.44 13.17
N THR C 49 14.97 41.71 14.27
CA THR C 49 15.03 42.35 15.58
C THR C 49 15.87 41.66 16.64
N LYS C 50 16.30 42.46 17.62
CA LYS C 50 17.05 41.95 18.76
C LYS C 50 16.23 42.25 19.99
N ASP C 51 14.94 42.54 19.79
CA ASP C 51 14.03 42.86 20.90
C ASP C 51 13.27 41.64 21.38
N GLY C 52 13.78 41.04 22.45
CA GLY C 52 13.16 39.86 23.04
C GLY C 52 11.66 39.95 23.17
N VAL C 53 11.14 41.13 23.54
CA VAL C 53 9.69 41.26 23.67
C VAL C 53 8.97 41.03 22.32
N SER C 54 9.50 41.60 21.24
CA SER C 54 8.91 41.42 19.93
C SER C 54 8.85 39.94 19.56
N VAL C 55 9.94 39.22 19.82
CA VAL C 55 10.00 37.80 19.51
C VAL C 55 8.97 37.05 20.32
N ALA C 56 8.92 37.32 21.61
CA ALA C 56 7.96 36.65 22.48
C ALA C 56 6.51 36.76 21.97
N ARG C 57 6.14 37.95 21.51
CA ARG C 57 4.81 38.22 21.02
C ARG C 57 4.44 37.30 19.86
N GLU C 58 5.41 36.97 19.03
CA GLU C 58 5.18 36.12 17.88
C GLU C 58 5.12 34.62 18.17
N ILE C 59 5.51 34.19 19.36
CA ILE C 59 5.52 32.77 19.63
C ILE C 59 4.20 32.12 19.95
N GLU C 60 3.82 31.17 19.12
CA GLU C 60 2.59 30.39 19.27
C GLU C 60 2.91 29.02 18.65
N LEU C 61 2.72 27.96 19.44
CA LEU C 61 3.05 26.62 18.97
C LEU C 61 1.87 25.81 18.46
N GLU C 62 2.16 24.88 17.55
CA GLU C 62 1.11 24.05 16.98
C GLU C 62 0.54 23.06 17.99
N ASP C 63 1.40 22.39 18.76
CA ASP C 63 0.90 21.47 19.76
C ASP C 63 0.22 22.25 20.90
N LYS C 64 -1.07 22.02 21.08
CA LYS C 64 -1.84 22.74 22.10
C LYS C 64 -1.25 22.72 23.52
N PHE C 65 -0.71 21.58 23.94
CA PHE C 65 -0.13 21.50 25.29
C PHE C 65 1.18 22.30 25.35
N GLU C 66 2.04 22.11 24.35
CA GLU C 66 3.28 22.83 24.29
C GLU C 66 2.97 24.32 24.22
N ASN C 67 1.91 24.68 23.52
CA ASN C 67 1.54 26.09 23.40
C ASN C 67 1.10 26.67 24.73
N MET C 68 0.33 25.90 25.50
CA MET C 68 -0.09 26.38 26.80
C MET C 68 1.16 26.67 27.64
N GLY C 69 2.18 25.84 27.48
CA GLY C 69 3.38 26.06 28.23
C GLY C 69 3.97 27.42 27.91
N ALA C 70 4.13 27.68 26.63
CA ALA C 70 4.70 28.94 26.17
C ALA C 70 3.84 30.12 26.59
N GLN C 71 2.53 30.01 26.41
CA GLN C 71 1.64 31.11 26.77
C GLN C 71 1.69 31.49 28.25
N MET C 72 1.90 30.49 29.11
CA MET C 72 1.94 30.76 30.53
C MET C 72 3.15 31.59 30.96
N VAL C 73 4.36 31.21 30.57
CA VAL C 73 5.51 31.99 31.00
C VAL C 73 5.50 33.29 30.21
N LYS C 74 5.05 33.22 28.98
CA LYS C 74 4.96 34.37 28.12
C LYS C 74 4.11 35.44 28.84
N GLU C 75 3.05 34.99 29.52
CA GLU C 75 2.14 35.86 30.24
C GLU C 75 2.69 36.55 31.49
N VAL C 76 3.22 35.76 32.42
CA VAL C 76 3.74 36.34 33.65
C VAL C 76 5.04 37.08 33.37
N ALA C 77 5.75 36.66 32.34
CA ALA C 77 6.98 37.33 32.02
C ALA C 77 6.64 38.75 31.62
N SER C 78 5.57 38.92 30.85
CA SER C 78 5.20 40.25 30.44
C SER C 78 4.80 41.09 31.65
N LYS C 79 4.27 40.45 32.69
CA LYS C 79 3.89 41.18 33.90
C LYS C 79 5.10 41.96 34.44
N ALA C 80 6.29 41.42 34.23
CA ALA C 80 7.50 42.05 34.69
C ALA C 80 7.71 43.38 33.96
N ASN C 81 7.73 43.33 32.64
CA ASN C 81 7.92 44.53 31.83
C ASN C 81 6.90 45.58 32.24
N ASP C 82 5.69 45.15 32.58
CA ASP C 82 4.65 46.09 32.99
C ASP C 82 5.00 46.76 34.32
N ALA C 83 5.52 45.98 35.25
CA ALA C 83 5.88 46.48 36.56
C ALA C 83 7.13 47.35 36.61
N ALA C 84 8.13 47.07 35.77
CA ALA C 84 9.37 47.86 35.82
C ALA C 84 9.85 48.36 34.48
N GLY C 85 9.04 48.16 33.44
CA GLY C 85 9.43 48.63 32.12
C GLY C 85 10.56 47.83 31.48
N ASP C 86 10.87 46.67 32.06
CA ASP C 86 11.95 45.83 31.53
C ASP C 86 12.02 44.51 32.28
N GLY C 87 12.74 43.55 31.70
CA GLY C 87 12.88 42.26 32.37
C GLY C 87 12.14 41.02 31.87
N THR C 88 11.30 41.17 30.85
CA THR C 88 10.56 40.02 30.35
C THR C 88 11.49 38.92 29.83
N THR C 89 12.46 39.30 29.00
CA THR C 89 13.39 38.31 28.49
C THR C 89 14.09 37.62 29.65
N THR C 90 14.60 38.41 30.59
CA THR C 90 15.30 37.85 31.76
C THR C 90 14.37 36.90 32.49
N ALA C 91 13.17 37.37 32.78
CA ALA C 91 12.17 36.53 33.45
C ALA C 91 11.95 35.23 32.68
N THR C 92 11.93 35.32 31.35
CA THR C 92 11.75 34.16 30.48
C THR C 92 12.89 33.15 30.57
N VAL C 93 14.14 33.61 30.53
CA VAL C 93 15.23 32.65 30.64
C VAL C 93 15.32 32.11 32.07
N LEU C 94 14.98 32.95 33.04
CA LEU C 94 15.00 32.48 34.43
C LEU C 94 13.95 31.38 34.60
N ALA C 95 12.79 31.57 33.97
CA ALA C 95 11.72 30.59 34.06
C ALA C 95 12.12 29.29 33.44
N GLN C 96 12.78 29.35 32.29
CA GLN C 96 13.24 28.12 31.62
C GLN C 96 14.18 27.34 32.52
N ALA C 97 15.05 28.08 33.22
CA ALA C 97 16.03 27.49 34.10
C ALA C 97 15.40 26.79 35.30
N ILE C 98 14.51 27.50 36.00
CA ILE C 98 13.87 26.92 37.16
C ILE C 98 13.03 25.73 36.75
N ILE C 99 12.25 25.89 35.68
CA ILE C 99 11.38 24.81 35.20
C ILE C 99 12.14 23.57 34.77
N THR C 100 13.18 23.77 33.99
CA THR C 100 13.98 22.65 33.52
C THR C 100 14.51 21.78 34.65
N GLU C 101 15.18 22.38 35.61
CA GLU C 101 15.71 21.62 36.73
C GLU C 101 14.59 21.15 37.65
N GLY C 102 13.63 22.02 37.91
CA GLY C 102 12.53 21.67 38.78
C GLY C 102 11.85 20.41 38.32
N LEU C 103 11.61 20.32 37.02
CA LEU C 103 10.93 19.17 36.44
C LEU C 103 11.79 17.93 36.54
N LYS C 104 13.10 18.11 36.43
CA LYS C 104 14.00 16.95 36.55
C LYS C 104 13.83 16.35 37.95
N ALA C 105 13.89 17.21 38.96
CA ALA C 105 13.72 16.78 40.34
C ALA C 105 12.40 16.05 40.51
N VAL C 106 11.35 16.54 39.84
CA VAL C 106 10.05 15.91 39.95
C VAL C 106 10.09 14.50 39.39
N ALA C 107 10.65 14.36 38.18
CA ALA C 107 10.74 13.06 37.53
C ALA C 107 11.61 12.11 38.36
N ALA C 108 12.52 12.68 39.14
CA ALA C 108 13.39 11.89 40.00
C ALA C 108 12.60 11.42 41.22
N GLY C 109 11.34 11.82 41.28
CA GLY C 109 10.49 11.42 42.39
C GLY C 109 10.42 12.37 43.57
N MET C 110 10.94 13.58 43.42
CA MET C 110 10.87 14.52 44.54
C MET C 110 9.51 15.20 44.63
N ASN C 111 9.17 15.66 45.84
CA ASN C 111 7.88 16.30 46.09
C ASN C 111 7.74 17.66 45.43
N PRO C 112 6.78 17.79 44.49
CA PRO C 112 6.58 19.07 43.79
C PRO C 112 6.34 20.24 44.74
N MET C 113 5.45 20.03 45.71
CA MET C 113 5.15 21.10 46.67
C MET C 113 6.38 21.52 47.47
N ASP C 114 7.20 20.57 47.91
CA ASP C 114 8.39 20.95 48.68
C ASP C 114 9.36 21.67 47.75
N LEU C 115 9.48 21.21 46.52
CA LEU C 115 10.37 21.83 45.56
C LEU C 115 9.97 23.30 45.39
N LYS C 116 8.67 23.53 45.29
CA LYS C 116 8.17 24.88 45.12
C LYS C 116 8.48 25.73 46.34
N ARG C 117 8.27 25.18 47.54
CA ARG C 117 8.56 25.93 48.78
C ARG C 117 10.04 26.34 48.80
N GLY C 118 10.92 25.44 48.41
CA GLY C 118 12.34 25.76 48.40
C GLY C 118 12.69 26.88 47.45
N ILE C 119 12.15 26.81 46.22
CA ILE C 119 12.38 27.83 45.20
C ILE C 119 11.93 29.17 45.76
N ASP C 120 10.75 29.18 46.36
CA ASP C 120 10.20 30.40 46.92
C ASP C 120 11.05 30.93 48.04
N LYS C 121 11.47 30.05 48.94
CA LYS C 121 12.31 30.47 50.05
C LYS C 121 13.57 31.11 49.50
N ALA C 122 14.18 30.46 48.50
CA ALA C 122 15.41 30.99 47.91
C ALA C 122 15.18 32.34 47.28
N VAL C 123 14.04 32.50 46.63
CA VAL C 123 13.72 33.78 45.98
C VAL C 123 13.54 34.90 47.02
N THR C 124 12.83 34.62 48.09
CA THR C 124 12.65 35.65 49.11
C THR C 124 14.00 36.10 49.63
N ALA C 125 14.87 35.13 49.94
CA ALA C 125 16.21 35.40 50.44
C ALA C 125 16.92 36.27 49.41
N ALA C 126 16.87 35.83 48.16
CA ALA C 126 17.52 36.55 47.07
C ALA C 126 17.07 37.99 46.91
N VAL C 127 15.77 38.25 47.07
CA VAL C 127 15.26 39.63 46.94
C VAL C 127 15.80 40.53 48.05
N GLU C 128 15.96 39.96 49.24
CA GLU C 128 16.50 40.74 50.37
C GLU C 128 17.95 41.05 50.08
N GLU C 129 18.69 40.03 49.64
CA GLU C 129 20.10 40.16 49.33
C GLU C 129 20.25 41.20 48.22
N LEU C 130 19.23 41.27 47.37
CA LEU C 130 19.20 42.21 46.26
C LEU C 130 19.05 43.65 46.77
N LYS C 131 18.19 43.84 47.76
CA LYS C 131 17.97 45.16 48.34
C LYS C 131 19.26 45.66 48.97
N ALA C 132 19.97 44.75 49.61
CA ALA C 132 21.23 45.09 50.27
C ALA C 132 22.23 45.56 49.24
N LEU C 133 22.36 44.79 48.16
CA LEU C 133 23.30 45.12 47.08
C LEU C 133 22.95 46.44 46.39
N SER C 134 21.68 46.78 46.39
CA SER C 134 21.19 47.98 45.74
C SER C 134 21.85 49.29 46.18
N VAL C 135 22.12 50.13 45.18
CA VAL C 135 22.72 51.44 45.39
C VAL C 135 21.64 52.48 45.21
N PRO C 136 21.54 53.41 46.17
CA PRO C 136 20.50 54.42 46.04
C PRO C 136 20.71 55.34 44.84
N CYS C 137 19.61 55.93 44.40
CA CYS C 137 19.59 56.86 43.27
C CYS C 137 18.56 57.91 43.70
N SER C 138 18.94 58.75 44.65
CA SER C 138 18.05 59.77 45.20
C SER C 138 18.25 61.22 44.78
N ASP C 139 19.49 61.61 44.46
CA ASP C 139 19.73 62.98 44.06
C ASP C 139 19.71 63.12 42.54
N SER C 140 19.50 64.33 42.06
CA SER C 140 19.45 64.57 40.62
C SER C 140 20.72 64.18 39.89
N LYS C 141 21.85 64.18 40.58
CA LYS C 141 23.10 63.79 39.93
C LYS C 141 22.98 62.34 39.50
N ALA C 142 22.50 61.50 40.42
CA ALA C 142 22.32 60.07 40.15
C ALA C 142 21.23 59.85 39.12
N ILE C 143 20.10 60.51 39.34
CA ILE C 143 18.96 60.44 38.44
C ILE C 143 19.44 60.70 37.00
N ALA C 144 20.30 61.69 36.84
CA ALA C 144 20.82 62.03 35.52
C ALA C 144 21.74 60.94 34.97
N GLN C 145 22.65 60.43 35.80
CA GLN C 145 23.58 59.38 35.37
C GLN C 145 22.82 58.17 34.83
N VAL C 146 21.83 57.71 35.60
CA VAL C 146 21.04 56.55 35.22
C VAL C 146 20.32 56.80 33.92
N GLY C 147 19.68 57.97 33.83
CA GLY C 147 18.96 58.30 32.61
C GLY C 147 19.89 58.33 31.40
N THR C 148 21.10 58.86 31.60
CA THR C 148 22.07 58.94 30.53
C THR C 148 22.42 57.53 30.06
N ILE C 149 22.69 56.64 31.01
CA ILE C 149 23.03 55.26 30.69
C ILE C 149 21.88 54.57 29.94
N SER C 150 20.66 54.87 30.34
CA SER C 150 19.48 54.29 29.71
C SER C 150 19.27 54.83 28.30
N ALA C 151 19.60 56.10 28.10
CA ALA C 151 19.43 56.74 26.81
C ALA C 151 20.61 56.41 25.90
N ASN C 152 21.37 55.40 26.29
CA ASN C 152 22.54 54.97 25.51
C ASN C 152 23.66 56.03 25.53
N SER C 153 23.94 56.55 26.72
CA SER C 153 25.01 57.55 26.92
C SER C 153 24.70 58.94 26.38
N ASP C 154 23.42 59.31 26.34
CA ASP C 154 23.01 60.63 25.86
C ASP C 154 22.79 61.54 27.09
N GLU C 155 23.80 62.32 27.44
CA GLU C 155 23.68 63.21 28.60
C GLU C 155 22.47 64.12 28.52
N THR C 156 22.04 64.41 27.30
CA THR C 156 20.88 65.27 27.08
C THR C 156 19.65 64.70 27.77
N VAL C 157 19.34 63.45 27.44
CA VAL C 157 18.20 62.75 28.01
C VAL C 157 18.32 62.74 29.53
N GLY C 158 19.49 62.36 30.03
CA GLY C 158 19.69 62.31 31.46
C GLY C 158 19.34 63.64 32.09
N LYS C 159 19.84 64.71 31.48
CA LYS C 159 19.59 66.07 31.99
C LYS C 159 18.09 66.34 32.00
N LEU C 160 17.43 66.08 30.87
CA LEU C 160 15.98 66.31 30.75
C LEU C 160 15.19 65.65 31.87
N ILE C 161 15.38 64.34 32.01
CA ILE C 161 14.67 63.59 33.03
C ILE C 161 14.92 64.16 34.43
N ALA C 162 16.15 64.55 34.71
CA ALA C 162 16.48 65.11 36.00
C ALA C 162 15.76 66.43 36.23
N GLU C 163 15.71 67.26 35.19
CA GLU C 163 15.04 68.55 35.28
C GLU C 163 13.54 68.32 35.48
N ALA C 164 13.00 67.36 34.75
CA ALA C 164 11.58 67.03 34.85
C ALA C 164 11.21 66.57 36.26
N MET C 165 12.00 65.67 36.83
CA MET C 165 11.70 65.19 38.16
C MET C 165 11.90 66.29 39.20
N ASP C 166 12.80 67.21 38.89
CA ASP C 166 13.05 68.31 39.82
C ASP C 166 11.82 69.23 39.86
N LYS C 167 11.13 69.32 38.73
CA LYS C 167 9.93 70.15 38.60
C LYS C 167 8.71 69.56 39.29
N VAL C 168 8.44 68.28 39.07
CA VAL C 168 7.25 67.66 39.67
C VAL C 168 7.51 66.58 40.69
N GLY C 169 8.76 66.41 41.11
CA GLY C 169 9.08 65.37 42.07
C GLY C 169 9.41 64.05 41.36
N LYS C 170 10.15 63.16 42.01
CA LYS C 170 10.48 61.90 41.36
C LYS C 170 9.33 60.90 41.35
N GLU C 171 8.21 61.31 41.91
CA GLU C 171 7.02 60.46 41.95
C GLU C 171 5.91 61.20 41.21
N GLY C 172 6.30 62.24 40.47
CA GLY C 172 5.32 63.02 39.74
C GLY C 172 5.09 62.55 38.32
N VAL C 173 3.99 62.99 37.72
CA VAL C 173 3.65 62.61 36.36
C VAL C 173 4.54 63.29 35.32
N ILE C 174 5.09 62.51 34.41
CA ILE C 174 5.95 63.03 33.35
C ILE C 174 5.58 62.37 32.03
N THR C 175 5.34 63.17 30.99
CA THR C 175 4.98 62.65 29.68
C THR C 175 5.97 63.17 28.65
N VAL C 176 6.08 62.48 27.51
CA VAL C 176 6.97 62.91 26.45
C VAL C 176 6.18 63.06 25.16
N GLU C 177 6.50 64.09 24.38
CA GLU C 177 5.80 64.35 23.12
C GLU C 177 6.80 64.80 22.06
N ASP C 178 6.39 64.70 20.80
CA ASP C 178 7.24 65.14 19.71
C ASP C 178 7.44 66.62 19.94
N GLY C 179 8.63 67.13 19.60
CA GLY C 179 8.92 68.54 19.79
C GLY C 179 8.45 69.41 18.66
N THR C 180 8.56 70.71 18.86
CA THR C 180 8.17 71.67 17.84
C THR C 180 9.29 71.82 16.82
N GLY C 181 10.43 71.18 17.11
CA GLY C 181 11.55 71.22 16.19
C GLY C 181 12.89 71.70 16.74
N LEU C 182 13.86 70.79 16.85
CA LEU C 182 15.19 71.12 17.36
C LEU C 182 15.13 71.80 18.72
N GLN C 183 15.87 71.26 19.68
CA GLN C 183 15.88 71.79 21.04
C GLN C 183 14.67 71.31 21.83
N ASP C 184 14.96 70.72 22.99
CA ASP C 184 13.92 70.19 23.85
C ASP C 184 13.20 71.31 24.58
N GLU C 185 12.07 70.96 25.19
CA GLU C 185 11.27 71.92 25.92
C GLU C 185 10.65 71.18 27.10
N LEU C 186 10.70 71.78 28.28
CA LEU C 186 10.12 71.16 29.46
C LEU C 186 9.05 72.09 30.02
N ASP C 187 7.82 71.63 30.08
CA ASP C 187 6.75 72.47 30.61
C ASP C 187 5.86 71.72 31.59
N VAL C 188 5.37 72.41 32.61
CA VAL C 188 4.46 71.82 33.57
C VAL C 188 3.07 72.43 33.32
N VAL C 189 2.07 71.59 33.11
CA VAL C 189 0.74 72.09 32.84
C VAL C 189 -0.29 71.46 33.74
N GLU C 190 -1.54 71.92 33.63
CA GLU C 190 -2.59 71.35 34.45
C GLU C 190 -2.87 69.98 33.85
N GLY C 191 -2.79 68.96 34.68
CA GLY C 191 -3.03 67.61 34.21
C GLY C 191 -3.24 66.62 35.32
N MET C 192 -3.39 65.35 34.96
CA MET C 192 -3.63 64.35 35.96
C MET C 192 -3.46 62.96 35.34
N GLN C 193 -3.36 61.96 36.20
CA GLN C 193 -3.20 60.58 35.76
C GLN C 193 -3.83 59.59 36.76
N PHE C 194 -4.65 58.66 36.29
CA PHE C 194 -5.27 57.69 37.17
C PHE C 194 -5.07 56.27 36.65
N ASP C 195 -5.29 55.28 37.52
CA ASP C 195 -5.09 53.89 37.14
C ASP C 195 -6.24 53.18 36.47
N ARG C 196 -6.48 53.52 35.20
CA ARG C 196 -7.54 52.92 34.39
C ARG C 196 -7.05 52.91 32.95
N GLY C 197 -6.99 51.72 32.35
CA GLY C 197 -6.55 51.60 30.97
C GLY C 197 -7.73 51.59 30.02
N TYR C 198 -7.44 51.53 28.73
CA TYR C 198 -8.49 51.52 27.73
C TYR C 198 -9.47 50.38 28.02
N LEU C 199 -10.74 50.57 27.65
CA LEU C 199 -11.77 49.56 27.84
C LEU C 199 -11.71 48.45 26.79
N SER C 200 -10.68 48.49 25.96
CA SER C 200 -10.47 47.48 24.92
C SER C 200 -9.41 48.00 23.98
N PRO C 201 -8.62 47.09 23.37
CA PRO C 201 -7.62 47.60 22.45
C PRO C 201 -8.42 48.19 21.29
N TYR C 202 -7.93 48.05 20.07
CA TYR C 202 -8.66 48.60 18.92
C TYR C 202 -8.63 50.12 19.02
N PHE C 203 -8.87 50.65 20.22
CA PHE C 203 -8.80 52.09 20.41
C PHE C 203 -7.36 52.49 20.15
N ILE C 204 -6.46 51.55 20.41
CA ILE C 204 -5.04 51.75 20.21
C ILE C 204 -4.74 52.27 18.83
N ASN C 205 -4.16 53.46 18.75
CA ASN C 205 -3.82 54.07 17.47
C ASN C 205 -2.31 54.25 17.38
N LYS C 206 -1.60 53.67 18.32
CA LYS C 206 -0.14 53.74 18.33
C LYS C 206 0.35 52.40 18.83
N PRO C 207 0.19 51.36 17.99
CA PRO C 207 0.59 49.97 18.27
C PRO C 207 2.02 49.78 18.77
N GLU C 208 2.94 50.62 18.30
CA GLU C 208 4.33 50.53 18.70
C GLU C 208 4.39 50.56 20.22
N THR C 209 3.59 51.42 20.83
CA THR C 209 3.54 51.57 22.27
C THR C 209 2.30 50.93 22.85
N GLY C 210 1.43 50.41 21.99
CA GLY C 210 0.21 49.79 22.47
C GLY C 210 -0.55 50.81 23.33
N ALA C 211 -0.64 52.04 22.82
CA ALA C 211 -1.31 53.13 23.51
C ALA C 211 -2.30 53.87 22.66
N VAL C 212 -3.22 54.55 23.32
CA VAL C 212 -4.24 55.35 22.65
C VAL C 212 -3.80 56.78 22.85
N GLU C 213 -3.75 57.54 21.76
CA GLU C 213 -3.33 58.94 21.84
C GLU C 213 -4.30 59.86 21.12
N LEU C 214 -5.01 60.67 21.90
CA LEU C 214 -5.99 61.62 21.37
C LEU C 214 -5.48 63.07 21.45
N GLU C 215 -5.73 63.85 20.39
CA GLU C 215 -5.27 65.22 20.36
C GLU C 215 -6.44 66.20 20.45
N SER C 216 -6.34 67.15 21.38
CA SER C 216 -7.39 68.15 21.58
C SER C 216 -8.74 67.46 21.71
N PRO C 217 -8.83 66.46 22.57
CA PRO C 217 -10.09 65.73 22.75
C PRO C 217 -11.08 66.34 23.73
N PHE C 218 -12.35 66.04 23.53
CA PHE C 218 -13.40 66.49 24.44
C PHE C 218 -13.39 65.40 25.49
N ILE C 219 -14.01 65.63 26.63
CA ILE C 219 -14.04 64.59 27.65
C ILE C 219 -15.42 64.48 28.29
N LEU C 220 -16.06 63.34 28.09
CA LEU C 220 -17.38 63.11 28.65
C LEU C 220 -17.24 62.38 29.98
N LEU C 221 -17.74 62.99 31.04
CA LEU C 221 -17.69 62.39 32.36
C LEU C 221 -19.10 61.95 32.72
N ALA C 222 -19.32 60.64 32.80
CA ALA C 222 -20.64 60.11 33.12
C ALA C 222 -20.57 59.16 34.31
N ASP C 223 -21.23 59.55 35.40
CA ASP C 223 -21.26 58.74 36.60
C ASP C 223 -22.32 57.66 36.49
N LYS C 224 -22.16 56.77 35.51
CA LYS C 224 -23.09 55.66 35.28
C LYS C 224 -22.49 54.66 34.29
N LYS C 225 -23.20 53.56 34.09
CA LYS C 225 -22.77 52.53 33.14
C LYS C 225 -23.53 52.73 31.83
N ILE C 226 -22.84 52.65 30.70
CA ILE C 226 -23.48 52.85 29.41
C ILE C 226 -23.74 51.55 28.66
N SER C 227 -25.01 51.24 28.46
CA SER C 227 -25.44 50.03 27.76
C SER C 227 -25.95 50.33 26.36
N ASN C 228 -26.92 51.23 26.30
CA ASN C 228 -27.53 51.61 25.03
C ASN C 228 -26.79 52.79 24.42
N ILE C 229 -26.02 52.52 23.38
CA ILE C 229 -25.25 53.60 22.79
C ILE C 229 -26.14 54.69 22.18
N ARG C 230 -27.45 54.47 22.21
CA ARG C 230 -28.38 55.46 21.68
C ARG C 230 -28.22 56.76 22.50
N GLU C 231 -28.18 56.62 23.82
CA GLU C 231 -28.03 57.77 24.73
C GLU C 231 -26.96 58.72 24.24
N MET C 232 -25.90 58.15 23.67
CA MET C 232 -24.75 58.90 23.20
C MET C 232 -24.98 59.70 21.94
N LEU C 233 -25.62 59.09 20.95
CA LEU C 233 -25.89 59.69 19.65
C LEU C 233 -25.92 61.22 19.60
N PRO C 234 -26.84 61.85 20.34
CA PRO C 234 -26.89 63.32 20.30
C PRO C 234 -25.53 63.99 20.57
N VAL C 235 -24.81 63.47 21.56
CA VAL C 235 -23.50 64.02 21.94
C VAL C 235 -22.42 63.63 20.92
N LEU C 236 -22.39 62.36 20.54
CA LEU C 236 -21.43 61.88 19.56
C LEU C 236 -21.56 62.65 18.26
N GLU C 237 -22.78 62.93 17.84
CA GLU C 237 -22.98 63.67 16.60
C GLU C 237 -22.34 65.04 16.74
N ALA C 238 -22.52 65.64 17.91
CA ALA C 238 -21.96 66.96 18.17
C ALA C 238 -20.44 66.92 18.07
N VAL C 239 -19.85 65.88 18.65
CA VAL C 239 -18.41 65.69 18.63
C VAL C 239 -17.98 65.29 17.23
N ALA C 240 -18.89 64.67 16.47
CA ALA C 240 -18.65 64.25 15.09
C ALA C 240 -18.26 65.49 14.31
N LYS C 241 -19.11 66.52 14.39
CA LYS C 241 -18.83 67.80 13.75
C LYS C 241 -17.75 68.31 14.68
N ALA C 242 -17.17 69.46 14.40
CA ALA C 242 -16.08 69.97 15.26
C ALA C 242 -14.82 69.14 15.03
N GLY C 243 -15.01 67.92 14.53
CA GLY C 243 -13.91 67.03 14.22
C GLY C 243 -12.86 66.88 15.29
N LYS C 244 -13.31 66.57 16.49
CA LYS C 244 -12.41 66.37 17.61
C LYS C 244 -12.63 64.98 18.22
N PRO C 245 -11.58 64.38 18.77
CA PRO C 245 -11.73 63.06 19.37
C PRO C 245 -12.45 63.18 20.71
N LEU C 246 -13.01 62.07 21.17
CA LEU C 246 -13.72 62.07 22.43
C LEU C 246 -13.26 60.97 23.34
N LEU C 247 -13.05 61.33 24.61
CA LEU C 247 -12.65 60.37 25.64
C LEU C 247 -13.86 60.18 26.54
N ILE C 248 -14.33 58.94 26.65
CA ILE C 248 -15.47 58.62 27.49
C ILE C 248 -14.98 58.09 28.82
N ILE C 249 -15.33 58.78 29.90
CA ILE C 249 -14.97 58.34 31.25
C ILE C 249 -16.25 58.04 31.97
N ALA C 250 -16.67 56.78 31.93
CA ALA C 250 -17.90 56.35 32.57
C ALA C 250 -17.65 55.25 33.59
N GLU C 251 -18.69 54.92 34.35
CA GLU C 251 -18.57 53.88 35.37
C GLU C 251 -18.22 52.60 34.63
N ASP C 252 -18.58 52.54 33.35
CA ASP C 252 -18.27 51.39 32.53
C ASP C 252 -19.01 51.48 31.19
N VAL C 253 -18.44 50.89 30.14
CA VAL C 253 -19.07 50.89 28.84
C VAL C 253 -19.21 49.43 28.44
N GLU C 254 -20.44 48.95 28.42
CA GLU C 254 -20.71 47.56 28.10
C GLU C 254 -20.53 47.10 26.66
N GLY C 255 -20.28 45.80 26.52
CA GLY C 255 -20.06 45.17 25.23
C GLY C 255 -20.58 45.79 23.95
N GLU C 256 -21.89 45.73 23.71
CA GLU C 256 -22.47 46.25 22.48
C GLU C 256 -22.13 47.73 22.27
N ALA C 257 -22.34 48.56 23.29
CA ALA C 257 -22.04 49.99 23.17
C ALA C 257 -20.56 50.17 22.80
N LEU C 258 -19.71 49.41 23.47
CA LEU C 258 -18.28 49.48 23.23
C LEU C 258 -17.98 49.09 21.79
N ALA C 259 -18.64 48.04 21.32
CA ALA C 259 -18.46 47.53 19.95
C ALA C 259 -18.79 48.63 18.95
N THR C 260 -19.90 49.32 19.18
CA THR C 260 -20.31 50.39 18.30
C THR C 260 -19.21 51.46 18.22
N LEU C 261 -18.71 51.87 19.37
CA LEU C 261 -17.66 52.90 19.37
C LEU C 261 -16.45 52.48 18.53
N VAL C 262 -15.96 51.27 18.76
CA VAL C 262 -14.81 50.77 18.02
C VAL C 262 -15.08 50.81 16.53
N VAL C 263 -16.18 50.21 16.11
CA VAL C 263 -16.55 50.18 14.69
C VAL C 263 -16.58 51.57 14.05
N ASN C 264 -17.40 52.45 14.62
CA ASN C 264 -17.57 53.79 14.09
C ASN C 264 -16.34 54.66 14.04
N THR C 265 -15.47 54.58 15.05
CA THR C 265 -14.26 55.41 15.04
C THR C 265 -13.30 54.82 14.03
N MET C 266 -13.47 53.53 13.76
CA MET C 266 -12.65 52.80 12.82
C MET C 266 -13.08 53.09 11.38
N ARG C 267 -14.24 53.72 11.22
CA ARG C 267 -14.76 54.06 9.90
C ARG C 267 -14.52 55.54 9.60
N GLY C 268 -13.82 56.21 10.51
CA GLY C 268 -13.52 57.60 10.30
C GLY C 268 -14.51 58.56 10.93
N ILE C 269 -15.74 58.10 11.12
CA ILE C 269 -16.77 58.95 11.72
C ILE C 269 -16.64 58.95 13.23
N VAL C 270 -16.20 60.08 13.79
CA VAL C 270 -16.07 60.20 15.24
C VAL C 270 -14.99 59.32 15.87
N LYS C 271 -13.98 59.94 16.48
CA LYS C 271 -12.92 59.18 17.15
C LYS C 271 -13.24 59.12 18.65
N VAL C 272 -13.44 57.91 19.16
CA VAL C 272 -13.77 57.75 20.57
C VAL C 272 -12.84 56.76 21.25
N ALA C 273 -12.79 56.87 22.57
CA ALA C 273 -12.00 55.98 23.39
C ALA C 273 -12.67 56.06 24.73
N ALA C 274 -12.85 54.93 25.39
CA ALA C 274 -13.48 54.91 26.70
C ALA C 274 -12.66 54.16 27.77
N VAL C 275 -12.80 54.60 29.01
CA VAL C 275 -12.09 54.00 30.13
C VAL C 275 -12.99 54.15 31.36
N LYS C 276 -12.86 53.25 32.33
CA LYS C 276 -13.68 53.31 33.54
C LYS C 276 -13.29 54.50 34.40
N ALA C 277 -14.23 54.99 35.21
CA ALA C 277 -13.95 56.10 36.11
C ALA C 277 -12.99 55.58 37.18
N PRO C 278 -12.06 56.43 37.63
CA PRO C 278 -11.08 56.02 38.65
C PRO C 278 -11.72 55.68 39.98
N GLY C 279 -11.10 54.73 40.69
CA GLY C 279 -11.58 54.31 42.00
C GLY C 279 -12.97 53.70 42.01
N PHE C 280 -13.50 53.48 43.21
CA PHE C 280 -14.82 52.91 43.39
C PHE C 280 -15.53 53.55 44.59
N GLY C 281 -16.79 53.19 44.80
CA GLY C 281 -17.54 53.72 45.92
C GLY C 281 -17.74 55.22 45.87
N ASP C 282 -17.49 55.88 46.99
CA ASP C 282 -17.66 57.33 47.09
C ASP C 282 -16.47 58.12 46.57
N ARG C 283 -15.26 57.63 46.83
CA ARG C 283 -14.09 58.33 46.36
C ARG C 283 -14.07 58.34 44.83
N ARG C 284 -15.05 57.66 44.23
CA ARG C 284 -15.15 57.61 42.77
C ARG C 284 -15.89 58.84 42.28
N LYS C 285 -17.03 59.10 42.91
CA LYS C 285 -17.83 60.26 42.54
C LYS C 285 -17.01 61.53 42.74
N ALA C 286 -16.16 61.52 43.76
CA ALA C 286 -15.32 62.67 44.06
C ALA C 286 -14.28 62.88 42.97
N MET C 287 -13.55 61.81 42.67
CA MET C 287 -12.51 61.89 41.66
C MET C 287 -13.08 62.25 40.29
N LEU C 288 -14.26 61.73 39.96
CA LEU C 288 -14.89 62.04 38.69
C LEU C 288 -15.07 63.54 38.57
N GLN C 289 -15.38 64.19 39.69
CA GLN C 289 -15.58 65.62 39.74
C GLN C 289 -14.26 66.38 39.56
N ASP C 290 -13.20 65.89 40.21
CA ASP C 290 -11.90 66.52 40.09
C ASP C 290 -11.56 66.65 38.60
N ILE C 291 -11.70 65.54 37.89
CA ILE C 291 -11.40 65.51 36.47
C ILE C 291 -12.23 66.55 35.75
N ALA C 292 -13.47 66.68 36.19
CA ALA C 292 -14.39 67.65 35.60
C ALA C 292 -13.84 69.06 35.78
N THR C 293 -13.52 69.40 37.01
CA THR C 293 -12.98 70.71 37.32
C THR C 293 -11.66 70.96 36.60
N LEU C 294 -10.85 69.92 36.51
CA LEU C 294 -9.52 70.00 35.89
C LEU C 294 -9.60 70.24 34.41
N THR C 295 -10.61 69.65 33.78
CA THR C 295 -10.81 69.77 32.32
C THR C 295 -11.93 70.74 31.92
N GLY C 296 -12.56 71.35 32.92
CA GLY C 296 -13.64 72.28 32.66
C GLY C 296 -14.90 71.62 32.12
N GLY C 297 -15.14 70.38 32.53
CA GLY C 297 -16.32 69.67 32.08
C GLY C 297 -17.35 69.54 33.19
N THR C 298 -18.51 69.00 32.85
CA THR C 298 -19.58 68.81 33.82
C THR C 298 -19.89 67.33 33.96
N VAL C 299 -19.83 66.82 35.18
CA VAL C 299 -20.14 65.43 35.40
C VAL C 299 -21.61 65.21 35.15
N ILE C 300 -21.94 64.13 34.46
CA ILE C 300 -23.33 63.81 34.16
C ILE C 300 -23.78 62.59 34.96
N SER C 301 -24.45 62.83 36.07
CA SER C 301 -24.93 61.75 36.94
C SER C 301 -26.46 61.65 36.93
N GLU C 302 -26.95 60.41 36.99
CA GLU C 302 -28.39 60.15 37.00
C GLU C 302 -29.01 60.61 38.31
N GLU C 303 -28.25 60.49 39.40
CA GLU C 303 -28.72 60.88 40.72
C GLU C 303 -29.36 62.27 40.67
N ILE C 304 -28.62 63.26 40.23
CA ILE C 304 -29.13 64.62 40.13
C ILE C 304 -30.24 64.69 39.08
N GLY C 305 -30.40 63.62 38.31
CA GLY C 305 -31.43 63.57 37.30
C GLY C 305 -31.02 64.07 35.92
N MET C 306 -29.72 64.05 35.64
CA MET C 306 -29.22 64.50 34.34
C MET C 306 -29.28 63.34 33.34
N GLU C 307 -29.42 63.69 32.07
CA GLU C 307 -29.50 62.69 31.01
C GLU C 307 -28.43 62.93 29.96
N LEU C 308 -27.92 61.84 29.39
CA LEU C 308 -26.89 61.93 28.36
C LEU C 308 -27.41 62.53 27.05
N GLU C 309 -28.65 62.20 26.71
CA GLU C 309 -29.24 62.71 25.47
C GLU C 309 -29.26 64.22 25.48
N LYS C 310 -29.40 64.81 26.67
CA LYS C 310 -29.45 66.26 26.79
C LYS C 310 -28.10 66.90 27.07
N ALA C 311 -27.03 66.15 26.84
CA ALA C 311 -25.68 66.67 27.07
C ALA C 311 -25.13 67.33 25.82
N THR C 312 -24.64 68.56 25.95
CA THR C 312 -24.07 69.29 24.83
C THR C 312 -22.55 69.39 24.95
N LEU C 313 -21.90 69.85 23.88
CA LEU C 313 -20.46 69.99 23.88
C LEU C 313 -19.98 70.82 25.06
N GLU C 314 -20.82 71.76 25.50
CA GLU C 314 -20.46 72.63 26.60
C GLU C 314 -20.35 71.89 27.93
N ASP C 315 -20.94 70.70 28.01
CA ASP C 315 -20.88 69.89 29.23
C ASP C 315 -19.59 69.08 29.27
N LEU C 316 -19.01 68.88 28.09
CA LEU C 316 -17.78 68.12 27.92
C LEU C 316 -16.53 68.86 28.39
N GLY C 317 -15.61 68.12 28.98
CA GLY C 317 -14.37 68.70 29.45
C GLY C 317 -13.49 68.90 28.23
N GLN C 318 -12.22 69.24 28.44
CA GLN C 318 -11.35 69.47 27.29
C GLN C 318 -9.90 69.49 27.74
N ALA C 319 -9.02 68.94 26.91
CA ALA C 319 -7.60 68.91 27.22
C ALA C 319 -6.81 68.84 25.91
N LYS C 320 -5.54 69.25 25.95
CA LYS C 320 -4.75 69.24 24.73
C LYS C 320 -4.34 67.85 24.26
N ARG C 321 -4.20 66.93 25.21
CA ARG C 321 -3.77 65.57 24.87
C ARG C 321 -4.03 64.58 25.99
N VAL C 322 -4.51 63.39 25.63
CA VAL C 322 -4.76 62.34 26.61
C VAL C 322 -4.02 61.11 26.08
N VAL C 323 -3.46 60.32 26.99
CA VAL C 323 -2.75 59.12 26.62
C VAL C 323 -3.26 57.94 27.45
N ILE C 324 -3.77 56.92 26.76
CA ILE C 324 -4.31 55.75 27.44
C ILE C 324 -3.45 54.50 27.27
N ASN C 325 -3.22 53.83 28.39
CA ASN C 325 -2.39 52.63 28.45
C ASN C 325 -3.20 51.36 28.58
N LYS C 326 -2.46 50.26 28.73
CA LYS C 326 -3.07 48.95 28.93
C LYS C 326 -3.79 49.05 30.27
N ASP C 327 -3.33 49.96 31.13
CA ASP C 327 -3.95 50.17 32.44
C ASP C 327 -3.65 51.53 33.08
N THR C 328 -3.57 52.57 32.26
CA THR C 328 -3.33 53.93 32.75
C THR C 328 -3.88 54.99 31.81
N THR C 329 -4.38 56.08 32.40
CA THR C 329 -4.94 57.18 31.63
C THR C 329 -4.37 58.47 32.18
N THR C 330 -3.81 59.28 31.29
CA THR C 330 -3.22 60.55 31.69
C THR C 330 -3.71 61.73 30.81
N ILE C 331 -4.31 62.70 31.49
CA ILE C 331 -4.87 63.89 30.87
C ILE C 331 -3.86 65.05 30.90
N ILE C 332 -3.47 65.53 29.72
CA ILE C 332 -2.48 66.60 29.62
C ILE C 332 -2.99 67.98 29.18
N ASP C 333 -2.78 68.95 30.05
CA ASP C 333 -3.16 70.33 29.81
C ASP C 333 -4.68 70.51 29.77
N GLY C 334 -5.31 70.43 30.94
CA GLY C 334 -6.74 70.58 31.04
C GLY C 334 -7.15 72.03 30.90
N VAL C 335 -8.30 72.26 30.27
CA VAL C 335 -8.81 73.61 30.04
C VAL C 335 -9.39 74.27 31.29
N GLY C 336 -9.81 73.46 32.26
CA GLY C 336 -10.36 73.99 33.48
C GLY C 336 -9.68 75.27 33.95
N GLU C 337 -10.48 76.24 34.40
CA GLU C 337 -9.95 77.51 34.88
C GLU C 337 -9.14 77.33 36.15
N GLU C 338 -8.00 78.01 36.22
CA GLU C 338 -7.14 77.91 37.39
C GLU C 338 -7.87 78.35 38.66
N ALA C 339 -8.82 79.26 38.50
CA ALA C 339 -9.60 79.75 39.63
C ALA C 339 -10.39 78.59 40.22
N ALA C 340 -11.07 77.85 39.34
CA ALA C 340 -11.89 76.71 39.75
C ALA C 340 -11.03 75.55 40.26
N ILE C 341 -9.95 75.27 39.56
CA ILE C 341 -9.05 74.18 39.94
C ILE C 341 -8.43 74.46 41.30
N GLN C 342 -7.79 75.61 41.41
CA GLN C 342 -7.14 76.01 42.63
C GLN C 342 -8.15 76.08 43.79
N GLY C 343 -9.36 76.52 43.49
CA GLY C 343 -10.37 76.61 44.53
C GLY C 343 -10.74 75.22 44.99
N ARG C 344 -10.81 74.30 44.03
CA ARG C 344 -11.15 72.91 44.30
C ARG C 344 -10.13 72.32 45.27
N VAL C 345 -8.86 72.64 45.03
CA VAL C 345 -7.77 72.15 45.87
C VAL C 345 -7.95 72.62 47.31
N ALA C 346 -8.39 73.87 47.46
CA ALA C 346 -8.62 74.44 48.78
C ALA C 346 -9.67 73.62 49.54
N GLN C 347 -10.77 73.29 48.88
CA GLN C 347 -11.85 72.50 49.47
C GLN C 347 -11.36 71.15 49.99
N ILE C 348 -10.50 70.49 49.21
CA ILE C 348 -9.97 69.19 49.59
C ILE C 348 -9.00 69.32 50.76
N ARG C 349 -8.28 70.43 50.81
CA ARG C 349 -7.33 70.65 51.89
C ARG C 349 -7.99 70.87 53.24
N GLN C 350 -9.23 71.34 53.22
CA GLN C 350 -9.97 71.54 54.46
C GLN C 350 -10.51 70.18 54.87
N GLN C 351 -10.82 69.36 53.87
CA GLN C 351 -11.32 68.01 54.11
C GLN C 351 -10.27 67.32 54.97
N ILE C 352 -9.01 67.53 54.60
CA ILE C 352 -7.87 66.93 55.30
C ILE C 352 -7.80 67.40 56.74
N GLU C 353 -8.30 68.61 57.00
CA GLU C 353 -8.32 69.19 58.34
C GLU C 353 -9.43 68.49 59.13
N GLU C 354 -10.64 68.54 58.59
CA GLU C 354 -11.81 67.94 59.21
C GLU C 354 -11.71 66.42 59.19
N ALA C 355 -10.59 65.91 58.68
CA ALA C 355 -10.37 64.47 58.59
C ALA C 355 -10.28 63.82 59.96
N THR C 356 -11.16 62.86 60.22
CA THR C 356 -11.19 62.16 61.49
C THR C 356 -10.59 60.77 61.33
N SER C 357 -9.65 60.63 60.41
CA SER C 357 -9.02 59.35 60.14
C SER C 357 -7.73 59.52 59.34
N ASP C 358 -6.85 58.53 59.42
CA ASP C 358 -5.59 58.57 58.69
C ASP C 358 -5.82 58.12 57.25
N TYR C 359 -6.64 57.09 57.08
CA TYR C 359 -6.96 56.59 55.76
C TYR C 359 -7.65 57.68 54.94
N ASP C 360 -8.77 58.19 55.47
CA ASP C 360 -9.52 59.23 54.78
C ASP C 360 -8.61 60.42 54.46
N ARG C 361 -7.59 60.60 55.30
CA ARG C 361 -6.62 61.68 55.15
C ARG C 361 -5.66 61.39 53.99
N GLU C 362 -5.17 60.16 53.92
CA GLU C 362 -4.24 59.76 52.87
C GLU C 362 -4.92 59.83 51.50
N LYS C 363 -6.20 59.46 51.46
CA LYS C 363 -6.95 59.48 50.21
C LYS C 363 -7.17 60.89 49.70
N LEU C 364 -7.38 61.83 50.60
CA LEU C 364 -7.59 63.23 50.25
C LEU C 364 -6.28 63.85 49.73
N GLN C 365 -5.17 63.50 50.38
CA GLN C 365 -3.88 64.03 49.98
C GLN C 365 -3.59 63.55 48.56
N GLU C 366 -3.91 62.29 48.29
CA GLU C 366 -3.68 61.72 46.96
C GLU C 366 -4.38 62.56 45.90
N ARG C 367 -5.60 62.98 46.20
CA ARG C 367 -6.38 63.77 45.25
C ARG C 367 -5.79 65.15 44.98
N VAL C 368 -5.40 65.88 46.02
CA VAL C 368 -4.82 67.21 45.82
C VAL C 368 -3.48 67.10 45.07
N ALA C 369 -2.69 66.10 45.42
CA ALA C 369 -1.41 65.89 44.77
C ALA C 369 -1.61 65.80 43.26
N LYS C 370 -2.66 65.10 42.85
CA LYS C 370 -2.96 64.95 41.44
C LYS C 370 -3.40 66.28 40.85
N LEU C 371 -4.40 66.87 41.47
CA LEU C 371 -4.95 68.14 41.02
C LEU C 371 -3.96 69.30 41.09
N ALA C 372 -3.24 69.40 42.21
CA ALA C 372 -2.27 70.48 42.38
C ALA C 372 -0.92 70.26 41.71
N GLY C 373 -0.46 69.01 41.72
CA GLY C 373 0.83 68.67 41.14
C GLY C 373 1.02 68.90 39.66
N GLY C 374 -0.04 68.74 38.88
CA GLY C 374 0.08 68.94 37.45
C GLY C 374 0.78 67.82 36.73
N VAL C 375 1.32 68.12 35.56
CA VAL C 375 2.02 67.14 34.75
C VAL C 375 3.21 67.77 34.02
N ALA C 376 4.38 67.13 34.12
CA ALA C 376 5.59 67.61 33.46
C ALA C 376 5.63 67.09 32.03
N VAL C 377 5.78 67.98 31.06
CA VAL C 377 5.79 67.59 29.65
C VAL C 377 7.11 67.83 28.97
N ILE C 378 7.76 66.75 28.58
CA ILE C 378 9.04 66.82 27.88
C ILE C 378 8.79 66.75 26.37
N LYS C 379 9.22 67.79 25.65
CA LYS C 379 9.05 67.83 24.20
C LYS C 379 10.40 67.56 23.57
N VAL C 380 10.58 66.34 23.07
CA VAL C 380 11.84 65.93 22.49
C VAL C 380 12.34 66.80 21.35
N GLY C 381 13.64 67.12 21.40
CA GLY C 381 14.28 67.95 20.38
C GLY C 381 14.06 67.42 18.99
N ALA C 382 14.87 67.83 18.02
CA ALA C 382 14.61 67.36 16.67
C ALA C 382 15.72 67.35 15.63
N ALA C 383 15.44 68.04 14.51
CA ALA C 383 16.33 68.10 13.36
C ALA C 383 16.06 66.81 12.59
N THR C 384 15.00 66.82 11.78
CA THR C 384 14.51 65.69 10.97
C THR C 384 13.55 64.84 11.77
N GLU C 385 12.37 64.61 11.19
CA GLU C 385 11.32 63.84 11.82
C GLU C 385 11.75 62.46 12.28
N VAL C 386 12.72 61.88 11.59
CA VAL C 386 13.19 60.54 11.94
C VAL C 386 13.97 60.53 13.25
N GLU C 387 15.01 61.36 13.35
CA GLU C 387 15.82 61.43 14.57
C GLU C 387 14.96 61.80 15.77
N MET C 388 14.02 62.71 15.54
CA MET C 388 13.12 63.17 16.58
C MET C 388 12.31 62.01 17.15
N LYS C 389 11.79 61.13 16.30
CA LYS C 389 11.01 59.98 16.76
C LYS C 389 11.88 58.95 17.46
N GLU C 390 13.12 58.84 17.02
CA GLU C 390 14.07 57.89 17.60
C GLU C 390 14.54 58.33 18.99
N LYS C 391 14.77 59.63 19.15
CA LYS C 391 15.19 60.17 20.43
C LYS C 391 14.04 60.07 21.41
N LYS C 392 12.85 60.36 20.93
CA LYS C 392 11.65 60.32 21.76
C LYS C 392 11.53 58.93 22.40
N ALA C 393 11.96 57.91 21.66
CA ALA C 393 11.90 56.53 22.15
C ALA C 393 12.88 56.33 23.28
N ARG C 394 14.13 56.73 23.05
CA ARG C 394 15.17 56.60 24.05
C ARG C 394 14.78 57.34 25.33
N VAL C 395 14.16 58.49 25.19
CA VAL C 395 13.74 59.28 26.33
C VAL C 395 12.68 58.52 27.11
N GLU C 396 11.69 57.99 26.39
CA GLU C 396 10.61 57.24 27.02
C GLU C 396 11.15 56.06 27.82
N ASP C 397 12.11 55.34 27.25
CA ASP C 397 12.68 54.22 27.96
C ASP C 397 13.50 54.70 29.15
N ALA C 398 14.43 55.61 28.90
CA ALA C 398 15.27 56.16 29.95
C ALA C 398 14.40 56.62 31.13
N LEU C 399 13.23 57.15 30.81
CA LEU C 399 12.31 57.62 31.83
C LEU C 399 11.85 56.47 32.73
N HIS C 400 11.36 55.39 32.13
CA HIS C 400 10.89 54.22 32.87
C HIS C 400 11.99 53.64 33.74
N ALA C 401 13.20 53.60 33.19
CA ALA C 401 14.36 53.07 33.88
C ALA C 401 14.69 53.94 35.09
N THR C 402 14.70 55.25 34.89
CA THR C 402 15.02 56.18 35.95
C THR C 402 13.96 56.16 37.04
N ARG C 403 12.70 56.04 36.62
CA ARG C 403 11.61 56.01 37.58
C ARG C 403 11.77 54.83 38.53
N ALA C 404 12.14 53.69 37.96
CA ALA C 404 12.33 52.48 38.75
C ALA C 404 13.57 52.60 39.63
N ALA C 405 14.64 53.18 39.08
CA ALA C 405 15.88 53.34 39.83
C ALA C 405 15.65 54.24 41.03
N VAL C 406 14.75 55.21 40.89
CA VAL C 406 14.44 56.13 41.97
C VAL C 406 13.63 55.45 43.08
N GLU C 407 12.91 54.40 42.70
CA GLU C 407 12.08 53.66 43.68
C GLU C 407 12.84 52.63 44.52
N GLU C 408 13.76 51.90 43.90
CA GLU C 408 14.49 50.87 44.62
C GLU C 408 15.98 50.84 44.35
N GLY C 409 16.46 51.85 43.62
CA GLY C 409 17.87 51.92 43.33
C GLY C 409 18.32 51.10 42.14
N VAL C 410 19.63 50.87 42.07
CA VAL C 410 20.20 50.09 40.99
C VAL C 410 21.17 49.02 41.50
N VAL C 411 21.41 48.01 40.66
CA VAL C 411 22.31 46.91 40.99
C VAL C 411 23.09 46.56 39.74
N ALA C 412 24.18 45.81 39.91
CA ALA C 412 25.05 45.42 38.81
C ALA C 412 24.34 44.62 37.73
N GLY C 413 24.25 45.20 36.54
CA GLY C 413 23.59 44.53 35.43
C GLY C 413 24.41 43.44 34.77
N GLY C 414 24.11 43.14 33.51
CA GLY C 414 24.83 42.11 32.80
C GLY C 414 24.58 40.76 33.45
N GLY C 415 23.55 40.72 34.26
CA GLY C 415 23.22 39.48 34.96
C GLY C 415 24.09 39.18 36.16
N VAL C 416 24.99 40.07 36.56
CA VAL C 416 25.86 39.76 37.68
C VAL C 416 25.20 39.94 39.04
N ALA C 417 24.26 40.88 39.14
CA ALA C 417 23.58 41.05 40.42
C ALA C 417 22.95 39.73 40.85
N LEU C 418 22.23 39.07 39.94
CA LEU C 418 21.58 37.80 40.25
C LEU C 418 22.54 36.70 40.66
N ILE C 419 23.62 36.55 39.91
CA ILE C 419 24.59 35.51 40.22
C ILE C 419 25.32 35.83 41.54
N ARG C 420 25.53 37.12 41.81
CA ARG C 420 26.18 37.55 43.03
C ARG C 420 25.29 37.24 44.22
N VAL C 421 24.02 37.58 44.08
CA VAL C 421 23.08 37.37 45.15
C VAL C 421 22.98 35.89 45.48
N ALA C 422 22.99 35.04 44.46
CA ALA C 422 22.88 33.61 44.69
C ALA C 422 24.11 33.05 45.37
N SER C 423 25.28 33.56 45.01
CA SER C 423 26.53 33.10 45.61
C SER C 423 26.50 33.28 47.13
N LYS C 424 25.67 34.17 47.63
CA LYS C 424 25.60 34.40 49.08
C LYS C 424 24.63 33.48 49.82
N LEU C 425 23.75 32.83 49.08
CA LEU C 425 22.76 31.96 49.71
C LEU C 425 23.17 30.49 49.72
N ALA C 426 24.46 30.22 49.61
CA ALA C 426 24.97 28.85 49.58
C ALA C 426 24.56 27.99 50.78
N ASP C 427 24.23 28.61 51.90
CA ASP C 427 23.85 27.85 53.08
C ASP C 427 22.37 27.84 53.37
N LEU C 428 21.58 28.52 52.55
CA LEU C 428 20.14 28.56 52.76
C LEU C 428 19.58 27.13 52.76
N ARG C 429 18.76 26.79 53.75
CA ARG C 429 18.18 25.45 53.85
C ARG C 429 16.70 25.48 54.13
N GLY C 430 16.03 24.38 53.81
CA GLY C 430 14.60 24.27 54.03
C GLY C 430 14.25 23.33 55.17
N GLN C 431 13.05 22.75 55.11
CA GLN C 431 12.60 21.85 56.16
C GLN C 431 12.92 20.40 55.88
N ASN C 432 13.16 20.08 54.61
CA ASN C 432 13.51 18.71 54.22
C ASN C 432 14.42 18.74 53.01
N GLU C 433 14.89 17.57 52.57
CA GLU C 433 15.79 17.52 51.42
C GLU C 433 15.16 17.99 50.11
N ASP C 434 13.87 17.73 49.91
CA ASP C 434 13.22 18.18 48.70
C ASP C 434 13.29 19.70 48.63
N GLN C 435 12.95 20.34 49.75
CA GLN C 435 13.02 21.79 49.83
C GLN C 435 14.45 22.29 49.60
N ASN C 436 15.45 21.53 50.02
CA ASN C 436 16.83 21.95 49.81
C ASN C 436 17.13 21.95 48.32
N VAL C 437 16.65 20.92 47.63
CA VAL C 437 16.85 20.80 46.19
C VAL C 437 16.18 21.98 45.50
N GLY C 438 14.98 22.33 45.96
CA GLY C 438 14.28 23.47 45.39
C GLY C 438 15.15 24.71 45.50
N ILE C 439 15.74 24.94 46.68
CA ILE C 439 16.61 26.08 46.88
C ILE C 439 17.78 26.07 45.90
N LYS C 440 18.40 24.90 45.74
CA LYS C 440 19.54 24.79 44.82
C LYS C 440 19.12 25.00 43.37
N VAL C 441 17.90 24.60 43.06
CA VAL C 441 17.38 24.76 41.72
C VAL C 441 17.29 26.24 41.40
N ALA C 442 16.77 27.02 42.33
CA ALA C 442 16.61 28.45 42.13
C ALA C 442 17.95 29.15 42.03
N LEU C 443 18.83 28.87 42.98
CA LEU C 443 20.12 29.52 42.99
C LEU C 443 20.90 29.24 41.71
N ARG C 444 20.77 28.01 41.21
CA ARG C 444 21.46 27.59 39.99
C ARG C 444 20.89 28.38 38.81
N ALA C 445 19.57 28.53 38.81
CA ALA C 445 18.88 29.26 37.76
C ALA C 445 19.32 30.71 37.69
N MET C 446 19.58 31.32 38.84
CA MET C 446 19.96 32.71 38.88
C MET C 446 21.21 32.99 38.07
N GLU C 447 21.84 31.94 37.58
CA GLU C 447 23.05 32.09 36.76
C GLU C 447 22.76 32.10 35.28
N ALA C 448 21.53 31.73 34.92
CA ALA C 448 21.12 31.65 33.54
C ALA C 448 21.35 32.93 32.75
N PRO C 449 20.88 34.09 33.26
CA PRO C 449 21.10 35.33 32.52
C PRO C 449 22.55 35.61 32.15
N LEU C 450 23.43 35.60 33.15
CA LEU C 450 24.84 35.86 32.89
C LEU C 450 25.38 34.85 31.87
N ARG C 451 25.21 33.57 32.19
CA ARG C 451 25.69 32.50 31.31
C ARG C 451 25.22 32.67 29.86
N GLN C 452 23.96 33.03 29.66
CA GLN C 452 23.43 33.21 28.32
C GLN C 452 24.12 34.41 27.65
N ILE C 453 24.28 35.50 28.40
CA ILE C 453 24.94 36.69 27.89
C ILE C 453 26.34 36.32 27.40
N VAL C 454 27.04 35.54 28.22
CA VAL C 454 28.40 35.12 27.90
C VAL C 454 28.42 34.20 26.68
N LEU C 455 27.43 33.31 26.60
CA LEU C 455 27.36 32.38 25.47
C LEU C 455 27.15 33.16 24.19
N ASN C 456 26.33 34.21 24.24
CA ASN C 456 26.10 35.00 23.04
C ASN C 456 27.40 35.67 22.58
N CYS C 457 28.28 35.94 23.53
CA CYS C 457 29.57 36.59 23.20
C CYS C 457 30.56 35.61 22.61
N GLY C 458 30.23 34.33 22.66
CA GLY C 458 31.11 33.32 22.13
C GLY C 458 32.17 32.94 23.13
N GLU C 459 31.89 33.19 24.41
CA GLU C 459 32.81 32.87 25.50
C GLU C 459 32.34 31.64 26.29
N GLU C 460 33.10 31.24 27.30
CA GLU C 460 32.73 30.08 28.11
C GLU C 460 32.03 30.47 29.42
N PRO C 461 30.70 30.27 29.47
CA PRO C 461 29.87 30.58 30.64
C PRO C 461 30.45 30.08 31.97
N SER C 462 30.80 28.79 32.01
CA SER C 462 31.34 28.17 33.21
C SER C 462 32.48 29.00 33.78
N VAL C 463 33.37 29.44 32.90
CA VAL C 463 34.52 30.21 33.34
C VAL C 463 34.14 31.60 33.84
N VAL C 464 33.38 32.35 33.04
CA VAL C 464 33.01 33.69 33.45
C VAL C 464 32.15 33.66 34.70
N ALA C 465 31.23 32.71 34.76
CA ALA C 465 30.35 32.57 35.94
C ALA C 465 31.22 32.26 37.15
N ASN C 466 32.18 31.37 36.95
CA ASN C 466 33.09 30.95 37.99
C ASN C 466 33.90 32.13 38.52
N THR C 467 34.37 32.98 37.62
CA THR C 467 35.15 34.17 38.02
C THR C 467 34.30 35.23 38.70
N VAL C 468 33.12 35.52 38.17
CA VAL C 468 32.28 36.51 38.77
C VAL C 468 31.91 36.07 40.17
N LYS C 469 31.63 34.77 40.33
CA LYS C 469 31.25 34.26 41.64
C LYS C 469 32.40 34.37 42.60
N GLY C 470 33.60 34.22 42.07
CA GLY C 470 34.80 34.28 42.89
C GLY C 470 35.02 35.61 43.60
N GLY C 471 34.62 36.72 42.96
CA GLY C 471 34.79 38.02 43.55
C GLY C 471 33.58 38.36 44.40
N ASP C 472 33.39 39.65 44.68
CA ASP C 472 32.23 40.08 45.47
C ASP C 472 31.81 41.52 45.17
N GLY C 473 30.75 41.96 45.84
CA GLY C 473 30.24 43.29 45.62
C GLY C 473 29.63 43.35 44.23
N ASN C 474 29.90 44.44 43.51
CA ASN C 474 29.39 44.56 42.16
C ASN C 474 30.48 44.27 41.14
N TYR C 475 31.34 43.32 41.47
CA TYR C 475 32.42 42.92 40.59
C TYR C 475 31.75 41.99 39.59
N GLY C 476 31.88 42.29 38.31
CA GLY C 476 31.26 41.43 37.31
C GLY C 476 32.00 41.37 36.00
N TYR C 477 31.30 40.86 34.98
CA TYR C 477 31.88 40.73 33.66
C TYR C 477 31.16 41.64 32.70
N ASN C 478 31.88 42.61 32.16
CA ASN C 478 31.35 43.57 31.20
C ASN C 478 31.34 42.84 29.86
N ALA C 479 30.17 42.38 29.42
CA ALA C 479 30.06 41.64 28.17
C ALA C 479 30.44 42.47 26.96
N ALA C 480 30.25 43.78 27.05
CA ALA C 480 30.59 44.67 25.95
C ALA C 480 32.08 44.68 25.72
N THR C 481 32.81 45.15 26.72
CA THR C 481 34.27 45.24 26.62
C THR C 481 34.94 43.90 26.87
N GLU C 482 34.16 42.93 27.37
CA GLU C 482 34.70 41.60 27.67
C GLU C 482 35.88 41.73 28.64
N GLU C 483 35.66 42.50 29.70
CA GLU C 483 36.66 42.75 30.72
C GLU C 483 35.95 42.78 32.06
N TYR C 484 36.63 42.36 33.12
CA TYR C 484 36.04 42.36 34.44
C TYR C 484 36.26 43.69 35.13
N GLY C 485 35.59 43.90 36.26
CA GLY C 485 35.69 45.15 36.98
C GLY C 485 34.40 45.45 37.73
N ASN C 486 34.25 46.66 38.21
CA ASN C 486 33.05 47.03 38.95
C ASN C 486 31.95 47.39 37.97
N MET C 487 30.87 46.62 38.00
CA MET C 487 29.76 46.83 37.08
C MET C 487 29.13 48.22 37.13
N ILE C 488 28.99 48.78 38.34
CA ILE C 488 28.38 50.10 38.48
C ILE C 488 29.32 51.18 37.94
N ASP C 489 30.59 51.13 38.32
CA ASP C 489 31.54 52.11 37.80
C ASP C 489 31.57 52.07 36.27
N MET C 490 31.55 50.86 35.71
CA MET C 490 31.58 50.71 34.26
C MET C 490 30.26 51.08 33.65
N GLY C 491 29.32 51.49 34.49
CA GLY C 491 28.02 51.92 33.99
C GLY C 491 27.16 50.86 33.33
N ILE C 492 27.22 49.65 33.86
CA ILE C 492 26.40 48.55 33.36
C ILE C 492 25.54 48.13 34.53
N LEU C 493 24.30 48.61 34.55
CA LEU C 493 23.42 48.30 35.65
C LEU C 493 21.94 48.21 35.28
N ASP C 494 21.16 47.59 36.16
CA ASP C 494 19.72 47.46 35.95
C ASP C 494 19.02 47.98 37.19
N PRO C 495 17.82 48.56 37.03
CA PRO C 495 17.10 49.07 38.19
C PRO C 495 16.85 47.87 39.12
N THR C 496 17.16 47.98 40.40
CA THR C 496 16.93 46.87 41.30
C THR C 496 15.52 46.31 41.12
N LYS C 497 14.57 47.19 40.83
CA LYS C 497 13.18 46.77 40.62
C LYS C 497 12.99 45.82 39.44
N VAL C 498 13.68 46.08 38.33
CA VAL C 498 13.55 45.20 37.16
C VAL C 498 14.10 43.81 37.45
N THR C 499 15.26 43.72 38.10
CA THR C 499 15.83 42.42 38.41
C THR C 499 14.91 41.68 39.40
N ARG C 500 14.41 42.39 40.39
CA ARG C 500 13.53 41.79 41.38
C ARG C 500 12.26 41.25 40.75
N SER C 501 11.61 42.05 39.90
CA SER C 501 10.38 41.62 39.25
C SER C 501 10.60 40.44 38.32
N ALA C 502 11.66 40.48 37.53
CA ALA C 502 11.98 39.39 36.62
C ALA C 502 12.08 38.09 37.40
N LEU C 503 12.83 38.11 38.50
CA LEU C 503 13.02 36.92 39.31
C LEU C 503 11.73 36.44 39.95
N GLN C 504 11.02 37.34 40.63
CA GLN C 504 9.78 36.93 41.29
C GLN C 504 8.73 36.41 40.30
N TYR C 505 8.62 37.05 39.15
CA TYR C 505 7.65 36.61 38.16
C TYR C 505 8.02 35.28 37.53
N ALA C 506 9.32 35.08 37.32
CA ALA C 506 9.79 33.82 36.75
C ALA C 506 9.52 32.71 37.76
N ALA C 507 9.97 32.92 38.99
CA ALA C 507 9.78 31.96 40.07
C ALA C 507 8.31 31.61 40.25
N SER C 508 7.44 32.58 39.98
CA SER C 508 6.00 32.35 40.13
C SER C 508 5.47 31.33 39.10
N VAL C 509 5.61 31.63 37.82
CA VAL C 509 5.11 30.71 36.81
C VAL C 509 5.82 29.35 36.87
N ALA C 510 7.11 29.36 37.23
CA ALA C 510 7.85 28.12 37.31
C ALA C 510 7.25 27.25 38.44
N GLY C 511 7.00 27.88 39.57
CA GLY C 511 6.42 27.14 40.68
C GLY C 511 5.08 26.56 40.31
N LEU C 512 4.27 27.33 39.59
CA LEU C 512 2.96 26.85 39.17
C LEU C 512 3.04 25.64 38.26
N MET C 513 3.94 25.71 37.26
CA MET C 513 4.11 24.60 36.33
C MET C 513 4.65 23.35 37.03
N ILE C 514 5.61 23.52 37.93
CA ILE C 514 6.16 22.37 38.65
C ILE C 514 5.08 21.66 39.50
N THR C 515 4.05 22.41 39.88
CA THR C 515 2.99 21.83 40.66
C THR C 515 1.71 21.62 39.84
N THR C 516 1.87 21.36 38.55
CA THR C 516 0.73 21.13 37.67
C THR C 516 0.69 19.63 37.40
N GLU C 517 -0.49 19.03 37.56
CA GLU C 517 -0.68 17.60 37.35
C GLU C 517 -1.62 17.23 36.22
N CYS C 518 -2.37 18.19 35.73
CA CYS C 518 -3.34 17.93 34.66
C CYS C 518 -3.55 19.13 33.74
N MET C 519 -3.63 18.86 32.45
CA MET C 519 -3.82 19.90 31.44
C MET C 519 -5.02 19.54 30.55
N VAL C 520 -5.87 20.53 30.27
CA VAL C 520 -7.04 20.30 29.45
C VAL C 520 -7.09 21.31 28.29
N THR C 521 -7.27 20.80 27.07
CA THR C 521 -7.34 21.67 25.90
C THR C 521 -8.25 21.02 24.88
N ASP C 522 -8.70 21.81 23.91
CA ASP C 522 -9.58 21.27 22.89
C ASP C 522 -8.86 20.26 22.04
N LEU C 523 -9.62 19.34 21.46
CA LEU C 523 -9.05 18.31 20.61
C LEU C 523 -8.64 19.00 19.30
N PRO C 524 -7.46 18.66 18.76
CA PRO C 524 -7.00 19.28 17.52
C PRO C 524 -7.98 19.12 16.37
N LYS C 525 -9.04 18.34 16.60
CA LYS C 525 -10.06 18.11 15.58
C LYS C 525 -11.03 19.28 15.52
N SER D 1 -29.07 44.11 10.66
CA SER D 1 -29.32 44.16 12.10
C SER D 1 -29.13 45.58 12.64
N TRP D 2 -28.02 46.21 12.28
CA TRP D 2 -27.71 47.55 12.72
C TRP D 2 -28.30 48.63 11.80
N MET D 3 -28.36 49.85 12.30
CA MET D 3 -28.89 50.99 11.56
C MET D 3 -27.83 52.06 11.37
N THR D 4 -28.13 53.06 10.55
CA THR D 4 -27.18 54.14 10.30
C THR D 4 -27.84 55.51 10.41
N THR D 5 -27.21 56.38 11.18
CA THR D 5 -27.74 57.72 11.34
C THR D 5 -27.37 58.51 10.09
N PRO D 6 -28.01 59.67 9.90
CA PRO D 6 -27.71 60.49 8.73
C PRO D 6 -26.22 60.77 8.63
N TRP D 7 -25.60 61.11 9.76
CA TRP D 7 -24.17 61.41 9.78
C TRP D 7 -23.26 60.19 9.65
N GLY D 8 -23.84 59.02 9.46
CA GLY D 8 -23.02 57.83 9.27
C GLY D 8 -22.71 56.92 10.44
N PHE D 9 -23.23 57.25 11.60
CA PHE D 9 -22.98 56.43 12.78
C PHE D 9 -23.73 55.10 12.70
N LEU D 10 -22.98 54.01 12.69
CA LEU D 10 -23.54 52.66 12.63
C LEU D 10 -23.83 52.23 14.07
N HIS D 11 -25.04 51.73 14.33
CA HIS D 11 -25.41 51.31 15.69
C HIS D 11 -26.59 50.35 15.75
N PRO D 12 -26.75 49.67 16.89
CA PRO D 12 -27.86 48.73 17.06
C PRO D 12 -29.19 49.48 17.21
N ALA E 1 -1.21 33.03 14.62
CA ALA E 1 -1.37 31.58 14.40
C ALA E 1 -0.13 30.85 14.88
N ALA E 2 -0.19 29.52 14.86
CA ALA E 2 0.96 28.70 15.27
C ALA E 2 2.12 29.04 14.35
N LYS E 3 3.32 29.16 14.92
CA LYS E 3 4.50 29.50 14.16
C LYS E 3 5.42 28.30 14.02
N ASP E 4 6.33 28.38 13.06
CA ASP E 4 7.33 27.36 12.86
C ASP E 4 8.59 28.13 13.22
N VAL E 5 9.33 27.65 14.22
CA VAL E 5 10.54 28.33 14.66
C VAL E 5 11.80 27.53 14.35
N LYS E 6 12.71 28.12 13.58
CA LYS E 6 13.97 27.47 13.26
C LYS E 6 15.14 28.15 13.95
N PHE E 7 16.22 27.40 14.19
CA PHE E 7 17.38 27.97 14.88
C PHE E 7 18.70 27.77 14.20
N GLY E 8 19.69 28.48 14.72
CA GLY E 8 21.07 28.41 14.21
C GLY E 8 21.34 27.94 12.80
N ASN E 9 21.98 26.79 12.68
CA ASN E 9 22.32 26.25 11.37
C ASN E 9 21.14 25.98 10.43
N ASP E 10 20.06 25.40 10.97
CA ASP E 10 18.90 25.14 10.11
C ASP E 10 18.40 26.45 9.53
N ALA E 11 18.29 27.47 10.39
CA ALA E 11 17.81 28.78 9.97
C ALA E 11 18.72 29.39 8.91
N ARG E 12 20.01 29.29 9.14
CA ARG E 12 20.98 29.85 8.20
C ARG E 12 20.94 29.21 6.81
N VAL E 13 20.97 27.88 6.72
CA VAL E 13 20.95 27.26 5.39
C VAL E 13 19.69 27.67 4.60
N LYS E 14 18.56 27.81 5.30
CA LYS E 14 17.32 28.21 4.66
C LYS E 14 17.53 29.59 4.04
N MET E 15 18.04 30.54 4.82
CA MET E 15 18.28 31.86 4.29
C MET E 15 19.22 31.81 3.09
N LEU E 16 20.32 31.08 3.25
CA LEU E 16 21.28 30.96 2.15
C LEU E 16 20.59 30.51 0.87
N ARG E 17 19.81 29.43 0.95
CA ARG E 17 19.10 28.93 -0.24
C ARG E 17 18.21 29.99 -0.86
N GLY E 18 17.52 30.73 0.00
CA GLY E 18 16.64 31.77 -0.47
C GLY E 18 17.38 32.84 -1.27
N VAL E 19 18.47 33.37 -0.72
CA VAL E 19 19.19 34.42 -1.45
C VAL E 19 19.88 33.84 -2.66
N ASN E 20 20.15 32.54 -2.66
CA ASN E 20 20.80 31.93 -3.81
C ASN E 20 19.83 31.92 -4.99
N VAL E 21 18.55 31.68 -4.72
CA VAL E 21 17.58 31.70 -5.80
C VAL E 21 17.47 33.13 -6.34
N LEU E 22 17.40 34.10 -5.42
CA LEU E 22 17.31 35.51 -5.79
C LEU E 22 18.53 35.94 -6.58
N ALA E 23 19.69 35.94 -5.94
CA ALA E 23 20.92 36.34 -6.61
C ALA E 23 21.18 35.61 -7.92
N ASP E 24 21.07 34.28 -7.92
CA ASP E 24 21.31 33.50 -9.13
C ASP E 24 20.41 33.92 -10.29
N ALA E 25 19.17 34.27 -10.00
CA ALA E 25 18.20 34.70 -11.00
C ALA E 25 18.57 36.08 -11.52
N VAL E 26 18.95 36.96 -10.61
CA VAL E 26 19.28 38.31 -10.97
C VAL E 26 20.64 38.51 -11.62
N LYS E 27 21.68 37.85 -11.11
CA LYS E 27 23.02 38.06 -11.66
C LYS E 27 23.24 37.60 -13.10
N VAL E 28 22.32 36.83 -13.66
CA VAL E 28 22.54 36.41 -15.04
C VAL E 28 22.41 37.57 -15.97
N THR E 29 21.84 38.68 -15.49
CA THR E 29 21.64 39.85 -16.34
C THR E 29 22.78 40.84 -16.29
N LEU E 30 23.64 40.69 -15.29
CA LEU E 30 24.77 41.59 -15.08
C LEU E 30 25.77 41.68 -16.23
N GLY E 31 26.17 42.90 -16.56
CA GLY E 31 27.14 43.11 -17.63
C GLY E 31 26.63 43.23 -19.05
N PRO E 32 27.49 43.70 -19.98
CA PRO E 32 27.10 43.87 -21.39
C PRO E 32 26.76 42.56 -22.12
N LYS E 33 27.16 41.42 -21.55
CA LYS E 33 26.81 40.15 -22.18
C LYS E 33 25.77 39.44 -21.32
N GLY E 34 25.06 40.22 -20.52
CA GLY E 34 24.02 39.71 -19.66
C GLY E 34 23.01 38.88 -20.42
N ARG E 35 22.45 37.88 -19.74
CA ARG E 35 21.47 36.99 -20.35
C ARG E 35 20.04 37.46 -20.08
N ASN E 36 19.09 36.89 -20.83
CA ASN E 36 17.68 37.23 -20.68
C ASN E 36 17.02 36.36 -19.64
N VAL E 37 16.08 36.96 -18.92
CA VAL E 37 15.31 36.24 -17.92
C VAL E 37 13.87 36.37 -18.41
N VAL E 38 13.14 35.27 -18.41
CA VAL E 38 11.77 35.29 -18.86
C VAL E 38 10.84 35.29 -17.65
N LEU E 39 10.06 36.35 -17.52
CA LEU E 39 9.12 36.47 -16.41
C LEU E 39 7.72 36.25 -16.94
N ASP E 40 7.03 35.29 -16.36
CA ASP E 40 5.67 34.95 -16.80
C ASP E 40 4.65 35.99 -16.39
N LYS E 41 3.51 36.01 -17.07
CA LYS E 41 2.44 36.95 -16.78
C LYS E 41 1.13 36.18 -16.68
N SER E 42 0.21 36.67 -15.88
CA SER E 42 -1.07 35.99 -15.74
C SER E 42 -1.82 35.97 -17.07
N PHE E 43 -1.74 37.07 -17.81
CA PHE E 43 -2.43 37.15 -19.10
C PHE E 43 -1.57 37.83 -20.15
N GLY E 44 -1.36 37.12 -21.26
CA GLY E 44 -0.56 37.68 -22.34
C GLY E 44 0.67 36.85 -22.67
N ALA E 45 1.70 37.52 -23.19
CA ALA E 45 2.94 36.85 -23.53
C ALA E 45 3.96 37.13 -22.44
N PRO E 46 4.82 36.16 -22.13
CA PRO E 46 5.83 36.35 -21.09
C PRO E 46 6.66 37.61 -21.35
N THR E 47 7.31 38.11 -20.30
CA THR E 47 8.16 39.28 -20.42
C THR E 47 9.58 38.79 -20.54
N ILE E 48 10.32 39.31 -21.52
CA ILE E 48 11.71 38.92 -21.68
C ILE E 48 12.53 40.14 -21.29
N THR E 49 13.29 40.03 -20.20
CA THR E 49 14.05 41.18 -19.73
C THR E 49 15.47 40.88 -19.26
N LYS E 50 16.30 41.92 -19.30
CA LYS E 50 17.67 41.87 -18.83
C LYS E 50 17.79 42.86 -17.68
N ASP E 51 16.65 43.26 -17.14
CA ASP E 51 16.61 44.22 -16.03
C ASP E 51 16.56 43.53 -14.67
N GLY E 52 17.72 43.44 -14.04
CA GLY E 52 17.85 42.81 -12.74
C GLY E 52 16.79 43.24 -11.75
N VAL E 53 16.41 44.52 -11.79
CA VAL E 53 15.39 44.98 -10.85
C VAL E 53 14.04 44.32 -11.13
N SER E 54 13.68 44.20 -12.41
CA SER E 54 12.42 43.57 -12.74
C SER E 54 12.35 42.13 -12.26
N VAL E 55 13.46 41.40 -12.42
CA VAL E 55 13.53 40.02 -11.98
C VAL E 55 13.38 39.93 -10.47
N ALA E 56 14.12 40.76 -9.76
CA ALA E 56 14.07 40.78 -8.31
C ALA E 56 12.65 40.92 -7.76
N ARG E 57 11.88 41.81 -8.38
CA ARG E 57 10.51 42.09 -7.96
C ARG E 57 9.64 40.85 -8.03
N GLU E 58 9.90 39.98 -9.00
CA GLU E 58 9.12 38.77 -9.18
C GLU E 58 9.51 37.61 -8.28
N ILE E 59 10.63 37.69 -7.58
CA ILE E 59 11.07 36.59 -6.74
C ILE E 59 10.39 36.43 -5.40
N GLU E 60 9.70 35.30 -5.24
CA GLU E 60 9.00 34.93 -4.01
C GLU E 60 9.10 33.41 -3.94
N LEU E 61 9.64 32.88 -2.86
CA LEU E 61 9.81 31.44 -2.71
C LEU E 61 8.72 30.73 -1.91
N GLU E 62 8.50 29.45 -2.22
CA GLU E 62 7.49 28.65 -1.55
C GLU E 62 7.83 28.38 -0.08
N ASP E 63 9.09 28.00 0.19
CA ASP E 63 9.54 27.74 1.57
C ASP E 63 9.62 29.08 2.32
N LYS E 64 8.79 29.22 3.34
CA LYS E 64 8.73 30.47 4.12
C LYS E 64 10.10 30.98 4.64
N PHE E 65 10.95 30.08 5.10
CA PHE E 65 12.25 30.50 5.60
C PHE E 65 13.14 30.96 4.45
N GLU E 66 13.16 30.18 3.38
CA GLU E 66 13.95 30.53 2.22
C GLU E 66 13.46 31.87 1.69
N ASN E 67 12.15 32.06 1.73
CA ASN E 67 11.56 33.30 1.24
C ASN E 67 12.00 34.51 2.06
N MET E 68 12.04 34.35 3.38
CA MET E 68 12.47 35.43 4.24
C MET E 68 13.87 35.82 3.86
N GLY E 69 14.66 34.82 3.47
CA GLY E 69 16.02 35.09 3.06
C GLY E 69 16.06 36.01 1.86
N ALA E 70 15.30 35.62 0.84
CA ALA E 70 15.23 36.40 -0.39
C ALA E 70 14.66 37.79 -0.13
N GLN E 71 13.58 37.88 0.63
CA GLN E 71 12.97 39.18 0.90
C GLN E 71 13.86 40.17 1.63
N MET E 72 14.74 39.66 2.50
CA MET E 72 15.65 40.53 3.22
C MET E 72 16.69 41.21 2.32
N VAL E 73 17.42 40.46 1.52
CA VAL E 73 18.43 41.10 0.69
C VAL E 73 17.72 41.88 -0.41
N LYS E 74 16.59 41.34 -0.83
CA LYS E 74 15.79 41.98 -1.86
C LYS E 74 15.43 43.39 -1.38
N GLU E 75 15.13 43.52 -0.09
CA GLU E 75 14.77 44.79 0.54
C GLU E 75 15.87 45.84 0.66
N VAL E 76 16.99 45.48 1.27
CA VAL E 76 18.07 46.45 1.42
C VAL E 76 18.76 46.71 0.07
N ALA E 77 18.72 45.73 -0.82
CA ALA E 77 19.35 45.93 -2.11
C ALA E 77 18.59 47.05 -2.81
N SER E 78 17.26 47.04 -2.70
CA SER E 78 16.48 48.08 -3.34
C SER E 78 16.81 49.43 -2.73
N LYS E 79 17.19 49.46 -1.46
CA LYS E 79 17.54 50.73 -0.81
C LYS E 79 18.67 51.41 -1.60
N ALA E 80 19.53 50.60 -2.22
CA ALA E 80 20.63 51.12 -3.01
C ALA E 80 20.11 51.91 -4.21
N ASN E 81 19.29 51.24 -5.02
CA ASN E 81 18.71 51.88 -6.21
C ASN E 81 18.03 53.19 -5.82
N ASP E 82 17.41 53.22 -4.63
CA ASP E 82 16.73 54.41 -4.18
C ASP E 82 17.71 55.54 -3.88
N ALA E 83 18.83 55.18 -3.25
CA ALA E 83 19.85 56.14 -2.89
C ALA E 83 20.72 56.66 -4.05
N ALA E 84 20.96 55.84 -5.07
CA ALA E 84 21.79 56.28 -6.18
C ALA E 84 21.20 56.02 -7.56
N GLY E 85 19.96 55.53 -7.60
CA GLY E 85 19.34 55.26 -8.88
C GLY E 85 19.94 54.06 -9.61
N ASP E 86 20.71 53.24 -8.90
CA ASP E 86 21.32 52.07 -9.52
C ASP E 86 22.09 51.24 -8.48
N GLY E 87 22.42 50.01 -8.85
CA GLY E 87 23.18 49.17 -7.94
C GLY E 87 22.50 48.03 -7.20
N THR E 88 21.19 47.86 -7.36
CA THR E 88 20.50 46.76 -6.67
C THR E 88 21.06 45.39 -7.05
N THR E 89 21.19 45.14 -8.35
CA THR E 89 21.72 43.87 -8.81
C THR E 89 23.12 43.67 -8.22
N THR E 90 23.97 44.70 -8.33
CA THR E 90 25.31 44.61 -7.76
C THR E 90 25.25 44.29 -6.26
N ALA E 91 24.41 45.05 -5.55
CA ALA E 91 24.24 44.84 -4.12
C ALA E 91 23.81 43.39 -3.83
N THR E 92 22.94 42.86 -4.69
CA THR E 92 22.44 41.50 -4.54
C THR E 92 23.52 40.43 -4.72
N VAL E 93 24.36 40.56 -5.74
CA VAL E 93 25.42 39.57 -5.94
C VAL E 93 26.48 39.74 -4.86
N LEU E 94 26.70 40.98 -4.41
CA LEU E 94 27.67 41.23 -3.35
C LEU E 94 27.18 40.55 -2.07
N ALA E 95 25.88 40.66 -1.82
CA ALA E 95 25.28 40.06 -0.64
C ALA E 95 25.40 38.55 -0.67
N GLN E 96 25.15 37.95 -1.83
CA GLN E 96 25.26 36.50 -1.94
C GLN E 96 26.68 36.07 -1.62
N ALA E 97 27.65 36.84 -2.08
CA ALA E 97 29.07 36.53 -1.87
C ALA E 97 29.46 36.60 -0.41
N ILE E 98 29.12 37.71 0.23
CA ILE E 98 29.47 37.87 1.64
C ILE E 98 28.78 36.80 2.47
N ILE E 99 27.48 36.61 2.25
CA ILE E 99 26.69 35.62 3.02
C ILE E 99 27.20 34.19 2.84
N THR E 100 27.45 33.80 1.60
CA THR E 100 27.93 32.46 1.33
C THR E 100 29.20 32.13 2.10
N GLU E 101 30.23 32.96 1.98
CA GLU E 101 31.47 32.72 2.71
C GLU E 101 31.31 32.96 4.22
N GLY E 102 30.63 34.04 4.60
CA GLY E 102 30.42 34.34 6.01
C GLY E 102 29.76 33.17 6.74
N LEU E 103 28.77 32.55 6.10
CA LEU E 103 28.08 31.41 6.71
C LEU E 103 28.99 30.20 6.80
N LYS E 104 29.90 30.05 5.84
CA LYS E 104 30.82 28.93 5.87
C LYS E 104 31.69 29.07 7.12
N ALA E 105 32.19 30.29 7.32
CA ALA E 105 33.04 30.57 8.48
C ALA E 105 32.27 30.26 9.75
N VAL E 106 30.99 30.61 9.78
CA VAL E 106 30.18 30.35 10.96
C VAL E 106 30.08 28.86 11.24
N ALA E 107 29.76 28.09 10.21
CA ALA E 107 29.64 26.65 10.35
C ALA E 107 30.97 26.03 10.77
N ALA E 108 32.07 26.68 10.42
CA ALA E 108 33.39 26.20 10.78
C ALA E 108 33.65 26.51 12.25
N GLY E 109 32.68 27.16 12.88
CA GLY E 109 32.81 27.49 14.29
C GLY E 109 33.34 28.86 14.63
N MET E 110 33.44 29.75 13.65
CA MET E 110 33.93 31.09 13.92
C MET E 110 32.86 32.01 14.50
N ASN E 111 33.29 33.00 15.27
CA ASN E 111 32.38 33.91 15.94
C ASN E 111 31.64 34.81 14.98
N PRO E 112 30.30 34.70 14.93
CA PRO E 112 29.49 35.53 14.04
C PRO E 112 29.75 37.02 14.22
N MET E 113 29.73 37.47 15.48
CA MET E 113 29.94 38.89 15.78
C MET E 113 31.31 39.40 15.31
N ASP E 114 32.37 38.62 15.52
CA ASP E 114 33.68 39.05 15.05
C ASP E 114 33.70 39.04 13.52
N LEU E 115 33.07 38.04 12.92
CA LEU E 115 33.02 37.97 11.47
C LEU E 115 32.37 39.24 10.94
N LYS E 116 31.30 39.67 11.60
CA LYS E 116 30.62 40.87 11.15
C LYS E 116 31.50 42.11 11.30
N ARG E 117 32.21 42.20 12.42
CA ARG E 117 33.08 43.35 12.67
C ARG E 117 34.11 43.44 11.55
N GLY E 118 34.67 42.30 11.17
CA GLY E 118 35.67 42.28 10.11
C GLY E 118 35.14 42.75 8.77
N ILE E 119 33.96 42.25 8.40
CA ILE E 119 33.32 42.63 7.14
C ILE E 119 33.15 44.14 7.14
N ASP E 120 32.58 44.64 8.23
CA ASP E 120 32.35 46.07 8.38
C ASP E 120 33.64 46.88 8.31
N LYS E 121 34.68 46.41 8.99
CA LYS E 121 35.93 47.13 8.95
C LYS E 121 36.46 47.19 7.52
N ALA E 122 36.37 46.06 6.81
CA ALA E 122 36.85 46.01 5.44
C ALA E 122 36.04 46.95 4.56
N VAL E 123 34.73 47.00 4.78
CA VAL E 123 33.87 47.87 4.00
C VAL E 123 34.22 49.35 4.22
N THR E 124 34.42 49.75 5.47
CA THR E 124 34.77 51.14 5.74
C THR E 124 36.05 51.49 5.01
N ALA E 125 37.05 50.62 5.15
CA ALA E 125 38.33 50.86 4.47
C ALA E 125 38.06 50.98 2.98
N ALA E 126 37.28 50.06 2.44
CA ALA E 126 36.97 50.04 1.02
C ALA E 126 36.30 51.33 0.52
N VAL E 127 35.37 51.87 1.30
CA VAL E 127 34.68 53.09 0.89
C VAL E 127 35.65 54.26 0.83
N GLU E 128 36.62 54.29 1.74
CA GLU E 128 37.61 55.37 1.71
C GLU E 128 38.48 55.22 0.47
N GLU E 129 38.93 53.99 0.22
CA GLU E 129 39.75 53.69 -0.92
C GLU E 129 39.00 54.06 -2.19
N LEU E 130 37.69 53.95 -2.12
CA LEU E 130 36.80 54.25 -3.25
C LEU E 130 36.77 55.75 -3.50
N LYS E 131 36.71 56.54 -2.43
CA LYS E 131 36.70 57.99 -2.56
C LYS E 131 37.99 58.46 -3.21
N ALA E 132 39.10 57.85 -2.79
CA ALA E 132 40.40 58.18 -3.34
C ALA E 132 40.43 57.91 -4.84
N LEU E 133 39.96 56.72 -5.24
CA LEU E 133 39.93 56.33 -6.65
C LEU E 133 39.00 57.21 -7.47
N SER E 134 38.00 57.78 -6.82
CA SER E 134 37.01 58.61 -7.49
C SER E 134 37.55 59.84 -8.26
N VAL E 135 37.00 60.04 -9.46
CA VAL E 135 37.36 61.17 -10.32
C VAL E 135 36.22 62.16 -10.24
N PRO E 136 36.51 63.44 -10.09
CA PRO E 136 35.44 64.43 -10.01
C PRO E 136 34.67 64.65 -11.32
N CYS E 137 33.45 65.15 -11.17
CA CYS E 137 32.57 65.45 -12.29
C CYS E 137 31.88 66.76 -11.89
N SER E 138 32.63 67.86 -11.94
CA SER E 138 32.13 69.17 -11.52
C SER E 138 31.78 70.20 -12.58
N ASP E 139 32.44 70.16 -13.73
CA ASP E 139 32.13 71.12 -14.78
C ASP E 139 31.13 70.54 -15.78
N SER E 140 30.47 71.41 -16.53
CA SER E 140 29.47 70.96 -17.49
C SER E 140 30.03 70.04 -18.56
N LYS E 141 31.33 70.15 -18.85
CA LYS E 141 31.93 69.28 -19.85
C LYS E 141 31.81 67.83 -19.36
N ALA E 142 32.18 67.61 -18.09
CA ALA E 142 32.13 66.30 -17.48
C ALA E 142 30.68 65.86 -17.36
N ILE E 143 29.86 66.75 -16.80
CA ILE E 143 28.46 66.46 -16.62
C ILE E 143 27.87 65.94 -17.92
N ALA E 144 28.25 66.54 -19.03
CA ALA E 144 27.74 66.13 -20.33
C ALA E 144 28.26 64.75 -20.75
N GLN E 145 29.56 64.52 -20.57
CA GLN E 145 30.15 63.24 -20.93
C GLN E 145 29.45 62.10 -20.22
N VAL E 146 29.30 62.22 -18.90
CA VAL E 146 28.65 61.19 -18.10
C VAL E 146 27.24 60.96 -18.59
N GLY E 147 26.50 62.05 -18.77
CA GLY E 147 25.14 61.93 -19.24
C GLY E 147 25.07 61.22 -20.57
N THR E 148 26.03 61.52 -21.44
CA THR E 148 26.07 60.92 -22.77
C THR E 148 26.28 59.42 -22.65
N ILE E 149 27.22 59.04 -21.78
CA ILE E 149 27.52 57.63 -21.56
C ILE E 149 26.31 56.90 -20.99
N SER E 150 25.57 57.58 -20.12
CA SER E 150 24.39 57.00 -19.50
C SER E 150 23.25 56.86 -20.51
N ALA E 151 23.16 57.81 -21.43
CA ALA E 151 22.10 57.78 -22.43
C ALA E 151 22.47 56.86 -23.58
N ASN E 152 23.48 56.04 -23.35
CA ASN E 152 23.95 55.10 -24.36
C ASN E 152 24.60 55.80 -25.55
N SER E 153 25.48 56.75 -25.23
CA SER E 153 26.22 57.50 -26.23
C SER E 153 25.42 58.52 -27.04
N ASP E 154 24.36 59.05 -26.45
CA ASP E 154 23.53 60.05 -27.10
C ASP E 154 23.97 61.44 -26.61
N GLU E 155 24.83 62.10 -27.37
CA GLU E 155 25.33 63.43 -27.00
C GLU E 155 24.20 64.41 -26.72
N THR E 156 23.07 64.19 -27.36
CA THR E 156 21.91 65.06 -27.17
C THR E 156 21.52 65.09 -25.70
N VAL E 157 21.29 63.91 -25.13
CA VAL E 157 20.90 63.79 -23.73
C VAL E 157 21.95 64.46 -22.84
N GLY E 158 23.22 64.13 -23.09
CA GLY E 158 24.29 64.71 -22.31
C GLY E 158 24.19 66.23 -22.33
N LYS E 159 23.99 66.78 -23.51
CA LYS E 159 23.87 68.23 -23.67
C LYS E 159 22.70 68.75 -22.85
N LEU E 160 21.53 68.14 -23.03
CA LEU E 160 20.33 68.57 -22.31
C LEU E 160 20.55 68.66 -20.80
N ILE E 161 21.01 67.56 -20.22
CA ILE E 161 21.24 67.52 -18.77
C ILE E 161 22.20 68.61 -18.34
N ALA E 162 23.24 68.84 -19.12
CA ALA E 162 24.22 69.84 -18.78
C ALA E 162 23.59 71.24 -18.81
N GLU E 163 22.73 71.47 -19.80
CA GLU E 163 22.07 72.77 -19.93
C GLU E 163 21.11 72.94 -18.75
N ALA E 164 20.41 71.88 -18.42
CA ALA E 164 19.47 71.93 -17.33
C ALA E 164 20.15 72.25 -16.01
N MET E 165 21.26 71.58 -15.73
CA MET E 165 21.97 71.81 -14.48
C MET E 165 22.58 73.21 -14.46
N ASP E 166 22.91 73.71 -15.63
CA ASP E 166 23.49 75.04 -15.74
C ASP E 166 22.43 76.08 -15.37
N LYS E 167 21.18 75.76 -15.70
CA LYS E 167 20.05 76.64 -15.42
C LYS E 167 19.66 76.69 -13.94
N VAL E 168 19.53 75.53 -13.31
CA VAL E 168 19.11 75.50 -11.92
C VAL E 168 20.15 75.00 -10.92
N GLY E 169 21.39 74.78 -11.37
CA GLY E 169 22.43 74.28 -10.48
C GLY E 169 22.45 72.75 -10.50
N LYS E 170 23.57 72.13 -10.15
CA LYS E 170 23.61 70.67 -10.17
C LYS E 170 22.91 70.01 -8.99
N GLU E 171 22.34 70.84 -8.12
CA GLU E 171 21.62 70.34 -6.95
C GLU E 171 20.18 70.85 -7.06
N GLY E 172 19.83 71.33 -8.26
CA GLY E 172 18.50 71.86 -8.49
C GLY E 172 17.50 70.85 -9.02
N VAL E 173 16.21 71.16 -8.90
CA VAL E 173 15.17 70.26 -9.35
C VAL E 173 15.08 70.22 -10.87
N ILE E 174 15.04 69.01 -11.41
CA ILE E 174 14.93 68.83 -12.85
C ILE E 174 13.93 67.71 -13.12
N THR E 175 12.97 67.96 -14.01
CA THR E 175 11.96 66.98 -14.36
C THR E 175 11.95 66.76 -15.86
N VAL E 176 11.45 65.61 -16.30
CA VAL E 176 11.38 65.34 -17.74
C VAL E 176 9.92 65.03 -18.11
N GLU E 177 9.51 65.48 -19.30
CA GLU E 177 8.15 65.26 -19.76
C GLU E 177 8.14 64.97 -21.25
N ASP E 178 7.03 64.41 -21.73
CA ASP E 178 6.90 64.12 -23.15
C ASP E 178 6.96 65.47 -23.85
N GLY E 179 7.57 65.51 -25.03
CA GLY E 179 7.68 66.76 -25.75
C GLY E 179 6.46 67.08 -26.58
N THR E 180 6.44 68.29 -27.15
CA THR E 180 5.32 68.73 -27.98
C THR E 180 5.52 68.19 -29.39
N GLY E 181 6.67 67.55 -29.63
CA GLY E 181 6.93 66.96 -30.93
C GLY E 181 8.20 67.39 -31.65
N LEU E 182 9.16 66.47 -31.74
CA LEU E 182 10.44 66.73 -32.40
C LEU E 182 11.14 67.95 -31.82
N GLN E 183 12.40 67.79 -31.45
CA GLN E 183 13.18 68.87 -30.86
C GLN E 183 12.86 69.05 -29.38
N ASP E 184 13.90 68.98 -28.56
CA ASP E 184 13.74 69.12 -27.13
C ASP E 184 13.46 70.56 -26.75
N GLU E 185 13.06 70.76 -25.49
CA GLU E 185 12.75 72.08 -24.97
C GLU E 185 13.15 72.10 -23.51
N LEU E 186 13.83 73.15 -23.10
CA LEU E 186 14.23 73.28 -21.71
C LEU E 186 13.63 74.55 -21.14
N ASP E 187 12.82 74.40 -20.10
CA ASP E 187 12.20 75.58 -19.51
C ASP E 187 12.28 75.52 -18.00
N VAL E 188 12.46 76.67 -17.39
CA VAL E 188 12.51 76.71 -15.96
C VAL E 188 11.22 77.39 -15.55
N VAL E 189 10.46 76.76 -14.67
CA VAL E 189 9.19 77.32 -14.23
C VAL E 189 9.09 77.38 -12.73
N GLU E 190 8.02 77.98 -12.21
CA GLU E 190 7.84 78.06 -10.78
C GLU E 190 7.47 76.66 -10.33
N GLY E 191 8.27 76.10 -9.43
CA GLY E 191 8.00 74.76 -8.94
C GLY E 191 8.74 74.47 -7.66
N MET E 192 8.53 73.26 -7.14
CA MET E 192 9.14 72.86 -5.89
C MET E 192 9.10 71.36 -5.72
N GLN E 193 9.94 70.85 -4.82
CA GLN E 193 10.02 69.41 -4.57
C GLN E 193 10.34 69.13 -3.11
N PHE E 194 9.56 68.27 -2.47
CA PHE E 194 9.82 67.92 -1.07
C PHE E 194 9.90 66.40 -0.85
N ASP E 195 10.44 65.98 0.29
CA ASP E 195 10.59 64.56 0.59
C ASP E 195 9.39 63.87 1.25
N ARG E 196 8.35 63.65 0.45
CA ARG E 196 7.13 62.98 0.91
C ARG E 196 6.57 62.23 -0.26
N GLY E 197 6.42 60.92 -0.12
CA GLY E 197 5.89 60.12 -1.20
C GLY E 197 4.39 59.93 -1.07
N TYR E 198 3.82 59.18 -1.99
CA TYR E 198 2.40 58.93 -1.95
C TYR E 198 2.02 58.24 -0.65
N LEU E 199 0.82 58.51 -0.16
CA LEU E 199 0.34 57.92 1.08
C LEU E 199 -0.11 56.48 0.90
N SER E 200 0.14 55.93 -0.27
CA SER E 200 -0.21 54.56 -0.60
C SER E 200 -0.11 54.34 -2.10
N PRO E 201 0.25 53.11 -2.53
CA PRO E 201 0.32 52.92 -3.98
C PRO E 201 -1.13 53.06 -4.44
N TYR E 202 -1.53 52.31 -5.46
CA TYR E 202 -2.91 52.43 -5.94
C TYR E 202 -3.07 53.78 -6.62
N PHE E 203 -2.56 54.84 -5.99
CA PHE E 203 -2.63 56.16 -6.57
C PHE E 203 -1.79 56.10 -7.84
N ILE E 204 -0.77 55.25 -7.81
CA ILE E 204 0.13 55.05 -8.93
C ILE E 204 -0.63 54.80 -10.22
N ASN E 205 -0.45 55.69 -11.19
CA ASN E 205 -1.11 55.57 -12.47
C ASN E 205 -0.08 55.40 -13.58
N LYS E 206 1.16 55.16 -13.18
CA LYS E 206 2.25 54.95 -14.12
C LYS E 206 3.18 53.91 -13.50
N PRO E 207 2.70 52.65 -13.40
CA PRO E 207 3.40 51.49 -12.83
C PRO E 207 4.81 51.26 -13.35
N GLU E 208 5.06 51.62 -14.61
CA GLU E 208 6.38 51.46 -15.20
C GLU E 208 7.41 52.16 -14.32
N THR E 209 7.05 53.34 -13.83
CA THR E 209 7.92 54.13 -12.98
C THR E 209 7.48 54.08 -11.52
N GLY E 210 6.36 53.41 -11.27
CA GLY E 210 5.86 53.34 -9.91
C GLY E 210 5.68 54.75 -9.38
N ALA E 211 5.04 55.58 -10.19
CA ALA E 211 4.81 56.98 -9.84
C ALA E 211 3.38 57.43 -10.06
N VAL E 212 3.02 58.53 -9.42
CA VAL E 212 1.69 59.10 -9.58
C VAL E 212 1.89 60.37 -10.40
N GLU E 213 1.13 60.51 -11.47
CA GLU E 213 1.27 61.68 -12.32
C GLU E 213 -0.08 62.34 -12.58
N LEU E 214 -0.25 63.56 -12.05
CA LEU E 214 -1.49 64.31 -12.21
C LEU E 214 -1.29 65.48 -13.17
N GLU E 215 -2.28 65.74 -14.01
CA GLU E 215 -2.19 66.84 -14.97
C GLU E 215 -3.18 67.96 -14.64
N SER E 216 -2.66 69.18 -14.55
CA SER E 216 -3.49 70.35 -14.22
C SER E 216 -4.30 70.08 -12.96
N PRO E 217 -3.64 69.63 -11.88
CA PRO E 217 -4.34 69.34 -10.64
C PRO E 217 -4.54 70.51 -9.68
N PHE E 218 -5.60 70.40 -8.88
CA PHE E 218 -5.87 71.40 -7.86
C PHE E 218 -5.01 70.91 -6.72
N ILE E 219 -4.77 71.76 -5.72
CA ILE E 219 -3.97 71.33 -4.60
C ILE E 219 -4.59 71.79 -3.30
N LEU E 220 -4.99 70.85 -2.47
CA LEU E 220 -5.60 71.17 -1.18
C LEU E 220 -4.54 71.10 -0.07
N LEU E 221 -4.33 72.23 0.58
CA LEU E 221 -3.35 72.30 1.65
C LEU E 221 -4.10 72.36 2.99
N ALA E 222 -4.02 71.30 3.78
CA ALA E 222 -4.70 71.23 5.07
C ALA E 222 -3.73 70.93 6.19
N ASP E 223 -3.59 71.88 7.11
CA ASP E 223 -2.68 71.74 8.24
C ASP E 223 -3.34 70.95 9.34
N LYS E 224 -3.73 69.72 9.03
CA LYS E 224 -4.38 68.82 9.99
C LYS E 224 -4.43 67.39 9.45
N LYS E 225 -4.87 66.47 10.31
CA LYS E 225 -4.99 65.06 9.93
C LYS E 225 -6.44 64.80 9.52
N ILE E 226 -6.63 64.09 8.41
CA ILE E 226 -7.97 63.80 7.92
C ILE E 226 -8.44 62.39 8.22
N SER E 227 -9.46 62.27 9.04
CA SER E 227 -10.03 60.98 9.44
C SER E 227 -11.36 60.71 8.75
N ASN E 228 -12.29 61.64 8.93
CA ASN E 228 -13.62 61.52 8.35
C ASN E 228 -13.67 62.13 6.96
N ILE E 229 -13.69 61.27 5.94
CA ILE E 229 -13.69 61.79 4.58
C ILE E 229 -14.92 62.62 4.25
N ARG E 230 -15.81 62.75 5.22
CA ARG E 230 -17.02 63.54 5.01
C ARG E 230 -16.61 64.99 4.82
N GLU E 231 -15.72 65.48 5.70
CA GLU E 231 -15.21 66.85 5.62
C GLU E 231 -14.87 67.25 4.19
N MET E 232 -14.33 66.30 3.45
CA MET E 232 -13.91 66.50 2.07
C MET E 232 -15.02 66.65 1.03
N LEU E 233 -16.05 65.81 1.13
CA LEU E 233 -17.16 65.80 0.19
C LEU E 233 -17.49 67.12 -0.52
N PRO E 234 -17.80 68.19 0.23
CA PRO E 234 -18.10 69.44 -0.45
C PRO E 234 -17.02 69.86 -1.43
N VAL E 235 -15.76 69.72 -1.03
CA VAL E 235 -14.63 70.11 -1.89
C VAL E 235 -14.41 69.12 -3.02
N LEU E 236 -14.42 67.84 -2.69
CA LEU E 236 -14.23 66.79 -3.69
C LEU E 236 -15.30 66.88 -4.78
N GLU E 237 -16.54 67.19 -4.39
CA GLU E 237 -17.61 67.31 -5.37
C GLU E 237 -17.28 68.43 -6.32
N ALA E 238 -16.72 69.52 -5.77
CA ALA E 238 -16.35 70.67 -6.58
C ALA E 238 -15.29 70.26 -7.58
N VAL E 239 -14.31 69.52 -7.10
CA VAL E 239 -13.22 69.06 -7.94
C VAL E 239 -13.75 67.99 -8.88
N ALA E 240 -14.80 67.29 -8.46
CA ALA E 240 -15.43 66.26 -9.29
C ALA E 240 -15.84 66.92 -10.60
N LYS E 241 -16.63 68.00 -10.51
CA LYS E 241 -17.01 68.75 -11.69
C LYS E 241 -15.68 69.41 -12.04
N ALA E 242 -15.62 70.16 -13.12
CA ALA E 242 -14.34 70.79 -13.49
C ALA E 242 -13.41 69.71 -14.06
N GLY E 243 -13.67 68.46 -13.67
CA GLY E 243 -12.89 67.33 -14.15
C GLY E 243 -11.39 67.49 -14.07
N LYS E 244 -10.91 67.86 -12.89
CA LYS E 244 -9.48 68.02 -12.68
C LYS E 244 -9.05 67.14 -11.51
N PRO E 245 -7.81 66.65 -11.57
CA PRO E 245 -7.32 65.79 -10.48
C PRO E 245 -7.02 66.66 -9.26
N LEU E 246 -6.95 66.02 -8.09
CA LEU E 246 -6.68 66.73 -6.86
C LEU E 246 -5.55 66.09 -6.06
N LEU E 247 -4.64 66.95 -5.58
CA LEU E 247 -3.54 66.50 -4.76
C LEU E 247 -3.84 66.98 -3.35
N ILE E 248 -3.92 66.03 -2.42
CA ILE E 248 -4.17 66.36 -1.03
C ILE E 248 -2.84 66.44 -0.29
N ILE E 249 -2.56 67.58 0.32
CA ILE E 249 -1.33 67.72 1.10
C ILE E 249 -1.76 68.02 2.52
N ALA E 250 -1.93 66.99 3.33
CA ALA E 250 -2.35 67.17 4.71
C ALA E 250 -1.31 66.64 5.71
N GLU E 251 -1.54 66.89 6.99
CA GLU E 251 -0.64 66.43 8.03
C GLU E 251 -0.64 64.91 7.95
N ASP E 252 -1.73 64.37 7.43
CA ASP E 252 -1.87 62.93 7.25
C ASP E 252 -3.28 62.54 6.85
N VAL E 253 -3.41 61.46 6.09
CA VAL E 253 -4.72 60.97 5.68
C VAL E 253 -4.83 59.55 6.21
N GLU E 254 -5.73 59.36 7.18
CA GLU E 254 -5.89 58.06 7.83
C GLU E 254 -6.62 56.98 7.05
N GLY E 255 -6.32 55.74 7.43
CA GLY E 255 -6.87 54.55 6.81
C GLY E 255 -8.16 54.60 6.04
N GLU E 256 -9.29 54.72 6.75
CA GLU E 256 -10.59 54.74 6.09
C GLU E 256 -10.73 55.83 5.05
N ALA E 257 -10.37 57.06 5.41
CA ALA E 257 -10.45 58.18 4.48
C ALA E 257 -9.61 57.87 3.24
N LEU E 258 -8.39 57.40 3.46
CA LEU E 258 -7.49 57.06 2.37
C LEU E 258 -8.13 55.99 1.50
N ALA E 259 -8.74 55.00 2.13
CA ALA E 259 -9.40 53.91 1.41
C ALA E 259 -10.46 54.47 0.47
N THR E 260 -11.25 55.39 0.99
CA THR E 260 -12.30 56.02 0.21
C THR E 260 -11.74 56.70 -1.04
N LEU E 261 -10.68 57.48 -0.88
CA LEU E 261 -10.06 58.16 -2.01
C LEU E 261 -9.63 57.17 -3.09
N VAL E 262 -8.89 56.13 -2.70
CA VAL E 262 -8.44 55.11 -3.66
C VAL E 262 -9.61 54.53 -4.45
N VAL E 263 -10.60 54.00 -3.73
CA VAL E 263 -11.80 53.41 -4.35
C VAL E 263 -12.46 54.34 -5.37
N ASN E 264 -12.91 55.50 -4.90
CA ASN E 264 -13.57 56.46 -5.76
C ASN E 264 -12.79 56.96 -6.98
N THR E 265 -11.50 57.21 -6.84
CA THR E 265 -10.71 57.69 -7.99
C THR E 265 -10.53 56.54 -8.95
N MET E 266 -10.64 55.33 -8.41
CA MET E 266 -10.50 54.11 -9.17
C MET E 266 -11.79 53.81 -9.92
N ARG E 267 -12.87 54.50 -9.56
CA ARG E 267 -14.15 54.28 -10.22
C ARG E 267 -14.40 55.37 -11.25
N GLY E 268 -13.41 56.23 -11.47
CA GLY E 268 -13.58 57.30 -12.45
C GLY E 268 -14.08 58.61 -11.87
N ILE E 269 -14.79 58.54 -10.75
CA ILE E 269 -15.31 59.74 -10.11
C ILE E 269 -14.24 60.41 -9.27
N VAL E 270 -13.75 61.56 -9.72
CA VAL E 270 -12.72 62.29 -8.96
C VAL E 270 -11.37 61.58 -8.83
N LYS E 271 -10.32 62.19 -9.38
CA LYS E 271 -8.97 61.63 -9.27
C LYS E 271 -8.25 62.33 -8.14
N VAL E 272 -7.87 61.57 -7.13
CA VAL E 272 -7.19 62.12 -5.96
C VAL E 272 -5.89 61.38 -5.64
N ALA E 273 -5.00 62.07 -4.94
CA ALA E 273 -3.69 61.56 -4.52
C ALA E 273 -3.34 62.37 -3.29
N ALA E 274 -2.87 61.70 -2.25
CA ALA E 274 -2.53 62.42 -1.03
C ALA E 274 -1.13 62.09 -0.55
N VAL E 275 -0.50 63.07 0.10
CA VAL E 275 0.84 62.90 0.65
C VAL E 275 0.93 63.75 1.93
N LYS E 276 1.80 63.36 2.86
CA LYS E 276 1.94 64.12 4.10
C LYS E 276 2.58 65.46 3.83
N ALA E 277 2.35 66.43 4.72
CA ALA E 277 2.95 67.76 4.58
C ALA E 277 4.44 67.63 4.83
N PRO E 278 5.26 68.41 4.14
CA PRO E 278 6.71 68.32 4.33
C PRO E 278 7.16 68.73 5.73
N GLY E 279 8.25 68.11 6.20
CA GLY E 279 8.78 68.42 7.51
C GLY E 279 7.86 68.17 8.68
N PHE E 280 8.26 68.66 9.85
CA PHE E 280 7.47 68.50 11.06
C PHE E 280 7.61 69.74 11.94
N GLY E 281 6.87 69.78 13.03
CA GLY E 281 6.95 70.90 13.95
C GLY E 281 6.50 72.22 13.37
N ASP E 282 7.32 73.25 13.57
CA ASP E 282 7.00 74.58 13.09
C ASP E 282 7.41 74.80 11.64
N ARG E 283 8.55 74.25 11.27
CA ARG E 283 9.03 74.40 9.90
C ARG E 283 8.05 73.71 8.94
N ARG E 284 7.06 73.02 9.50
CA ARG E 284 6.06 72.35 8.69
C ARG E 284 5.00 73.35 8.30
N LYS E 285 4.51 74.09 9.29
CA LYS E 285 3.48 75.09 9.05
C LYS E 285 4.00 76.13 8.06
N ALA E 286 5.29 76.40 8.14
CA ALA E 286 5.90 77.38 7.25
C ALA E 286 5.95 76.84 5.82
N MET E 287 6.51 75.65 5.67
CA MET E 287 6.63 75.04 4.34
C MET E 287 5.27 74.85 3.69
N LEU E 288 4.25 74.53 4.48
CA LEU E 288 2.91 74.32 3.95
C LEU E 288 2.46 75.60 3.29
N GLN E 289 2.86 76.72 3.88
CA GLN E 289 2.51 78.02 3.37
C GLN E 289 3.24 78.32 2.09
N ASP E 290 4.52 77.97 2.04
CA ASP E 290 5.32 78.21 0.83
C ASP E 290 4.60 77.59 -0.37
N ILE E 291 4.23 76.32 -0.22
CA ILE E 291 3.53 75.61 -1.27
C ILE E 291 2.28 76.36 -1.66
N ALA E 292 1.56 76.88 -0.67
CA ALA E 292 0.34 77.65 -0.91
C ALA E 292 0.64 78.85 -1.81
N THR E 293 1.62 79.66 -1.40
CA THR E 293 2.00 80.84 -2.16
C THR E 293 2.48 80.45 -3.55
N LEU E 294 3.25 79.37 -3.62
CA LEU E 294 3.80 78.91 -4.88
C LEU E 294 2.72 78.45 -5.87
N THR E 295 1.65 77.86 -5.34
CA THR E 295 0.57 77.34 -6.16
C THR E 295 -0.69 78.20 -6.13
N GLY E 296 -0.59 79.35 -5.46
CA GLY E 296 -1.72 80.25 -5.36
C GLY E 296 -2.90 79.68 -4.59
N GLY E 297 -2.61 78.82 -3.61
CA GLY E 297 -3.65 78.22 -2.81
C GLY E 297 -3.68 78.79 -1.40
N THR E 298 -4.70 78.40 -0.64
CA THR E 298 -4.83 78.88 0.73
C THR E 298 -4.74 77.74 1.72
N VAL E 299 -3.83 77.84 2.67
CA VAL E 299 -3.69 76.79 3.66
C VAL E 299 -4.92 76.79 4.55
N ILE E 300 -5.45 75.60 4.82
CA ILE E 300 -6.64 75.45 5.67
C ILE E 300 -6.25 74.84 7.01
N SER E 301 -6.06 75.69 8.01
CA SER E 301 -5.68 75.23 9.35
C SER E 301 -6.80 75.43 10.36
N GLU E 302 -6.92 74.49 11.30
CA GLU E 302 -7.95 74.55 12.33
C GLU E 302 -7.65 75.67 13.35
N GLU E 303 -6.38 75.91 13.59
CA GLU E 303 -5.95 76.93 14.53
C GLU E 303 -6.69 78.25 14.27
N ILE E 304 -6.58 78.77 13.05
CA ILE E 304 -7.27 80.01 12.68
C ILE E 304 -8.79 79.84 12.69
N GLY E 305 -9.23 78.59 12.80
CA GLY E 305 -10.66 78.31 12.84
C GLY E 305 -11.29 78.01 11.48
N MET E 306 -10.49 77.61 10.51
CA MET E 306 -11.01 77.30 9.18
C MET E 306 -11.51 75.86 9.14
N GLU E 307 -12.47 75.60 8.27
CA GLU E 307 -13.05 74.26 8.15
C GLU E 307 -12.95 73.78 6.71
N LEU E 308 -12.78 72.48 6.55
CA LEU E 308 -12.69 71.88 5.22
C LEU E 308 -14.01 71.92 4.47
N GLU E 309 -15.12 71.72 5.18
CA GLU E 309 -16.43 71.73 4.55
C GLU E 309 -16.70 73.06 3.87
N LYS E 310 -16.13 74.14 4.41
CA LYS E 310 -16.33 75.46 3.84
C LYS E 310 -15.26 75.88 2.84
N ALA E 311 -14.48 74.91 2.38
CA ALA E 311 -13.41 75.18 1.41
C ALA E 311 -13.91 75.07 -0.03
N THR E 312 -13.67 76.11 -0.83
CA THR E 312 -14.08 76.13 -2.22
C THR E 312 -12.88 75.98 -3.15
N LEU E 313 -13.14 75.77 -4.43
CA LEU E 313 -12.09 75.62 -5.43
C LEU E 313 -11.13 76.79 -5.39
N GLU E 314 -11.63 77.95 -4.99
CA GLU E 314 -10.79 79.13 -4.94
C GLU E 314 -9.72 79.06 -3.84
N ASP E 315 -9.93 78.19 -2.85
CA ASP E 315 -8.95 78.03 -1.77
C ASP E 315 -7.81 77.10 -2.20
N LEU E 316 -8.12 76.24 -3.15
CA LEU E 316 -7.17 75.27 -3.68
C LEU E 316 -6.08 75.89 -4.55
N GLY E 317 -4.87 75.36 -4.43
CA GLY E 317 -3.76 75.84 -5.22
C GLY E 317 -3.91 75.27 -6.61
N GLN E 318 -2.88 75.41 -7.43
CA GLN E 318 -3.00 74.89 -8.79
C GLN E 318 -1.61 74.84 -9.41
N ALA E 319 -1.39 73.84 -10.28
CA ALA E 319 -0.12 73.65 -10.95
C ALA E 319 -0.36 72.86 -12.22
N LYS E 320 0.55 72.97 -13.19
CA LYS E 320 0.38 72.24 -14.45
C LYS E 320 0.64 70.74 -14.36
N ARG E 321 1.45 70.34 -13.39
CA ARG E 321 1.76 68.92 -13.24
C ARG E 321 2.45 68.60 -11.91
N VAL E 322 2.06 67.50 -11.29
CA VAL E 322 2.69 67.06 -10.04
C VAL E 322 3.09 65.61 -10.22
N VAL E 323 4.23 65.24 -9.67
CA VAL E 323 4.70 63.87 -9.80
C VAL E 323 5.06 63.34 -8.43
N ILE E 324 4.43 62.24 -8.06
CA ILE E 324 4.66 61.62 -6.76
C ILE E 324 5.39 60.30 -6.86
N ASN E 325 6.39 60.17 -6.00
CA ASN E 325 7.24 59.00 -5.92
C ASN E 325 6.92 58.13 -4.73
N LYS E 326 7.76 57.11 -4.55
CA LYS E 326 7.67 56.18 -3.44
C LYS E 326 7.97 57.02 -2.18
N ASP E 327 8.71 58.11 -2.37
CA ASP E 327 9.07 59.01 -1.28
C ASP E 327 9.47 60.43 -1.71
N THR E 328 8.82 60.95 -2.74
CA THR E 328 9.10 62.30 -3.22
C THR E 328 7.88 62.90 -3.95
N THR E 329 7.70 64.20 -3.81
CA THR E 329 6.61 64.93 -4.45
C THR E 329 7.17 66.19 -5.06
N THR E 330 6.93 66.36 -6.35
CA THR E 330 7.42 67.54 -7.07
C THR E 330 6.30 68.26 -7.84
N ILE E 331 6.12 69.53 -7.50
CA ILE E 331 5.11 70.40 -8.10
C ILE E 331 5.71 71.20 -9.23
N ILE E 332 5.14 71.04 -10.43
CA ILE E 332 5.65 71.71 -11.63
C ILE E 332 4.76 72.80 -12.21
N ASP E 333 5.30 74.02 -12.27
CA ASP E 333 4.62 75.19 -12.82
C ASP E 333 3.42 75.62 -11.95
N GLY E 334 3.72 76.21 -10.81
CA GLY E 334 2.67 76.67 -9.91
C GLY E 334 2.03 77.94 -10.45
N VAL E 335 0.74 78.10 -10.18
CA VAL E 335 -0.02 79.27 -10.64
C VAL E 335 0.24 80.51 -9.81
N GLY E 336 0.72 80.33 -8.60
CA GLY E 336 1.00 81.45 -7.72
C GLY E 336 1.59 82.65 -8.46
N GLU E 337 1.12 83.85 -8.10
CA GLU E 337 1.60 85.06 -8.72
C GLU E 337 3.04 85.34 -8.38
N GLU E 338 3.83 85.72 -9.39
CA GLU E 338 5.24 86.01 -9.16
C GLU E 338 5.42 87.12 -8.13
N ALA E 339 4.44 87.99 -8.03
CA ALA E 339 4.48 89.08 -7.07
C ALA E 339 4.48 88.51 -5.65
N ALA E 340 3.54 87.59 -5.39
CA ALA E 340 3.41 86.95 -4.08
C ALA E 340 4.58 86.00 -3.77
N ILE E 341 4.97 85.19 -4.76
CA ILE E 341 6.07 84.25 -4.59
C ILE E 341 7.34 85.01 -4.28
N GLN E 342 7.72 85.91 -5.17
CA GLN E 342 8.93 86.71 -5.00
C GLN E 342 8.92 87.50 -3.70
N GLY E 343 7.75 87.97 -3.30
CA GLY E 343 7.64 88.73 -2.06
C GLY E 343 7.88 87.81 -0.89
N ARG E 344 7.35 86.59 -0.99
CA ARG E 344 7.50 85.58 0.04
C ARG E 344 8.99 85.32 0.24
N VAL E 345 9.72 85.21 -0.87
CA VAL E 345 11.16 84.95 -0.83
C VAL E 345 11.85 86.05 -0.04
N ALA E 346 11.40 87.28 -0.22
CA ALA E 346 11.97 88.42 0.47
C ALA E 346 11.85 88.25 1.97
N GLN E 347 10.65 87.87 2.42
CA GLN E 347 10.38 87.67 3.84
C GLN E 347 11.30 86.64 4.47
N ILE E 348 11.54 85.54 3.76
CA ILE E 348 12.40 84.48 4.26
C ILE E 348 13.85 84.92 4.31
N ARG E 349 14.23 85.80 3.38
CA ARG E 349 15.60 86.30 3.33
C ARG E 349 15.94 87.23 4.48
N GLN E 350 14.91 87.87 5.05
CA GLN E 350 15.11 88.74 6.19
C GLN E 350 15.22 87.85 7.42
N GLN E 351 14.47 86.77 7.40
CA GLN E 351 14.48 85.79 8.48
C GLN E 351 15.93 85.38 8.66
N ILE E 352 16.60 85.13 7.54
CA ILE E 352 17.99 84.71 7.52
C ILE E 352 18.89 85.77 8.15
N GLU E 353 18.47 87.03 8.04
CA GLU E 353 19.22 88.14 8.62
C GLU E 353 19.02 88.09 10.13
N GLU E 354 17.76 88.16 10.54
CA GLU E 354 17.39 88.14 11.94
C GLU E 354 17.70 86.79 12.59
N ALA E 355 18.31 85.89 11.80
CA ALA E 355 18.67 84.55 12.28
C ALA E 355 19.73 84.61 13.36
N THR E 356 19.40 84.06 14.54
CA THR E 356 20.32 84.05 15.67
C THR E 356 20.89 82.64 15.84
N SER E 357 21.02 81.92 14.73
CA SER E 357 21.53 80.56 14.77
C SER E 357 21.94 80.08 13.38
N ASP E 358 22.83 79.10 13.33
CA ASP E 358 23.28 78.54 12.06
C ASP E 358 22.25 77.54 11.53
N TYR E 359 21.71 76.73 12.43
CA TYR E 359 20.70 75.75 12.04
C TYR E 359 19.51 76.48 11.45
N ASP E 360 18.90 77.34 12.27
CA ASP E 360 17.74 78.13 11.84
C ASP E 360 18.04 78.84 10.52
N ARG E 361 19.31 79.14 10.31
CA ARG E 361 19.75 79.81 9.10
C ARG E 361 19.77 78.85 7.92
N GLU E 362 20.30 77.66 8.13
CA GLU E 362 20.39 76.66 7.07
C GLU E 362 19.00 76.24 6.62
N LYS E 363 18.06 76.14 7.56
CA LYS E 363 16.70 75.75 7.24
C LYS E 363 15.98 76.81 6.39
N LEU E 364 16.25 78.07 6.67
CA LEU E 364 15.61 79.15 5.93
C LEU E 364 16.16 79.20 4.51
N GLN E 365 17.45 78.97 4.37
CA GLN E 365 18.08 78.98 3.04
C GLN E 365 17.48 77.87 2.19
N GLU E 366 17.25 76.72 2.80
CA GLU E 366 16.67 75.58 2.10
C GLU E 366 15.33 75.97 1.50
N ARG E 367 14.52 76.68 2.28
CA ARG E 367 13.21 77.11 1.82
C ARG E 367 13.26 78.07 0.63
N VAL E 368 14.09 79.11 0.70
CA VAL E 368 14.17 80.04 -0.40
C VAL E 368 14.68 79.34 -1.66
N ALA E 369 15.69 78.49 -1.48
CA ALA E 369 16.25 77.76 -2.60
C ALA E 369 15.15 77.02 -3.36
N LYS E 370 14.21 76.46 -2.62
CA LYS E 370 13.12 75.74 -3.24
C LYS E 370 12.20 76.69 -3.97
N LEU E 371 11.74 77.70 -3.23
CA LEU E 371 10.83 78.70 -3.76
C LEU E 371 11.43 79.56 -4.87
N ALA E 372 12.66 80.00 -4.69
CA ALA E 372 13.32 80.84 -5.69
C ALA E 372 13.93 80.06 -6.84
N GLY E 373 14.48 78.89 -6.55
CA GLY E 373 15.14 78.09 -7.56
C GLY E 373 14.30 77.57 -8.72
N GLY E 374 13.02 77.33 -8.47
CA GLY E 374 12.18 76.82 -9.53
C GLY E 374 12.48 75.39 -9.91
N VAL E 375 11.99 74.98 -11.08
CA VAL E 375 12.15 73.63 -11.57
C VAL E 375 12.50 73.59 -13.05
N ALA E 376 13.58 72.89 -13.40
CA ALA E 376 14.00 72.78 -14.78
C ALA E 376 13.16 71.69 -15.42
N VAL E 377 12.49 72.04 -16.51
CA VAL E 377 11.66 71.08 -17.20
C VAL E 377 12.23 70.72 -18.58
N ILE E 378 12.66 69.47 -18.73
CA ILE E 378 13.19 69.00 -19.99
C ILE E 378 12.07 68.31 -20.74
N LYS E 379 11.76 68.78 -21.94
CA LYS E 379 10.71 68.18 -22.76
C LYS E 379 11.39 67.39 -23.87
N VAL E 380 11.42 66.08 -23.73
CA VAL E 380 12.07 65.20 -24.69
C VAL E 380 11.59 65.33 -26.10
N GLY E 381 12.54 65.36 -27.03
CA GLY E 381 12.26 65.48 -28.46
C GLY E 381 11.27 64.45 -28.95
N ALA E 382 11.20 64.21 -30.25
CA ALA E 382 10.22 63.23 -30.71
C ALA E 382 10.41 62.54 -32.05
N ALA E 383 9.37 62.65 -32.89
CA ALA E 383 9.31 62.01 -34.21
C ALA E 383 8.86 60.58 -33.89
N THR E 384 7.55 60.43 -33.75
CA THR E 384 6.85 59.17 -33.41
C THR E 384 6.76 58.99 -31.91
N GLU E 385 5.54 58.76 -31.44
CA GLU E 385 5.27 58.58 -30.02
C GLU E 385 6.14 57.51 -29.37
N VAL E 386 6.53 56.50 -30.14
CA VAL E 386 7.34 55.42 -29.59
C VAL E 386 8.76 55.87 -29.25
N GLU E 387 9.46 56.44 -30.22
CA GLU E 387 10.83 56.89 -30.00
C GLU E 387 10.85 57.92 -28.89
N MET E 388 9.85 58.78 -28.87
CA MET E 388 9.74 59.84 -27.88
C MET E 388 9.70 59.24 -26.46
N LYS E 389 8.90 58.21 -26.26
CA LYS E 389 8.81 57.57 -24.94
C LYS E 389 10.11 56.84 -24.58
N GLU E 390 10.78 56.30 -25.58
CA GLU E 390 12.02 55.56 -25.38
C GLU E 390 13.18 56.50 -25.01
N LYS E 391 13.22 57.66 -25.64
CA LYS E 391 14.26 58.64 -25.38
C LYS E 391 14.03 59.24 -24.00
N LYS E 392 12.77 59.49 -23.68
CA LYS E 392 12.39 60.04 -22.39
C LYS E 392 12.93 59.16 -21.25
N ALA E 393 12.97 57.85 -21.50
CA ALA E 393 13.46 56.90 -20.52
C ALA E 393 14.97 57.06 -20.34
N ARG E 394 15.70 57.06 -21.45
CA ARG E 394 17.14 57.21 -21.40
C ARG E 394 17.54 58.50 -20.71
N VAL E 395 16.79 59.57 -20.97
CA VAL E 395 17.05 60.87 -20.37
C VAL E 395 16.87 60.75 -18.86
N GLU E 396 15.76 60.16 -18.43
CA GLU E 396 15.47 60.00 -17.02
C GLU E 396 16.59 59.24 -16.29
N ASP E 397 17.09 58.18 -16.92
CA ASP E 397 18.15 57.41 -16.30
C ASP E 397 19.43 58.23 -16.29
N ALA E 398 19.81 58.73 -17.46
CA ALA E 398 21.01 59.53 -17.58
C ALA E 398 21.00 60.63 -16.54
N LEU E 399 19.83 61.16 -16.25
CA LEU E 399 19.71 62.22 -15.26
C LEU E 399 20.12 61.73 -13.89
N HIS E 400 19.53 60.61 -13.45
CA HIS E 400 19.87 60.03 -12.15
C HIS E 400 21.36 59.72 -12.04
N ALA E 401 21.93 59.21 -13.11
CA ALA E 401 23.34 58.86 -13.14
C ALA E 401 24.21 60.09 -12.99
N THR E 402 23.85 61.14 -13.73
CA THR E 402 24.61 62.37 -13.71
C THR E 402 24.49 63.04 -12.36
N ARG E 403 23.30 63.00 -11.78
CA ARG E 403 23.07 63.61 -10.47
C ARG E 403 24.01 62.99 -9.44
N ALA E 404 24.11 61.66 -9.46
CA ALA E 404 24.96 60.94 -8.54
C ALA E 404 26.43 61.19 -8.83
N ALA E 405 26.79 61.28 -10.11
CA ALA E 405 28.17 61.51 -10.49
C ALA E 405 28.61 62.90 -10.01
N VAL E 406 27.67 63.84 -9.99
CA VAL E 406 27.96 65.19 -9.57
C VAL E 406 28.20 65.26 -8.06
N GLU E 407 27.58 64.35 -7.31
CA GLU E 407 27.70 64.32 -5.87
C GLU E 407 28.97 63.65 -5.33
N GLU E 408 29.41 62.57 -5.96
CA GLU E 408 30.59 61.86 -5.47
C GLU E 408 31.58 61.43 -6.53
N GLY E 409 31.39 61.94 -7.74
CA GLY E 409 32.31 61.58 -8.79
C GLY E 409 32.05 60.24 -9.41
N VAL E 410 33.02 59.76 -10.18
CA VAL E 410 32.89 58.47 -10.83
C VAL E 410 34.11 57.58 -10.62
N VAL E 411 33.91 56.28 -10.83
CA VAL E 411 34.97 55.30 -10.69
C VAL E 411 34.85 54.27 -11.81
N ALA E 412 35.91 53.50 -12.00
CA ALA E 412 35.93 52.48 -13.05
C ALA E 412 34.83 51.45 -12.90
N GLY E 413 33.92 51.40 -13.88
CA GLY E 413 32.82 50.44 -13.84
C GLY E 413 33.20 49.02 -14.23
N GLY E 414 32.22 48.25 -14.67
CA GLY E 414 32.48 46.88 -15.08
C GLY E 414 32.93 46.07 -13.89
N GLY E 415 32.69 46.62 -12.71
CA GLY E 415 33.08 45.93 -11.48
C GLY E 415 34.56 46.02 -11.13
N VAL E 416 35.34 46.79 -11.87
CA VAL E 416 36.76 46.87 -11.56
C VAL E 416 37.10 47.78 -10.39
N ALA E 417 36.29 48.80 -10.16
CA ALA E 417 36.57 49.70 -9.04
C ALA E 417 36.59 48.89 -7.76
N LEU E 418 35.58 48.03 -7.57
CA LEU E 418 35.48 47.21 -6.36
C LEU E 418 36.65 46.24 -6.21
N ILE E 419 37.00 45.56 -7.29
CA ILE E 419 38.09 44.61 -7.23
C ILE E 419 39.43 45.33 -7.03
N ARG E 420 39.53 46.54 -7.57
CA ARG E 420 40.75 47.34 -7.43
C ARG E 420 40.89 47.78 -5.98
N VAL E 421 39.80 48.29 -5.43
CA VAL E 421 39.81 48.76 -4.06
C VAL E 421 40.17 47.66 -3.10
N ALA E 422 39.68 46.44 -3.36
CA ALA E 422 39.97 45.33 -2.47
C ALA E 422 41.44 44.92 -2.57
N SER E 423 41.99 44.96 -3.78
CA SER E 423 43.39 44.58 -3.94
C SER E 423 44.32 45.42 -3.07
N LYS E 424 43.89 46.60 -2.67
CA LYS E 424 44.71 47.49 -1.84
C LYS E 424 44.59 47.21 -0.34
N LEU E 425 43.54 46.50 0.06
CA LEU E 425 43.33 46.22 1.47
C LEU E 425 43.87 44.85 1.94
N ALA E 426 44.82 44.31 1.19
CA ALA E 426 45.41 43.02 1.50
C ALA E 426 46.03 42.89 2.90
N ASP E 427 46.41 44.01 3.51
CA ASP E 427 47.01 43.95 4.84
C ASP E 427 46.06 44.38 5.96
N LEU E 428 44.82 44.74 5.62
CA LEU E 428 43.87 45.18 6.63
C LEU E 428 43.66 44.05 7.64
N ARG E 429 43.75 44.36 8.93
CA ARG E 429 43.58 43.35 9.97
C ARG E 429 42.64 43.82 11.06
N GLY E 430 42.14 42.85 11.84
CA GLY E 430 41.22 43.15 12.93
C GLY E 430 41.83 42.91 14.29
N GLN E 431 40.99 42.63 15.26
CA GLN E 431 41.47 42.40 16.62
C GLN E 431 41.77 40.94 16.92
N ASN E 432 41.17 40.04 16.14
CA ASN E 432 41.43 38.62 16.32
C ASN E 432 41.31 37.89 14.99
N GLU E 433 41.61 36.59 14.98
CA GLU E 433 41.55 35.84 13.72
C GLU E 433 40.19 35.78 13.09
N ASP E 434 39.13 35.74 13.91
CA ASP E 434 37.79 35.68 13.33
C ASP E 434 37.55 36.97 12.51
N GLN E 435 37.90 38.11 13.11
CA GLN E 435 37.74 39.39 12.43
C GLN E 435 38.58 39.45 11.15
N ASN E 436 39.74 38.80 11.16
CA ASN E 436 40.57 38.78 9.97
C ASN E 436 39.84 38.02 8.87
N VAL E 437 39.20 36.91 9.25
CA VAL E 437 38.47 36.11 8.28
C VAL E 437 37.36 36.95 7.68
N GLY E 438 36.69 37.69 8.55
CA GLY E 438 35.62 38.55 8.10
C GLY E 438 36.14 39.51 7.03
N ILE E 439 37.30 40.12 7.29
CA ILE E 439 37.88 41.05 6.34
C ILE E 439 38.13 40.37 5.00
N LYS E 440 38.69 39.15 5.05
CA LYS E 440 38.98 38.40 3.83
C LYS E 440 37.71 38.00 3.11
N VAL E 441 36.66 37.73 3.86
CA VAL E 441 35.38 37.37 3.28
C VAL E 441 34.87 38.54 2.43
N ALA E 442 34.92 39.74 3.00
CA ALA E 442 34.45 40.92 2.31
C ALA E 442 35.28 41.22 1.09
N LEU E 443 36.60 41.24 1.24
CA LEU E 443 37.49 41.54 0.12
C LEU E 443 37.31 40.55 -1.03
N ARG E 444 37.09 39.29 -0.68
CA ARG E 444 36.90 38.25 -1.67
C ARG E 444 35.56 38.51 -2.40
N ALA E 445 34.56 38.92 -1.65
CA ALA E 445 33.25 39.19 -2.21
C ALA E 445 33.29 40.33 -3.22
N MET E 446 34.13 41.33 -2.96
CA MET E 446 34.21 42.49 -3.84
C MET E 446 34.60 42.13 -5.27
N GLU E 447 34.93 40.86 -5.50
CA GLU E 447 35.31 40.38 -6.81
C GLU E 447 34.10 39.76 -7.56
N ALA E 448 33.03 39.50 -6.82
CA ALA E 448 31.84 38.89 -7.37
C ALA E 448 31.31 39.60 -8.61
N PRO E 449 31.08 40.92 -8.54
CA PRO E 449 30.57 41.63 -9.71
C PRO E 449 31.39 41.41 -10.99
N LEU E 450 32.70 41.68 -10.93
CA LEU E 450 33.53 41.51 -12.12
C LEU E 450 33.47 40.06 -12.59
N ARG E 451 33.77 39.14 -11.69
CA ARG E 451 33.75 37.73 -12.01
C ARG E 451 32.45 37.30 -12.71
N GLN E 452 31.32 37.78 -12.19
CA GLN E 452 30.03 37.42 -12.79
C GLN E 452 29.92 38.01 -14.20
N ILE E 453 30.32 39.27 -14.35
CA ILE E 453 30.27 39.91 -15.65
C ILE E 453 31.11 39.09 -16.63
N VAL E 454 32.29 38.67 -16.21
CA VAL E 454 33.17 37.89 -17.07
C VAL E 454 32.55 36.53 -17.41
N LEU E 455 31.91 35.90 -16.42
CA LEU E 455 31.29 34.62 -16.64
C LEU E 455 30.17 34.73 -17.68
N ASN E 456 29.40 35.82 -17.62
CA ASN E 456 28.34 36.00 -18.59
C ASN E 456 28.91 36.13 -20.00
N CYS E 457 30.13 36.64 -20.12
CA CYS E 457 30.79 36.79 -21.42
C CYS E 457 31.31 35.46 -21.93
N GLY E 458 31.32 34.45 -21.08
CA GLY E 458 31.83 33.16 -21.48
C GLY E 458 33.34 33.09 -21.35
N GLU E 459 33.90 33.92 -20.49
CA GLU E 459 35.34 33.95 -20.26
C GLU E 459 35.67 33.35 -18.90
N GLU E 460 36.95 33.31 -18.55
CA GLU E 460 37.37 32.75 -17.28
C GLU E 460 37.62 33.82 -16.21
N PRO E 461 36.69 33.93 -15.26
CA PRO E 461 36.77 34.90 -14.16
C PRO E 461 38.13 34.94 -13.45
N SER E 462 38.61 33.77 -13.04
CA SER E 462 39.90 33.69 -12.34
C SER E 462 41.00 34.43 -13.09
N VAL E 463 41.05 34.24 -14.41
CA VAL E 463 42.08 34.89 -15.22
C VAL E 463 41.87 36.40 -15.33
N VAL E 464 40.67 36.83 -15.71
CA VAL E 464 40.41 38.26 -15.83
C VAL E 464 40.58 38.97 -14.49
N ALA E 465 40.05 38.36 -13.43
CA ALA E 465 40.16 38.95 -12.11
C ALA E 465 41.64 39.06 -11.75
N ASN E 466 42.37 38.00 -12.04
CA ASN E 466 43.80 37.93 -11.78
C ASN E 466 44.57 39.06 -12.52
N THR E 467 44.20 39.30 -13.78
CA THR E 467 44.85 40.33 -14.58
C THR E 467 44.48 41.74 -14.12
N VAL E 468 43.20 41.97 -13.85
CA VAL E 468 42.78 43.29 -13.40
C VAL E 468 43.47 43.63 -12.08
N LYS E 469 43.56 42.64 -11.19
CA LYS E 469 44.19 42.86 -9.90
C LYS E 469 45.67 43.16 -10.09
N GLY E 470 46.26 42.53 -11.09
CA GLY E 470 47.69 42.73 -11.36
C GLY E 470 48.08 44.16 -11.69
N GLY E 471 47.19 44.89 -12.35
CA GLY E 471 47.48 46.27 -12.69
C GLY E 471 47.07 47.20 -11.57
N ASP E 472 46.88 48.49 -11.88
CA ASP E 472 46.46 49.45 -10.87
C ASP E 472 45.71 50.64 -11.46
N GLY E 473 45.29 51.56 -10.59
CA GLY E 473 44.53 52.71 -11.06
C GLY E 473 43.19 52.25 -11.59
N ASN E 474 42.75 52.80 -12.71
CA ASN E 474 41.48 52.40 -13.29
C ASN E 474 41.70 51.47 -14.48
N TYR E 475 42.72 50.63 -14.36
CA TYR E 475 43.03 49.65 -15.38
C TYR E 475 42.05 48.50 -15.13
N GLY E 476 41.29 48.14 -16.16
CA GLY E 476 40.33 47.07 -16.00
C GLY E 476 40.04 46.27 -17.25
N TYR E 477 38.93 45.53 -17.21
CA TYR E 477 38.54 44.69 -18.33
C TYR E 477 37.24 45.18 -18.90
N ASN E 478 37.29 45.66 -20.13
CA ASN E 478 36.11 46.13 -20.83
C ASN E 478 35.37 44.89 -21.33
N ALA E 479 34.29 44.53 -20.62
CA ALA E 479 33.52 43.34 -20.98
C ALA E 479 32.92 43.44 -22.38
N ALA E 480 32.62 44.65 -22.81
CA ALA E 480 32.03 44.85 -24.12
C ALA E 480 33.00 44.47 -25.21
N THR E 481 34.12 45.17 -25.28
CA THR E 481 35.11 44.90 -26.31
C THR E 481 36.00 43.71 -25.94
N GLU E 482 35.88 43.27 -24.70
CA GLU E 482 36.69 42.15 -24.22
C GLU E 482 38.17 42.45 -24.41
N GLU E 483 38.56 43.65 -23.98
CA GLU E 483 39.94 44.14 -24.07
C GLU E 483 40.26 44.90 -22.79
N TYR E 484 41.53 44.89 -22.38
CA TYR E 484 41.90 45.62 -21.18
C TYR E 484 42.30 47.06 -21.52
N GLY E 485 42.44 47.89 -20.49
CA GLY E 485 42.81 49.28 -20.70
C GLY E 485 42.28 50.12 -19.56
N ASN E 486 42.28 51.44 -19.74
CA ASN E 486 41.77 52.34 -18.71
C ASN E 486 40.27 52.42 -18.82
N MET E 487 39.59 51.99 -17.75
CA MET E 487 38.13 51.96 -17.74
C MET E 487 37.47 53.32 -17.96
N ILE E 488 38.03 54.38 -17.37
CA ILE E 488 37.45 55.71 -17.54
C ILE E 488 37.62 56.21 -18.97
N ASP E 489 38.83 56.08 -19.51
CA ASP E 489 39.06 56.52 -20.87
C ASP E 489 38.13 55.77 -21.80
N MET E 490 37.95 54.47 -21.55
CA MET E 490 37.06 53.67 -22.40
C MET E 490 35.59 53.98 -22.14
N GLY E 491 35.37 54.91 -21.22
CA GLY E 491 34.01 55.33 -20.92
C GLY E 491 33.12 54.30 -20.28
N ILE E 492 33.70 53.46 -19.43
CA ILE E 492 32.95 52.43 -18.73
C ILE E 492 33.12 52.76 -17.26
N LEU E 493 32.11 53.43 -16.71
CA LEU E 493 32.19 53.84 -15.32
C LEU E 493 30.86 53.89 -14.59
N ASP E 494 30.94 53.92 -13.26
CA ASP E 494 29.76 54.00 -12.42
C ASP E 494 29.94 55.15 -11.46
N PRO E 495 28.83 55.80 -11.10
CA PRO E 495 28.97 56.91 -10.14
C PRO E 495 29.55 56.34 -8.84
N THR E 496 30.58 56.95 -8.31
CA THR E 496 31.15 56.46 -7.06
C THR E 496 30.06 56.17 -6.03
N LYS E 497 29.01 56.99 -6.05
CA LYS E 497 27.91 56.81 -5.11
C LYS E 497 27.17 55.47 -5.29
N VAL E 498 26.95 55.06 -6.53
CA VAL E 498 26.24 53.80 -6.75
C VAL E 498 27.05 52.60 -6.25
N THR E 499 28.35 52.59 -6.55
CA THR E 499 29.21 51.50 -6.10
C THR E 499 29.26 51.51 -4.57
N ARG E 500 29.41 52.69 -3.98
CA ARG E 500 29.46 52.80 -2.53
C ARG E 500 28.20 52.29 -1.83
N SER E 501 27.04 52.70 -2.34
CA SER E 501 25.78 52.28 -1.75
C SER E 501 25.55 50.79 -1.92
N ALA E 502 25.87 50.26 -3.10
CA ALA E 502 25.69 48.84 -3.36
C ALA E 502 26.45 48.00 -2.35
N LEU E 503 27.71 48.38 -2.12
CA LEU E 503 28.56 47.67 -1.19
C LEU E 503 28.08 47.81 0.24
N GLN E 504 27.82 49.03 0.69
CA GLN E 504 27.39 49.23 2.06
C GLN E 504 26.08 48.56 2.36
N TYR E 505 25.15 48.61 1.41
CA TYR E 505 23.86 47.97 1.62
C TYR E 505 23.96 46.44 1.61
N ALA E 506 24.85 45.91 0.78
CA ALA E 506 25.03 44.47 0.71
C ALA E 506 25.63 44.02 2.04
N ALA E 507 26.73 44.67 2.41
CA ALA E 507 27.43 44.39 3.66
C ALA E 507 26.50 44.45 4.85
N SER E 508 25.51 45.33 4.77
CA SER E 508 24.56 45.49 5.87
C SER E 508 23.68 44.27 6.09
N VAL E 509 22.93 43.87 5.06
CA VAL E 509 22.04 42.74 5.18
C VAL E 509 22.84 41.45 5.39
N ALA E 510 24.03 41.38 4.81
CA ALA E 510 24.86 40.19 4.98
C ALA E 510 25.27 40.06 6.45
N GLY E 511 25.66 41.18 7.04
CA GLY E 511 26.07 41.15 8.43
C GLY E 511 24.93 40.73 9.33
N LEU E 512 23.73 41.22 9.00
CA LEU E 512 22.55 40.89 9.79
C LEU E 512 22.24 39.41 9.71
N MET E 513 22.28 38.84 8.51
CA MET E 513 22.00 37.41 8.34
C MET E 513 23.03 36.51 9.03
N ILE E 514 24.30 36.86 8.89
CA ILE E 514 25.38 36.11 9.54
C ILE E 514 25.22 36.11 11.07
N THR E 515 24.56 37.13 11.62
CA THR E 515 24.35 37.19 13.06
C THR E 515 22.91 36.90 13.45
N THR E 516 22.25 36.04 12.67
CA THR E 516 20.86 35.66 12.94
C THR E 516 20.87 34.25 13.49
N GLU E 517 20.18 34.03 14.61
CA GLU E 517 20.15 32.73 15.27
C GLU E 517 18.79 32.07 15.32
N CYS E 518 17.75 32.86 15.07
CA CYS E 518 16.40 32.32 15.11
C CYS E 518 15.48 32.98 14.09
N MET E 519 14.62 32.18 13.47
CA MET E 519 13.67 32.66 12.48
C MET E 519 12.26 32.18 12.83
N VAL E 520 11.28 33.07 12.76
CA VAL E 520 9.90 32.73 13.10
C VAL E 520 8.97 33.07 11.94
N THR E 521 8.14 32.12 11.55
CA THR E 521 7.21 32.34 10.46
C THR E 521 5.97 31.50 10.69
N ASP E 522 4.88 31.82 10.00
CA ASP E 522 3.64 31.07 10.13
C ASP E 522 3.80 29.66 9.60
N LEU E 523 3.02 28.76 10.17
CA LEU E 523 3.08 27.37 9.78
C LEU E 523 2.45 27.29 8.40
N PRO E 524 3.05 26.51 7.49
CA PRO E 524 2.50 26.38 6.14
C PRO E 524 1.05 25.91 6.12
N LYS E 525 0.53 25.55 7.30
CA LYS E 525 -0.85 25.10 7.41
C LYS E 525 -1.81 26.29 7.44
N SER F 1 -22.93 48.81 3.66
CA SER F 1 -22.23 49.54 4.71
C SER F 1 -21.95 50.99 4.30
N TRP F 2 -21.46 51.16 3.07
CA TRP F 2 -21.13 52.47 2.53
C TRP F 2 -22.31 53.13 1.82
N MET F 3 -22.21 54.44 1.61
CA MET F 3 -23.25 55.20 0.95
C MET F 3 -22.71 55.85 -0.31
N THR F 4 -23.60 56.41 -1.12
CA THR F 4 -23.20 57.06 -2.36
C THR F 4 -23.82 58.44 -2.48
N THR F 5 -23.00 59.42 -2.81
CA THR F 5 -23.49 60.77 -2.98
C THR F 5 -24.13 60.84 -4.38
N PRO F 6 -24.92 61.89 -4.65
CA PRO F 6 -25.56 62.02 -5.96
C PRO F 6 -24.52 61.93 -7.07
N TRP F 7 -23.38 62.60 -6.90
CA TRP F 7 -22.32 62.59 -7.91
C TRP F 7 -21.53 61.29 -7.99
N GLY F 8 -21.95 60.29 -7.22
CA GLY F 8 -21.29 59.00 -7.28
C GLY F 8 -20.17 58.68 -6.31
N PHE F 9 -19.88 59.57 -5.37
CA PHE F 9 -18.80 59.33 -4.41
C PHE F 9 -19.20 58.26 -3.40
N LEU F 10 -18.46 57.16 -3.39
CA LEU F 10 -18.72 56.06 -2.46
C LEU F 10 -17.99 56.37 -1.15
N HIS F 11 -18.68 56.29 -0.02
CA HIS F 11 -18.04 56.61 1.27
C HIS F 11 -18.77 56.05 2.49
N PRO F 12 -18.07 55.97 3.64
CA PRO F 12 -18.67 55.47 4.87
C PRO F 12 -19.69 56.46 5.44
N ALA G 1 2.59 35.69 -5.72
CA ALA G 1 2.60 34.35 -5.04
C ALA G 1 3.99 33.70 -5.16
N ALA G 2 4.19 32.57 -4.50
CA ALA G 2 5.46 31.88 -4.56
C ALA G 2 5.69 31.52 -6.02
N LYS G 3 6.92 31.65 -6.46
CA LYS G 3 7.26 31.35 -7.84
C LYS G 3 8.10 30.09 -7.93
N ASP G 4 8.16 29.53 -9.12
CA ASP G 4 8.97 28.37 -9.37
C ASP G 4 10.00 28.96 -10.33
N VAL G 5 11.27 28.90 -9.96
CA VAL G 5 12.32 29.45 -10.78
C VAL G 5 13.23 28.38 -11.38
N LYS G 6 13.35 28.37 -12.70
CA LYS G 6 14.21 27.40 -13.37
C LYS G 6 15.37 28.10 -14.03
N PHE G 7 16.50 27.39 -14.16
CA PHE G 7 17.70 27.97 -14.74
C PHE G 7 18.30 27.21 -15.91
N GLY G 8 19.26 27.88 -16.55
CA GLY G 8 19.97 27.33 -17.69
C GLY G 8 19.34 26.19 -18.48
N ASN G 9 19.99 25.04 -18.44
CA ASN G 9 19.53 23.89 -19.19
C ASN G 9 18.11 23.45 -18.88
N ASP G 10 17.73 23.43 -17.61
CA ASP G 10 16.39 23.01 -17.27
C ASP G 10 15.38 23.94 -17.94
N ALA G 11 15.64 25.25 -17.82
CA ALA G 11 14.76 26.25 -18.40
C ALA G 11 14.69 26.08 -19.92
N ARG G 12 15.83 25.86 -20.54
CA ARG G 12 15.88 25.70 -21.99
C ARG G 12 15.09 24.50 -22.53
N VAL G 13 15.28 23.31 -21.96
CA VAL G 13 14.55 22.16 -22.47
C VAL G 13 13.04 22.36 -22.37
N LYS G 14 12.60 23.03 -21.30
CA LYS G 14 11.18 23.30 -21.11
C LYS G 14 10.68 24.14 -22.29
N MET G 15 11.36 25.24 -22.59
CA MET G 15 10.97 26.08 -23.70
C MET G 15 10.95 25.28 -25.00
N LEU G 16 12.02 24.52 -25.24
CA LEU G 16 12.08 23.73 -26.44
C LEU G 16 10.83 22.86 -26.59
N ARG G 17 10.47 22.12 -25.54
CA ARG G 17 9.29 21.26 -25.58
C ARG G 17 8.02 22.03 -25.88
N GLY G 18 7.92 23.21 -25.29
CA GLY G 18 6.77 24.07 -25.50
C GLY G 18 6.62 24.48 -26.96
N VAL G 19 7.69 24.97 -27.57
CA VAL G 19 7.59 25.37 -28.97
C VAL G 19 7.44 24.14 -29.88
N ASN G 20 7.92 22.98 -29.43
CA ASN G 20 7.79 21.80 -30.26
C ASN G 20 6.31 21.42 -30.37
N VAL G 21 5.57 21.60 -29.29
CA VAL G 21 4.15 21.29 -29.35
C VAL G 21 3.47 22.27 -30.31
N LEU G 22 3.82 23.54 -30.15
CA LEU G 22 3.25 24.58 -30.98
C LEU G 22 3.59 24.36 -32.45
N ALA G 23 4.88 24.41 -32.77
CA ALA G 23 5.31 24.23 -34.16
C ALA G 23 4.81 22.92 -34.77
N ASP G 24 4.95 21.80 -34.05
CA ASP G 24 4.52 20.51 -34.58
C ASP G 24 3.04 20.49 -34.93
N ALA G 25 2.23 21.17 -34.13
CA ALA G 25 0.80 21.24 -34.34
C ALA G 25 0.48 22.10 -35.54
N VAL G 26 1.18 23.22 -35.66
CA VAL G 26 0.96 24.15 -36.74
C VAL G 26 1.52 23.75 -38.09
N LYS G 27 2.76 23.25 -38.13
CA LYS G 27 3.38 22.89 -39.40
C LYS G 27 2.74 21.78 -40.20
N VAL G 28 1.83 21.01 -39.61
CA VAL G 28 1.21 19.95 -40.39
C VAL G 28 0.30 20.54 -41.46
N THR G 29 -0.04 21.81 -41.32
CA THR G 29 -0.94 22.44 -42.26
C THR G 29 -0.22 23.09 -43.43
N LEU G 30 1.08 23.29 -43.27
CA LEU G 30 1.92 23.94 -44.28
C LEU G 30 1.92 23.30 -45.66
N GLY G 31 1.77 24.12 -46.71
CA GLY G 31 1.82 23.60 -48.07
C GLY G 31 0.51 23.14 -48.68
N PRO G 32 0.48 22.92 -50.01
CA PRO G 32 -0.73 22.46 -50.71
C PRO G 32 -1.21 21.07 -50.32
N LYS G 33 -0.35 20.28 -49.69
CA LYS G 33 -0.75 18.94 -49.24
C LYS G 33 -0.85 18.94 -47.70
N GLY G 34 -1.07 20.13 -47.15
CA GLY G 34 -1.17 20.30 -45.72
C GLY G 34 -2.25 19.43 -45.14
N ARG G 35 -2.07 18.99 -43.89
CA ARG G 35 -3.03 18.12 -43.22
C ARG G 35 -4.03 18.92 -42.40
N ASN G 36 -5.12 18.27 -42.01
CA ASN G 36 -6.15 18.91 -41.20
C ASN G 36 -5.82 18.78 -39.70
N VAL G 37 -6.20 19.80 -38.94
CA VAL G 37 -6.02 19.79 -37.52
C VAL G 37 -7.43 19.92 -36.99
N VAL G 38 -7.78 19.13 -35.99
CA VAL G 38 -9.11 19.20 -35.42
C VAL G 38 -9.06 19.95 -34.09
N LEU G 39 -9.78 21.05 -34.02
CA LEU G 39 -9.81 21.85 -32.80
C LEU G 39 -11.18 21.67 -32.16
N ASP G 40 -11.15 21.25 -30.90
CA ASP G 40 -12.38 21.01 -30.16
C ASP G 40 -13.08 22.31 -29.76
N LYS G 41 -14.37 22.20 -29.45
CA LYS G 41 -15.17 23.35 -29.06
C LYS G 41 -15.94 22.96 -27.82
N SER G 42 -16.22 23.94 -26.96
CA SER G 42 -16.97 23.67 -25.75
C SER G 42 -18.38 23.16 -26.09
N PHE G 43 -18.99 23.74 -27.12
CA PHE G 43 -20.34 23.33 -27.52
C PHE G 43 -20.48 23.24 -29.03
N GLY G 44 -20.87 22.07 -29.51
CA GLY G 44 -21.06 21.88 -30.94
C GLY G 44 -20.19 20.78 -31.53
N ALA G 45 -19.86 20.92 -32.81
CA ALA G 45 -19.02 19.95 -33.50
C ALA G 45 -17.62 20.53 -33.61
N PRO G 46 -16.59 19.67 -33.53
CA PRO G 46 -15.20 20.13 -33.60
C PRO G 46 -14.96 20.94 -34.86
N THR G 47 -13.92 21.75 -34.85
CA THR G 47 -13.55 22.54 -36.01
C THR G 47 -12.44 21.79 -36.74
N ILE G 48 -12.61 21.63 -38.05
CA ILE G 48 -11.61 20.97 -38.85
C ILE G 48 -10.97 22.06 -39.70
N THR G 49 -9.69 22.32 -39.48
CA THR G 49 -9.02 23.39 -40.21
C THR G 49 -7.60 23.10 -40.69
N LYS G 50 -7.22 23.83 -41.73
CA LYS G 50 -5.87 23.75 -42.28
C LYS G 50 -5.22 25.13 -42.11
N ASP G 51 -5.83 25.95 -41.26
CA ASP G 51 -5.34 27.30 -41.01
C ASP G 51 -4.39 27.36 -39.82
N GLY G 52 -3.09 27.36 -40.11
CA GLY G 52 -2.09 27.42 -39.06
C GLY G 52 -2.36 28.46 -37.99
N VAL G 53 -2.86 29.63 -38.38
CA VAL G 53 -3.14 30.66 -37.40
C VAL G 53 -4.21 30.22 -36.41
N SER G 54 -5.27 29.58 -36.90
CA SER G 54 -6.32 29.10 -36.02
C SER G 54 -5.77 28.10 -35.00
N VAL G 55 -4.93 27.19 -35.47
CA VAL G 55 -4.34 26.20 -34.61
C VAL G 55 -3.49 26.88 -33.53
N ALA G 56 -2.60 27.76 -33.96
CA ALA G 56 -1.74 28.49 -33.03
C ALA G 56 -2.51 29.16 -31.86
N ARG G 57 -3.63 29.78 -32.19
CA ARG G 57 -4.48 30.47 -31.21
C ARG G 57 -4.95 29.52 -30.10
N GLU G 58 -5.21 28.27 -30.44
CA GLU G 58 -5.68 27.28 -29.48
C GLU G 58 -4.60 26.65 -28.60
N ILE G 59 -3.33 26.85 -28.94
CA ILE G 59 -2.25 26.23 -28.16
C ILE G 59 -1.87 26.85 -26.82
N GLU G 60 -2.11 26.10 -25.76
CA GLU G 60 -1.80 26.49 -24.38
C GLU G 60 -1.40 25.20 -23.68
N LEU G 61 -0.22 25.18 -23.07
CA LEU G 61 0.26 23.97 -22.43
C LEU G 61 0.07 23.94 -20.93
N GLU G 62 -0.03 22.73 -20.37
CA GLU G 62 -0.20 22.56 -18.93
C GLU G 62 1.02 22.95 -18.13
N ASP G 63 2.20 22.50 -18.55
CA ASP G 63 3.45 22.88 -17.87
C ASP G 63 3.74 24.37 -18.10
N LYS G 64 3.71 25.15 -17.03
CA LYS G 64 3.93 26.58 -17.13
C LYS G 64 5.17 27.01 -17.89
N PHE G 65 6.27 26.29 -17.73
CA PHE G 65 7.51 26.65 -18.43
C PHE G 65 7.38 26.34 -19.91
N GLU G 66 6.88 25.15 -20.20
CA GLU G 66 6.71 24.77 -21.59
C GLU G 66 5.73 25.74 -22.24
N ASN G 67 4.73 26.20 -21.47
CA ASN G 67 3.74 27.12 -21.99
C ASN G 67 4.35 28.46 -22.33
N MET G 68 5.26 28.95 -21.49
CA MET G 68 5.93 30.22 -21.75
C MET G 68 6.67 30.09 -23.07
N GLY G 69 7.25 28.91 -23.30
CA GLY G 69 7.95 28.69 -24.56
C GLY G 69 7.03 28.90 -25.74
N ALA G 70 5.90 28.21 -25.71
CA ALA G 70 4.92 28.32 -26.77
C ALA G 70 4.39 29.74 -26.94
N GLN G 71 4.01 30.39 -25.85
CA GLN G 71 3.48 31.74 -25.93
C GLN G 71 4.45 32.76 -26.51
N MET G 72 5.75 32.56 -26.31
CA MET G 72 6.73 33.48 -26.83
C MET G 72 6.83 33.45 -28.36
N VAL G 73 7.04 32.29 -28.96
CA VAL G 73 7.14 32.26 -30.40
C VAL G 73 5.76 32.53 -30.99
N LYS G 74 4.74 32.07 -30.29
CA LYS G 74 3.39 32.29 -30.72
C LYS G 74 3.16 33.79 -30.88
N GLU G 75 3.72 34.57 -29.96
CA GLU G 75 3.60 36.03 -29.97
C GLU G 75 4.30 36.79 -31.09
N VAL G 76 5.61 36.57 -31.24
CA VAL G 76 6.34 37.27 -32.29
C VAL G 76 5.96 36.73 -33.65
N ALA G 77 5.54 35.47 -33.71
CA ALA G 77 5.17 34.90 -34.99
C ALA G 77 3.94 35.66 -35.48
N SER G 78 3.04 35.97 -34.57
CA SER G 78 1.84 36.69 -34.97
C SER G 78 2.21 38.09 -35.46
N LYS G 79 3.30 38.65 -34.93
CA LYS G 79 3.73 39.98 -35.37
C LYS G 79 3.96 39.98 -36.88
N ALA G 80 4.37 38.83 -37.41
CA ALA G 80 4.61 38.67 -38.84
C ALA G 80 3.33 38.87 -39.63
N ASN G 81 2.31 38.09 -39.29
CA ASN G 81 1.01 38.17 -39.96
C ASN G 81 0.50 39.61 -39.91
N ASP G 82 0.75 40.31 -38.81
CA ASP G 82 0.30 41.69 -38.68
C ASP G 82 1.03 42.61 -39.66
N ALA G 83 2.34 42.38 -39.81
CA ALA G 83 3.16 43.18 -40.69
C ALA G 83 2.98 42.93 -42.18
N ALA G 84 2.70 41.69 -42.57
CA ALA G 84 2.55 41.39 -43.99
C ALA G 84 1.28 40.59 -44.34
N GLY G 85 0.40 40.41 -43.37
CA GLY G 85 -0.82 39.67 -43.62
C GLY G 85 -0.61 38.19 -43.85
N ASP G 86 0.58 37.69 -43.53
CA ASP G 86 0.88 36.28 -43.73
C ASP G 86 2.25 35.93 -43.17
N GLY G 87 2.53 34.63 -43.03
CA GLY G 87 3.82 34.19 -42.54
C GLY G 87 3.96 33.68 -41.11
N THR G 88 2.90 33.71 -40.31
CA THR G 88 3.02 33.23 -38.94
C THR G 88 3.45 31.77 -38.88
N THR G 89 2.78 30.90 -39.62
CA THR G 89 3.15 29.49 -39.62
C THR G 89 4.61 29.35 -40.03
N THR G 90 5.00 30.02 -41.11
CA THR G 90 6.37 29.94 -41.57
C THR G 90 7.30 30.39 -40.46
N ALA G 91 6.99 31.54 -39.88
CA ALA G 91 7.80 32.09 -38.79
C ALA G 91 7.92 31.06 -37.66
N THR G 92 6.83 30.37 -37.35
CA THR G 92 6.80 29.38 -36.31
C THR G 92 7.70 28.19 -36.62
N VAL G 93 7.66 27.64 -37.83
CA VAL G 93 8.51 26.50 -38.13
C VAL G 93 9.95 26.94 -38.22
N LEU G 94 10.17 28.18 -38.67
CA LEU G 94 11.53 28.72 -38.75
C LEU G 94 12.10 28.86 -37.35
N ALA G 95 11.27 29.31 -36.41
CA ALA G 95 11.69 29.48 -35.04
C ALA G 95 12.03 28.12 -34.42
N GLN G 96 11.23 27.09 -34.70
CA GLN G 96 11.49 25.78 -34.13
C GLN G 96 12.86 25.29 -34.60
N ALA G 97 13.16 25.54 -35.87
CA ALA G 97 14.42 25.10 -36.45
C ALA G 97 15.62 25.81 -35.85
N ILE G 98 15.55 27.12 -35.76
CA ILE G 98 16.66 27.86 -35.19
C ILE G 98 16.85 27.48 -33.74
N ILE G 99 15.77 27.48 -32.97
CA ILE G 99 15.85 27.15 -31.55
C ILE G 99 16.40 25.74 -31.29
N THR G 100 15.89 24.76 -32.04
CA THR G 100 16.33 23.38 -31.85
C THR G 100 17.82 23.22 -31.99
N GLU G 101 18.38 23.70 -33.09
CA GLU G 101 19.82 23.58 -33.31
C GLU G 101 20.57 24.53 -32.41
N GLY G 102 20.06 25.75 -32.27
CA GLY G 102 20.73 26.71 -31.43
C GLY G 102 20.92 26.19 -30.02
N LEU G 103 19.89 25.55 -29.47
CA LEU G 103 19.98 25.00 -28.12
C LEU G 103 20.95 23.83 -28.07
N LYS G 104 21.05 23.06 -29.15
CA LYS G 104 21.99 21.95 -29.17
C LYS G 104 23.39 22.52 -29.04
N ALA G 105 23.70 23.55 -29.82
CA ALA G 105 25.01 24.18 -29.76
C ALA G 105 25.30 24.67 -28.35
N VAL G 106 24.28 25.24 -27.69
CA VAL G 106 24.47 25.74 -26.34
C VAL G 106 24.85 24.61 -25.40
N ALA G 107 24.10 23.51 -25.46
CA ALA G 107 24.35 22.36 -24.60
C ALA G 107 25.74 21.79 -24.88
N ALA G 108 26.22 21.99 -26.10
CA ALA G 108 27.53 21.50 -26.48
C ALA G 108 28.59 22.42 -25.90
N GLY G 109 28.14 23.45 -25.20
CA GLY G 109 29.08 24.38 -24.58
C GLY G 109 29.46 25.62 -25.37
N MET G 110 28.74 25.91 -26.45
CA MET G 110 29.05 27.09 -27.24
C MET G 110 28.44 28.34 -26.62
N ASN G 111 29.07 29.48 -26.91
CA ASN G 111 28.62 30.76 -26.37
C ASN G 111 27.27 31.21 -26.91
N PRO G 112 26.25 31.32 -26.05
CA PRO G 112 24.93 31.75 -26.50
C PRO G 112 24.97 33.10 -27.26
N MET G 113 25.63 34.09 -26.69
CA MET G 113 25.71 35.40 -27.32
C MET G 113 26.34 35.35 -28.72
N ASP G 114 27.42 34.59 -28.89
CA ASP G 114 28.05 34.50 -30.20
C ASP G 114 27.12 33.76 -31.15
N LEU G 115 26.44 32.73 -30.65
CA LEU G 115 25.50 31.97 -31.49
C LEU G 115 24.44 32.93 -32.02
N LYS G 116 23.95 33.80 -31.15
CA LYS G 116 22.93 34.74 -31.55
C LYS G 116 23.47 35.74 -32.57
N ARG G 117 24.70 36.21 -32.38
CA ARG G 117 25.27 37.17 -33.32
C ARG G 117 25.36 36.53 -34.70
N GLY G 118 25.74 35.26 -34.74
CA GLY G 118 25.86 34.54 -36.01
C GLY G 118 24.52 34.41 -36.72
N ILE G 119 23.50 34.02 -35.97
CA ILE G 119 22.15 33.85 -36.53
C ILE G 119 21.74 35.19 -37.14
N ASP G 120 21.92 36.25 -36.37
CA ASP G 120 21.57 37.59 -36.82
C ASP G 120 22.34 38.01 -38.07
N LYS G 121 23.65 37.74 -38.09
CA LYS G 121 24.44 38.10 -39.24
C LYS G 121 23.92 37.35 -40.46
N ALA G 122 23.63 36.07 -40.30
CA ALA G 122 23.12 35.27 -41.42
C ALA G 122 21.79 35.82 -41.90
N VAL G 123 20.93 36.24 -40.96
CA VAL G 123 19.62 36.77 -41.32
C VAL G 123 19.75 38.07 -42.10
N THR G 124 20.61 38.96 -41.64
CA THR G 124 20.79 40.22 -42.36
C THR G 124 21.23 39.93 -43.78
N ALA G 125 22.21 39.04 -43.92
CA ALA G 125 22.71 38.67 -45.23
C ALA G 125 21.55 38.14 -46.06
N ALA G 126 20.80 37.23 -45.47
CA ALA G 126 19.67 36.61 -46.16
C ALA G 126 18.62 37.61 -46.63
N VAL G 127 18.33 38.63 -45.82
CA VAL G 127 17.32 39.60 -46.21
C VAL G 127 17.78 40.40 -47.42
N GLU G 128 19.08 40.66 -47.51
CA GLU G 128 19.61 41.39 -48.65
C GLU G 128 19.50 40.51 -49.88
N GLU G 129 19.92 39.26 -49.73
CA GLU G 129 19.87 38.28 -50.81
C GLU G 129 18.43 38.12 -51.28
N LEU G 130 17.51 38.33 -50.36
CA LEU G 130 16.08 38.21 -50.64
C LEU G 130 15.61 39.38 -51.50
N LYS G 131 16.10 40.59 -51.18
CA LYS G 131 15.73 41.76 -51.96
C LYS G 131 16.23 41.60 -53.39
N ALA G 132 17.44 41.07 -53.53
CA ALA G 132 18.01 40.84 -54.84
C ALA G 132 17.14 39.91 -55.66
N LEU G 133 16.76 38.79 -55.05
CA LEU G 133 15.92 37.78 -55.71
C LEU G 133 14.53 38.33 -56.06
N SER G 134 14.08 39.32 -55.30
CA SER G 134 12.76 39.90 -55.49
C SER G 134 12.47 40.47 -56.88
N VAL G 135 11.27 40.19 -57.37
CA VAL G 135 10.78 40.68 -58.66
C VAL G 135 9.82 41.81 -58.38
N PRO G 136 10.03 42.96 -59.01
CA PRO G 136 9.14 44.09 -58.78
C PRO G 136 7.72 43.83 -59.21
N CYS G 137 6.80 44.56 -58.60
CA CYS G 137 5.39 44.46 -58.90
C CYS G 137 4.90 45.91 -58.82
N SER G 138 5.24 46.69 -59.85
CA SER G 138 4.91 48.11 -59.88
C SER G 138 3.80 48.58 -60.83
N ASP G 139 3.58 47.88 -61.93
CA ASP G 139 2.53 48.29 -62.84
C ASP G 139 1.24 47.52 -62.56
N SER G 140 0.11 48.05 -63.02
CA SER G 140 -1.17 47.40 -62.77
C SER G 140 -1.26 45.97 -63.34
N LYS G 141 -0.49 45.69 -64.38
CA LYS G 141 -0.51 44.37 -64.98
C LYS G 141 -0.06 43.38 -63.93
N ALA G 142 1.05 43.70 -63.27
CA ALA G 142 1.62 42.85 -62.23
C ALA G 142 0.70 42.81 -61.03
N ILE G 143 0.27 43.99 -60.60
CA ILE G 143 -0.64 44.11 -59.47
C ILE G 143 -1.82 43.17 -59.67
N ALA G 144 -2.34 43.12 -60.89
CA ALA G 144 -3.47 42.25 -61.20
C ALA G 144 -3.08 40.77 -61.13
N GLN G 145 -1.95 40.40 -61.71
CA GLN G 145 -1.51 39.01 -61.71
C GLN G 145 -1.40 38.48 -60.30
N VAL G 146 -0.73 39.24 -59.43
CA VAL G 146 -0.54 38.85 -58.04
C VAL G 146 -1.88 38.68 -57.35
N GLY G 147 -2.74 39.69 -57.48
CA GLY G 147 -4.05 39.60 -56.86
C GLY G 147 -4.83 38.39 -57.35
N THR G 148 -4.70 38.06 -58.62
CA THR G 148 -5.40 36.92 -59.20
C THR G 148 -4.89 35.64 -58.54
N ILE G 149 -3.57 35.54 -58.43
CA ILE G 149 -2.97 34.36 -57.80
C ILE G 149 -3.41 34.24 -56.35
N SER G 150 -3.52 35.36 -55.66
CA SER G 150 -3.94 35.38 -54.25
C SER G 150 -5.39 35.01 -54.10
N ALA G 151 -6.22 35.42 -55.07
CA ALA G 151 -7.64 35.14 -55.04
C ALA G 151 -7.93 33.74 -55.55
N ASN G 152 -6.88 32.92 -55.64
CA ASN G 152 -7.00 31.56 -56.11
C ASN G 152 -7.35 31.48 -57.59
N SER G 153 -6.67 32.29 -58.39
CA SER G 153 -6.86 32.32 -59.84
C SER G 153 -8.14 32.99 -60.33
N ASP G 154 -8.66 33.93 -59.54
CA ASP G 154 -9.87 34.65 -59.91
C ASP G 154 -9.48 35.99 -60.55
N GLU G 155 -9.41 36.03 -61.87
CA GLU G 155 -9.03 37.26 -62.56
C GLU G 155 -9.86 38.46 -62.14
N THR G 156 -11.09 38.20 -61.73
CA THR G 156 -12.00 39.25 -61.31
C THR G 156 -11.38 40.04 -60.16
N VAL G 157 -11.00 39.32 -59.11
CA VAL G 157 -10.39 39.95 -57.95
C VAL G 157 -9.14 40.73 -58.35
N GLY G 158 -8.27 40.10 -59.13
CA GLY G 158 -7.07 40.77 -59.58
C GLY G 158 -7.42 42.08 -60.25
N LYS G 159 -8.42 42.05 -61.13
CA LYS G 159 -8.86 43.24 -61.85
C LYS G 159 -9.33 44.30 -60.88
N LEU G 160 -10.22 43.92 -59.96
CA LEU G 160 -10.74 44.86 -58.96
C LEU G 160 -9.65 45.59 -58.19
N ILE G 161 -8.73 44.83 -57.62
CA ILE G 161 -7.65 45.40 -56.84
C ILE G 161 -6.82 46.37 -57.67
N ALA G 162 -6.57 46.01 -58.92
CA ALA G 162 -5.78 46.86 -59.81
C ALA G 162 -6.51 48.17 -60.09
N GLU G 163 -7.82 48.08 -60.32
CA GLU G 163 -8.64 49.26 -60.59
C GLU G 163 -8.65 50.15 -59.35
N ALA G 164 -8.80 49.52 -58.18
CA ALA G 164 -8.84 50.25 -56.92
C ALA G 164 -7.53 51.01 -56.68
N MET G 165 -6.40 50.34 -56.88
CA MET G 165 -5.13 50.99 -56.66
C MET G 165 -4.90 52.08 -57.69
N ASP G 166 -5.47 51.90 -58.86
CA ASP G 166 -5.33 52.88 -59.92
C ASP G 166 -6.07 54.14 -59.53
N LYS G 167 -7.15 53.97 -58.79
CA LYS G 167 -7.99 55.08 -58.32
C LYS G 167 -7.37 55.89 -57.18
N VAL G 168 -6.86 55.21 -56.16
CA VAL G 168 -6.28 55.90 -55.02
C VAL G 168 -4.78 55.72 -54.81
N GLY G 169 -4.09 55.10 -55.77
CA GLY G 169 -2.66 54.89 -55.63
C GLY G 169 -2.40 53.57 -54.94
N LYS G 170 -1.23 52.97 -55.13
CA LYS G 170 -0.96 51.70 -54.47
C LYS G 170 -0.63 51.82 -52.99
N GLU G 171 -0.68 53.04 -52.49
CA GLU G 171 -0.41 53.29 -51.09
C GLU G 171 -1.65 53.96 -50.50
N GLY G 172 -2.75 53.89 -51.25
CA GLY G 172 -3.99 54.50 -50.79
C GLY G 172 -4.90 53.56 -50.01
N VAL G 173 -5.84 54.14 -49.29
CA VAL G 173 -6.78 53.36 -48.50
C VAL G 173 -7.81 52.62 -49.36
N ILE G 174 -7.95 51.33 -49.12
CA ILE G 174 -8.91 50.51 -49.86
C ILE G 174 -9.66 49.61 -48.88
N THR G 175 -10.99 49.61 -48.94
CA THR G 175 -11.82 48.79 -48.05
C THR G 175 -12.73 47.91 -48.88
N VAL G 176 -13.20 46.80 -48.30
CA VAL G 176 -14.10 45.91 -49.03
C VAL G 176 -15.39 45.76 -48.22
N GLU G 177 -16.52 45.67 -48.92
CA GLU G 177 -17.81 45.54 -48.24
C GLU G 177 -18.69 44.58 -49.03
N ASP G 178 -19.73 44.07 -48.37
CA ASP G 178 -20.66 43.18 -49.04
C ASP G 178 -21.30 44.02 -50.15
N GLY G 179 -21.58 43.40 -51.29
CA GLY G 179 -22.18 44.13 -52.39
C GLY G 179 -23.69 44.28 -52.29
N THR G 180 -24.27 45.03 -53.21
CA THR G 180 -25.70 45.24 -53.24
C THR G 180 -26.35 44.07 -53.98
N GLY G 181 -25.52 43.19 -54.53
CA GLY G 181 -26.03 42.02 -55.23
C GLY G 181 -25.58 41.82 -56.66
N LEU G 182 -24.75 40.80 -56.88
CA LEU G 182 -24.25 40.46 -58.22
C LEU G 182 -23.58 41.66 -58.88
N GLN G 183 -22.35 41.45 -59.36
CA GLN G 183 -21.59 42.51 -60.01
C GLN G 183 -20.93 43.40 -58.96
N ASP G 184 -19.62 43.55 -59.08
CA ASP G 184 -18.85 44.36 -58.16
C ASP G 184 -19.06 45.85 -58.42
N GLU G 185 -18.63 46.67 -57.48
CA GLU G 185 -18.76 48.11 -57.58
C GLU G 185 -17.54 48.73 -56.93
N LEU G 186 -16.95 49.71 -57.58
CA LEU G 186 -15.78 50.38 -57.02
C LEU G 186 -16.09 51.86 -56.91
N ASP G 187 -16.03 52.38 -55.70
CA ASP G 187 -16.33 53.79 -55.49
C ASP G 187 -15.31 54.46 -54.59
N VAL G 188 -15.07 55.72 -54.85
CA VAL G 188 -14.15 56.48 -54.04
C VAL G 188 -15.00 57.50 -53.31
N VAL G 189 -14.92 57.50 -51.99
CA VAL G 189 -15.72 58.42 -51.19
C VAL G 189 -14.85 59.21 -50.24
N GLU G 190 -15.45 60.15 -49.52
CA GLU G 190 -14.71 60.96 -48.54
C GLU G 190 -14.44 60.08 -47.35
N GLY G 191 -13.17 59.89 -47.03
CA GLY G 191 -12.83 59.03 -45.93
C GLY G 191 -11.42 59.21 -45.45
N MET G 192 -11.03 58.42 -44.46
CA MET G 192 -9.70 58.56 -43.94
C MET G 192 -9.33 57.32 -43.11
N GLN G 193 -8.06 57.20 -42.77
CA GLN G 193 -7.56 56.08 -41.99
C GLN G 193 -6.35 56.48 -41.15
N PHE G 194 -6.38 56.18 -39.86
CA PHE G 194 -5.25 56.50 -39.00
C PHE G 194 -4.81 55.30 -38.19
N ASP G 195 -3.59 55.37 -37.64
CA ASP G 195 -3.01 54.28 -36.86
C ASP G 195 -3.37 54.22 -35.38
N ARG G 196 -4.62 53.83 -35.12
CA ARG G 196 -5.11 53.69 -33.76
C ARG G 196 -6.13 52.58 -33.77
N GLY G 197 -5.91 51.55 -32.95
CA GLY G 197 -6.85 50.44 -32.90
C GLY G 197 -7.86 50.60 -31.80
N TYR G 198 -8.74 49.62 -31.67
CA TYR G 198 -9.74 49.66 -30.63
C TYR G 198 -9.07 49.74 -29.27
N LEU G 199 -9.72 50.43 -28.35
CA LEU G 199 -9.21 50.60 -27.00
C LEU G 199 -9.40 49.36 -26.14
N SER G 200 -9.82 48.27 -26.77
CA SER G 200 -10.00 47.01 -26.07
C SER G 200 -10.81 46.10 -26.95
N PRO G 201 -10.59 44.77 -26.86
CA PRO G 201 -11.41 43.92 -27.72
C PRO G 201 -12.83 44.05 -27.15
N TYR G 202 -13.63 43.00 -27.22
CA TYR G 202 -15.00 43.11 -26.71
C TYR G 202 -15.80 43.98 -27.66
N PHE G 203 -15.21 45.10 -28.08
CA PHE G 203 -15.87 45.99 -29.03
C PHE G 203 -16.02 45.18 -30.30
N ILE G 204 -15.05 44.30 -30.54
CA ILE G 204 -15.04 43.44 -31.71
C ILE G 204 -16.38 42.74 -31.91
N ASN G 205 -17.04 43.01 -33.03
CA ASN G 205 -18.32 42.40 -33.34
C ASN G 205 -18.19 41.55 -34.60
N LYS G 206 -16.96 41.30 -35.00
CA LYS G 206 -16.66 40.48 -36.18
C LYS G 206 -15.39 39.71 -35.88
N PRO G 207 -15.47 38.77 -34.92
CA PRO G 207 -14.36 37.91 -34.47
C PRO G 207 -13.57 37.21 -35.58
N GLU G 208 -14.22 36.88 -36.69
CA GLU G 208 -13.57 36.21 -37.81
C GLU G 208 -12.39 37.05 -38.22
N THR G 209 -12.58 38.36 -38.24
CA THR G 209 -11.55 39.29 -38.64
C THR G 209 -10.96 40.03 -37.44
N GLY G 210 -11.52 39.78 -36.26
CA GLY G 210 -11.02 40.46 -35.08
C GLY G 210 -11.09 41.95 -35.31
N ALA G 211 -12.23 42.39 -35.83
CA ALA G 211 -12.46 43.79 -36.15
C ALA G 211 -13.77 44.32 -35.60
N VAL G 212 -13.83 45.64 -35.46
CA VAL G 212 -15.05 46.31 -35.00
C VAL G 212 -15.64 46.97 -36.23
N GLU G 213 -16.93 46.71 -36.48
CA GLU G 213 -17.60 47.28 -37.64
C GLU G 213 -18.92 47.99 -37.26
N LEU G 214 -18.94 49.31 -37.43
CA LEU G 214 -20.09 50.13 -37.10
C LEU G 214 -20.75 50.66 -38.38
N GLU G 215 -22.09 50.65 -38.43
CA GLU G 215 -22.83 51.12 -39.58
C GLU G 215 -23.58 52.41 -39.29
N SER G 216 -23.35 53.41 -40.14
CA SER G 216 -24.00 54.72 -39.97
C SER G 216 -23.79 55.23 -38.54
N PRO G 217 -22.54 55.23 -38.07
CA PRO G 217 -22.25 55.69 -36.71
C PRO G 217 -22.04 57.17 -36.54
N PHE G 218 -22.28 57.65 -35.32
CA PHE G 218 -22.04 59.04 -34.97
C PHE G 218 -20.57 59.02 -34.56
N ILE G 219 -19.94 60.18 -34.51
CA ILE G 219 -18.54 60.21 -34.13
C ILE G 219 -18.29 61.34 -33.17
N LEU G 220 -17.91 61.01 -31.93
CA LEU G 220 -17.60 62.00 -30.91
C LEU G 220 -16.10 62.25 -30.88
N LEU G 221 -15.73 63.51 -31.12
CA LEU G 221 -14.33 63.90 -31.12
C LEU G 221 -14.06 64.72 -29.85
N ALA G 222 -13.32 64.15 -28.93
CA ALA G 222 -13.03 64.85 -27.68
C ALA G 222 -11.54 64.95 -27.44
N ASP G 223 -11.05 66.19 -27.40
CA ASP G 223 -9.63 66.48 -27.19
C ASP G 223 -9.31 66.46 -25.70
N LYS G 224 -9.53 65.30 -25.08
CA LYS G 224 -9.27 65.11 -23.65
C LYS G 224 -9.36 63.63 -23.29
N LYS G 225 -9.02 63.31 -22.05
CA LYS G 225 -9.08 61.94 -21.57
C LYS G 225 -10.36 61.77 -20.78
N ILE G 226 -11.06 60.67 -21.01
CA ILE G 226 -12.32 60.41 -20.34
C ILE G 226 -12.22 59.41 -19.20
N SER G 227 -12.48 59.90 -17.99
CA SER G 227 -12.43 59.08 -16.77
C SER G 227 -13.82 58.76 -16.23
N ASN G 228 -14.57 59.83 -15.96
CA ASN G 228 -15.91 59.69 -15.41
C ASN G 228 -16.91 59.54 -16.54
N ILE G 229 -17.39 58.33 -16.76
CA ILE G 229 -18.33 58.11 -17.86
C ILE G 229 -19.64 58.89 -17.68
N ARG G 230 -19.74 59.62 -16.57
CA ARG G 230 -20.94 60.42 -16.30
C ARG G 230 -21.03 61.51 -17.36
N GLU G 231 -19.90 62.15 -17.65
CA GLU G 231 -19.82 63.21 -18.65
C GLU G 231 -20.52 62.82 -19.93
N MET G 232 -20.43 61.53 -20.26
CA MET G 232 -21.00 60.99 -21.49
C MET G 232 -22.51 60.84 -21.52
N LEU G 233 -23.07 60.34 -20.41
CA LEU G 233 -24.51 60.10 -20.28
C LEU G 233 -25.43 60.96 -21.15
N PRO G 234 -25.41 62.28 -20.97
CA PRO G 234 -26.30 63.09 -21.81
C PRO G 234 -26.17 62.81 -23.31
N VAL G 235 -24.94 62.64 -23.79
CA VAL G 235 -24.71 62.37 -25.20
C VAL G 235 -25.06 60.92 -25.57
N LEU G 236 -24.61 59.98 -24.74
CA LEU G 236 -24.89 58.58 -24.99
C LEU G 236 -26.39 58.32 -25.04
N GLU G 237 -27.15 58.99 -24.16
CA GLU G 237 -28.58 58.81 -24.13
C GLU G 237 -29.15 59.26 -25.45
N ALA G 238 -28.58 60.35 -25.99
CA ALA G 238 -29.03 60.90 -27.27
C ALA G 238 -28.76 59.90 -28.39
N VAL G 239 -27.58 59.30 -28.34
CA VAL G 239 -27.19 58.31 -29.32
C VAL G 239 -27.98 57.02 -29.08
N ALA G 240 -28.40 56.82 -27.84
CA ALA G 240 -29.20 55.65 -27.46
C ALA G 240 -30.44 55.68 -28.34
N LYS G 241 -31.17 56.79 -28.28
CA LYS G 241 -32.34 56.97 -29.14
C LYS G 241 -31.69 57.11 -30.50
N ALA G 242 -32.47 57.25 -31.55
CA ALA G 242 -31.88 57.36 -32.89
C ALA G 242 -31.31 56.00 -33.30
N GLY G 243 -31.04 55.16 -32.31
CA GLY G 243 -30.53 53.83 -32.55
C GLY G 243 -29.38 53.73 -33.52
N LYS G 244 -28.33 54.49 -33.26
CA LYS G 244 -27.14 54.48 -34.11
C LYS G 244 -25.94 54.22 -33.25
N PRO G 245 -24.91 53.54 -33.81
CA PRO G 245 -23.69 53.24 -33.07
C PRO G 245 -22.85 54.50 -32.90
N LEU G 246 -21.94 54.48 -31.94
CA LEU G 246 -21.10 55.64 -31.68
C LEU G 246 -19.62 55.30 -31.58
N LEU G 247 -18.82 56.07 -32.28
CA LEU G 247 -17.38 55.91 -32.24
C LEU G 247 -16.83 57.04 -31.39
N ILE G 248 -16.12 56.69 -30.34
CA ILE G 248 -15.53 57.68 -29.46
C ILE G 248 -14.06 57.87 -29.82
N ILE G 249 -13.70 59.08 -30.22
CA ILE G 249 -12.32 59.39 -30.55
C ILE G 249 -11.83 60.41 -29.52
N ALA G 250 -11.22 59.91 -28.46
CA ALA G 250 -10.72 60.78 -27.39
C ALA G 250 -9.22 60.61 -27.19
N GLU G 251 -8.65 61.47 -26.37
CA GLU G 251 -7.23 61.41 -26.10
C GLU G 251 -6.97 60.07 -25.44
N ASP G 252 -8.02 59.53 -24.83
CA ASP G 252 -7.96 58.23 -24.17
C ASP G 252 -9.21 57.97 -23.33
N VAL G 253 -9.59 56.71 -23.20
CA VAL G 253 -10.74 56.33 -22.40
C VAL G 253 -10.22 55.40 -21.33
N GLU G 254 -10.24 55.86 -20.08
CA GLU G 254 -9.72 55.08 -18.97
C GLU G 254 -10.56 53.89 -18.50
N GLY G 255 -9.86 52.95 -17.87
CA GLY G 255 -10.44 51.73 -17.36
C GLY G 255 -11.92 51.64 -17.04
N GLU G 256 -12.34 52.31 -15.96
CA GLU G 256 -13.74 52.21 -15.54
C GLU G 256 -14.69 52.68 -16.64
N ALA G 257 -14.42 53.85 -17.19
CA ALA G 257 -15.26 54.42 -18.24
C ALA G 257 -15.38 53.42 -19.38
N LEU G 258 -14.25 52.86 -19.78
CA LEU G 258 -14.20 51.89 -20.87
C LEU G 258 -15.01 50.64 -20.50
N ALA G 259 -14.88 50.22 -19.25
CA ALA G 259 -15.62 49.06 -18.76
C ALA G 259 -17.11 49.28 -18.95
N THR G 260 -17.57 50.45 -18.56
CA THR G 260 -18.96 50.80 -18.69
C THR G 260 -19.43 50.68 -20.14
N LEU G 261 -18.68 51.24 -21.07
CA LEU G 261 -19.05 51.20 -22.48
C LEU G 261 -19.20 49.76 -22.96
N VAL G 262 -18.20 48.92 -22.67
CA VAL G 262 -18.25 47.53 -23.08
C VAL G 262 -19.53 46.86 -22.53
N VAL G 263 -19.72 46.94 -21.21
CA VAL G 263 -20.90 46.34 -20.59
C VAL G 263 -22.22 46.75 -21.23
N ASN G 264 -22.49 48.05 -21.24
CA ASN G 264 -23.71 48.58 -21.80
C ASN G 264 -23.98 48.30 -23.28
N THR G 265 -22.95 48.33 -24.13
CA THR G 265 -23.19 48.07 -25.54
C THR G 265 -23.43 46.57 -25.70
N MET G 266 -22.92 45.81 -24.75
CA MET G 266 -23.07 44.37 -24.73
C MET G 266 -24.47 43.98 -24.22
N ARG G 267 -25.19 44.94 -23.65
CA ARG G 267 -26.53 44.69 -23.15
C ARG G 267 -27.57 45.19 -24.14
N GLY G 268 -27.11 45.67 -25.30
CA GLY G 268 -28.02 46.14 -26.33
C GLY G 268 -28.31 47.64 -26.29
N ILE G 269 -28.15 48.24 -25.12
CA ILE G 269 -28.41 49.66 -24.96
C ILE G 269 -27.20 50.44 -25.40
N VAL G 270 -27.29 51.08 -26.55
CA VAL G 270 -26.16 51.88 -27.06
C VAL G 270 -24.93 51.10 -27.49
N LYS G 271 -24.59 51.16 -28.77
CA LYS G 271 -23.41 50.49 -29.29
C LYS G 271 -22.28 51.52 -29.38
N VAL G 272 -21.22 51.30 -28.64
CA VAL G 272 -20.10 52.24 -28.63
C VAL G 272 -18.80 51.52 -28.92
N ALA G 273 -17.81 52.29 -29.32
CA ALA G 273 -16.47 51.81 -29.62
C ALA G 273 -15.58 53.03 -29.45
N ALA G 274 -14.43 52.86 -28.80
CA ALA G 274 -13.54 53.99 -28.61
C ALA G 274 -12.11 53.70 -29.05
N VAL G 275 -11.41 54.73 -29.49
CA VAL G 275 -10.02 54.62 -29.93
C VAL G 275 -9.34 55.94 -29.59
N LYS G 276 -8.02 55.90 -29.41
CA LYS G 276 -7.28 57.12 -29.08
C LYS G 276 -7.21 58.03 -30.27
N ALA G 277 -7.04 59.32 -30.03
CA ALA G 277 -6.93 60.29 -31.12
C ALA G 277 -5.59 60.03 -31.83
N PRO G 278 -5.53 60.19 -33.16
CA PRO G 278 -4.30 59.96 -33.92
C PRO G 278 -3.19 60.92 -33.55
N GLY G 279 -1.95 60.44 -33.63
CA GLY G 279 -0.78 61.25 -33.31
C GLY G 279 -0.70 61.74 -31.87
N PHE G 280 0.25 62.65 -31.61
CA PHE G 280 0.45 63.23 -30.29
C PHE G 280 0.88 64.68 -30.43
N GLY G 281 1.00 65.36 -29.29
CA GLY G 281 1.42 66.75 -29.31
C GLY G 281 0.47 67.70 -29.99
N ASP G 282 1.01 68.52 -30.88
CA ASP G 282 0.20 69.50 -31.60
C ASP G 282 -0.43 68.93 -32.87
N ARG G 283 0.31 68.06 -33.56
CA ARG G 283 -0.23 67.46 -34.78
C ARG G 283 -1.42 66.58 -34.42
N ARG G 284 -1.70 66.43 -33.13
CA ARG G 284 -2.84 65.65 -32.68
C ARG G 284 -4.07 66.52 -32.74
N LYS G 285 -3.99 67.70 -32.15
CA LYS G 285 -5.10 68.63 -32.15
C LYS G 285 -5.55 68.95 -33.57
N ALA G 286 -4.58 69.04 -34.48
CA ALA G 286 -4.86 69.34 -35.88
C ALA G 286 -5.59 68.18 -36.54
N MET G 287 -5.03 66.98 -36.41
CA MET G 287 -5.65 65.81 -37.01
C MET G 287 -7.05 65.57 -36.46
N LEU G 288 -7.25 65.85 -35.18
CA LEU G 288 -8.55 65.66 -34.58
C LEU G 288 -9.56 66.51 -35.31
N GLN G 289 -9.10 67.69 -35.72
CA GLN G 289 -9.95 68.62 -36.44
C GLN G 289 -10.26 68.13 -37.84
N ASP G 290 -9.24 67.61 -38.53
CA ASP G 290 -9.43 67.10 -39.88
C ASP G 290 -10.59 66.12 -39.87
N ILE G 291 -10.55 65.16 -38.94
CA ILE G 291 -11.59 64.15 -38.82
C ILE G 291 -12.94 64.83 -38.62
N ALA G 292 -12.94 65.91 -37.84
CA ALA G 292 -14.18 66.64 -37.58
C ALA G 292 -14.73 67.20 -38.88
N THR G 293 -13.88 67.92 -39.62
CA THR G 293 -14.28 68.51 -40.89
C THR G 293 -14.73 67.45 -41.88
N LEU G 294 -14.02 66.33 -41.88
CA LEU G 294 -14.29 65.21 -42.78
C LEU G 294 -15.63 64.54 -42.49
N THR G 295 -15.99 64.46 -41.21
CA THR G 295 -17.23 63.83 -40.79
C THR G 295 -18.31 64.81 -40.40
N GLY G 296 -18.04 66.10 -40.55
CA GLY G 296 -19.01 67.12 -40.21
C GLY G 296 -19.29 67.20 -38.73
N GLY G 297 -18.29 66.88 -37.92
CA GLY G 297 -18.47 66.94 -36.48
C GLY G 297 -17.74 68.12 -35.89
N THR G 298 -17.95 68.34 -34.60
CA THR G 298 -17.30 69.44 -33.88
C THR G 298 -16.41 68.88 -32.78
N VAL G 299 -15.14 69.27 -32.78
CA VAL G 299 -14.20 68.80 -31.78
C VAL G 299 -14.57 69.44 -30.45
N ILE G 300 -14.57 68.64 -29.39
CA ILE G 300 -14.93 69.14 -28.07
C ILE G 300 -13.69 69.19 -27.19
N SER G 301 -13.09 70.38 -27.10
CA SER G 301 -11.88 70.56 -26.29
C SER G 301 -12.14 71.43 -25.07
N GLU G 302 -11.49 71.07 -23.96
CA GLU G 302 -11.62 71.79 -22.69
C GLU G 302 -10.97 73.17 -22.78
N GLU G 303 -9.89 73.26 -23.56
CA GLU G 303 -9.18 74.52 -23.72
C GLU G 303 -10.13 75.67 -24.05
N ILE G 304 -10.94 75.50 -25.10
CA ILE G 304 -11.90 76.52 -25.50
C ILE G 304 -13.00 76.63 -24.44
N GLY G 305 -13.03 75.68 -23.51
CA GLY G 305 -14.04 75.71 -22.46
C GLY G 305 -15.31 74.95 -22.75
N MET G 306 -15.25 73.99 -23.67
CA MET G 306 -16.41 73.18 -24.01
C MET G 306 -16.54 72.02 -23.03
N GLU G 307 -17.77 71.55 -22.83
CA GLU G 307 -18.03 70.44 -21.92
C GLU G 307 -18.77 69.31 -22.64
N LEU G 308 -18.48 68.07 -22.25
CA LEU G 308 -19.13 66.92 -22.87
C LEU G 308 -20.60 66.84 -22.51
N GLU G 309 -20.95 67.21 -21.29
CA GLU G 309 -22.34 67.16 -20.85
C GLU G 309 -23.22 68.02 -21.75
N LYS G 310 -22.66 69.11 -22.26
CA LYS G 310 -23.43 70.01 -23.10
C LYS G 310 -23.31 69.70 -24.60
N ALA G 311 -22.84 68.49 -24.92
CA ALA G 311 -22.68 68.09 -26.32
C ALA G 311 -23.94 67.40 -26.83
N THR G 312 -24.43 67.86 -27.99
CA THR G 312 -25.63 67.28 -28.58
C THR G 312 -25.28 66.50 -29.84
N LEU G 313 -26.25 65.75 -30.36
CA LEU G 313 -26.02 64.96 -31.56
C LEU G 313 -25.48 65.81 -32.70
N GLU G 314 -25.85 67.09 -32.71
CA GLU G 314 -25.41 67.98 -33.76
C GLU G 314 -23.91 68.26 -33.72
N ASP G 315 -23.27 68.02 -32.59
CA ASP G 315 -21.84 68.23 -32.44
C ASP G 315 -21.08 67.03 -32.96
N LEU G 316 -21.74 65.87 -32.97
CA LEU G 316 -21.16 64.62 -33.43
C LEU G 316 -20.99 64.53 -34.95
N GLY G 317 -19.91 63.90 -35.37
CA GLY G 317 -19.64 63.75 -36.78
C GLY G 317 -20.51 62.62 -37.28
N GLN G 318 -20.29 62.18 -38.52
CA GLN G 318 -21.11 61.13 -39.06
C GLN G 318 -20.46 60.52 -40.29
N ALA G 319 -20.63 59.21 -40.46
CA ALA G 319 -20.06 58.49 -41.59
C ALA G 319 -20.88 57.25 -41.85
N LYS G 320 -20.82 56.71 -43.06
CA LYS G 320 -21.58 55.51 -43.37
C LYS G 320 -21.04 54.22 -42.75
N ARG G 321 -19.74 54.18 -42.51
CA ARG G 321 -19.14 52.98 -41.96
C ARG G 321 -17.74 53.23 -41.43
N VAL G 322 -17.43 52.67 -40.26
CA VAL G 322 -16.10 52.78 -39.68
C VAL G 322 -15.64 51.37 -39.39
N VAL G 323 -14.36 51.10 -39.57
CA VAL G 323 -13.84 49.77 -39.32
C VAL G 323 -12.62 49.90 -38.41
N ILE G 324 -12.66 49.24 -37.25
CA ILE G 324 -11.55 49.32 -36.32
C ILE G 324 -10.78 48.00 -36.22
N ASN G 325 -9.45 48.14 -36.23
CA ASN G 325 -8.53 47.02 -36.16
C ASN G 325 -7.85 46.89 -34.81
N LYS G 326 -6.95 45.93 -34.75
CA LYS G 326 -6.14 45.67 -33.57
C LYS G 326 -5.30 46.94 -33.38
N ASP G 327 -5.04 47.64 -34.49
CA ASP G 327 -4.27 48.88 -34.44
C ASP G 327 -4.50 49.83 -35.63
N THR G 328 -5.74 49.88 -36.11
CA THR G 328 -6.09 50.76 -37.22
C THR G 328 -7.56 51.15 -37.19
N THR G 329 -7.85 52.37 -37.60
CA THR G 329 -9.22 52.88 -37.66
C THR G 329 -9.42 53.54 -39.00
N THR G 330 -10.46 53.15 -39.71
CA THR G 330 -10.74 53.73 -41.00
C THR G 330 -12.20 54.20 -41.12
N ILE G 331 -12.37 55.49 -41.42
CA ILE G 331 -13.68 56.12 -41.55
C ILE G 331 -14.09 56.16 -43.01
N ILE G 332 -15.24 55.59 -43.32
CA ILE G 332 -15.72 55.50 -44.70
C ILE G 332 -16.96 56.32 -45.03
N ASP G 333 -16.81 57.22 -45.99
CA ASP G 333 -17.92 58.07 -46.44
C ASP G 333 -18.39 59.06 -45.37
N GLY G 334 -17.56 60.06 -45.12
CA GLY G 334 -17.89 61.07 -44.14
C GLY G 334 -18.91 62.04 -44.67
N VAL G 335 -19.76 62.52 -43.77
CA VAL G 335 -20.83 63.46 -44.11
C VAL G 335 -20.33 64.88 -44.36
N GLY G 336 -19.19 65.22 -43.80
CA GLY G 336 -18.64 66.56 -43.99
C GLY G 336 -18.89 67.11 -45.37
N GLU G 337 -19.26 68.39 -45.42
CA GLU G 337 -19.53 69.06 -46.68
C GLU G 337 -18.27 69.21 -47.51
N GLU G 338 -18.35 68.93 -48.81
CA GLU G 338 -17.19 69.03 -49.68
C GLU G 338 -16.61 70.45 -49.67
N ALA G 339 -17.46 71.42 -49.42
CA ALA G 339 -17.03 72.81 -49.37
C ALA G 339 -16.06 73.01 -48.21
N ALA G 340 -16.43 72.46 -47.05
CA ALA G 340 -15.63 72.55 -45.84
C ALA G 340 -14.37 71.68 -45.92
N ILE G 341 -14.52 70.47 -46.44
CA ILE G 341 -13.41 69.54 -46.58
C ILE G 341 -12.38 70.10 -47.55
N GLN G 342 -12.84 70.43 -48.75
CA GLN G 342 -11.96 70.97 -49.78
C GLN G 342 -11.31 72.28 -49.36
N GLY G 343 -12.03 73.07 -48.58
CA GLY G 343 -11.48 74.33 -48.10
C GLY G 343 -10.39 74.05 -47.09
N ARG G 344 -10.61 73.06 -46.25
CA ARG G 344 -9.67 72.64 -45.23
C ARG G 344 -8.37 72.25 -45.91
N VAL G 345 -8.48 71.48 -47.00
CA VAL G 345 -7.31 71.04 -47.73
C VAL G 345 -6.51 72.24 -48.20
N ALA G 346 -7.21 73.27 -48.64
CA ALA G 346 -6.57 74.48 -49.10
C ALA G 346 -5.69 75.07 -48.00
N GLN G 347 -6.26 75.18 -46.81
CA GLN G 347 -5.53 75.74 -45.67
C GLN G 347 -4.24 75.00 -45.38
N ILE G 348 -4.28 73.68 -45.47
CA ILE G 348 -3.10 72.86 -45.18
C ILE G 348 -2.06 73.00 -46.27
N ARG G 349 -2.51 73.24 -47.49
CA ARG G 349 -1.60 73.39 -48.60
C ARG G 349 -0.81 74.69 -48.55
N GLN G 350 -1.34 75.69 -47.87
CA GLN G 350 -0.63 76.96 -47.72
C GLN G 350 0.35 76.76 -46.59
N GLN G 351 -0.01 75.91 -45.63
CA GLN G 351 0.83 75.59 -44.50
C GLN G 351 2.13 75.06 -45.09
N ILE G 352 1.98 74.21 -46.10
CA ILE G 352 3.11 73.59 -46.79
C ILE G 352 4.00 74.64 -47.45
N GLU G 353 3.38 75.75 -47.85
CA GLU G 353 4.10 76.84 -48.48
C GLU G 353 4.90 77.56 -47.41
N GLU G 354 4.20 78.03 -46.38
CA GLU G 354 4.78 78.75 -45.26
C GLU G 354 5.69 77.84 -44.42
N ALA G 355 5.80 76.59 -44.84
CA ALA G 355 6.63 75.61 -44.13
C ALA G 355 8.10 75.98 -44.16
N THR G 356 8.67 76.15 -42.97
CA THR G 356 10.08 76.50 -42.84
C THR G 356 10.87 75.27 -42.41
N SER G 357 10.41 74.10 -42.84
CA SER G 357 11.07 72.85 -42.49
C SER G 357 10.61 71.70 -43.38
N ASP G 358 11.45 70.68 -43.52
CA ASP G 358 11.11 69.53 -44.34
C ASP G 358 10.20 68.61 -43.55
N TYR G 359 10.50 68.44 -42.26
CA TYR G 359 9.69 67.58 -41.40
C TYR G 359 8.27 68.12 -41.35
N ASP G 360 8.14 69.36 -40.88
CA ASP G 360 6.84 70.01 -40.79
C ASP G 360 6.12 69.94 -42.12
N ARG G 361 6.90 69.89 -43.20
CA ARG G 361 6.35 69.82 -44.55
C ARG G 361 5.82 68.42 -44.82
N GLU G 362 6.59 67.41 -44.46
CA GLU G 362 6.18 66.03 -44.69
C GLU G 362 4.91 65.70 -43.93
N LYS G 363 4.81 66.22 -42.72
CA LYS G 363 3.65 66.00 -41.86
C LYS G 363 2.38 66.62 -42.42
N LEU G 364 2.51 67.79 -43.01
CA LEU G 364 1.37 68.48 -43.60
C LEU G 364 0.90 67.75 -44.85
N GLN G 365 1.85 67.23 -45.63
CA GLN G 365 1.50 66.51 -46.84
C GLN G 365 0.73 65.27 -46.48
N GLU G 366 1.15 64.60 -45.40
CA GLU G 366 0.48 63.39 -44.95
C GLU G 366 -0.99 63.68 -44.67
N ARG G 367 -1.27 64.81 -44.02
CA ARG G 367 -2.63 65.17 -43.70
C ARG G 367 -3.50 65.43 -44.91
N VAL G 368 -3.02 66.20 -45.87
CA VAL G 368 -3.83 66.47 -47.06
C VAL G 368 -4.07 65.18 -47.84
N ALA G 369 -3.05 64.33 -47.91
CA ALA G 369 -3.17 63.09 -48.63
C ALA G 369 -4.34 62.30 -48.09
N LYS G 370 -4.49 62.32 -46.77
CA LYS G 370 -5.59 61.61 -46.13
C LYS G 370 -6.93 62.27 -46.47
N LEU G 371 -7.01 63.56 -46.17
CA LEU G 371 -8.20 64.34 -46.40
C LEU G 371 -8.61 64.46 -47.87
N ALA G 372 -7.65 64.66 -48.74
CA ALA G 372 -7.91 64.81 -50.16
C ALA G 372 -8.02 63.47 -50.91
N GLY G 373 -7.20 62.50 -50.51
CA GLY G 373 -7.17 61.21 -51.16
C GLY G 373 -8.41 60.37 -51.12
N GLY G 374 -9.19 60.48 -50.06
CA GLY G 374 -10.40 59.70 -49.96
C GLY G 374 -10.14 58.23 -49.67
N VAL G 375 -11.14 57.41 -49.95
CA VAL G 375 -11.06 55.98 -49.70
C VAL G 375 -11.77 55.17 -50.78
N ALA G 376 -11.05 54.21 -51.36
CA ALA G 376 -11.61 53.37 -52.41
C ALA G 376 -12.39 52.25 -51.73
N VAL G 377 -13.64 52.10 -52.15
CA VAL G 377 -14.53 51.07 -51.60
C VAL G 377 -14.90 50.02 -52.63
N ILE G 378 -14.46 48.79 -52.39
CA ILE G 378 -14.77 47.67 -53.27
C ILE G 378 -15.98 46.94 -52.71
N LYS G 379 -17.05 46.86 -53.49
CA LYS G 379 -18.25 46.16 -53.05
C LYS G 379 -18.29 44.84 -53.81
N VAL G 380 -17.95 43.76 -53.12
CA VAL G 380 -17.90 42.44 -53.72
C VAL G 380 -19.20 41.99 -54.38
N GLY G 381 -19.07 41.41 -55.58
CA GLY G 381 -20.21 40.91 -56.35
C GLY G 381 -21.08 39.96 -55.54
N ALA G 382 -21.93 39.18 -56.19
CA ALA G 382 -22.79 38.30 -55.42
C ALA G 382 -23.37 37.04 -56.04
N ALA G 383 -24.70 36.94 -55.97
CA ALA G 383 -25.44 35.77 -56.44
C ALA G 383 -25.36 34.77 -55.27
N THR G 384 -26.24 34.97 -54.28
CA THR G 384 -26.35 34.17 -53.05
C THR G 384 -25.45 34.74 -51.97
N GLU G 385 -26.04 34.97 -50.81
CA GLU G 385 -25.33 35.55 -49.67
C GLU G 385 -24.07 34.76 -49.30
N VAL G 386 -24.08 33.46 -49.55
CA VAL G 386 -22.95 32.62 -49.20
C VAL G 386 -21.73 32.89 -50.08
N GLU G 387 -21.92 32.78 -51.40
CA GLU G 387 -20.82 33.03 -52.32
C GLU G 387 -20.26 34.43 -52.13
N MET G 388 -21.17 35.38 -51.91
CA MET G 388 -20.79 36.77 -51.71
C MET G 388 -19.83 36.93 -50.52
N LYS G 389 -20.12 36.27 -49.41
CA LYS G 389 -19.27 36.36 -48.24
C LYS G 389 -17.93 35.64 -48.45
N GLU G 390 -17.96 34.58 -49.26
CA GLU G 390 -16.76 33.80 -49.54
C GLU G 390 -15.81 34.54 -50.47
N LYS G 391 -16.37 35.25 -51.45
CA LYS G 391 -15.57 36.02 -52.40
C LYS G 391 -14.97 37.22 -51.69
N LYS G 392 -15.77 37.84 -50.81
CA LYS G 392 -15.34 39.00 -50.04
C LYS G 392 -14.07 38.65 -49.26
N ALA G 393 -13.98 37.40 -48.82
CA ALA G 393 -12.83 36.94 -48.05
C ALA G 393 -11.60 36.86 -48.95
N ARG G 394 -11.75 36.20 -50.10
CA ARG G 394 -10.66 36.07 -51.05
C ARG G 394 -10.14 37.44 -51.49
N VAL G 395 -11.06 38.39 -51.67
CA VAL G 395 -10.69 39.74 -52.07
C VAL G 395 -9.87 40.39 -50.96
N GLU G 396 -10.35 40.30 -49.74
CA GLU G 396 -9.65 40.88 -48.60
C GLU G 396 -8.21 40.35 -48.48
N ASP G 397 -8.04 39.03 -48.66
CA ASP G 397 -6.71 38.45 -48.57
C ASP G 397 -5.87 38.90 -49.76
N ALA G 398 -6.41 38.72 -50.97
CA ALA G 398 -5.73 39.13 -52.19
C ALA G 398 -5.25 40.57 -52.04
N LEU G 399 -6.07 41.39 -51.39
CA LEU G 399 -5.71 42.79 -51.19
C LEU G 399 -4.43 42.91 -50.36
N HIS G 400 -4.40 42.26 -49.19
CA HIS G 400 -3.23 42.28 -48.31
C HIS G 400 -1.98 41.78 -49.01
N ALA G 401 -2.14 40.73 -49.80
CA ALA G 401 -1.04 40.15 -50.53
C ALA G 401 -0.50 41.11 -51.58
N THR G 402 -1.42 41.74 -52.30
CA THR G 402 -1.05 42.67 -53.34
C THR G 402 -0.39 43.90 -52.74
N ARG G 403 -0.92 44.37 -51.62
CA ARG G 403 -0.37 45.55 -50.97
C ARG G 403 1.10 45.31 -50.62
N ALA G 404 1.39 44.13 -50.06
CA ALA G 404 2.74 43.78 -49.68
C ALA G 404 3.63 43.61 -50.90
N ALA G 405 3.09 42.98 -51.95
CA ALA G 405 3.86 42.76 -53.16
C ALA G 405 4.25 44.08 -53.80
N VAL G 406 3.41 45.09 -53.63
CA VAL G 406 3.66 46.41 -54.19
C VAL G 406 4.77 47.12 -53.42
N GLU G 407 4.91 46.78 -52.15
CA GLU G 407 5.93 47.40 -51.30
C GLU G 407 7.33 46.84 -51.47
N GLU G 408 7.44 45.53 -51.63
CA GLU G 408 8.76 44.92 -51.73
C GLU G 408 8.88 43.84 -52.81
N GLY G 409 7.85 43.71 -53.64
CA GLY G 409 7.91 42.72 -54.70
C GLY G 409 7.53 41.31 -54.29
N VAL G 410 7.88 40.33 -55.13
CA VAL G 410 7.57 38.94 -54.84
C VAL G 410 8.78 38.04 -55.04
N VAL G 411 8.74 36.87 -54.43
CA VAL G 411 9.82 35.91 -54.55
C VAL G 411 9.23 34.52 -54.68
N ALA G 412 10.05 33.56 -55.05
CA ALA G 412 9.59 32.18 -55.23
C ALA G 412 9.05 31.57 -53.95
N GLY G 413 7.77 31.23 -53.96
CA GLY G 413 7.16 30.64 -52.78
C GLY G 413 7.45 29.16 -52.60
N GLY G 414 6.56 28.47 -51.88
CA GLY G 414 6.74 27.06 -51.66
C GLY G 414 7.98 26.86 -50.84
N GLY G 415 8.42 27.94 -50.20
CA GLY G 415 9.63 27.88 -49.38
C GLY G 415 10.95 27.84 -50.13
N VAL G 416 10.93 27.96 -51.45
CA VAL G 416 12.19 27.90 -52.19
C VAL G 416 13.01 29.19 -52.11
N ALA G 417 12.35 30.34 -51.94
CA ALA G 417 13.10 31.58 -51.87
C ALA G 417 14.08 31.49 -50.72
N LEU G 418 13.59 31.03 -49.56
CA LEU G 418 14.42 30.92 -48.36
C LEU G 418 15.57 29.94 -48.52
N ILE G 419 15.29 28.78 -49.09
CA ILE G 419 16.34 27.79 -49.29
C ILE G 419 17.34 28.28 -50.36
N ARG G 420 16.85 29.02 -51.34
CA ARG G 420 17.71 29.56 -52.39
C ARG G 420 18.63 30.62 -51.82
N VAL G 421 18.06 31.51 -51.02
CA VAL G 421 18.83 32.57 -50.42
C VAL G 421 19.93 31.99 -49.52
N ALA G 422 19.62 30.94 -48.78
CA ALA G 422 20.61 30.33 -47.90
C ALA G 422 21.72 29.67 -48.67
N SER G 423 21.38 29.00 -49.77
CA SER G 423 22.41 28.35 -50.58
C SER G 423 23.50 29.32 -51.05
N LYS G 424 23.20 30.61 -51.06
CA LYS G 424 24.18 31.60 -51.50
C LYS G 424 25.08 32.10 -50.39
N LEU G 425 24.69 31.87 -49.14
CA LEU G 425 25.49 32.35 -48.02
C LEU G 425 26.42 31.30 -47.43
N ALA G 426 26.78 30.31 -48.22
CA ALA G 426 27.66 29.23 -47.78
C ALA G 426 29.04 29.68 -47.25
N ASP G 427 29.49 30.86 -47.65
CA ASP G 427 30.79 31.33 -47.18
C ASP G 427 30.70 32.41 -46.10
N LEU G 428 29.48 32.77 -45.71
CA LEU G 428 29.32 33.81 -44.70
C LEU G 428 30.00 33.36 -43.40
N ARG G 429 30.81 34.25 -42.81
CA ARG G 429 31.53 33.90 -41.58
C ARG G 429 31.43 34.99 -40.54
N GLY G 430 31.72 34.62 -39.30
CA GLY G 430 31.65 35.57 -38.21
C GLY G 430 33.02 35.89 -37.64
N GLN G 431 33.07 36.30 -36.39
CA GLN G 431 34.31 36.66 -35.74
C GLN G 431 35.00 35.49 -35.04
N ASN G 432 34.23 34.45 -34.71
CA ASN G 432 34.79 33.28 -34.08
C ASN G 432 34.01 32.05 -34.48
N GLU G 433 34.45 30.87 -34.06
CA GLU G 433 33.76 29.63 -34.43
C GLU G 433 32.31 29.52 -33.92
N ASP G 434 32.04 30.06 -32.74
CA ASP G 434 30.68 30.01 -32.23
C ASP G 434 29.77 30.77 -33.18
N GLN G 435 30.21 31.96 -33.57
CA GLN G 435 29.43 32.76 -34.50
C GLN G 435 29.23 32.02 -35.84
N ASN G 436 30.25 31.28 -36.27
CA ASN G 436 30.13 30.54 -37.51
C ASN G 436 29.03 29.50 -37.39
N VAL G 437 28.97 28.85 -36.22
CA VAL G 437 27.95 27.83 -35.96
C VAL G 437 26.59 28.49 -36.01
N GLY G 438 26.48 29.67 -35.41
CA GLY G 438 25.22 30.40 -35.42
C GLY G 438 24.77 30.59 -36.87
N ILE G 439 25.69 31.05 -37.72
CA ILE G 439 25.37 31.27 -39.13
C ILE G 439 24.86 29.98 -39.77
N LYS G 440 25.53 28.87 -39.53
CA LYS G 440 25.12 27.60 -40.12
C LYS G 440 23.76 27.13 -39.55
N VAL G 441 23.48 27.52 -38.32
CA VAL G 441 22.23 27.14 -37.69
C VAL G 441 21.08 27.81 -38.41
N ALA G 442 21.27 29.09 -38.70
CA ALA G 442 20.25 29.89 -39.39
C ALA G 442 20.06 29.41 -40.81
N LEU G 443 21.15 29.25 -41.55
CA LEU G 443 21.07 28.80 -42.93
C LEU G 443 20.40 27.44 -43.06
N ARG G 444 20.68 26.57 -42.09
CA ARG G 444 20.11 25.23 -42.08
C ARG G 444 18.60 25.36 -41.83
N ALA G 445 18.22 26.25 -40.92
CA ALA G 445 16.82 26.45 -40.59
C ALA G 445 16.03 26.96 -41.76
N MET G 446 16.66 27.76 -42.60
CA MET G 446 15.95 28.32 -43.75
C MET G 446 15.39 27.25 -44.68
N GLU G 447 15.74 26.00 -44.42
CA GLU G 447 15.28 24.89 -45.26
C GLU G 447 14.04 24.25 -44.65
N ALA G 448 13.73 24.58 -43.40
CA ALA G 448 12.59 24.01 -42.70
C ALA G 448 11.27 24.11 -43.47
N PRO G 449 10.90 25.32 -43.92
CA PRO G 449 9.64 25.46 -44.66
C PRO G 449 9.50 24.53 -45.85
N LEU G 450 10.49 24.53 -46.75
CA LEU G 450 10.42 23.66 -47.92
C LEU G 450 10.33 22.21 -47.49
N ARG G 451 11.28 21.79 -46.66
CA ARG G 451 11.31 20.41 -46.17
C ARG G 451 9.98 19.97 -45.57
N GLN G 452 9.37 20.83 -44.77
CA GLN G 452 8.08 20.50 -44.17
C GLN G 452 7.00 20.34 -45.26
N ILE G 453 6.99 21.26 -46.21
CA ILE G 453 6.03 21.21 -47.29
C ILE G 453 6.19 19.87 -48.01
N VAL G 454 7.43 19.50 -48.30
CA VAL G 454 7.69 18.25 -49.01
C VAL G 454 7.26 17.05 -48.17
N LEU G 455 7.53 17.10 -46.88
CA LEU G 455 7.15 15.99 -46.02
C LEU G 455 5.63 15.82 -46.02
N ASN G 456 4.88 16.92 -46.01
CA ASN G 456 3.43 16.80 -46.01
C ASN G 456 2.96 16.14 -47.29
N CYS G 457 3.75 16.27 -48.35
CA CYS G 457 3.37 15.68 -49.64
C CYS G 457 3.67 14.20 -49.66
N GLY G 458 4.39 13.74 -48.65
CA GLY G 458 4.76 12.33 -48.60
C GLY G 458 6.00 12.05 -49.42
N GLU G 459 6.80 13.08 -49.68
CA GLU G 459 8.03 12.94 -50.45
C GLU G 459 9.26 13.00 -49.53
N GLU G 460 10.45 12.90 -50.12
CA GLU G 460 11.68 12.96 -49.33
C GLU G 460 12.34 14.34 -49.34
N PRO G 461 12.21 15.08 -48.22
CA PRO G 461 12.79 16.42 -48.06
C PRO G 461 14.25 16.53 -48.50
N SER G 462 15.08 15.62 -48.02
CA SER G 462 16.50 15.64 -48.35
C SER G 462 16.71 15.71 -49.85
N VAL G 463 15.95 14.92 -50.60
CA VAL G 463 16.10 14.90 -52.04
C VAL G 463 15.60 16.16 -52.71
N VAL G 464 14.37 16.58 -52.40
CA VAL G 464 13.83 17.79 -53.00
C VAL G 464 14.67 19.01 -52.63
N ALA G 465 15.06 19.10 -51.36
CA ALA G 465 15.88 20.22 -50.89
C ALA G 465 17.21 20.21 -51.66
N ASN G 466 17.77 19.01 -51.79
CA ASN G 466 19.03 18.82 -52.49
C ASN G 466 18.94 19.28 -53.94
N THR G 467 17.83 18.96 -54.60
CA THR G 467 17.60 19.35 -55.99
C THR G 467 17.35 20.85 -56.15
N VAL G 468 16.51 21.42 -55.29
CA VAL G 468 16.23 22.84 -55.39
C VAL G 468 17.53 23.62 -55.19
N LYS G 469 18.33 23.18 -54.22
CA LYS G 469 19.59 23.87 -53.93
C LYS G 469 20.53 23.76 -55.12
N GLY G 470 20.46 22.64 -55.82
CA GLY G 470 21.32 22.41 -56.97
C GLY G 470 21.14 23.41 -58.09
N GLY G 471 19.91 23.88 -58.30
CA GLY G 471 19.66 24.84 -59.34
C GLY G 471 19.90 26.26 -58.83
N ASP G 472 19.30 27.24 -59.50
CA ASP G 472 19.45 28.64 -59.09
C ASP G 472 18.29 29.51 -59.55
N GLY G 473 18.34 30.78 -59.20
CA GLY G 473 17.27 31.70 -59.56
C GLY G 473 16.01 31.31 -58.83
N ASN G 474 14.89 31.33 -59.51
CA ASN G 474 13.64 30.96 -58.86
C ASN G 474 13.23 29.55 -59.27
N TYR G 475 14.23 28.70 -59.45
CA TYR G 475 13.99 27.31 -59.78
C TYR G 475 13.62 26.62 -58.48
N GLY G 476 12.45 25.98 -58.45
CA GLY G 476 12.03 25.32 -57.24
C GLY G 476 11.18 24.09 -57.45
N TYR G 477 10.53 23.66 -56.38
CA TYR G 477 9.68 22.48 -56.41
C TYR G 477 8.23 22.88 -56.17
N ASN G 478 7.41 22.67 -57.20
CA ASN G 478 6.00 22.97 -57.12
C ASN G 478 5.39 21.82 -56.35
N ALA G 479 5.05 22.04 -55.08
CA ALA G 479 4.47 20.98 -54.26
C ALA G 479 3.11 20.53 -54.76
N ALA G 480 2.40 21.43 -55.43
CA ALA G 480 1.08 21.08 -55.94
C ALA G 480 1.19 20.04 -57.04
N THR G 481 1.88 20.39 -58.11
CA THR G 481 2.03 19.50 -59.25
C THR G 481 3.14 18.50 -59.02
N GLU G 482 3.91 18.71 -57.96
CA GLU G 482 5.04 17.82 -57.65
C GLU G 482 5.97 17.71 -58.84
N GLU G 483 6.31 18.87 -59.41
CA GLU G 483 7.20 19.00 -60.56
C GLU G 483 8.11 20.21 -60.34
N TYR G 484 9.33 20.16 -60.87
CA TYR G 484 10.24 21.29 -60.72
C TYR G 484 10.04 22.29 -61.85
N GLY G 485 10.65 23.46 -61.71
CA GLY G 485 10.50 24.48 -62.73
C GLY G 485 10.67 25.86 -62.11
N ASN G 486 10.32 26.90 -62.86
CA ASN G 486 10.44 28.27 -62.36
C ASN G 486 9.22 28.56 -61.50
N MET G 487 9.46 28.80 -60.21
CA MET G 487 8.37 29.08 -59.27
C MET G 487 7.49 30.27 -59.64
N ILE G 488 8.09 31.35 -60.14
CA ILE G 488 7.30 32.52 -60.51
C ILE G 488 6.44 32.22 -61.73
N ASP G 489 7.04 31.65 -62.77
CA ASP G 489 6.29 31.33 -63.96
C ASP G 489 5.12 30.41 -63.60
N MET G 490 5.35 29.44 -62.71
CA MET G 490 4.29 28.52 -62.32
C MET G 490 3.29 29.19 -61.41
N GLY G 491 3.52 30.46 -61.12
CA GLY G 491 2.63 31.19 -60.25
C GLY G 491 2.55 30.77 -58.80
N ILE G 492 3.69 30.37 -58.24
CA ILE G 492 3.76 29.98 -56.85
C ILE G 492 4.74 30.93 -56.21
N LEU G 493 4.21 31.97 -55.57
CA LEU G 493 5.07 32.98 -54.97
C LEU G 493 4.52 33.61 -53.71
N ASP G 494 5.41 34.24 -52.95
CA ASP G 494 5.04 34.94 -51.73
C ASP G 494 5.57 36.35 -51.81
N PRO G 495 4.84 37.30 -51.20
CA PRO G 495 5.33 38.68 -51.23
C PRO G 495 6.69 38.72 -50.51
N THR G 496 7.70 39.30 -51.14
CA THR G 496 9.01 39.37 -50.50
C THR G 496 8.89 39.81 -49.04
N LYS G 497 7.93 40.70 -48.77
CA LYS G 497 7.74 41.19 -47.43
C LYS G 497 7.31 40.12 -46.44
N VAL G 498 6.46 39.19 -46.87
CA VAL G 498 6.01 38.15 -45.95
C VAL G 498 7.16 37.20 -45.59
N THR G 499 7.95 36.81 -46.57
CA THR G 499 9.07 35.93 -46.31
C THR G 499 10.08 36.63 -45.43
N ARG G 500 10.35 37.91 -45.71
CA ARG G 500 11.28 38.67 -44.89
C ARG G 500 10.85 38.80 -43.42
N SER G 501 9.59 39.15 -43.20
CA SER G 501 9.07 39.31 -41.85
C SER G 501 9.04 37.99 -41.09
N ALA G 502 8.68 36.91 -41.78
CA ALA G 502 8.63 35.60 -41.15
C ALA G 502 10.01 35.23 -40.61
N LEU G 503 11.03 35.43 -41.45
CA LEU G 503 12.40 35.12 -41.07
C LEU G 503 12.90 36.01 -39.95
N GLN G 504 12.77 37.32 -40.11
CA GLN G 504 13.25 38.22 -39.08
C GLN G 504 12.56 38.01 -37.74
N TYR G 505 11.25 37.78 -37.76
CA TYR G 505 10.55 37.58 -36.51
C TYR G 505 10.91 36.24 -35.84
N ALA G 506 11.15 35.23 -36.67
CA ALA G 506 11.52 33.92 -36.15
C ALA G 506 12.88 34.05 -35.51
N ALA G 507 13.82 34.59 -36.28
CA ALA G 507 15.18 34.79 -35.79
C ALA G 507 15.20 35.59 -34.51
N SER G 508 14.26 36.51 -34.36
CA SER G 508 14.20 37.36 -33.19
C SER G 508 13.89 36.55 -31.91
N VAL G 509 12.74 35.89 -31.88
CA VAL G 509 12.37 35.12 -30.71
C VAL G 509 13.36 33.97 -30.46
N ALA G 510 13.90 33.39 -31.53
CA ALA G 510 14.87 32.30 -31.37
C ALA G 510 16.12 32.84 -30.67
N GLY G 511 16.59 34.00 -31.12
CA GLY G 511 17.77 34.59 -30.51
C GLY G 511 17.54 34.87 -29.03
N LEU G 512 16.36 35.37 -28.70
CA LEU G 512 16.04 35.66 -27.31
C LEU G 512 16.02 34.40 -26.46
N MET G 513 15.40 33.34 -26.94
CA MET G 513 15.34 32.09 -26.19
C MET G 513 16.72 31.46 -25.98
N ILE G 514 17.52 31.46 -27.04
CA ILE G 514 18.87 30.90 -26.94
C ILE G 514 19.70 31.66 -25.89
N THR G 515 19.35 32.91 -25.63
CA THR G 515 20.09 33.70 -24.66
C THR G 515 19.31 33.91 -23.38
N THR G 516 18.48 32.92 -23.04
CA THR G 516 17.69 32.97 -21.81
C THR G 516 18.34 32.04 -20.82
N GLU G 517 18.53 32.53 -19.60
CA GLU G 517 19.16 31.74 -18.54
C GLU G 517 18.29 31.46 -17.32
N CYS G 518 17.19 32.20 -17.22
CA CYS G 518 16.30 32.02 -16.08
C CYS G 518 14.84 32.26 -16.43
N MET G 519 13.95 31.43 -15.89
CA MET G 519 12.51 31.55 -16.12
C MET G 519 11.76 31.56 -14.79
N VAL G 520 10.82 32.47 -14.66
CA VAL G 520 10.05 32.61 -13.43
C VAL G 520 8.56 32.54 -13.73
N THR G 521 7.86 31.66 -13.01
CA THR G 521 6.42 31.52 -13.19
C THR G 521 5.78 31.14 -11.86
N ASP G 522 4.47 31.29 -11.76
CA ASP G 522 3.78 30.94 -10.53
C ASP G 522 3.82 29.46 -10.27
N LEU G 523 3.78 29.10 -8.99
CA LEU G 523 3.83 27.71 -8.60
C LEU G 523 2.48 27.11 -9.02
N PRO G 524 2.51 25.88 -9.59
CA PRO G 524 1.27 25.24 -10.01
C PRO G 524 0.24 25.11 -8.88
N LYS G 525 0.66 25.45 -7.67
CA LYS G 525 -0.23 25.38 -6.50
C LYS G 525 -1.15 26.59 -6.45
N SER H 1 -23.60 48.38 -6.45
CA SER H 1 -22.53 49.35 -6.61
C SER H 1 -22.83 50.33 -7.76
N TRP H 2 -23.25 49.78 -8.90
CA TRP H 2 -23.59 50.58 -10.07
C TRP H 2 -25.04 51.04 -10.07
N MET H 3 -25.33 52.01 -10.92
CA MET H 3 -26.67 52.56 -11.03
C MET H 3 -27.19 52.39 -12.45
N THR H 4 -28.47 52.67 -12.66
CA THR H 4 -29.08 52.55 -13.97
C THR H 4 -29.89 53.78 -14.35
N THR H 5 -29.63 54.30 -15.54
CA THR H 5 -30.34 55.46 -16.02
C THR H 5 -31.71 55.00 -16.50
N PRO H 6 -32.65 55.93 -16.66
CA PRO H 6 -33.98 55.54 -17.12
C PRO H 6 -33.89 54.70 -18.41
N TRP H 7 -33.05 55.13 -19.35
CA TRP H 7 -32.90 54.41 -20.62
C TRP H 7 -32.15 53.09 -20.54
N GLY H 8 -31.76 52.71 -19.33
CA GLY H 8 -31.10 51.44 -19.16
C GLY H 8 -29.60 51.40 -19.10
N PHE H 9 -28.94 52.56 -19.13
CA PHE H 9 -27.49 52.58 -19.10
C PHE H 9 -26.94 52.25 -17.71
N LEU H 10 -26.20 51.16 -17.61
CA LEU H 10 -25.58 50.71 -16.35
C LEU H 10 -24.24 51.45 -16.15
N HIS H 11 -24.06 52.08 -15.00
CA HIS H 11 -22.82 52.81 -14.78
C HIS H 11 -22.49 53.08 -13.32
N PRO H 12 -21.21 53.39 -13.03
CA PRO H 12 -20.78 53.68 -11.66
C PRO H 12 -21.35 55.00 -11.16
N ALA I 1 -8.00 27.44 -21.80
CA ALA I 1 -7.34 26.62 -20.76
C ALA I 1 -6.23 25.75 -21.37
N ALA I 2 -5.51 25.02 -20.52
CA ALA I 2 -4.45 24.16 -21.02
C ALA I 2 -5.10 23.12 -21.90
N LYS I 3 -4.45 22.79 -23.01
CA LYS I 3 -4.98 21.81 -23.94
C LYS I 3 -4.18 20.52 -23.91
N ASP I 4 -4.79 19.46 -24.41
CA ASP I 4 -4.13 18.17 -24.52
C ASP I 4 -3.99 18.04 -26.03
N VAL I 5 -2.76 17.93 -26.52
CA VAL I 5 -2.53 17.84 -27.96
C VAL I 5 -2.02 16.47 -28.39
N LYS I 6 -2.75 15.82 -29.29
CA LYS I 6 -2.34 14.50 -29.78
C LYS I 6 -1.95 14.57 -31.25
N PHE I 7 -1.05 13.68 -31.66
CA PHE I 7 -0.59 13.69 -33.04
C PHE I 7 -0.71 12.38 -33.78
N GLY I 8 -0.49 12.46 -35.09
CA GLY I 8 -0.52 11.31 -35.97
C GLY I 8 -1.30 10.09 -35.57
N ASN I 9 -0.60 8.98 -35.38
CA ASN I 9 -1.24 7.72 -35.04
C ASN I 9 -2.07 7.75 -33.74
N ASP I 10 -1.57 8.39 -32.70
CA ASP I 10 -2.36 8.46 -31.46
C ASP I 10 -3.69 9.15 -31.76
N ALA I 11 -3.62 10.28 -32.44
CA ALA I 11 -4.82 11.04 -32.79
C ALA I 11 -5.80 10.22 -33.63
N ARG I 12 -5.26 9.51 -34.62
CA ARG I 12 -6.09 8.68 -35.48
C ARG I 12 -6.82 7.55 -34.77
N VAL I 13 -6.13 6.74 -33.96
CA VAL I 13 -6.82 5.64 -33.26
C VAL I 13 -7.95 6.16 -32.38
N LYS I 14 -7.74 7.31 -31.75
CA LYS I 14 -8.76 7.92 -30.91
C LYS I 14 -10.01 8.16 -31.76
N MET I 15 -9.84 8.82 -32.90
CA MET I 15 -10.95 9.12 -33.79
C MET I 15 -11.64 7.84 -34.23
N LEU I 16 -10.85 6.87 -34.66
CA LEU I 16 -11.42 5.59 -35.07
C LEU I 16 -12.33 5.01 -33.99
N ARG I 17 -11.83 4.91 -32.76
CA ARG I 17 -12.62 4.39 -31.64
C ARG I 17 -13.91 5.18 -31.45
N GLY I 18 -13.82 6.50 -31.56
CA GLY I 18 -14.99 7.34 -31.42
C GLY I 18 -16.07 7.00 -32.46
N VAL I 19 -15.69 6.95 -33.74
CA VAL I 19 -16.68 6.66 -34.76
C VAL I 19 -17.16 5.22 -34.67
N ASN I 20 -16.33 4.34 -34.12
CA ASN I 20 -16.77 2.95 -33.98
C ASN I 20 -17.90 2.86 -32.99
N VAL I 21 -17.84 3.64 -31.91
CA VAL I 21 -18.93 3.60 -30.95
C VAL I 21 -20.17 4.15 -31.63
N LEU I 22 -20.02 5.27 -32.34
CA LEU I 22 -21.15 5.89 -33.05
C LEU I 22 -21.74 4.93 -34.08
N ALA I 23 -20.97 4.62 -35.11
CA ALA I 23 -21.45 3.72 -36.13
C ALA I 23 -22.01 2.39 -35.58
N ASP I 24 -21.27 1.71 -34.71
CA ASP I 24 -21.71 0.45 -34.16
C ASP I 24 -23.08 0.54 -33.47
N ALA I 25 -23.32 1.66 -32.80
CA ALA I 25 -24.59 1.88 -32.10
C ALA I 25 -25.73 2.12 -33.08
N VAL I 26 -25.45 2.89 -34.11
CA VAL I 26 -26.42 3.23 -35.11
C VAL I 26 -26.70 2.13 -36.14
N LYS I 27 -25.67 1.49 -36.65
CA LYS I 27 -25.91 0.47 -37.68
C LYS I 27 -26.74 -0.75 -37.27
N VAL I 28 -26.92 -0.98 -35.99
CA VAL I 28 -27.72 -2.13 -35.60
C VAL I 28 -29.17 -1.96 -36.03
N THR I 29 -29.56 -0.73 -36.33
CA THR I 29 -30.95 -0.45 -36.69
C THR I 29 -31.23 -0.57 -38.16
N LEU I 30 -30.16 -0.58 -38.95
CA LEU I 30 -30.24 -0.64 -40.41
C LEU I 30 -30.97 -1.83 -40.98
N GLY I 31 -31.84 -1.59 -41.96
CA GLY I 31 -32.56 -2.68 -42.60
C GLY I 31 -33.87 -3.12 -41.97
N PRO I 32 -34.67 -3.94 -42.68
CA PRO I 32 -35.94 -4.42 -42.19
C PRO I 32 -35.83 -5.35 -40.97
N LYS I 33 -34.66 -5.90 -40.72
CA LYS I 33 -34.50 -6.77 -39.54
C LYS I 33 -33.66 -6.04 -38.52
N GLY I 34 -33.63 -4.71 -38.63
CA GLY I 34 -32.89 -3.88 -37.72
C GLY I 34 -33.26 -4.17 -36.28
N ARG I 35 -32.28 -4.00 -35.39
CA ARG I 35 -32.46 -4.24 -33.96
C ARG I 35 -32.86 -2.97 -33.20
N ASN I 36 -33.35 -3.16 -31.99
CA ASN I 36 -33.76 -2.04 -31.15
C ASN I 36 -32.58 -1.50 -30.37
N VAL I 37 -32.59 -0.21 -30.12
CA VAL I 37 -31.56 0.45 -29.32
C VAL I 37 -32.34 1.09 -28.18
N VAL I 38 -31.87 0.92 -26.96
CA VAL I 38 -32.57 1.49 -25.82
C VAL I 38 -31.85 2.77 -25.34
N LEU I 39 -32.54 3.90 -25.42
CA LEU I 39 -31.95 5.15 -25.03
C LEU I 39 -32.56 5.55 -23.70
N ASP I 40 -31.70 5.79 -22.70
CA ASP I 40 -32.16 6.15 -21.37
C ASP I 40 -32.68 7.58 -21.31
N LYS I 41 -33.48 7.87 -20.30
CA LYS I 41 -34.05 9.21 -20.11
C LYS I 41 -33.83 9.60 -18.67
N SER I 42 -33.68 10.90 -18.42
CA SER I 42 -33.48 11.37 -17.06
C SER I 42 -34.68 11.05 -16.18
N PHE I 43 -35.88 11.17 -16.74
CA PHE I 43 -37.11 10.89 -15.98
C PHE I 43 -38.13 10.13 -16.82
N GLY I 44 -38.53 8.97 -16.33
CA GLY I 44 -39.51 8.17 -17.05
C GLY I 44 -39.02 6.78 -17.42
N ALA I 45 -39.57 6.24 -18.50
CA ALA I 45 -39.19 4.92 -18.99
C ALA I 45 -38.27 5.09 -20.18
N PRO I 46 -37.26 4.22 -20.32
CA PRO I 46 -36.32 4.32 -21.43
C PRO I 46 -37.05 4.39 -22.77
N THR I 47 -36.38 4.90 -23.78
CA THR I 47 -36.94 4.96 -25.12
C THR I 47 -36.41 3.76 -25.89
N ILE I 48 -37.30 3.04 -26.55
CA ILE I 48 -36.90 1.88 -27.35
C ILE I 48 -37.09 2.29 -28.81
N THR I 49 -36.01 2.40 -29.55
CA THR I 49 -36.12 2.84 -30.92
C THR I 49 -35.26 2.10 -31.96
N LYS I 50 -35.71 2.18 -33.21
CA LYS I 50 -34.98 1.60 -34.33
C LYS I 50 -34.65 2.75 -35.28
N ASP I 51 -34.70 3.97 -34.77
CA ASP I 51 -34.40 5.16 -35.55
C ASP I 51 -32.94 5.61 -35.40
N GLY I 52 -32.12 5.20 -36.37
CA GLY I 52 -30.72 5.55 -36.35
C GLY I 52 -30.43 7.00 -36.00
N VAL I 53 -31.28 7.91 -36.47
CA VAL I 53 -31.05 9.32 -36.17
C VAL I 53 -31.19 9.60 -34.68
N SER I 54 -32.20 9.01 -34.05
CA SER I 54 -32.39 9.22 -32.62
C SER I 54 -31.18 8.76 -31.82
N VAL I 55 -30.65 7.59 -32.19
CA VAL I 55 -29.49 7.03 -31.50
C VAL I 55 -28.28 7.95 -31.66
N ALA I 56 -28.03 8.37 -32.89
CA ALA I 56 -26.90 9.26 -33.19
C ALA I 56 -26.88 10.49 -32.29
N ARG I 57 -28.05 11.10 -32.11
CA ARG I 57 -28.23 12.31 -31.32
C ARG I 57 -27.76 12.11 -29.87
N GLU I 58 -27.95 10.91 -29.35
CA GLU I 58 -27.58 10.61 -27.99
C GLU I 58 -26.10 10.27 -27.77
N ILE I 59 -25.35 10.05 -28.84
CA ILE I 59 -23.96 9.66 -28.67
C ILE I 59 -22.98 10.76 -28.35
N GLU I 60 -22.36 10.64 -27.18
CA GLU I 60 -21.34 11.57 -26.70
C GLU I 60 -20.39 10.71 -25.85
N LEU I 61 -19.12 10.74 -26.18
CA LEU I 61 -18.14 9.92 -25.49
C LEU I 61 -17.35 10.65 -24.39
N GLU I 62 -16.92 9.90 -23.38
CA GLU I 62 -16.15 10.46 -22.28
C GLU I 62 -14.76 10.94 -22.72
N ASP I 63 -14.03 10.12 -23.47
CA ASP I 63 -12.72 10.51 -23.96
C ASP I 63 -12.87 11.63 -24.99
N LYS I 64 -12.35 12.81 -24.68
CA LYS I 64 -12.47 13.96 -25.55
C LYS I 64 -12.05 13.75 -27.02
N PHE I 65 -10.98 13.00 -27.24
CA PHE I 65 -10.52 12.74 -28.62
C PHE I 65 -11.48 11.79 -29.34
N GLU I 66 -11.89 10.76 -28.64
CA GLU I 66 -12.80 9.79 -29.21
C GLU I 66 -14.11 10.50 -29.51
N ASN I 67 -14.48 11.44 -28.64
CA ASN I 67 -15.71 12.18 -28.82
C ASN I 67 -15.65 13.07 -30.06
N MET I 68 -14.51 13.73 -30.28
CA MET I 68 -14.36 14.57 -31.46
C MET I 68 -14.56 13.69 -32.70
N GLY I 69 -14.07 12.46 -32.66
CA GLY I 69 -14.25 11.58 -33.79
C GLY I 69 -15.73 11.36 -34.06
N ALA I 70 -16.48 11.03 -33.01
CA ALA I 70 -17.90 10.79 -33.15
C ALA I 70 -18.64 12.05 -33.62
N GLN I 71 -18.38 13.18 -32.99
CA GLN I 71 -19.05 14.41 -33.38
C GLN I 71 -18.84 14.80 -34.83
N MET I 72 -17.68 14.48 -35.38
CA MET I 72 -17.37 14.83 -36.76
C MET I 72 -18.21 14.08 -37.78
N VAL I 73 -18.23 12.75 -37.71
CA VAL I 73 -19.03 12.04 -38.70
C VAL I 73 -20.51 12.25 -38.36
N LYS I 74 -20.80 12.36 -37.09
CA LYS I 74 -22.15 12.62 -36.63
C LYS I 74 -22.67 13.90 -37.32
N GLU I 75 -21.80 14.90 -37.46
CA GLU I 75 -22.13 16.19 -38.08
C GLU I 75 -22.38 16.20 -39.58
N VAL I 76 -21.45 15.65 -40.36
CA VAL I 76 -21.62 15.64 -41.80
C VAL I 76 -22.67 14.59 -42.16
N ALA I 77 -22.82 13.55 -41.35
CA ALA I 77 -23.82 12.55 -41.68
C ALA I 77 -25.17 13.22 -41.62
N SER I 78 -25.39 14.07 -40.62
CA SER I 78 -26.67 14.73 -40.52
C SER I 78 -26.90 15.65 -41.72
N LYS I 79 -25.83 16.16 -42.32
CA LYS I 79 -25.98 17.04 -43.48
C LYS I 79 -26.72 16.28 -44.58
N ALA I 80 -26.54 14.97 -44.62
CA ALA I 80 -27.20 14.13 -45.62
C ALA I 80 -28.71 14.18 -45.42
N ASN I 81 -29.16 13.86 -44.20
CA ASN I 81 -30.58 13.85 -43.90
C ASN I 81 -31.19 15.20 -44.25
N ASP I 82 -30.43 16.27 -44.03
CA ASP I 82 -30.92 17.61 -44.35
C ASP I 82 -31.10 17.79 -45.85
N ALA I 83 -30.15 17.29 -46.62
CA ALA I 83 -30.19 17.41 -48.08
C ALA I 83 -31.19 16.53 -48.80
N ALA I 84 -31.46 15.33 -48.29
CA ALA I 84 -32.40 14.43 -48.95
C ALA I 84 -33.45 13.82 -48.04
N GLY I 85 -33.49 14.28 -46.79
CA GLY I 85 -34.47 13.76 -45.85
C GLY I 85 -34.21 12.34 -45.40
N ASP I 86 -33.02 11.82 -45.70
CA ASP I 86 -32.69 10.46 -45.31
C ASP I 86 -31.23 10.14 -45.61
N GLY I 87 -30.73 9.05 -45.07
CA GLY I 87 -29.35 8.67 -45.33
C GLY I 87 -28.28 8.87 -44.26
N THR I 88 -28.62 9.46 -43.11
CA THR I 88 -27.60 9.66 -42.08
C THR I 88 -27.00 8.35 -41.61
N THR I 89 -27.84 7.38 -41.27
CA THR I 89 -27.34 6.10 -40.82
C THR I 89 -26.44 5.51 -41.90
N THR I 90 -26.90 5.48 -43.13
CA THR I 90 -26.10 4.95 -44.23
C THR I 90 -24.76 5.68 -44.30
N ALA I 91 -24.83 7.01 -44.27
CA ALA I 91 -23.64 7.83 -44.33
C ALA I 91 -22.68 7.45 -43.23
N THR I 92 -23.25 7.21 -42.03
CA THR I 92 -22.47 6.84 -40.87
C THR I 92 -21.75 5.50 -41.03
N VAL I 93 -22.44 4.46 -41.48
CA VAL I 93 -21.76 3.18 -41.66
C VAL I 93 -20.77 3.26 -42.83
N LEU I 94 -21.08 4.06 -43.85
CA LEU I 94 -20.16 4.23 -44.97
C LEU I 94 -18.88 4.91 -44.46
N ALA I 95 -19.03 5.90 -43.58
CA ALA I 95 -17.90 6.62 -43.02
C ALA I 95 -17.02 5.69 -42.19
N GLN I 96 -17.65 4.83 -41.39
CA GLN I 96 -16.88 3.90 -40.56
C GLN I 96 -16.05 3.01 -41.46
N ALA I 97 -16.64 2.54 -42.56
CA ALA I 97 -15.97 1.67 -43.51
C ALA I 97 -14.77 2.31 -44.20
N ILE I 98 -14.97 3.50 -44.75
CA ILE I 98 -13.88 4.20 -45.42
C ILE I 98 -12.77 4.52 -44.41
N ILE I 99 -13.15 5.07 -43.24
CA ILE I 99 -12.17 5.43 -42.23
C ILE I 99 -11.37 4.25 -41.70
N THR I 100 -12.05 3.15 -41.41
CA THR I 100 -11.37 1.97 -40.89
C THR I 100 -10.28 1.49 -41.83
N GLU I 101 -10.61 1.25 -43.10
CA GLU I 101 -9.62 0.78 -44.04
C GLU I 101 -8.61 1.87 -44.40
N GLY I 102 -9.11 3.09 -44.57
CA GLY I 102 -8.23 4.20 -44.90
C GLY I 102 -7.13 4.38 -43.86
N LEU I 103 -7.51 4.27 -42.58
CA LEU I 103 -6.54 4.42 -41.51
C LEU I 103 -5.56 3.25 -41.51
N LYS I 104 -6.02 2.07 -41.90
CA LYS I 104 -5.13 0.91 -41.96
C LYS I 104 -4.03 1.19 -42.98
N ALA I 105 -4.44 1.65 -44.17
CA ALA I 105 -3.51 1.99 -45.23
C ALA I 105 -2.50 3.04 -44.72
N VAL I 106 -2.98 4.00 -43.96
CA VAL I 106 -2.09 5.03 -43.45
C VAL I 106 -1.02 4.44 -42.52
N ALA I 107 -1.45 3.60 -41.58
CA ALA I 107 -0.54 2.96 -40.63
C ALA I 107 0.44 2.06 -41.37
N ALA I 108 0.03 1.58 -42.54
CA ALA I 108 0.90 0.71 -43.34
C ALA I 108 1.93 1.59 -44.05
N GLY I 109 1.83 2.90 -43.85
CA GLY I 109 2.77 3.82 -44.45
C GLY I 109 2.39 4.46 -45.77
N MET I 110 1.13 4.33 -46.17
CA MET I 110 0.68 4.92 -47.43
C MET I 110 0.38 6.42 -47.29
N ASN I 111 0.50 7.13 -48.40
CA ASN I 111 0.28 8.57 -48.39
C ASN I 111 -1.17 8.97 -48.13
N PRO I 112 -1.43 9.65 -47.01
CA PRO I 112 -2.80 10.07 -46.70
C PRO I 112 -3.45 10.87 -47.83
N MET I 113 -2.75 11.86 -48.35
CA MET I 113 -3.28 12.68 -49.43
C MET I 113 -3.62 11.86 -50.68
N ASP I 114 -2.74 10.95 -51.08
CA ASP I 114 -3.08 10.12 -52.26
C ASP I 114 -4.26 9.21 -51.95
N LEU I 115 -4.33 8.67 -50.73
CA LEU I 115 -5.44 7.81 -50.34
C LEU I 115 -6.71 8.60 -50.48
N LYS I 116 -6.69 9.85 -50.04
CA LYS I 116 -7.90 10.68 -50.14
C LYS I 116 -8.28 10.94 -51.60
N ARG I 117 -7.30 11.22 -52.45
CA ARG I 117 -7.57 11.49 -53.85
C ARG I 117 -8.25 10.27 -54.47
N GLY I 118 -7.75 9.08 -54.15
CA GLY I 118 -8.34 7.85 -54.67
C GLY I 118 -9.79 7.66 -54.24
N ILE I 119 -10.05 7.85 -52.95
CA ILE I 119 -11.40 7.72 -52.41
C ILE I 119 -12.32 8.64 -53.20
N ASP I 120 -11.88 9.90 -53.33
CA ASP I 120 -12.65 10.92 -54.04
C ASP I 120 -12.88 10.53 -55.51
N LYS I 121 -11.84 10.05 -56.18
CA LYS I 121 -11.99 9.67 -57.56
C LYS I 121 -13.03 8.58 -57.67
N ALA I 122 -12.93 7.58 -56.79
CA ALA I 122 -13.88 6.48 -56.81
C ALA I 122 -15.31 6.98 -56.56
N VAL I 123 -15.47 7.93 -55.65
CA VAL I 123 -16.79 8.47 -55.32
C VAL I 123 -17.39 9.20 -56.53
N THR I 124 -16.59 10.02 -57.19
CA THR I 124 -17.08 10.74 -58.35
C THR I 124 -17.57 9.75 -59.39
N ALA I 125 -16.75 8.74 -59.67
CA ALA I 125 -17.10 7.71 -60.63
C ALA I 125 -18.40 7.06 -60.18
N ALA I 126 -18.47 6.72 -58.91
CA ALA I 126 -19.66 6.08 -58.37
C ALA I 126 -20.91 6.90 -58.52
N VAL I 127 -20.82 8.20 -58.29
CA VAL I 127 -22.00 9.04 -58.43
C VAL I 127 -22.52 9.10 -59.87
N GLU I 128 -21.61 9.04 -60.85
CA GLU I 128 -22.02 9.05 -62.25
C GLU I 128 -22.70 7.73 -62.55
N GLU I 129 -22.09 6.64 -62.09
CA GLU I 129 -22.63 5.30 -62.29
C GLU I 129 -24.00 5.20 -61.63
N LEU I 130 -24.18 5.99 -60.58
CA LEU I 130 -25.42 6.03 -59.83
C LEU I 130 -26.53 6.73 -60.66
N LYS I 131 -26.15 7.81 -61.34
CA LYS I 131 -27.11 8.54 -62.16
C LYS I 131 -27.57 7.64 -63.29
N ALA I 132 -26.64 6.86 -63.84
CA ALA I 132 -26.95 5.97 -64.93
C ALA I 132 -27.99 4.95 -64.47
N LEU I 133 -27.73 4.34 -63.32
CA LEU I 133 -28.62 3.32 -62.76
C LEU I 133 -30.00 3.87 -62.43
N SER I 134 -30.05 5.17 -62.12
CA SER I 134 -31.29 5.84 -61.74
C SER I 134 -32.45 5.77 -62.74
N VAL I 135 -33.65 5.56 -62.19
CA VAL I 135 -34.90 5.49 -62.98
C VAL I 135 -35.67 6.81 -62.70
N PRO I 136 -36.16 7.57 -63.73
CA PRO I 136 -36.90 8.83 -63.51
C PRO I 136 -38.24 8.69 -62.80
N CYS I 137 -38.69 9.78 -62.18
CA CYS I 137 -39.95 9.82 -61.46
C CYS I 137 -40.56 11.21 -61.79
N SER I 138 -41.06 11.34 -63.01
CA SER I 138 -41.59 12.61 -63.47
C SER I 138 -43.09 12.79 -63.58
N ASP I 139 -43.82 11.71 -63.84
CA ASP I 139 -45.27 11.83 -63.96
C ASP I 139 -45.95 11.52 -62.64
N SER I 140 -47.21 11.96 -62.48
CA SER I 140 -47.92 11.74 -61.23
C SER I 140 -48.10 10.27 -60.90
N LYS I 141 -48.09 9.42 -61.91
CA LYS I 141 -48.24 7.99 -61.66
C LYS I 141 -47.06 7.51 -60.80
N ALA I 142 -45.86 7.89 -61.22
CA ALA I 142 -44.64 7.54 -60.52
C ALA I 142 -44.61 8.23 -59.17
N ILE I 143 -44.88 9.52 -59.17
CA ILE I 143 -44.88 10.30 -57.94
C ILE I 143 -45.74 9.59 -56.90
N ALA I 144 -46.88 9.07 -57.33
CA ALA I 144 -47.79 8.39 -56.43
C ALA I 144 -47.20 7.06 -55.94
N GLN I 145 -46.62 6.28 -56.84
CA GLN I 145 -46.03 5.00 -56.47
C GLN I 145 -44.97 5.18 -55.38
N VAL I 146 -44.06 6.11 -55.61
CA VAL I 146 -43.00 6.36 -54.66
C VAL I 146 -43.56 6.79 -53.32
N GLY I 147 -44.51 7.72 -53.37
CA GLY I 147 -45.12 8.20 -52.14
C GLY I 147 -45.79 7.08 -51.38
N THR I 148 -46.44 6.17 -52.12
CA THR I 148 -47.11 5.03 -51.50
C THR I 148 -46.10 4.13 -50.80
N ILE I 149 -44.99 3.85 -51.49
CA ILE I 149 -43.95 3.01 -50.93
C ILE I 149 -43.36 3.64 -49.67
N SER I 150 -43.22 4.97 -49.68
CA SER I 150 -42.66 5.69 -48.55
C SER I 150 -43.63 5.71 -47.37
N ALA I 151 -44.92 5.75 -47.67
CA ALA I 151 -45.93 5.79 -46.63
C ALA I 151 -46.23 4.39 -46.13
N ASN I 152 -45.35 3.45 -46.48
CA ASN I 152 -45.50 2.05 -46.07
C ASN I 152 -46.67 1.39 -46.75
N SER I 153 -46.77 1.60 -48.06
CA SER I 153 -47.83 1.01 -48.89
C SER I 153 -49.22 1.59 -48.70
N ASP I 154 -49.30 2.86 -48.32
CA ASP I 154 -50.57 3.53 -48.13
C ASP I 154 -50.90 4.33 -49.40
N GLU I 155 -51.68 3.75 -50.30
CA GLU I 155 -52.04 4.43 -51.55
C GLU I 155 -52.64 5.80 -51.32
N THR I 156 -53.28 5.99 -50.17
CA THR I 156 -53.88 7.26 -49.82
C THR I 156 -52.83 8.36 -49.84
N VAL I 157 -51.76 8.17 -49.07
CA VAL I 157 -50.68 9.13 -49.00
C VAL I 157 -50.12 9.40 -50.40
N GLY I 158 -49.85 8.32 -51.13
CA GLY I 158 -49.32 8.48 -52.47
C GLY I 158 -50.20 9.39 -53.29
N LYS I 159 -51.51 9.14 -53.22
CA LYS I 159 -52.49 9.93 -53.95
C LYS I 159 -52.42 11.39 -53.52
N LEU I 160 -52.47 11.62 -52.23
CA LEU I 160 -52.40 12.99 -51.70
C LEU I 160 -51.21 13.78 -52.24
N ILE I 161 -50.01 13.23 -52.07
CA ILE I 161 -48.81 13.89 -52.52
C ILE I 161 -48.85 14.21 -54.01
N ALA I 162 -49.37 13.28 -54.80
CA ALA I 162 -49.47 13.47 -56.24
C ALA I 162 -50.44 14.59 -56.58
N GLU I 163 -51.56 14.66 -55.86
CA GLU I 163 -52.54 15.70 -56.07
C GLU I 163 -51.93 17.04 -55.68
N ALA I 164 -51.21 17.05 -54.56
CA ALA I 164 -50.58 18.27 -54.06
C ALA I 164 -49.57 18.82 -55.04
N MET I 165 -48.73 17.95 -55.59
CA MET I 165 -47.72 18.39 -56.55
C MET I 165 -48.37 18.82 -57.85
N ASP I 166 -49.52 18.23 -58.16
CA ASP I 166 -50.22 18.57 -59.38
C ASP I 166 -50.75 19.99 -59.24
N LYS I 167 -51.12 20.36 -58.02
CA LYS I 167 -51.66 21.69 -57.74
C LYS I 167 -50.62 22.81 -57.77
N VAL I 168 -49.48 22.60 -57.12
CA VAL I 168 -48.45 23.63 -57.06
C VAL I 168 -47.13 23.31 -57.78
N GLY I 169 -47.08 22.21 -58.52
CA GLY I 169 -45.88 21.82 -59.22
C GLY I 169 -45.02 20.95 -58.34
N LYS I 170 -44.14 20.13 -58.91
CA LYS I 170 -43.32 19.26 -58.07
C LYS I 170 -42.17 19.99 -57.39
N GLU I 171 -42.10 21.29 -57.62
CA GLU I 171 -41.07 22.12 -57.00
C GLU I 171 -41.77 23.20 -56.18
N GLY I 172 -43.07 22.98 -55.94
CA GLY I 172 -43.85 23.94 -55.17
C GLY I 172 -43.90 23.65 -53.68
N VAL I 173 -44.27 24.66 -52.89
CA VAL I 173 -44.35 24.51 -51.44
C VAL I 173 -45.56 23.66 -51.01
N ILE I 174 -45.29 22.66 -50.17
CA ILE I 174 -46.33 21.77 -49.66
C ILE I 174 -46.14 21.57 -48.16
N THR I 175 -47.20 21.77 -47.38
CA THR I 175 -47.14 21.61 -45.93
C THR I 175 -48.21 20.61 -45.48
N VAL I 176 -48.01 20.00 -44.32
CA VAL I 176 -48.99 19.06 -43.80
C VAL I 176 -49.45 19.52 -42.42
N GLU I 177 -50.73 19.36 -42.12
CA GLU I 177 -51.28 19.77 -40.83
C GLU I 177 -52.28 18.74 -40.33
N ASP I 178 -52.58 18.79 -39.04
CA ASP I 178 -53.56 17.88 -38.48
C ASP I 178 -54.87 18.21 -39.17
N GLY I 179 -55.68 17.19 -39.44
CA GLY I 179 -56.94 17.43 -40.10
C GLY I 179 -58.06 17.86 -39.16
N THR I 180 -59.20 18.20 -39.74
CA THR I 180 -60.37 18.62 -38.97
C THR I 180 -61.12 17.38 -38.51
N GLY I 181 -60.69 16.21 -38.96
CA GLY I 181 -61.32 14.97 -38.54
C GLY I 181 -61.82 14.05 -39.63
N LEU I 182 -61.15 12.92 -39.81
CA LEU I 182 -61.53 11.92 -40.81
C LEU I 182 -61.61 12.54 -42.21
N GLN I 183 -60.94 11.91 -43.18
CA GLN I 183 -60.94 12.41 -44.55
C GLN I 183 -59.95 13.56 -44.71
N ASP I 184 -59.04 13.39 -45.65
CA ASP I 184 -58.02 14.38 -45.92
C ASP I 184 -58.60 15.59 -46.63
N GLU I 185 -57.82 16.65 -46.70
CA GLU I 185 -58.24 17.87 -47.34
C GLU I 185 -57.02 18.50 -47.99
N LEU I 186 -57.14 18.93 -49.23
CA LEU I 186 -56.03 19.57 -49.90
C LEU I 186 -56.43 20.97 -50.32
N ASP I 187 -55.73 21.97 -49.80
CA ASP I 187 -56.08 23.34 -50.14
C ASP I 187 -54.87 24.15 -50.53
N VAL I 188 -55.07 25.05 -51.47
CA VAL I 188 -54.00 25.93 -51.88
C VAL I 188 -54.37 27.30 -51.39
N VAL I 189 -53.49 27.92 -50.62
CA VAL I 189 -53.75 29.24 -50.08
C VAL I 189 -52.61 30.21 -50.38
N GLU I 190 -52.83 31.48 -50.05
CA GLU I 190 -51.80 32.48 -50.26
C GLU I 190 -50.73 32.18 -49.24
N GLY I 191 -49.52 31.95 -49.72
CA GLY I 191 -48.42 31.65 -48.83
C GLY I 191 -47.08 31.78 -49.52
N MET I 192 -46.02 31.55 -48.75
CA MET I 192 -44.68 31.66 -49.26
C MET I 192 -43.66 30.95 -48.38
N GLN I 193 -42.47 30.73 -48.91
CA GLN I 193 -41.42 30.04 -48.17
C GLN I 193 -40.04 30.53 -48.60
N PHE I 194 -39.21 30.91 -47.64
CA PHE I 194 -37.86 31.37 -47.97
C PHE I 194 -36.80 30.64 -47.15
N ASP I 195 -35.56 30.69 -47.61
CA ASP I 195 -34.47 30.00 -46.94
C ASP I 195 -33.85 30.70 -45.76
N ARG I 196 -34.55 30.71 -44.64
CA ARG I 196 -34.05 31.32 -43.41
C ARG I 196 -34.67 30.55 -42.25
N GLY I 197 -33.83 29.97 -41.40
CA GLY I 197 -34.35 29.23 -40.26
C GLY I 197 -34.46 30.11 -39.04
N TYR I 198 -34.84 29.50 -37.92
CA TYR I 198 -34.98 30.24 -36.68
C TYR I 198 -33.65 30.83 -36.29
N LEU I 199 -33.70 31.97 -35.60
CA LEU I 199 -32.47 32.66 -35.17
C LEU I 199 -31.83 32.02 -33.94
N SER I 200 -32.37 30.87 -33.53
CA SER I 200 -31.85 30.14 -32.39
C SER I 200 -32.89 29.10 -31.99
N PRO I 201 -32.44 27.96 -31.45
CA PRO I 201 -33.45 26.98 -31.07
C PRO I 201 -34.24 27.63 -29.92
N TYR I 202 -34.70 26.85 -28.96
CA TYR I 202 -35.44 27.44 -27.86
C TYR I 202 -36.80 27.90 -28.38
N PHE I 203 -36.80 28.57 -29.53
CA PHE I 203 -38.04 29.01 -30.14
C PHE I 203 -38.80 27.73 -30.45
N ILE I 204 -38.05 26.68 -30.77
CA ILE I 204 -38.62 25.38 -31.09
C ILE I 204 -39.66 24.96 -30.06
N ASN I 205 -40.88 24.76 -30.51
CA ASN I 205 -41.98 24.34 -29.63
C ASN I 205 -42.52 22.99 -30.08
N LYS I 206 -41.79 22.36 -31.00
CA LYS I 206 -42.15 21.04 -31.52
C LYS I 206 -40.85 20.28 -31.75
N PRO I 207 -40.17 19.91 -30.64
CA PRO I 207 -38.90 19.17 -30.62
C PRO I 207 -38.87 17.90 -31.46
N GLU I 208 -40.00 17.23 -31.58
CA GLU I 208 -40.06 16.01 -32.38
C GLU I 208 -39.55 16.32 -33.78
N THR I 209 -39.94 17.48 -34.30
CA THR I 209 -39.55 17.90 -35.63
C THR I 209 -38.48 18.98 -35.58
N GLY I 210 -38.13 19.42 -34.38
CA GLY I 210 -37.14 20.47 -34.24
C GLY I 210 -37.58 21.67 -35.05
N ALA I 211 -38.85 22.02 -34.90
CA ALA I 211 -39.43 23.13 -35.64
C ALA I 211 -40.17 24.11 -34.74
N VAL I 212 -40.40 25.30 -35.28
CA VAL I 212 -41.14 26.32 -34.56
C VAL I 212 -42.49 26.43 -35.29
N GLU I 213 -43.58 26.33 -34.54
CA GLU I 213 -44.91 26.41 -35.13
C GLU I 213 -45.78 27.44 -34.42
N LEU I 214 -46.15 28.49 -35.15
CA LEU I 214 -46.98 29.57 -34.60
C LEU I 214 -48.38 29.56 -35.24
N GLU I 215 -49.39 29.79 -34.43
CA GLU I 215 -50.76 29.78 -34.93
C GLU I 215 -51.39 31.17 -34.89
N SER I 216 -51.87 31.63 -36.03
CA SER I 216 -52.50 32.94 -36.16
C SER I 216 -51.56 34.00 -35.66
N PRO I 217 -50.31 33.99 -36.13
CA PRO I 217 -49.31 34.97 -35.69
C PRO I 217 -49.31 36.29 -36.44
N PHE I 218 -48.83 37.32 -35.75
CA PHE I 218 -48.66 38.64 -36.36
C PHE I 218 -47.27 38.53 -36.97
N ILE I 219 -46.95 39.42 -37.89
CA ILE I 219 -45.64 39.36 -38.51
C ILE I 219 -45.05 40.76 -38.60
N LEU I 220 -43.93 40.96 -37.92
CA LEU I 220 -43.25 42.23 -37.94
C LEU I 220 -42.15 42.22 -38.97
N LEU I 221 -42.25 43.08 -39.97
CA LEU I 221 -41.23 43.17 -41.02
C LEU I 221 -40.39 44.43 -40.76
N ALA I 222 -39.13 44.24 -40.36
CA ALA I 222 -38.23 45.37 -40.07
C ALA I 222 -36.95 45.31 -40.88
N ASP I 223 -36.79 46.25 -41.79
CA ASP I 223 -35.60 46.29 -42.65
C ASP I 223 -34.41 46.91 -41.90
N LYS I 224 -34.01 46.26 -40.81
CA LYS I 224 -32.89 46.73 -40.00
C LYS I 224 -32.48 45.64 -39.01
N LYS I 225 -31.39 45.88 -38.29
CA LYS I 225 -30.89 44.94 -37.29
C LYS I 225 -31.37 45.40 -35.92
N ILE I 226 -31.85 44.46 -35.11
CA ILE I 226 -32.36 44.81 -33.78
C ILE I 226 -31.40 44.48 -32.64
N SER I 227 -30.93 45.53 -31.95
CA SER I 227 -30.00 45.40 -30.85
C SER I 227 -30.67 45.62 -29.50
N ASN I 228 -31.27 46.79 -29.37
CA ASN I 228 -31.93 47.18 -28.14
C ASN I 228 -33.38 46.73 -28.16
N ILE I 229 -33.68 45.69 -27.39
CA ILE I 229 -35.03 45.18 -27.40
C ILE I 229 -36.03 46.19 -26.85
N ARG I 230 -35.56 47.36 -26.45
CA ARG I 230 -36.46 48.39 -25.94
C ARG I 230 -37.37 48.86 -27.08
N GLU I 231 -36.80 49.04 -28.27
CA GLU I 231 -37.53 49.48 -29.46
C GLU I 231 -38.80 48.67 -29.66
N MET I 232 -38.72 47.39 -29.33
CA MET I 232 -39.82 46.45 -29.47
C MET I 232 -40.96 46.59 -28.46
N LEU I 233 -40.61 46.79 -27.19
CA LEU I 233 -41.58 46.91 -26.11
C LEU I 233 -42.97 47.41 -26.46
N PRO I 234 -43.09 48.61 -27.04
CA PRO I 234 -44.43 49.11 -27.40
C PRO I 234 -45.23 48.14 -28.29
N VAL I 235 -44.56 47.55 -29.28
CA VAL I 235 -45.20 46.62 -30.18
C VAL I 235 -45.44 45.26 -29.50
N LEU I 236 -44.43 44.76 -28.79
CA LEU I 236 -44.55 43.48 -28.09
C LEU I 236 -45.70 43.53 -27.06
N GLU I 237 -45.83 44.65 -26.36
CA GLU I 237 -46.91 44.78 -25.38
C GLU I 237 -48.24 44.64 -26.10
N ALA I 238 -48.33 45.24 -27.29
CA ALA I 238 -49.56 45.19 -28.07
C ALA I 238 -49.86 43.76 -28.46
N VAL I 239 -48.83 43.03 -28.85
CA VAL I 239 -48.97 41.63 -29.25
C VAL I 239 -49.21 40.80 -28.00
N ALA I 240 -48.72 41.30 -26.88
CA ALA I 240 -48.89 40.62 -25.61
C ALA I 240 -50.39 40.49 -25.42
N LYS I 241 -51.09 41.61 -25.45
CA LYS I 241 -52.53 41.57 -25.34
C LYS I 241 -52.91 40.92 -26.66
N ALA I 242 -54.19 40.67 -26.91
CA ALA I 242 -54.59 40.04 -28.17
C ALA I 242 -54.17 38.56 -28.12
N GLY I 243 -53.22 38.26 -27.24
CA GLY I 243 -52.75 36.90 -27.08
C GLY I 243 -52.46 36.14 -28.35
N LYS I 244 -51.64 36.74 -29.21
CA LYS I 244 -51.26 36.10 -30.46
C LYS I 244 -49.74 36.02 -30.55
N PRO I 245 -49.21 34.98 -31.20
CA PRO I 245 -47.77 34.84 -31.33
C PRO I 245 -47.25 35.87 -32.34
N LEU I 246 -45.95 36.14 -32.29
CA LEU I 246 -45.32 37.11 -33.18
C LEU I 246 -44.08 36.57 -33.89
N LEU I 247 -44.02 36.76 -35.20
CA LEU I 247 -42.88 36.34 -35.99
C LEU I 247 -42.12 37.61 -36.34
N ILE I 248 -40.86 37.68 -35.94
CA ILE I 248 -40.02 38.83 -36.25
C ILE I 248 -39.15 38.51 -37.46
N ILE I 249 -39.31 39.29 -38.52
CA ILE I 249 -38.50 39.11 -39.71
C ILE I 249 -37.68 40.37 -39.83
N ALA I 250 -36.46 40.34 -39.31
CA ALA I 250 -35.60 41.51 -39.38
C ALA I 250 -34.31 41.19 -40.11
N GLU I 251 -33.50 42.22 -40.36
CA GLU I 251 -32.23 42.02 -41.04
C GLU I 251 -31.38 41.12 -40.13
N ASP I 252 -31.70 41.16 -38.84
CA ASP I 252 -31.02 40.34 -37.83
C ASP I 252 -31.42 40.77 -36.42
N VAL I 253 -31.41 39.81 -35.50
CA VAL I 253 -31.73 40.07 -34.11
C VAL I 253 -30.51 39.65 -33.32
N GLU I 254 -29.84 40.63 -32.72
CA GLU I 254 -28.62 40.37 -31.96
C GLU I 254 -28.76 39.74 -30.58
N GLY I 255 -27.67 39.08 -30.18
CA GLY I 255 -27.57 38.40 -28.90
C GLY I 255 -28.48 38.74 -27.75
N GLU I 256 -28.25 39.88 -27.10
CA GLU I 256 -29.08 40.27 -25.96
C GLU I 256 -30.57 40.38 -26.28
N ALA I 257 -30.90 41.04 -27.39
CA ALA I 257 -32.31 41.20 -27.78
C ALA I 257 -32.94 39.82 -27.96
N LEU I 258 -32.23 38.95 -28.67
CA LEU I 258 -32.69 37.59 -28.91
C LEU I 258 -32.90 36.86 -27.57
N ALA I 259 -31.94 37.03 -26.67
CA ALA I 259 -32.00 36.41 -25.36
C ALA I 259 -33.31 36.79 -24.67
N THR I 260 -33.61 38.08 -24.69
CA THR I 260 -34.81 38.60 -24.07
C THR I 260 -36.04 37.93 -24.63
N LEU I 261 -36.10 37.80 -25.96
CA LEU I 261 -37.24 37.17 -26.61
C LEU I 261 -37.42 35.75 -26.12
N VAL I 262 -36.35 34.96 -26.15
CA VAL I 262 -36.41 33.58 -25.68
C VAL I 262 -36.92 33.49 -24.23
N VAL I 263 -36.29 34.24 -23.33
CA VAL I 263 -36.69 34.24 -21.93
C VAL I 263 -38.18 34.56 -21.72
N ASN I 264 -38.60 35.71 -22.23
CA ASN I 264 -39.97 36.15 -22.09
C ASN I 264 -41.06 35.26 -22.69
N THR I 265 -40.83 34.69 -23.87
CA THR I 265 -41.84 33.82 -24.48
C THR I 265 -41.88 32.51 -23.70
N MET I 266 -40.78 32.21 -23.04
CA MET I 266 -40.63 31.00 -22.25
C MET I 266 -41.31 31.18 -20.89
N ARG I 267 -41.65 32.40 -20.55
CA ARG I 267 -42.32 32.67 -19.29
C ARG I 267 -43.81 32.82 -19.51
N GLY I 268 -44.25 32.60 -20.75
CA GLY I 268 -45.66 32.72 -21.06
C GLY I 268 -46.11 34.07 -21.57
N ILE I 269 -45.38 35.11 -21.21
CA ILE I 269 -45.71 36.47 -21.64
C ILE I 269 -45.20 36.70 -23.07
N VAL I 270 -46.11 36.78 -24.03
CA VAL I 270 -45.72 37.01 -25.42
C VAL I 270 -44.90 35.89 -26.08
N LYS I 271 -45.46 35.30 -27.14
CA LYS I 271 -44.77 34.24 -27.87
C LYS I 271 -44.13 34.86 -29.12
N VAL I 272 -42.80 34.81 -29.17
CA VAL I 272 -42.07 35.38 -30.28
C VAL I 272 -41.12 34.37 -30.91
N ALA I 273 -40.72 34.67 -32.14
CA ALA I 273 -39.80 33.86 -32.91
C ALA I 273 -39.25 34.81 -33.97
N ALA I 274 -37.94 34.75 -34.20
CA ALA I 274 -37.32 35.64 -35.16
C ALA I 274 -36.45 34.89 -36.15
N VAL I 275 -36.35 35.45 -37.35
CA VAL I 275 -35.57 34.88 -38.43
C VAL I 275 -35.07 36.05 -39.29
N LYS I 276 -33.94 35.84 -39.95
CA LYS I 276 -33.39 36.90 -40.80
C LYS I 276 -34.25 37.09 -42.02
N ALA I 277 -34.19 38.29 -42.60
CA ALA I 277 -34.95 38.58 -43.81
C ALA I 277 -34.29 37.79 -44.94
N PRO I 278 -35.09 37.30 -45.89
CA PRO I 278 -34.56 36.53 -47.03
C PRO I 278 -33.64 37.31 -47.94
N GLY I 279 -32.65 36.61 -48.48
CA GLY I 279 -31.70 37.23 -49.38
C GLY I 279 -30.84 38.32 -48.77
N PHE I 280 -30.12 39.03 -49.63
CA PHE I 280 -29.25 40.11 -49.21
C PHE I 280 -29.26 41.23 -50.26
N GLY I 281 -28.60 42.34 -49.94
CA GLY I 281 -28.52 43.46 -50.87
C GLY I 281 -29.85 44.12 -51.19
N ASP I 282 -30.11 44.33 -52.47
CA ASP I 282 -31.33 44.97 -52.91
C ASP I 282 -32.49 43.98 -53.04
N ARG I 283 -32.19 42.77 -53.50
CA ARG I 283 -33.25 41.78 -53.65
C ARG I 283 -33.82 41.42 -52.28
N ARG I 284 -33.20 41.96 -51.23
CA ARG I 284 -33.67 41.71 -49.87
C ARG I 284 -34.80 42.68 -49.55
N LYS I 285 -34.56 43.96 -49.82
CA LYS I 285 -35.57 44.98 -49.56
C LYS I 285 -36.83 44.67 -50.35
N ALA I 286 -36.65 44.09 -51.53
CA ALA I 286 -37.77 43.74 -52.39
C ALA I 286 -38.57 42.59 -51.80
N MET I 287 -37.87 41.50 -51.48
CA MET I 287 -38.52 40.34 -50.92
C MET I 287 -39.22 40.65 -49.61
N LEU I 288 -38.61 41.52 -48.81
CA LEU I 288 -39.20 41.91 -47.53
C LEU I 288 -40.55 42.52 -47.78
N GLN I 289 -40.65 43.26 -48.89
CA GLN I 289 -41.91 43.90 -49.25
C GLN I 289 -42.93 42.86 -49.73
N ASP I 290 -42.49 41.88 -50.52
CA ASP I 290 -43.39 40.85 -51.02
C ASP I 290 -44.12 40.21 -49.83
N ILE I 291 -43.37 39.83 -48.81
CA ILE I 291 -43.93 39.21 -47.63
C ILE I 291 -44.94 40.15 -47.01
N ALA I 292 -44.63 41.45 -47.01
CA ALA I 292 -45.53 42.46 -46.44
C ALA I 292 -46.87 42.46 -47.16
N THR I 293 -46.83 42.53 -48.48
CA THR I 293 -48.02 42.52 -49.31
C THR I 293 -48.78 41.22 -49.14
N LEU I 294 -48.04 40.12 -49.11
CA LEU I 294 -48.63 38.79 -48.96
C LEU I 294 -49.35 38.61 -47.63
N THR I 295 -48.81 39.21 -46.57
CA THR I 295 -49.38 39.09 -45.25
C THR I 295 -50.13 40.34 -44.80
N GLY I 296 -50.27 41.31 -45.70
CA GLY I 296 -50.96 42.54 -45.36
C GLY I 296 -50.28 43.36 -44.29
N GLY I 297 -48.95 43.29 -44.25
CA GLY I 297 -48.21 44.04 -43.28
C GLY I 297 -47.47 45.20 -43.91
N THR I 298 -46.87 46.04 -43.07
CA THR I 298 -46.11 47.20 -43.52
C THR I 298 -44.64 47.08 -43.14
N VAL I 299 -43.75 47.13 -44.11
CA VAL I 299 -42.34 47.04 -43.83
C VAL I 299 -41.90 48.28 -43.06
N ILE I 300 -41.12 48.09 -42.01
CA ILE I 300 -40.63 49.20 -41.20
C ILE I 300 -39.14 49.42 -41.44
N SER I 301 -38.81 50.38 -42.31
CA SER I 301 -37.43 50.69 -42.64
C SER I 301 -37.01 52.06 -42.13
N GLU I 302 -35.76 52.15 -41.67
CA GLU I 302 -35.20 53.39 -41.14
C GLU I 302 -34.99 54.42 -42.24
N GLU I 303 -34.69 53.93 -43.43
CA GLU I 303 -34.47 54.78 -44.59
C GLU I 303 -35.60 55.80 -44.75
N ILE I 304 -36.83 55.32 -44.83
CA ILE I 304 -37.99 56.20 -44.97
C ILE I 304 -38.21 57.00 -43.68
N GLY I 305 -37.46 56.64 -42.64
CA GLY I 305 -37.57 57.33 -41.38
C GLY I 305 -38.59 56.78 -40.39
N MET I 306 -38.98 55.52 -40.57
CA MET I 306 -39.95 54.89 -39.67
C MET I 306 -39.25 54.36 -38.43
N GLU I 307 -39.98 54.30 -37.34
CA GLU I 307 -39.44 53.81 -36.07
C GLU I 307 -40.24 52.64 -35.52
N LEU I 308 -39.56 51.71 -34.88
CA LEU I 308 -40.26 50.56 -34.32
C LEU I 308 -41.15 50.96 -33.14
N GLU I 309 -40.70 51.92 -32.34
CA GLU I 309 -41.49 52.33 -31.19
C GLU I 309 -42.86 52.82 -31.61
N LYS I 310 -42.94 53.40 -32.80
CA LYS I 310 -44.21 53.92 -33.28
C LYS I 310 -44.99 52.92 -34.14
N ALA I 311 -44.63 51.65 -34.08
CA ALA I 311 -45.32 50.62 -34.86
C ALA I 311 -46.47 50.04 -34.07
N THR I 312 -47.64 49.96 -34.72
CA THR I 312 -48.83 49.41 -34.08
C THR I 312 -49.22 48.08 -34.70
N LEU I 313 -50.15 47.39 -34.07
CA LEU I 313 -50.60 46.09 -34.57
C LEU I 313 -51.01 46.18 -36.03
N GLU I 314 -51.53 47.33 -36.42
CA GLU I 314 -51.99 47.53 -37.79
C GLU I 314 -50.85 47.51 -38.81
N ASP I 315 -49.63 47.71 -38.34
CA ASP I 315 -48.48 47.69 -39.24
C ASP I 315 -48.04 46.25 -39.45
N LEU I 316 -48.37 45.41 -38.50
CA LEU I 316 -48.00 44.00 -38.56
C LEU I 316 -48.79 43.20 -39.58
N GLY I 317 -48.11 42.23 -40.19
CA GLY I 317 -48.74 41.37 -41.17
C GLY I 317 -49.54 40.32 -40.41
N GLN I 318 -50.03 39.32 -41.11
CA GLN I 318 -50.82 38.31 -40.45
C GLN I 318 -50.98 37.07 -41.36
N ALA I 319 -50.99 35.90 -40.74
CA ALA I 319 -51.13 34.64 -41.46
C ALA I 319 -51.72 33.61 -40.50
N LYS I 320 -52.32 32.57 -41.04
CA LYS I 320 -52.93 31.56 -40.19
C LYS I 320 -51.93 30.63 -39.54
N ARG I 321 -50.76 30.46 -40.15
CA ARG I 321 -49.77 29.56 -39.59
C ARG I 321 -48.41 29.75 -40.23
N VAL I 322 -47.35 29.73 -39.42
CA VAL I 322 -45.97 29.86 -39.94
C VAL I 322 -45.20 28.70 -39.35
N VAL I 323 -44.29 28.14 -40.12
CA VAL I 323 -43.49 27.02 -39.65
C VAL I 323 -42.01 27.29 -39.88
N ILE I 324 -41.23 27.30 -38.81
CA ILE I 324 -39.81 27.60 -38.92
C ILE I 324 -38.93 26.36 -38.74
N ASN I 325 -37.94 26.23 -39.61
CA ASN I 325 -37.02 25.10 -39.61
C ASN I 325 -35.65 25.50 -39.13
N LYS I 326 -34.76 24.52 -39.19
CA LYS I 326 -33.36 24.72 -38.83
C LYS I 326 -32.82 25.72 -39.84
N ASP I 327 -33.44 25.77 -41.01
CA ASP I 327 -33.02 26.71 -42.05
C ASP I 327 -34.08 27.03 -43.10
N THR I 328 -35.34 27.07 -42.67
CA THR I 328 -36.45 27.38 -43.58
C THR I 328 -37.63 28.00 -42.86
N THR I 329 -38.29 28.95 -43.53
CA THR I 329 -39.46 29.62 -42.96
C THR I 329 -40.55 29.62 -44.00
N THR I 330 -41.73 29.13 -43.61
CA THR I 330 -42.86 29.09 -44.52
C THR I 330 -44.13 29.70 -43.92
N ILE I 331 -44.65 30.71 -44.62
CA ILE I 331 -45.84 31.43 -44.21
C ILE I 331 -47.09 30.85 -44.89
N ILE I 332 -48.04 30.40 -44.08
CA ILE I 332 -49.26 29.78 -44.60
C ILE I 332 -50.55 30.58 -44.43
N ASP I 333 -51.20 30.86 -45.55
CA ASP I 333 -52.44 31.60 -45.59
C ASP I 333 -52.27 33.03 -45.10
N GLY I 334 -51.70 33.88 -45.95
CA GLY I 334 -51.52 35.26 -45.59
C GLY I 334 -52.81 36.04 -45.76
N VAL I 335 -52.99 37.05 -44.91
CA VAL I 335 -54.18 37.88 -44.93
C VAL I 335 -54.20 38.91 -46.07
N GLY I 336 -53.01 39.24 -46.57
CA GLY I 336 -52.91 40.21 -47.66
C GLY I 336 -54.04 40.10 -48.65
N GLU I 337 -54.56 41.25 -49.08
CA GLU I 337 -55.66 41.29 -50.03
C GLU I 337 -55.23 40.79 -51.41
N GLU I 338 -56.05 39.93 -52.01
CA GLU I 338 -55.74 39.39 -53.32
C GLU I 338 -55.52 40.49 -54.33
N ALA I 339 -56.21 41.62 -54.14
CA ALA I 339 -56.08 42.76 -55.04
C ALA I 339 -54.65 43.28 -55.01
N ALA I 340 -54.13 43.46 -53.80
CA ALA I 340 -52.78 43.95 -53.60
C ALA I 340 -51.73 42.92 -54.02
N ILE I 341 -51.95 41.66 -53.63
CA ILE I 341 -51.01 40.59 -53.95
C ILE I 341 -50.92 40.43 -55.45
N GLN I 342 -52.07 40.20 -56.07
CA GLN I 342 -52.13 40.01 -57.51
C GLN I 342 -51.59 41.21 -58.27
N GLY I 343 -51.81 42.39 -57.73
CA GLY I 343 -51.31 43.60 -58.38
C GLY I 343 -49.80 43.63 -58.30
N ARG I 344 -49.28 43.21 -57.14
CA ARG I 344 -47.85 43.16 -56.89
C ARG I 344 -47.21 42.25 -57.94
N VAL I 345 -47.85 41.11 -58.18
CA VAL I 345 -47.35 40.14 -59.16
C VAL I 345 -47.22 40.79 -60.52
N ALA I 346 -48.19 41.63 -60.85
CA ALA I 346 -48.19 42.33 -62.12
C ALA I 346 -46.95 43.21 -62.25
N GLN I 347 -46.65 43.97 -61.20
CA GLN I 347 -45.48 44.85 -61.20
C GLN I 347 -44.18 44.09 -61.44
N ILE I 348 -44.04 42.93 -60.82
CA ILE I 348 -42.84 42.12 -60.97
C ILE I 348 -42.74 41.52 -62.37
N ARG I 349 -43.88 41.25 -62.98
CA ARG I 349 -43.90 40.67 -64.32
C ARG I 349 -43.48 41.67 -65.39
N GLN I 350 -43.65 42.95 -65.11
CA GLN I 350 -43.23 43.98 -66.05
C GLN I 350 -41.74 44.13 -65.87
N GLN I 351 -41.27 43.93 -64.63
CA GLN I 351 -39.85 44.02 -64.29
C GLN I 351 -39.13 43.05 -65.19
N ILE I 352 -39.74 41.88 -65.36
CA ILE I 352 -39.20 40.81 -66.18
C ILE I 352 -39.11 41.24 -67.63
N GLU I 353 -40.02 42.12 -68.03
CA GLU I 353 -40.05 42.64 -69.40
C GLU I 353 -38.89 43.60 -69.57
N GLU I 354 -38.87 44.63 -68.72
CA GLU I 354 -37.84 45.65 -68.72
C GLU I 354 -36.48 45.08 -68.31
N ALA I 355 -36.45 43.77 -68.08
CA ALA I 355 -35.23 43.08 -67.67
C ALA I 355 -34.17 43.12 -68.76
N THR I 356 -33.04 43.72 -68.45
CA THR I 356 -31.92 43.81 -69.39
C THR I 356 -30.84 42.80 -69.04
N SER I 357 -31.25 41.67 -68.49
CA SER I 357 -30.32 40.62 -68.06
C SER I 357 -31.04 39.29 -67.80
N ASP I 358 -30.31 38.20 -67.88
CA ASP I 358 -30.89 36.88 -67.62
C ASP I 358 -30.95 36.65 -66.12
N TYR I 359 -29.87 37.03 -65.43
CA TYR I 359 -29.80 36.87 -63.99
C TYR I 359 -30.96 37.63 -63.37
N ASP I 360 -30.98 38.94 -63.61
CA ASP I 360 -32.02 39.82 -63.07
C ASP I 360 -33.40 39.26 -63.40
N ARG I 361 -33.47 38.55 -64.51
CA ARG I 361 -34.72 37.96 -64.97
C ARG I 361 -35.07 36.74 -64.16
N GLU I 362 -34.10 35.87 -63.93
CA GLU I 362 -34.32 34.67 -63.15
C GLU I 362 -34.75 35.01 -61.73
N LYS I 363 -34.15 36.05 -61.15
CA LYS I 363 -34.46 36.46 -59.78
C LYS I 363 -35.88 37.00 -59.65
N LEU I 364 -36.34 37.68 -60.69
CA LEU I 364 -37.69 38.22 -60.67
C LEU I 364 -38.73 37.10 -60.83
N GLN I 365 -38.41 36.09 -61.63
CA GLN I 365 -39.32 34.98 -61.82
C GLN I 365 -39.45 34.22 -60.51
N GLU I 366 -38.34 34.07 -59.79
CA GLU I 366 -38.38 33.37 -58.50
C GLU I 366 -39.36 34.01 -57.56
N ARG I 367 -39.36 35.34 -57.55
CA ARG I 367 -40.26 36.09 -56.69
C ARG I 367 -41.73 35.92 -57.03
N VAL I 368 -42.08 36.02 -58.30
CA VAL I 368 -43.50 35.86 -58.67
C VAL I 368 -43.95 34.45 -58.39
N ALA I 369 -43.09 33.48 -58.67
CA ALA I 369 -43.40 32.08 -58.43
C ALA I 369 -43.82 31.88 -56.98
N LYS I 370 -43.13 32.56 -56.06
CA LYS I 370 -43.43 32.47 -54.65
C LYS I 370 -44.77 33.13 -54.35
N LEU I 371 -44.87 34.39 -54.76
CA LEU I 371 -46.07 35.19 -54.53
C LEU I 371 -47.31 34.67 -55.26
N ALA I 372 -47.15 34.27 -56.51
CA ALA I 372 -48.26 33.75 -57.30
C ALA I 372 -48.57 32.27 -57.04
N GLY I 373 -47.53 31.48 -56.82
CA GLY I 373 -47.68 30.05 -56.63
C GLY I 373 -48.49 29.58 -55.45
N GLY I 374 -48.44 30.33 -54.36
CA GLY I 374 -49.19 29.93 -53.18
C GLY I 374 -48.56 28.75 -52.46
N VAL I 375 -49.35 28.11 -51.60
CA VAL I 375 -48.89 26.97 -50.81
C VAL I 375 -49.95 25.90 -50.69
N ALA I 376 -49.58 24.67 -51.02
CA ALA I 376 -50.50 23.54 -50.93
C ALA I 376 -50.48 23.02 -49.52
N VAL I 377 -51.66 22.93 -48.91
CA VAL I 377 -51.79 22.46 -47.54
C VAL I 377 -52.53 21.13 -47.48
N ILE I 378 -51.83 20.09 -47.04
CA ILE I 378 -52.43 18.78 -46.90
C ILE I 378 -52.88 18.60 -45.46
N LYS I 379 -54.18 18.39 -45.26
CA LYS I 379 -54.72 18.17 -43.90
C LYS I 379 -55.00 16.69 -43.73
N VAL I 380 -54.12 16.00 -43.01
CA VAL I 380 -54.23 14.57 -42.80
C VAL I 380 -55.54 14.10 -42.20
N GLY I 381 -56.07 13.01 -42.76
CA GLY I 381 -57.33 12.43 -42.32
C GLY I 381 -57.34 12.15 -40.84
N ALA I 382 -58.26 11.32 -40.36
CA ALA I 382 -58.28 11.07 -38.92
C ALA I 382 -58.88 9.80 -38.37
N ALA I 383 -59.85 9.97 -37.47
CA ALA I 383 -60.52 8.89 -36.77
C ALA I 383 -59.56 8.54 -35.63
N THR I 384 -59.66 9.30 -34.55
CA THR I 384 -58.84 9.19 -33.33
C THR I 384 -57.57 10.02 -33.47
N GLU I 385 -57.34 10.87 -32.48
CA GLU I 385 -56.18 11.75 -32.45
C GLU I 385 -54.86 11.02 -32.63
N VAL I 386 -54.79 9.78 -32.16
CA VAL I 386 -53.56 9.01 -32.27
C VAL I 386 -53.23 8.62 -33.71
N GLU I 387 -54.16 7.95 -34.39
CA GLU I 387 -53.95 7.53 -35.78
C GLU I 387 -53.66 8.74 -36.63
N MET I 388 -54.36 9.83 -36.36
CA MET I 388 -54.20 11.07 -37.11
C MET I 388 -52.76 11.59 -37.04
N LYS I 389 -52.17 11.58 -35.85
CA LYS I 389 -50.80 12.04 -35.66
C LYS I 389 -49.79 11.09 -36.32
N GLU I 390 -50.11 9.80 -36.31
CA GLU I 390 -49.25 8.78 -36.88
C GLU I 390 -49.24 8.83 -38.41
N LYS I 391 -50.39 9.09 -39.01
CA LYS I 391 -50.51 9.18 -40.45
C LYS I 391 -49.80 10.44 -40.92
N LYS I 392 -49.98 11.52 -40.15
CA LYS I 392 -49.38 12.81 -40.46
C LYS I 392 -47.87 12.65 -40.59
N ALA I 393 -47.30 11.74 -39.79
CA ALA I 393 -45.88 11.49 -39.81
C ALA I 393 -45.48 10.78 -41.09
N ARG I 394 -46.21 9.72 -41.45
CA ARG I 394 -45.92 8.97 -42.67
C ARG I 394 -46.03 9.86 -43.88
N VAL I 395 -47.00 10.78 -43.87
CA VAL I 395 -47.20 11.69 -44.97
C VAL I 395 -46.00 12.61 -45.10
N GLU I 396 -45.58 13.18 -43.97
CA GLU I 396 -44.43 14.08 -43.95
C GLU I 396 -43.18 13.43 -44.51
N ASP I 397 -42.94 12.17 -44.14
CA ASP I 397 -41.78 11.46 -44.63
C ASP I 397 -41.95 11.17 -46.11
N ALA I 398 -43.08 10.56 -46.46
CA ALA I 398 -43.39 10.23 -47.86
C ALA I 398 -43.18 11.47 -48.73
N LEU I 399 -43.52 12.62 -48.19
CA LEU I 399 -43.37 13.87 -48.93
C LEU I 399 -41.90 14.14 -49.23
N HIS I 400 -41.05 14.11 -48.21
CA HIS I 400 -39.61 14.34 -48.41
C HIS I 400 -39.02 13.36 -49.40
N ALA I 401 -39.45 12.10 -49.31
CA ALA I 401 -38.98 11.05 -50.20
C ALA I 401 -39.36 11.30 -51.63
N THR I 402 -40.61 11.66 -51.83
CA THR I 402 -41.13 11.93 -53.16
C THR I 402 -40.46 13.16 -53.75
N ARG I 403 -40.25 14.18 -52.92
CA ARG I 403 -39.63 15.41 -53.38
C ARG I 403 -38.24 15.11 -53.94
N ALA I 404 -37.50 14.27 -53.23
CA ALA I 404 -36.15 13.91 -53.64
C ALA I 404 -36.20 13.04 -54.90
N ALA I 405 -37.15 12.11 -54.95
CA ALA I 405 -37.27 11.23 -56.10
C ALA I 405 -37.60 12.03 -57.35
N VAL I 406 -38.33 13.12 -57.18
CA VAL I 406 -38.70 13.97 -58.30
C VAL I 406 -37.50 14.74 -58.83
N GLU I 407 -36.54 15.01 -57.94
CA GLU I 407 -35.35 15.74 -58.33
C GLU I 407 -34.30 14.92 -59.03
N GLU I 408 -34.07 13.69 -58.57
CA GLU I 408 -33.04 12.85 -59.15
C GLU I 408 -33.38 11.38 -59.46
N GLY I 409 -34.64 10.97 -59.34
CA GLY I 409 -35.02 9.58 -59.63
C GLY I 409 -34.84 8.62 -58.47
N VAL I 410 -34.90 7.32 -58.76
CA VAL I 410 -34.73 6.30 -57.73
C VAL I 410 -33.78 5.20 -58.17
N VAL I 411 -33.26 4.46 -57.21
CA VAL I 411 -32.33 3.38 -57.47
C VAL I 411 -32.65 2.23 -56.53
N ALA I 412 -32.10 1.06 -56.80
CA ALA I 412 -32.33 -0.12 -55.97
C ALA I 412 -31.87 0.05 -54.53
N GLY I 413 -32.83 0.02 -53.60
CA GLY I 413 -32.50 0.17 -52.19
C GLY I 413 -31.89 -1.06 -51.55
N GLY I 414 -32.08 -1.20 -50.24
CA GLY I 414 -31.53 -2.33 -49.53
C GLY I 414 -30.02 -2.34 -49.67
N GLY I 415 -29.46 -1.20 -50.06
CA GLY I 415 -28.03 -1.09 -50.21
C GLY I 415 -27.45 -1.71 -51.47
N VAL I 416 -28.29 -2.23 -52.35
CA VAL I 416 -27.75 -2.86 -53.56
C VAL I 416 -27.28 -1.88 -54.62
N ALA I 417 -27.86 -0.70 -54.66
CA ALA I 417 -27.44 0.27 -55.66
C ALA I 417 -25.96 0.55 -55.43
N LEU I 418 -25.58 0.80 -54.19
CA LEU I 418 -24.18 1.09 -53.87
C LEU I 418 -23.24 -0.03 -54.24
N ILE I 419 -23.59 -1.24 -53.86
CA ILE I 419 -22.74 -2.38 -54.16
C ILE I 419 -22.69 -2.65 -55.68
N ARG I 420 -23.80 -2.39 -56.36
CA ARG I 420 -23.87 -2.58 -57.80
C ARG I 420 -22.95 -1.59 -58.49
N VAL I 421 -23.09 -0.33 -58.10
CA VAL I 421 -22.28 0.73 -58.67
C VAL I 421 -20.78 0.46 -58.49
N ALA I 422 -20.40 -0.06 -57.32
CA ALA I 422 -19.00 -0.33 -57.06
C ALA I 422 -18.51 -1.49 -57.91
N SER I 423 -19.34 -2.52 -58.08
CA SER I 423 -18.94 -3.67 -58.90
C SER I 423 -18.52 -3.25 -60.33
N LYS I 424 -18.97 -2.09 -60.78
CA LYS I 424 -18.64 -1.64 -62.12
C LYS I 424 -17.34 -0.84 -62.18
N LEU I 425 -16.84 -0.41 -61.04
CA LEU I 425 -15.63 0.40 -61.04
C LEU I 425 -14.37 -0.39 -60.72
N ALA I 426 -14.40 -1.70 -60.99
CA ALA I 426 -13.28 -2.60 -60.72
C ALA I 426 -11.98 -2.22 -61.41
N ASP I 427 -12.05 -1.48 -62.52
CA ASP I 427 -10.85 -1.08 -63.23
C ASP I 427 -10.43 0.35 -63.00
N LEU I 428 -11.21 1.10 -62.22
CA LEU I 428 -10.86 2.50 -61.96
C LEU I 428 -9.46 2.58 -61.33
N ARG I 429 -8.61 3.45 -61.88
CA ARG I 429 -7.25 3.60 -61.37
C ARG I 429 -6.86 5.05 -61.13
N GLY I 430 -5.82 5.27 -60.34
CA GLY I 430 -5.36 6.61 -60.05
C GLY I 430 -4.01 6.91 -60.70
N GLN I 431 -3.26 7.83 -60.10
CA GLN I 431 -1.97 8.21 -60.64
C GLN I 431 -0.81 7.39 -60.04
N ASN I 432 -1.04 6.80 -58.87
CA ASN I 432 -0.03 5.98 -58.23
C ASN I 432 -0.71 4.87 -57.42
N GLU I 433 0.08 3.96 -56.86
CA GLU I 433 -0.48 2.85 -56.09
C GLU I 433 -1.27 3.27 -54.85
N ASP I 434 -0.85 4.33 -54.18
CA ASP I 434 -1.56 4.79 -53.00
C ASP I 434 -2.97 5.17 -53.41
N GLN I 435 -3.09 5.93 -54.50
CA GLN I 435 -4.39 6.34 -55.02
C GLN I 435 -5.24 5.13 -55.41
N ASN I 436 -4.61 4.08 -55.91
CA ASN I 436 -5.33 2.89 -56.28
C ASN I 436 -5.92 2.26 -55.04
N VAL I 437 -5.15 2.25 -53.95
CA VAL I 437 -5.61 1.68 -52.68
C VAL I 437 -6.81 2.48 -52.19
N GLY I 438 -6.71 3.80 -52.30
CA GLY I 438 -7.82 4.66 -51.91
C GLY I 438 -9.08 4.28 -52.67
N ILE I 439 -8.96 4.05 -53.98
CA ILE I 439 -10.09 3.65 -54.79
C ILE I 439 -10.68 2.33 -54.30
N LYS I 440 -9.82 1.36 -54.00
CA LYS I 440 -10.30 0.07 -53.52
C LYS I 440 -10.93 0.21 -52.13
N VAL I 441 -10.42 1.16 -51.34
CA VAL I 441 -10.96 1.38 -50.01
C VAL I 441 -12.40 1.83 -50.10
N ALA I 442 -12.65 2.76 -51.03
CA ALA I 442 -14.00 3.30 -51.22
C ALA I 442 -14.95 2.24 -51.78
N LEU I 443 -14.52 1.55 -52.82
CA LEU I 443 -15.37 0.54 -53.43
C LEU I 443 -15.74 -0.54 -52.44
N ARG I 444 -14.78 -0.92 -51.61
CA ARG I 444 -15.01 -1.94 -50.62
C ARG I 444 -16.05 -1.42 -49.62
N ALA I 445 -15.92 -0.16 -49.23
CA ALA I 445 -16.83 0.45 -48.26
C ALA I 445 -18.24 0.48 -48.77
N MET I 446 -18.41 0.67 -50.08
CA MET I 446 -19.74 0.73 -50.66
C MET I 446 -20.55 -0.54 -50.43
N GLU I 447 -19.93 -1.56 -49.86
CA GLU I 447 -20.61 -2.80 -49.55
C GLU I 447 -21.10 -2.84 -48.10
N ALA I 448 -20.65 -1.89 -47.30
CA ALA I 448 -21.01 -1.86 -45.89
C ALA I 448 -22.50 -1.87 -45.63
N PRO I 449 -23.26 -0.98 -46.27
CA PRO I 449 -24.70 -0.97 -46.04
C PRO I 449 -25.41 -2.31 -46.28
N LEU I 450 -25.19 -2.91 -47.44
CA LEU I 450 -25.83 -4.19 -47.74
C LEU I 450 -25.40 -5.23 -46.72
N ARG I 451 -24.08 -5.35 -46.52
CA ARG I 451 -23.54 -6.34 -45.59
C ARG I 451 -24.14 -6.20 -44.22
N GLN I 452 -24.27 -4.97 -43.75
CA GLN I 452 -24.85 -4.74 -42.42
C GLN I 452 -26.30 -5.19 -42.39
N ILE I 453 -27.06 -4.79 -43.40
CA ILE I 453 -28.45 -5.18 -43.49
C ILE I 453 -28.58 -6.69 -43.42
N VAL I 454 -27.72 -7.39 -44.16
CA VAL I 454 -27.74 -8.85 -44.17
C VAL I 454 -27.35 -9.42 -42.80
N LEU I 455 -26.38 -8.80 -42.15
CA LEU I 455 -25.94 -9.28 -40.85
C LEU I 455 -27.09 -9.16 -39.86
N ASN I 456 -27.85 -8.07 -39.95
CA ASN I 456 -28.97 -7.89 -39.03
C ASN I 456 -30.02 -8.97 -39.22
N CYS I 457 -30.10 -9.50 -40.44
CA CYS I 457 -31.06 -10.56 -40.75
C CYS I 457 -30.60 -11.91 -40.24
N GLY I 458 -29.35 -11.98 -39.81
CA GLY I 458 -28.79 -13.24 -39.34
C GLY I 458 -28.28 -14.09 -40.47
N GLU I 459 -27.98 -13.47 -41.60
CA GLU I 459 -27.47 -14.18 -42.77
C GLU I 459 -25.98 -13.93 -42.96
N GLU I 460 -25.39 -14.51 -44.00
CA GLU I 460 -23.97 -14.34 -44.25
C GLU I 460 -23.68 -13.26 -45.31
N PRO I 461 -23.20 -12.09 -44.87
CA PRO I 461 -22.88 -10.97 -45.76
C PRO I 461 -22.04 -11.34 -46.98
N SER I 462 -20.96 -12.06 -46.74
CA SER I 462 -20.07 -12.46 -47.82
C SER I 462 -20.82 -13.14 -48.96
N VAL I 463 -21.73 -14.04 -48.60
CA VAL I 463 -22.51 -14.77 -49.61
C VAL I 463 -23.51 -13.89 -50.33
N VAL I 464 -24.33 -13.16 -49.59
CA VAL I 464 -25.32 -12.28 -50.21
C VAL I 464 -24.63 -11.23 -51.07
N ALA I 465 -23.56 -10.63 -50.55
CA ALA I 465 -22.82 -9.60 -51.28
C ALA I 465 -22.26 -10.20 -52.56
N ASN I 466 -21.74 -11.41 -52.42
CA ASN I 466 -21.15 -12.13 -53.53
C ASN I 466 -22.20 -12.40 -54.61
N THR I 467 -23.41 -12.76 -54.20
CA THR I 467 -24.47 -13.05 -55.15
C THR I 467 -24.98 -11.78 -55.83
N VAL I 468 -25.24 -10.74 -55.04
CA VAL I 468 -25.73 -9.49 -55.59
C VAL I 468 -24.73 -8.95 -56.60
N LYS I 469 -23.44 -9.04 -56.28
CA LYS I 469 -22.42 -8.56 -57.20
C LYS I 469 -22.38 -9.38 -58.47
N GLY I 470 -22.71 -10.67 -58.35
CA GLY I 470 -22.71 -11.56 -59.49
C GLY I 470 -23.69 -11.21 -60.58
N GLY I 471 -24.83 -10.66 -60.20
CA GLY I 471 -25.82 -10.27 -61.18
C GLY I 471 -25.56 -8.85 -61.67
N ASP I 472 -26.59 -8.21 -62.21
CA ASP I 472 -26.46 -6.84 -62.69
C ASP I 472 -27.78 -6.08 -62.69
N GLY I 473 -27.74 -4.83 -63.11
CA GLY I 473 -28.93 -4.01 -63.14
C GLY I 473 -29.38 -3.77 -61.72
N ASN I 474 -30.70 -3.85 -61.48
CA ASN I 474 -31.20 -3.65 -60.14
C ASN I 474 -31.54 -4.97 -59.47
N TYR I 475 -30.73 -5.98 -59.78
CA TYR I 475 -30.89 -7.29 -59.19
C TYR I 475 -30.28 -7.20 -57.81
N GLY I 476 -31.02 -7.55 -56.77
CA GLY I 476 -30.47 -7.46 -55.43
C GLY I 476 -31.06 -8.45 -54.45
N TYR I 477 -30.88 -8.17 -53.17
CA TYR I 477 -31.38 -9.05 -52.13
C TYR I 477 -32.42 -8.34 -51.31
N ASN I 478 -33.64 -8.84 -51.35
CA ASN I 478 -34.74 -8.27 -50.59
C ASN I 478 -34.58 -8.79 -49.17
N ALA I 479 -34.07 -7.95 -48.28
CA ALA I 479 -33.85 -8.34 -46.89
C ALA I 479 -35.13 -8.72 -46.16
N ALA I 480 -36.25 -8.13 -46.56
CA ALA I 480 -37.55 -8.42 -45.94
C ALA I 480 -37.96 -9.86 -46.21
N THR I 481 -38.17 -10.19 -47.48
CA THR I 481 -38.58 -11.52 -47.89
C THR I 481 -37.40 -12.49 -47.93
N GLU I 482 -36.19 -11.95 -47.84
CA GLU I 482 -34.97 -12.77 -47.89
C GLU I 482 -34.96 -13.60 -49.16
N GLU I 483 -35.22 -12.94 -50.29
CA GLU I 483 -35.26 -13.55 -51.61
C GLU I 483 -34.62 -12.58 -52.60
N TYR I 484 -34.01 -13.10 -53.65
CA TYR I 484 -33.40 -12.22 -54.65
C TYR I 484 -34.40 -11.85 -55.74
N GLY I 485 -34.03 -10.88 -56.57
CA GLY I 485 -34.90 -10.44 -57.64
C GLY I 485 -34.63 -9.00 -58.02
N ASN I 486 -35.53 -8.38 -58.76
CA ASN I 486 -35.35 -6.98 -59.15
C ASN I 486 -35.82 -6.11 -58.00
N MET I 487 -34.90 -5.31 -57.46
CA MET I 487 -35.20 -4.45 -56.33
C MET I 487 -36.31 -3.44 -56.58
N ILE I 488 -36.33 -2.86 -57.77
CA ILE I 488 -37.37 -1.86 -58.13
C ILE I 488 -38.75 -2.51 -58.27
N ASP I 489 -38.82 -3.62 -59.00
CA ASP I 489 -40.08 -4.31 -59.13
C ASP I 489 -40.60 -4.73 -57.75
N MET I 490 -39.71 -5.18 -56.87
CA MET I 490 -40.13 -5.60 -55.53
C MET I 490 -40.45 -4.40 -54.66
N GLY I 491 -40.30 -3.21 -55.25
CA GLY I 491 -40.59 -1.98 -54.52
C GLY I 491 -39.69 -1.65 -53.34
N ILE I 492 -38.41 -1.95 -53.48
CA ILE I 492 -37.44 -1.67 -52.43
C ILE I 492 -36.44 -0.73 -53.08
N LEU I 493 -36.62 0.56 -52.82
CA LEU I 493 -35.76 1.54 -53.44
C LEU I 493 -35.53 2.77 -52.60
N ASP I 494 -34.50 3.53 -52.97
CA ASP I 494 -34.14 4.77 -52.29
C ASP I 494 -34.00 5.86 -53.34
N PRO I 495 -34.34 7.10 -52.97
CA PRO I 495 -34.21 8.19 -53.95
C PRO I 495 -32.74 8.28 -54.33
N THR I 496 -32.43 8.32 -55.61
CA THR I 496 -31.05 8.42 -56.02
C THR I 496 -30.33 9.50 -55.23
N LYS I 497 -31.04 10.58 -54.94
CA LYS I 497 -30.46 11.68 -54.17
C LYS I 497 -29.99 11.28 -52.75
N VAL I 498 -30.78 10.48 -52.05
CA VAL I 498 -30.38 10.07 -50.70
C VAL I 498 -29.12 9.18 -50.70
N THR I 499 -29.03 8.25 -51.65
CA THR I 499 -27.86 7.40 -51.75
C THR I 499 -26.65 8.26 -52.13
N ARG I 500 -26.84 9.15 -53.08
CA ARG I 500 -25.75 10.03 -53.50
C ARG I 500 -25.19 10.89 -52.34
N SER I 501 -26.07 11.55 -51.61
CA SER I 501 -25.68 12.41 -50.51
C SER I 501 -25.01 11.63 -49.40
N ALA I 502 -25.57 10.46 -49.10
CA ALA I 502 -25.01 9.62 -48.04
C ALA I 502 -23.55 9.31 -48.35
N LEU I 503 -23.29 8.85 -49.57
CA LEU I 503 -21.95 8.52 -50.01
C LEU I 503 -21.02 9.71 -50.04
N GLN I 504 -21.44 10.81 -50.66
CA GLN I 504 -20.59 11.97 -50.74
C GLN I 504 -20.27 12.55 -49.37
N TYR I 505 -21.27 12.61 -48.51
CA TYR I 505 -21.02 13.15 -47.17
C TYR I 505 -20.13 12.24 -46.32
N ALA I 506 -20.28 10.93 -46.50
CA ALA I 506 -19.45 9.98 -45.77
C ALA I 506 -18.01 10.14 -46.26
N ALA I 507 -17.84 10.06 -47.58
CA ALA I 507 -16.53 10.18 -48.20
C ALA I 507 -15.85 11.48 -47.77
N SER I 508 -16.64 12.50 -47.50
CA SER I 508 -16.09 13.79 -47.13
C SER I 508 -15.42 13.76 -45.77
N VAL I 509 -16.19 13.43 -44.74
CA VAL I 509 -15.64 13.39 -43.40
C VAL I 509 -14.55 12.32 -43.29
N ALA I 510 -14.69 11.22 -44.02
CA ALA I 510 -13.68 10.17 -43.99
C ALA I 510 -12.38 10.70 -44.55
N GLY I 511 -12.46 11.43 -45.67
CA GLY I 511 -11.28 11.99 -46.28
C GLY I 511 -10.58 12.97 -45.33
N LEU I 512 -11.39 13.75 -44.61
CA LEU I 512 -10.85 14.73 -43.69
C LEU I 512 -10.11 14.07 -42.55
N MET I 513 -10.71 13.02 -41.98
CA MET I 513 -10.09 12.32 -40.86
C MET I 513 -8.80 11.62 -41.26
N ILE I 514 -8.80 10.95 -42.42
CA ILE I 514 -7.62 10.28 -42.91
C ILE I 514 -6.46 11.26 -43.11
N THR I 515 -6.76 12.53 -43.34
CA THR I 515 -5.72 13.51 -43.54
C THR I 515 -5.56 14.44 -42.35
N THR I 516 -5.88 13.92 -41.16
CA THR I 516 -5.75 14.70 -39.93
C THR I 516 -4.49 14.23 -39.22
N GLU I 517 -3.66 15.18 -38.80
CA GLU I 517 -2.38 14.88 -38.13
C GLU I 517 -2.27 15.39 -36.71
N CYS I 518 -3.18 16.26 -36.31
CA CYS I 518 -3.13 16.82 -34.98
C CYS I 518 -4.53 17.12 -34.43
N MET I 519 -4.74 16.84 -33.15
CA MET I 519 -6.01 17.11 -32.50
C MET I 519 -5.78 17.89 -31.21
N VAL I 520 -6.61 18.91 -30.98
CA VAL I 520 -6.47 19.75 -29.80
C VAL I 520 -7.80 19.81 -29.04
N THR I 521 -7.76 19.55 -27.74
CA THR I 521 -8.94 19.62 -26.92
C THR I 521 -8.55 20.02 -25.50
N ASP I 522 -9.53 20.45 -24.72
CA ASP I 522 -9.25 20.87 -23.34
C ASP I 522 -8.80 19.69 -22.52
N LEU I 523 -8.03 20.00 -21.49
CA LEU I 523 -7.52 18.97 -20.61
C LEU I 523 -8.71 18.50 -19.76
N PRO I 524 -8.83 17.17 -19.55
CA PRO I 524 -9.95 16.64 -18.75
C PRO I 524 -10.02 17.25 -17.37
N LYS I 525 -9.01 18.03 -17.00
CA LYS I 525 -9.00 18.67 -15.69
C LYS I 525 -9.88 19.92 -15.67
N SER J 1 -30.15 43.08 -12.38
CA SER J 1 -29.64 43.65 -13.61
C SER J 1 -30.76 44.04 -14.58
N TRP J 2 -31.70 43.11 -14.81
CA TRP J 2 -32.82 43.35 -15.71
C TRP J 2 -34.00 44.01 -15.03
N MET J 3 -34.93 44.52 -15.84
CA MET J 3 -36.12 45.19 -15.33
C MET J 3 -37.37 44.48 -15.82
N THR J 4 -38.52 44.87 -15.28
CA THR J 4 -39.78 44.26 -15.70
C THR J 4 -40.84 45.30 -15.99
N THR J 5 -41.46 45.16 -17.15
CA THR J 5 -42.51 46.09 -17.54
C THR J 5 -43.76 45.72 -16.75
N PRO J 6 -44.77 46.60 -16.74
CA PRO J 6 -46.00 46.29 -16.01
C PRO J 6 -46.59 44.98 -16.48
N TRP J 7 -46.61 44.77 -17.80
CA TRP J 7 -47.17 43.53 -18.37
C TRP J 7 -46.30 42.29 -18.19
N GLY J 8 -45.22 42.42 -17.45
CA GLY J 8 -44.36 41.29 -17.18
C GLY J 8 -43.17 41.01 -18.09
N PHE J 9 -42.90 41.88 -19.05
CA PHE J 9 -41.77 41.65 -19.94
C PHE J 9 -40.44 41.91 -19.23
N LEU J 10 -39.60 40.87 -19.18
CA LEU J 10 -38.30 40.96 -18.54
C LEU J 10 -37.30 41.44 -19.59
N HIS J 11 -36.53 42.47 -19.27
CA HIS J 11 -35.57 43.01 -20.23
C HIS J 11 -34.43 43.85 -19.62
N PRO J 12 -33.34 44.04 -20.38
CA PRO J 12 -32.20 44.84 -19.89
C PRO J 12 -32.54 46.32 -19.84
N ALA K 1 -24.55 14.64 -21.94
CA ALA K 1 -23.28 14.24 -21.28
C ALA K 1 -22.69 12.98 -21.92
N ALA K 2 -21.46 12.65 -21.55
CA ALA K 2 -20.82 11.46 -22.06
C ALA K 2 -21.72 10.27 -21.71
N LYS K 3 -21.86 9.33 -22.64
CA LYS K 3 -22.68 8.17 -22.39
C LYS K 3 -21.82 6.93 -22.24
N ASP K 4 -22.44 5.89 -21.72
CA ASP K 4 -21.80 4.60 -21.59
C ASP K 4 -22.63 3.77 -22.54
N VAL K 5 -21.99 3.17 -23.54
CA VAL K 5 -22.73 2.39 -24.53
C VAL K 5 -22.38 0.92 -24.43
N LYS K 6 -23.39 0.08 -24.25
CA LYS K 6 -23.16 -1.37 -24.19
C LYS K 6 -23.80 -2.07 -25.38
N PHE K 7 -23.25 -3.22 -25.76
CA PHE K 7 -23.75 -3.95 -26.92
C PHE K 7 -24.08 -5.40 -26.68
N GLY K 8 -24.74 -5.98 -27.68
CA GLY K 8 -25.15 -7.38 -27.65
C GLY K 8 -25.30 -8.08 -26.32
N ASN K 9 -24.46 -9.09 -26.10
CA ASN K 9 -24.52 -9.89 -24.90
C ASN K 9 -24.36 -9.10 -23.60
N ASP K 10 -23.41 -8.17 -23.55
CA ASP K 10 -23.24 -7.39 -22.34
C ASP K 10 -24.52 -6.66 -22.03
N ALA K 11 -25.11 -6.03 -23.05
CA ALA K 11 -26.35 -5.28 -22.88
C ALA K 11 -27.49 -6.18 -22.41
N ARG K 12 -27.58 -7.36 -23.02
CA ARG K 12 -28.62 -8.31 -22.66
C ARG K 12 -28.55 -8.80 -21.20
N VAL K 13 -27.38 -9.25 -20.75
CA VAL K 13 -27.31 -9.74 -19.37
C VAL K 13 -27.71 -8.65 -18.38
N LYS K 14 -27.34 -7.41 -18.67
CA LYS K 14 -27.70 -6.30 -17.78
C LYS K 14 -29.21 -6.22 -17.67
N MET K 15 -29.89 -6.19 -18.81
CA MET K 15 -31.33 -6.13 -18.79
C MET K 15 -31.91 -7.30 -18.00
N LEU K 16 -31.43 -8.50 -18.29
CA LEU K 16 -31.91 -9.69 -17.62
C LEU K 16 -31.85 -9.51 -16.09
N ARG K 17 -30.68 -9.11 -15.59
CA ARG K 17 -30.51 -8.90 -14.15
C ARG K 17 -31.50 -7.87 -13.60
N GLY K 18 -31.71 -6.79 -14.36
CA GLY K 18 -32.65 -5.77 -13.95
C GLY K 18 -34.06 -6.31 -13.79
N VAL K 19 -34.58 -7.01 -14.79
CA VAL K 19 -35.93 -7.55 -14.67
C VAL K 19 -36.01 -8.66 -13.61
N ASN K 20 -34.90 -9.35 -13.38
CA ASN K 20 -34.89 -10.41 -12.37
C ASN K 20 -35.13 -9.79 -10.99
N VAL K 21 -34.53 -8.64 -10.73
CA VAL K 21 -34.74 -7.98 -9.45
C VAL K 21 -36.21 -7.58 -9.37
N LEU K 22 -36.70 -6.96 -10.43
CA LEU K 22 -38.11 -6.54 -10.46
C LEU K 22 -39.04 -7.72 -10.27
N ALA K 23 -39.01 -8.65 -11.22
CA ALA K 23 -39.89 -9.82 -11.17
C ALA K 23 -39.78 -10.61 -9.86
N ASP K 24 -38.55 -10.88 -9.44
CA ASP K 24 -38.33 -11.62 -8.20
C ASP K 24 -38.95 -10.93 -6.99
N ALA K 25 -38.94 -9.60 -7.00
CA ALA K 25 -39.49 -8.84 -5.90
C ALA K 25 -40.99 -8.87 -5.91
N VAL K 26 -41.54 -8.73 -7.09
CA VAL K 26 -42.99 -8.73 -7.25
C VAL K 26 -43.69 -10.10 -7.16
N LYS K 27 -43.14 -11.11 -7.83
CA LYS K 27 -43.78 -12.41 -7.82
C LYS K 27 -43.94 -13.11 -6.46
N VAL K 28 -43.24 -12.65 -5.43
CA VAL K 28 -43.41 -13.31 -4.14
C VAL K 28 -44.80 -13.05 -3.58
N THR K 29 -45.50 -12.07 -4.14
CA THR K 29 -46.83 -11.72 -3.66
C THR K 29 -47.96 -12.45 -4.37
N LEU K 30 -47.62 -13.06 -5.49
CA LEU K 30 -48.59 -13.76 -6.32
C LEU K 30 -49.32 -14.94 -5.66
N GLY K 31 -50.63 -14.99 -5.83
CA GLY K 31 -51.41 -16.09 -5.26
C GLY K 31 -51.94 -15.91 -3.84
N PRO K 32 -52.86 -16.79 -3.41
CA PRO K 32 -53.45 -16.71 -2.07
C PRO K 32 -52.45 -16.96 -0.93
N LYS K 33 -51.30 -17.56 -1.23
CA LYS K 33 -50.31 -17.80 -0.19
C LYS K 33 -49.12 -16.86 -0.44
N GLY K 34 -49.40 -15.77 -1.15
CA GLY K 34 -48.37 -14.78 -1.44
C GLY K 34 -47.69 -14.29 -0.18
N ARG K 35 -46.42 -13.90 -0.31
CA ARG K 35 -45.66 -13.42 0.83
C ARG K 35 -45.66 -11.90 0.93
N ASN K 36 -45.27 -11.40 2.09
CA ASN K 36 -45.21 -9.96 2.30
C ASN K 36 -43.90 -9.35 1.83
N VAL K 37 -44.00 -8.12 1.32
CA VAL K 37 -42.82 -7.40 0.89
C VAL K 37 -42.80 -6.16 1.79
N VAL K 38 -41.63 -5.83 2.33
CA VAL K 38 -41.51 -4.67 3.19
C VAL K 38 -40.87 -3.50 2.44
N LEU K 39 -41.62 -2.43 2.26
CA LEU K 39 -41.15 -1.26 1.54
C LEU K 39 -40.86 -0.17 2.54
N ASP K 40 -39.63 0.32 2.53
CA ASP K 40 -39.19 1.33 3.46
C ASP K 40 -39.77 2.71 3.13
N LYS K 41 -39.80 3.60 4.10
CA LYS K 41 -40.32 4.94 3.93
C LYS K 41 -39.29 5.90 4.50
N SER K 42 -39.25 7.11 3.95
CA SER K 42 -38.31 8.10 4.45
C SER K 42 -38.63 8.48 5.90
N PHE K 43 -39.92 8.57 6.23
CA PHE K 43 -40.33 8.92 7.59
C PHE K 43 -41.51 8.08 8.07
N GLY K 44 -41.31 7.39 9.18
CA GLY K 44 -42.38 6.56 9.73
C GLY K 44 -42.01 5.10 9.84
N ALA K 45 -43.02 4.24 9.77
CA ALA K 45 -42.81 2.81 9.86
C ALA K 45 -42.88 2.23 8.48
N PRO K 46 -42.07 1.20 8.19
CA PRO K 46 -42.07 0.57 6.86
C PRO K 46 -43.47 0.14 6.46
N THR K 47 -43.68 -0.05 5.16
CA THR K 47 -44.96 -0.50 4.67
C THR K 47 -44.84 -2.00 4.45
N ILE K 48 -45.84 -2.74 4.93
CA ILE K 48 -45.84 -4.18 4.71
C ILE K 48 -46.97 -4.46 3.72
N THR K 49 -46.63 -4.93 2.53
CA THR K 49 -47.64 -5.16 1.51
C THR K 49 -47.51 -6.44 0.69
N LYS K 50 -48.65 -6.88 0.16
CA LYS K 50 -48.71 -8.05 -0.69
C LYS K 50 -49.21 -7.58 -2.03
N ASP K 51 -49.14 -6.27 -2.25
CA ASP K 51 -49.59 -5.68 -3.51
C ASP K 51 -48.46 -5.52 -4.51
N GLY K 52 -48.37 -6.48 -5.43
CA GLY K 52 -47.34 -6.46 -6.45
C GLY K 52 -47.18 -5.09 -7.11
N VAL K 53 -48.27 -4.35 -7.31
CA VAL K 53 -48.13 -3.06 -7.96
C VAL K 53 -47.35 -2.08 -7.08
N SER K 54 -47.63 -2.09 -5.79
CA SER K 54 -46.93 -1.19 -4.87
C SER K 54 -45.43 -1.47 -4.91
N VAL K 55 -45.07 -2.75 -4.90
CA VAL K 55 -43.67 -3.15 -4.92
C VAL K 55 -43.02 -2.68 -6.22
N ALA K 56 -43.67 -2.96 -7.35
CA ALA K 56 -43.12 -2.57 -8.63
C ALA K 56 -42.76 -1.07 -8.68
N ARG K 57 -43.63 -0.24 -8.12
CA ARG K 57 -43.46 1.22 -8.11
C ARG K 57 -42.17 1.62 -7.42
N GLU K 58 -41.79 0.87 -6.39
CA GLU K 58 -40.58 1.17 -5.62
C GLU K 58 -39.27 0.67 -6.23
N ILE K 59 -39.34 -0.16 -7.26
CA ILE K 59 -38.12 -0.71 -7.84
C ILE K 59 -37.34 0.18 -8.79
N GLU K 60 -36.11 0.51 -8.39
CA GLU K 60 -35.18 1.34 -9.16
C GLU K 60 -33.81 0.79 -8.81
N LEU K 61 -33.03 0.41 -9.81
CA LEU K 61 -31.72 -0.16 -9.56
C LEU K 61 -30.56 0.83 -9.73
N GLU K 62 -29.46 0.58 -9.02
CA GLU K 62 -28.27 1.42 -9.07
C GLU K 62 -27.58 1.33 -10.43
N ASP K 63 -27.38 0.13 -10.96
CA ASP K 63 -26.75 -0.03 -12.27
C ASP K 63 -27.70 0.50 -13.35
N LYS K 64 -27.29 1.55 -14.05
CA LYS K 64 -28.14 2.17 -15.07
C LYS K 64 -28.68 1.22 -16.13
N PHE K 65 -27.86 0.26 -16.56
CA PHE K 65 -28.33 -0.68 -17.58
C PHE K 65 -29.38 -1.65 -16.98
N GLU K 66 -29.06 -2.17 -15.80
CA GLU K 66 -29.97 -3.07 -15.14
C GLU K 66 -31.28 -2.32 -14.86
N ASN K 67 -31.16 -1.05 -14.54
CA ASN K 67 -32.34 -0.23 -14.25
C ASN K 67 -33.21 -0.06 -15.47
N MET K 68 -32.59 0.15 -16.62
CA MET K 68 -33.36 0.31 -17.85
C MET K 68 -34.15 -0.98 -18.07
N GLY K 69 -33.54 -2.11 -17.79
CA GLY K 69 -34.26 -3.36 -17.94
C GLY K 69 -35.52 -3.39 -17.09
N ALA K 70 -35.37 -3.04 -15.82
CA ALA K 70 -36.49 -3.03 -14.90
C ALA K 70 -37.55 -2.02 -15.33
N GLN K 71 -37.11 -0.81 -15.66
CA GLN K 71 -38.07 0.21 -16.08
C GLN K 71 -38.90 -0.14 -17.32
N MET K 72 -38.32 -0.92 -18.22
CA MET K 72 -39.02 -1.31 -19.43
C MET K 72 -40.19 -2.27 -19.19
N VAL K 73 -39.95 -3.37 -18.48
CA VAL K 73 -41.04 -4.30 -18.26
C VAL K 73 -42.00 -3.66 -17.26
N LYS K 74 -41.44 -2.90 -16.33
CA LYS K 74 -42.23 -2.21 -15.32
C LYS K 74 -43.26 -1.31 -16.04
N GLU K 75 -42.84 -0.69 -17.14
CA GLU K 75 -43.69 0.20 -17.94
C GLU K 75 -44.84 -0.48 -18.72
N VAL K 76 -44.52 -1.47 -19.54
CA VAL K 76 -45.56 -2.13 -20.32
C VAL K 76 -46.42 -3.00 -19.42
N ALA K 77 -45.86 -3.48 -18.33
CA ALA K 77 -46.64 -4.31 -17.43
C ALA K 77 -47.76 -3.43 -16.88
N SER K 78 -47.43 -2.19 -16.53
CA SER K 78 -48.44 -1.29 -15.98
C SER K 78 -49.51 -1.02 -17.03
N LYS K 79 -49.15 -1.08 -18.30
CA LYS K 79 -50.14 -0.85 -19.36
C LYS K 79 -51.29 -1.85 -19.22
N ALA K 80 -50.96 -3.04 -18.72
CA ALA K 80 -51.94 -4.10 -18.52
C ALA K 80 -52.99 -3.67 -17.50
N ASN K 81 -52.52 -3.30 -16.32
CA ASN K 81 -53.41 -2.85 -15.24
C ASN K 81 -54.31 -1.72 -15.73
N ASP K 82 -53.79 -0.85 -16.60
CA ASP K 82 -54.57 0.26 -17.13
C ASP K 82 -55.68 -0.25 -18.04
N ALA K 83 -55.35 -1.23 -18.87
CA ALA K 83 -56.32 -1.78 -19.80
C ALA K 83 -57.38 -2.69 -19.18
N ALA K 84 -57.05 -3.44 -18.14
CA ALA K 84 -58.04 -4.33 -17.54
C ALA K 84 -58.19 -4.20 -16.03
N GLY K 85 -57.51 -3.22 -15.44
CA GLY K 85 -57.59 -3.03 -14.00
C GLY K 85 -56.88 -4.12 -13.19
N ASP K 86 -56.07 -4.93 -13.87
CA ASP K 86 -55.35 -6.01 -13.19
C ASP K 86 -54.38 -6.72 -14.14
N GLY K 87 -53.47 -7.50 -13.57
CA GLY K 87 -52.53 -8.25 -14.38
C GLY K 87 -51.07 -7.79 -14.47
N THR K 88 -50.71 -6.66 -13.86
CA THR K 88 -49.32 -6.20 -13.95
C THR K 88 -48.34 -7.24 -13.41
N THR K 89 -48.61 -7.76 -12.22
CA THR K 89 -47.74 -8.75 -11.62
C THR K 89 -47.64 -9.95 -12.56
N THR K 90 -48.77 -10.44 -13.04
CA THR K 90 -48.77 -11.57 -13.94
C THR K 90 -47.91 -11.24 -15.18
N ALA K 91 -48.16 -10.08 -15.77
CA ALA K 91 -47.42 -9.64 -16.94
C ALA K 91 -45.92 -9.62 -16.63
N THR K 92 -45.58 -9.15 -15.43
CA THR K 92 -44.18 -9.09 -15.01
C THR K 92 -43.51 -10.47 -14.91
N VAL K 93 -44.19 -11.45 -14.29
CA VAL K 93 -43.56 -12.76 -14.18
C VAL K 93 -43.54 -13.42 -15.55
N LEU K 94 -44.55 -13.15 -16.37
CA LEU K 94 -44.58 -13.71 -17.73
C LEU K 94 -43.41 -13.17 -18.53
N ALA K 95 -43.13 -11.88 -18.34
CA ALA K 95 -42.04 -11.24 -19.04
C ALA K 95 -40.71 -11.84 -18.62
N GLN K 96 -40.53 -12.08 -17.33
CA GLN K 96 -39.27 -12.64 -16.85
C GLN K 96 -39.05 -14.02 -17.48
N ALA K 97 -40.12 -14.76 -17.61
CA ALA K 97 -40.06 -16.10 -18.18
C ALA K 97 -39.68 -16.10 -19.66
N ILE K 98 -40.37 -15.28 -20.44
CA ILE K 98 -40.07 -15.20 -21.86
C ILE K 98 -38.65 -14.68 -22.08
N ILE K 99 -38.30 -13.61 -21.38
CA ILE K 99 -36.98 -13.02 -21.54
C ILE K 99 -35.86 -13.97 -21.14
N THR K 100 -36.02 -14.62 -19.99
CA THR K 100 -34.99 -15.54 -19.52
C THR K 100 -34.66 -16.62 -20.55
N GLU K 101 -35.67 -17.33 -21.04
CA GLU K 101 -35.43 -18.37 -22.01
C GLU K 101 -35.08 -17.80 -23.38
N GLY K 102 -35.75 -16.72 -23.75
CA GLY K 102 -35.47 -16.11 -25.04
C GLY K 102 -34.01 -15.71 -25.14
N LEU K 103 -33.47 -15.14 -24.06
CA LEU K 103 -32.09 -14.70 -24.06
C LEU K 103 -31.15 -15.90 -24.13
N LYS K 104 -31.53 -17.00 -23.49
CA LYS K 104 -30.70 -18.21 -23.53
C LYS K 104 -30.57 -18.65 -24.98
N ALA K 105 -31.70 -18.70 -25.69
CA ALA K 105 -31.70 -19.10 -27.09
C ALA K 105 -30.81 -18.16 -27.91
N VAL K 106 -30.83 -16.88 -27.59
CA VAL K 106 -30.01 -15.93 -28.31
C VAL K 106 -28.53 -16.23 -28.13
N ALA K 107 -28.13 -16.42 -26.87
CA ALA K 107 -26.74 -16.71 -26.53
C ALA K 107 -26.32 -18.03 -27.17
N ALA K 108 -27.28 -18.92 -27.40
CA ALA K 108 -26.99 -20.21 -28.02
C ALA K 108 -26.80 -19.99 -29.52
N GLY K 109 -26.96 -18.75 -29.96
CA GLY K 109 -26.76 -18.44 -31.35
C GLY K 109 -27.98 -18.42 -32.23
N MET K 110 -29.16 -18.48 -31.63
CA MET K 110 -30.38 -18.45 -32.44
C MET K 110 -30.76 -17.04 -32.87
N ASN K 111 -31.47 -16.95 -33.99
CA ASN K 111 -31.88 -15.66 -34.56
C ASN K 111 -32.90 -14.93 -33.70
N PRO K 112 -32.53 -13.74 -33.18
CA PRO K 112 -33.45 -12.97 -32.34
C PRO K 112 -34.78 -12.70 -33.02
N MET K 113 -34.73 -12.23 -34.26
CA MET K 113 -35.93 -11.90 -34.99
C MET K 113 -36.84 -13.12 -35.16
N ASP K 114 -36.29 -14.29 -35.49
CA ASP K 114 -37.13 -15.47 -35.64
C ASP K 114 -37.70 -15.89 -34.26
N LEU K 115 -36.88 -15.75 -33.21
CA LEU K 115 -37.34 -16.10 -31.87
C LEU K 115 -38.56 -15.23 -31.56
N LYS K 116 -38.47 -13.95 -31.90
CA LYS K 116 -39.58 -13.03 -31.63
C LYS K 116 -40.83 -13.41 -32.43
N ARG K 117 -40.64 -13.77 -33.69
CA ARG K 117 -41.77 -14.15 -34.51
C ARG K 117 -42.49 -15.35 -33.89
N GLY K 118 -41.71 -16.32 -33.40
CA GLY K 118 -42.28 -17.49 -32.79
C GLY K 118 -43.10 -17.18 -31.55
N ILE K 119 -42.52 -16.36 -30.68
CA ILE K 119 -43.19 -15.95 -29.44
C ILE K 119 -44.54 -15.31 -29.80
N ASP K 120 -44.50 -14.38 -30.76
CA ASP K 120 -45.68 -13.68 -31.21
C ASP K 120 -46.70 -14.63 -31.80
N LYS K 121 -46.24 -15.57 -32.63
CA LYS K 121 -47.16 -16.52 -33.21
C LYS K 121 -47.84 -17.31 -32.10
N ALA K 122 -47.05 -17.78 -31.15
CA ALA K 122 -47.60 -18.55 -30.05
C ALA K 122 -48.62 -17.72 -29.26
N VAL K 123 -48.32 -16.44 -29.05
CA VAL K 123 -49.22 -15.58 -28.29
C VAL K 123 -50.55 -15.39 -29.01
N THR K 124 -50.50 -15.16 -30.31
CA THR K 124 -51.73 -14.98 -31.09
C THR K 124 -52.60 -16.22 -30.95
N ALA K 125 -51.99 -17.39 -31.16
CA ALA K 125 -52.69 -18.65 -31.04
C ALA K 125 -53.29 -18.74 -29.65
N ALA K 126 -52.49 -18.43 -28.64
CA ALA K 126 -52.94 -18.51 -27.25
C ALA K 126 -54.13 -17.61 -26.96
N VAL K 127 -54.14 -16.39 -27.52
CA VAL K 127 -55.26 -15.47 -27.27
C VAL K 127 -56.55 -16.01 -27.86
N GLU K 128 -56.45 -16.67 -28.99
CA GLU K 128 -57.64 -17.24 -29.62
C GLU K 128 -58.14 -18.39 -28.75
N GLU K 129 -57.21 -19.25 -28.33
CA GLU K 129 -57.52 -20.39 -27.49
C GLU K 129 -58.16 -19.89 -26.19
N LEU K 130 -57.74 -18.69 -25.78
CA LEU K 130 -58.25 -18.06 -24.56
C LEU K 130 -59.71 -17.62 -24.76
N LYS K 131 -60.02 -17.07 -25.93
CA LYS K 131 -61.39 -16.64 -26.22
C LYS K 131 -62.30 -17.85 -26.21
N ALA K 132 -61.82 -18.96 -26.77
CA ALA K 132 -62.60 -20.19 -26.79
C ALA K 132 -62.92 -20.66 -25.38
N LEU K 133 -61.91 -20.69 -24.52
CA LEU K 133 -62.05 -21.10 -23.13
C LEU K 133 -62.97 -20.19 -22.33
N SER K 134 -63.05 -18.93 -22.75
CA SER K 134 -63.85 -17.91 -22.07
C SER K 134 -65.34 -18.21 -21.92
N VAL K 135 -65.87 -17.91 -20.74
CA VAL K 135 -67.29 -18.10 -20.41
C VAL K 135 -67.93 -16.69 -20.38
N PRO K 136 -69.12 -16.48 -21.00
CA PRO K 136 -69.76 -15.15 -20.98
C PRO K 136 -70.27 -14.69 -19.62
N CYS K 137 -70.42 -13.39 -19.50
CA CYS K 137 -70.91 -12.74 -18.28
C CYS K 137 -71.80 -11.58 -18.78
N SER K 138 -72.98 -11.92 -19.28
CA SER K 138 -73.90 -10.94 -19.84
C SER K 138 -75.14 -10.56 -19.04
N ASP K 139 -75.66 -11.45 -18.23
CA ASP K 139 -76.84 -11.12 -17.44
C ASP K 139 -76.45 -10.64 -16.05
N SER K 140 -77.35 -9.93 -15.39
CA SER K 140 -77.07 -9.37 -14.07
C SER K 140 -76.74 -10.44 -13.03
N LYS K 141 -77.24 -11.66 -13.24
CA LYS K 141 -76.93 -12.74 -12.30
C LYS K 141 -75.42 -12.96 -12.31
N ALA K 142 -74.85 -13.07 -13.51
CA ALA K 142 -73.43 -13.29 -13.67
C ALA K 142 -72.66 -12.07 -13.19
N ILE K 143 -73.08 -10.90 -13.65
CA ILE K 143 -72.45 -9.66 -13.28
C ILE K 143 -72.31 -9.59 -11.77
N ALA K 144 -73.35 -10.02 -11.05
CA ALA K 144 -73.32 -10.00 -9.60
C ALA K 144 -72.34 -11.03 -9.02
N GLN K 145 -72.36 -12.25 -9.56
CA GLN K 145 -71.45 -13.29 -9.08
C GLN K 145 -70.00 -12.83 -9.17
N VAL K 146 -69.60 -12.35 -10.34
CA VAL K 146 -68.24 -11.88 -10.57
C VAL K 146 -67.89 -10.75 -9.61
N GLY K 147 -68.78 -9.78 -9.47
CA GLY K 147 -68.55 -8.67 -8.57
C GLY K 147 -68.37 -9.16 -7.14
N THR K 148 -69.17 -10.15 -6.76
CA THR K 148 -69.10 -10.70 -5.41
C THR K 148 -67.74 -11.35 -5.18
N ILE K 149 -67.28 -12.11 -6.17
CA ILE K 149 -65.99 -12.79 -6.08
C ILE K 149 -64.86 -11.77 -5.99
N SER K 150 -65.01 -10.67 -6.71
CA SER K 150 -64.01 -9.61 -6.73
C SER K 150 -63.99 -8.86 -5.41
N ALA K 151 -65.15 -8.69 -4.81
CA ALA K 151 -65.25 -7.98 -3.55
C ALA K 151 -64.91 -8.88 -2.38
N ASN K 152 -64.28 -10.02 -2.68
CA ASN K 152 -63.89 -10.99 -1.67
C ASN K 152 -65.10 -11.66 -1.03
N SER K 153 -66.05 -12.09 -1.86
CA SER K 153 -67.25 -12.77 -1.40
C SER K 153 -68.29 -11.90 -0.69
N ASP K 154 -68.32 -10.61 -1.02
CA ASP K 154 -69.29 -9.69 -0.43
C ASP K 154 -70.47 -9.54 -1.39
N GLU K 155 -71.54 -10.32 -1.17
CA GLU K 155 -72.71 -10.25 -2.03
C GLU K 155 -73.25 -8.84 -2.20
N THR K 156 -73.04 -8.01 -1.19
CA THR K 156 -73.49 -6.63 -1.20
C THR K 156 -72.92 -5.91 -2.42
N VAL K 157 -71.60 -5.92 -2.52
CA VAL K 157 -70.90 -5.28 -3.62
C VAL K 157 -71.44 -5.82 -4.95
N GLY K 158 -71.49 -7.14 -5.07
CA GLY K 158 -71.97 -7.75 -6.29
C GLY K 158 -73.32 -7.18 -6.66
N LYS K 159 -74.21 -7.11 -5.67
CA LYS K 159 -75.55 -6.58 -5.88
C LYS K 159 -75.47 -5.14 -6.38
N LEU K 160 -74.75 -4.29 -5.66
CA LEU K 160 -74.61 -2.90 -6.03
C LEU K 160 -74.19 -2.71 -7.50
N ILE K 161 -73.10 -3.35 -7.89
CA ILE K 161 -72.59 -3.25 -9.24
C ILE K 161 -73.63 -3.65 -10.26
N ALA K 162 -74.34 -4.73 -9.97
CA ALA K 162 -75.38 -5.23 -10.87
C ALA K 162 -76.51 -4.21 -11.02
N GLU K 163 -76.91 -3.60 -9.90
CA GLU K 163 -77.97 -2.61 -9.93
C GLU K 163 -77.49 -1.41 -10.72
N ALA K 164 -76.24 -1.00 -10.48
CA ALA K 164 -75.67 0.15 -11.17
C ALA K 164 -75.63 -0.05 -12.68
N MET K 165 -75.19 -1.23 -13.11
CA MET K 165 -75.12 -1.51 -14.55
C MET K 165 -76.51 -1.63 -15.15
N ASP K 166 -77.46 -2.04 -14.33
CA ASP K 166 -78.83 -2.17 -14.79
C ASP K 166 -79.41 -0.78 -15.06
N LYS K 167 -78.97 0.19 -14.26
CA LYS K 167 -79.42 1.59 -14.39
C LYS K 167 -78.85 2.31 -15.61
N VAL K 168 -77.55 2.21 -15.82
CA VAL K 168 -76.91 2.91 -16.94
C VAL K 168 -76.32 2.03 -18.04
N GLY K 169 -76.55 0.72 -17.97
CA GLY K 169 -76.02 -0.18 -18.98
C GLY K 169 -74.65 -0.68 -18.55
N LYS K 170 -74.21 -1.84 -19.06
CA LYS K 170 -72.91 -2.35 -18.64
C LYS K 170 -71.74 -1.63 -19.31
N GLU K 171 -72.06 -0.64 -20.12
CA GLU K 171 -71.03 0.15 -20.80
C GLU K 171 -71.21 1.60 -20.37
N GLY K 172 -71.99 1.80 -19.30
CA GLY K 172 -72.25 3.14 -18.81
C GLY K 172 -71.30 3.60 -17.73
N VAL K 173 -71.27 4.91 -17.51
CA VAL K 173 -70.39 5.49 -16.50
C VAL K 173 -70.86 5.20 -15.08
N ILE K 174 -69.96 4.68 -14.25
CA ILE K 174 -70.27 4.38 -12.86
C ILE K 174 -69.14 4.88 -11.96
N THR K 175 -69.47 5.64 -10.92
CA THR K 175 -68.48 6.18 -10.00
C THR K 175 -68.81 5.74 -8.58
N VAL K 176 -67.82 5.73 -7.70
CA VAL K 176 -68.06 5.36 -6.30
C VAL K 176 -67.61 6.51 -5.41
N GLU K 177 -68.35 6.76 -4.33
CA GLU K 177 -68.02 7.83 -3.40
C GLU K 177 -68.28 7.38 -1.97
N ASP K 178 -67.69 8.10 -1.02
CA ASP K 178 -67.91 7.78 0.38
C ASP K 178 -69.39 8.00 0.62
N GLY K 179 -69.99 7.17 1.46
CA GLY K 179 -71.40 7.30 1.75
C GLY K 179 -71.71 8.33 2.81
N THR K 180 -73.00 8.59 3.01
CA THR K 180 -73.46 9.54 4.00
C THR K 180 -73.51 8.86 5.36
N GLY K 181 -73.27 7.55 5.37
CA GLY K 181 -73.26 6.80 6.62
C GLY K 181 -74.18 5.61 6.73
N LEU K 182 -73.61 4.40 6.75
CA LEU K 182 -74.35 3.15 6.85
C LEU K 182 -75.40 3.04 5.76
N GLN K 183 -75.42 1.92 5.05
CA GLN K 183 -76.36 1.69 3.97
C GLN K 183 -75.91 2.41 2.70
N ASP K 184 -75.80 1.64 1.63
CA ASP K 184 -75.36 2.16 0.34
C ASP K 184 -76.49 2.97 -0.30
N GLU K 185 -76.13 3.72 -1.34
CA GLU K 185 -77.07 4.53 -2.07
C GLU K 185 -76.65 4.52 -3.54
N LEU K 186 -77.62 4.31 -4.43
CA LEU K 186 -77.31 4.31 -5.86
C LEU K 186 -78.12 5.41 -6.53
N ASP K 187 -77.45 6.37 -7.15
CA ASP K 187 -78.15 7.47 -7.79
C ASP K 187 -77.62 7.76 -9.17
N VAL K 188 -78.52 8.12 -10.07
CA VAL K 188 -78.10 8.46 -11.39
C VAL K 188 -78.29 9.97 -11.51
N VAL K 189 -77.24 10.68 -11.91
CA VAL K 189 -77.32 12.12 -12.03
C VAL K 189 -76.83 12.57 -13.38
N GLU K 190 -76.94 13.88 -13.64
CA GLU K 190 -76.46 14.44 -14.89
C GLU K 190 -74.94 14.48 -14.79
N GLY K 191 -74.29 13.82 -15.72
CA GLY K 191 -72.84 13.79 -15.69
C GLY K 191 -72.28 13.30 -17.00
N MET K 192 -70.95 13.21 -17.06
CA MET K 192 -70.29 12.78 -18.27
C MET K 192 -68.85 12.36 -17.99
N GLN K 193 -68.23 11.70 -18.96
CA GLN K 193 -66.86 11.24 -18.81
C GLN K 193 -66.14 11.20 -20.16
N PHE K 194 -64.94 11.80 -20.24
CA PHE K 194 -64.19 11.80 -21.48
C PHE K 194 -62.76 11.34 -21.26
N ASP K 195 -62.09 10.98 -22.36
CA ASP K 195 -60.72 10.47 -22.29
C ASP K 195 -59.60 11.50 -22.27
N ARG K 196 -59.46 12.20 -21.16
CA ARG K 196 -58.43 13.19 -21.00
C ARG K 196 -58.05 13.19 -19.55
N GLY K 197 -56.78 12.94 -19.26
CA GLY K 197 -56.32 12.91 -17.89
C GLY K 197 -55.80 14.27 -17.44
N TYR K 198 -55.30 14.32 -16.20
CA TYR K 198 -54.77 15.57 -15.67
C TYR K 198 -53.59 16.01 -16.53
N LEU K 199 -53.39 17.32 -16.64
CA LEU K 199 -52.31 17.89 -17.44
C LEU K 199 -50.97 17.80 -16.74
N SER K 200 -50.95 17.09 -15.62
CA SER K 200 -49.72 16.90 -14.85
C SER K 200 -50.11 16.38 -13.48
N PRO K 201 -49.22 15.58 -12.86
CA PRO K 201 -49.59 15.11 -11.52
C PRO K 201 -49.57 16.37 -10.65
N TYR K 202 -49.18 16.25 -9.40
CA TYR K 202 -49.16 17.43 -8.53
C TYR K 202 -50.59 17.85 -8.24
N PHE K 203 -51.44 17.86 -9.27
CA PHE K 203 -52.83 18.20 -9.10
C PHE K 203 -53.42 17.09 -8.22
N ILE K 204 -52.86 15.90 -8.38
CA ILE K 204 -53.29 14.75 -7.62
C ILE K 204 -53.36 15.07 -6.14
N ASN K 205 -54.55 14.95 -5.56
CA ASN K 205 -54.74 15.21 -4.14
C ASN K 205 -55.20 13.93 -3.44
N LYS K 206 -55.12 12.82 -4.16
CA LYS K 206 -55.50 11.51 -3.63
C LYS K 206 -54.52 10.47 -4.21
N PRO K 207 -53.26 10.53 -3.75
CA PRO K 207 -52.16 9.65 -4.15
C PRO K 207 -52.44 8.15 -4.09
N GLU K 208 -53.26 7.74 -3.14
CA GLU K 208 -53.60 6.33 -3.01
C GLU K 208 -54.13 5.82 -4.35
N THR K 209 -54.94 6.65 -5.00
CA THR K 209 -55.55 6.31 -6.28
C THR K 209 -54.90 7.06 -7.42
N GLY K 210 -53.96 7.94 -7.11
CA GLY K 210 -53.31 8.72 -8.14
C GLY K 210 -54.36 9.46 -8.95
N ALA K 211 -55.31 10.06 -8.23
CA ALA K 211 -56.41 10.80 -8.84
C ALA K 211 -56.59 12.19 -8.27
N VAL K 212 -57.23 13.05 -9.05
CA VAL K 212 -57.52 14.41 -8.64
C VAL K 212 -58.99 14.42 -8.29
N GLU K 213 -59.34 14.92 -7.11
CA GLU K 213 -60.74 14.95 -6.73
C GLU K 213 -61.18 16.33 -6.25
N LEU K 214 -62.06 16.99 -7.01
CA LEU K 214 -62.53 18.32 -6.67
C LEU K 214 -63.97 18.29 -6.20
N GLU K 215 -64.29 19.08 -5.19
CA GLU K 215 -65.65 19.11 -4.66
C GLU K 215 -66.33 20.46 -4.91
N SER K 216 -67.50 20.39 -5.56
CA SER K 216 -68.29 21.58 -5.88
C SER K 216 -67.43 22.56 -6.66
N PRO K 217 -66.75 22.07 -7.70
CA PRO K 217 -65.88 22.92 -8.51
C PRO K 217 -66.59 23.71 -9.61
N PHE K 218 -65.96 24.82 -10.00
CA PHE K 218 -66.45 25.63 -11.09
C PHE K 218 -65.77 24.97 -12.27
N ILE K 219 -66.21 25.28 -13.48
CA ILE K 219 -65.60 24.68 -14.65
C ILE K 219 -65.42 25.70 -15.76
N LEU K 220 -64.17 25.99 -16.08
CA LEU K 220 -63.87 26.93 -17.13
C LEU K 220 -63.66 26.20 -18.45
N LEU K 221 -64.49 26.51 -19.44
CA LEU K 221 -64.37 25.90 -20.75
C LEU K 221 -63.78 26.92 -21.72
N ALA K 222 -62.55 26.71 -22.15
CA ALA K 222 -61.90 27.64 -23.06
C ALA K 222 -61.41 26.95 -24.32
N ASP K 223 -61.99 27.33 -25.46
CA ASP K 223 -61.64 26.74 -26.74
C ASP K 223 -60.36 27.36 -27.30
N LYS K 224 -59.28 27.25 -26.54
CA LYS K 224 -58.00 27.80 -26.95
C LYS K 224 -56.89 27.27 -26.07
N LYS K 225 -55.65 27.58 -26.43
CA LYS K 225 -54.48 27.16 -25.65
C LYS K 225 -54.09 28.31 -24.71
N ILE K 226 -53.80 28.00 -23.45
CA ILE K 226 -53.42 29.02 -22.48
C ILE K 226 -51.91 29.07 -22.20
N SER K 227 -51.29 30.19 -22.57
CA SER K 227 -49.85 30.42 -22.40
C SER K 227 -49.57 31.37 -21.25
N ASN K 228 -50.14 32.57 -21.36
CA ASN K 228 -49.94 33.61 -20.37
C ASN K 228 -50.99 33.48 -19.28
N ILE K 229 -50.58 32.99 -18.11
CA ILE K 229 -51.54 32.82 -17.03
C ILE K 229 -52.14 34.13 -16.56
N ARG K 230 -51.72 35.23 -17.15
CA ARG K 230 -52.24 36.53 -16.78
C ARG K 230 -53.73 36.58 -17.15
N GLU K 231 -54.05 36.09 -18.34
CA GLU K 231 -55.42 36.05 -18.84
C GLU K 231 -56.37 35.51 -17.77
N MET K 232 -55.88 34.55 -17.00
CA MET K 232 -56.65 33.89 -15.97
C MET K 232 -56.93 34.71 -14.72
N LEU K 233 -55.90 35.41 -14.24
CA LEU K 233 -56.00 36.21 -13.02
C LEU K 233 -57.39 36.73 -12.64
N PRO K 234 -58.02 37.55 -13.49
CA PRO K 234 -59.35 38.05 -13.13
C PRO K 234 -60.35 36.95 -12.73
N VAL K 235 -60.35 35.83 -13.46
CA VAL K 235 -61.25 34.72 -13.17
C VAL K 235 -60.78 33.93 -11.96
N LEU K 236 -59.48 33.63 -11.89
CA LEU K 236 -58.93 32.89 -10.76
C LEU K 236 -59.17 33.63 -9.46
N GLU K 237 -59.05 34.95 -9.48
CA GLU K 237 -59.28 35.75 -8.28
C GLU K 237 -60.71 35.57 -7.82
N ALA K 238 -61.63 35.52 -8.78
CA ALA K 238 -63.04 35.35 -8.51
C ALA K 238 -63.28 34.00 -7.88
N VAL K 239 -62.64 32.98 -8.44
CA VAL K 239 -62.76 31.63 -7.92
C VAL K 239 -62.03 31.54 -6.59
N ALA K 240 -61.02 32.40 -6.42
CA ALA K 240 -60.24 32.46 -5.20
C ALA K 240 -61.21 32.73 -4.08
N LYS K 241 -61.98 33.80 -4.20
CA LYS K 241 -63.01 34.10 -3.22
C LYS K 241 -64.00 33.00 -3.52
N ALA K 242 -65.08 32.92 -2.75
CA ALA K 242 -66.08 31.87 -2.97
C ALA K 242 -65.50 30.53 -2.47
N GLY K 243 -64.17 30.48 -2.39
CA GLY K 243 -63.49 29.28 -1.92
C GLY K 243 -63.93 27.97 -2.55
N LYS K 244 -63.93 27.92 -3.87
CA LYS K 244 -64.31 26.72 -4.60
C LYS K 244 -63.19 26.32 -5.54
N PRO K 245 -63.01 25.01 -5.75
CA PRO K 245 -61.94 24.56 -6.67
C PRO K 245 -62.34 24.86 -8.11
N LEU K 246 -61.37 24.87 -9.01
CA LEU K 246 -61.64 25.15 -10.43
C LEU K 246 -61.02 24.13 -11.38
N LEU K 247 -61.83 23.67 -12.32
CA LEU K 247 -61.37 22.71 -13.32
C LEU K 247 -61.23 23.48 -14.62
N ILE K 248 -60.03 23.46 -15.17
CA ILE K 248 -59.78 24.16 -16.42
C ILE K 248 -59.83 23.15 -17.56
N ILE K 249 -60.73 23.38 -18.52
CA ILE K 249 -60.83 22.50 -19.67
C ILE K 249 -60.49 23.37 -20.87
N ALA K 250 -59.23 23.35 -21.26
CA ALA K 250 -58.78 24.14 -22.41
C ALA K 250 -58.18 23.26 -23.48
N GLU K 251 -57.92 23.86 -24.63
CA GLU K 251 -57.33 23.13 -25.75
C GLU K 251 -55.98 22.62 -25.28
N ASP K 252 -55.45 23.30 -24.27
CA ASP K 252 -54.16 22.94 -23.67
C ASP K 252 -53.68 24.05 -22.74
N VAL K 253 -52.89 23.67 -21.74
CA VAL K 253 -52.33 24.62 -20.81
C VAL K 253 -50.84 24.37 -20.84
N GLU K 254 -50.11 25.35 -21.36
CA GLU K 254 -48.65 25.25 -21.51
C GLU K 254 -47.82 25.40 -20.26
N GLY K 255 -46.61 24.83 -20.35
CA GLY K 255 -45.65 24.82 -19.27
C GLY K 255 -45.70 25.84 -18.15
N GLU K 256 -45.31 27.08 -18.45
CA GLU K 256 -45.28 28.11 -17.44
C GLU K 256 -46.63 28.31 -16.78
N ALA K 257 -47.67 28.49 -17.58
CA ALA K 257 -49.00 28.69 -17.03
C ALA K 257 -49.35 27.53 -16.08
N LEU K 258 -49.10 26.31 -16.54
CA LEU K 258 -49.39 25.12 -15.74
C LEU K 258 -48.57 25.14 -14.44
N ALA K 259 -47.32 25.56 -14.55
CA ALA K 259 -46.44 25.63 -13.39
C ALA K 259 -47.06 26.56 -12.34
N THR K 260 -47.56 27.69 -12.79
CA THR K 260 -48.18 28.66 -11.92
C THR K 260 -49.36 28.05 -11.18
N LEU K 261 -50.22 27.35 -11.92
CA LEU K 261 -51.39 26.74 -11.30
C LEU K 261 -50.96 25.76 -10.20
N VAL K 262 -50.03 24.87 -10.50
CA VAL K 262 -49.56 23.91 -9.51
C VAL K 262 -49.03 24.61 -8.24
N VAL K 263 -48.10 25.53 -8.41
CA VAL K 263 -47.55 26.28 -7.29
C VAL K 263 -48.62 26.92 -6.41
N ASN K 264 -49.42 27.80 -7.01
CA ASN K 264 -50.47 28.51 -6.30
C ASN K 264 -51.54 27.67 -5.58
N THR K 265 -51.99 26.58 -6.19
CA THR K 265 -53.00 25.75 -5.53
C THR K 265 -52.33 24.99 -4.42
N MET K 266 -51.03 24.82 -4.55
CA MET K 266 -50.22 24.11 -3.57
C MET K 266 -49.91 25.03 -2.37
N ARG K 267 -50.18 26.32 -2.52
CA ARG K 267 -49.93 27.27 -1.43
C ARG K 267 -51.24 27.60 -0.73
N GLY K 268 -52.32 26.92 -1.12
CA GLY K 268 -53.61 27.15 -0.51
C GLY K 268 -54.50 28.16 -1.19
N ILE K 269 -53.89 29.05 -1.97
CA ILE K 269 -54.63 30.10 -2.68
C ILE K 269 -55.15 29.53 -3.99
N VAL K 270 -56.46 29.34 -4.07
CA VAL K 270 -57.06 28.80 -5.29
C VAL K 270 -56.68 27.36 -5.67
N LYS K 271 -57.66 26.46 -5.67
CA LYS K 271 -57.41 25.08 -6.07
C LYS K 271 -57.79 24.90 -7.53
N VAL K 272 -56.82 24.55 -8.36
CA VAL K 272 -57.05 24.39 -9.78
C VAL K 272 -56.54 23.06 -10.30
N ALA K 273 -57.12 22.63 -11.41
CA ALA K 273 -56.76 21.40 -12.07
C ALA K 273 -57.13 21.62 -13.53
N ALA K 274 -56.26 21.22 -14.45
CA ALA K 274 -56.54 21.42 -15.87
C ALA K 274 -56.38 20.14 -16.66
N VAL K 275 -57.12 20.04 -17.76
CA VAL K 275 -57.08 18.88 -18.65
C VAL K 275 -57.43 19.35 -20.05
N LYS K 276 -56.92 18.68 -21.06
CA LYS K 276 -57.21 19.06 -22.45
C LYS K 276 -58.67 18.85 -22.78
N ALA K 277 -59.18 19.60 -23.74
CA ALA K 277 -60.56 19.42 -24.17
C ALA K 277 -60.65 18.07 -24.91
N PRO K 278 -61.77 17.37 -24.76
CA PRO K 278 -61.95 16.07 -25.41
C PRO K 278 -61.95 16.14 -26.94
N GLY K 279 -61.47 15.08 -27.57
CA GLY K 279 -61.41 15.00 -29.02
C GLY K 279 -60.55 16.06 -29.70
N PHE K 280 -60.63 16.12 -31.02
CA PHE K 280 -59.86 17.08 -31.80
C PHE K 280 -60.68 17.56 -32.98
N GLY K 281 -60.17 18.53 -33.72
CA GLY K 281 -60.86 19.05 -34.88
C GLY K 281 -62.19 19.71 -34.57
N ASP K 282 -63.21 19.35 -35.33
CA ASP K 282 -64.54 19.93 -35.15
C ASP K 282 -65.34 19.27 -34.05
N ARG K 283 -65.23 17.95 -33.94
CA ARG K 283 -65.96 17.23 -32.91
C ARG K 283 -65.48 17.67 -31.53
N ARG K 284 -64.45 18.50 -31.50
CA ARG K 284 -63.91 19.02 -30.26
C ARG K 284 -64.73 20.22 -29.83
N LYS K 285 -64.94 21.14 -30.77
CA LYS K 285 -65.72 22.34 -30.49
C LYS K 285 -67.12 21.96 -30.05
N ALA K 286 -67.64 20.87 -30.61
CA ALA K 286 -68.97 20.39 -30.28
C ALA K 286 -69.02 19.84 -28.87
N MET K 287 -68.09 18.94 -28.57
CA MET K 287 -68.05 18.32 -27.26
C MET K 287 -67.80 19.33 -26.15
N LEU K 288 -66.99 20.34 -26.45
CA LEU K 288 -66.70 21.37 -25.46
C LEU K 288 -68.00 22.02 -25.07
N GLN K 289 -68.89 22.17 -26.05
CA GLN K 289 -70.19 22.80 -25.81
C GLN K 289 -71.07 21.88 -24.98
N ASP K 290 -71.10 20.60 -25.31
CA ASP K 290 -71.92 19.64 -24.56
C ASP K 290 -71.63 19.78 -23.07
N ILE K 291 -70.34 19.78 -22.71
CA ILE K 291 -69.93 19.92 -21.32
C ILE K 291 -70.48 21.24 -20.75
N ALA K 292 -70.47 22.29 -21.56
CA ALA K 292 -70.98 23.58 -21.14
C ALA K 292 -72.45 23.47 -20.77
N THR K 293 -73.23 22.92 -21.69
CA THR K 293 -74.65 22.76 -21.47
C THR K 293 -74.92 21.85 -20.27
N LEU K 294 -74.12 20.81 -20.15
CA LEU K 294 -74.26 19.86 -19.07
C LEU K 294 -73.95 20.48 -17.71
N THR K 295 -73.00 21.40 -17.67
CA THR K 295 -72.61 22.03 -16.42
C THR K 295 -73.12 23.45 -16.27
N GLY K 296 -73.90 23.89 -17.26
CA GLY K 296 -74.44 25.24 -17.23
C GLY K 296 -73.40 26.33 -17.39
N GLY K 297 -72.33 26.01 -18.10
CA GLY K 297 -71.28 26.99 -18.29
C GLY K 297 -71.29 27.53 -19.70
N THR K 298 -70.44 28.51 -19.95
CA THR K 298 -70.35 29.14 -21.25
C THR K 298 -68.97 28.94 -21.85
N VAL K 299 -68.90 28.36 -23.04
CA VAL K 299 -67.63 28.14 -23.70
C VAL K 299 -67.04 29.48 -24.07
N ILE K 300 -65.75 29.65 -23.82
CA ILE K 300 -65.07 30.89 -24.15
C ILE K 300 -64.10 30.69 -25.31
N SER K 301 -64.57 31.02 -26.52
CA SER K 301 -63.77 30.88 -27.72
C SER K 301 -63.35 32.21 -28.33
N GLU K 302 -62.13 32.26 -28.85
CA GLU K 302 -61.58 33.47 -29.46
C GLU K 302 -62.27 33.79 -30.76
N GLU K 303 -62.70 32.75 -31.47
CA GLU K 303 -63.39 32.90 -32.74
C GLU K 303 -64.52 33.93 -32.63
N ILE K 304 -65.44 33.71 -31.71
CA ILE K 304 -66.56 34.63 -31.49
C ILE K 304 -66.05 35.97 -30.94
N GLY K 305 -64.77 36.00 -30.56
CA GLY K 305 -64.18 37.21 -30.03
C GLY K 305 -64.27 37.39 -28.52
N MET K 306 -64.45 36.30 -27.79
CA MET K 306 -64.54 36.36 -26.33
C MET K 306 -63.15 36.36 -25.73
N GLU K 307 -63.01 36.97 -24.56
CA GLU K 307 -61.73 37.04 -23.88
C GLU K 307 -61.81 36.46 -22.48
N LEU K 308 -60.73 35.82 -22.04
CA LEU K 308 -60.70 35.22 -20.71
C LEU K 308 -60.72 36.28 -19.61
N GLU K 309 -60.04 37.39 -19.84
CA GLU K 309 -60.00 38.46 -18.85
C GLU K 309 -61.40 38.96 -18.51
N LYS K 310 -62.30 38.90 -19.47
CA LYS K 310 -63.66 39.38 -19.24
C LYS K 310 -64.63 38.28 -18.84
N ALA K 311 -64.09 37.14 -18.40
CA ALA K 311 -64.92 36.03 -17.99
C ALA K 311 -65.22 36.11 -16.49
N THR K 312 -66.50 35.99 -16.14
CA THR K 312 -66.93 36.05 -14.74
C THR K 312 -67.39 34.67 -14.27
N LEU K 313 -67.60 34.54 -12.97
CA LEU K 313 -68.04 33.27 -12.40
C LEU K 313 -69.28 32.74 -13.09
N GLU K 314 -70.11 33.65 -13.58
CA GLU K 314 -71.35 33.28 -14.24
C GLU K 314 -71.11 32.55 -15.55
N ASP K 315 -69.91 32.70 -16.11
CA ASP K 315 -69.59 32.04 -17.38
C ASP K 315 -69.14 30.62 -17.11
N LEU K 316 -68.67 30.40 -15.89
CA LEU K 316 -68.17 29.10 -15.48
C LEU K 316 -69.26 28.07 -15.24
N GLY K 317 -69.00 26.83 -15.61
CA GLY K 317 -69.94 25.75 -15.41
C GLY K 317 -69.90 25.36 -13.94
N GLN K 318 -70.53 24.25 -13.59
CA GLN K 318 -70.55 23.85 -12.20
C GLN K 318 -71.04 22.41 -12.07
N ALA K 319 -70.49 21.69 -11.09
CA ALA K 319 -70.86 20.30 -10.85
C ALA K 319 -70.53 19.97 -9.40
N LYS K 320 -71.17 18.93 -8.86
CA LYS K 320 -70.91 18.59 -7.47
C LYS K 320 -69.56 17.89 -7.23
N ARG K 321 -69.00 17.28 -8.27
CA ARG K 321 -67.75 16.56 -8.09
C ARG K 321 -67.13 16.15 -9.41
N VAL K 322 -65.83 16.32 -9.54
CA VAL K 322 -65.13 15.92 -10.74
C VAL K 322 -63.98 15.03 -10.32
N VAL K 323 -63.68 14.02 -11.13
CA VAL K 323 -62.60 13.10 -10.81
C VAL K 323 -61.70 12.96 -12.03
N ILE K 324 -60.43 13.29 -11.84
CA ILE K 324 -59.45 13.20 -12.92
C ILE K 324 -58.42 12.08 -12.71
N ASN K 325 -58.20 11.32 -13.77
CA ASN K 325 -57.30 10.17 -13.77
C ASN K 325 -56.03 10.47 -14.51
N LYS K 326 -55.22 9.42 -14.64
CA LYS K 326 -53.97 9.48 -15.36
C LYS K 326 -54.33 9.78 -16.81
N ASP K 327 -55.55 9.41 -17.20
CA ASP K 327 -56.03 9.64 -18.56
C ASP K 327 -57.56 9.61 -18.71
N THR K 328 -58.26 10.13 -17.70
CA THR K 328 -59.72 10.18 -17.73
C THR K 328 -60.28 11.29 -16.83
N THR K 329 -61.37 11.91 -17.28
CA THR K 329 -62.00 12.97 -16.51
C THR K 329 -63.48 12.68 -16.48
N THR K 330 -64.08 12.72 -15.30
CA THR K 330 -65.50 12.44 -15.17
C THR K 330 -66.19 13.51 -14.31
N ILE K 331 -67.20 14.15 -14.90
CA ILE K 331 -67.97 15.21 -14.27
C ILE K 331 -69.26 14.63 -13.67
N ILE K 332 -69.43 14.79 -12.36
CA ILE K 332 -70.59 14.25 -11.67
C ILE K 332 -71.57 15.28 -11.14
N ASP K 333 -72.81 15.14 -11.59
CA ASP K 333 -73.91 16.00 -11.18
C ASP K 333 -73.74 17.43 -11.67
N GLY K 334 -73.90 17.62 -12.97
CA GLY K 334 -73.78 18.95 -13.55
C GLY K 334 -75.00 19.81 -13.23
N VAL K 335 -74.77 21.11 -13.05
CA VAL K 335 -75.83 22.05 -12.72
C VAL K 335 -76.73 22.39 -13.91
N GLY K 336 -76.20 22.24 -15.13
CA GLY K 336 -76.98 22.54 -16.31
C GLY K 336 -78.46 22.22 -16.16
N GLU K 337 -79.32 23.08 -16.67
CA GLU K 337 -80.76 22.88 -16.60
C GLU K 337 -81.20 21.72 -17.49
N GLU K 338 -82.06 20.86 -16.95
CA GLU K 338 -82.54 19.72 -17.70
C GLU K 338 -83.21 20.14 -19.00
N ALA K 339 -83.77 21.35 -19.01
CA ALA K 339 -84.42 21.89 -20.20
C ALA K 339 -83.39 22.08 -21.31
N ALA K 340 -82.27 22.71 -20.96
CA ALA K 340 -81.18 22.95 -21.90
C ALA K 340 -80.46 21.66 -22.30
N ILE K 341 -80.17 20.80 -21.31
CA ILE K 341 -79.50 19.54 -21.58
C ILE K 341 -80.36 18.68 -22.50
N GLN K 342 -81.59 18.41 -22.06
CA GLN K 342 -82.50 17.58 -22.84
C GLN K 342 -82.77 18.15 -24.23
N GLY K 343 -82.78 19.47 -24.33
CA GLY K 343 -82.99 20.10 -25.62
C GLY K 343 -81.78 19.88 -26.52
N ARG K 344 -80.60 19.97 -25.92
CA ARG K 344 -79.35 19.75 -26.63
C ARG K 344 -79.34 18.35 -27.22
N VAL K 345 -79.83 17.38 -26.45
CA VAL K 345 -79.88 16.00 -26.89
C VAL K 345 -80.74 15.90 -28.12
N ALA K 346 -81.83 16.65 -28.13
CA ALA K 346 -82.73 16.65 -29.27
C ALA K 346 -82.01 17.09 -30.54
N GLN K 347 -81.24 18.18 -30.44
CA GLN K 347 -80.50 18.71 -31.57
C GLN K 347 -79.52 17.70 -32.16
N ILE K 348 -78.86 16.95 -31.30
CA ILE K 348 -77.90 15.96 -31.74
C ILE K 348 -78.60 14.76 -32.40
N ARG K 349 -79.80 14.44 -31.93
CA ARG K 349 -80.54 13.32 -32.49
C ARG K 349 -81.05 13.59 -33.89
N GLN K 350 -81.21 14.88 -34.22
CA GLN K 350 -81.65 15.25 -35.56
C GLN K 350 -80.42 15.17 -36.46
N GLN K 351 -79.27 15.51 -35.89
CA GLN K 351 -77.99 15.46 -36.60
C GLN K 351 -77.86 14.04 -37.14
N ILE K 352 -78.20 13.09 -36.29
CA ILE K 352 -78.13 11.67 -36.61
C ILE K 352 -79.06 11.33 -37.77
N GLU K 353 -80.14 12.08 -37.89
CA GLU K 353 -81.11 11.88 -38.97
C GLU K 353 -80.48 12.42 -40.26
N GLU K 354 -80.12 13.71 -40.22
CA GLU K 354 -79.51 14.38 -41.35
C GLU K 354 -78.12 13.83 -41.65
N ALA K 355 -77.72 12.81 -40.89
CA ALA K 355 -76.41 12.19 -41.08
C ALA K 355 -76.30 11.49 -42.42
N THR K 356 -75.31 11.91 -43.20
CA THR K 356 -75.08 11.32 -44.52
C THR K 356 -73.86 10.41 -44.48
N SER K 357 -73.65 9.78 -43.33
CA SER K 357 -72.50 8.90 -43.15
C SER K 357 -72.66 8.03 -41.91
N ASP K 358 -71.98 6.89 -41.89
CA ASP K 358 -72.04 6.00 -40.74
C ASP K 358 -71.11 6.51 -39.65
N TYR K 359 -69.92 6.95 -40.05
CA TYR K 359 -68.95 7.47 -39.10
C TYR K 359 -69.55 8.66 -38.35
N ASP K 360 -69.93 9.68 -39.11
CA ASP K 360 -70.52 10.89 -38.55
C ASP K 360 -71.69 10.52 -37.66
N ARG K 361 -72.34 9.42 -38.00
CA ARG K 361 -73.48 8.93 -37.25
C ARG K 361 -73.04 8.32 -35.92
N GLU K 362 -72.00 7.50 -35.96
CA GLU K 362 -71.48 6.86 -34.76
C GLU K 362 -70.97 7.89 -33.77
N LYS K 363 -70.33 8.93 -34.28
CA LYS K 363 -69.80 9.99 -33.43
C LYS K 363 -70.90 10.78 -32.72
N LEU K 364 -72.02 10.99 -33.41
CA LEU K 364 -73.14 11.72 -32.83
C LEU K 364 -73.83 10.91 -31.73
N GLN K 365 -73.94 9.60 -31.97
CA GLN K 365 -74.57 8.72 -31.01
C GLN K 365 -73.74 8.71 -29.75
N GLU K 366 -72.41 8.68 -29.90
CA GLU K 366 -71.50 8.69 -28.75
C GLU K 366 -71.78 9.90 -27.87
N ARG K 367 -71.98 11.05 -28.48
CA ARG K 367 -72.24 12.27 -27.72
C ARG K 367 -73.55 12.24 -26.95
N VAL K 368 -74.63 11.82 -27.60
CA VAL K 368 -75.92 11.77 -26.90
C VAL K 368 -75.85 10.78 -25.75
N ALA K 369 -75.24 9.62 -26.02
CA ALA K 369 -75.10 8.59 -25.01
C ALA K 369 -74.48 9.19 -23.75
N LYS K 370 -73.50 10.06 -23.94
CA LYS K 370 -72.82 10.70 -22.82
C LYS K 370 -73.76 11.68 -22.13
N LEU K 371 -74.31 12.58 -22.92
CA LEU K 371 -75.20 13.62 -22.43
C LEU K 371 -76.51 13.08 -21.84
N ALA K 372 -77.11 12.12 -22.52
CA ALA K 372 -78.35 11.53 -22.08
C ALA K 372 -78.20 10.42 -21.03
N GLY K 373 -77.14 9.62 -21.16
CA GLY K 373 -76.91 8.51 -20.25
C GLY K 373 -76.67 8.84 -18.80
N GLY K 374 -76.13 10.01 -18.52
CA GLY K 374 -75.88 10.37 -17.15
C GLY K 374 -74.76 9.57 -16.51
N VAL K 375 -74.74 9.55 -15.18
CA VAL K 375 -73.70 8.86 -14.43
C VAL K 375 -74.28 8.18 -13.18
N ALA K 376 -73.98 6.89 -13.05
CA ALA K 376 -74.44 6.13 -11.89
C ALA K 376 -73.46 6.36 -10.73
N VAL K 377 -74.00 6.81 -9.61
CA VAL K 377 -73.17 7.06 -8.46
C VAL K 377 -73.44 6.10 -7.31
N ILE K 378 -72.44 5.27 -6.98
CA ILE K 378 -72.57 4.33 -5.89
C ILE K 378 -71.97 4.96 -4.63
N LYS K 379 -72.77 5.11 -3.58
CA LYS K 379 -72.28 5.70 -2.34
C LYS K 379 -72.11 4.56 -1.35
N VAL K 380 -70.88 4.14 -1.13
CA VAL K 380 -70.57 3.02 -0.24
C VAL K 380 -71.11 3.18 1.17
N GLY K 381 -71.66 2.07 1.70
CA GLY K 381 -72.22 2.03 3.04
C GLY K 381 -71.23 2.49 4.09
N ALA K 382 -71.47 2.19 5.36
CA ALA K 382 -70.52 2.66 6.35
C ALA K 382 -70.41 1.96 7.70
N ALA K 383 -70.59 2.73 8.77
CA ALA K 383 -70.46 2.26 10.16
C ALA K 383 -68.96 2.30 10.41
N THR K 384 -68.48 3.50 10.77
CA THR K 384 -67.07 3.82 11.04
C THR K 384 -66.37 4.21 9.75
N GLU K 385 -65.70 5.36 9.81
CA GLU K 385 -64.98 5.89 8.67
C GLU K 385 -63.97 4.91 8.06
N VAL K 386 -63.40 4.06 8.90
CA VAL K 386 -62.41 3.09 8.44
C VAL K 386 -63.00 2.01 7.55
N GLU K 387 -64.00 1.30 8.04
CA GLU K 387 -64.65 0.25 7.25
C GLU K 387 -65.19 0.83 5.95
N MET K 388 -65.75 2.03 6.04
CA MET K 388 -66.31 2.71 4.88
C MET K 388 -65.27 2.89 3.79
N LYS K 389 -64.07 3.34 4.17
CA LYS K 389 -63.01 3.54 3.19
C LYS K 389 -62.48 2.21 2.63
N GLU K 390 -62.52 1.18 3.46
CA GLU K 390 -62.05 -0.15 3.06
C GLU K 390 -63.02 -0.82 2.09
N LYS K 391 -64.31 -0.65 2.32
CA LYS K 391 -65.34 -1.23 1.47
C LYS K 391 -65.34 -0.50 0.12
N LYS K 392 -65.17 0.81 0.18
CA LYS K 392 -65.15 1.64 -1.01
C LYS K 392 -64.06 1.14 -1.96
N ALA K 393 -62.96 0.63 -1.39
CA ALA K 393 -61.86 0.12 -2.19
C ALA K 393 -62.27 -1.18 -2.88
N ARG K 394 -62.84 -2.10 -2.12
CA ARG K 394 -63.27 -3.38 -2.69
C ARG K 394 -64.29 -3.16 -3.80
N VAL K 395 -65.18 -2.19 -3.60
CA VAL K 395 -66.19 -1.89 -4.59
C VAL K 395 -65.51 -1.40 -5.86
N GLU K 396 -64.59 -0.45 -5.70
CA GLU K 396 -63.88 0.11 -6.85
C GLU K 396 -63.17 -0.98 -7.66
N ASP K 397 -62.54 -1.92 -6.98
CA ASP K 397 -61.85 -3.00 -7.68
C ASP K 397 -62.87 -3.92 -8.32
N ALA K 398 -63.82 -4.39 -7.52
CA ALA K 398 -64.87 -5.27 -8.04
C ALA K 398 -65.51 -4.67 -9.29
N LEU K 399 -65.61 -3.35 -9.33
CA LEU K 399 -66.20 -2.66 -10.47
C LEU K 399 -65.34 -2.85 -11.71
N HIS K 400 -64.04 -2.58 -11.60
CA HIS K 400 -63.14 -2.75 -12.73
C HIS K 400 -63.16 -4.20 -13.25
N ALA K 401 -63.20 -5.14 -12.31
CA ALA K 401 -63.20 -6.56 -12.65
C ALA K 401 -64.45 -6.92 -13.40
N THR K 402 -65.58 -6.45 -12.89
CA THR K 402 -66.86 -6.73 -13.51
C THR K 402 -66.94 -6.10 -14.88
N ARG K 403 -66.46 -4.87 -15.00
CA ARG K 403 -66.49 -4.18 -16.27
C ARG K 403 -65.74 -4.98 -17.33
N ALA K 404 -64.59 -5.51 -16.96
CA ALA K 404 -63.79 -6.29 -17.88
C ALA K 404 -64.46 -7.62 -18.22
N ALA K 405 -65.06 -8.23 -17.19
CA ALA K 405 -65.72 -9.52 -17.37
C ALA K 405 -66.91 -9.36 -18.33
N VAL K 406 -67.55 -8.20 -18.30
CA VAL K 406 -68.69 -7.93 -19.16
C VAL K 406 -68.25 -7.74 -20.60
N GLU K 407 -67.01 -7.29 -20.79
CA GLU K 407 -66.49 -7.07 -22.15
C GLU K 407 -65.99 -8.34 -22.87
N GLU K 408 -65.35 -9.24 -22.14
CA GLU K 408 -64.80 -10.44 -22.78
C GLU K 408 -64.99 -11.76 -22.01
N GLY K 409 -65.79 -11.77 -20.97
CA GLY K 409 -65.99 -12.99 -20.24
C GLY K 409 -64.94 -13.30 -19.20
N VAL K 410 -64.97 -14.53 -18.68
CA VAL K 410 -64.03 -14.97 -17.66
C VAL K 410 -63.41 -16.32 -18.01
N VAL K 411 -62.28 -16.60 -17.37
CA VAL K 411 -61.55 -17.84 -17.57
C VAL K 411 -60.99 -18.29 -16.24
N ALA K 412 -60.58 -19.55 -16.20
CA ALA K 412 -60.03 -20.14 -14.98
C ALA K 412 -58.81 -19.41 -14.47
N GLY K 413 -58.93 -18.82 -13.28
CA GLY K 413 -57.83 -18.11 -12.65
C GLY K 413 -56.77 -19.01 -12.01
N GLY K 414 -56.05 -18.45 -11.04
CA GLY K 414 -55.02 -19.22 -10.39
C GLY K 414 -53.94 -19.59 -11.40
N GLY K 415 -53.96 -18.90 -12.53
CA GLY K 415 -52.98 -19.18 -13.56
C GLY K 415 -53.23 -20.42 -14.38
N VAL K 416 -54.36 -21.09 -14.20
CA VAL K 416 -54.61 -22.31 -14.96
C VAL K 416 -55.09 -22.04 -16.38
N ALA K 417 -55.77 -20.93 -16.61
CA ALA K 417 -56.22 -20.66 -17.95
C ALA K 417 -55.00 -20.61 -18.88
N LEU K 418 -53.97 -19.87 -18.48
CA LEU K 418 -52.76 -19.76 -19.29
C LEU K 418 -52.05 -21.09 -19.55
N ILE K 419 -51.91 -21.91 -18.52
CA ILE K 419 -51.25 -23.20 -18.68
C ILE K 419 -52.12 -24.14 -19.52
N ARG K 420 -53.44 -24.00 -19.39
CA ARG K 420 -54.37 -24.83 -20.14
C ARG K 420 -54.28 -24.47 -21.62
N VAL K 421 -54.32 -23.18 -21.89
CA VAL K 421 -54.25 -22.71 -23.25
C VAL K 421 -52.95 -23.17 -23.92
N ALA K 422 -51.83 -23.13 -23.19
CA ALA K 422 -50.56 -23.54 -23.78
C ALA K 422 -50.52 -25.03 -24.06
N SER K 423 -51.11 -25.83 -23.16
CA SER K 423 -51.12 -27.26 -23.36
C SER K 423 -51.76 -27.64 -24.70
N LYS K 424 -52.58 -26.76 -25.26
CA LYS K 424 -53.25 -27.06 -26.51
C LYS K 424 -52.43 -26.67 -27.75
N LEU K 425 -51.41 -25.87 -27.56
CA LEU K 425 -50.63 -25.43 -28.70
C LEU K 425 -49.35 -26.24 -28.91
N ALA K 426 -49.34 -27.46 -28.38
CA ALA K 426 -48.16 -28.33 -28.48
C ALA K 426 -47.67 -28.59 -29.90
N ASP K 427 -48.54 -28.42 -30.90
CA ASP K 427 -48.13 -28.67 -32.28
C ASP K 427 -47.90 -27.41 -33.10
N LEU K 428 -48.10 -26.25 -32.50
CA LEU K 428 -47.90 -24.98 -33.21
C LEU K 428 -46.46 -24.90 -33.73
N ARG K 429 -46.30 -24.57 -35.00
CA ARG K 429 -44.97 -24.47 -35.60
C ARG K 429 -44.79 -23.21 -36.41
N GLY K 430 -43.53 -22.85 -36.65
CA GLY K 430 -43.21 -21.66 -37.42
C GLY K 430 -42.63 -21.98 -38.78
N GLN K 431 -41.84 -21.06 -39.31
CA GLN K 431 -41.25 -21.25 -40.62
C GLN K 431 -39.86 -21.90 -40.56
N ASN K 432 -39.21 -21.83 -39.41
CA ASN K 432 -37.90 -22.44 -39.24
C ASN K 432 -37.72 -22.87 -37.79
N GLU K 433 -36.63 -23.57 -37.50
CA GLU K 433 -36.39 -24.03 -36.14
C GLU K 433 -36.28 -22.94 -35.08
N ASP K 434 -35.70 -21.79 -35.44
CA ASP K 434 -35.57 -20.71 -34.47
C ASP K 434 -36.97 -20.30 -34.04
N GLN K 435 -37.86 -20.15 -35.02
CA GLN K 435 -39.23 -19.77 -34.74
C GLN K 435 -39.94 -20.82 -33.88
N ASN K 436 -39.59 -22.09 -34.09
CA ASN K 436 -40.19 -23.14 -33.29
C ASN K 436 -39.77 -22.97 -31.85
N VAL K 437 -38.49 -22.64 -31.64
CA VAL K 437 -37.96 -22.45 -30.28
C VAL K 437 -38.71 -21.29 -29.63
N GLY K 438 -38.95 -20.23 -30.40
CA GLY K 438 -39.65 -19.08 -29.89
C GLY K 438 -41.01 -19.52 -29.37
N ILE K 439 -41.71 -20.32 -30.16
CA ILE K 439 -43.02 -20.81 -29.78
C ILE K 439 -42.94 -21.59 -28.47
N LYS K 440 -41.96 -22.48 -28.35
CA LYS K 440 -41.80 -23.26 -27.14
C LYS K 440 -41.42 -22.39 -25.96
N VAL K 441 -40.70 -21.32 -26.22
CA VAL K 441 -40.29 -20.41 -25.16
C VAL K 441 -41.53 -19.77 -24.56
N ALA K 442 -42.43 -19.32 -25.43
CA ALA K 442 -43.65 -18.68 -24.98
C ALA K 442 -44.55 -19.65 -24.24
N LEU K 443 -44.80 -20.81 -24.83
CA LEU K 443 -45.66 -21.78 -24.21
C LEU K 443 -45.16 -22.19 -22.83
N ARG K 444 -43.84 -22.33 -22.70
CA ARG K 444 -43.21 -22.71 -21.44
C ARG K 444 -43.43 -21.58 -20.41
N ALA K 445 -43.33 -20.34 -20.88
CA ALA K 445 -43.51 -19.19 -19.99
C ALA K 445 -44.92 -19.13 -19.45
N MET K 446 -45.89 -19.54 -20.24
CA MET K 446 -47.27 -19.47 -19.82
C MET K 446 -47.55 -20.27 -18.57
N GLU K 447 -46.55 -21.01 -18.10
CA GLU K 447 -46.69 -21.83 -16.90
C GLU K 447 -46.15 -21.10 -15.67
N ALA K 448 -45.42 -20.01 -15.90
CA ALA K 448 -44.82 -19.23 -14.83
C ALA K 448 -45.80 -18.82 -13.74
N PRO K 449 -46.92 -18.21 -14.11
CA PRO K 449 -47.88 -17.79 -13.09
C PRO K 449 -48.33 -18.93 -12.14
N LEU K 450 -48.80 -20.04 -12.71
CA LEU K 450 -49.26 -21.15 -11.89
C LEU K 450 -48.14 -21.64 -11.00
N ARG K 451 -47.02 -21.98 -11.64
CA ARG K 451 -45.84 -22.49 -10.93
C ARG K 451 -45.46 -21.58 -9.78
N GLN K 452 -45.42 -20.26 -10.01
CA GLN K 452 -45.07 -19.32 -8.95
C GLN K 452 -46.09 -19.39 -7.82
N ILE K 453 -47.38 -19.41 -8.18
CA ILE K 453 -48.45 -19.52 -7.19
C ILE K 453 -48.27 -20.76 -6.32
N VAL K 454 -47.96 -21.88 -6.96
CA VAL K 454 -47.73 -23.12 -6.25
C VAL K 454 -46.48 -23.05 -5.37
N LEU K 455 -45.42 -22.44 -5.88
CA LEU K 455 -44.20 -22.32 -5.09
C LEU K 455 -44.47 -21.51 -3.83
N ASN K 456 -45.28 -20.46 -3.94
CA ASN K 456 -45.58 -19.63 -2.77
C ASN K 456 -46.35 -20.44 -1.72
N CYS K 457 -47.09 -21.46 -2.17
CA CYS K 457 -47.84 -22.31 -1.25
C CYS K 457 -46.93 -23.34 -0.58
N GLY K 458 -45.69 -23.45 -1.06
CA GLY K 458 -44.76 -24.41 -0.50
C GLY K 458 -44.97 -25.80 -1.08
N GLU K 459 -45.54 -25.85 -2.29
CA GLU K 459 -45.79 -27.11 -2.98
C GLU K 459 -44.80 -27.26 -4.16
N GLU K 460 -44.91 -28.37 -4.88
CA GLU K 460 -44.02 -28.62 -6.00
C GLU K 460 -44.64 -28.27 -7.35
N PRO K 461 -44.21 -27.15 -7.92
CA PRO K 461 -44.69 -26.65 -9.22
C PRO K 461 -44.76 -27.71 -10.31
N SER K 462 -43.66 -28.43 -10.50
CA SER K 462 -43.60 -29.47 -11.53
C SER K 462 -44.78 -30.42 -11.44
N VAL K 463 -45.11 -30.82 -10.22
CA VAL K 463 -46.20 -31.77 -10.02
C VAL K 463 -47.58 -31.15 -10.28
N VAL K 464 -47.86 -30.02 -9.66
CA VAL K 464 -49.15 -29.38 -9.87
C VAL K 464 -49.33 -28.98 -11.34
N ALA K 465 -48.27 -28.44 -11.95
CA ALA K 465 -48.34 -28.04 -13.35
C ALA K 465 -48.62 -29.27 -14.19
N ASN K 466 -47.95 -30.36 -13.83
CA ASN K 466 -48.08 -31.61 -14.54
C ASN K 466 -49.50 -32.15 -14.48
N THR K 467 -50.11 -32.04 -13.31
CA THR K 467 -51.48 -32.50 -13.09
C THR K 467 -52.51 -31.60 -13.79
N VAL K 468 -52.35 -30.30 -13.66
CA VAL K 468 -53.29 -29.39 -14.30
C VAL K 468 -53.26 -29.60 -15.81
N LYS K 469 -52.07 -29.77 -16.37
CA LYS K 469 -51.95 -29.97 -17.80
C LYS K 469 -52.59 -31.29 -18.21
N GLY K 470 -52.54 -32.26 -17.30
CA GLY K 470 -53.10 -33.58 -17.57
C GLY K 470 -54.59 -33.58 -17.83
N GLY K 471 -55.31 -32.69 -17.15
CA GLY K 471 -56.74 -32.62 -17.33
C GLY K 471 -57.08 -31.68 -18.48
N ASP K 472 -58.31 -31.18 -18.50
CA ASP K 472 -58.73 -30.25 -19.55
C ASP K 472 -59.86 -29.32 -19.11
N GLY K 473 -60.29 -28.44 -20.01
CA GLY K 473 -61.34 -27.51 -19.68
C GLY K 473 -60.83 -26.56 -18.62
N ASN K 474 -61.66 -26.26 -17.63
CA ASN K 474 -61.25 -25.36 -16.56
C ASN K 474 -60.89 -26.13 -15.29
N TYR K 475 -60.28 -27.29 -15.50
CA TYR K 475 -59.83 -28.13 -14.41
C TYR K 475 -58.50 -27.53 -13.97
N GLY K 476 -58.39 -27.19 -12.70
CA GLY K 476 -57.15 -26.60 -12.22
C GLY K 476 -56.81 -26.86 -10.77
N TYR K 477 -55.89 -26.08 -10.26
CA TYR K 477 -55.46 -26.24 -8.87
C TYR K 477 -55.85 -25.03 -8.05
N ASN K 478 -56.73 -25.25 -7.08
CA ASN K 478 -57.19 -24.19 -6.20
C ASN K 478 -56.09 -24.00 -5.16
N ALA K 479 -55.27 -22.97 -5.32
CA ALA K 479 -54.17 -22.70 -4.40
C ALA K 479 -54.64 -22.43 -2.98
N ALA K 480 -55.84 -21.88 -2.84
CA ALA K 480 -56.36 -21.57 -1.51
C ALA K 480 -56.62 -22.86 -0.73
N THR K 481 -57.52 -23.70 -1.25
CA THR K 481 -57.87 -24.94 -0.59
C THR K 481 -56.85 -26.05 -0.87
N GLU K 482 -55.96 -25.78 -1.83
CA GLU K 482 -54.94 -26.76 -2.22
C GLU K 482 -55.60 -28.07 -2.61
N GLU K 483 -56.61 -27.95 -3.48
CA GLU K 483 -57.38 -29.08 -3.99
C GLU K 483 -57.68 -28.83 -5.46
N TYR K 484 -57.78 -29.90 -6.25
CA TYR K 484 -58.08 -29.74 -7.66
C TYR K 484 -59.59 -29.72 -7.88
N GLY K 485 -59.99 -29.35 -9.09
CA GLY K 485 -61.40 -29.29 -9.43
C GLY K 485 -61.65 -28.29 -10.55
N ASN K 486 -62.91 -27.90 -10.75
CA ASN K 486 -63.24 -26.94 -11.79
C ASN K 486 -63.03 -25.55 -11.20
N MET K 487 -62.09 -24.81 -11.80
CA MET K 487 -61.77 -23.47 -11.34
C MET K 487 -62.93 -22.50 -11.30
N ILE K 488 -63.80 -22.54 -12.30
CA ILE K 488 -64.95 -21.63 -12.35
C ILE K 488 -65.97 -21.98 -11.28
N ASP K 489 -66.30 -23.26 -11.15
CA ASP K 489 -67.26 -23.67 -10.12
C ASP K 489 -66.73 -23.29 -8.74
N MET K 490 -65.43 -23.44 -8.54
CA MET K 490 -64.82 -23.08 -7.25
C MET K 490 -64.70 -21.58 -7.09
N GLY K 491 -65.16 -20.86 -8.11
CA GLY K 491 -65.13 -19.41 -8.05
C GLY K 491 -63.76 -18.75 -8.04
N ILE K 492 -62.82 -19.34 -8.76
CA ILE K 492 -61.46 -18.80 -8.85
C ILE K 492 -61.27 -18.49 -10.33
N LEU K 493 -61.42 -17.22 -10.69
CA LEU K 493 -61.33 -16.84 -12.07
C LEU K 493 -60.82 -15.44 -12.29
N ASP K 494 -60.40 -15.17 -13.52
CA ASP K 494 -59.91 -13.84 -13.90
C ASP K 494 -60.63 -13.43 -15.17
N PRO K 495 -60.89 -12.14 -15.33
CA PRO K 495 -61.56 -11.68 -16.54
C PRO K 495 -60.69 -12.07 -17.72
N THR K 496 -61.27 -12.70 -18.74
CA THR K 496 -60.50 -13.09 -19.89
C THR K 496 -59.64 -11.94 -20.37
N LYS K 497 -60.15 -10.71 -20.24
CA LYS K 497 -59.41 -9.53 -20.68
C LYS K 497 -58.11 -9.30 -19.90
N VAL K 498 -58.12 -9.50 -18.58
CA VAL K 498 -56.92 -9.31 -17.80
C VAL K 498 -55.84 -10.32 -18.18
N THR K 499 -56.21 -11.59 -18.33
CA THR K 499 -55.23 -12.60 -18.72
C THR K 499 -54.69 -12.30 -20.11
N ARG K 500 -55.57 -11.91 -21.02
CA ARG K 500 -55.14 -11.57 -22.38
C ARG K 500 -54.15 -10.41 -22.41
N SER K 501 -54.49 -9.32 -21.74
CA SER K 501 -53.62 -8.15 -21.71
C SER K 501 -52.29 -8.43 -21.05
N ALA K 502 -52.31 -9.20 -19.95
CA ALA K 502 -51.07 -9.53 -19.23
C ALA K 502 -50.10 -10.26 -20.17
N LEU K 503 -50.62 -11.25 -20.88
CA LEU K 503 -49.82 -12.02 -21.82
C LEU K 503 -49.31 -11.17 -23.00
N GLN K 504 -50.21 -10.45 -23.65
CA GLN K 504 -49.82 -9.64 -24.79
C GLN K 504 -48.81 -8.57 -24.43
N TYR K 505 -49.01 -7.94 -23.28
CA TYR K 505 -48.08 -6.91 -22.84
C TYR K 505 -46.73 -7.46 -22.43
N ALA K 506 -46.75 -8.65 -21.83
CA ALA K 506 -45.51 -9.29 -21.42
C ALA K 506 -44.73 -9.67 -22.70
N ALA K 507 -45.40 -10.38 -23.59
CA ALA K 507 -44.81 -10.82 -24.84
C ALA K 507 -44.25 -9.63 -25.64
N SER K 508 -44.89 -8.47 -25.49
CA SER K 508 -44.44 -7.29 -26.20
C SER K 508 -43.06 -6.82 -25.73
N VAL K 509 -42.93 -6.50 -24.45
CA VAL K 509 -41.66 -6.02 -23.93
C VAL K 509 -40.58 -7.10 -24.04
N ALA K 510 -40.97 -8.36 -23.87
CA ALA K 510 -40.01 -9.45 -23.98
C ALA K 510 -39.43 -9.50 -25.39
N GLY K 511 -40.32 -9.43 -26.38
CA GLY K 511 -39.87 -9.45 -27.76
C GLY K 511 -38.93 -8.29 -28.05
N LEU K 512 -39.23 -7.12 -27.47
CA LEU K 512 -38.39 -5.95 -27.71
C LEU K 512 -37.03 -6.14 -27.13
N MET K 513 -36.96 -6.67 -25.91
CA MET K 513 -35.66 -6.88 -25.27
C MET K 513 -34.83 -7.93 -25.99
N ILE K 514 -35.46 -9.02 -26.39
CA ILE K 514 -34.76 -10.07 -27.11
C ILE K 514 -34.15 -9.56 -28.42
N THR K 515 -34.73 -8.51 -28.97
CA THR K 515 -34.22 -7.96 -30.22
C THR K 515 -33.50 -6.63 -30.01
N THR K 516 -32.90 -6.47 -28.83
CA THR K 516 -32.15 -5.26 -28.51
C THR K 516 -30.67 -5.59 -28.64
N GLU K 517 -29.92 -4.74 -29.34
CA GLU K 517 -28.50 -4.95 -29.55
C GLU K 517 -27.61 -3.88 -28.95
N CYS K 518 -28.20 -2.75 -28.59
CA CYS K 518 -27.42 -1.66 -28.05
C CYS K 518 -28.18 -0.84 -27.00
N MET K 519 -27.49 -0.45 -25.94
CA MET K 519 -28.08 0.36 -24.87
C MET K 519 -27.20 1.58 -24.59
N VAL K 520 -27.84 2.74 -24.44
CA VAL K 520 -27.15 3.98 -24.19
C VAL K 520 -27.70 4.65 -22.95
N THR K 521 -26.80 5.03 -22.04
CA THR K 521 -27.21 5.69 -20.80
C THR K 521 -26.09 6.62 -20.36
N ASP K 522 -26.42 7.54 -19.45
CA ASP K 522 -25.41 8.47 -18.96
C ASP K 522 -24.36 7.77 -18.14
N LEU K 523 -23.15 8.33 -18.16
CA LEU K 523 -22.05 7.77 -17.42
C LEU K 523 -22.35 7.99 -15.96
N PRO K 524 -22.10 6.99 -15.11
CA PRO K 524 -22.37 7.12 -13.68
C PRO K 524 -21.65 8.31 -13.03
N LYS K 525 -20.79 8.96 -13.81
CA LYS K 525 -20.04 10.11 -13.33
C LYS K 525 -20.90 11.38 -13.38
N SER L 1 -38.15 37.23 -9.31
CA SER L 1 -38.60 37.05 -10.69
C SER L 1 -40.13 37.13 -10.80
N TRP L 2 -40.83 36.41 -9.91
CA TRP L 2 -42.28 36.39 -9.91
C TRP L 2 -42.89 37.50 -9.06
N MET L 3 -44.18 37.75 -9.28
CA MET L 3 -44.90 38.78 -8.55
C MET L 3 -46.07 38.18 -7.79
N THR L 4 -46.69 38.98 -6.93
CA THR L 4 -47.80 38.50 -6.13
C THR L 4 -48.97 39.45 -6.19
N THR L 5 -50.15 38.91 -6.44
CA THR L 5 -51.36 39.72 -6.48
C THR L 5 -51.80 40.00 -5.04
N PRO L 6 -52.68 40.99 -4.85
CA PRO L 6 -53.14 41.29 -3.49
C PRO L 6 -53.66 40.03 -2.81
N TRP L 7 -54.44 39.24 -3.55
CA TRP L 7 -55.01 38.02 -2.98
C TRP L 7 -54.02 36.86 -2.82
N GLY L 8 -52.75 37.13 -3.06
CA GLY L 8 -51.72 36.13 -2.86
C GLY L 8 -51.32 35.21 -4.00
N PHE L 9 -51.86 35.45 -5.19
CA PHE L 9 -51.52 34.62 -6.34
C PHE L 9 -50.11 34.92 -6.84
N LEU L 10 -49.26 33.89 -6.81
CA LEU L 10 -47.87 34.03 -7.25
C LEU L 10 -47.82 33.76 -8.75
N HIS L 11 -47.22 34.67 -9.52
CA HIS L 11 -47.15 34.49 -10.98
C HIS L 11 -46.06 35.29 -11.66
N PRO L 12 -45.68 34.91 -12.89
CA PRO L 12 -44.64 35.59 -13.66
C PRO L 12 -45.12 36.98 -14.09
N ALA M 1 -34.94 6.99 -5.69
CA ALA M 1 -33.50 6.74 -5.95
C ALA M 1 -33.26 5.24 -6.12
N ALA M 2 -32.02 4.87 -6.44
CA ALA M 2 -31.68 3.45 -6.59
C ALA M 2 -31.95 2.79 -5.24
N LYS M 3 -32.48 1.57 -5.29
CA LYS M 3 -32.78 0.84 -4.09
C LYS M 3 -31.84 -0.35 -3.92
N ASP M 4 -31.79 -0.86 -2.71
CA ASP M 4 -30.99 -2.03 -2.40
C ASP M 4 -32.10 -3.04 -2.07
N VAL M 5 -32.15 -4.14 -2.81
CA VAL M 5 -33.21 -5.14 -2.60
C VAL M 5 -32.65 -6.44 -2.06
N LYS M 6 -33.15 -6.87 -0.90
CA LYS M 6 -32.71 -8.12 -0.29
C LYS M 6 -33.82 -9.15 -0.29
N PHE M 7 -33.45 -10.43 -0.37
CA PHE M 7 -34.44 -11.49 -0.41
C PHE M 7 -34.32 -12.57 0.65
N GLY M 8 -35.37 -13.37 0.75
CA GLY M 8 -35.41 -14.48 1.69
C GLY M 8 -34.56 -14.47 2.94
N ASN M 9 -33.61 -15.40 3.01
CA ASN M 9 -32.76 -15.51 4.15
C ASN M 9 -31.96 -14.27 4.48
N ASP M 10 -31.38 -13.63 3.47
CA ASP M 10 -30.60 -12.43 3.74
C ASP M 10 -31.49 -11.39 4.40
N ALA M 11 -32.67 -11.18 3.83
CA ALA M 11 -33.63 -10.22 4.36
C ALA M 11 -34.03 -10.57 5.79
N ARG M 12 -34.29 -11.84 6.03
CA ARG M 12 -34.68 -12.28 7.36
C ARG M 12 -33.64 -12.05 8.45
N VAL M 13 -32.39 -12.47 8.23
CA VAL M 13 -31.37 -12.28 9.27
C VAL M 13 -31.21 -10.79 9.61
N LYS M 14 -31.30 -9.93 8.60
CA LYS M 14 -31.19 -8.50 8.85
C LYS M 14 -32.29 -8.08 9.84
N MET M 15 -33.54 -8.43 9.53
CA MET M 15 -34.65 -8.08 10.41
C MET M 15 -34.42 -8.60 11.80
N LEU M 16 -34.03 -9.87 11.90
CA LEU M 16 -33.76 -10.48 13.20
C LEU M 16 -32.78 -9.62 14.01
N ARG M 17 -31.62 -9.29 13.41
CA ARG M 17 -30.59 -8.49 14.07
C ARG M 17 -31.16 -7.14 14.54
N GLY M 18 -32.00 -6.53 13.70
CA GLY M 18 -32.61 -5.26 14.05
C GLY M 18 -33.48 -5.36 15.30
N VAL M 19 -34.39 -6.33 15.35
CA VAL M 19 -35.26 -6.43 16.50
C VAL M 19 -34.46 -6.91 17.71
N ASN M 20 -33.34 -7.59 17.48
CA ASN M 20 -32.54 -8.04 18.61
C ASN M 20 -31.94 -6.83 19.31
N VAL M 21 -31.50 -5.84 18.53
CA VAL M 21 -30.96 -4.65 19.16
C VAL M 21 -32.07 -3.96 19.96
N LEU M 22 -33.24 -3.80 19.32
CA LEU M 22 -34.38 -3.18 19.97
C LEU M 22 -34.79 -3.92 21.24
N ALA M 23 -35.26 -5.14 21.08
CA ALA M 23 -35.67 -5.94 22.23
C ALA M 23 -34.59 -6.04 23.32
N ASP M 24 -33.35 -6.36 22.95
CA ASP M 24 -32.28 -6.48 23.94
C ASP M 24 -32.09 -5.21 24.76
N ALA M 25 -32.25 -4.07 24.11
CA ALA M 25 -32.10 -2.77 24.77
C ALA M 25 -33.24 -2.51 25.73
N VAL M 26 -34.45 -2.81 25.26
CA VAL M 26 -35.64 -2.58 26.05
C VAL M 26 -35.89 -3.59 27.18
N LYS M 27 -35.70 -4.88 26.92
CA LYS M 27 -35.98 -5.87 27.95
C LYS M 27 -35.14 -5.82 29.20
N VAL M 28 -34.04 -5.10 29.20
CA VAL M 28 -33.24 -5.03 30.43
C VAL M 28 -33.97 -4.26 31.52
N THR M 29 -35.00 -3.52 31.14
CA THR M 29 -35.73 -2.72 32.11
C THR M 29 -36.89 -3.47 32.73
N LEU M 30 -37.27 -4.57 32.10
CA LEU M 30 -38.41 -5.36 32.53
C LEU M 30 -38.34 -5.90 33.96
N GLY M 31 -39.44 -5.79 34.69
CA GLY M 31 -39.50 -6.30 36.05
C GLY M 31 -39.05 -5.38 37.18
N PRO M 32 -39.32 -5.76 38.44
CA PRO M 32 -38.92 -4.96 39.59
C PRO M 32 -37.42 -4.85 39.80
N LYS M 33 -36.65 -5.74 39.18
CA LYS M 33 -35.19 -5.68 39.32
C LYS M 33 -34.60 -5.21 37.98
N GLY M 34 -35.44 -4.50 37.22
CA GLY M 34 -35.03 -3.98 35.93
C GLY M 34 -33.80 -3.11 36.03
N ARG M 35 -32.99 -3.12 34.99
CA ARG M 35 -31.75 -2.36 34.97
C ARG M 35 -31.96 -1.00 34.33
N ASN M 36 -30.99 -0.11 34.52
CA ASN M 36 -31.06 1.23 33.93
C ASN M 36 -30.48 1.25 32.52
N VAL M 37 -31.05 2.11 31.68
CA VAL M 37 -30.56 2.29 30.33
C VAL M 37 -30.18 3.77 30.27
N VAL M 38 -29.01 4.06 29.73
CA VAL M 38 -28.57 5.45 29.64
C VAL M 38 -28.75 5.97 28.22
N LEU M 39 -29.61 6.97 28.07
CA LEU M 39 -29.89 7.55 26.76
C LEU M 39 -29.21 8.91 26.69
N ASP M 40 -28.38 9.07 25.69
CA ASP M 40 -27.61 10.29 25.50
C ASP M 40 -28.51 11.44 25.01
N LYS M 41 -28.04 12.66 25.19
CA LYS M 41 -28.78 13.84 24.76
C LYS M 41 -27.81 14.73 24.02
N SER M 42 -28.32 15.51 23.07
CA SER M 42 -27.45 16.40 22.31
C SER M 42 -26.82 17.45 23.22
N PHE M 43 -27.60 17.95 24.19
CA PHE M 43 -27.10 18.97 25.12
C PHE M 43 -27.56 18.70 26.53
N GLY M 44 -26.59 18.59 27.44
CA GLY M 44 -26.90 18.34 28.83
C GLY M 44 -26.31 17.06 29.39
N ALA M 45 -26.97 16.49 30.40
CA ALA M 45 -26.52 15.25 31.01
C ALA M 45 -27.36 14.12 30.48
N PRO M 46 -26.76 12.95 30.30
CA PRO M 46 -27.51 11.79 29.78
C PRO M 46 -28.76 11.50 30.59
N THR M 47 -29.71 10.79 29.99
CA THR M 47 -30.92 10.43 30.70
C THR M 47 -30.75 9.00 31.20
N ILE M 48 -31.05 8.78 32.47
CA ILE M 48 -30.93 7.45 33.03
C ILE M 48 -32.37 7.00 33.27
N THR M 49 -32.79 5.96 32.56
CA THR M 49 -34.17 5.49 32.68
C THR M 49 -34.38 3.98 32.71
N LYS M 50 -35.49 3.60 33.32
CA LYS M 50 -35.93 2.21 33.40
C LYS M 50 -37.25 2.10 32.63
N ASP M 51 -37.55 3.10 31.82
CA ASP M 51 -38.77 3.14 31.04
C ASP M 51 -38.59 2.58 29.63
N GLY M 52 -38.94 1.30 29.48
CA GLY M 52 -38.83 0.64 28.19
C GLY M 52 -39.33 1.47 27.02
N VAL M 53 -40.41 2.22 27.22
CA VAL M 53 -40.93 3.02 26.12
C VAL M 53 -39.94 4.09 25.71
N SER M 54 -39.32 4.74 26.69
CA SER M 54 -38.33 5.79 26.40
C SER M 54 -37.16 5.24 25.57
N VAL M 55 -36.69 4.05 25.95
CA VAL M 55 -35.60 3.41 25.26
C VAL M 55 -35.99 3.07 23.82
N ALA M 56 -37.17 2.49 23.65
CA ALA M 56 -37.65 2.14 22.31
C ALA M 56 -37.69 3.32 21.34
N ARG M 57 -38.09 4.48 21.85
CA ARG M 57 -38.19 5.69 21.06
C ARG M 57 -36.85 6.10 20.47
N GLU M 58 -35.78 5.84 21.22
CA GLU M 58 -34.44 6.22 20.81
C GLU M 58 -33.76 5.25 19.85
N ILE M 59 -34.32 4.07 19.66
CA ILE M 59 -33.68 3.08 18.81
C ILE M 59 -33.85 3.26 17.31
N GLU M 60 -32.72 3.46 16.64
CA GLU M 60 -32.65 3.63 15.19
C GLU M 60 -31.29 3.04 14.79
N LEU M 61 -31.29 2.08 13.87
CA LEU M 61 -30.06 1.43 13.46
C LEU M 61 -29.43 1.97 12.17
N GLU M 62 -28.10 1.86 12.07
CA GLU M 62 -27.38 2.32 10.89
C GLU M 62 -27.69 1.47 9.67
N ASP M 63 -27.73 0.15 9.81
CA ASP M 63 -28.04 -0.71 8.68
C ASP M 63 -29.52 -0.56 8.35
N LYS M 64 -29.83 -0.05 7.16
CA LYS M 64 -31.22 0.17 6.74
C LYS M 64 -32.15 -1.05 6.90
N PHE M 65 -31.66 -2.24 6.59
CA PHE M 65 -32.49 -3.42 6.70
C PHE M 65 -32.74 -3.78 8.14
N GLU M 66 -31.69 -3.71 8.94
CA GLU M 66 -31.80 -4.01 10.36
C GLU M 66 -32.71 -2.97 10.98
N ASN M 67 -32.65 -1.74 10.46
CA ASN M 67 -33.48 -0.66 10.99
C ASN M 67 -34.94 -0.90 10.73
N MET M 68 -35.25 -1.38 9.53
CA MET M 68 -36.63 -1.67 9.18
C MET M 68 -37.16 -2.72 10.14
N GLY M 69 -36.30 -3.66 10.51
CA GLY M 69 -36.71 -4.69 11.44
C GLY M 69 -37.13 -4.06 12.77
N ALA M 70 -36.27 -3.20 13.31
CA ALA M 70 -36.55 -2.53 14.57
C ALA M 70 -37.79 -1.64 14.48
N GLN M 71 -37.90 -0.85 13.42
CA GLN M 71 -39.04 0.03 13.28
C GLN M 71 -40.39 -0.67 13.20
N MET M 72 -40.41 -1.88 12.64
CA MET M 72 -41.65 -2.63 12.51
C MET M 72 -42.18 -3.10 13.86
N VAL M 73 -41.39 -3.81 14.64
CA VAL M 73 -41.92 -4.26 15.92
C VAL M 73 -42.12 -3.05 16.81
N LYS M 74 -41.21 -2.10 16.69
CA LYS M 74 -41.29 -0.86 17.46
C LYS M 74 -42.70 -0.25 17.23
N GLU M 75 -43.15 -0.30 15.98
CA GLU M 75 -44.44 0.28 15.61
C GLU M 75 -45.68 -0.40 16.15
N VAL M 76 -45.82 -1.71 15.93
CA VAL M 76 -46.98 -2.43 16.43
C VAL M 76 -46.93 -2.57 17.95
N ALA M 77 -45.72 -2.59 18.51
CA ALA M 77 -45.61 -2.73 19.95
C ALA M 77 -46.22 -1.48 20.55
N SER M 78 -45.98 -0.33 19.96
CA SER M 78 -46.55 0.88 20.53
C SER M 78 -48.06 0.85 20.43
N LYS M 79 -48.59 0.15 19.44
CA LYS M 79 -50.05 0.05 19.28
C LYS M 79 -50.65 -0.53 20.56
N ALA M 80 -49.91 -1.41 21.22
CA ALA M 80 -50.35 -2.00 22.46
C ALA M 80 -50.55 -0.93 23.53
N ASN M 81 -49.50 -0.16 23.79
CA ASN M 81 -49.56 0.90 24.81
C ASN M 81 -50.75 1.83 24.53
N ASP M 82 -51.02 2.06 23.25
CA ASP M 82 -52.13 2.94 22.89
C ASP M 82 -53.46 2.31 23.27
N ALA M 83 -53.58 1.00 23.04
CA ALA M 83 -54.80 0.28 23.31
C ALA M 83 -55.09 0.01 24.79
N ALA M 84 -54.05 -0.22 25.59
CA ALA M 84 -54.25 -0.51 27.01
C ALA M 84 -53.43 0.32 27.97
N GLY M 85 -52.71 1.31 27.45
CA GLY M 85 -51.89 2.14 28.31
C GLY M 85 -50.66 1.43 28.88
N ASP M 86 -50.33 0.27 28.31
CA ASP M 86 -49.20 -0.47 28.81
C ASP M 86 -48.96 -1.72 27.96
N GLY M 87 -47.78 -2.32 28.11
CA GLY M 87 -47.48 -3.52 27.35
C GLY M 87 -46.52 -3.48 26.16
N THR M 88 -46.01 -2.30 25.79
CA THR M 88 -45.08 -2.22 24.66
C THR M 88 -43.82 -3.06 24.88
N THR M 89 -43.17 -2.88 26.01
CA THR M 89 -41.99 -3.65 26.31
C THR M 89 -42.32 -5.14 26.24
N THR M 90 -43.39 -5.55 26.91
CA THR M 90 -43.80 -6.97 26.88
C THR M 90 -43.99 -7.43 25.44
N ALA M 91 -44.74 -6.64 24.67
CA ALA M 91 -45.00 -6.95 23.27
C ALA M 91 -43.67 -7.09 22.51
N THR M 92 -42.72 -6.21 22.83
CA THR M 92 -41.41 -6.24 22.20
C THR M 92 -40.63 -7.52 22.50
N VAL M 93 -40.56 -7.93 23.76
CA VAL M 93 -39.82 -9.16 24.06
C VAL M 93 -40.56 -10.39 23.52
N LEU M 94 -41.90 -10.33 23.51
CA LEU M 94 -42.69 -11.43 22.97
C LEU M 94 -42.43 -11.56 21.46
N ALA M 95 -42.30 -10.41 20.80
CA ALA M 95 -42.02 -10.39 19.37
C ALA M 95 -40.65 -10.97 19.07
N GLN M 96 -39.65 -10.61 19.87
CA GLN M 96 -38.31 -11.15 19.66
C GLN M 96 -38.30 -12.67 19.79
N ALA M 97 -39.08 -13.18 20.74
CA ALA M 97 -39.18 -14.61 21.00
C ALA M 97 -39.85 -15.35 19.84
N ILE M 98 -41.01 -14.87 19.42
CA ILE M 98 -41.71 -15.54 18.32
C ILE M 98 -40.85 -15.48 17.05
N ILE M 99 -40.33 -14.30 16.72
CA ILE M 99 -39.51 -14.13 15.53
C ILE M 99 -38.24 -14.98 15.52
N THR M 100 -37.54 -15.00 16.64
CA THR M 100 -36.31 -15.78 16.72
C THR M 100 -36.53 -17.26 16.41
N GLU M 101 -37.48 -17.88 17.09
CA GLU M 101 -37.74 -19.30 16.83
C GLU M 101 -38.44 -19.48 15.49
N GLY M 102 -39.38 -18.59 15.18
CA GLY M 102 -40.10 -18.68 13.92
C GLY M 102 -39.14 -18.70 12.75
N LEU M 103 -38.13 -17.83 12.80
CA LEU M 103 -37.16 -17.75 11.73
C LEU M 103 -36.31 -19.02 11.67
N LYS M 104 -36.00 -19.59 12.83
CA LYS M 104 -35.20 -20.82 12.86
C LYS M 104 -35.94 -21.90 12.10
N ALA M 105 -37.24 -22.04 12.40
CA ALA M 105 -38.06 -23.03 11.72
C ALA M 105 -38.05 -22.80 10.21
N VAL M 106 -38.10 -21.53 9.79
CA VAL M 106 -38.09 -21.22 8.37
C VAL M 106 -36.80 -21.68 7.73
N ALA M 107 -35.67 -21.35 8.34
CA ALA M 107 -34.38 -21.73 7.83
C ALA M 107 -34.25 -23.23 7.78
N ALA M 108 -34.95 -23.92 8.68
CA ALA M 108 -34.93 -25.38 8.73
C ALA M 108 -35.78 -25.93 7.58
N GLY M 109 -36.35 -25.03 6.80
CA GLY M 109 -37.15 -25.45 5.66
C GLY M 109 -38.65 -25.59 5.89
N MET M 110 -39.16 -25.13 7.02
CA MET M 110 -40.58 -25.24 7.26
C MET M 110 -41.36 -24.12 6.56
N ASN M 111 -42.63 -24.40 6.28
CA ASN M 111 -43.50 -23.47 5.57
C ASN M 111 -43.84 -22.24 6.39
N PRO M 112 -43.42 -21.06 5.92
CA PRO M 112 -43.71 -19.81 6.65
C PRO M 112 -45.21 -19.61 6.92
N MET M 113 -46.04 -19.83 5.91
CA MET M 113 -47.48 -19.64 6.05
C MET M 113 -48.08 -20.57 7.08
N ASP M 114 -47.68 -21.84 7.08
CA ASP M 114 -48.21 -22.76 8.10
C ASP M 114 -47.69 -22.36 9.50
N LEU M 115 -46.42 -21.92 9.57
CA LEU M 115 -45.85 -21.48 10.84
C LEU M 115 -46.69 -20.34 11.38
N LYS M 116 -47.04 -19.41 10.51
CA LYS M 116 -47.85 -18.28 10.92
C LYS M 116 -49.26 -18.72 11.39
N ARG M 117 -49.86 -19.66 10.68
CA ARG M 117 -51.18 -20.13 11.06
C ARG M 117 -51.12 -20.75 12.47
N GLY M 118 -50.08 -21.53 12.73
CA GLY M 118 -49.96 -22.13 14.04
C GLY M 118 -49.81 -21.11 15.14
N ILE M 119 -48.96 -20.10 14.92
CA ILE M 119 -48.75 -19.04 15.90
C ILE M 119 -50.08 -18.39 16.23
N ASP M 120 -50.81 -18.05 15.17
CA ASP M 120 -52.11 -17.42 15.30
C ASP M 120 -53.12 -18.30 16.03
N LYS M 121 -53.14 -19.60 15.70
CA LYS M 121 -54.06 -20.51 16.39
C LYS M 121 -53.73 -20.54 17.87
N ALA M 122 -52.45 -20.66 18.19
CA ALA M 122 -52.05 -20.69 19.59
C ALA M 122 -52.45 -19.40 20.30
N VAL M 123 -52.30 -18.26 19.62
CA VAL M 123 -52.63 -16.98 20.23
C VAL M 123 -54.13 -16.87 20.52
N THR M 124 -54.95 -17.29 19.57
CA THR M 124 -56.39 -17.25 19.79
C THR M 124 -56.74 -18.10 21.00
N ALA M 125 -56.22 -19.31 21.04
CA ALA M 125 -56.47 -20.19 22.14
C ALA M 125 -56.04 -19.49 23.43
N ALA M 126 -54.83 -18.93 23.41
CA ALA M 126 -54.29 -18.26 24.57
C ALA M 126 -55.14 -17.10 25.08
N VAL M 127 -55.69 -16.30 24.17
CA VAL M 127 -56.51 -15.18 24.58
C VAL M 127 -57.79 -15.65 25.27
N GLU M 128 -58.33 -16.77 24.83
CA GLU M 128 -59.53 -17.31 25.47
C GLU M 128 -59.16 -17.80 26.88
N GLU M 129 -58.06 -18.53 26.96
CA GLU M 129 -57.59 -19.06 28.23
C GLU M 129 -57.31 -17.88 29.18
N LEU M 130 -56.96 -16.75 28.59
CA LEU M 130 -56.66 -15.55 29.35
C LEU M 130 -57.93 -14.96 29.94
N LYS M 131 -59.01 -14.97 29.16
CA LYS M 131 -60.29 -14.46 29.63
C LYS M 131 -60.78 -15.30 30.80
N ALA M 132 -60.60 -16.60 30.67
CA ALA M 132 -61.01 -17.52 31.71
C ALA M 132 -60.27 -17.19 33.00
N LEU M 133 -58.94 -17.05 32.92
CA LEU M 133 -58.10 -16.75 34.06
C LEU M 133 -58.42 -15.41 34.71
N SER M 134 -58.92 -14.47 33.89
CA SER M 134 -59.26 -13.12 34.33
C SER M 134 -60.25 -12.99 35.49
N VAL M 135 -59.93 -12.09 36.42
CA VAL M 135 -60.76 -11.81 37.58
C VAL M 135 -61.47 -10.47 37.30
N PRO M 136 -62.82 -10.42 37.37
CA PRO M 136 -63.53 -9.17 37.10
C PRO M 136 -63.16 -8.06 38.05
N CYS M 137 -63.40 -6.83 37.61
CA CYS M 137 -63.12 -5.62 38.39
C CYS M 137 -64.29 -4.69 38.08
N SER M 138 -65.46 -4.99 38.66
CA SER M 138 -66.67 -4.23 38.40
C SER M 138 -67.19 -3.30 39.49
N ASP M 139 -66.91 -3.58 40.75
CA ASP M 139 -67.40 -2.70 41.81
C ASP M 139 -66.31 -1.72 42.21
N SER M 140 -66.71 -0.62 42.84
CA SER M 140 -65.75 0.40 43.25
C SER M 140 -64.67 -0.11 44.21
N LYS M 141 -64.97 -1.18 44.96
CA LYS M 141 -63.98 -1.73 45.88
C LYS M 141 -62.80 -2.22 45.05
N ALA M 142 -63.10 -2.96 44.00
CA ALA M 142 -62.07 -3.51 43.12
C ALA M 142 -61.39 -2.40 42.36
N ILE M 143 -62.19 -1.50 41.80
CA ILE M 143 -61.68 -0.36 41.06
C ILE M 143 -60.64 0.37 41.89
N ALA M 144 -60.93 0.53 43.17
CA ALA M 144 -60.01 1.21 44.08
C ALA M 144 -58.74 0.39 44.31
N GLN M 145 -58.88 -0.91 44.56
CA GLN M 145 -57.72 -1.76 44.79
C GLN M 145 -56.73 -1.68 43.63
N VAL M 146 -57.24 -1.86 42.41
CA VAL M 146 -56.42 -1.82 41.21
C VAL M 146 -55.74 -0.48 41.08
N GLY M 147 -56.49 0.60 41.27
CA GLY M 147 -55.92 1.92 41.18
C GLY M 147 -54.82 2.13 42.20
N THR M 148 -55.02 1.61 43.40
CA THR M 148 -54.04 1.73 44.46
C THR M 148 -52.76 1.02 44.06
N ILE M 149 -52.91 -0.20 43.52
CA ILE M 149 -51.75 -0.98 43.09
C ILE M 149 -50.99 -0.28 41.97
N SER M 150 -51.74 0.37 41.09
CA SER M 150 -51.13 1.09 39.97
C SER M 150 -50.42 2.35 40.44
N ALA M 151 -50.97 2.99 41.46
CA ALA M 151 -50.39 4.22 41.99
C ALA M 151 -49.25 3.90 42.95
N ASN M 152 -48.78 2.65 42.89
CA ASN M 152 -47.69 2.20 43.74
C ASN M 152 -48.10 2.15 45.21
N SER M 153 -49.28 1.57 45.47
CA SER M 153 -49.82 1.40 46.83
C SER M 153 -50.31 2.68 47.51
N ASP M 154 -50.75 3.66 46.72
CA ASP M 154 -51.26 4.91 47.25
C ASP M 154 -52.78 4.83 47.30
N GLU M 155 -53.33 4.47 48.46
CA GLU M 155 -54.78 4.33 48.60
C GLU M 155 -55.52 5.60 48.17
N THR M 156 -54.86 6.74 48.30
CA THR M 156 -55.46 8.01 47.93
C THR M 156 -55.87 7.97 46.47
N VAL M 157 -54.93 7.65 45.60
CA VAL M 157 -55.20 7.57 44.17
C VAL M 157 -56.33 6.61 43.88
N GLY M 158 -56.24 5.42 44.48
CA GLY M 158 -57.28 4.41 44.29
C GLY M 158 -58.64 4.99 44.63
N LYS M 159 -58.72 5.68 45.76
CA LYS M 159 -59.97 6.29 46.21
C LYS M 159 -60.45 7.31 45.18
N LEU M 160 -59.58 8.22 44.77
CA LEU M 160 -59.93 9.24 43.79
C LEU M 160 -60.54 8.66 42.53
N ILE M 161 -59.84 7.72 41.92
CA ILE M 161 -60.31 7.10 40.69
C ILE M 161 -61.68 6.46 40.89
N ALA M 162 -61.88 5.80 42.03
CA ALA M 162 -63.16 5.14 42.30
C ALA M 162 -64.27 6.17 42.44
N GLU M 163 -63.97 7.30 43.09
CA GLU M 163 -64.96 8.35 43.27
C GLU M 163 -65.29 8.96 41.92
N ALA M 164 -64.26 9.15 41.10
CA ALA M 164 -64.46 9.74 39.78
C ALA M 164 -65.35 8.86 38.91
N MET M 165 -65.07 7.56 38.89
CA MET M 165 -65.86 6.64 38.07
C MET M 165 -67.28 6.52 38.62
N ASP M 166 -67.42 6.72 39.92
CA ASP M 166 -68.72 6.64 40.53
C ASP M 166 -69.55 7.83 40.07
N LYS M 167 -68.89 8.95 39.83
CA LYS M 167 -69.54 10.18 39.38
C LYS M 167 -69.98 10.15 37.93
N VAL M 168 -69.10 9.71 37.04
CA VAL M 168 -69.43 9.69 35.61
C VAL M 168 -69.51 8.31 34.95
N GLY M 169 -69.47 7.26 35.76
CA GLY M 169 -69.53 5.90 35.21
C GLY M 169 -68.13 5.41 34.89
N LYS M 170 -67.93 4.10 34.83
CA LYS M 170 -66.60 3.60 34.53
C LYS M 170 -66.22 3.69 33.05
N GLU M 171 -67.13 4.25 32.25
CA GLU M 171 -66.91 4.43 30.82
C GLU M 171 -67.02 5.92 30.53
N GLY M 172 -67.00 6.72 31.59
CA GLY M 172 -67.12 8.16 31.46
C GLY M 172 -65.78 8.88 31.34
N VAL M 173 -65.82 10.11 30.83
CA VAL M 173 -64.61 10.90 30.66
C VAL M 173 -64.05 11.40 31.99
N ILE M 174 -62.75 11.17 32.19
CA ILE M 174 -62.07 11.60 33.41
C ILE M 174 -60.72 12.22 33.01
N THR M 175 -60.45 13.42 33.53
CA THR M 175 -59.20 14.14 33.25
C THR M 175 -58.51 14.48 34.55
N VAL M 176 -57.20 14.68 34.51
CA VAL M 176 -56.46 15.06 35.71
C VAL M 176 -55.74 16.38 35.46
N GLU M 177 -55.67 17.23 36.49
CA GLU M 177 -55.02 18.53 36.37
C GLU M 177 -54.25 18.84 37.64
N ASP M 178 -53.32 19.78 37.54
CA ASP M 178 -52.57 20.19 38.72
C ASP M 178 -53.59 20.78 39.71
N GLY M 179 -53.37 20.54 41.00
CA GLY M 179 -54.31 21.05 41.98
C GLY M 179 -54.06 22.50 42.35
N THR M 180 -54.95 23.05 43.16
CA THR M 180 -54.84 24.43 43.62
C THR M 180 -53.93 24.46 44.82
N GLY M 181 -53.52 23.29 45.29
CA GLY M 181 -52.62 23.22 46.42
C GLY M 181 -53.07 22.41 47.62
N LEU M 182 -52.42 21.27 47.83
CA LEU M 182 -52.70 20.36 48.95
C LEU M 182 -54.18 19.97 48.97
N GLN M 183 -54.43 18.67 49.04
CA GLN M 183 -55.79 18.15 49.06
C GLN M 183 -56.36 18.09 47.64
N ASP M 184 -56.81 16.90 47.26
CA ASP M 184 -57.37 16.70 45.94
C ASP M 184 -58.75 17.32 45.83
N GLU M 185 -59.25 17.42 44.60
CA GLU M 185 -60.57 17.98 44.34
C GLU M 185 -61.16 17.22 43.16
N LEU M 186 -62.43 16.83 43.28
CA LEU M 186 -63.09 16.10 42.20
C LEU M 186 -64.31 16.90 41.77
N ASP M 187 -64.35 17.30 40.50
CA ASP M 187 -65.48 18.08 40.02
C ASP M 187 -65.95 17.58 38.67
N VAL M 188 -67.26 17.61 38.43
CA VAL M 188 -67.82 17.19 37.15
C VAL M 188 -68.30 18.47 36.48
N VAL M 189 -67.84 18.73 35.26
CA VAL M 189 -68.23 19.94 34.57
C VAL M 189 -68.77 19.64 33.19
N GLU M 190 -69.26 20.66 32.50
CA GLU M 190 -69.76 20.45 31.16
C GLU M 190 -68.56 20.19 30.28
N GLY M 191 -68.57 19.08 29.55
CA GLY M 191 -67.44 18.76 28.71
C GLY M 191 -67.74 17.65 27.73
N MET M 192 -66.75 17.30 26.93
CA MET M 192 -66.93 16.26 25.95
C MET M 192 -65.58 15.74 25.44
N GLN M 193 -65.61 14.62 24.74
CA GLN M 193 -64.41 14.02 24.20
C GLN M 193 -64.72 13.21 22.93
N PHE M 194 -63.97 13.47 21.86
CA PHE M 194 -64.17 12.77 20.60
C PHE M 194 -62.89 12.18 20.07
N ASP M 195 -63.01 11.23 19.13
CA ASP M 195 -61.84 10.56 18.58
C ASP M 195 -61.14 11.23 17.42
N ARG M 196 -60.45 12.32 17.72
CA ARG M 196 -59.70 13.05 16.71
C ARG M 196 -58.49 13.63 17.39
N GLY M 197 -57.31 13.30 16.89
CA GLY M 197 -56.09 13.81 17.48
C GLY M 197 -55.64 15.09 16.79
N TYR M 198 -54.49 15.60 17.21
CA TYR M 198 -53.95 16.82 16.62
C TYR M 198 -53.68 16.59 15.13
N LEU M 199 -53.79 17.66 14.34
CA LEU M 199 -53.56 17.58 12.91
C LEU M 199 -52.09 17.56 12.55
N SER M 200 -51.26 17.47 13.57
CA SER M 200 -49.80 17.40 13.40
C SER M 200 -49.15 17.65 14.74
N PRO M 201 -47.98 17.05 14.97
CA PRO M 201 -47.35 17.31 16.26
C PRO M 201 -46.98 18.80 16.22
N TYR M 202 -45.86 19.19 16.80
CA TYR M 202 -45.49 20.60 16.78
C TYR M 202 -46.46 21.37 17.67
N PHE M 203 -47.75 21.08 17.53
CA PHE M 203 -48.77 21.71 18.36
C PHE M 203 -48.50 21.28 19.78
N ILE M 204 -47.95 20.06 19.90
CA ILE M 204 -47.59 19.48 21.19
C ILE M 204 -46.77 20.45 22.04
N ASN M 205 -47.31 20.84 23.18
CA ASN M 205 -46.60 21.74 24.08
C ASN M 205 -46.32 21.04 25.41
N LYS M 206 -46.54 19.73 25.42
CA LYS M 206 -46.28 18.92 26.60
C LYS M 206 -45.73 17.58 26.10
N PRO M 207 -44.49 17.59 25.58
CA PRO M 207 -43.78 16.42 25.03
C PRO M 207 -43.70 15.20 25.96
N GLU M 208 -43.65 15.44 27.26
CA GLU M 208 -43.60 14.35 28.22
C GLU M 208 -44.78 13.41 27.94
N THR M 209 -45.94 13.99 27.67
CA THR M 209 -47.15 13.23 27.40
C THR M 209 -47.49 13.22 25.92
N GLY M 210 -46.74 13.96 25.12
CA GLY M 210 -47.01 14.03 23.70
C GLY M 210 -48.43 14.51 23.50
N ALA M 211 -48.78 15.56 24.23
CA ALA M 211 -50.11 16.13 24.18
C ALA M 211 -50.12 17.63 23.94
N VAL M 212 -51.27 18.14 23.51
CA VAL M 212 -51.43 19.56 23.29
C VAL M 212 -52.35 20.01 24.42
N GLU M 213 -51.96 21.05 25.14
CA GLU M 213 -52.77 21.54 26.25
C GLU M 213 -53.00 23.04 26.17
N LEU M 214 -54.25 23.44 25.96
CA LEU M 214 -54.62 24.84 25.84
C LEU M 214 -55.43 25.31 27.05
N GLU M 215 -55.15 26.51 27.53
CA GLU M 215 -55.83 27.07 28.69
C GLU M 215 -56.71 28.25 28.33
N SER M 216 -57.99 28.14 28.68
CA SER M 216 -59.00 29.17 28.39
C SER M 216 -59.00 29.47 26.91
N PRO M 217 -59.08 28.44 26.06
CA PRO M 217 -59.07 28.64 24.61
C PRO M 217 -60.41 28.97 23.94
N PHE M 218 -60.32 29.65 22.80
CA PHE M 218 -61.50 29.95 22.03
C PHE M 218 -61.63 28.71 21.18
N ILE M 219 -62.79 28.52 20.56
CA ILE M 219 -62.98 27.35 19.74
C ILE M 219 -63.70 27.69 18.46
N LEU M 220 -63.01 27.51 17.33
CA LEU M 220 -63.58 27.80 16.03
C LEU M 220 -64.11 26.53 15.42
N LEU M 221 -65.42 26.52 15.17
CA LEU M 221 -66.08 25.37 14.56
C LEU M 221 -66.41 25.72 13.12
N ALA M 222 -65.72 25.08 12.18
CA ALA M 222 -65.93 25.35 10.77
C ALA M 222 -66.26 24.06 10.02
N ASP M 223 -67.46 24.00 9.45
CA ASP M 223 -67.92 22.83 8.71
C ASP M 223 -67.41 22.88 7.27
N LYS M 224 -66.09 22.92 7.11
CA LYS M 224 -65.46 22.98 5.80
C LYS M 224 -63.97 22.71 5.92
N LYS M 225 -63.32 22.57 4.77
CA LYS M 225 -61.88 22.33 4.74
C LYS M 225 -61.17 23.66 4.55
N ILE M 226 -60.09 23.89 5.30
CA ILE M 226 -59.37 25.14 5.21
C ILE M 226 -58.06 25.01 4.40
N SER M 227 -58.00 25.73 3.28
CA SER M 227 -56.84 25.72 2.40
C SER M 227 -56.05 27.02 2.49
N ASN M 228 -56.75 28.12 2.23
CA ASN M 228 -56.14 29.43 2.25
C ASN M 228 -56.22 30.04 3.64
N ILE M 229 -55.12 30.02 4.38
CA ILE M 229 -55.12 30.55 5.72
C ILE M 229 -55.49 32.05 5.76
N ARG M 230 -55.67 32.66 4.60
CA ARG M 230 -56.04 34.06 4.55
C ARG M 230 -57.41 34.22 5.21
N GLU M 231 -58.34 33.31 4.90
CA GLU M 231 -59.70 33.31 5.47
C GLU M 231 -59.68 33.50 6.97
N MET M 232 -58.66 32.92 7.61
CA MET M 232 -58.50 32.97 9.06
C MET M 232 -58.06 34.31 9.62
N LEU M 233 -57.08 34.94 8.97
CA LEU M 233 -56.50 36.21 9.41
C LEU M 233 -57.39 37.11 10.27
N PRO M 234 -58.55 37.54 9.75
CA PRO M 234 -59.41 38.41 10.56
C PRO M 234 -59.73 37.83 11.94
N VAL M 235 -60.02 36.54 12.00
CA VAL M 235 -60.35 35.89 13.25
C VAL M 235 -59.09 35.68 14.09
N LEU M 236 -58.03 35.16 13.47
CA LEU M 236 -56.79 34.92 14.17
C LEU M 236 -56.29 36.19 14.82
N GLU M 237 -56.38 37.31 14.10
CA GLU M 237 -55.94 38.60 14.65
C GLU M 237 -56.72 38.92 15.91
N ALA M 238 -58.03 38.65 15.87
CA ALA M 238 -58.89 38.90 17.01
C ALA M 238 -58.44 38.06 18.19
N VAL M 239 -58.14 36.79 17.94
CA VAL M 239 -57.69 35.87 18.97
C VAL M 239 -56.27 36.25 19.38
N ALA M 240 -55.54 36.89 18.47
CA ALA M 240 -54.17 37.34 18.73
C ALA M 240 -54.25 38.28 19.92
N LYS M 241 -55.10 39.29 19.80
CA LYS M 241 -55.32 40.20 20.91
C LYS M 241 -56.09 39.30 21.86
N ALA M 242 -56.47 39.79 23.03
CA ALA M 242 -57.18 38.96 24.00
C ALA M 242 -56.20 37.92 24.59
N GLY M 243 -55.13 37.64 23.84
CA GLY M 243 -54.11 36.71 24.29
C GLY M 243 -54.59 35.36 24.77
N LYS M 244 -55.45 34.73 23.98
CA LYS M 244 -55.99 33.43 24.34
C LYS M 244 -55.68 32.43 23.23
N PRO M 245 -55.48 31.16 23.58
CA PRO M 245 -55.19 30.15 22.57
C PRO M 245 -56.44 29.85 21.75
N LEU M 246 -56.27 29.22 20.60
CA LEU M 246 -57.40 28.90 19.75
C LEU M 246 -57.35 27.46 19.28
N LEU M 247 -58.50 26.79 19.37
CA LEU M 247 -58.62 25.42 18.91
C LEU M 247 -59.44 25.45 17.64
N ILE M 248 -58.88 24.95 16.54
CA ILE M 248 -59.58 24.92 15.27
C ILE M 248 -60.21 23.55 15.06
N ILE M 249 -61.54 23.50 14.94
CA ILE M 249 -62.20 22.23 14.67
C ILE M 249 -62.83 22.36 13.29
N ALA M 250 -62.12 21.90 12.26
CA ALA M 250 -62.64 21.99 10.90
C ALA M 250 -62.72 20.62 10.26
N GLU M 251 -63.34 20.56 9.09
CA GLU M 251 -63.46 19.31 8.36
C GLU M 251 -62.05 18.82 8.07
N ASP M 252 -61.13 19.77 8.00
CA ASP M 252 -59.72 19.49 7.75
C ASP M 252 -58.93 20.77 7.51
N VAL M 253 -57.65 20.75 7.86
CA VAL M 253 -56.76 21.89 7.66
C VAL M 253 -55.61 21.38 6.82
N GLU M 254 -55.55 21.85 5.58
CA GLU M 254 -54.54 21.42 4.64
C GLU M 254 -53.12 21.93 4.84
N GLY M 255 -52.18 21.15 4.31
CA GLY M 255 -50.75 21.45 4.40
C GLY M 255 -50.26 22.85 4.67
N GLU M 256 -50.32 23.71 3.65
CA GLU M 256 -49.83 25.07 3.80
C GLU M 256 -50.46 25.83 4.97
N ALA M 257 -51.79 25.81 5.04
CA ALA M 257 -52.49 26.51 6.11
C ALA M 257 -52.00 25.97 7.44
N LEU M 258 -51.88 24.65 7.53
CA LEU M 258 -51.43 24.02 8.75
C LEU M 258 -50.02 24.49 9.07
N ALA M 259 -49.19 24.55 8.03
CA ALA M 259 -47.81 24.99 8.19
C ALA M 259 -47.77 26.37 8.84
N THR M 260 -48.56 27.29 8.28
CA THR M 260 -48.65 28.66 8.79
C THR M 260 -48.97 28.68 10.27
N LEU M 261 -49.98 27.91 10.67
CA LEU M 261 -50.39 27.86 12.07
C LEU M 261 -49.24 27.43 12.97
N VAL M 262 -48.56 26.33 12.62
CA VAL M 262 -47.45 25.85 13.42
C VAL M 262 -46.37 26.93 13.56
N VAL M 263 -45.95 27.50 12.44
CA VAL M 263 -44.92 28.54 12.43
C VAL M 263 -45.28 29.72 13.33
N ASN M 264 -46.41 30.35 13.06
CA ASN M 264 -46.83 31.49 13.83
C ASN M 264 -47.04 31.30 15.33
N THR M 265 -47.62 30.18 15.74
CA THR M 265 -47.84 29.94 17.16
C THR M 265 -46.49 29.67 17.81
N MET M 266 -45.55 29.20 17.00
CA MET M 266 -44.21 28.88 17.45
C MET M 266 -43.38 30.16 17.60
N ARG M 267 -43.87 31.27 17.04
CA ARG M 267 -43.18 32.55 17.13
C ARG M 267 -43.81 33.39 18.21
N GLY M 268 -44.74 32.81 18.95
CA GLY M 268 -45.37 33.53 20.04
C GLY M 268 -46.63 34.29 19.66
N ILE M 269 -46.77 34.60 18.38
CA ILE M 269 -47.95 35.32 17.92
C ILE M 269 -49.08 34.35 17.70
N VAL M 270 -50.09 34.40 18.56
CA VAL M 270 -51.24 33.51 18.41
C VAL M 270 -50.95 32.02 18.61
N LYS M 271 -51.57 31.42 19.62
CA LYS M 271 -51.41 29.98 19.88
C LYS M 271 -52.59 29.25 19.27
N VAL M 272 -52.31 28.38 18.30
CA VAL M 272 -53.34 27.63 17.62
C VAL M 272 -53.07 26.13 17.65
N ALA M 273 -54.14 25.37 17.45
CA ALA M 273 -54.10 23.91 17.40
C ALA M 273 -55.34 23.52 16.63
N ALA M 274 -55.20 22.57 15.70
CA ALA M 274 -56.32 22.15 14.89
C ALA M 274 -56.50 20.65 14.88
N VAL M 275 -57.75 20.21 14.73
CA VAL M 275 -58.10 18.80 14.68
C VAL M 275 -59.31 18.68 13.76
N LYS M 276 -59.48 17.52 13.14
CA LYS M 276 -60.61 17.28 12.26
C LYS M 276 -61.90 17.22 13.07
N ALA M 277 -63.03 17.49 12.41
CA ALA M 277 -64.32 17.44 13.08
C ALA M 277 -64.63 15.97 13.31
N PRO M 278 -65.29 15.64 14.42
CA PRO M 278 -65.64 14.24 14.73
C PRO M 278 -66.60 13.61 13.75
N GLY M 279 -66.44 12.31 13.55
CA GLY M 279 -67.30 11.58 12.63
C GLY M 279 -67.24 12.05 11.19
N PHE M 280 -68.14 11.49 10.38
CA PHE M 280 -68.23 11.83 8.96
C PHE M 280 -69.68 11.88 8.51
N GLY M 281 -69.89 12.26 7.25
CA GLY M 281 -71.23 12.33 6.70
C GLY M 281 -72.14 13.31 7.40
N ASP M 282 -73.34 12.87 7.74
CA ASP M 282 -74.32 13.71 8.41
C ASP M 282 -74.14 13.78 9.91
N ARG M 283 -73.76 12.66 10.52
CA ARG M 283 -73.57 12.65 11.96
C ARG M 283 -72.41 13.56 12.31
N ARG M 284 -71.75 14.10 11.29
CA ARG M 284 -70.62 15.01 11.51
C ARG M 284 -71.15 16.42 11.72
N LYS M 285 -72.06 16.82 10.86
CA LYS M 285 -72.66 18.15 10.96
C LYS M 285 -73.39 18.28 12.29
N ALA M 286 -74.00 17.19 12.72
CA ALA M 286 -74.73 17.18 13.98
C ALA M 286 -73.78 17.35 15.18
N MET M 287 -72.75 16.50 15.25
CA MET M 287 -71.79 16.55 16.34
C MET M 287 -71.06 17.88 16.41
N LEU M 288 -70.77 18.47 15.25
CA LEU M 288 -70.09 19.76 15.21
C LEU M 288 -70.96 20.77 15.94
N GLN M 289 -72.27 20.63 15.80
CA GLN M 289 -73.21 21.53 16.45
C GLN M 289 -73.24 21.28 17.95
N ASP M 290 -73.19 20.02 18.35
CA ASP M 290 -73.21 19.68 19.77
C ASP M 290 -72.07 20.44 20.47
N ILE M 291 -70.87 20.35 19.90
CA ILE M 291 -69.71 21.02 20.46
C ILE M 291 -69.97 22.53 20.55
N ALA M 292 -70.61 23.07 19.52
CA ALA M 292 -70.93 24.49 19.49
C ALA M 292 -71.82 24.85 20.70
N THR M 293 -72.92 24.11 20.86
CA THR M 293 -73.85 24.35 21.97
C THR M 293 -73.16 24.16 23.32
N LEU M 294 -72.32 23.13 23.39
CA LEU M 294 -71.59 22.81 24.60
C LEU M 294 -70.61 23.91 24.98
N THR M 295 -69.99 24.52 23.98
CA THR M 295 -69.00 25.57 24.22
C THR M 295 -69.51 26.98 23.97
N GLY M 296 -70.79 27.11 23.63
CA GLY M 296 -71.36 28.42 23.36
C GLY M 296 -70.84 29.07 22.10
N GLY M 297 -70.47 28.25 21.13
CA GLY M 297 -69.97 28.78 19.88
C GLY M 297 -70.94 28.61 18.74
N THR M 298 -70.63 29.21 17.60
CA THR M 298 -71.50 29.13 16.43
C THR M 298 -70.78 28.42 15.30
N VAL M 299 -71.39 27.36 14.77
CA VAL M 299 -70.77 26.63 13.69
C VAL M 299 -70.76 27.51 12.46
N ILE M 300 -69.65 27.49 11.72
CA ILE M 300 -69.54 28.30 10.53
C ILE M 300 -69.52 27.40 9.29
N SER M 301 -70.67 27.26 8.65
CA SER M 301 -70.80 26.41 7.46
C SER M 301 -71.07 27.23 6.21
N GLU M 302 -70.48 26.79 5.10
CA GLU M 302 -70.65 27.46 3.81
C GLU M 302 -72.06 27.29 3.27
N GLU M 303 -72.66 26.14 3.58
CA GLU M 303 -74.01 25.83 3.12
C GLU M 303 -74.96 27.00 3.40
N ILE M 304 -75.06 27.40 4.67
CA ILE M 304 -75.93 28.52 5.05
C ILE M 304 -75.40 29.83 4.47
N GLY M 305 -74.20 29.79 3.91
CA GLY M 305 -73.62 30.97 3.31
C GLY M 305 -72.76 31.83 4.23
N MET M 306 -72.24 31.23 5.31
CA MET M 306 -71.40 31.98 6.24
C MET M 306 -69.98 31.97 5.74
N GLU M 307 -69.22 33.00 6.12
CA GLU M 307 -67.82 33.12 5.71
C GLU M 307 -66.92 33.26 6.93
N LEU M 308 -65.71 32.72 6.85
CA LEU M 308 -64.77 32.80 7.94
C LEU M 308 -64.25 34.21 8.15
N GLU M 309 -64.07 34.95 7.07
CA GLU M 309 -63.56 36.31 7.17
C GLU M 309 -64.49 37.17 8.02
N LYS M 310 -65.78 36.86 7.98
CA LYS M 310 -66.74 37.62 8.75
C LYS M 310 -67.03 37.04 10.13
N ALA M 311 -66.17 36.15 10.60
CA ALA M 311 -66.35 35.53 11.91
C ALA M 311 -65.65 36.35 13.01
N THR M 312 -66.40 36.66 14.07
CA THR M 312 -65.85 37.44 15.17
C THR M 312 -65.67 36.55 16.40
N LEU M 313 -64.98 37.06 17.41
CA LEU M 313 -64.76 36.30 18.63
C LEU M 313 -66.06 35.77 19.22
N GLU M 314 -67.13 36.52 19.01
CA GLU M 314 -68.43 36.13 19.55
C GLU M 314 -68.98 34.85 18.91
N ASP M 315 -68.48 34.50 17.73
CA ASP M 315 -68.92 33.28 17.06
C ASP M 315 -68.18 32.06 17.62
N LEU M 316 -67.01 32.33 18.21
CA LEU M 316 -66.16 31.29 18.78
C LEU M 316 -66.67 30.74 20.10
N GLY M 317 -66.50 29.43 20.26
CA GLY M 317 -66.94 28.78 21.48
C GLY M 317 -65.93 29.10 22.56
N GLN M 318 -65.99 28.41 23.68
CA GLN M 318 -65.05 28.71 24.75
C GLN M 318 -65.12 27.62 25.80
N ALA M 319 -63.96 27.31 26.39
CA ALA M 319 -63.85 26.29 27.42
C ALA M 319 -62.65 26.60 28.31
N LYS M 320 -62.63 26.05 29.52
CA LYS M 320 -61.52 26.31 30.41
C LYS M 320 -60.27 25.56 30.06
N ARG M 321 -60.40 24.43 29.38
CA ARG M 321 -59.23 23.66 29.03
C ARG M 321 -59.53 22.60 27.99
N VAL M 322 -58.62 22.41 27.04
CA VAL M 322 -58.78 21.38 26.03
C VAL M 322 -57.46 20.60 26.01
N VAL M 323 -57.56 19.30 25.79
CA VAL M 323 -56.39 18.44 25.76
C VAL M 323 -56.45 17.59 24.51
N ILE M 324 -55.41 17.70 23.69
CA ILE M 324 -55.36 16.94 22.45
C ILE M 324 -54.26 15.87 22.46
N ASN M 325 -54.65 14.69 22.00
CA ASN M 325 -53.80 13.51 21.95
C ASN M 325 -53.33 13.19 20.55
N LYS M 326 -52.67 12.05 20.44
CA LYS M 326 -52.18 11.55 19.17
C LYS M 326 -53.42 11.22 18.35
N ASP M 327 -54.52 10.96 19.04
CA ASP M 327 -55.78 10.64 18.39
C ASP M 327 -57.04 10.84 19.27
N THR M 328 -57.03 11.88 20.09
CA THR M 328 -58.14 12.20 20.96
C THR M 328 -58.17 13.68 21.35
N THR M 329 -59.37 14.24 21.43
CA THR M 329 -59.56 15.64 21.80
C THR M 329 -60.63 15.69 22.88
N THR M 330 -60.30 16.33 23.99
CA THR M 330 -61.26 16.45 25.09
C THR M 330 -61.44 17.90 25.56
N ILE M 331 -62.68 18.38 25.50
CA ILE M 331 -63.06 19.74 25.88
C ILE M 331 -63.54 19.77 27.32
N ILE M 332 -62.86 20.54 28.17
CA ILE M 332 -63.20 20.60 29.58
C ILE M 332 -63.79 21.92 30.06
N ASP M 333 -65.00 21.82 30.63
CA ASP M 333 -65.72 22.96 31.16
C ASP M 333 -66.13 23.96 30.07
N GLY M 334 -67.13 23.60 29.27
CA GLY M 334 -67.59 24.47 28.21
C GLY M 334 -68.44 25.60 28.76
N VAL M 335 -68.39 26.75 28.09
CA VAL M 335 -69.13 27.93 28.52
C VAL M 335 -70.61 27.87 28.16
N GLY M 336 -70.95 27.07 27.15
CA GLY M 336 -72.33 26.96 26.74
C GLY M 336 -73.31 27.01 27.90
N GLU M 337 -74.42 27.71 27.70
CA GLU M 337 -75.44 27.85 28.73
C GLU M 337 -76.14 26.52 29.00
N GLU M 338 -76.34 26.19 30.27
CA GLU M 338 -76.99 24.95 30.64
C GLU M 338 -78.38 24.86 30.04
N ALA M 339 -79.00 26.01 29.83
CA ALA M 339 -80.34 26.05 29.24
C ALA M 339 -80.28 25.50 27.81
N ALA M 340 -79.29 25.97 27.06
CA ALA M 340 -79.12 25.56 25.68
C ALA M 340 -78.62 24.13 25.58
N ILE M 341 -77.66 23.78 26.44
CA ILE M 341 -77.11 22.43 26.43
C ILE M 341 -78.19 21.42 26.77
N GLN M 342 -78.83 21.65 27.92
CA GLN M 342 -79.87 20.77 28.40
C GLN M 342 -81.03 20.66 27.41
N GLY M 343 -81.30 21.77 26.73
CA GLY M 343 -82.38 21.77 25.75
C GLY M 343 -81.97 20.94 24.55
N ARG M 344 -80.71 21.04 24.18
CA ARG M 344 -80.14 20.30 23.06
C ARG M 344 -80.27 18.80 23.33
N VAL M 345 -80.03 18.41 24.58
CA VAL M 345 -80.14 17.01 24.98
C VAL M 345 -81.56 16.53 24.78
N ALA M 346 -82.53 17.39 25.09
CA ALA M 346 -83.94 17.06 24.93
C ALA M 346 -84.26 16.71 23.46
N GLN M 347 -83.80 17.57 22.55
CA GLN M 347 -84.01 17.35 21.13
C GLN M 347 -83.49 16.01 20.66
N ILE M 348 -82.31 15.64 21.11
CA ILE M 348 -81.70 14.38 20.71
C ILE M 348 -82.46 13.19 21.27
N ARG M 349 -83.02 13.35 22.46
CA ARG M 349 -83.77 12.27 23.10
C ARG M 349 -85.08 11.96 22.41
N GLN M 350 -85.63 12.94 21.69
CA GLN M 350 -86.86 12.76 20.94
C GLN M 350 -86.48 12.05 19.64
N GLN M 351 -85.30 12.39 19.14
CA GLN M 351 -84.77 11.79 17.93
C GLN M 351 -84.78 10.30 18.17
N ILE M 352 -84.34 9.91 19.37
CA ILE M 352 -84.27 8.50 19.77
C ILE M 352 -85.64 7.86 19.78
N GLU M 353 -86.66 8.68 20.02
CA GLU M 353 -88.04 8.20 20.04
C GLU M 353 -88.46 7.95 18.60
N GLU M 354 -88.33 9.00 17.79
CA GLU M 354 -88.70 8.98 16.39
C GLU M 354 -87.76 8.09 15.59
N ALA M 355 -86.82 7.45 16.28
CA ALA M 355 -85.84 6.58 15.66
C ALA M 355 -86.49 5.35 15.06
N THR M 356 -86.29 5.17 13.76
CA THR M 356 -86.86 4.03 13.04
C THR M 356 -85.76 3.03 12.72
N SER M 357 -84.77 2.96 13.61
CA SER M 357 -83.64 2.05 13.43
C SER M 357 -82.84 1.89 14.72
N ASP M 358 -82.14 0.77 14.83
CA ASP M 358 -81.34 0.51 16.01
C ASP M 358 -80.02 1.26 15.89
N TYR M 359 -79.45 1.24 14.70
CA TYR M 359 -78.19 1.94 14.45
C TYR M 359 -78.37 3.42 14.74
N ASP M 360 -79.28 4.06 14.02
CA ASP M 360 -79.56 5.46 14.20
C ASP M 360 -79.83 5.77 15.67
N ARG M 361 -80.38 4.79 16.37
CA ARG M 361 -80.71 4.94 17.78
C ARG M 361 -79.43 4.92 18.60
N GLU M 362 -78.54 3.98 18.31
CA GLU M 362 -77.28 3.85 19.04
C GLU M 362 -76.43 5.10 18.88
N LYS M 363 -76.44 5.67 17.69
CA LYS M 363 -75.66 6.88 17.41
C LYS M 363 -76.18 8.10 18.16
N LEU M 364 -77.49 8.18 18.32
CA LEU M 364 -78.08 9.30 19.02
C LEU M 364 -77.79 9.20 20.52
N GLN M 365 -77.80 7.98 21.04
CA GLN M 365 -77.54 7.76 22.46
C GLN M 365 -76.10 8.17 22.77
N GLU M 366 -75.20 7.85 21.85
CA GLU M 366 -73.79 8.20 22.01
C GLU M 366 -73.63 9.71 22.18
N ARG M 367 -74.33 10.47 21.35
CA ARG M 367 -74.27 11.91 21.41
C ARG M 367 -74.79 12.50 22.73
N VAL M 368 -75.94 12.03 23.20
CA VAL M 368 -76.48 12.57 24.46
C VAL M 368 -75.55 12.21 25.61
N ALA M 369 -75.05 10.99 25.60
CA ALA M 369 -74.16 10.52 26.64
C ALA M 369 -72.99 11.49 26.77
N LYS M 370 -72.48 11.95 25.62
CA LYS M 370 -71.37 12.89 25.61
C LYS M 370 -71.82 14.23 26.17
N LEU M 371 -72.89 14.77 25.60
CA LEU M 371 -73.40 16.06 25.99
C LEU M 371 -73.95 16.11 27.40
N ALA M 372 -74.68 15.07 27.80
CA ALA M 372 -75.27 15.02 29.13
C ALA M 372 -74.31 14.50 30.22
N GLY M 373 -73.45 13.55 29.83
CA GLY M 373 -72.53 12.97 30.79
C GLY M 373 -71.51 13.88 31.43
N GLY M 374 -71.05 14.88 30.70
CA GLY M 374 -70.07 15.77 31.28
C GLY M 374 -68.68 15.14 31.35
N VAL M 375 -67.82 15.75 32.16
CA VAL M 375 -66.44 15.30 32.32
C VAL M 375 -65.97 15.42 33.77
N ALA M 376 -65.45 14.31 34.32
CA ALA M 376 -64.95 14.28 35.69
C ALA M 376 -63.53 14.85 35.73
N VAL M 377 -63.30 15.85 36.57
CA VAL M 377 -61.99 16.49 36.68
C VAL M 377 -61.34 16.25 38.03
N ILE M 378 -60.23 15.51 38.03
CA ILE M 378 -59.49 15.22 39.24
C ILE M 378 -58.35 16.21 39.36
N LYS M 379 -58.33 16.98 40.45
CA LYS M 379 -57.27 17.95 40.67
C LYS M 379 -56.33 17.40 41.74
N VAL M 380 -55.18 16.90 41.30
CA VAL M 380 -54.21 16.30 42.19
C VAL M 380 -53.77 17.19 43.34
N GLY M 381 -53.69 16.58 44.53
CA GLY M 381 -53.28 17.26 45.76
C GLY M 381 -51.95 17.95 45.61
N ALA M 382 -51.27 18.28 46.70
CA ALA M 382 -50.00 18.99 46.54
C ALA M 382 -48.96 18.97 47.64
N ALA M 383 -48.57 20.17 48.06
CA ALA M 383 -47.52 20.38 49.06
C ALA M 383 -46.24 20.26 48.28
N THR M 384 -45.84 21.37 47.65
CA THR M 384 -44.64 21.50 46.80
C THR M 384 -44.95 21.11 45.36
N GLU M 385 -44.60 22.01 44.45
CA GLU M 385 -44.85 21.81 43.04
C GLU M 385 -44.28 20.50 42.50
N VAL M 386 -43.19 20.04 43.09
CA VAL M 386 -42.57 18.81 42.64
C VAL M 386 -43.39 17.56 42.93
N GLU M 387 -43.76 17.37 44.20
CA GLU M 387 -44.55 16.22 44.59
C GLU M 387 -45.87 16.22 43.84
N MET M 388 -46.44 17.41 43.67
CA MET M 388 -47.72 17.56 42.97
C MET M 388 -47.63 17.02 41.55
N LYS M 389 -46.57 17.36 40.83
CA LYS M 389 -46.40 16.88 39.46
C LYS M 389 -46.13 15.38 39.40
N GLU M 390 -45.47 14.87 40.43
CA GLU M 390 -45.14 13.45 40.51
C GLU M 390 -46.38 12.59 40.80
N LYS M 391 -47.24 13.09 41.68
CA LYS M 391 -48.46 12.38 42.05
C LYS M 391 -49.41 12.38 40.85
N LYS M 392 -49.48 13.52 40.17
CA LYS M 392 -50.34 13.69 39.01
C LYS M 392 -50.00 12.63 37.98
N ALA M 393 -48.72 12.25 37.92
CA ALA M 393 -48.30 11.23 36.96
C ALA M 393 -48.83 9.88 37.38
N ARG M 394 -48.64 9.52 38.64
CA ARG M 394 -49.10 8.24 39.17
C ARG M 394 -50.61 8.11 38.99
N VAL M 395 -51.32 9.20 39.20
CA VAL M 395 -52.76 9.21 39.05
C VAL M 395 -53.12 8.94 37.59
N GLU M 396 -52.47 9.63 36.68
CA GLU M 396 -52.72 9.45 35.25
C GLU M 396 -52.52 8.00 34.81
N ASP M 397 -51.45 7.37 35.31
CA ASP M 397 -51.19 5.99 34.95
C ASP M 397 -52.22 5.08 35.59
N ALA M 398 -52.39 5.23 36.90
CA ALA M 398 -53.35 4.43 37.64
C ALA M 398 -54.71 4.50 36.92
N LEU M 399 -55.04 5.67 36.39
CA LEU M 399 -56.29 5.84 35.70
C LEU M 399 -56.37 4.92 34.48
N HIS M 400 -55.38 4.99 33.60
CA HIS M 400 -55.36 4.13 32.41
C HIS M 400 -55.44 2.65 32.78
N ALA M 401 -54.77 2.28 33.87
CA ALA M 401 -54.74 0.89 34.31
C ALA M 401 -56.09 0.45 34.79
N THR M 402 -56.72 1.31 35.56
CA THR M 402 -58.02 1.02 36.10
C THR M 402 -59.06 0.95 34.99
N ARG M 403 -58.95 1.85 34.03
CA ARG M 403 -59.88 1.89 32.91
C ARG M 403 -59.86 0.56 32.17
N ALA M 404 -58.66 0.05 31.92
CA ALA M 404 -58.51 -1.20 31.21
C ALA M 404 -58.98 -2.38 32.06
N ALA M 405 -58.70 -2.33 33.36
CA ALA M 405 -59.13 -3.39 34.26
C ALA M 405 -60.64 -3.48 34.31
N VAL M 406 -61.30 -2.33 34.20
CA VAL M 406 -62.76 -2.27 34.22
C VAL M 406 -63.36 -2.85 32.94
N GLU M 407 -62.61 -2.80 31.85
CA GLU M 407 -63.09 -3.32 30.57
C GLU M 407 -62.95 -4.83 30.41
N GLU M 408 -61.86 -5.41 30.91
CA GLU M 408 -61.63 -6.85 30.75
C GLU M 408 -61.09 -7.60 31.97
N GLY M 409 -61.06 -6.97 33.16
CA GLY M 409 -60.56 -7.60 34.39
C GLY M 409 -59.05 -7.61 34.57
N VAL M 410 -58.55 -8.42 35.49
CA VAL M 410 -57.10 -8.51 35.74
C VAL M 410 -56.63 -9.96 35.78
N VAL M 411 -55.34 -10.14 35.59
CA VAL M 411 -54.73 -11.45 35.61
C VAL M 411 -53.39 -11.36 36.32
N ALA M 412 -52.83 -12.51 36.68
CA ALA M 412 -51.56 -12.56 37.39
C ALA M 412 -50.42 -11.93 36.62
N GLY M 413 -49.85 -10.86 37.17
CA GLY M 413 -48.76 -10.18 36.52
C GLY M 413 -47.41 -10.87 36.63
N GLY M 414 -46.33 -10.08 36.54
CA GLY M 414 -44.99 -10.64 36.62
C GLY M 414 -44.74 -11.65 35.52
N GLY M 415 -45.59 -11.60 34.49
CA GLY M 415 -45.46 -12.52 33.39
C GLY M 415 -45.99 -13.91 33.62
N VAL M 416 -46.60 -14.16 34.78
CA VAL M 416 -47.07 -15.51 35.03
C VAL M 416 -48.38 -15.87 34.33
N ALA M 417 -49.22 -14.87 34.05
CA ALA M 417 -50.47 -15.16 33.37
C ALA M 417 -50.16 -15.79 32.02
N LEU M 418 -49.23 -15.19 31.29
CA LEU M 418 -48.86 -15.71 29.97
C LEU M 418 -48.30 -17.12 30.04
N ILE M 419 -47.39 -17.36 30.97
CA ILE M 419 -46.79 -18.67 31.07
C ILE M 419 -47.83 -19.69 31.53
N ARG M 420 -48.74 -19.27 32.39
CA ARG M 420 -49.79 -20.14 32.91
C ARG M 420 -50.72 -20.53 31.76
N VAL M 421 -51.12 -19.54 30.99
CA VAL M 421 -52.01 -19.77 29.87
C VAL M 421 -51.39 -20.73 28.87
N ALA M 422 -50.10 -20.60 28.62
CA ALA M 422 -49.44 -21.47 27.66
C ALA M 422 -49.35 -22.89 28.18
N SER M 423 -49.09 -23.05 29.47
CA SER M 423 -49.00 -24.40 30.06
C SER M 423 -50.29 -25.23 29.83
N LYS M 424 -51.39 -24.56 29.56
CA LYS M 424 -52.66 -25.25 29.34
C LYS M 424 -52.89 -25.64 27.88
N LEU M 425 -52.13 -25.06 26.98
CA LEU M 425 -52.31 -25.36 25.57
C LEU M 425 -51.34 -26.40 25.02
N ALA M 426 -50.80 -27.23 25.91
CA ALA M 426 -49.84 -28.26 25.53
C ALA M 426 -50.33 -29.27 24.49
N ASP M 427 -51.65 -29.41 24.33
CA ASP M 427 -52.17 -30.36 23.35
C ASP M 427 -52.73 -29.68 22.10
N LEU M 428 -52.66 -28.35 22.05
CA LEU M 428 -53.19 -27.64 20.88
C LEU M 428 -52.45 -28.12 19.62
N ARG M 429 -53.21 -28.46 18.58
CA ARG M 429 -52.59 -28.92 17.33
C ARG M 429 -53.16 -28.22 16.11
N GLY M 430 -52.44 -28.29 14.99
CA GLY M 430 -52.90 -27.66 13.78
C GLY M 430 -53.27 -28.69 12.72
N GLN M 431 -53.16 -28.29 11.46
CA GLN M 431 -53.49 -29.17 10.34
C GLN M 431 -52.32 -30.00 9.82
N ASN M 432 -51.10 -29.55 10.08
CA ASN M 432 -49.92 -30.28 9.67
C ASN M 432 -48.80 -30.01 10.67
N GLU M 433 -47.67 -30.68 10.50
CA GLU M 433 -46.54 -30.52 11.41
C GLU M 433 -45.96 -29.11 11.48
N ASP M 434 -45.95 -28.41 10.35
CA ASP M 434 -45.43 -27.04 10.35
C ASP M 434 -46.29 -26.20 11.29
N GLN M 435 -47.60 -26.33 11.15
CA GLN M 435 -48.51 -25.60 12.02
C GLN M 435 -48.32 -25.96 13.49
N ASN M 436 -47.97 -27.21 13.75
CA ASN M 436 -47.74 -27.65 15.12
C ASN M 436 -46.52 -26.93 15.66
N VAL M 437 -45.48 -26.81 14.82
CA VAL M 437 -44.25 -26.13 15.24
C VAL M 437 -44.59 -24.68 15.57
N GLY M 438 -45.44 -24.07 14.71
CA GLY M 438 -45.86 -22.70 14.92
C GLY M 438 -46.47 -22.54 16.29
N ILE M 439 -47.36 -23.47 16.65
CA ILE M 439 -48.02 -23.46 17.95
C ILE M 439 -47.00 -23.53 19.10
N LYS M 440 -46.04 -24.44 18.97
CA LYS M 440 -45.02 -24.60 19.99
C LYS M 440 -44.11 -23.38 20.07
N VAL M 441 -43.90 -22.71 18.92
CA VAL M 441 -43.08 -21.52 18.90
C VAL M 441 -43.74 -20.43 19.73
N ALA M 442 -45.05 -20.26 19.55
CA ALA M 442 -45.79 -19.25 20.28
C ALA M 442 -45.84 -19.56 21.77
N LEU M 443 -46.19 -20.79 22.12
CA LEU M 443 -46.30 -21.17 23.52
C LEU M 443 -44.98 -20.98 24.25
N ARG M 444 -43.90 -21.32 23.58
CA ARG M 444 -42.56 -21.19 24.13
C ARG M 444 -42.27 -19.69 24.38
N ALA M 445 -42.64 -18.85 23.41
CA ALA M 445 -42.40 -17.42 23.51
C ALA M 445 -43.14 -16.82 24.69
N MET M 446 -44.33 -17.34 24.98
CA MET M 446 -45.12 -16.81 26.08
C MET M 446 -44.38 -16.87 27.42
N GLU M 447 -43.21 -17.51 27.43
CA GLU M 447 -42.42 -17.63 28.65
C GLU M 447 -41.36 -16.54 28.72
N ALA M 448 -41.14 -15.85 27.61
CA ALA M 448 -40.13 -14.80 27.53
C ALA M 448 -40.24 -13.74 28.62
N PRO M 449 -41.42 -13.15 28.80
CA PRO M 449 -41.54 -12.12 29.83
C PRO M 449 -41.09 -12.57 31.22
N LEU M 450 -41.65 -13.67 31.72
CA LEU M 450 -41.29 -14.15 33.05
C LEU M 450 -39.80 -14.43 33.11
N ARG M 451 -39.31 -15.23 32.17
CA ARG M 451 -37.90 -15.57 32.12
C ARG M 451 -36.98 -14.35 32.17
N GLN M 452 -37.34 -13.31 31.41
CA GLN M 452 -36.55 -12.09 31.38
C GLN M 452 -36.60 -11.41 32.74
N ILE M 453 -37.78 -11.37 33.34
CA ILE M 453 -37.94 -10.76 34.66
C ILE M 453 -37.04 -11.46 35.66
N VAL M 454 -37.03 -12.79 35.60
CA VAL M 454 -36.21 -13.59 36.50
C VAL M 454 -34.73 -13.37 36.24
N LEU M 455 -34.36 -13.27 34.96
CA LEU M 455 -32.96 -13.06 34.62
C LEU M 455 -32.48 -11.72 35.18
N ASN M 456 -33.31 -10.70 35.12
CA ASN M 456 -32.93 -9.39 35.65
C ASN M 456 -32.72 -9.46 37.16
N CYS M 457 -33.40 -10.39 37.82
CA CYS M 457 -33.25 -10.55 39.26
C CYS M 457 -31.97 -11.28 39.62
N GLY M 458 -31.34 -11.86 38.62
CA GLY M 458 -30.12 -12.61 38.86
C GLY M 458 -30.42 -14.05 39.27
N GLU M 459 -31.60 -14.54 38.90
CA GLU M 459 -32.03 -15.90 39.22
C GLU M 459 -32.00 -16.79 37.98
N GLU M 460 -32.36 -18.06 38.12
CA GLU M 460 -32.36 -18.97 36.99
C GLU M 460 -33.76 -19.15 36.37
N PRO M 461 -33.99 -18.55 35.19
CA PRO M 461 -35.27 -18.62 34.47
C PRO M 461 -35.84 -20.04 34.33
N SER M 462 -35.01 -20.97 33.89
CA SER M 462 -35.44 -22.34 33.70
C SER M 462 -36.11 -22.89 34.93
N VAL M 463 -35.52 -22.60 36.10
CA VAL M 463 -36.07 -23.10 37.36
C VAL M 463 -37.36 -22.41 37.77
N VAL M 464 -37.36 -21.08 37.77
CA VAL M 464 -38.57 -20.36 38.15
C VAL M 464 -39.70 -20.66 37.17
N ALA M 465 -39.38 -20.71 35.88
CA ALA M 465 -40.40 -20.99 34.87
C ALA M 465 -40.95 -22.39 35.12
N ASN M 466 -40.04 -23.31 35.42
CA ASN M 466 -40.38 -24.69 35.66
C ASN M 466 -41.31 -24.82 36.86
N THR M 467 -41.06 -24.04 37.91
CA THR M 467 -41.87 -24.07 39.12
C THR M 467 -43.22 -23.40 38.91
N VAL M 468 -43.24 -22.25 38.27
CA VAL M 468 -44.50 -21.58 38.02
C VAL M 468 -45.40 -22.46 37.16
N LYS M 469 -44.81 -23.12 36.17
CA LYS M 469 -45.59 -24.00 35.29
C LYS M 469 -46.13 -25.20 36.08
N GLY M 470 -45.36 -25.64 37.07
CA GLY M 470 -45.75 -26.77 37.88
C GLY M 470 -47.04 -26.58 38.67
N GLY M 471 -47.30 -25.35 39.11
CA GLY M 471 -48.51 -25.06 39.86
C GLY M 471 -49.65 -24.73 38.92
N ASP M 472 -50.67 -24.04 39.43
CA ASP M 472 -51.80 -23.65 38.59
C ASP M 472 -52.54 -22.44 39.15
N GLY M 473 -53.57 -21.99 38.44
CA GLY M 473 -54.31 -20.83 38.87
C GLY M 473 -53.42 -19.61 38.74
N ASN M 474 -53.46 -18.71 39.71
CA ASN M 474 -52.61 -17.53 39.65
C ASN M 474 -51.41 -17.69 40.57
N TYR M 475 -50.90 -18.91 40.63
CA TYR M 475 -49.72 -19.22 41.42
C TYR M 475 -48.54 -18.76 40.59
N GLY M 476 -47.70 -17.90 41.13
CA GLY M 476 -46.57 -17.43 40.36
C GLY M 476 -45.36 -17.06 41.18
N TYR M 477 -44.44 -16.34 40.56
CA TYR M 477 -43.22 -15.92 41.23
C TYR M 477 -43.21 -14.40 41.40
N ASN M 478 -43.21 -13.96 42.65
CA ASN M 478 -43.16 -12.55 42.97
C ASN M 478 -41.70 -12.12 42.82
N ALA M 479 -41.36 -11.47 41.70
CA ALA M 479 -39.98 -11.05 41.46
C ALA M 479 -39.47 -10.05 42.49
N ALA M 480 -40.36 -9.28 43.07
CA ALA M 480 -39.98 -8.30 44.09
C ALA M 480 -39.47 -8.99 45.35
N THR M 481 -40.34 -9.78 46.00
CA THR M 481 -39.98 -10.48 47.21
C THR M 481 -39.22 -11.77 46.92
N GLU M 482 -39.21 -12.17 45.66
CA GLU M 482 -38.52 -13.39 45.24
C GLU M 482 -39.06 -14.57 46.02
N GLU M 483 -40.38 -14.66 46.08
CA GLU M 483 -41.08 -15.73 46.79
C GLU M 483 -42.27 -16.14 45.95
N TYR M 484 -42.68 -17.40 46.04
CA TYR M 484 -43.84 -17.84 45.27
C TYR M 484 -45.12 -17.63 46.06
N GLY M 485 -46.26 -17.80 45.40
CA GLY M 485 -47.54 -17.61 46.05
C GLY M 485 -48.60 -17.18 45.05
N ASN M 486 -49.74 -16.70 45.53
CA ASN M 486 -50.80 -16.26 44.64
C ASN M 486 -50.49 -14.85 44.17
N MET M 487 -50.29 -14.68 42.87
CA MET M 487 -49.97 -13.37 42.31
C MET M 487 -51.01 -12.28 42.60
N ILE M 488 -52.29 -12.63 42.54
CA ILE M 488 -53.33 -11.63 42.79
C ILE M 488 -53.37 -11.22 44.27
N ASP M 489 -53.32 -12.20 45.17
CA ASP M 489 -53.34 -11.88 46.59
C ASP M 489 -52.13 -11.01 46.91
N MET M 490 -50.98 -11.32 46.31
CA MET M 490 -49.77 -10.55 46.55
C MET M 490 -49.81 -9.20 45.86
N GLY M 491 -50.91 -8.93 45.17
CA GLY M 491 -51.08 -7.66 44.50
C GLY M 491 -50.15 -7.38 43.34
N ILE M 492 -49.82 -8.42 42.58
CA ILE M 492 -48.95 -8.27 41.41
C ILE M 492 -49.77 -8.72 40.24
N LEU M 493 -50.36 -7.76 39.55
CA LEU M 493 -51.22 -8.09 38.43
C LEU M 493 -51.21 -7.10 37.28
N ASP M 494 -51.71 -7.53 36.13
CA ASP M 494 -51.81 -6.67 34.96
C ASP M 494 -53.22 -6.74 34.44
N PRO M 495 -53.71 -5.64 33.87
CA PRO M 495 -55.08 -5.67 33.34
C PRO M 495 -55.11 -6.74 32.24
N THR M 496 -56.10 -7.62 32.28
CA THR M 496 -56.17 -8.65 31.25
C THR M 496 -56.02 -8.05 29.85
N LYS M 497 -56.51 -6.84 29.68
CA LYS M 497 -56.43 -6.18 28.39
C LYS M 497 -54.98 -5.88 27.96
N VAL M 498 -54.15 -5.45 28.90
CA VAL M 498 -52.76 -5.15 28.53
C VAL M 498 -52.02 -6.42 28.09
N THR M 499 -52.20 -7.50 28.84
CA THR M 499 -51.53 -8.76 28.49
C THR M 499 -52.04 -9.24 27.13
N ARG M 500 -53.36 -9.18 26.92
CA ARG M 500 -53.95 -9.60 25.66
C ARG M 500 -53.43 -8.81 24.46
N SER M 501 -53.42 -7.48 24.57
CA SER M 501 -52.95 -6.63 23.49
C SER M 501 -51.47 -6.85 23.20
N ALA M 502 -50.67 -6.97 24.25
CA ALA M 502 -49.24 -7.18 24.07
C ALA M 502 -49.00 -8.42 23.22
N LEU M 503 -49.66 -9.52 23.59
CA LEU M 503 -49.52 -10.79 22.88
C LEU M 503 -50.03 -10.71 21.45
N GLN M 504 -51.24 -10.20 21.27
CA GLN M 504 -51.79 -10.13 19.93
C GLN M 504 -50.98 -9.23 19.02
N TYR M 505 -50.50 -8.12 19.54
CA TYR M 505 -49.70 -7.21 18.72
C TYR M 505 -48.33 -7.78 18.40
N ALA M 506 -47.76 -8.53 19.35
CA ALA M 506 -46.46 -9.14 19.14
C ALA M 506 -46.63 -10.21 18.07
N ALA M 507 -47.61 -11.07 18.26
CA ALA M 507 -47.88 -12.16 17.34
C ALA M 507 -48.16 -11.64 15.94
N SER M 508 -48.70 -10.44 15.86
CA SER M 508 -49.02 -9.84 14.57
C SER M 508 -47.77 -9.49 13.75
N VAL M 509 -46.90 -8.66 14.32
CA VAL M 509 -45.70 -8.26 13.61
C VAL M 509 -44.78 -9.45 13.40
N ALA M 510 -44.78 -10.38 14.34
CA ALA M 510 -43.93 -11.55 14.20
C ALA M 510 -44.39 -12.38 13.02
N GLY M 511 -45.70 -12.56 12.90
CA GLY M 511 -46.25 -13.33 11.80
C GLY M 511 -45.92 -12.68 10.47
N LEU M 512 -45.97 -11.34 10.43
CA LEU M 512 -45.67 -10.61 9.22
C LEU M 512 -44.23 -10.78 8.80
N MET M 513 -43.31 -10.69 9.77
CA MET M 513 -41.90 -10.83 9.47
C MET M 513 -41.56 -12.24 9.00
N ILE M 514 -42.11 -13.24 9.67
CA ILE M 514 -41.85 -14.62 9.28
C ILE M 514 -42.32 -14.88 7.84
N THR M 515 -43.30 -14.12 7.38
CA THR M 515 -43.79 -14.33 6.03
C THR M 515 -43.32 -13.23 5.08
N THR M 516 -42.15 -12.68 5.37
CA THR M 516 -41.57 -11.66 4.51
C THR M 516 -40.49 -12.30 3.65
N GLU M 517 -40.51 -12.03 2.36
CA GLU M 517 -39.54 -12.61 1.45
C GLU M 517 -38.68 -11.60 0.74
N CYS M 518 -39.07 -10.33 0.78
CA CYS M 518 -38.31 -9.28 0.10
C CYS M 518 -38.38 -7.93 0.82
N MET M 519 -37.23 -7.25 0.88
CA MET M 519 -37.12 -5.94 1.52
C MET M 519 -36.49 -4.96 0.57
N VAL M 520 -37.07 -3.76 0.49
CA VAL M 520 -36.59 -2.70 -0.37
C VAL M 520 -36.32 -1.42 0.42
N THR M 521 -35.12 -0.89 0.27
CA THR M 521 -34.73 0.35 0.94
C THR M 521 -33.76 1.15 0.07
N ASP M 522 -33.57 2.41 0.39
CA ASP M 522 -32.68 3.25 -0.39
C ASP M 522 -31.25 2.81 -0.20
N LEU M 523 -30.45 3.05 -1.23
CA LEU M 523 -29.05 2.67 -1.20
C LEU M 523 -28.37 3.61 -0.21
N PRO M 524 -27.50 3.08 0.66
CA PRO M 524 -26.81 3.92 1.64
C PRO M 524 -26.06 5.09 1.01
N LYS M 525 -26.00 5.11 -0.32
CA LYS M 525 -25.32 6.19 -1.05
C LYS M 525 -26.21 7.43 -1.14
N SER N 1 -40.97 34.75 0.08
CA SER N 1 -42.18 34.10 -0.44
C SER N 1 -43.42 34.47 0.36
N TRP N 2 -43.28 34.40 1.69
CA TRP N 2 -44.38 34.72 2.60
C TRP N 2 -44.46 36.20 2.95
N MET N 3 -45.61 36.61 3.49
CA MET N 3 -45.84 38.00 3.88
C MET N 3 -46.13 38.08 5.37
N THR N 4 -46.14 39.30 5.90
CA THR N 4 -46.40 39.49 7.32
C THR N 4 -47.47 40.55 7.54
N THR N 5 -48.44 40.23 8.37
CA THR N 5 -49.49 41.17 8.67
C THR N 5 -48.94 42.16 9.72
N PRO N 6 -49.61 43.30 9.90
CA PRO N 6 -49.14 44.28 10.88
C PRO N 6 -48.92 43.62 12.25
N TRP N 7 -49.87 42.78 12.67
CA TRP N 7 -49.79 42.10 13.96
C TRP N 7 -48.78 40.96 14.00
N GLY N 8 -48.01 40.80 12.93
CA GLY N 8 -46.98 39.78 12.91
C GLY N 8 -47.27 38.40 12.38
N PHE N 9 -48.47 38.18 11.87
CA PHE N 9 -48.82 36.87 11.36
C PHE N 9 -48.10 36.60 10.04
N LEU N 10 -47.30 35.54 10.02
CA LEU N 10 -46.54 35.15 8.83
C LEU N 10 -47.42 34.24 7.99
N HIS N 11 -47.56 34.52 6.69
CA HIS N 11 -48.42 33.68 5.86
C HIS N 11 -48.16 33.81 4.36
N PRO N 12 -48.61 32.83 3.57
CA PRO N 12 -48.42 32.84 2.12
C PRO N 12 -49.28 33.93 1.47
N ALA O 1 -2.80 -35.79 -3.17
CA ALA O 1 -2.76 -34.43 -2.58
C ALA O 1 -4.14 -33.80 -2.68
N ALA O 2 -4.31 -32.65 -2.06
CA ALA O 2 -5.60 -31.96 -2.12
C ALA O 2 -5.91 -31.69 -3.57
N LYS O 3 -7.17 -31.87 -3.93
CA LYS O 3 -7.57 -31.63 -5.30
C LYS O 3 -8.41 -30.38 -5.45
N ASP O 4 -8.53 -29.93 -6.69
CA ASP O 4 -9.35 -28.78 -7.01
C ASP O 4 -10.42 -29.44 -7.86
N VAL O 5 -11.66 -29.34 -7.42
CA VAL O 5 -12.76 -29.97 -8.15
C VAL O 5 -13.70 -28.94 -8.77
N LYS O 6 -13.87 -29.03 -10.09
CA LYS O 6 -14.78 -28.13 -10.80
C LYS O 6 -16.01 -28.89 -11.33
N PHE O 7 -17.13 -28.17 -11.46
CA PHE O 7 -18.36 -28.79 -11.91
C PHE O 7 -19.03 -28.11 -13.08
N GLY O 8 -20.00 -28.82 -13.65
CA GLY O 8 -20.79 -28.35 -14.78
C GLY O 8 -20.23 -27.29 -15.69
N ASN O 9 -20.86 -26.13 -15.69
CA ASN O 9 -20.43 -25.03 -16.55
C ASN O 9 -18.99 -24.58 -16.36
N ASP O 10 -18.55 -24.44 -15.11
CA ASP O 10 -17.18 -24.01 -14.88
C ASP O 10 -16.21 -24.98 -15.52
N ALA O 11 -16.48 -26.27 -15.31
CA ALA O 11 -15.64 -27.33 -15.86
C ALA O 11 -15.63 -27.29 -17.38
N ARG O 12 -16.80 -27.11 -17.97
CA ARG O 12 -16.92 -27.07 -19.41
C ARG O 12 -16.17 -25.91 -20.05
N VAL O 13 -16.33 -24.69 -19.56
CA VAL O 13 -15.63 -23.57 -20.19
C VAL O 13 -14.13 -23.77 -20.15
N LYS O 14 -13.62 -24.34 -19.07
CA LYS O 14 -12.19 -24.60 -18.96
C LYS O 14 -11.78 -25.53 -20.10
N MET O 15 -12.48 -26.64 -20.26
CA MET O 15 -12.13 -27.56 -21.31
C MET O 15 -12.16 -26.89 -22.65
N LEU O 16 -13.23 -26.14 -22.92
CA LEU O 16 -13.35 -25.43 -24.18
C LEU O 16 -12.11 -24.58 -24.47
N ARG O 17 -11.71 -23.76 -23.50
CA ARG O 17 -10.55 -22.90 -23.65
C ARG O 17 -9.31 -23.70 -23.96
N GLY O 18 -9.17 -24.84 -23.29
CA GLY O 18 -8.03 -25.70 -23.51
C GLY O 18 -7.95 -26.23 -24.93
N VAL O 19 -9.07 -26.74 -25.46
CA VAL O 19 -9.03 -27.27 -26.81
C VAL O 19 -8.92 -26.12 -27.80
N ASN O 20 -9.36 -24.92 -27.41
CA ASN O 20 -9.28 -23.80 -28.34
C ASN O 20 -7.82 -23.44 -28.58
N VAL O 21 -7.01 -23.53 -27.54
CA VAL O 21 -5.60 -23.22 -27.69
C VAL O 21 -4.99 -24.29 -28.58
N LEU O 22 -5.34 -25.53 -28.30
CA LEU O 22 -4.83 -26.65 -29.08
C LEU O 22 -5.22 -26.51 -30.56
N ALA O 23 -6.51 -26.64 -30.83
CA ALA O 23 -7.00 -26.53 -32.20
C ALA O 23 -6.54 -25.25 -32.91
N ASP O 24 -6.68 -24.10 -32.27
CA ASP O 24 -6.25 -22.86 -32.91
C ASP O 24 -4.79 -22.86 -33.34
N ALA O 25 -3.93 -23.50 -32.54
CA ALA O 25 -2.51 -23.57 -32.84
C ALA O 25 -2.25 -24.54 -33.98
N VAL O 26 -2.98 -25.64 -33.99
CA VAL O 26 -2.79 -26.66 -35.00
C VAL O 26 -3.44 -26.36 -36.34
N LYS O 27 -4.68 -25.87 -36.34
CA LYS O 27 -5.38 -25.59 -37.59
C LYS O 27 -4.78 -24.54 -38.52
N VAL O 28 -3.85 -23.73 -38.04
CA VAL O 28 -3.26 -22.73 -38.93
C VAL O 28 -2.39 -23.41 -40.00
N THR O 29 -2.04 -24.67 -39.77
CA THR O 29 -1.18 -25.38 -40.73
C THR O 29 -1.98 -26.14 -41.78
N LEU O 30 -3.29 -26.25 -41.56
CA LEU O 30 -4.16 -26.99 -42.47
C LEU O 30 -4.24 -26.47 -43.91
N GLY O 31 -4.17 -27.38 -44.88
CA GLY O 31 -4.28 -26.98 -46.26
C GLY O 31 -3.00 -26.55 -46.97
N PRO O 32 -3.04 -26.41 -48.31
CA PRO O 32 -1.87 -26.02 -49.11
C PRO O 32 -1.37 -24.61 -48.83
N LYS O 33 -2.20 -23.77 -48.23
CA LYS O 33 -1.78 -22.40 -47.91
C LYS O 33 -1.59 -22.29 -46.39
N GLY O 34 -1.33 -23.44 -45.76
CA GLY O 34 -1.13 -23.48 -44.34
C GLY O 34 -0.02 -22.58 -43.91
N ARG O 35 -0.15 -22.03 -42.70
CA ARG O 35 0.85 -21.12 -42.15
C ARG O 35 1.88 -21.87 -41.30
N ASN O 36 2.99 -21.19 -41.00
CA ASN O 36 4.06 -21.77 -40.19
C ASN O 36 3.80 -21.54 -38.72
N VAL O 37 4.22 -22.51 -37.92
CA VAL O 37 4.12 -22.40 -36.47
C VAL O 37 5.57 -22.51 -36.01
N VAL O 38 5.96 -21.63 -35.10
CA VAL O 38 7.32 -21.64 -34.57
C VAL O 38 7.33 -22.28 -33.19
N LEU O 39 8.04 -23.41 -33.09
CA LEU O 39 8.16 -24.13 -31.82
C LEU O 39 9.55 -23.91 -31.25
N ASP O 40 9.59 -23.37 -30.05
CA ASP O 40 10.86 -23.07 -29.39
C ASP O 40 11.58 -24.33 -28.92
N LYS O 41 12.88 -24.21 -28.71
CA LYS O 41 13.70 -25.34 -28.25
C LYS O 41 14.54 -24.85 -27.10
N SER O 42 14.87 -25.75 -26.18
CA SER O 42 15.68 -25.39 -25.03
C SER O 42 17.06 -24.92 -25.48
N PHE O 43 17.62 -25.57 -26.50
CA PHE O 43 18.95 -25.20 -27.00
C PHE O 43 19.02 -25.23 -28.53
N GLY O 44 19.39 -24.10 -29.12
CA GLY O 44 19.50 -24.02 -30.56
C GLY O 44 18.60 -22.97 -31.19
N ALA O 45 18.19 -23.21 -32.43
CA ALA O 45 17.31 -22.29 -33.14
C ALA O 45 15.92 -22.87 -33.13
N PRO O 46 14.88 -22.00 -33.05
CA PRO O 46 13.51 -22.47 -33.03
C PRO O 46 13.20 -23.36 -34.22
N THR O 47 12.16 -24.18 -34.09
CA THR O 47 11.74 -25.05 -35.17
C THR O 47 10.61 -24.34 -35.90
N ILE O 48 10.68 -24.29 -37.21
CA ILE O 48 9.62 -23.67 -37.98
C ILE O 48 8.93 -24.82 -38.71
N THR O 49 7.67 -25.06 -38.38
CA THR O 49 6.97 -26.18 -39.01
C THR O 49 5.52 -25.93 -39.44
N LYS O 50 5.09 -26.74 -40.39
CA LYS O 50 3.72 -26.68 -40.87
C LYS O 50 3.11 -28.03 -40.57
N ASP O 51 3.77 -28.79 -39.69
CA ASP O 51 3.27 -30.12 -39.31
C ASP O 51 2.38 -30.09 -38.08
N GLY O 52 1.07 -30.12 -38.32
CA GLY O 52 0.10 -30.10 -37.24
C GLY O 52 0.42 -31.06 -36.11
N VAL O 53 0.94 -32.25 -36.44
CA VAL O 53 1.26 -33.20 -35.40
C VAL O 53 2.38 -32.67 -34.49
N SER O 54 3.41 -32.07 -35.07
CA SER O 54 4.51 -31.55 -34.27
C SER O 54 4.02 -30.48 -33.31
N VAL O 55 3.14 -29.61 -33.79
CA VAL O 55 2.60 -28.54 -32.96
C VAL O 55 1.81 -29.14 -31.80
N ALA O 56 0.90 -30.06 -32.12
CA ALA O 56 0.09 -30.71 -31.11
C ALA O 56 0.92 -31.30 -29.95
N ARG O 57 2.04 -31.93 -30.28
CA ARG O 57 2.92 -32.55 -29.31
C ARG O 57 3.44 -31.54 -28.30
N GLU O 58 3.67 -30.31 -28.74
CA GLU O 58 4.20 -29.28 -27.86
C GLU O 58 3.17 -28.57 -26.97
N ILE O 59 1.89 -28.77 -27.23
CA ILE O 59 0.87 -28.08 -26.45
C ILE O 59 0.56 -28.61 -25.07
N GLU O 60 0.83 -27.77 -24.08
CA GLU O 60 0.60 -28.07 -22.66
C GLU O 60 0.25 -26.71 -22.02
N LEU O 61 -0.90 -26.63 -21.38
CA LEU O 61 -1.36 -25.38 -20.79
C LEU O 61 -1.09 -25.26 -19.30
N GLU O 62 -0.94 -24.02 -18.83
CA GLU O 62 -0.69 -23.75 -17.42
C GLU O 62 -1.87 -24.07 -16.53
N ASP O 63 -3.08 -23.66 -16.93
CA ASP O 63 -4.28 -23.96 -16.15
C ASP O 63 -4.59 -25.46 -16.26
N LYS O 64 -4.50 -26.16 -15.13
CA LYS O 64 -4.73 -27.61 -15.11
C LYS O 64 -6.04 -28.10 -15.80
N PHE O 65 -7.14 -27.37 -15.61
CA PHE O 65 -8.40 -27.78 -16.22
C PHE O 65 -8.37 -27.58 -17.72
N GLU O 66 -7.82 -26.44 -18.16
CA GLU O 66 -7.71 -26.13 -19.57
C GLU O 66 -6.78 -27.15 -20.20
N ASN O 67 -5.76 -27.54 -19.46
CA ASN O 67 -4.81 -28.51 -19.96
C ASN O 67 -5.45 -29.89 -20.17
N MET O 68 -6.29 -30.30 -19.23
CA MET O 68 -6.96 -31.56 -19.35
C MET O 68 -7.77 -31.54 -20.64
N GLY O 69 -8.34 -30.38 -20.95
CA GLY O 69 -9.13 -30.26 -22.16
C GLY O 69 -8.29 -30.54 -23.39
N ALA O 70 -7.15 -29.87 -23.46
CA ALA O 70 -6.23 -30.04 -24.56
C ALA O 70 -5.71 -31.48 -24.62
N GLN O 71 -5.29 -32.03 -23.50
CA GLN O 71 -4.77 -33.40 -23.49
C GLN O 71 -5.76 -34.46 -23.97
N MET O 72 -7.04 -34.24 -23.69
CA MET O 72 -8.04 -35.20 -24.11
C MET O 72 -8.22 -35.30 -25.64
N VAL O 73 -8.46 -34.18 -26.31
CA VAL O 73 -8.64 -34.26 -27.75
C VAL O 73 -7.29 -34.57 -28.40
N LYS O 74 -6.24 -34.06 -27.79
CA LYS O 74 -4.90 -34.32 -28.27
C LYS O 74 -4.69 -35.84 -28.33
N GLU O 75 -5.17 -36.53 -27.30
CA GLU O 75 -5.05 -37.98 -27.19
C GLU O 75 -5.83 -38.82 -28.22
N VAL O 76 -7.14 -38.62 -28.32
CA VAL O 76 -7.93 -39.39 -29.28
C VAL O 76 -7.63 -38.95 -30.71
N ALA O 77 -7.21 -37.69 -30.88
CA ALA O 77 -6.88 -37.22 -32.21
C ALA O 77 -5.69 -38.01 -32.71
N SER O 78 -4.73 -38.27 -31.84
CA SER O 78 -3.56 -39.03 -32.28
C SER O 78 -3.97 -40.46 -32.64
N LYS O 79 -5.03 -40.97 -32.01
CA LYS O 79 -5.48 -42.32 -32.30
C LYS O 79 -5.79 -42.44 -33.78
N ALA O 80 -6.23 -41.34 -34.37
CA ALA O 80 -6.55 -41.30 -35.80
C ALA O 80 -5.30 -41.56 -36.63
N ASN O 81 -4.28 -40.75 -36.39
CA ASN O 81 -3.01 -40.88 -37.12
C ASN O 81 -2.50 -42.32 -37.00
N ASP O 82 -2.71 -42.93 -35.84
CA ASP O 82 -2.24 -44.30 -35.64
C ASP O 82 -3.01 -45.28 -36.52
N ALA O 83 -4.32 -45.07 -36.61
CA ALA O 83 -5.18 -45.96 -37.40
C ALA O 83 -5.06 -45.81 -38.91
N ALA O 84 -4.80 -44.59 -39.39
CA ALA O 84 -4.73 -44.37 -40.84
C ALA O 84 -3.52 -43.62 -41.31
N GLY O 85 -2.59 -43.36 -40.39
CA GLY O 85 -1.38 -42.64 -40.75
C GLY O 85 -1.60 -41.18 -41.09
N ASP O 86 -2.78 -40.66 -40.77
CA ASP O 86 -3.09 -39.26 -41.06
C ASP O 86 -4.43 -38.88 -40.47
N GLY O 87 -4.68 -37.57 -40.39
CA GLY O 87 -5.94 -37.09 -39.87
C GLY O 87 -6.00 -36.46 -38.49
N THR O 88 -4.90 -36.43 -37.75
CA THR O 88 -4.96 -35.85 -36.39
C THR O 88 -5.40 -34.38 -36.40
N THR O 89 -4.77 -33.59 -37.26
CA THR O 89 -5.12 -32.20 -37.34
C THR O 89 -6.60 -32.08 -37.68
N THR O 90 -7.05 -32.80 -38.71
CA THR O 90 -8.46 -32.77 -39.10
C THR O 90 -9.33 -33.13 -37.90
N ALA O 91 -9.01 -34.24 -37.24
CA ALA O 91 -9.74 -34.71 -36.07
C ALA O 91 -9.80 -33.62 -35.01
N THR O 92 -8.68 -32.92 -34.81
CA THR O 92 -8.61 -31.82 -33.85
C THR O 92 -9.55 -30.66 -34.20
N VAL O 93 -9.57 -30.19 -35.46
CA VAL O 93 -10.44 -29.08 -35.80
C VAL O 93 -11.88 -29.53 -35.78
N LEU O 94 -12.11 -30.79 -36.14
CA LEU O 94 -13.47 -31.31 -36.10
C LEU O 94 -13.96 -31.33 -34.64
N ALA O 95 -13.08 -31.73 -33.72
CA ALA O 95 -13.42 -31.79 -32.31
C ALA O 95 -13.74 -30.39 -31.77
N GLN O 96 -12.94 -29.41 -32.15
CA GLN O 96 -13.18 -28.05 -31.69
C GLN O 96 -14.57 -27.60 -32.12
N ALA O 97 -14.94 -27.96 -33.36
CA ALA O 97 -16.22 -27.55 -33.92
C ALA O 97 -17.38 -28.19 -33.19
N ILE O 98 -17.33 -29.50 -33.02
CA ILE O 98 -18.41 -30.20 -32.36
C ILE O 98 -18.54 -29.70 -30.91
N ILE O 99 -17.42 -29.63 -30.22
CA ILE O 99 -17.41 -29.20 -28.82
C ILE O 99 -17.94 -27.78 -28.63
N THR O 100 -17.47 -26.87 -29.47
CA THR O 100 -17.90 -25.48 -29.36
C THR O 100 -19.41 -25.32 -29.44
N GLU O 101 -20.02 -25.88 -30.49
CA GLU O 101 -21.46 -25.78 -30.64
C GLU O 101 -22.18 -26.66 -29.63
N GLY O 102 -21.67 -27.88 -29.42
CA GLY O 102 -22.28 -28.79 -28.46
C GLY O 102 -22.40 -28.14 -27.09
N LEU O 103 -21.33 -27.45 -26.66
CA LEU O 103 -21.35 -26.80 -25.36
C LEU O 103 -22.33 -25.64 -25.34
N LYS O 104 -22.47 -24.95 -26.46
CA LYS O 104 -23.42 -23.85 -26.51
C LYS O 104 -24.82 -24.39 -26.26
N ALA O 105 -25.17 -25.48 -26.93
CA ALA O 105 -26.48 -26.09 -26.75
C ALA O 105 -26.68 -26.49 -25.30
N VAL O 106 -25.62 -26.99 -24.67
CA VAL O 106 -25.72 -27.39 -23.28
C VAL O 106 -26.06 -26.19 -22.38
N ALA O 107 -25.31 -25.10 -22.57
CA ALA O 107 -25.54 -23.90 -21.78
C ALA O 107 -26.93 -23.33 -22.03
N ALA O 108 -27.48 -23.63 -23.21
CA ALA O 108 -28.81 -23.17 -23.57
C ALA O 108 -29.83 -24.05 -22.86
N GLY O 109 -29.33 -25.02 -22.11
CA GLY O 109 -30.21 -25.90 -21.36
C GLY O 109 -30.63 -27.20 -22.03
N MET O 110 -29.99 -27.54 -23.15
CA MET O 110 -30.35 -28.80 -23.81
C MET O 110 -29.71 -30.00 -23.14
N ASN O 111 -30.33 -31.16 -23.31
CA ASN O 111 -29.87 -32.40 -22.72
C ASN O 111 -28.56 -32.91 -23.29
N PRO O 112 -27.50 -32.93 -22.48
CA PRO O 112 -26.19 -33.40 -22.97
C PRO O 112 -26.27 -34.79 -23.62
N MET O 113 -26.90 -35.73 -22.93
CA MET O 113 -27.02 -37.09 -23.46
C MET O 113 -27.72 -37.14 -24.80
N ASP O 114 -28.81 -36.37 -24.97
CA ASP O 114 -29.51 -36.40 -26.26
C ASP O 114 -28.62 -35.73 -27.32
N LEU O 115 -27.93 -34.66 -26.94
CA LEU O 115 -27.05 -34.00 -27.88
C LEU O 115 -26.02 -35.01 -28.37
N LYS O 116 -25.50 -35.82 -27.45
CA LYS O 116 -24.49 -36.80 -27.82
C LYS O 116 -25.05 -37.87 -28.74
N ARG O 117 -26.27 -38.31 -28.48
CA ARG O 117 -26.91 -39.31 -29.34
C ARG O 117 -27.08 -38.78 -30.76
N GLY O 118 -27.47 -37.51 -30.86
CA GLY O 118 -27.63 -36.90 -32.17
C GLY O 118 -26.32 -36.82 -32.95
N ILE O 119 -25.26 -36.38 -32.28
CA ILE O 119 -23.96 -36.27 -32.91
C ILE O 119 -23.57 -37.64 -33.44
N ASP O 120 -23.73 -38.64 -32.59
CA ASP O 120 -23.39 -40.01 -32.97
C ASP O 120 -24.23 -40.51 -34.13
N LYS O 121 -25.52 -40.24 -34.08
CA LYS O 121 -26.37 -40.69 -35.17
C LYS O 121 -25.91 -40.07 -36.48
N ALA O 122 -25.61 -38.77 -36.46
CA ALA O 122 -25.16 -38.05 -37.65
C ALA O 122 -23.85 -38.63 -38.15
N VAL O 123 -22.95 -38.96 -37.23
CA VAL O 123 -21.67 -39.53 -37.61
C VAL O 123 -21.83 -40.89 -38.27
N THR O 124 -22.68 -41.75 -37.71
CA THR O 124 -22.88 -43.05 -38.34
C THR O 124 -23.40 -42.87 -39.75
N ALA O 125 -24.40 -42.00 -39.90
CA ALA O 125 -24.96 -41.74 -41.21
C ALA O 125 -23.85 -41.25 -42.13
N ALA O 126 -23.09 -40.27 -41.66
CA ALA O 126 -22.00 -39.72 -42.45
C ALA O 126 -20.95 -40.74 -42.88
N VAL O 127 -20.61 -41.70 -42.01
CA VAL O 127 -19.62 -42.73 -42.40
C VAL O 127 -20.14 -43.62 -43.52
N GLU O 128 -21.46 -43.88 -43.53
CA GLU O 128 -22.03 -44.69 -44.57
C GLU O 128 -21.99 -43.91 -45.87
N GLU O 129 -22.39 -42.65 -45.78
CA GLU O 129 -22.41 -41.76 -46.94
C GLU O 129 -21.01 -41.64 -47.50
N LEU O 130 -20.04 -41.77 -46.61
CA LEU O 130 -18.62 -41.68 -46.96
C LEU O 130 -18.22 -42.92 -47.76
N LYS O 131 -18.67 -44.09 -47.33
CA LYS O 131 -18.35 -45.32 -48.03
C LYS O 131 -18.91 -45.27 -49.44
N ALA O 132 -20.13 -44.75 -49.57
CA ALA O 132 -20.78 -44.64 -50.85
C ALA O 132 -19.94 -43.76 -51.78
N LEU O 133 -19.52 -42.61 -51.27
CA LEU O 133 -18.74 -41.65 -52.03
C LEU O 133 -17.38 -42.21 -52.44
N SER O 134 -16.88 -43.15 -51.64
CA SER O 134 -15.56 -43.75 -51.86
C SER O 134 -15.34 -44.42 -53.21
N VAL O 135 -14.16 -44.18 -53.76
CA VAL O 135 -13.74 -44.76 -55.04
C VAL O 135 -12.72 -45.83 -54.74
N PRO O 136 -12.90 -47.01 -55.31
CA PRO O 136 -11.94 -48.08 -55.05
C PRO O 136 -10.53 -47.80 -55.57
N CYS O 137 -9.57 -48.49 -54.97
CA CYS O 137 -8.16 -48.37 -55.34
C CYS O 137 -7.64 -49.80 -55.22
N SER O 138 -8.03 -50.66 -56.16
CA SER O 138 -7.65 -52.07 -56.13
C SER O 138 -6.59 -52.56 -57.10
N ASP O 139 -6.45 -51.92 -58.25
CA ASP O 139 -5.44 -52.37 -59.18
C ASP O 139 -4.16 -51.56 -59.01
N SER O 140 -3.04 -52.09 -59.51
CA SER O 140 -1.76 -51.40 -59.39
C SER O 140 -1.74 -50.03 -60.06
N LYS O 141 -2.59 -49.84 -61.06
CA LYS O 141 -2.62 -48.55 -61.72
C LYS O 141 -3.05 -47.49 -60.70
N ALA O 142 -4.11 -47.79 -59.97
CA ALA O 142 -4.64 -46.90 -58.95
C ALA O 142 -3.64 -46.77 -57.82
N ILE O 143 -3.17 -47.92 -57.34
CA ILE O 143 -2.21 -47.94 -56.26
C ILE O 143 -1.08 -46.97 -56.57
N ALA O 144 -0.63 -46.98 -57.82
CA ALA O 144 0.47 -46.11 -58.24
C ALA O 144 0.07 -44.64 -58.25
N GLN O 145 -1.12 -44.36 -58.77
CA GLN O 145 -1.59 -42.98 -58.83
C GLN O 145 -1.63 -42.36 -57.45
N VAL O 146 -2.24 -43.08 -56.50
CA VAL O 146 -2.36 -42.60 -55.13
C VAL O 146 -1.00 -42.37 -54.52
N GLY O 147 -0.12 -43.35 -54.68
CA GLY O 147 1.21 -43.21 -54.13
C GLY O 147 1.93 -42.01 -54.72
N THR O 148 1.72 -41.77 -56.01
CA THR O 148 2.36 -40.65 -56.68
C THR O 148 1.86 -39.33 -56.08
N ILE O 149 0.56 -39.26 -55.87
CA ILE O 149 -0.04 -38.07 -55.29
C ILE O 149 0.47 -37.83 -53.88
N SER O 150 0.65 -38.91 -53.13
CA SER O 150 1.14 -38.83 -51.76
C SER O 150 2.60 -38.42 -51.70
N ALA O 151 3.37 -38.88 -52.69
CA ALA O 151 4.79 -38.55 -52.75
C ALA O 151 5.02 -37.18 -53.34
N ASN O 152 3.95 -36.40 -53.43
CA ASN O 152 4.01 -35.06 -53.99
C ASN O 152 4.29 -35.08 -55.50
N SER O 153 3.57 -35.94 -56.21
CA SER O 153 3.70 -36.07 -57.67
C SER O 153 4.97 -36.74 -58.18
N ASP O 154 5.55 -37.61 -57.37
CA ASP O 154 6.76 -38.33 -57.76
C ASP O 154 6.38 -39.70 -58.28
N GLU O 155 6.23 -39.83 -59.60
CA GLU O 155 5.84 -41.11 -60.19
C GLU O 155 6.72 -42.26 -59.76
N THR O 156 7.96 -41.94 -59.42
CA THR O 156 8.93 -42.95 -58.98
C THR O 156 8.38 -43.67 -57.76
N VAL O 157 8.05 -42.91 -56.73
CA VAL O 157 7.50 -43.46 -55.51
C VAL O 157 6.26 -44.31 -55.80
N GLY O 158 5.36 -43.75 -56.58
CA GLY O 158 4.14 -44.46 -56.92
C GLY O 158 4.47 -45.81 -57.53
N LYS O 159 5.43 -45.80 -58.45
CA LYS O 159 5.86 -47.03 -59.11
C LYS O 159 6.40 -48.02 -58.09
N LEU O 160 7.33 -47.57 -57.25
CA LEU O 160 7.92 -48.42 -56.22
C LEU O 160 6.88 -49.13 -55.36
N ILE O 161 5.98 -48.35 -54.78
CA ILE O 161 4.95 -48.90 -53.92
C ILE O 161 4.12 -49.94 -54.64
N ALA O 162 3.80 -49.66 -55.90
CA ALA O 162 2.99 -50.58 -56.68
C ALA O 162 3.74 -51.89 -56.92
N GLU O 163 5.03 -51.77 -57.21
CA GLU O 163 5.85 -52.96 -57.44
C GLU O 163 5.95 -53.77 -56.16
N ALA O 164 6.15 -53.06 -55.04
CA ALA O 164 6.26 -53.70 -53.73
C ALA O 164 4.99 -54.47 -53.37
N MET O 165 3.83 -53.85 -53.57
CA MET O 165 2.58 -54.50 -53.25
C MET O 165 2.33 -55.66 -54.19
N ASP O 166 2.85 -55.55 -55.41
CA ASP O 166 2.66 -56.61 -56.39
C ASP O 166 3.47 -57.84 -55.96
N LYS O 167 4.60 -57.59 -55.30
CA LYS O 167 5.48 -58.65 -54.82
C LYS O 167 4.94 -59.40 -53.60
N VAL O 168 4.46 -58.67 -52.60
CA VAL O 168 3.95 -59.30 -51.39
C VAL O 168 2.45 -59.15 -51.12
N GLY O 169 1.71 -58.60 -52.06
CA GLY O 169 0.28 -58.39 -51.86
C GLY O 169 0.01 -57.04 -51.25
N LYS O 170 -1.19 -56.49 -51.39
CA LYS O 170 -1.44 -55.18 -50.81
C LYS O 170 -1.69 -55.21 -49.32
N GLU O 171 -1.61 -56.41 -48.75
CA GLU O 171 -1.78 -56.58 -47.32
C GLU O 171 -0.50 -57.18 -46.76
N GLY O 172 0.56 -57.13 -47.55
CA GLY O 172 1.85 -57.69 -47.13
C GLY O 172 2.77 -56.68 -46.48
N VAL O 173 3.77 -57.20 -45.76
CA VAL O 173 4.73 -56.35 -45.07
C VAL O 173 5.69 -55.65 -46.01
N ILE O 174 5.80 -54.34 -45.88
CA ILE O 174 6.71 -53.54 -46.71
C ILE O 174 7.48 -52.57 -45.83
N THR O 175 8.81 -52.54 -45.97
CA THR O 175 9.66 -51.65 -45.17
C THR O 175 10.51 -50.81 -46.10
N VAL O 176 10.96 -49.64 -45.63
CA VAL O 176 11.82 -48.78 -46.45
C VAL O 176 13.13 -48.54 -45.71
N GLU O 177 14.23 -48.49 -46.45
CA GLU O 177 15.56 -48.27 -45.86
C GLU O 177 16.38 -47.37 -46.75
N ASP O 178 17.44 -46.80 -46.18
CA ASP O 178 18.31 -45.95 -46.97
C ASP O 178 18.90 -46.83 -48.07
N GLY O 179 19.13 -46.26 -49.23
CA GLY O 179 19.67 -47.04 -50.32
C GLY O 179 21.19 -47.14 -50.30
N THR O 180 21.72 -47.94 -51.21
CA THR O 180 23.16 -48.13 -51.30
C THR O 180 23.74 -47.00 -52.13
N GLY O 181 22.87 -46.16 -52.69
CA GLY O 181 23.32 -45.03 -53.48
C GLY O 181 22.79 -44.93 -54.91
N LEU O 182 21.93 -43.94 -55.16
CA LEU O 182 21.34 -43.71 -56.47
C LEU O 182 20.66 -44.96 -57.02
N GLN O 183 19.42 -44.82 -57.45
CA GLN O 183 18.64 -45.93 -57.98
C GLN O 183 18.06 -46.77 -56.85
N ASP O 184 16.75 -46.94 -56.89
CA ASP O 184 16.05 -47.70 -55.87
C ASP O 184 16.29 -49.20 -56.05
N GLU O 185 15.93 -49.97 -55.03
CA GLU O 185 16.08 -51.42 -55.05
C GLU O 185 14.91 -52.03 -54.30
N LEU O 186 14.32 -53.06 -54.88
CA LEU O 186 13.19 -53.72 -54.23
C LEU O 186 13.54 -55.19 -54.03
N ASP O 187 13.55 -55.63 -52.79
CA ASP O 187 13.88 -57.02 -52.51
C ASP O 187 12.92 -57.65 -51.50
N VAL O 188 12.61 -58.93 -51.67
CA VAL O 188 11.72 -59.66 -50.75
C VAL O 188 12.57 -60.67 -49.98
N VAL O 189 12.56 -60.58 -48.66
CA VAL O 189 13.36 -61.46 -47.82
C VAL O 189 12.52 -62.18 -46.78
N GLU O 190 13.16 -63.09 -46.04
CA GLU O 190 12.44 -63.81 -45.00
C GLU O 190 12.26 -62.79 -43.89
N GLY O 191 11.02 -62.61 -43.45
CA GLY O 191 10.76 -61.66 -42.39
C GLY O 191 9.36 -61.82 -41.86
N MET O 192 9.01 -61.00 -40.89
CA MET O 192 7.68 -61.07 -40.29
C MET O 192 7.35 -59.80 -39.53
N GLN O 193 6.08 -59.65 -39.19
CA GLN O 193 5.64 -58.47 -38.45
C GLN O 193 4.45 -58.79 -37.55
N PHE O 194 4.55 -58.44 -36.28
CA PHE O 194 3.46 -58.68 -35.34
C PHE O 194 3.04 -57.42 -34.59
N ASP O 195 1.85 -57.46 -34.00
CA ASP O 195 1.32 -56.30 -33.26
C ASP O 195 1.77 -56.13 -31.82
N ARG O 196 3.02 -55.73 -31.64
CA ARG O 196 3.57 -55.49 -30.31
C ARG O 196 4.59 -54.39 -30.44
N GLY O 197 4.38 -53.30 -29.70
CA GLY O 197 5.31 -52.19 -29.76
C GLY O 197 6.38 -52.28 -28.69
N TYR O 198 7.28 -51.29 -28.67
CA TYR O 198 8.34 -51.27 -27.69
C TYR O 198 7.75 -51.25 -26.31
N LEU O 199 8.43 -51.87 -25.35
CA LEU O 199 7.96 -51.93 -23.97
C LEU O 199 8.19 -50.64 -23.22
N SER O 200 8.58 -49.60 -23.95
CA SER O 200 8.82 -48.29 -23.36
C SER O 200 9.59 -47.44 -24.34
N PRO O 201 9.38 -46.12 -24.31
CA PRO O 201 10.15 -45.34 -25.27
C PRO O 201 11.58 -45.45 -24.77
N TYR O 202 12.38 -44.40 -24.92
CA TYR O 202 13.77 -44.46 -24.47
C TYR O 202 14.53 -45.40 -25.40
N PHE O 203 13.91 -46.53 -25.73
CA PHE O 203 14.52 -47.48 -26.64
C PHE O 203 14.62 -46.77 -27.99
N ILE O 204 13.65 -45.90 -28.23
CA ILE O 204 13.57 -45.13 -29.46
C ILE O 204 14.91 -44.45 -29.76
N ASN O 205 15.49 -44.80 -30.91
CA ASN O 205 16.76 -44.22 -31.30
C ASN O 205 16.59 -43.44 -32.60
N LYS O 206 15.34 -43.27 -33.01
CA LYS O 206 14.98 -42.51 -34.21
C LYS O 206 13.71 -41.73 -33.89
N PRO O 207 13.83 -40.72 -33.02
CA PRO O 207 12.74 -39.84 -32.57
C PRO O 207 11.91 -39.22 -33.69
N GLU O 208 12.54 -38.97 -34.83
CA GLU O 208 11.84 -38.38 -35.97
C GLU O 208 10.61 -39.23 -36.29
N THR O 209 10.80 -40.54 -36.21
CA THR O 209 9.73 -41.49 -36.50
C THR O 209 9.20 -42.13 -35.23
N GLY O 210 9.81 -41.79 -34.09
CA GLY O 210 9.40 -42.38 -32.83
C GLY O 210 9.45 -43.89 -32.97
N ALA O 211 10.59 -44.37 -33.49
CA ALA O 211 10.79 -45.80 -33.72
C ALA O 211 12.14 -46.30 -33.20
N VAL O 212 12.21 -47.61 -32.99
CA VAL O 212 13.43 -48.24 -32.53
C VAL O 212 13.97 -48.98 -33.74
N GLU O 213 15.25 -48.77 -34.06
CA GLU O 213 15.85 -49.41 -35.22
C GLU O 213 17.19 -50.09 -34.89
N LEU O 214 17.18 -51.42 -34.92
CA LEU O 214 18.36 -52.21 -34.60
C LEU O 214 18.97 -52.84 -35.85
N GLU O 215 20.30 -52.80 -35.94
CA GLU O 215 21.02 -53.35 -37.09
C GLU O 215 21.81 -54.62 -36.77
N SER O 216 21.50 -55.71 -37.49
CA SER O 216 22.15 -57.00 -37.28
C SER O 216 22.00 -57.42 -35.82
N PRO O 217 20.76 -57.38 -35.29
CA PRO O 217 20.53 -57.74 -33.90
C PRO O 217 20.32 -59.22 -33.63
N PHE O 218 20.61 -59.61 -32.39
CA PHE O 218 20.41 -60.98 -31.96
C PHE O 218 18.96 -60.92 -31.49
N ILE O 219 18.34 -62.07 -31.31
CA ILE O 219 16.95 -62.07 -30.86
C ILE O 219 16.73 -63.13 -29.80
N LEU O 220 16.40 -62.69 -28.59
CA LEU O 220 16.15 -63.61 -27.48
C LEU O 220 14.66 -63.86 -27.33
N LEU O 221 14.27 -65.12 -27.49
CA LEU O 221 12.88 -65.52 -27.38
C LEU O 221 12.69 -66.26 -26.07
N ALA O 222 12.00 -65.62 -25.12
CA ALA O 222 11.78 -66.22 -23.81
C ALA O 222 10.30 -66.31 -23.49
N ASP O 223 9.79 -67.53 -23.40
CA ASP O 223 8.39 -67.76 -23.10
C ASP O 223 8.14 -67.63 -21.60
N LYS O 224 8.41 -66.44 -21.07
CA LYS O 224 8.20 -66.17 -19.65
C LYS O 224 8.31 -64.66 -19.38
N LYS O 225 8.01 -64.26 -18.14
CA LYS O 225 8.08 -62.86 -17.76
C LYS O 225 9.41 -62.64 -17.06
N ILE O 226 10.09 -61.55 -17.40
CA ILE O 226 11.38 -61.26 -16.80
C ILE O 226 11.34 -60.19 -15.70
N SER O 227 11.64 -60.60 -14.47
CA SER O 227 11.65 -59.71 -13.31
C SER O 227 13.06 -59.35 -12.86
N ASN O 228 13.85 -60.38 -12.57
CA ASN O 228 15.21 -60.20 -12.11
C ASN O 228 16.13 -60.12 -13.31
N ILE O 229 16.64 -58.94 -13.60
CA ILE O 229 17.52 -58.82 -14.74
C ILE O 229 18.82 -59.60 -14.59
N ARG O 230 19.00 -60.23 -13.43
CA ARG O 230 20.19 -61.02 -13.16
C ARG O 230 20.23 -62.19 -14.15
N GLU O 231 19.09 -62.83 -14.33
CA GLU O 231 18.96 -63.96 -15.26
C GLU O 231 19.62 -63.65 -16.59
N MET O 232 19.48 -62.41 -17.03
CA MET O 232 20.01 -61.95 -18.31
C MET O 232 21.51 -61.82 -18.39
N LEU O 233 22.11 -61.22 -17.37
CA LEU O 233 23.56 -60.97 -17.32
C LEU O 233 24.46 -61.88 -18.15
N PRO O 234 24.41 -63.20 -17.93
CA PRO O 234 25.29 -64.07 -18.73
C PRO O 234 25.10 -63.90 -20.23
N VAL O 235 23.84 -63.77 -20.67
CA VAL O 235 23.52 -63.59 -22.08
C VAL O 235 23.86 -62.17 -22.55
N LEU O 236 23.45 -61.19 -21.77
CA LEU O 236 23.73 -59.80 -22.11
C LEU O 236 25.23 -59.56 -22.25
N GLU O 237 26.03 -60.16 -21.38
CA GLU O 237 27.47 -59.99 -21.45
C GLU O 237 27.98 -60.56 -22.76
N ALA O 238 27.39 -61.67 -23.19
CA ALA O 238 27.76 -62.33 -24.42
C ALA O 238 27.44 -61.43 -25.60
N VAL O 239 26.27 -60.79 -25.54
CA VAL O 239 25.84 -59.87 -26.58
C VAL O 239 26.64 -58.59 -26.47
N ALA O 240 27.10 -58.27 -25.26
CA ALA O 240 27.91 -57.09 -25.00
C ALA O 240 29.10 -57.19 -25.92
N LYS O 241 29.84 -58.28 -25.80
CA LYS O 241 30.97 -58.51 -26.69
C LYS O 241 30.27 -58.75 -28.03
N ALA O 242 31.01 -58.95 -29.10
CA ALA O 242 30.37 -59.17 -30.39
C ALA O 242 29.79 -57.83 -30.88
N GLY O 243 29.55 -56.91 -29.94
CA GLY O 243 29.01 -55.60 -30.26
C GLY O 243 27.80 -55.58 -31.17
N LYS O 244 26.78 -56.34 -30.81
CA LYS O 244 25.55 -56.40 -31.60
C LYS O 244 24.36 -56.06 -30.71
N PRO O 245 23.33 -55.41 -31.28
CA PRO O 245 22.15 -55.04 -30.49
C PRO O 245 21.36 -56.29 -30.21
N LEU O 246 20.47 -56.21 -29.24
CA LEU O 246 19.64 -57.34 -28.85
C LEU O 246 18.19 -56.98 -28.68
N LEU O 247 17.35 -57.80 -29.29
CA LEU O 247 15.90 -57.63 -29.21
C LEU O 247 15.38 -58.71 -28.26
N ILE O 248 14.74 -58.28 -27.19
CA ILE O 248 14.19 -59.21 -26.23
C ILE O 248 12.72 -59.41 -26.53
N ILE O 249 12.32 -60.65 -26.79
CA ILE O 249 10.92 -60.95 -27.04
C ILE O 249 10.48 -61.89 -25.93
N ALA O 250 9.91 -61.33 -24.86
CA ALA O 250 9.45 -62.12 -23.74
C ALA O 250 7.97 -61.96 -23.49
N GLU O 251 7.43 -62.77 -22.58
CA GLU O 251 6.02 -62.68 -22.26
C GLU O 251 5.78 -61.29 -21.68
N ASP O 252 6.85 -60.72 -21.12
CA ASP O 252 6.84 -59.38 -20.55
C ASP O 252 8.15 -59.07 -19.81
N VAL O 253 8.51 -57.79 -19.76
CA VAL O 253 9.70 -57.35 -19.06
C VAL O 253 9.23 -56.32 -18.05
N GLU O 254 9.28 -56.68 -16.77
CA GLU O 254 8.83 -55.81 -15.69
C GLU O 254 9.69 -54.61 -15.35
N GLY O 255 9.03 -53.60 -14.79
CA GLY O 255 9.65 -52.35 -14.39
C GLY O 255 11.15 -52.24 -14.14
N GLU O 256 11.64 -52.82 -13.03
CA GLU O 256 13.06 -52.72 -12.70
C GLU O 256 13.97 -53.28 -13.76
N ALA O 257 13.67 -54.49 -14.22
CA ALA O 257 14.47 -55.11 -15.28
C ALA O 257 14.50 -54.20 -16.50
N LEU O 258 13.33 -53.71 -16.89
CA LEU O 258 13.21 -52.82 -18.03
C LEU O 258 14.06 -51.58 -17.78
N ALA O 259 13.96 -51.03 -16.57
CA ALA O 259 14.74 -49.85 -16.18
C ALA O 259 16.24 -50.07 -16.41
N THR O 260 16.72 -51.23 -15.98
CA THR O 260 18.13 -51.58 -16.13
C THR O 260 18.51 -51.58 -17.60
N LEU O 261 17.67 -52.19 -18.44
CA LEU O 261 17.96 -52.24 -19.87
C LEU O 261 18.11 -50.83 -20.45
N VAL O 262 17.14 -49.97 -20.19
CA VAL O 262 17.18 -48.60 -20.70
C VAL O 262 18.48 -47.90 -20.29
N VAL O 263 18.76 -47.89 -19.00
CA VAL O 263 19.95 -47.25 -18.46
C VAL O 263 21.23 -47.73 -19.15
N ASN O 264 21.50 -49.02 -19.05
CA ASN O 264 22.70 -49.61 -19.64
C ASN O 264 22.90 -49.43 -21.14
N THR O 265 21.84 -49.53 -21.93
CA THR O 265 21.99 -49.35 -23.37
C THR O 265 22.24 -47.88 -23.63
N MET O 266 21.78 -47.05 -22.70
CA MET O 266 21.92 -45.61 -22.79
C MET O 266 23.33 -45.16 -22.40
N ARG O 267 24.10 -46.06 -21.80
CA ARG O 267 25.47 -45.76 -21.38
C ARG O 267 26.45 -46.33 -22.41
N GLY O 268 25.92 -46.90 -23.48
CA GLY O 268 26.80 -47.45 -24.51
C GLY O 268 27.11 -48.94 -24.37
N ILE O 269 26.96 -49.48 -23.16
CA ILE O 269 27.21 -50.89 -22.90
C ILE O 269 25.98 -51.71 -23.25
N VAL O 270 26.05 -52.47 -24.33
CA VAL O 270 24.93 -53.31 -24.73
C VAL O 270 23.67 -52.55 -25.14
N LYS O 271 23.27 -52.71 -26.40
CA LYS O 271 22.07 -52.08 -26.93
C LYS O 271 20.95 -53.11 -26.88
N VAL O 272 19.90 -52.80 -26.14
CA VAL O 272 18.78 -53.72 -25.99
C VAL O 272 17.47 -53.01 -26.27
N ALA O 273 16.43 -53.81 -26.52
CA ALA O 273 15.10 -53.31 -26.78
C ALA O 273 14.21 -54.53 -26.54
N ALA O 274 13.10 -54.34 -25.85
CA ALA O 274 12.22 -55.46 -25.55
C ALA O 274 10.79 -55.18 -25.93
N VAL O 275 10.07 -56.23 -26.27
CA VAL O 275 8.66 -56.14 -26.65
C VAL O 275 7.97 -57.43 -26.22
N LYS O 276 6.66 -57.36 -25.98
CA LYS O 276 5.91 -58.54 -25.54
C LYS O 276 5.79 -59.55 -26.68
N ALA O 277 5.64 -60.82 -26.33
CA ALA O 277 5.49 -61.85 -27.34
C ALA O 277 4.13 -61.62 -27.98
N PRO O 278 4.00 -61.94 -29.27
CA PRO O 278 2.74 -61.76 -29.98
C PRO O 278 1.65 -62.69 -29.49
N GLY O 279 0.41 -62.21 -29.53
CA GLY O 279 -0.75 -63.00 -29.12
C GLY O 279 -0.75 -63.39 -27.65
N PHE O 280 -1.69 -64.25 -27.28
CA PHE O 280 -1.80 -64.73 -25.91
C PHE O 280 -2.24 -66.19 -25.93
N GLY O 281 -2.31 -66.79 -24.74
CA GLY O 281 -2.70 -68.18 -24.61
C GLY O 281 -1.78 -69.19 -25.29
N ASP O 282 -2.37 -70.08 -26.09
CA ASP O 282 -1.61 -71.10 -26.79
C ASP O 282 -1.05 -70.61 -28.12
N ARG O 283 -1.82 -69.81 -28.84
CA ARG O 283 -1.36 -69.29 -30.12
C ARG O 283 -0.14 -68.39 -29.91
N ARG O 284 0.19 -68.13 -28.65
CA ARG O 284 1.35 -67.32 -28.31
C ARG O 284 2.60 -68.19 -28.35
N LYS O 285 2.53 -69.34 -27.69
CA LYS O 285 3.63 -70.27 -27.66
C LYS O 285 3.97 -70.69 -29.08
N ALA O 286 2.95 -70.86 -29.92
CA ALA O 286 3.17 -71.25 -31.32
C ALA O 286 3.88 -70.14 -32.09
N MET O 287 3.34 -68.94 -32.02
CA MET O 287 3.93 -67.81 -32.72
C MET O 287 5.36 -67.55 -32.29
N LEU O 288 5.61 -67.70 -30.99
CA LEU O 288 6.96 -67.46 -30.45
C LEU O 288 7.94 -68.39 -31.15
N GLN O 289 7.47 -69.60 -31.45
CA GLN O 289 8.30 -70.58 -32.12
C GLN O 289 8.52 -70.18 -33.57
N ASP O 290 7.46 -69.72 -34.24
CA ASP O 290 7.59 -69.31 -35.63
C ASP O 290 8.76 -68.32 -35.75
N ILE O 291 8.78 -67.34 -34.87
CA ILE O 291 9.83 -66.33 -34.87
C ILE O 291 11.18 -66.98 -34.68
N ALA O 292 11.21 -68.00 -33.84
CA ALA O 292 12.45 -68.73 -33.58
C ALA O 292 12.95 -69.36 -34.87
N THR O 293 12.09 -70.14 -35.52
CA THR O 293 12.44 -70.79 -36.78
C THR O 293 12.83 -69.79 -37.87
N LEU O 294 12.10 -68.68 -37.92
CA LEU O 294 12.32 -67.65 -38.92
C LEU O 294 13.66 -66.97 -38.71
N THR O 295 14.07 -66.82 -37.45
CA THR O 295 15.33 -66.15 -37.14
C THR O 295 16.46 -67.10 -36.75
N GLY O 296 16.18 -68.41 -36.81
CA GLY O 296 17.17 -69.41 -36.45
C GLY O 296 17.51 -69.38 -34.97
N GLY O 297 16.54 -69.04 -34.14
CA GLY O 297 16.78 -68.99 -32.72
C GLY O 297 16.06 -70.10 -31.98
N THR O 298 16.34 -70.22 -30.70
CA THR O 298 15.73 -71.25 -29.87
C THR O 298 14.88 -70.60 -28.78
N VAL O 299 13.62 -70.98 -28.71
CA VAL O 299 12.73 -70.44 -27.70
C VAL O 299 13.15 -70.97 -26.34
N ILE O 300 13.21 -70.11 -25.35
CA ILE O 300 13.62 -70.51 -24.01
C ILE O 300 12.42 -70.49 -23.06
N SER O 301 11.83 -71.65 -22.86
CA SER O 301 10.67 -71.79 -21.98
C SER O 301 10.99 -72.56 -20.69
N GLU O 302 10.40 -72.12 -19.59
CA GLU O 302 10.59 -72.76 -18.29
C GLU O 302 9.95 -74.13 -18.25
N GLU O 303 8.84 -74.29 -18.98
CA GLU O 303 8.12 -75.54 -19.02
C GLU O 303 9.07 -76.71 -19.31
N ILE O 304 9.81 -76.61 -20.40
CA ILE O 304 10.76 -77.66 -20.78
C ILE O 304 11.92 -77.71 -19.79
N GLY O 305 11.97 -76.71 -18.91
CA GLY O 305 13.01 -76.67 -17.89
C GLY O 305 14.28 -75.93 -18.29
N MET O 306 14.17 -75.04 -19.26
CA MET O 306 15.32 -74.26 -19.72
C MET O 306 15.48 -73.03 -18.85
N GLU O 307 16.72 -72.56 -18.75
CA GLU O 307 17.02 -71.38 -17.93
C GLU O 307 17.73 -70.33 -18.77
N LEU O 308 17.46 -69.06 -18.46
CA LEU O 308 18.07 -67.96 -19.17
C LEU O 308 19.57 -67.85 -18.89
N GLU O 309 19.98 -68.14 -17.66
CA GLU O 309 21.38 -68.05 -17.28
C GLU O 309 22.23 -68.96 -18.15
N LYS O 310 21.65 -70.09 -18.57
CA LYS O 310 22.38 -71.05 -19.39
C LYS O 310 22.18 -70.84 -20.89
N ALA O 311 21.68 -69.67 -21.29
CA ALA O 311 21.46 -69.39 -22.70
C ALA O 311 22.69 -68.74 -23.32
N THR O 312 23.13 -69.29 -24.45
CA THR O 312 24.30 -68.76 -25.16
C THR O 312 23.88 -68.07 -26.45
N LEU O 313 24.81 -67.33 -27.06
CA LEU O 313 24.54 -66.62 -28.30
C LEU O 313 23.96 -67.55 -29.35
N GLU O 314 24.32 -68.83 -29.28
CA GLU O 314 23.83 -69.81 -30.23
C GLU O 314 22.33 -70.06 -30.11
N ASP O 315 21.77 -69.73 -28.94
CA ASP O 315 20.34 -69.92 -28.71
C ASP O 315 19.56 -68.75 -29.27
N LEU O 316 20.25 -67.62 -29.43
CA LEU O 316 19.65 -66.40 -29.95
C LEU O 316 19.41 -66.43 -31.45
N GLY O 317 18.29 -65.84 -31.86
CA GLY O 317 17.95 -65.78 -33.27
C GLY O 317 18.79 -64.70 -33.89
N GLN O 318 18.49 -64.33 -35.13
CA GLN O 318 19.28 -63.31 -35.78
C GLN O 318 18.57 -62.80 -37.03
N ALA O 319 18.71 -61.51 -37.29
CA ALA O 319 18.10 -60.88 -38.46
C ALA O 319 18.93 -59.66 -38.84
N LYS O 320 18.82 -59.20 -40.08
CA LYS O 320 19.59 -58.04 -40.51
C LYS O 320 19.08 -56.71 -39.98
N ARG O 321 17.81 -56.67 -39.63
CA ARG O 321 17.24 -55.42 -39.14
C ARG O 321 15.85 -55.63 -38.54
N VAL O 322 15.58 -54.95 -37.42
CA VAL O 322 14.28 -55.02 -36.78
C VAL O 322 13.84 -53.58 -36.55
N VAL O 323 12.55 -53.33 -36.71
CA VAL O 323 12.02 -51.99 -36.51
C VAL O 323 10.83 -52.06 -35.54
N ILE O 324 10.93 -51.33 -34.44
CA ILE O 324 9.88 -51.32 -33.45
C ILE O 324 9.13 -50.00 -33.39
N ASN O 325 7.80 -50.10 -33.37
CA ASN O 325 6.89 -48.98 -33.34
C ASN O 325 6.27 -48.75 -31.98
N LYS O 326 5.35 -47.79 -31.94
CA LYS O 326 4.61 -47.47 -30.74
C LYS O 326 3.76 -48.71 -30.43
N ASP O 327 3.49 -49.51 -31.46
CA ASP O 327 2.71 -50.73 -31.30
C ASP O 327 2.87 -51.77 -32.41
N THR O 328 4.08 -51.86 -32.96
CA THR O 328 4.37 -52.83 -34.01
C THR O 328 5.85 -53.22 -34.03
N THR O 329 6.11 -54.48 -34.36
CA THR O 329 7.48 -54.97 -34.43
C THR O 329 7.63 -55.75 -35.72
N THR O 330 8.64 -55.39 -36.51
CA THR O 330 8.85 -56.08 -37.77
C THR O 330 10.31 -56.55 -37.92
N ILE O 331 10.46 -57.86 -38.13
CA ILE O 331 11.75 -58.51 -38.30
C ILE O 331 12.09 -58.65 -39.78
N ILE O 332 13.22 -58.07 -40.19
CA ILE O 332 13.64 -58.08 -41.59
C ILE O 332 14.86 -58.93 -41.90
N ASP O 333 14.70 -59.88 -42.80
CA ASP O 333 15.76 -60.79 -43.23
C ASP O 333 16.26 -61.72 -42.12
N GLY O 334 15.44 -62.70 -41.76
CA GLY O 334 15.80 -63.64 -40.71
C GLY O 334 16.82 -64.64 -41.21
N VAL O 335 17.72 -65.04 -40.32
CA VAL O 335 18.78 -65.99 -40.65
C VAL O 335 18.28 -67.43 -40.79
N GLY O 336 17.16 -67.73 -40.15
CA GLY O 336 16.61 -69.07 -40.22
C GLY O 336 16.79 -69.74 -41.56
N GLU O 337 17.16 -71.02 -41.54
CA GLU O 337 17.36 -71.77 -42.76
C GLU O 337 16.05 -71.97 -43.51
N GLU O 338 16.09 -71.79 -44.82
CA GLU O 338 14.89 -71.94 -45.63
C GLU O 338 14.31 -73.34 -45.49
N ALA O 339 15.19 -74.30 -45.22
CA ALA O 339 14.75 -75.68 -45.06
C ALA O 339 13.82 -75.77 -43.85
N ALA O 340 14.28 -75.20 -42.74
CA ALA O 340 13.51 -75.21 -41.50
C ALA O 340 12.26 -74.34 -41.60
N ILE O 341 12.41 -73.15 -42.19
CA ILE O 341 11.28 -72.25 -42.33
C ILE O 341 10.20 -72.88 -43.21
N GLN O 342 10.60 -73.25 -44.42
CA GLN O 342 9.68 -73.86 -45.36
C GLN O 342 9.03 -75.12 -44.80
N GLY O 343 9.81 -75.88 -44.02
CA GLY O 343 9.27 -77.09 -43.43
C GLY O 343 8.22 -76.74 -42.40
N ARG O 344 8.50 -75.69 -41.63
CA ARG O 344 7.59 -75.19 -40.60
C ARG O 344 6.25 -74.84 -41.22
N VAL O 345 6.30 -74.19 -42.38
CA VAL O 345 5.09 -73.79 -43.09
C VAL O 345 4.27 -75.03 -43.44
N ALA O 346 4.97 -76.09 -43.83
CA ALA O 346 4.30 -77.34 -44.18
C ALA O 346 3.47 -77.84 -43.01
N GLN O 347 4.09 -77.86 -41.83
CA GLN O 347 3.41 -78.32 -40.61
C GLN O 347 2.13 -77.55 -40.31
N ILE O 348 2.18 -76.24 -40.49
CA ILE O 348 1.02 -75.39 -40.22
C ILE O 348 -0.08 -75.60 -41.25
N ARG O 349 0.30 -75.91 -42.49
CA ARG O 349 -0.67 -76.15 -43.55
C ARG O 349 -1.45 -77.46 -43.37
N GLN O 350 -0.87 -78.41 -42.64
CA GLN O 350 -1.56 -79.66 -42.36
C GLN O 350 -2.50 -79.38 -41.21
N GLN O 351 -2.07 -78.49 -40.32
CA GLN O 351 -2.88 -78.09 -39.18
C GLN O 351 -4.20 -77.60 -39.75
N ILE O 352 -4.09 -76.81 -40.81
CA ILE O 352 -5.25 -76.24 -41.48
C ILE O 352 -6.16 -77.33 -42.03
N GLU O 353 -5.57 -78.47 -42.37
CA GLU O 353 -6.32 -79.61 -42.90
C GLU O 353 -7.06 -80.25 -41.74
N GLU O 354 -6.31 -80.64 -40.73
CA GLU O 354 -6.84 -81.27 -39.55
C GLU O 354 -7.68 -80.29 -38.74
N ALA O 355 -7.83 -79.09 -39.26
CA ALA O 355 -8.62 -78.05 -38.60
C ALA O 355 -10.11 -78.42 -38.51
N THR O 356 -10.62 -78.48 -37.29
CA THR O 356 -12.03 -78.82 -37.06
C THR O 356 -12.82 -77.56 -36.69
N SER O 357 -12.40 -76.42 -37.24
CA SER O 357 -13.05 -75.15 -36.95
C SER O 357 -12.63 -74.09 -37.95
N ASP O 358 -13.45 -73.05 -38.10
CA ASP O 358 -13.13 -71.96 -39.02
C ASP O 358 -12.19 -70.98 -38.34
N TYR O 359 -12.43 -70.71 -37.06
CA TYR O 359 -11.58 -69.81 -36.28
C TYR O 359 -10.16 -70.37 -36.28
N ASP O 360 -10.00 -71.56 -35.72
CA ASP O 360 -8.70 -72.22 -35.64
C ASP O 360 -8.03 -72.25 -37.00
N ARG O 361 -8.86 -72.26 -38.05
CA ARG O 361 -8.38 -72.29 -39.42
C ARG O 361 -7.85 -70.91 -39.83
N GLU O 362 -8.61 -69.87 -39.51
CA GLU O 362 -8.22 -68.51 -39.84
C GLU O 362 -6.91 -68.14 -39.14
N LYS O 363 -6.76 -68.57 -37.90
CA LYS O 363 -5.56 -68.28 -37.11
C LYS O 363 -4.32 -68.96 -37.68
N LEU O 364 -4.49 -70.17 -38.21
CA LEU O 364 -3.38 -70.91 -38.79
C LEU O 364 -2.95 -70.29 -40.11
N GLN O 365 -3.92 -69.82 -40.89
CA GLN O 365 -3.62 -69.19 -42.17
C GLN O 365 -2.83 -67.91 -41.91
N GLU O 366 -3.21 -67.17 -40.88
CA GLU O 366 -2.52 -65.93 -40.53
C GLU O 366 -1.04 -66.20 -40.31
N ARG O 367 -0.75 -67.28 -39.59
CA ARG O 367 0.63 -67.63 -39.29
C ARG O 367 1.46 -67.99 -40.51
N VAL O 368 0.91 -68.80 -41.41
CA VAL O 368 1.66 -69.17 -42.60
C VAL O 368 1.87 -67.97 -43.47
N ALA O 369 0.86 -67.11 -43.57
CA ALA O 369 0.97 -65.91 -44.39
C ALA O 369 2.17 -65.08 -43.93
N LYS O 370 2.36 -64.99 -42.63
CA LYS O 370 3.48 -64.24 -42.09
C LYS O 370 4.78 -64.95 -42.43
N LEU O 371 4.86 -66.22 -42.06
CA LEU O 371 6.05 -67.02 -42.28
C LEU O 371 6.41 -67.21 -43.77
N ALA O 372 5.40 -67.52 -44.58
CA ALA O 372 5.61 -67.74 -46.01
C ALA O 372 5.67 -66.45 -46.84
N GLY O 373 4.86 -65.47 -46.46
CA GLY O 373 4.81 -64.21 -47.19
C GLY O 373 6.07 -63.38 -47.25
N GLY O 374 6.89 -63.44 -46.21
CA GLY O 374 8.11 -62.65 -46.25
C GLY O 374 7.85 -61.18 -46.06
N VAL O 375 8.86 -60.38 -46.42
CA VAL O 375 8.80 -58.93 -46.30
C VAL O 375 9.46 -58.19 -47.49
N ALA O 376 8.72 -57.26 -48.09
CA ALA O 376 9.23 -56.49 -49.22
C ALA O 376 10.06 -55.31 -48.71
N VAL O 377 11.30 -55.18 -49.17
CA VAL O 377 12.21 -54.10 -48.74
C VAL O 377 12.52 -53.11 -49.84
N ILE O 378 12.07 -51.87 -49.65
CA ILE O 378 12.31 -50.80 -50.62
C ILE O 378 13.51 -50.00 -50.16
N LYS O 379 14.55 -49.95 -50.98
CA LYS O 379 15.76 -49.20 -50.67
C LYS O 379 15.75 -47.94 -51.49
N VAL O 380 15.39 -46.83 -50.86
CA VAL O 380 15.31 -45.54 -51.53
C VAL O 380 16.56 -45.11 -52.29
N GLY O 381 16.35 -44.60 -53.50
CA GLY O 381 17.43 -44.12 -54.35
C GLY O 381 18.31 -43.11 -53.66
N ALA O 382 19.09 -42.33 -54.39
CA ALA O 382 19.97 -41.39 -53.71
C ALA O 382 20.49 -40.16 -54.42
N ALA O 383 21.81 -40.03 -54.45
CA ALA O 383 22.52 -38.89 -55.03
C ALA O 383 22.47 -37.82 -53.94
N THR O 384 23.40 -37.93 -52.99
CA THR O 384 23.56 -37.06 -51.82
C THR O 384 22.72 -37.58 -50.66
N GLU O 385 23.38 -37.74 -49.51
CA GLU O 385 22.73 -38.24 -48.31
C GLU O 385 21.49 -37.46 -47.91
N VAL O 386 21.46 -36.17 -48.24
CA VAL O 386 20.31 -35.34 -47.88
C VAL O 386 19.06 -35.69 -48.68
N GLU O 387 19.16 -35.67 -50.01
CA GLU O 387 18.02 -35.99 -50.86
C GLU O 387 17.51 -37.39 -50.56
N MET O 388 18.45 -38.30 -50.30
CA MET O 388 18.12 -39.69 -50.02
C MET O 388 17.23 -39.80 -48.78
N LYS O 389 17.57 -39.05 -47.72
CA LYS O 389 16.79 -39.08 -46.48
C LYS O 389 15.43 -38.42 -46.68
N GLU O 390 15.38 -37.40 -47.54
CA GLU O 390 14.14 -36.68 -47.83
C GLU O 390 13.16 -37.51 -48.67
N LYS O 391 13.70 -38.25 -49.63
CA LYS O 391 12.87 -39.09 -50.48
C LYS O 391 12.33 -40.25 -49.66
N LYS O 392 13.20 -40.80 -48.81
CA LYS O 392 12.84 -41.91 -47.95
C LYS O 392 11.61 -41.55 -47.12
N ALA O 393 11.50 -40.28 -46.74
CA ALA O 393 10.39 -39.79 -45.95
C ALA O 393 9.11 -39.79 -46.79
N ARG O 394 9.19 -39.22 -47.99
CA ARG O 394 8.03 -39.17 -48.88
C ARG O 394 7.53 -40.57 -49.21
N VAL O 395 8.46 -41.50 -49.37
CA VAL O 395 8.10 -42.88 -49.66
C VAL O 395 7.36 -43.49 -48.48
N GLU O 396 7.88 -43.29 -47.28
CA GLU O 396 7.26 -43.82 -46.08
C GLU O 396 5.85 -43.31 -45.92
N ASP O 397 5.63 -42.02 -46.17
CA ASP O 397 4.29 -41.47 -46.07
C ASP O 397 3.41 -42.02 -47.17
N ALA O 398 3.89 -41.88 -48.40
CA ALA O 398 3.14 -42.38 -49.55
C ALA O 398 2.69 -43.82 -49.28
N LEU O 399 3.55 -44.59 -48.61
CA LEU O 399 3.24 -45.98 -48.34
C LEU O 399 2.02 -46.08 -47.43
N HIS O 400 2.04 -45.36 -46.31
CA HIS O 400 0.92 -45.37 -45.37
C HIS O 400 -0.38 -44.94 -46.04
N ALA O 401 -0.30 -43.93 -46.88
CA ALA O 401 -1.45 -43.41 -47.57
C ALA O 401 -2.02 -44.45 -48.53
N THR O 402 -1.13 -45.09 -49.29
CA THR O 402 -1.55 -46.09 -50.26
C THR O 402 -2.13 -47.31 -49.56
N ARG O 403 -1.54 -47.69 -48.43
CA ARG O 403 -2.01 -48.83 -47.67
C ARG O 403 -3.45 -48.60 -47.25
N ALA O 404 -3.73 -47.41 -46.76
CA ALA O 404 -5.06 -47.05 -46.32
C ALA O 404 -6.02 -46.96 -47.51
N ALA O 405 -5.55 -46.40 -48.61
CA ALA O 405 -6.38 -46.28 -49.81
C ALA O 405 -6.80 -47.64 -50.33
N VAL O 406 -5.91 -48.61 -50.19
CA VAL O 406 -6.17 -49.97 -50.63
C VAL O 406 -7.21 -50.65 -49.75
N GLU O 407 -7.30 -50.23 -48.50
CA GLU O 407 -8.24 -50.83 -47.56
C GLU O 407 -9.67 -50.32 -47.67
N GLU O 408 -9.84 -49.03 -47.90
CA GLU O 408 -11.18 -48.46 -47.97
C GLU O 408 -11.41 -47.48 -49.11
N GLY O 409 -10.46 -47.41 -50.04
CA GLY O 409 -10.62 -46.50 -51.14
C GLY O 409 -10.26 -45.07 -50.84
N VAL O 410 -10.65 -44.17 -51.72
CA VAL O 410 -10.36 -42.75 -51.55
C VAL O 410 -11.59 -41.87 -51.78
N VAL O 411 -11.52 -40.65 -51.27
CA VAL O 411 -12.60 -39.69 -51.39
C VAL O 411 -12.00 -38.32 -51.63
N ALA O 412 -12.86 -37.39 -52.04
CA ALA O 412 -12.40 -36.04 -52.34
C ALA O 412 -11.79 -35.33 -51.14
N GLY O 413 -10.50 -35.01 -51.25
CA GLY O 413 -9.81 -34.32 -50.16
C GLY O 413 -10.12 -32.84 -50.06
N GLY O 414 -9.18 -32.08 -49.49
CA GLY O 414 -9.39 -30.65 -49.34
C GLY O 414 -10.59 -30.38 -48.45
N GLY O 415 -11.01 -31.41 -47.72
CA GLY O 415 -12.15 -31.26 -46.84
C GLY O 415 -13.50 -31.30 -47.53
N VAL O 416 -13.55 -31.56 -48.83
CA VAL O 416 -14.83 -31.55 -49.49
C VAL O 416 -15.64 -32.82 -49.30
N ALA O 417 -14.98 -33.94 -49.08
CA ALA O 417 -15.74 -35.18 -48.86
C ALA O 417 -16.64 -34.99 -47.65
N LEU O 418 -16.08 -34.47 -46.56
CA LEU O 418 -16.84 -34.26 -45.34
C LEU O 418 -18.01 -33.30 -45.52
N ILE O 419 -17.76 -32.17 -46.18
CA ILE O 419 -18.82 -31.20 -46.39
C ILE O 419 -19.88 -31.76 -47.35
N ARG O 420 -19.44 -32.56 -48.32
CA ARG O 420 -20.36 -33.17 -49.28
C ARG O 420 -21.27 -34.16 -48.57
N VAL O 421 -20.66 -35.01 -47.77
CA VAL O 421 -21.39 -36.02 -47.03
C VAL O 421 -22.43 -35.38 -46.11
N ALA O 422 -22.08 -34.28 -45.47
CA ALA O 422 -23.03 -33.62 -44.58
C ALA O 422 -24.19 -33.00 -45.37
N SER O 423 -23.91 -32.44 -46.53
CA SER O 423 -24.97 -31.83 -47.33
C SER O 423 -26.08 -32.82 -47.67
N LYS O 424 -25.78 -34.12 -47.61
CA LYS O 424 -26.80 -35.12 -47.92
C LYS O 424 -27.63 -35.54 -46.71
N LEU O 425 -27.18 -35.22 -45.51
CA LEU O 425 -27.89 -35.61 -44.32
C LEU O 425 -28.79 -34.52 -43.77
N ALA O 426 -29.19 -33.59 -44.62
CA ALA O 426 -30.04 -32.48 -44.21
C ALA O 426 -31.38 -32.88 -43.57
N ASP O 427 -31.85 -34.10 -43.85
CA ASP O 427 -33.12 -34.53 -43.28
C ASP O 427 -32.97 -35.50 -42.14
N LEU O 428 -31.74 -35.86 -41.79
CA LEU O 428 -31.54 -36.79 -40.69
C LEU O 428 -32.18 -36.25 -39.39
N ARG O 429 -32.94 -37.09 -38.71
CA ARG O 429 -33.60 -36.66 -37.47
C ARG O 429 -33.44 -37.68 -36.35
N GLY O 430 -33.66 -37.21 -35.13
CA GLY O 430 -33.54 -38.08 -33.98
C GLY O 430 -34.86 -38.37 -33.33
N GLN O 431 -34.84 -38.66 -32.04
CA GLN O 431 -36.06 -38.98 -31.31
C GLN O 431 -36.70 -37.76 -30.65
N ASN O 432 -35.91 -36.70 -30.46
CA ASN O 432 -36.45 -35.46 -29.88
C ASN O 432 -35.68 -34.27 -30.42
N GLU O 433 -36.10 -33.06 -30.06
CA GLU O 433 -35.44 -31.87 -30.55
C GLU O 433 -33.98 -31.74 -30.15
N ASP O 434 -33.63 -32.15 -28.93
CA ASP O 434 -32.25 -32.06 -28.49
C ASP O 434 -31.39 -32.91 -29.43
N GLN O 435 -31.85 -34.12 -29.71
CA GLN O 435 -31.13 -35.00 -30.62
C GLN O 435 -31.00 -34.39 -32.01
N ASN O 436 -32.02 -33.64 -32.43
CA ASN O 436 -31.97 -33.00 -33.74
C ASN O 436 -30.87 -31.96 -33.74
N VAL O 437 -30.76 -31.20 -32.64
CA VAL O 437 -29.72 -30.18 -32.51
C VAL O 437 -28.36 -30.84 -32.61
N GLY O 438 -28.25 -31.98 -31.93
CA GLY O 438 -26.99 -32.72 -31.96
C GLY O 438 -26.62 -33.04 -33.39
N ILE O 439 -27.57 -33.55 -34.16
CA ILE O 439 -27.31 -33.87 -35.55
C ILE O 439 -26.84 -32.65 -36.34
N LYS O 440 -27.49 -31.51 -36.12
CA LYS O 440 -27.10 -30.29 -36.83
C LYS O 440 -25.72 -29.80 -36.38
N VAL O 441 -25.40 -30.03 -35.12
CA VAL O 441 -24.12 -29.63 -34.58
C VAL O 441 -23.02 -30.38 -35.33
N ALA O 442 -23.22 -31.68 -35.50
CA ALA O 442 -22.24 -32.51 -36.20
C ALA O 442 -22.11 -32.15 -37.66
N LEU O 443 -23.24 -32.04 -38.34
CA LEU O 443 -23.20 -31.71 -39.76
C LEU O 443 -22.53 -30.37 -39.99
N ARG O 444 -22.78 -29.42 -39.09
CA ARG O 444 -22.21 -28.09 -39.21
C ARG O 444 -20.70 -28.20 -39.03
N ALA O 445 -20.28 -29.01 -38.08
CA ALA O 445 -18.87 -29.19 -37.80
C ALA O 445 -18.10 -29.77 -38.99
N MET O 446 -18.75 -30.65 -39.74
CA MET O 446 -18.11 -31.31 -40.87
C MET O 446 -17.66 -30.31 -41.91
N GLU O 447 -17.96 -29.04 -41.69
CA GLU O 447 -17.56 -28.00 -42.63
C GLU O 447 -16.30 -27.33 -42.17
N ALA O 448 -15.93 -27.56 -40.93
CA ALA O 448 -14.75 -26.93 -40.35
C ALA O 448 -13.48 -27.09 -41.16
N PRO O 449 -13.13 -28.34 -41.55
CA PRO O 449 -11.91 -28.52 -42.33
C PRO O 449 -11.83 -27.68 -43.60
N LEU O 450 -12.83 -27.78 -44.46
CA LEU O 450 -12.83 -27.00 -45.69
C LEU O 450 -12.72 -25.52 -45.36
N ARG O 451 -13.65 -25.02 -44.53
CA ARG O 451 -13.67 -23.62 -44.13
C ARG O 451 -12.30 -23.13 -43.64
N GLN O 452 -11.62 -23.95 -42.83
CA GLN O 452 -10.32 -23.57 -42.31
C GLN O 452 -9.31 -23.49 -43.43
N ILE O 453 -9.32 -24.48 -44.32
CA ILE O 453 -8.42 -24.51 -45.46
C ILE O 453 -8.62 -23.23 -46.28
N VAL O 454 -9.88 -22.88 -46.52
CA VAL O 454 -10.18 -21.68 -47.28
C VAL O 454 -9.70 -20.42 -46.58
N LEU O 455 -9.90 -20.37 -45.26
CA LEU O 455 -9.47 -19.21 -44.48
C LEU O 455 -7.95 -19.03 -44.55
N ASN O 456 -7.22 -20.13 -44.54
CA ASN O 456 -5.77 -20.03 -44.64
C ASN O 456 -5.35 -19.46 -46.00
N CYS O 457 -6.18 -19.68 -47.02
CA CYS O 457 -5.89 -19.18 -48.36
C CYS O 457 -6.19 -17.70 -48.47
N GLY O 458 -6.87 -17.15 -47.47
CA GLY O 458 -7.22 -15.75 -47.51
C GLY O 458 -8.50 -15.53 -48.28
N GLU O 459 -9.33 -16.57 -48.40
CA GLU O 459 -10.60 -16.50 -49.10
C GLU O 459 -11.78 -16.49 -48.12
N GLU O 460 -13.01 -16.42 -48.64
CA GLU O 460 -14.19 -16.40 -47.77
C GLU O 460 -14.85 -17.78 -47.65
N PRO O 461 -14.67 -18.42 -46.50
CA PRO O 461 -15.23 -19.74 -46.21
C PRO O 461 -16.70 -19.89 -46.57
N SER O 462 -17.52 -18.95 -46.10
CA SER O 462 -18.95 -19.00 -46.34
C SER O 462 -19.24 -19.19 -47.82
N VAL O 463 -18.53 -18.46 -48.67
CA VAL O 463 -18.75 -18.55 -50.10
C VAL O 463 -18.28 -19.86 -50.70
N VAL O 464 -17.04 -20.25 -50.41
CA VAL O 464 -16.52 -21.51 -50.96
C VAL O 464 -17.33 -22.70 -50.45
N ALA O 465 -17.67 -22.67 -49.17
CA ALA O 465 -18.48 -23.75 -48.58
C ALA O 465 -19.84 -23.82 -49.27
N ASN O 466 -20.39 -22.63 -49.51
CA ASN O 466 -21.70 -22.48 -50.13
C ASN O 466 -21.66 -23.06 -51.53
N THR O 467 -20.60 -22.77 -52.26
CA THR O 467 -20.45 -23.27 -53.63
C THR O 467 -20.21 -24.77 -53.70
N VAL O 468 -19.35 -25.28 -52.85
CA VAL O 468 -19.07 -26.71 -52.84
C VAL O 468 -20.34 -27.48 -52.48
N LYS O 469 -21.09 -26.97 -51.54
CA LYS O 469 -22.32 -27.63 -51.14
C LYS O 469 -23.33 -27.61 -52.26
N GLY O 470 -23.30 -26.55 -53.06
CA GLY O 470 -24.21 -26.39 -54.18
C GLY O 470 -24.10 -27.47 -55.24
N GLY O 471 -22.88 -27.97 -55.46
CA GLY O 471 -22.67 -29.00 -56.45
C GLY O 471 -22.86 -30.37 -55.82
N ASP O 472 -22.32 -31.40 -56.44
CA ASP O 472 -22.45 -32.76 -55.92
C ASP O 472 -21.32 -33.67 -56.36
N GLY O 473 -21.36 -34.93 -55.93
CA GLY O 473 -20.32 -35.87 -56.27
C GLY O 473 -19.02 -35.42 -55.64
N ASN O 474 -17.93 -35.48 -56.39
CA ASN O 474 -16.65 -35.07 -55.85
C ASN O 474 -16.25 -33.70 -56.38
N TYR O 475 -17.27 -32.86 -56.56
CA TYR O 475 -17.06 -31.49 -57.01
C TYR O 475 -16.62 -30.70 -55.79
N GLY O 476 -15.48 -30.04 -55.87
CA GLY O 476 -15.01 -29.29 -54.72
C GLY O 476 -14.15 -28.10 -55.06
N TYR O 477 -13.43 -27.60 -54.05
CA TYR O 477 -12.57 -26.45 -54.23
C TYR O 477 -11.11 -26.82 -54.04
N ASN O 478 -10.34 -26.68 -55.11
CA ASN O 478 -8.91 -26.99 -55.09
C ASN O 478 -8.25 -25.79 -54.46
N ALA O 479 -7.88 -25.92 -53.19
CA ALA O 479 -7.25 -24.82 -52.47
C ALA O 479 -5.92 -24.40 -53.08
N ALA O 480 -5.24 -25.34 -53.72
CA ALA O 480 -3.95 -25.04 -54.33
C ALA O 480 -4.10 -24.07 -55.49
N THR O 481 -4.85 -24.50 -56.51
CA THR O 481 -5.08 -23.70 -57.71
C THR O 481 -6.18 -22.68 -57.49
N GLU O 482 -6.90 -22.82 -56.38
CA GLU O 482 -8.01 -21.92 -56.08
C GLU O 482 -9.00 -21.90 -57.23
N GLU O 483 -9.39 -23.10 -57.67
CA GLU O 483 -10.33 -23.29 -58.76
C GLU O 483 -11.21 -24.48 -58.41
N TYR O 484 -12.46 -24.48 -58.87
CA TYR O 484 -13.36 -25.58 -58.59
C TYR O 484 -13.22 -26.66 -59.65
N GLY O 485 -13.84 -27.80 -59.40
CA GLY O 485 -13.78 -28.91 -60.34
C GLY O 485 -13.91 -30.24 -59.62
N ASN O 486 -13.57 -31.33 -60.30
CA ASN O 486 -13.66 -32.66 -59.67
C ASN O 486 -12.39 -32.89 -58.86
N MET O 487 -12.56 -33.05 -57.55
CA MET O 487 -11.43 -33.25 -56.65
C MET O 487 -10.57 -34.46 -56.99
N ILE O 488 -11.19 -35.57 -57.37
CA ILE O 488 -10.43 -36.76 -57.70
C ILE O 488 -9.62 -36.58 -58.98
N ASP O 489 -10.26 -36.07 -60.02
CA ASP O 489 -9.56 -35.83 -61.28
C ASP O 489 -8.38 -34.89 -61.05
N MET O 490 -8.60 -33.87 -60.23
CA MET O 490 -7.54 -32.92 -59.95
C MET O 490 -6.48 -33.51 -59.03
N GLY O 491 -6.68 -34.76 -58.64
CA GLY O 491 -5.72 -35.43 -57.78
C GLY O 491 -5.59 -34.90 -56.37
N ILE O 492 -6.69 -34.45 -55.81
CA ILE O 492 -6.71 -33.95 -54.45
C ILE O 492 -7.64 -34.87 -53.68
N LEU O 493 -7.09 -35.84 -52.97
CA LEU O 493 -7.90 -36.80 -52.25
C LEU O 493 -7.28 -37.33 -50.98
N ASP O 494 -8.11 -37.95 -50.15
CA ASP O 494 -7.66 -38.53 -48.90
C ASP O 494 -8.18 -39.95 -48.82
N PRO O 495 -7.42 -40.86 -48.20
CA PRO O 495 -7.92 -42.23 -48.09
C PRO O 495 -9.24 -42.21 -47.31
N THR O 496 -10.27 -42.84 -47.82
CA THR O 496 -11.54 -42.85 -47.11
C THR O 496 -11.34 -43.17 -45.63
N LYS O 497 -10.39 -44.04 -45.34
CA LYS O 497 -10.12 -44.44 -43.98
C LYS O 497 -9.66 -43.29 -43.10
N VAL O 498 -8.82 -42.41 -43.63
CA VAL O 498 -8.33 -41.29 -42.83
C VAL O 498 -9.45 -40.33 -42.49
N THR O 499 -10.30 -40.01 -43.45
CA THR O 499 -11.40 -39.09 -43.19
C THR O 499 -12.35 -39.75 -42.20
N ARG O 500 -12.61 -41.03 -42.38
CA ARG O 500 -13.51 -41.73 -41.46
C ARG O 500 -13.00 -41.74 -40.02
N SER O 501 -11.74 -42.07 -39.84
CA SER O 501 -11.14 -42.13 -38.52
C SER O 501 -11.10 -40.77 -37.85
N ALA O 502 -10.76 -39.73 -38.62
CA ALA O 502 -10.69 -38.40 -38.08
C ALA O 502 -12.02 -38.00 -37.52
N LEU O 503 -13.08 -38.24 -38.30
CA LEU O 503 -14.44 -37.90 -37.88
C LEU O 503 -14.94 -38.71 -36.66
N GLN O 504 -14.77 -40.02 -36.70
CA GLN O 504 -15.19 -40.85 -35.60
C GLN O 504 -14.42 -40.56 -34.31
N TYR O 505 -13.12 -40.31 -34.44
CA TYR O 505 -12.33 -40.00 -33.26
C TYR O 505 -12.65 -38.64 -32.66
N ALA O 506 -12.93 -37.67 -33.54
CA ALA O 506 -13.30 -36.32 -33.11
C ALA O 506 -14.64 -36.40 -32.39
N ALA O 507 -15.62 -37.00 -33.05
CA ALA O 507 -16.95 -37.16 -32.49
C ALA O 507 -16.92 -37.90 -31.17
N SER O 508 -15.94 -38.77 -31.01
CA SER O 508 -15.82 -39.51 -29.77
C SER O 508 -15.45 -38.63 -28.59
N VAL O 509 -14.31 -37.96 -28.67
CA VAL O 509 -13.87 -37.12 -27.57
C VAL O 509 -14.83 -35.94 -27.35
N ALA O 510 -15.43 -35.45 -28.43
CA ALA O 510 -16.38 -34.36 -28.30
C ALA O 510 -17.60 -34.83 -27.49
N GLY O 511 -18.11 -36.01 -27.82
CA GLY O 511 -19.26 -36.52 -27.10
C GLY O 511 -18.93 -36.70 -25.62
N LEU O 512 -17.72 -37.17 -25.32
CA LEU O 512 -17.32 -37.36 -23.95
C LEU O 512 -17.27 -36.06 -23.18
N MET O 513 -16.70 -35.02 -23.78
CA MET O 513 -16.60 -33.72 -23.12
C MET O 513 -17.97 -33.09 -22.90
N ILE O 514 -18.82 -33.16 -23.90
CA ILE O 514 -20.17 -32.61 -23.78
C ILE O 514 -20.95 -33.29 -22.64
N THR O 515 -20.59 -34.52 -22.31
CA THR O 515 -21.27 -35.23 -21.25
C THR O 515 -20.41 -35.32 -20.00
N THR O 516 -19.57 -34.33 -19.79
CA THR O 516 -18.72 -34.30 -18.59
C THR O 516 -19.33 -33.28 -17.63
N GLU O 517 -19.45 -33.67 -16.36
CA GLU O 517 -20.03 -32.80 -15.33
C GLU O 517 -19.08 -32.45 -14.19
N CYS O 518 -17.96 -33.16 -14.09
CA CYS O 518 -17.03 -32.88 -13.02
C CYS O 518 -15.61 -33.15 -13.43
N MET O 519 -14.69 -32.29 -12.99
CA MET O 519 -13.27 -32.44 -13.27
C MET O 519 -12.45 -32.38 -11.97
N VAL O 520 -11.48 -33.27 -11.84
CA VAL O 520 -10.64 -33.33 -10.66
C VAL O 520 -9.17 -33.29 -11.02
N THR O 521 -8.44 -32.35 -10.43
CA THR O 521 -7.01 -32.22 -10.70
C THR O 521 -6.30 -31.74 -9.44
N ASP O 522 -4.99 -31.88 -9.39
CA ASP O 522 -4.23 -31.45 -8.23
C ASP O 522 -4.29 -29.95 -8.07
N LEU O 523 -4.17 -29.49 -6.84
CA LEU O 523 -4.20 -28.08 -6.56
C LEU O 523 -2.89 -27.52 -7.08
N PRO O 524 -2.93 -26.34 -7.74
CA PRO O 524 -1.71 -25.73 -8.28
C PRO O 524 -0.63 -25.52 -7.21
N LYS O 525 -0.98 -25.77 -5.96
CA LYS O 525 -0.03 -25.61 -4.86
C LYS O 525 0.91 -26.81 -4.76
N SER P 1 23.54 -48.11 -4.26
CA SER P 1 22.46 -49.11 -4.27
C SER P 1 22.71 -50.19 -5.33
N TRP P 2 23.03 -49.75 -6.55
CA TRP P 2 23.28 -50.66 -7.65
C TRP P 2 24.74 -51.13 -7.70
N MET P 3 24.98 -52.19 -8.48
CA MET P 3 26.30 -52.76 -8.65
C MET P 3 26.72 -52.73 -10.13
N THR P 4 27.99 -52.99 -10.39
CA THR P 4 28.51 -52.99 -11.75
C THR P 4 29.29 -54.26 -12.07
N THR P 5 28.93 -54.91 -13.18
CA THR P 5 29.62 -56.12 -13.59
C THR P 5 30.95 -55.69 -14.21
N PRO P 6 31.91 -56.63 -14.38
CA PRO P 6 33.20 -56.28 -14.97
C PRO P 6 33.05 -55.58 -16.32
N TRP P 7 32.12 -56.07 -17.14
CA TRP P 7 31.87 -55.50 -18.46
C TRP P 7 31.08 -54.18 -18.44
N GLY P 8 30.81 -53.67 -17.24
CA GLY P 8 30.12 -52.39 -17.12
C GLY P 8 28.61 -52.35 -16.99
N PHE P 9 27.96 -53.49 -16.88
CA PHE P 9 26.51 -53.51 -16.75
C PHE P 9 26.08 -53.05 -15.34
N LEU P 10 25.31 -51.96 -15.31
CA LEU P 10 24.83 -51.40 -14.04
C LEU P 10 23.53 -52.10 -13.70
N HIS P 11 23.42 -52.64 -12.48
CA HIS P 11 22.19 -53.36 -12.09
C HIS P 11 21.99 -53.48 -10.60
N PRO P 12 20.74 -53.74 -10.17
CA PRO P 12 20.43 -53.89 -8.74
C PRO P 12 21.06 -55.16 -8.19
N ALA Q 1 6.97 -28.89 -20.40
CA ALA Q 1 6.35 -27.99 -19.38
C ALA Q 1 5.21 -27.17 -20.01
N ALA Q 2 4.51 -26.41 -19.18
CA ALA Q 2 3.42 -25.58 -19.70
C ALA Q 2 4.04 -24.58 -20.69
N LYS Q 3 3.33 -24.35 -21.79
CA LYS Q 3 3.83 -23.44 -22.80
C LYS Q 3 3.03 -22.14 -22.81
N ASP Q 4 3.60 -21.13 -23.47
CA ASP Q 4 2.95 -19.85 -23.62
C ASP Q 4 2.79 -19.84 -25.12
N VAL Q 5 1.53 -19.75 -25.57
CA VAL Q 5 1.25 -19.75 -27.00
C VAL Q 5 0.72 -18.41 -27.48
N LYS Q 6 1.38 -17.84 -28.49
CA LYS Q 6 0.95 -16.56 -29.04
C LYS Q 6 0.49 -16.76 -30.46
N PHE Q 7 -0.39 -15.88 -30.92
CA PHE Q 7 -0.94 -15.99 -32.27
C PHE Q 7 -0.87 -14.73 -33.11
N GLY Q 8 -1.15 -14.90 -34.40
CA GLY Q 8 -1.13 -13.82 -35.37
C GLY Q 8 -0.32 -12.57 -35.10
N ASN Q 9 -1.02 -11.45 -34.94
CA ASN Q 9 -0.37 -10.18 -34.72
C ASN Q 9 0.53 -10.11 -33.49
N ASP Q 10 0.08 -10.65 -32.36
CA ASP Q 10 0.89 -10.62 -31.15
C ASP Q 10 2.20 -11.34 -31.43
N ALA Q 11 2.11 -12.51 -32.04
CA ALA Q 11 3.30 -13.31 -32.38
C ALA Q 11 4.22 -12.53 -33.31
N ARG Q 12 3.65 -11.92 -34.33
CA ARG Q 12 4.44 -11.16 -35.29
C ARG Q 12 5.20 -9.97 -34.68
N VAL Q 13 4.55 -9.12 -33.89
CA VAL Q 13 5.26 -7.97 -33.33
C VAL Q 13 6.44 -8.42 -32.47
N LYS Q 14 6.25 -9.53 -31.76
CA LYS Q 14 7.31 -10.08 -30.92
C LYS Q 14 8.53 -10.39 -31.79
N MET Q 15 8.31 -11.17 -32.85
CA MET Q 15 9.41 -11.51 -33.74
C MET Q 15 10.06 -10.25 -34.30
N LEU Q 16 9.24 -9.32 -34.77
CA LEU Q 16 9.77 -8.08 -35.30
C LEU Q 16 10.74 -7.41 -34.31
N ARG Q 17 10.28 -7.22 -33.06
CA ARG Q 17 11.12 -6.61 -32.03
C ARG Q 17 12.43 -7.37 -31.84
N GLY Q 18 12.35 -8.69 -31.85
CA GLY Q 18 13.53 -9.52 -31.68
C GLY Q 18 14.56 -9.30 -32.79
N VAL Q 19 14.13 -9.34 -34.06
CA VAL Q 19 15.10 -9.13 -35.13
C VAL Q 19 15.55 -7.68 -35.16
N ASN Q 20 14.76 -6.77 -34.61
CA ASN Q 20 15.16 -5.38 -34.61
C ASN Q 20 16.35 -5.20 -33.69
N VAL Q 21 16.35 -5.90 -32.56
CA VAL Q 21 17.47 -5.79 -31.64
C VAL Q 21 18.69 -6.39 -32.33
N LEU Q 22 18.52 -7.55 -32.94
CA LEU Q 22 19.60 -8.22 -33.65
C LEU Q 22 20.17 -7.35 -34.77
N ALA Q 23 19.34 -7.07 -35.77
CA ALA Q 23 19.77 -6.27 -36.91
C ALA Q 23 20.36 -4.91 -36.50
N ASP Q 24 19.65 -4.18 -35.63
CA ASP Q 24 20.13 -2.87 -35.17
C ASP Q 24 21.50 -2.92 -34.53
N ALA Q 25 21.79 -4.00 -33.81
CA ALA Q 25 23.07 -4.18 -33.15
C ALA Q 25 24.17 -4.49 -34.14
N VAL Q 26 23.84 -5.35 -35.11
CA VAL Q 26 24.78 -5.75 -36.13
C VAL Q 26 25.04 -4.73 -37.24
N LYS Q 27 24.00 -4.08 -37.74
CA LYS Q 27 24.19 -3.15 -38.84
C LYS Q 27 25.01 -1.90 -38.55
N VAL Q 28 25.28 -1.60 -37.29
CA VAL Q 28 26.07 -0.40 -37.03
C VAL Q 28 27.52 -0.62 -37.48
N THR Q 29 27.90 -1.87 -37.71
CA THR Q 29 29.27 -2.18 -38.12
C THR Q 29 29.46 -2.18 -39.63
N LEU Q 30 28.36 -2.20 -40.36
CA LEU Q 30 28.38 -2.26 -41.82
C LEU Q 30 29.09 -1.10 -42.50
N GLY Q 31 29.91 -1.41 -43.50
CA GLY Q 31 30.60 -0.36 -44.23
C GLY Q 31 31.95 0.12 -43.69
N PRO Q 32 32.71 0.88 -44.52
CA PRO Q 32 34.03 1.39 -44.09
C PRO Q 32 33.98 2.39 -42.95
N LYS Q 33 32.81 2.97 -42.68
CA LYS Q 33 32.69 3.92 -41.57
C LYS Q 33 31.88 3.27 -40.45
N GLY Q 34 31.85 1.93 -40.48
CA GLY Q 34 31.14 1.17 -39.47
C GLY Q 34 31.57 1.56 -38.06
N ARG Q 35 30.63 1.45 -37.12
CA ARG Q 35 30.90 1.82 -35.74
C ARG Q 35 31.32 0.60 -34.93
N ASN Q 36 31.84 0.86 -33.73
CA ASN Q 36 32.28 -0.20 -32.83
C ASN Q 36 31.14 -0.67 -31.94
N VAL Q 37 31.13 -1.96 -31.66
CA VAL Q 37 30.16 -2.56 -30.76
C VAL Q 37 30.99 -3.12 -29.61
N VAL Q 38 30.57 -2.84 -28.37
CA VAL Q 38 31.30 -3.33 -27.21
C VAL Q 38 30.61 -4.57 -26.64
N LEU Q 39 31.30 -5.70 -26.68
CA LEU Q 39 30.73 -6.94 -26.15
C LEU Q 39 31.39 -7.25 -24.82
N ASP Q 40 30.57 -7.40 -23.78
CA ASP Q 40 31.08 -7.67 -22.45
C ASP Q 40 31.61 -9.10 -22.30
N LYS Q 41 32.44 -9.31 -21.30
CA LYS Q 41 33.02 -10.63 -21.04
C LYS Q 41 32.87 -10.92 -19.56
N SER Q 42 32.72 -12.20 -19.22
CA SER Q 42 32.56 -12.57 -17.82
C SER Q 42 33.80 -12.19 -17.01
N PHE Q 43 34.99 -12.36 -17.61
CA PHE Q 43 36.24 -12.02 -16.93
C PHE Q 43 37.21 -11.34 -17.86
N GLY Q 44 37.63 -10.14 -17.47
CA GLY Q 44 38.58 -9.38 -18.28
C GLY Q 44 38.06 -8.03 -18.73
N ALA Q 45 38.58 -7.57 -19.87
CA ALA Q 45 38.16 -6.29 -20.41
C ALA Q 45 37.20 -6.55 -21.54
N PRO Q 46 36.22 -5.68 -21.72
CA PRO Q 46 35.23 -5.86 -22.79
C PRO Q 46 35.89 -6.00 -24.16
N THR Q 47 35.19 -6.60 -25.10
CA THR Q 47 35.71 -6.76 -26.45
C THR Q 47 35.14 -5.61 -27.29
N ILE Q 48 36.01 -4.92 -28.02
CA ILE Q 48 35.56 -3.84 -28.88
C ILE Q 48 35.69 -4.36 -30.32
N THR Q 49 34.56 -4.56 -31.00
CA THR Q 49 34.61 -5.09 -32.34
C THR Q 49 33.72 -4.42 -33.39
N LYS Q 50 34.12 -4.57 -34.65
CA LYS Q 50 33.36 -4.06 -35.78
C LYS Q 50 32.96 -5.26 -36.63
N ASP Q 51 33.07 -6.45 -36.04
CA ASP Q 51 32.74 -7.69 -36.73
C ASP Q 51 31.28 -8.12 -36.50
N GLY Q 52 30.41 -7.79 -37.44
CA GLY Q 52 29.00 -8.13 -37.34
C GLY Q 52 28.76 -9.56 -36.88
N VAL Q 53 29.58 -10.51 -37.34
CA VAL Q 53 29.37 -11.89 -36.93
C VAL Q 53 29.57 -12.06 -35.43
N SER Q 54 30.61 -11.44 -34.88
CA SER Q 54 30.86 -11.54 -33.45
C SER Q 54 29.68 -11.01 -32.64
N VAL Q 55 29.13 -9.87 -33.07
CA VAL Q 55 28.00 -9.27 -32.37
C VAL Q 55 26.79 -10.20 -32.43
N ALA Q 56 26.47 -10.68 -33.62
CA ALA Q 56 25.36 -11.59 -33.79
C ALA Q 56 25.40 -12.78 -32.83
N ARG Q 57 26.59 -13.33 -32.63
CA ARG Q 57 26.79 -14.49 -31.76
C ARG Q 57 26.37 -14.22 -30.33
N GLU Q 58 26.59 -13.00 -29.87
CA GLU Q 58 26.25 -12.60 -28.51
C GLU Q 58 24.77 -12.24 -28.26
N ILE Q 59 23.99 -12.08 -29.32
CA ILE Q 59 22.60 -11.68 -29.15
C ILE Q 59 21.61 -12.75 -28.70
N GLU Q 60 21.05 -12.54 -27.52
CA GLU Q 60 20.05 -13.45 -26.94
C GLU Q 60 19.15 -12.52 -26.14
N LEU Q 61 17.85 -12.58 -26.40
CA LEU Q 61 16.89 -11.70 -25.72
C LEU Q 61 16.15 -12.35 -24.54
N GLU Q 62 15.74 -11.52 -23.59
CA GLU Q 62 15.03 -12.00 -22.43
C GLU Q 62 13.63 -12.50 -22.76
N ASP Q 63 12.89 -11.75 -23.58
CA ASP Q 63 11.56 -12.17 -23.97
C ASP Q 63 11.67 -13.37 -24.92
N LYS Q 64 11.18 -14.52 -24.49
CA LYS Q 64 11.26 -15.74 -25.28
C LYS Q 64 10.79 -15.62 -26.75
N PHE Q 65 9.69 -14.92 -26.98
CA PHE Q 65 9.15 -14.75 -28.32
C PHE Q 65 10.05 -13.84 -29.15
N GLU Q 66 10.50 -12.74 -28.55
CA GLU Q 66 11.41 -11.84 -29.23
C GLU Q 66 12.72 -12.58 -29.53
N ASN Q 67 13.12 -13.44 -28.60
CA ASN Q 67 14.35 -14.20 -28.78
C ASN Q 67 14.24 -15.18 -29.95
N MET Q 68 13.10 -15.85 -30.07
CA MET Q 68 12.91 -16.77 -31.19
C MET Q 68 13.06 -15.99 -32.49
N GLY Q 69 12.60 -14.74 -32.49
CA GLY Q 69 12.72 -13.92 -33.69
C GLY Q 69 14.16 -13.73 -34.06
N ALA Q 70 14.95 -13.34 -33.07
CA ALA Q 70 16.38 -13.12 -33.26
C ALA Q 70 17.09 -14.39 -33.67
N GLN Q 71 16.83 -15.48 -32.97
CA GLN Q 71 17.50 -16.73 -33.30
C GLN Q 71 17.22 -17.25 -34.72
N MET Q 72 16.03 -16.98 -35.24
CA MET Q 72 15.68 -17.44 -36.56
C MET Q 72 16.49 -16.76 -37.66
N VAL Q 73 16.55 -15.43 -37.69
CA VAL Q 73 17.29 -14.78 -38.76
C VAL Q 73 18.76 -14.98 -38.48
N LYS Q 74 19.10 -15.01 -37.21
CA LYS Q 74 20.47 -15.20 -36.79
C LYS Q 74 20.98 -16.52 -37.39
N GLU Q 75 20.10 -17.52 -37.44
CA GLU Q 75 20.42 -18.85 -37.97
C GLU Q 75 20.60 -18.96 -39.48
N VAL Q 76 19.63 -18.48 -40.27
CA VAL Q 76 19.76 -18.57 -41.71
C VAL Q 76 20.77 -17.56 -42.21
N ALA Q 77 20.93 -16.47 -41.48
CA ALA Q 77 21.91 -15.48 -41.90
C ALA Q 77 23.28 -16.14 -41.87
N SER Q 78 23.54 -16.92 -40.82
CA SER Q 78 24.83 -17.58 -40.71
C SER Q 78 25.03 -18.57 -41.86
N LYS Q 79 23.93 -19.14 -42.37
CA LYS Q 79 24.02 -20.08 -43.48
C LYS Q 79 24.71 -19.40 -44.66
N ALA Q 80 24.53 -18.10 -44.78
CA ALA Q 80 25.15 -17.34 -45.86
C ALA Q 80 26.66 -17.37 -45.74
N ASN Q 81 27.17 -16.99 -44.55
CA ASN Q 81 28.60 -16.96 -44.30
C ASN Q 81 29.20 -18.33 -44.58
N ASP Q 82 28.44 -19.38 -44.26
CA ASP Q 82 28.93 -20.74 -44.48
C ASP Q 82 29.06 -21.03 -45.97
N ALA Q 83 28.09 -20.57 -46.75
CA ALA Q 83 28.07 -20.81 -48.18
C ALA Q 83 29.05 -19.98 -49.01
N ALA Q 84 29.32 -18.75 -48.59
CA ALA Q 84 30.22 -17.89 -49.36
C ALA Q 84 31.33 -17.22 -48.53
N GLY Q 85 31.43 -17.58 -47.25
CA GLY Q 85 32.46 -17.00 -46.42
C GLY Q 85 32.20 -15.56 -46.07
N ASP Q 86 30.99 -15.07 -46.33
CA ASP Q 86 30.65 -13.68 -46.03
C ASP Q 86 29.17 -13.39 -46.30
N GLY Q 87 28.70 -12.24 -45.81
CA GLY Q 87 27.32 -11.86 -46.04
C GLY Q 87 26.31 -12.00 -44.92
N THR Q 88 26.69 -12.49 -43.74
CA THR Q 88 25.71 -12.64 -42.66
C THR Q 88 25.10 -11.30 -42.26
N THR Q 89 25.95 -10.32 -42.02
CA THR Q 89 25.48 -9.00 -41.64
C THR Q 89 24.54 -8.48 -42.70
N THR Q 90 24.95 -8.59 -43.96
CA THR Q 90 24.12 -8.12 -45.07
C THR Q 90 22.79 -8.85 -45.04
N ALA Q 91 22.85 -10.17 -44.90
CA ALA Q 91 21.64 -11.00 -44.86
C ALA Q 91 20.73 -10.55 -43.71
N THR Q 92 21.33 -10.23 -42.59
CA THR Q 92 20.60 -9.76 -41.43
C THR Q 92 19.87 -8.43 -41.67
N VAL Q 93 20.54 -7.42 -42.24
CA VAL Q 93 19.87 -6.15 -42.48
C VAL Q 93 18.82 -6.32 -43.59
N LEU Q 94 19.13 -7.17 -44.57
CA LEU Q 94 18.15 -7.42 -45.62
C LEU Q 94 16.89 -8.04 -45.02
N ALA Q 95 17.08 -8.96 -44.08
CA ALA Q 95 15.97 -9.64 -43.43
C ALA Q 95 15.13 -8.65 -42.64
N GLN Q 96 15.78 -7.75 -41.91
CA GLN Q 96 15.04 -6.77 -41.13
C GLN Q 96 14.16 -5.93 -42.05
N ALA Q 97 14.70 -5.58 -43.22
CA ALA Q 97 13.99 -4.76 -44.19
C ALA Q 97 12.78 -5.46 -44.76
N ILE Q 98 12.96 -6.67 -45.27
CA ILE Q 98 11.85 -7.42 -45.82
C ILE Q 98 10.79 -7.67 -44.74
N ILE Q 99 11.21 -8.14 -43.58
CA ILE Q 99 10.27 -8.42 -42.49
C ILE Q 99 9.48 -7.19 -42.03
N THR Q 100 10.18 -6.07 -41.82
CA THR Q 100 9.53 -4.86 -41.37
C THR Q 100 8.39 -4.44 -42.29
N GLU Q 101 8.67 -4.30 -43.58
CA GLU Q 101 7.63 -3.91 -44.52
C GLU Q 101 6.62 -5.02 -44.75
N GLY Q 102 7.12 -6.25 -44.87
CA GLY Q 102 6.23 -7.39 -45.08
C GLY Q 102 5.18 -7.48 -43.99
N LEU Q 103 5.60 -7.27 -42.74
CA LEU Q 103 4.65 -7.34 -41.63
C LEU Q 103 3.67 -6.18 -41.68
N LYS Q 104 4.12 -5.02 -42.15
CA LYS Q 104 3.21 -3.88 -42.24
C LYS Q 104 2.09 -4.27 -43.19
N ALA Q 105 2.47 -4.80 -44.35
CA ALA Q 105 1.49 -5.20 -45.34
C ALA Q 105 0.50 -6.19 -44.74
N VAL Q 106 1.00 -7.12 -43.94
CA VAL Q 106 0.13 -8.11 -43.33
C VAL Q 106 -0.89 -7.45 -42.40
N ALA Q 107 -0.41 -6.53 -41.55
CA ALA Q 107 -1.28 -5.83 -40.61
C ALA Q 107 -2.28 -4.99 -41.38
N ALA Q 108 -1.92 -4.59 -42.60
CA ALA Q 108 -2.82 -3.79 -43.42
C ALA Q 108 -3.88 -4.70 -44.03
N GLY Q 109 -3.79 -5.99 -43.71
CA GLY Q 109 -4.77 -6.95 -44.20
C GLY Q 109 -4.41 -7.67 -45.48
N MET Q 110 -3.17 -7.56 -45.94
CA MET Q 110 -2.79 -8.25 -47.17
C MET Q 110 -2.48 -9.73 -46.93
N ASN Q 111 -2.65 -10.53 -47.98
CA ASN Q 111 -2.43 -11.96 -47.89
C ASN Q 111 -0.97 -12.35 -47.69
N PRO Q 112 -0.65 -12.95 -46.53
CA PRO Q 112 0.74 -13.36 -46.26
C PRO Q 112 1.35 -14.22 -47.37
N MET Q 113 0.63 -15.25 -47.79
CA MET Q 113 1.12 -16.15 -48.82
C MET Q 113 1.40 -15.42 -50.15
N ASP Q 114 0.51 -14.52 -50.58
CA ASP Q 114 0.79 -13.79 -51.81
C ASP Q 114 1.99 -12.86 -51.59
N LEU Q 115 2.10 -12.23 -50.42
CA LEU Q 115 3.22 -11.35 -50.14
C LEU Q 115 4.51 -12.16 -50.29
N LYS Q 116 4.50 -13.39 -49.75
CA LYS Q 116 5.69 -14.22 -49.84
C LYS Q 116 6.02 -14.56 -51.29
N ARG Q 117 5.00 -14.93 -52.07
CA ARG Q 117 5.21 -15.28 -53.49
C ARG Q 117 5.87 -14.10 -54.22
N GLY Q 118 5.37 -12.89 -53.95
CA GLY Q 118 5.95 -11.71 -54.58
C GLY Q 118 7.40 -11.48 -54.22
N ILE Q 119 7.73 -11.61 -52.94
CA ILE Q 119 9.11 -11.42 -52.46
C ILE Q 119 9.99 -12.40 -53.20
N ASP Q 120 9.55 -13.66 -53.24
CA ASP Q 120 10.29 -14.72 -53.90
C ASP Q 120 10.47 -14.44 -55.38
N LYS Q 121 9.39 -14.03 -56.04
CA LYS Q 121 9.50 -13.74 -57.47
C LYS Q 121 10.54 -12.62 -57.71
N ALA Q 122 10.46 -11.57 -56.90
CA ALA Q 122 11.40 -10.47 -57.03
C ALA Q 122 12.84 -10.94 -56.81
N VAL Q 123 13.04 -11.86 -55.84
CA VAL Q 123 14.37 -12.37 -55.52
C VAL Q 123 14.92 -13.20 -56.68
N THR Q 124 14.08 -14.07 -57.25
CA THR Q 124 14.54 -14.86 -58.37
C THR Q 124 14.99 -13.93 -59.49
N ALA Q 125 14.14 -12.95 -59.82
CA ALA Q 125 14.45 -11.99 -60.86
C ALA Q 125 15.76 -11.33 -60.53
N ALA Q 126 15.89 -10.85 -59.31
CA ALA Q 126 17.11 -10.18 -58.84
C ALA Q 126 18.39 -11.03 -58.96
N VAL Q 127 18.31 -12.32 -58.65
CA VAL Q 127 19.49 -13.18 -58.76
C VAL Q 127 19.94 -13.30 -60.20
N GLU Q 128 18.99 -13.32 -61.13
CA GLU Q 128 19.33 -13.43 -62.56
C GLU Q 128 20.01 -12.14 -62.99
N GLU Q 129 19.42 -11.02 -62.59
CA GLU Q 129 19.92 -9.71 -62.91
C GLU Q 129 21.32 -9.58 -62.33
N LEU Q 130 21.56 -10.29 -61.23
CA LEU Q 130 22.84 -10.27 -60.53
C LEU Q 130 23.88 -11.04 -61.34
N LYS Q 131 23.50 -12.16 -61.91
CA LYS Q 131 24.41 -12.95 -62.73
C LYS Q 131 24.84 -12.14 -63.94
N ALA Q 132 23.89 -11.41 -64.51
CA ALA Q 132 24.16 -10.58 -65.68
C ALA Q 132 25.19 -9.52 -65.31
N LEU Q 133 24.96 -8.84 -64.19
CA LEU Q 133 25.85 -7.78 -63.75
C LEU Q 133 27.25 -8.30 -63.42
N SER Q 134 27.32 -9.58 -63.03
CA SER Q 134 28.57 -10.23 -62.65
C SER Q 134 29.70 -10.23 -63.69
N VAL Q 135 30.90 -9.92 -63.21
CA VAL Q 135 32.12 -9.88 -64.02
C VAL Q 135 32.89 -11.15 -63.71
N PRO Q 136 33.28 -11.90 -64.74
CA PRO Q 136 34.03 -13.12 -64.49
C PRO Q 136 35.37 -12.88 -63.82
N CYS Q 137 35.87 -13.92 -63.17
CA CYS Q 137 37.16 -13.92 -62.48
C CYS Q 137 37.74 -15.30 -62.75
N SER Q 138 38.18 -15.52 -63.99
CA SER Q 138 38.71 -16.82 -64.41
C SER Q 138 40.20 -16.98 -64.59
N ASP Q 139 40.91 -15.91 -64.93
CA ASP Q 139 42.35 -16.03 -65.12
C ASP Q 139 43.08 -15.62 -63.85
N SER Q 140 44.34 -16.05 -63.72
CA SER Q 140 45.12 -15.76 -62.53
C SER Q 140 45.30 -14.27 -62.28
N LYS Q 141 45.25 -13.47 -63.34
CA LYS Q 141 45.40 -12.03 -63.18
C LYS Q 141 44.25 -11.52 -62.30
N ALA Q 142 43.03 -11.95 -62.64
CA ALA Q 142 41.85 -11.55 -61.89
C ALA Q 142 41.90 -12.15 -60.49
N ILE Q 143 42.17 -13.45 -60.44
CA ILE Q 143 42.25 -14.16 -59.19
C ILE Q 143 43.13 -13.39 -58.24
N ALA Q 144 44.25 -12.89 -58.76
CA ALA Q 144 45.18 -12.12 -57.94
C ALA Q 144 44.62 -10.77 -57.50
N GLN Q 145 43.99 -10.04 -58.42
CA GLN Q 145 43.41 -8.75 -58.08
C GLN Q 145 42.40 -8.88 -56.94
N VAL Q 146 41.46 -9.82 -57.09
CA VAL Q 146 40.45 -10.04 -56.07
C VAL Q 146 41.10 -10.38 -54.72
N GLY Q 147 42.04 -11.31 -54.74
CA GLY Q 147 42.71 -11.71 -53.51
C GLY Q 147 43.39 -10.53 -52.86
N THR Q 148 43.99 -9.67 -53.68
CA THR Q 148 44.70 -8.51 -53.17
C THR Q 148 43.71 -7.58 -52.49
N ILE Q 149 42.57 -7.35 -53.13
CA ILE Q 149 41.54 -6.49 -52.56
C ILE Q 149 41.01 -7.06 -51.25
N SER Q 150 40.90 -8.38 -51.18
CA SER Q 150 40.41 -9.04 -49.98
C SER Q 150 41.42 -8.98 -48.84
N ALA Q 151 42.70 -9.03 -49.20
CA ALA Q 151 43.77 -9.00 -48.22
C ALA Q 151 44.08 -7.57 -47.81
N ASN Q 152 43.17 -6.66 -48.15
CA ASN Q 152 43.33 -5.25 -47.83
C ASN Q 152 44.47 -4.60 -48.63
N SER Q 153 44.50 -4.88 -49.92
CA SER Q 153 45.50 -4.32 -50.83
C SER Q 153 46.92 -4.88 -50.68
N ASP Q 154 47.02 -6.13 -50.24
CA ASP Q 154 48.31 -6.78 -50.08
C ASP Q 154 48.57 -7.64 -51.31
N GLU Q 155 49.31 -7.10 -52.28
CA GLU Q 155 49.61 -7.86 -53.50
C GLU Q 155 50.23 -9.22 -53.22
N THR Q 156 50.92 -9.32 -52.09
CA THR Q 156 51.57 -10.57 -51.70
C THR Q 156 50.52 -11.68 -51.61
N VAL Q 157 49.49 -11.44 -50.81
CA VAL Q 157 48.42 -12.41 -50.64
C VAL Q 157 47.81 -12.77 -51.98
N GLY Q 158 47.48 -11.75 -52.76
CA GLY Q 158 46.89 -11.98 -54.08
C GLY Q 158 47.76 -12.92 -54.87
N LYS Q 159 49.06 -12.64 -54.88
CA LYS Q 159 50.02 -13.47 -55.60
C LYS Q 159 49.99 -14.92 -55.09
N LEU Q 160 50.10 -15.09 -53.77
CA LEU Q 160 50.08 -16.42 -53.17
C LEU Q 160 48.86 -17.25 -53.60
N ILE Q 161 47.68 -16.69 -53.43
CA ILE Q 161 46.46 -17.39 -53.78
C ILE Q 161 46.45 -17.79 -55.24
N ALA Q 162 46.90 -16.90 -56.12
CA ALA Q 162 46.93 -17.19 -57.54
C ALA Q 162 47.90 -18.32 -57.86
N GLU Q 163 49.05 -18.34 -57.17
CA GLU Q 163 50.03 -19.38 -57.38
C GLU Q 163 49.46 -20.70 -56.88
N ALA Q 164 48.82 -20.66 -55.73
CA ALA Q 164 48.23 -21.85 -55.15
C ALA Q 164 47.18 -22.47 -56.07
N MET Q 165 46.28 -21.63 -56.59
CA MET Q 165 45.22 -22.12 -57.48
C MET Q 165 45.81 -22.63 -58.78
N ASP Q 166 46.94 -22.04 -59.18
CA ASP Q 166 47.60 -22.44 -60.41
C ASP Q 166 48.16 -23.85 -60.24
N LYS Q 167 48.58 -24.16 -59.01
CA LYS Q 167 49.15 -25.45 -58.67
C LYS Q 167 48.11 -26.57 -58.59
N VAL Q 168 47.02 -26.34 -57.89
CA VAL Q 168 45.99 -27.38 -57.73
C VAL Q 168 44.64 -27.11 -58.41
N GLY Q 169 44.55 -26.05 -59.21
CA GLY Q 169 43.29 -25.71 -59.86
C GLY Q 169 42.47 -24.80 -58.98
N LYS Q 170 41.56 -24.01 -59.54
CA LYS Q 170 40.78 -23.12 -58.71
C LYS Q 170 39.67 -23.81 -57.93
N GLU Q 171 39.58 -25.13 -58.08
CA GLU Q 171 38.59 -25.92 -57.38
C GLU Q 171 39.34 -26.94 -56.52
N GLY Q 172 40.64 -26.71 -56.35
CA GLY Q 172 41.46 -27.61 -55.58
C GLY Q 172 41.58 -27.24 -54.12
N VAL Q 173 42.01 -28.19 -53.28
CA VAL Q 173 42.17 -27.95 -51.87
C VAL Q 173 43.37 -27.06 -51.55
N ILE Q 174 43.15 -26.03 -50.75
CA ILE Q 174 44.20 -25.10 -50.36
C ILE Q 174 44.07 -24.81 -48.86
N THR Q 175 45.16 -24.96 -48.11
CA THR Q 175 45.17 -24.71 -46.69
C THR Q 175 46.23 -23.69 -46.36
N VAL Q 176 46.10 -23.01 -45.22
CA VAL Q 176 47.09 -22.05 -44.78
C VAL Q 176 47.62 -22.44 -43.40
N GLU Q 177 48.92 -22.24 -43.18
CA GLU Q 177 49.55 -22.57 -41.89
C GLU Q 177 50.56 -21.51 -41.52
N ASP Q 178 50.92 -21.49 -40.24
CA ASP Q 178 51.92 -20.53 -39.76
C ASP Q 178 53.20 -20.89 -40.50
N GLY Q 179 53.99 -19.88 -40.86
CA GLY Q 179 55.22 -20.13 -41.58
C GLY Q 179 56.38 -20.49 -40.67
N THR Q 180 57.50 -20.87 -41.29
CA THR Q 180 58.69 -21.24 -40.54
C THR Q 180 59.46 -19.97 -40.18
N GLY Q 181 58.98 -18.82 -40.67
CA GLY Q 181 59.62 -17.55 -40.36
C GLY Q 181 60.07 -16.70 -41.53
N LEU Q 182 59.39 -15.57 -41.74
CA LEU Q 182 59.72 -14.64 -42.83
C LEU Q 182 59.75 -15.33 -44.19
N GLN Q 183 59.01 -14.78 -45.15
CA GLN Q 183 58.93 -15.35 -46.50
C GLN Q 183 57.95 -16.51 -46.54
N ASP Q 184 57.00 -16.41 -47.45
CA ASP Q 184 55.99 -17.42 -47.60
C ASP Q 184 56.55 -18.66 -48.26
N GLU Q 185 55.78 -19.74 -48.24
CA GLU Q 185 56.18 -21.00 -48.85
C GLU Q 185 54.91 -21.67 -49.38
N LEU Q 186 54.99 -22.18 -50.60
CA LEU Q 186 53.84 -22.86 -51.20
C LEU Q 186 54.25 -24.29 -51.54
N ASP Q 187 53.59 -25.27 -50.95
CA ASP Q 187 53.92 -26.65 -51.23
C ASP Q 187 52.68 -27.48 -51.47
N VAL Q 188 52.78 -28.45 -52.37
CA VAL Q 188 51.65 -29.32 -52.64
C VAL Q 188 52.04 -30.68 -52.08
N VAL Q 189 51.19 -31.23 -51.23
CA VAL Q 189 51.44 -32.53 -50.61
C VAL Q 189 50.27 -33.49 -50.78
N GLU Q 190 50.48 -34.74 -50.39
CA GLU Q 190 49.41 -35.73 -50.48
C GLU Q 190 48.38 -35.37 -49.42
N GLY Q 191 47.14 -35.16 -49.85
CA GLY Q 191 46.11 -34.80 -48.91
C GLY Q 191 44.74 -34.95 -49.51
N MET Q 192 43.73 -34.61 -48.74
CA MET Q 192 42.36 -34.73 -49.21
C MET Q 192 41.39 -33.94 -48.32
N GLN Q 193 40.17 -33.75 -48.81
CA GLN Q 193 39.17 -33.00 -48.05
C GLN Q 193 37.77 -33.51 -48.36
N PHE Q 194 36.98 -33.81 -47.32
CA PHE Q 194 35.61 -34.28 -47.53
C PHE Q 194 34.61 -33.47 -46.72
N ASP Q 195 33.33 -33.60 -47.07
CA ASP Q 195 32.27 -32.82 -46.41
C ASP Q 195 31.68 -33.42 -45.14
N ARG Q 196 32.45 -33.41 -44.08
CA ARG Q 196 32.02 -33.92 -42.80
C ARG Q 196 32.72 -33.09 -41.74
N GLY Q 197 31.93 -32.43 -40.88
CA GLY Q 197 32.52 -31.61 -39.84
C GLY Q 197 32.67 -32.41 -38.56
N TYR Q 198 33.14 -31.74 -37.52
CA TYR Q 198 33.31 -32.37 -36.22
C TYR Q 198 31.99 -32.92 -35.72
N LEU Q 199 32.06 -34.03 -34.97
CA LEU Q 199 30.87 -34.68 -34.41
C LEU Q 199 30.33 -33.95 -33.20
N SER Q 200 30.91 -32.79 -32.91
CA SER Q 200 30.48 -31.95 -31.79
C SER Q 200 31.54 -30.90 -31.54
N PRO Q 201 31.14 -29.72 -31.03
CA PRO Q 201 32.18 -28.72 -30.78
C PRO Q 201 32.99 -29.31 -29.64
N TYR Q 202 33.49 -28.48 -28.74
CA TYR Q 202 34.28 -29.02 -27.64
C TYR Q 202 35.60 -29.52 -28.21
N PHE Q 203 35.55 -30.27 -29.30
CA PHE Q 203 36.77 -30.76 -29.94
C PHE Q 203 37.52 -29.51 -30.39
N ILE Q 204 36.76 -28.47 -30.71
CA ILE Q 204 37.31 -27.20 -31.16
C ILE Q 204 38.40 -26.73 -30.23
N ASN Q 205 39.62 -26.58 -30.75
CA ASN Q 205 40.75 -26.11 -29.95
C ASN Q 205 41.28 -24.80 -30.50
N LYS Q 206 40.51 -24.22 -31.42
CA LYS Q 206 40.87 -22.95 -32.04
C LYS Q 206 39.56 -22.18 -32.25
N PRO Q 207 38.94 -21.74 -31.16
CA PRO Q 207 37.67 -21.00 -31.12
C PRO Q 207 37.61 -19.77 -32.04
N GLU Q 208 38.74 -19.14 -32.28
CA GLU Q 208 38.79 -17.97 -33.15
C GLU Q 208 38.21 -18.34 -34.51
N THR Q 209 38.55 -19.54 -34.97
CA THR Q 209 38.09 -20.03 -36.25
C THR Q 209 37.02 -21.11 -36.08
N GLY Q 210 36.72 -21.45 -34.84
CA GLY Q 210 35.72 -22.47 -34.60
C GLY Q 210 36.13 -23.72 -35.37
N ALA Q 211 37.40 -24.10 -35.22
CA ALA Q 211 37.94 -25.27 -35.91
C ALA Q 211 38.72 -26.19 -34.98
N VAL Q 212 38.88 -27.42 -35.42
CA VAL Q 212 39.65 -28.41 -34.69
C VAL Q 212 40.94 -28.57 -35.47
N GLU Q 213 42.08 -28.46 -34.79
CA GLU Q 213 43.37 -28.57 -35.45
C GLU Q 213 44.27 -29.57 -34.73
N LEU Q 214 44.56 -30.68 -35.39
CA LEU Q 214 45.42 -31.73 -34.81
C LEU Q 214 46.77 -31.78 -35.53
N GLU Q 215 47.85 -31.97 -34.76
CA GLU Q 215 49.19 -32.03 -35.31
C GLU Q 215 49.81 -33.42 -35.23
N SER Q 216 50.23 -33.95 -36.38
CA SER Q 216 50.84 -35.28 -36.44
C SER Q 216 49.90 -36.28 -35.78
N PRO Q 217 48.63 -36.27 -36.20
CA PRO Q 217 47.66 -37.20 -35.63
C PRO Q 217 47.59 -38.57 -36.30
N PHE Q 218 47.12 -39.55 -35.54
CA PHE Q 218 46.92 -40.90 -36.03
C PHE Q 218 45.52 -40.81 -36.60
N ILE Q 219 45.14 -41.77 -37.43
CA ILE Q 219 43.81 -41.75 -38.01
C ILE Q 219 43.20 -43.13 -37.97
N LEU Q 220 42.12 -43.28 -37.22
CA LEU Q 220 41.41 -44.55 -37.10
C LEU Q 220 40.23 -44.56 -38.05
N LEU Q 221 40.24 -45.50 -38.99
CA LEU Q 221 39.18 -45.62 -39.98
C LEU Q 221 38.35 -46.83 -39.61
N ALA Q 222 37.12 -46.59 -39.16
CA ALA Q 222 36.25 -47.68 -38.77
C ALA Q 222 34.92 -47.65 -39.53
N ASP Q 223 34.70 -48.69 -40.34
CA ASP Q 223 33.48 -48.78 -41.13
C ASP Q 223 32.35 -49.35 -40.28
N LYS Q 224 31.99 -48.61 -39.23
CA LYS Q 224 30.90 -49.02 -38.33
C LYS Q 224 30.56 -47.88 -37.37
N LYS Q 225 29.49 -48.07 -36.60
CA LYS Q 225 29.07 -47.06 -35.65
C LYS Q 225 29.62 -47.43 -34.28
N ILE Q 226 30.15 -46.46 -33.55
CA ILE Q 226 30.73 -46.72 -32.24
C ILE Q 226 29.85 -46.30 -31.07
N SER Q 227 29.38 -47.28 -30.31
CA SER Q 227 28.51 -47.05 -29.17
C SER Q 227 29.25 -47.20 -27.84
N ASN Q 228 29.84 -48.38 -27.65
CA ASN Q 228 30.56 -48.70 -26.43
C ASN Q 228 32.02 -48.26 -26.54
N ILE Q 229 32.37 -47.15 -25.90
CA ILE Q 229 33.73 -46.66 -26.00
C ILE Q 229 34.74 -47.65 -25.44
N ARG Q 230 34.27 -48.78 -24.95
CA ARG Q 230 35.17 -49.80 -24.42
C ARG Q 230 36.02 -50.35 -25.56
N GLU Q 231 35.38 -50.64 -26.70
CA GLU Q 231 36.07 -51.15 -27.88
C GLU Q 231 37.34 -50.36 -28.19
N MET Q 232 37.28 -49.06 -27.94
CA MET Q 232 38.39 -48.15 -28.21
C MET Q 232 39.59 -48.23 -27.26
N LEU Q 233 39.31 -48.38 -25.96
CA LEU Q 233 40.32 -48.44 -24.91
C LEU Q 233 41.69 -48.97 -25.32
N PRO Q 234 41.74 -50.22 -25.81
CA PRO Q 234 43.06 -50.74 -26.20
C PRO Q 234 43.81 -49.82 -27.17
N VAL Q 235 43.11 -49.28 -28.15
CA VAL Q 235 43.72 -48.39 -29.15
C VAL Q 235 44.00 -47.01 -28.57
N LEU Q 236 43.03 -46.44 -27.86
CA LEU Q 236 43.21 -45.13 -27.27
C LEU Q 236 44.41 -45.13 -26.33
N GLU Q 237 44.57 -46.19 -25.56
CA GLU Q 237 45.70 -46.29 -24.63
C GLU Q 237 47.01 -46.26 -25.43
N ALA Q 238 47.01 -46.91 -26.58
CA ALA Q 238 48.20 -46.95 -27.42
C ALA Q 238 48.51 -45.54 -27.92
N VAL Q 239 47.46 -44.82 -28.32
CA VAL Q 239 47.61 -43.46 -28.80
C VAL Q 239 47.91 -42.55 -27.62
N ALA Q 240 47.47 -42.95 -26.44
CA ALA Q 240 47.71 -42.19 -25.21
C ALA Q 240 49.20 -42.05 -25.09
N LYS Q 241 49.91 -43.18 -25.10
CA LYS Q 241 51.37 -43.15 -25.05
C LYS Q 241 51.67 -42.60 -26.43
N ALA Q 242 52.94 -42.38 -26.76
CA ALA Q 242 53.28 -41.84 -28.08
C ALA Q 242 52.90 -40.35 -28.11
N GLY Q 243 51.98 -39.98 -27.22
CA GLY Q 243 51.54 -38.59 -27.10
C GLY Q 243 51.17 -37.93 -28.41
N LYS Q 244 50.31 -38.58 -29.17
CA LYS Q 244 49.86 -38.03 -30.45
C LYS Q 244 48.33 -37.94 -30.46
N PRO Q 245 47.79 -36.92 -31.14
CA PRO Q 245 46.33 -36.76 -31.21
C PRO Q 245 45.75 -37.84 -32.14
N LEU Q 246 44.46 -38.11 -31.99
CA LEU Q 246 43.80 -39.13 -32.80
C LEU Q 246 42.53 -38.60 -33.49
N LEU Q 247 42.41 -38.88 -34.78
CA LEU Q 247 41.22 -38.48 -35.53
C LEU Q 247 40.41 -39.76 -35.76
N ILE Q 248 39.16 -39.80 -35.28
CA ILE Q 248 38.32 -40.96 -35.46
C ILE Q 248 37.42 -40.75 -36.66
N ILE Q 249 37.53 -41.61 -37.65
CA ILE Q 249 36.66 -41.53 -38.83
C ILE Q 249 35.81 -42.79 -38.85
N ALA Q 250 34.60 -42.70 -38.28
CA ALA Q 250 33.69 -43.84 -38.23
C ALA Q 250 32.36 -43.52 -38.88
N GLU Q 251 31.55 -44.55 -39.05
CA GLU Q 251 30.24 -44.37 -39.66
C GLU Q 251 29.46 -43.40 -38.77
N ASP Q 252 29.83 -43.36 -37.48
CA ASP Q 252 29.21 -42.48 -36.51
C ASP Q 252 29.69 -42.81 -35.10
N VAL Q 253 29.74 -41.80 -34.22
CA VAL Q 253 30.14 -41.99 -32.83
C VAL Q 253 28.98 -41.49 -32.00
N GLU Q 254 28.31 -42.40 -31.32
CA GLU Q 254 27.14 -42.07 -30.54
C GLU Q 254 27.39 -41.35 -29.22
N GLY Q 255 26.34 -40.63 -28.80
CA GLY Q 255 26.34 -39.86 -27.57
C GLY Q 255 27.27 -40.20 -26.42
N GLU Q 256 27.03 -41.30 -25.74
CA GLU Q 256 27.87 -41.64 -24.61
C GLU Q 256 29.35 -41.74 -24.99
N ALA Q 257 29.63 -42.51 -26.03
CA ALA Q 257 31.00 -42.69 -26.48
C ALA Q 257 31.63 -41.33 -26.77
N LEU Q 258 30.88 -40.48 -27.46
CA LEU Q 258 31.35 -39.15 -27.84
C LEU Q 258 31.61 -38.34 -26.59
N ALA Q 259 30.71 -38.45 -25.63
CA ALA Q 259 30.85 -37.75 -24.36
C ALA Q 259 32.18 -38.10 -23.70
N THR Q 260 32.49 -39.40 -23.70
CA THR Q 260 33.73 -39.89 -23.11
C THR Q 260 34.94 -39.26 -23.77
N LEU Q 261 34.92 -39.24 -25.11
CA LEU Q 261 36.04 -38.66 -25.84
C LEU Q 261 36.27 -37.20 -25.45
N VAL Q 262 35.19 -36.41 -25.45
CA VAL Q 262 35.30 -35.00 -25.10
C VAL Q 262 35.90 -34.83 -23.71
N VAL Q 263 35.31 -35.51 -22.73
CA VAL Q 263 35.79 -35.43 -21.35
C VAL Q 263 37.28 -35.74 -21.20
N ASN Q 264 37.67 -36.94 -21.59
CA ASN Q 264 39.06 -37.38 -21.49
C ASN Q 264 40.11 -36.52 -22.22
N THR Q 265 39.81 -36.06 -23.43
CA THR Q 265 40.78 -35.24 -24.17
C THR Q 265 40.88 -33.87 -23.49
N MET Q 266 39.81 -33.50 -22.80
CA MET Q 266 39.72 -32.23 -22.10
C MET Q 266 40.46 -32.32 -20.76
N ARG Q 267 40.84 -33.53 -20.35
CA ARG Q 267 41.56 -33.72 -19.10
C ARG Q 267 43.04 -33.91 -19.38
N GLY Q 268 43.41 -33.79 -20.66
CA GLY Q 268 44.81 -33.95 -21.02
C GLY Q 268 45.22 -35.35 -21.45
N ILE Q 269 44.46 -36.35 -21.02
CA ILE Q 269 44.76 -37.73 -21.37
C ILE Q 269 44.17 -38.06 -22.74
N VAL Q 270 45.02 -38.20 -23.74
CA VAL Q 270 44.56 -38.52 -25.09
C VAL Q 270 43.74 -37.43 -25.76
N LYS Q 271 44.24 -36.91 -26.89
CA LYS Q 271 43.52 -35.90 -27.66
C LYS Q 271 42.82 -36.60 -28.81
N VAL Q 272 41.49 -36.52 -28.82
CA VAL Q 272 40.68 -37.17 -29.85
C VAL Q 272 39.72 -36.20 -30.50
N ALA Q 273 39.28 -36.56 -31.71
CA ALA Q 273 38.33 -35.80 -32.49
C ALA Q 273 37.71 -36.81 -33.45
N ALA Q 274 36.40 -36.75 -33.61
CA ALA Q 274 35.73 -37.70 -34.48
C ALA Q 274 34.82 -36.99 -35.47
N VAL Q 275 34.65 -37.62 -36.63
CA VAL Q 275 33.80 -37.12 -37.70
C VAL Q 275 33.25 -38.33 -38.45
N LYS Q 276 32.07 -38.20 -39.03
CA LYS Q 276 31.45 -39.30 -39.77
C LYS Q 276 32.23 -39.58 -41.04
N ALA Q 277 32.14 -40.81 -41.54
CA ALA Q 277 32.84 -41.18 -42.77
C ALA Q 277 32.14 -40.44 -43.91
N PRO Q 278 32.91 -40.05 -44.93
CA PRO Q 278 32.33 -39.33 -46.08
C PRO Q 278 31.34 -40.17 -46.90
N GLY Q 279 30.34 -39.50 -47.48
CA GLY Q 279 29.34 -40.17 -48.28
C GLY Q 279 28.51 -41.21 -47.55
N PHE Q 280 27.71 -41.95 -48.30
CA PHE Q 280 26.86 -43.00 -47.73
C PHE Q 280 26.78 -44.19 -48.71
N GLY Q 281 26.10 -45.25 -48.31
CA GLY Q 281 25.97 -46.42 -49.16
C GLY Q 281 27.28 -47.13 -49.49
N ASP Q 282 27.49 -47.42 -50.77
CA ASP Q 282 28.69 -48.11 -51.23
C ASP Q 282 29.86 -47.17 -51.49
N ARG Q 283 29.57 -45.98 -52.02
CA ARG Q 283 30.63 -45.01 -52.28
C ARG Q 283 31.28 -44.56 -50.97
N ARG Q 284 30.72 -44.99 -49.84
CA ARG Q 284 31.25 -44.66 -48.53
C ARG Q 284 32.39 -45.62 -48.20
N LYS Q 285 32.11 -46.91 -48.37
CA LYS Q 285 33.10 -47.93 -48.10
C LYS Q 285 34.32 -47.69 -48.97
N ALA Q 286 34.07 -47.22 -50.19
CA ALA Q 286 35.16 -46.95 -51.12
C ALA Q 286 36.00 -45.77 -50.66
N MET Q 287 35.34 -44.66 -50.37
CA MET Q 287 36.05 -43.45 -49.93
C MET Q 287 36.80 -43.67 -48.63
N LEU Q 288 36.25 -44.51 -47.75
CA LEU Q 288 36.89 -44.80 -46.47
C LEU Q 288 38.25 -45.44 -46.74
N GLN Q 289 38.29 -46.24 -47.81
CA GLN Q 289 39.51 -46.92 -48.22
C GLN Q 289 40.51 -45.93 -48.81
N ASP Q 290 40.03 -45.02 -49.66
CA ASP Q 290 40.90 -44.01 -50.27
C ASP Q 290 41.69 -43.30 -49.16
N ILE Q 291 40.98 -42.88 -48.11
CA ILE Q 291 41.61 -42.20 -46.98
C ILE Q 291 42.65 -43.09 -46.32
N ALA Q 292 42.32 -44.38 -46.23
CA ALA Q 292 43.24 -45.35 -45.66
C ALA Q 292 44.55 -45.37 -46.47
N THR Q 293 44.41 -45.58 -47.78
CA THR Q 293 45.56 -45.62 -48.68
C THR Q 293 46.33 -44.32 -48.65
N LEU Q 294 45.61 -43.21 -48.57
CA LEU Q 294 46.22 -41.89 -48.55
C LEU Q 294 47.02 -41.63 -47.28
N THR Q 295 46.54 -42.17 -46.17
CA THR Q 295 47.19 -41.97 -44.89
C THR Q 295 47.93 -43.21 -44.42
N GLY Q 296 47.98 -44.23 -45.26
CA GLY Q 296 48.68 -45.45 -44.91
C GLY Q 296 48.08 -46.20 -43.74
N GLY Q 297 46.78 -46.11 -43.59
CA GLY Q 297 46.12 -46.78 -42.49
C GLY Q 297 45.32 -47.96 -43.01
N THR Q 298 44.72 -48.73 -42.11
CA THR Q 298 43.93 -49.88 -42.48
C THR Q 298 42.50 -49.70 -42.04
N VAL Q 299 41.56 -49.85 -42.96
CA VAL Q 299 40.14 -49.71 -42.61
C VAL Q 299 39.73 -50.89 -41.73
N ILE Q 300 38.99 -50.62 -40.67
CA ILE Q 300 38.55 -51.67 -39.77
C ILE Q 300 37.06 -51.91 -39.87
N SER Q 301 36.67 -52.88 -40.69
CA SER Q 301 35.26 -53.21 -40.92
C SER Q 301 34.85 -54.53 -40.29
N GLU Q 302 33.63 -54.56 -39.77
CA GLU Q 302 33.09 -55.77 -39.13
C GLU Q 302 32.83 -56.86 -40.16
N GLU Q 303 32.43 -56.46 -41.36
CA GLU Q 303 32.15 -57.40 -42.45
C GLU Q 303 33.26 -58.44 -42.60
N ILE Q 304 34.50 -57.98 -42.77
CA ILE Q 304 35.65 -58.86 -42.92
C ILE Q 304 35.92 -59.58 -41.59
N GLY Q 305 35.26 -59.14 -40.53
CA GLY Q 305 35.44 -59.77 -39.23
C GLY Q 305 36.50 -59.14 -38.36
N MET Q 306 36.87 -57.90 -38.64
CA MET Q 306 37.89 -57.22 -37.83
C MET Q 306 37.26 -56.62 -36.59
N GLU Q 307 38.05 -56.49 -35.54
CA GLU Q 307 37.56 -55.92 -34.28
C GLU Q 307 38.41 -54.73 -33.87
N LEU Q 308 37.79 -53.75 -33.21
CA LEU Q 308 38.50 -52.57 -32.77
C LEU Q 308 39.45 -52.88 -31.61
N GLU Q 309 39.06 -53.80 -30.73
CA GLU Q 309 39.90 -54.14 -29.60
C GLU Q 309 41.26 -54.67 -30.06
N LYS Q 310 41.29 -55.34 -31.21
CA LYS Q 310 42.52 -55.91 -31.71
C LYS Q 310 43.26 -54.98 -32.68
N ALA Q 311 42.90 -53.71 -32.69
CA ALA Q 311 43.54 -52.75 -33.58
C ALA Q 311 44.75 -52.12 -32.89
N THR Q 312 45.88 -52.11 -33.59
CA THR Q 312 47.11 -51.54 -33.06
C THR Q 312 47.46 -50.25 -33.80
N LEU Q 313 48.43 -49.50 -33.26
CA LEU Q 313 48.86 -48.25 -33.87
C LEU Q 313 49.22 -48.43 -35.35
N GLU Q 314 49.69 -49.63 -35.68
CA GLU Q 314 50.09 -49.93 -37.06
C GLU Q 314 48.90 -49.95 -38.00
N ASP Q 315 47.70 -50.14 -37.46
CA ASP Q 315 46.50 -50.15 -38.30
C ASP Q 315 46.04 -48.72 -38.59
N LEU Q 316 46.44 -47.79 -37.71
CA LEU Q 316 46.09 -46.38 -37.84
C LEU Q 316 46.83 -45.67 -38.97
N GLY Q 317 46.13 -44.74 -39.63
CA GLY Q 317 46.75 -44.00 -40.70
C GLY Q 317 47.60 -42.92 -40.06
N GLN Q 318 48.04 -41.95 -40.83
CA GLN Q 318 48.88 -40.90 -40.26
C GLN Q 318 49.02 -39.73 -41.23
N ALA Q 319 49.08 -38.52 -40.68
CA ALA Q 319 49.20 -37.31 -41.50
C ALA Q 319 49.85 -36.24 -40.64
N LYS Q 320 50.42 -35.22 -41.28
CA LYS Q 320 51.08 -34.16 -40.53
C LYS Q 320 50.12 -33.17 -39.89
N ARG Q 321 48.92 -33.05 -40.45
CA ARG Q 321 47.95 -32.12 -39.89
C ARG Q 321 46.56 -32.34 -40.46
N VAL Q 322 45.55 -32.27 -39.60
CA VAL Q 322 44.16 -32.39 -40.05
C VAL Q 322 43.43 -31.18 -39.49
N VAL Q 323 42.47 -30.66 -40.26
CA VAL Q 323 41.70 -29.51 -39.83
C VAL Q 323 40.23 -29.80 -40.00
N ILE Q 324 39.49 -29.69 -38.90
CA ILE Q 324 38.06 -29.97 -38.91
C ILE Q 324 37.21 -28.71 -38.72
N ASN Q 325 36.20 -28.59 -39.58
CA ASN Q 325 35.29 -27.45 -39.59
C ASN Q 325 33.95 -27.80 -39.01
N LYS Q 326 33.05 -26.84 -39.10
CA LYS Q 326 31.67 -26.99 -38.64
C LYS Q 326 31.06 -28.06 -39.55
N ASP Q 327 31.61 -28.20 -40.76
CA ASP Q 327 31.14 -29.20 -41.72
C ASP Q 327 32.14 -29.58 -42.80
N THR Q 328 33.41 -29.61 -42.42
CA THR Q 328 34.47 -29.99 -43.36
C THR Q 328 35.68 -30.58 -42.67
N THR Q 329 36.28 -31.58 -43.29
CA THR Q 329 37.48 -32.22 -42.75
C THR Q 329 38.53 -32.29 -43.84
N THR Q 330 39.73 -31.80 -43.54
CA THR Q 330 40.81 -31.82 -44.53
C THR Q 330 42.10 -32.43 -43.97
N ILE Q 331 42.56 -33.48 -44.63
CA ILE Q 331 43.78 -34.20 -44.23
C ILE Q 331 44.99 -33.68 -45.00
N ILE Q 332 45.99 -33.20 -44.28
CA ILE Q 332 47.17 -32.63 -44.91
C ILE Q 332 48.46 -33.44 -44.75
N ASP Q 333 49.06 -33.80 -45.87
CA ASP Q 333 50.31 -34.57 -45.93
C ASP Q 333 50.17 -35.96 -45.35
N GLY Q 334 49.53 -36.84 -46.11
CA GLY Q 334 49.32 -38.20 -45.68
C GLY Q 334 50.58 -39.02 -45.83
N VAL Q 335 50.77 -39.98 -44.92
CA VAL Q 335 51.96 -40.84 -44.92
C VAL Q 335 51.91 -41.94 -45.97
N GLY Q 336 50.70 -42.31 -46.39
CA GLY Q 336 50.56 -43.33 -47.41
C GLY Q 336 51.65 -43.28 -48.46
N GLU Q 337 52.14 -44.45 -48.86
CA GLU Q 337 53.20 -44.56 -49.86
C GLU Q 337 52.70 -44.13 -51.22
N GLU Q 338 53.51 -43.35 -51.93
CA GLU Q 338 53.13 -42.88 -53.25
C GLU Q 338 52.85 -44.04 -54.18
N ALA Q 339 53.52 -45.15 -53.93
CA ALA Q 339 53.34 -46.35 -54.75
C ALA Q 339 51.90 -46.84 -54.60
N ALA Q 340 51.44 -46.93 -53.36
CA ALA Q 340 50.08 -47.40 -53.07
C ALA Q 340 49.03 -46.38 -53.51
N ILE Q 341 49.29 -45.11 -53.21
CA ILE Q 341 48.35 -44.06 -53.57
C ILE Q 341 48.19 -44.00 -55.08
N GLN Q 342 49.30 -43.80 -55.77
CA GLN Q 342 49.30 -43.72 -57.22
C GLN Q 342 48.70 -44.95 -57.87
N GLY Q 343 48.92 -46.11 -57.26
CA GLY Q 343 48.38 -47.35 -57.81
C GLY Q 343 46.87 -47.38 -57.60
N ARG Q 344 46.42 -46.85 -56.48
CA ARG Q 344 45.00 -46.77 -56.16
C ARG Q 344 44.32 -45.91 -57.21
N VAL Q 345 44.94 -44.80 -57.57
CA VAL Q 345 44.39 -43.90 -58.57
C VAL Q 345 44.18 -44.64 -59.88
N ALA Q 346 45.14 -45.51 -60.22
CA ALA Q 346 45.06 -46.29 -61.45
C ALA Q 346 43.81 -47.15 -61.46
N GLN Q 347 43.56 -47.83 -60.36
CA GLN Q 347 42.39 -48.70 -60.21
C GLN Q 347 41.08 -47.94 -60.45
N ILE Q 348 41.00 -46.73 -59.89
CA ILE Q 348 39.80 -45.93 -60.03
C ILE Q 348 39.62 -45.43 -61.47
N ARG Q 349 40.73 -45.20 -62.15
CA ARG Q 349 40.68 -44.72 -63.53
C ARG Q 349 40.20 -45.78 -64.51
N GLN Q 350 40.36 -47.05 -64.15
CA GLN Q 350 39.89 -48.12 -65.00
C GLN Q 350 38.40 -48.25 -64.72
N GLN Q 351 38.03 -47.99 -63.48
CA GLN Q 351 36.62 -48.04 -63.08
C GLN Q 351 35.87 -47.11 -64.01
N ILE Q 352 36.46 -45.94 -64.25
CA ILE Q 352 35.89 -44.93 -65.11
C ILE Q 352 35.75 -45.45 -66.53
N GLU Q 353 36.62 -46.37 -66.91
CA GLU Q 353 36.58 -46.97 -68.24
C GLU Q 353 35.40 -47.94 -68.28
N GLU Q 354 35.43 -48.90 -67.37
CA GLU Q 354 34.39 -49.91 -67.26
C GLU Q 354 33.07 -49.30 -66.81
N ALA Q 355 33.04 -47.97 -66.68
CA ALA Q 355 31.84 -47.26 -66.24
C ALA Q 355 30.73 -47.34 -67.28
N THR Q 356 29.58 -47.89 -66.88
CA THR Q 356 28.43 -48.04 -67.76
C THR Q 356 27.38 -46.99 -67.41
N SER Q 357 27.83 -45.84 -66.93
CA SER Q 357 26.93 -44.76 -66.54
C SER Q 357 27.68 -43.43 -66.41
N ASP Q 358 26.95 -42.33 -66.52
CA ASP Q 358 27.55 -41.01 -66.39
C ASP Q 358 27.68 -40.66 -64.92
N TYR Q 359 26.65 -41.00 -64.14
CA TYR Q 359 26.67 -40.73 -62.71
C TYR Q 359 27.85 -41.45 -62.10
N ASP Q 360 27.85 -42.77 -62.24
CA ASP Q 360 28.91 -43.63 -61.70
C ASP Q 360 30.29 -43.14 -62.15
N ARG Q 361 30.30 -42.49 -63.31
CA ARG Q 361 31.53 -41.95 -63.88
C ARG Q 361 31.93 -40.66 -63.18
N GLU Q 362 30.96 -39.80 -62.92
CA GLU Q 362 31.24 -38.52 -62.24
C GLU Q 362 31.73 -38.76 -60.83
N LYS Q 363 31.16 -39.76 -60.17
CA LYS Q 363 31.54 -40.09 -58.80
C LYS Q 363 32.97 -40.61 -58.70
N LEU Q 364 33.37 -41.40 -59.69
CA LEU Q 364 34.71 -41.95 -59.72
C LEU Q 364 35.74 -40.86 -59.99
N GLN Q 365 35.40 -39.91 -60.86
CA GLN Q 365 36.31 -38.82 -61.17
C GLN Q 365 36.54 -37.97 -59.92
N GLU Q 366 35.46 -37.76 -59.17
CA GLU Q 366 35.55 -36.98 -57.93
C GLU Q 366 36.59 -37.57 -57.01
N ARG Q 367 36.57 -38.90 -56.88
CA ARG Q 367 37.52 -39.60 -56.02
C ARG Q 367 38.99 -39.48 -56.43
N VAL Q 368 39.27 -39.68 -57.72
CA VAL Q 368 40.65 -39.56 -58.19
C VAL Q 368 41.12 -38.13 -58.02
N ALA Q 369 40.24 -37.18 -58.32
CA ALA Q 369 40.59 -35.77 -58.20
C ALA Q 369 41.08 -35.49 -56.79
N LYS Q 370 40.42 -36.09 -55.81
CA LYS Q 370 40.81 -35.88 -54.42
C LYS Q 370 42.14 -36.53 -54.16
N LEU Q 371 42.22 -37.82 -54.47
CA LEU Q 371 43.42 -38.61 -54.26
C LEU Q 371 44.63 -38.14 -55.05
N ALA Q 372 44.43 -37.86 -56.33
CA ALA Q 372 45.50 -37.40 -57.20
C ALA Q 372 45.83 -35.91 -57.09
N GLY Q 373 44.80 -35.09 -56.88
CA GLY Q 373 44.99 -33.65 -56.80
C GLY Q 373 45.84 -33.13 -55.66
N GLY Q 374 45.85 -33.83 -54.54
CA GLY Q 374 46.66 -33.37 -53.42
C GLY Q 374 46.09 -32.13 -52.75
N VAL Q 375 46.94 -31.44 -51.99
CA VAL Q 375 46.53 -30.24 -51.25
C VAL Q 375 47.61 -29.16 -51.25
N ALA Q 376 47.23 -27.95 -51.67
CA ALA Q 376 48.16 -26.84 -51.71
C ALA Q 376 48.28 -26.23 -50.32
N VAL Q 377 49.51 -26.18 -49.80
CA VAL Q 377 49.75 -25.63 -48.47
C VAL Q 377 50.49 -24.31 -48.51
N ILE Q 378 49.81 -23.25 -48.11
CA ILE Q 378 50.39 -21.91 -48.07
C ILE Q 378 50.93 -21.66 -46.66
N LYS Q 379 52.23 -21.39 -46.54
CA LYS Q 379 52.82 -21.11 -45.22
C LYS Q 379 53.10 -19.63 -45.15
N VAL Q 380 52.23 -18.91 -44.44
CA VAL Q 380 52.34 -17.46 -44.31
C VAL Q 380 53.68 -16.97 -43.81
N GLY Q 381 54.18 -15.91 -44.46
CA GLY Q 381 55.45 -15.29 -44.11
C GLY Q 381 55.51 -14.92 -42.65
N ALA Q 382 56.44 -14.03 -42.25
CA ALA Q 382 56.53 -13.71 -40.83
C ALA Q 382 57.14 -12.40 -40.38
N ALA Q 383 58.15 -12.53 -39.52
CA ALA Q 383 58.85 -11.39 -38.91
C ALA Q 383 57.95 -10.98 -37.75
N THR Q 384 58.11 -11.68 -36.63
CA THR Q 384 57.34 -11.50 -35.37
C THR Q 384 56.07 -12.35 -35.40
N GLU Q 385 55.90 -13.15 -34.36
CA GLU Q 385 54.76 -14.04 -34.24
C GLU Q 385 53.42 -13.33 -34.41
N VAL Q 386 53.37 -12.06 -34.00
CA VAL Q 386 52.13 -11.30 -34.09
C VAL Q 386 51.72 -11.00 -35.53
N GLU Q 387 52.61 -10.38 -36.29
CA GLU Q 387 52.31 -10.04 -37.67
C GLU Q 387 51.99 -11.30 -38.46
N MET Q 388 52.71 -12.37 -38.15
CA MET Q 388 52.53 -13.65 -38.82
C MET Q 388 51.10 -14.16 -38.64
N LYS Q 389 50.59 -14.09 -37.43
CA LYS Q 389 49.24 -14.55 -37.15
C LYS Q 389 48.18 -13.64 -37.79
N GLU Q 390 48.51 -12.35 -37.90
CA GLU Q 390 47.60 -11.37 -38.49
C GLU Q 390 47.51 -11.51 -40.01
N LYS Q 391 48.64 -11.80 -40.64
CA LYS Q 391 48.68 -11.97 -42.09
C LYS Q 391 47.97 -13.28 -42.45
N LYS Q 392 48.19 -14.30 -41.64
CA LYS Q 392 47.58 -15.62 -41.84
C LYS Q 392 46.08 -15.46 -41.90
N ALA Q 393 45.55 -14.51 -41.13
CA ALA Q 393 44.12 -14.28 -41.10
C ALA Q 393 43.66 -13.67 -42.42
N ARG Q 394 44.34 -12.61 -42.85
CA ARG Q 394 43.99 -11.94 -44.09
C ARG Q 394 44.05 -12.91 -45.26
N VAL Q 395 45.04 -13.79 -45.24
CA VAL Q 395 45.20 -14.78 -46.30
C VAL Q 395 44.00 -15.73 -46.30
N GLU Q 396 43.65 -16.23 -45.13
CA GLU Q 396 42.51 -17.14 -45.01
C GLU Q 396 41.21 -16.51 -45.55
N ASP Q 397 40.99 -15.24 -45.24
CA ASP Q 397 39.79 -14.57 -45.71
C ASP Q 397 39.89 -14.37 -47.21
N ALA Q 398 40.98 -13.75 -47.65
CA ALA Q 398 41.20 -13.50 -49.07
C ALA Q 398 40.99 -14.78 -49.84
N LEU Q 399 41.37 -15.90 -49.25
CA LEU Q 399 41.20 -17.19 -49.90
C LEU Q 399 39.73 -17.50 -50.14
N HIS Q 400 38.91 -17.42 -49.08
CA HIS Q 400 37.47 -17.67 -49.19
C HIS Q 400 36.81 -16.75 -50.21
N ALA Q 401 37.22 -15.48 -50.20
CA ALA Q 401 36.67 -14.50 -51.13
C ALA Q 401 37.01 -14.85 -52.56
N THR Q 402 38.27 -15.21 -52.78
CA THR Q 402 38.73 -15.56 -54.12
C THR Q 402 38.06 -16.82 -54.61
N ARG Q 403 37.89 -17.78 -53.71
CA ARG Q 403 37.27 -19.04 -54.07
C ARG Q 403 35.86 -18.79 -54.59
N ALA Q 404 35.13 -17.93 -53.90
CA ALA Q 404 33.77 -17.59 -54.27
C ALA Q 404 33.73 -16.78 -55.57
N ALA Q 405 34.66 -15.84 -55.71
CA ALA Q 405 34.73 -15.02 -56.92
C ALA Q 405 34.99 -15.90 -58.14
N VAL Q 406 35.77 -16.96 -57.96
CA VAL Q 406 36.10 -17.88 -59.05
C VAL Q 406 34.89 -18.70 -59.47
N GLU Q 407 33.96 -18.92 -58.54
CA GLU Q 407 32.76 -19.72 -58.81
C GLU Q 407 31.64 -18.96 -59.52
N GLU Q 408 31.44 -17.69 -59.16
CA GLU Q 408 30.35 -16.92 -59.76
C GLU Q 408 30.70 -15.48 -60.13
N GLY Q 409 31.99 -15.15 -60.10
CA GLY Q 409 32.39 -13.80 -60.46
C GLY Q 409 32.23 -12.76 -59.37
N VAL Q 410 32.34 -11.49 -59.75
CA VAL Q 410 32.20 -10.40 -58.79
C VAL Q 410 31.23 -9.33 -59.26
N VAL Q 411 30.73 -8.54 -58.32
CA VAL Q 411 29.80 -7.48 -58.63
C VAL Q 411 30.12 -6.28 -57.76
N ALA Q 412 29.58 -5.13 -58.12
CA ALA Q 412 29.84 -3.89 -57.38
C ALA Q 412 29.45 -3.94 -55.92
N GLY Q 413 30.44 -3.83 -55.05
CA GLY Q 413 30.20 -3.88 -53.62
C GLY Q 413 29.62 -2.59 -53.05
N GLY Q 414 29.80 -2.39 -51.75
CA GLY Q 414 29.29 -1.19 -51.10
C GLY Q 414 27.79 -1.18 -51.18
N GLY Q 415 27.20 -2.35 -51.44
CA GLY Q 415 25.76 -2.45 -51.50
C GLY Q 415 25.14 -1.95 -52.79
N VAL Q 416 25.95 -1.49 -53.74
CA VAL Q 416 25.37 -0.97 -54.97
C VAL Q 416 24.86 -2.03 -55.95
N ALA Q 417 25.45 -3.22 -55.95
CA ALA Q 417 24.98 -4.25 -56.86
C ALA Q 417 23.52 -4.53 -56.56
N LEU Q 418 23.18 -4.68 -55.28
CA LEU Q 418 21.79 -4.96 -54.90
C LEU Q 418 20.85 -3.85 -55.30
N ILE Q 419 21.22 -2.60 -55.00
CA ILE Q 419 20.35 -1.49 -55.36
C ILE Q 419 20.24 -1.32 -56.88
N ARG Q 420 21.31 -1.64 -57.59
CA ARG Q 420 21.32 -1.53 -59.04
C ARG Q 420 20.38 -2.57 -59.62
N VAL Q 421 20.50 -3.79 -59.11
CA VAL Q 421 19.69 -4.90 -59.60
C VAL Q 421 18.21 -4.61 -59.41
N ALA Q 422 17.88 -4.03 -58.25
CA ALA Q 422 16.48 -3.71 -57.96
C ALA Q 422 15.96 -2.61 -58.89
N SER Q 423 16.78 -1.61 -59.17
CA SER Q 423 16.35 -0.52 -60.04
C SER Q 423 15.88 -1.03 -61.40
N LYS Q 424 16.32 -2.22 -61.78
CA LYS Q 424 15.94 -2.79 -63.09
C LYS Q 424 14.64 -3.58 -63.05
N LEU Q 425 14.18 -3.93 -61.85
CA LEU Q 425 12.97 -4.74 -61.73
C LEU Q 425 11.72 -3.92 -61.42
N ALA Q 426 11.76 -2.64 -61.78
CA ALA Q 426 10.64 -1.72 -61.54
C ALA Q 426 9.31 -2.13 -62.16
N ASP Q 427 9.34 -2.96 -63.19
CA ASP Q 427 8.10 -3.39 -63.83
C ASP Q 427 7.68 -4.83 -63.47
N LEU Q 428 8.48 -5.51 -62.66
CA LEU Q 428 8.17 -6.90 -62.29
C LEU Q 428 6.80 -6.93 -61.62
N ARG Q 429 5.93 -7.84 -62.06
CA ARG Q 429 4.58 -7.94 -61.51
C ARG Q 429 4.20 -9.38 -61.17
N GLY Q 430 3.21 -9.53 -60.31
CA GLY Q 430 2.76 -10.85 -59.91
C GLY Q 430 1.39 -11.19 -60.47
N GLN Q 431 0.67 -12.06 -59.78
CA GLN Q 431 -0.65 -12.48 -60.21
C GLN Q 431 -1.78 -11.64 -59.63
N ASN Q 432 -1.51 -10.93 -58.54
CA ASN Q 432 -2.50 -10.06 -57.92
C ASN Q 432 -1.79 -8.91 -57.22
N GLU Q 433 -2.57 -7.97 -56.69
CA GLU Q 433 -1.97 -6.82 -56.01
C GLU Q 433 -1.13 -7.15 -54.78
N ASP Q 434 -1.55 -8.16 -54.02
CA ASP Q 434 -0.78 -8.52 -52.85
C ASP Q 434 0.62 -8.93 -53.29
N GLN Q 435 0.68 -9.77 -54.33
CA GLN Q 435 1.96 -10.22 -54.86
C GLN Q 435 2.79 -9.04 -55.36
N ASN Q 436 2.13 -8.03 -55.92
CA ASN Q 436 2.84 -6.85 -56.40
C ASN Q 436 3.50 -6.15 -55.22
N VAL Q 437 2.77 -6.04 -54.12
CA VAL Q 437 3.28 -5.39 -52.91
C VAL Q 437 4.49 -6.16 -52.43
N GLY Q 438 4.39 -7.49 -52.49
CA GLY Q 438 5.50 -8.33 -52.07
C GLY Q 438 6.74 -7.98 -52.87
N ILE Q 439 6.57 -7.88 -54.19
CA ILE Q 439 7.69 -7.53 -55.06
C ILE Q 439 8.31 -6.19 -54.68
N LYS Q 440 7.46 -5.19 -54.43
CA LYS Q 440 7.93 -3.87 -54.04
C LYS Q 440 8.62 -3.90 -52.67
N VAL Q 441 8.14 -4.77 -51.80
CA VAL Q 441 8.73 -4.91 -50.48
C VAL Q 441 10.19 -5.37 -50.58
N ALA Q 442 10.41 -6.38 -51.43
CA ALA Q 442 11.75 -6.93 -51.66
C ALA Q 442 12.65 -5.92 -52.35
N LEU Q 443 12.17 -5.31 -53.42
CA LEU Q 443 12.99 -4.35 -54.14
C LEU Q 443 13.40 -3.19 -53.24
N ARG Q 444 12.49 -2.74 -52.41
CA ARG Q 444 12.76 -1.64 -51.49
C ARG Q 444 13.83 -2.08 -50.45
N ALA Q 445 13.73 -3.32 -49.99
CA ALA Q 445 14.67 -3.85 -49.02
C ALA Q 445 16.07 -3.93 -49.59
N MET Q 446 16.18 -4.20 -50.89
CA MET Q 446 17.49 -4.33 -51.51
C MET Q 446 18.32 -3.06 -51.40
N GLU Q 447 17.70 -2.01 -50.88
CA GLU Q 447 18.38 -0.73 -50.69
C GLU Q 447 18.94 -0.57 -49.28
N ALA Q 448 18.51 -1.45 -48.37
CA ALA Q 448 18.93 -1.40 -46.99
C ALA Q 448 20.45 -1.37 -46.78
N PRO Q 449 21.19 -2.32 -47.39
CA PRO Q 449 22.63 -2.31 -47.21
C PRO Q 449 23.30 -0.98 -47.58
N LEU Q 450 23.06 -0.47 -48.79
CA LEU Q 450 23.67 0.78 -49.21
C LEU Q 450 23.30 1.89 -48.24
N ARG Q 451 22.00 2.08 -48.04
CA ARG Q 451 21.49 3.11 -47.16
C ARG Q 451 22.14 3.05 -45.77
N GLN Q 452 22.30 1.85 -45.22
CA GLN Q 452 22.90 1.72 -43.91
C GLN Q 452 24.35 2.16 -43.96
N ILE Q 453 25.07 1.72 -44.99
CA ILE Q 453 26.48 2.07 -45.16
C ILE Q 453 26.60 3.58 -45.20
N VAL Q 454 25.70 4.23 -45.96
CA VAL Q 454 25.72 5.69 -46.07
C VAL Q 454 25.39 6.36 -44.73
N LEU Q 455 24.44 5.79 -43.99
CA LEU Q 455 24.06 6.35 -42.72
C LEU Q 455 25.25 6.30 -41.76
N ASN Q 456 26.00 5.20 -41.79
CA ASN Q 456 27.16 5.07 -40.91
C ASN Q 456 28.20 6.12 -41.23
N CYS Q 457 28.24 6.59 -42.49
CA CYS Q 457 29.19 7.62 -42.91
C CYS Q 457 28.75 9.00 -42.48
N GLY Q 458 27.51 9.11 -42.02
CA GLY Q 458 26.99 10.40 -41.60
C GLY Q 458 26.44 11.18 -42.78
N GLU Q 459 26.08 10.46 -43.84
CA GLU Q 459 25.52 11.07 -45.04
C GLU Q 459 24.01 10.82 -45.14
N GLU Q 460 23.38 11.33 -46.20
CA GLU Q 460 21.94 11.15 -46.38
C GLU Q 460 21.62 10.01 -47.36
N PRO Q 461 21.18 8.86 -46.82
CA PRO Q 461 20.83 7.68 -47.60
C PRO Q 461 19.93 7.99 -48.81
N SER Q 462 18.84 8.70 -48.58
CA SER Q 462 17.91 9.03 -49.65
C SER Q 462 18.62 9.62 -50.87
N VAL Q 463 19.55 10.54 -50.61
CA VAL Q 463 20.28 11.19 -51.69
C VAL Q 463 21.26 10.26 -52.40
N VAL Q 464 22.11 9.56 -51.64
CA VAL Q 464 23.08 8.65 -52.26
C VAL Q 464 22.36 7.52 -52.99
N ALA Q 465 21.33 6.98 -52.37
CA ALA Q 465 20.56 5.91 -53.01
C ALA Q 465 19.96 6.43 -54.31
N ASN Q 466 19.42 7.64 -54.23
CA ASN Q 466 18.78 8.29 -55.36
C ASN Q 466 19.77 8.46 -56.50
N THR Q 467 21.00 8.86 -56.18
CA THR Q 467 22.03 9.08 -57.17
C THR Q 467 22.53 7.77 -57.77
N VAL Q 468 22.79 6.78 -56.94
CA VAL Q 468 23.28 5.51 -57.43
C VAL Q 468 22.24 4.89 -58.34
N LYS Q 469 20.97 5.03 -57.98
CA LYS Q 469 19.91 4.47 -58.80
C LYS Q 469 19.83 5.20 -60.14
N GLY Q 470 20.13 6.50 -60.12
CA GLY Q 470 20.07 7.29 -61.34
C GLY Q 470 21.01 6.83 -62.43
N GLY Q 471 22.17 6.32 -62.04
CA GLY Q 471 23.16 5.86 -63.01
C GLY Q 471 22.88 4.43 -63.39
N ASP Q 472 23.88 3.75 -63.94
CA ASP Q 472 23.71 2.35 -64.32
C ASP Q 472 25.03 1.60 -64.33
N GLY Q 473 24.95 0.31 -64.65
CA GLY Q 473 26.16 -0.50 -64.66
C GLY Q 473 26.67 -0.64 -63.25
N ASN Q 474 27.98 -0.55 -63.06
CA ASN Q 474 28.55 -0.67 -61.73
C ASN Q 474 28.92 0.70 -61.19
N TYR Q 475 28.10 1.68 -61.54
CA TYR Q 475 28.29 3.05 -61.06
C TYR Q 475 27.72 3.05 -59.65
N GLY Q 476 28.53 3.46 -58.68
CA GLY Q 476 28.03 3.46 -57.31
C GLY Q 476 28.66 4.51 -56.42
N TYR Q 477 28.49 4.35 -55.12
CA TYR Q 477 29.04 5.29 -54.16
C TYR Q 477 30.12 4.64 -53.31
N ASN Q 478 31.35 5.12 -53.47
CA ASN Q 478 32.48 4.61 -52.71
C ASN Q 478 32.37 5.23 -51.32
N ALA Q 479 31.90 4.44 -50.34
CA ALA Q 479 31.73 4.95 -48.98
C ALA Q 479 33.03 5.38 -48.33
N ALA Q 480 34.14 4.77 -48.75
CA ALA Q 480 35.45 5.10 -48.20
C ALA Q 480 35.87 6.51 -48.58
N THR Q 481 36.00 6.75 -49.89
CA THR Q 481 36.40 8.05 -50.39
C THR Q 481 35.24 9.02 -50.47
N GLU Q 482 34.03 8.50 -50.29
CA GLU Q 482 32.81 9.30 -50.35
C GLU Q 482 32.75 10.04 -51.68
N GLU Q 483 32.96 9.29 -52.76
CA GLU Q 483 32.95 9.80 -54.11
C GLU Q 483 32.27 8.77 -55.01
N TYR Q 484 31.60 9.20 -56.06
CA TYR Q 484 30.95 8.26 -56.97
C TYR Q 484 31.92 7.82 -58.06
N GLY Q 485 31.52 6.81 -58.83
CA GLY Q 485 32.37 6.31 -59.90
C GLY Q 485 32.07 4.85 -60.15
N ASN Q 486 32.93 4.16 -60.88
CA ASN Q 486 32.73 2.75 -61.16
C ASN Q 486 33.25 1.94 -59.98
N MET Q 487 32.36 1.20 -59.33
CA MET Q 487 32.70 0.40 -58.17
C MET Q 487 33.80 -0.63 -58.40
N ILE Q 488 33.77 -1.29 -59.56
CA ILE Q 488 34.80 -2.30 -59.86
C ILE Q 488 36.16 -1.66 -60.08
N ASP Q 489 36.22 -0.61 -60.89
CA ASP Q 489 37.47 0.06 -61.14
C ASP Q 489 38.07 0.57 -59.83
N MET Q 490 37.21 1.10 -58.95
CA MET Q 490 37.67 1.60 -57.66
C MET Q 490 38.01 0.47 -56.71
N GLY Q 491 37.84 -0.76 -57.19
CA GLY Q 491 38.18 -1.91 -56.38
C GLY Q 491 37.32 -2.16 -55.15
N ILE Q 492 36.04 -1.84 -55.27
CA ILE Q 492 35.11 -2.08 -54.19
C ILE Q 492 34.09 -3.07 -54.72
N LEU Q 493 34.28 -4.34 -54.38
CA LEU Q 493 33.39 -5.36 -54.89
C LEU Q 493 33.17 -6.54 -53.96
N ASP Q 494 32.14 -7.31 -54.25
CA ASP Q 494 31.82 -8.49 -53.46
C ASP Q 494 31.65 -9.67 -54.41
N PRO Q 495 32.01 -10.87 -53.98
CA PRO Q 495 31.83 -12.03 -54.86
C PRO Q 495 30.34 -12.14 -55.18
N THR Q 496 29.99 -12.27 -56.44
CA THR Q 496 28.58 -12.39 -56.78
C THR Q 496 27.90 -13.42 -55.89
N LYS Q 497 28.63 -14.46 -55.51
CA LYS Q 497 28.07 -15.51 -54.67
C LYS Q 497 27.67 -15.03 -53.29
N VAL Q 498 28.46 -14.16 -52.68
CA VAL Q 498 28.14 -13.68 -51.34
C VAL Q 498 26.86 -12.81 -51.36
N THR Q 499 26.76 -11.91 -52.34
CA THR Q 499 25.57 -11.07 -52.46
C THR Q 499 24.36 -11.94 -52.73
N ARG Q 500 24.50 -12.91 -53.63
CA ARG Q 500 23.39 -13.81 -53.94
C ARG Q 500 22.89 -14.58 -52.73
N SER Q 501 23.82 -15.19 -51.99
CA SER Q 501 23.47 -15.97 -50.81
C SER Q 501 22.84 -15.11 -49.73
N ALA Q 502 23.38 -13.90 -49.54
CA ALA Q 502 22.86 -13.01 -48.51
C ALA Q 502 21.39 -12.70 -48.78
N LEU Q 503 21.09 -12.36 -50.03
CA LEU Q 503 19.75 -12.04 -50.44
C LEU Q 503 18.82 -13.24 -50.32
N GLN Q 504 19.22 -14.38 -50.91
CA GLN Q 504 18.37 -15.56 -50.85
C GLN Q 504 18.10 -16.03 -49.43
N TYR Q 505 19.11 -15.99 -48.59
CA TYR Q 505 18.92 -16.45 -47.22
C TYR Q 505 18.07 -15.48 -46.42
N ALA Q 506 18.19 -14.19 -46.72
CA ALA Q 506 17.41 -13.20 -46.01
C ALA Q 506 15.96 -13.41 -46.41
N ALA Q 507 15.73 -13.40 -47.71
CA ALA Q 507 14.39 -13.59 -48.28
C ALA Q 507 13.73 -14.87 -47.76
N SER Q 508 14.54 -15.87 -47.48
CA SER Q 508 14.02 -17.13 -46.96
C SER Q 508 13.39 -16.99 -45.57
N VAL Q 509 14.19 -16.55 -44.61
CA VAL Q 509 13.69 -16.42 -43.25
C VAL Q 509 12.61 -15.35 -43.19
N ALA Q 510 12.73 -14.31 -44.00
CA ALA Q 510 11.72 -13.27 -43.98
C ALA Q 510 10.38 -13.84 -44.44
N GLY Q 511 10.42 -14.63 -45.52
CA GLY Q 511 9.20 -15.22 -46.02
C GLY Q 511 8.57 -16.13 -44.98
N LEU Q 512 9.40 -16.87 -44.23
CA LEU Q 512 8.89 -17.78 -43.23
C LEU Q 512 8.20 -17.04 -42.10
N MET Q 513 8.82 -15.97 -41.63
CA MET Q 513 8.24 -15.19 -40.54
C MET Q 513 6.93 -14.53 -40.94
N ILE Q 514 6.90 -13.94 -42.14
CA ILE Q 514 5.70 -13.29 -42.64
C ILE Q 514 4.53 -14.28 -42.72
N THR Q 515 4.84 -15.57 -42.89
CA THR Q 515 3.81 -16.57 -42.97
C THR Q 515 3.71 -17.41 -41.71
N THR Q 516 4.02 -16.80 -40.56
CA THR Q 516 3.95 -17.49 -39.28
C THR Q 516 2.72 -16.99 -38.57
N GLU Q 517 1.90 -17.90 -38.06
CA GLU Q 517 0.67 -17.53 -37.35
C GLU Q 517 0.62 -17.91 -35.89
N CYS Q 518 1.53 -18.78 -35.47
CA CYS Q 518 1.55 -19.21 -34.08
C CYS Q 518 2.97 -19.47 -33.59
N MET Q 519 3.21 -19.13 -32.33
CA MET Q 519 4.50 -19.34 -31.70
C MET Q 519 4.32 -20.03 -30.35
N VAL Q 520 5.14 -21.04 -30.09
CA VAL Q 520 5.07 -21.80 -28.83
C VAL Q 520 6.42 -21.82 -28.15
N THR Q 521 6.44 -21.45 -26.87
CA THR Q 521 7.68 -21.44 -26.10
C THR Q 521 7.35 -21.74 -24.65
N ASP Q 522 8.36 -22.12 -23.88
CA ASP Q 522 8.13 -22.43 -22.47
C ASP Q 522 7.71 -21.21 -21.71
N LEU Q 523 6.97 -21.44 -20.63
CA LEU Q 523 6.51 -20.35 -19.81
C LEU Q 523 7.73 -19.82 -19.05
N PRO Q 524 7.85 -18.50 -18.93
CA PRO Q 524 8.99 -17.92 -18.22
C PRO Q 524 9.15 -18.42 -16.79
N LYS Q 525 8.16 -19.18 -16.33
CA LYS Q 525 8.18 -19.74 -14.98
C LYS Q 525 9.08 -20.97 -14.90
N SER R 1 29.83 -43.69 -10.72
CA SER R 1 29.22 -44.39 -11.85
C SER R 1 30.27 -44.84 -12.85
N TRP R 2 31.17 -43.92 -13.22
CA TRP R 2 32.23 -44.21 -14.18
C TRP R 2 33.48 -44.79 -13.53
N MET R 3 34.35 -45.38 -14.36
CA MET R 3 35.58 -45.99 -13.88
C MET R 3 36.79 -45.32 -14.53
N THR R 4 37.97 -45.65 -14.05
CA THR R 4 39.18 -45.06 -14.60
C THR R 4 40.23 -46.11 -14.91
N THR R 5 40.80 -46.04 -16.10
CA THR R 5 41.82 -46.99 -16.48
C THR R 5 43.13 -46.53 -15.82
N PRO R 6 44.14 -47.41 -15.78
CA PRO R 6 45.42 -47.01 -15.18
C PRO R 6 45.97 -45.73 -15.80
N TRP R 7 45.88 -45.64 -17.13
CA TRP R 7 46.38 -44.47 -17.85
C TRP R 7 45.50 -43.23 -17.69
N GLY R 8 44.44 -43.35 -16.88
CA GLY R 8 43.56 -42.21 -16.63
C GLY R 8 42.32 -42.00 -17.48
N PHE R 9 42.00 -42.96 -18.34
CA PHE R 9 40.83 -42.81 -19.18
C PHE R 9 39.54 -43.01 -18.36
N LEU R 10 38.72 -41.97 -18.32
CA LEU R 10 37.47 -42.02 -17.59
C LEU R 10 36.39 -42.62 -18.51
N HIS R 11 35.66 -43.63 -18.05
CA HIS R 11 34.64 -44.25 -18.90
C HIS R 11 33.58 -45.05 -18.14
N PRO R 12 32.43 -45.31 -18.79
CA PRO R 12 31.35 -46.08 -18.17
C PRO R 12 31.74 -47.54 -18.02
N ALA S 1 23.39 -16.27 -21.93
CA ALA S 1 22.14 -15.84 -21.24
C ALA S 1 21.52 -14.64 -21.96
N ALA S 2 20.34 -14.25 -21.51
CA ALA S 2 19.67 -13.09 -22.10
C ALA S 2 20.57 -11.90 -21.89
N LYS S 3 20.67 -11.05 -22.90
CA LYS S 3 21.51 -9.86 -22.80
C LYS S 3 20.67 -8.61 -22.68
N ASP S 4 21.33 -7.53 -22.27
CA ASP S 4 20.68 -6.22 -22.15
C ASP S 4 21.47 -5.46 -23.19
N VAL S 5 20.80 -4.95 -24.21
CA VAL S 5 21.46 -4.23 -25.28
C VAL S 5 21.12 -2.75 -25.27
N LYS S 6 22.14 -1.90 -25.19
CA LYS S 6 21.94 -0.45 -25.21
C LYS S 6 22.52 0.15 -26.47
N PHE S 7 21.95 1.26 -26.92
CA PHE S 7 22.39 1.92 -28.15
C PHE S 7 22.76 3.40 -28.02
N GLY S 8 23.39 3.90 -29.08
CA GLY S 8 23.79 5.29 -29.19
C GLY S 8 23.98 6.10 -27.93
N ASN S 9 23.12 7.08 -27.74
CA ASN S 9 23.24 7.97 -26.59
C ASN S 9 23.15 7.29 -25.22
N ASP S 10 22.23 6.34 -25.06
CA ASP S 10 22.09 5.64 -23.79
C ASP S 10 23.39 4.92 -23.48
N ALA S 11 23.93 4.22 -24.47
CA ALA S 11 25.18 3.50 -24.31
C ALA S 11 26.33 4.45 -23.94
N ARG S 12 26.42 5.56 -24.64
CA ARG S 12 27.47 6.53 -24.39
C ARG S 12 27.45 7.14 -22.97
N VAL S 13 26.30 7.59 -22.49
CA VAL S 13 26.26 8.19 -21.16
C VAL S 13 26.68 7.19 -20.09
N LYS S 14 26.33 5.93 -20.29
CA LYS S 14 26.71 4.90 -19.34
C LYS S 14 28.24 4.83 -19.28
N MET S 15 28.87 4.71 -20.44
CA MET S 15 30.31 4.63 -20.49
C MET S 15 30.91 5.85 -19.81
N LEU S 16 30.43 7.03 -20.17
CA LEU S 16 30.94 8.26 -19.58
C LEU S 16 30.94 8.18 -18.05
N ARG S 17 29.80 7.80 -17.46
CA ARG S 17 29.67 7.70 -16.02
C ARG S 17 30.68 6.71 -15.42
N GLY S 18 30.88 5.61 -16.14
CA GLY S 18 31.82 4.60 -15.71
C GLY S 18 33.24 5.14 -15.64
N VAL S 19 33.72 5.78 -16.71
CA VAL S 19 35.09 6.31 -16.67
C VAL S 19 35.18 7.49 -15.71
N ASN S 20 34.07 8.18 -15.47
CA ASN S 20 34.11 9.30 -14.55
C ASN S 20 34.41 8.82 -13.14
N VAL S 21 33.84 7.67 -12.78
CA VAL S 21 34.10 7.12 -11.45
C VAL S 21 35.56 6.71 -11.37
N LEU S 22 36.04 6.03 -12.41
CA LEU S 22 37.43 5.60 -12.47
C LEU S 22 38.38 6.79 -12.40
N ALA S 23 38.37 7.63 -13.44
CA ALA S 23 39.24 8.80 -13.49
C ALA S 23 39.13 9.68 -12.24
N ASP S 24 37.91 10.01 -11.81
CA ASP S 24 37.75 10.84 -10.62
C ASP S 24 38.41 10.24 -9.38
N ALA S 25 38.38 8.91 -9.27
CA ALA S 25 38.96 8.23 -8.14
C ALA S 25 40.48 8.26 -8.22
N VAL S 26 40.98 8.03 -9.43
CA VAL S 26 42.41 8.00 -9.65
C VAL S 26 43.10 9.34 -9.69
N LYS S 27 42.53 10.31 -10.40
CA LYS S 27 43.20 11.61 -10.50
C LYS S 27 43.41 12.41 -9.22
N VAL S 28 42.77 12.03 -8.12
CA VAL S 28 42.99 12.79 -6.89
C VAL S 28 44.41 12.57 -6.38
N THR S 29 45.05 11.51 -6.85
CA THR S 29 46.40 11.19 -6.39
C THR S 29 47.49 11.89 -7.20
N LEU S 30 47.12 12.41 -8.36
CA LEU S 30 48.05 13.06 -9.27
C LEU S 30 48.79 14.26 -8.72
N GLY S 31 50.11 14.31 -8.94
CA GLY S 31 50.91 15.43 -8.49
C GLY S 31 51.51 15.35 -7.09
N PRO S 32 52.44 16.26 -6.77
CA PRO S 32 53.09 16.28 -5.45
C PRO S 32 52.16 16.61 -4.30
N LYS S 33 50.99 17.16 -4.59
CA LYS S 33 50.03 17.48 -3.52
C LYS S 33 48.83 16.55 -3.66
N GLY S 34 49.08 15.41 -4.30
CA GLY S 34 48.05 14.40 -4.48
C GLY S 34 47.42 13.99 -3.16
N ARG S 35 46.15 13.63 -3.22
CA ARG S 35 45.42 13.24 -2.03
C ARG S 35 45.44 11.72 -1.82
N ASN S 36 45.08 11.30 -0.62
CA ASN S 36 45.03 9.88 -0.28
C ASN S 36 43.71 9.22 -0.66
N VAL S 37 43.77 7.97 -1.06
CA VAL S 37 42.57 7.23 -1.41
C VAL S 37 42.59 6.06 -0.45
N VAL S 38 41.44 5.78 0.17
CA VAL S 38 41.36 4.67 1.10
C VAL S 38 40.71 3.47 0.46
N LEU S 39 41.45 2.37 0.35
CA LEU S 39 40.94 1.17 -0.28
C LEU S 39 40.70 0.14 0.81
N ASP S 40 39.46 -0.32 0.89
CA ASP S 40 39.06 -1.29 1.90
C ASP S 40 39.62 -2.68 1.63
N LYS S 41 39.69 -3.49 2.68
CA LYS S 41 40.20 -4.85 2.59
C LYS S 41 39.21 -5.78 3.27
N SER S 42 39.13 -7.01 2.79
CA SER S 42 38.22 -7.97 3.40
C SER S 42 38.61 -8.24 4.85
N PHE S 43 39.90 -8.32 5.13
CA PHE S 43 40.37 -8.57 6.49
C PHE S 43 41.56 -7.70 6.84
N GLY S 44 41.41 -6.94 7.93
CA GLY S 44 42.49 -6.08 8.37
C GLY S 44 42.12 -4.61 8.40
N ALA S 45 43.13 -3.77 8.23
CA ALA S 45 42.92 -2.33 8.23
C ALA S 45 42.95 -1.84 6.81
N PRO S 46 42.15 -0.82 6.50
CA PRO S 46 42.10 -0.29 5.14
C PRO S 46 43.49 0.10 4.66
N THR S 47 43.65 0.17 3.34
CA THR S 47 44.91 0.58 2.72
C THR S 47 44.78 2.06 2.39
N ILE S 48 45.76 2.86 2.79
CA ILE S 48 45.73 4.28 2.48
C ILE S 48 46.84 4.47 1.45
N THR S 49 46.47 4.87 0.25
CA THR S 49 47.44 5.03 -0.83
C THR S 49 47.28 6.26 -1.71
N LYS S 50 48.39 6.65 -2.33
CA LYS S 50 48.42 7.75 -3.28
C LYS S 50 48.86 7.19 -4.62
N ASP S 51 48.78 5.87 -4.75
CA ASP S 51 49.19 5.18 -5.97
C ASP S 51 48.01 4.94 -6.91
N GLY S 52 47.91 5.83 -7.90
CA GLY S 52 46.84 5.75 -8.88
C GLY S 52 46.62 4.35 -9.42
N VAL S 53 47.70 3.61 -9.66
CA VAL S 53 47.54 2.26 -10.18
C VAL S 53 46.79 1.35 -9.19
N SER S 54 47.12 1.45 -7.91
CA SER S 54 46.46 0.63 -6.90
C SER S 54 44.97 0.92 -6.88
N VAL S 55 44.62 2.20 -6.95
CA VAL S 55 43.21 2.59 -6.94
C VAL S 55 42.48 2.03 -8.18
N ALA S 56 43.08 2.21 -9.36
CA ALA S 56 42.51 1.73 -10.60
C ALA S 56 42.15 0.24 -10.54
N ARG S 57 43.04 -0.56 -9.97
CA ARG S 57 42.86 -2.01 -9.85
C ARG S 57 41.58 -2.35 -9.06
N GLU S 58 41.26 -1.54 -8.07
CA GLU S 58 40.10 -1.77 -7.23
C GLU S 58 38.77 -1.32 -7.82
N ILE S 59 38.80 -0.56 -8.91
CA ILE S 59 37.55 -0.06 -9.47
C ILE S 59 36.72 -1.02 -10.33
N GLU S 60 35.51 -1.29 -9.84
CA GLU S 60 34.55 -2.17 -10.51
C GLU S 60 33.17 -1.61 -10.14
N LEU S 61 32.37 -1.31 -11.16
CA LEU S 61 31.07 -0.70 -10.91
C LEU S 61 29.89 -1.67 -10.94
N GLU S 62 28.84 -1.33 -10.20
CA GLU S 62 27.65 -2.16 -10.16
C GLU S 62 26.88 -2.19 -11.48
N ASP S 63 26.69 -1.03 -12.10
CA ASP S 63 26.00 -0.97 -13.38
C ASP S 63 26.90 -1.58 -14.45
N LYS S 64 26.46 -2.69 -15.05
CA LYS S 64 27.26 -3.38 -16.06
C LYS S 64 27.76 -2.49 -17.23
N PHE S 65 26.94 -1.56 -17.70
CA PHE S 65 27.38 -0.70 -18.79
C PHE S 65 28.42 0.31 -18.30
N GLU S 66 28.16 0.92 -17.15
CA GLU S 66 29.10 1.85 -16.57
C GLU S 66 30.42 1.11 -16.28
N ASN S 67 30.31 -0.15 -15.89
CA ASN S 67 31.49 -0.92 -15.59
C ASN S 67 32.32 -1.18 -16.84
N MET S 68 31.65 -1.47 -17.95
CA MET S 68 32.37 -1.72 -19.19
C MET S 68 33.16 -0.45 -19.55
N GLY S 69 32.58 0.70 -19.25
CA GLY S 69 33.26 1.95 -19.54
C GLY S 69 34.54 2.03 -18.76
N ALA S 70 34.45 1.77 -17.46
CA ALA S 70 35.63 1.81 -16.60
C ALA S 70 36.67 0.76 -17.02
N GLN S 71 36.24 -0.48 -17.24
CA GLN S 71 37.17 -1.52 -17.61
C GLN S 71 37.94 -1.25 -18.90
N MET S 72 37.30 -0.58 -19.85
CA MET S 72 37.97 -0.28 -21.11
C MET S 72 39.15 0.71 -20.98
N VAL S 73 38.94 1.86 -20.33
CA VAL S 73 40.05 2.80 -20.21
C VAL S 73 41.05 2.25 -19.21
N LYS S 74 40.52 1.56 -18.21
CA LYS S 74 41.36 0.92 -17.20
C LYS S 74 42.36 -0.03 -17.91
N GLU S 75 41.88 -0.73 -18.94
CA GLU S 75 42.69 -1.67 -19.70
C GLU S 75 43.80 -1.06 -20.56
N VAL S 76 43.45 -0.12 -21.44
CA VAL S 76 44.46 0.48 -22.29
C VAL S 76 45.36 1.41 -21.51
N ALA S 77 44.83 1.98 -20.43
CA ALA S 77 45.66 2.86 -19.61
C ALA S 77 46.79 2.02 -19.03
N SER S 78 46.49 0.80 -18.61
CA SER S 78 47.53 -0.05 -18.04
C SER S 78 48.57 -0.40 -19.10
N LYS S 79 48.16 -0.47 -20.37
CA LYS S 79 49.10 -0.76 -21.44
C LYS S 79 50.23 0.26 -21.41
N ALA S 80 49.92 1.49 -21.00
CA ALA S 80 50.93 2.53 -20.92
C ALA S 80 52.01 2.17 -19.91
N ASN S 81 51.58 1.89 -18.68
CA ASN S 81 52.52 1.53 -17.61
C ASN S 81 53.39 0.37 -18.05
N ASP S 82 52.82 -0.56 -18.83
CA ASP S 82 53.58 -1.70 -19.31
C ASP S 82 54.66 -1.28 -20.29
N ALA S 83 54.31 -0.34 -21.17
CA ALA S 83 55.23 0.14 -22.20
C ALA S 83 56.33 1.08 -21.69
N ALA S 84 56.04 1.88 -20.67
CA ALA S 84 57.06 2.82 -20.17
C ALA S 84 57.24 2.83 -18.66
N GLY S 85 56.59 1.88 -18.00
CA GLY S 85 56.72 1.79 -16.56
C GLY S 85 56.06 2.94 -15.82
N ASP S 86 55.21 3.70 -16.51
CA ASP S 86 54.54 4.82 -15.88
C ASP S 86 53.55 5.47 -16.82
N GLY S 87 52.65 6.30 -16.28
CA GLY S 87 51.68 6.98 -17.11
C GLY S 87 50.22 6.51 -17.11
N THR S 88 49.88 5.43 -16.40
CA THR S 88 48.49 4.98 -16.40
C THR S 88 47.56 6.05 -15.87
N THR S 89 47.89 6.64 -14.73
CA THR S 89 47.05 7.68 -14.17
C THR S 89 46.88 8.81 -15.17
N THR S 90 48.00 9.26 -15.74
CA THR S 90 47.95 10.32 -16.73
C THR S 90 47.03 9.91 -17.91
N ALA S 91 47.27 8.70 -18.42
CA ALA S 91 46.47 8.18 -19.52
C ALA S 91 44.97 8.20 -19.15
N THR S 92 44.69 7.85 -17.89
CA THR S 92 43.32 7.82 -17.42
C THR S 92 42.67 9.20 -17.41
N VAL S 93 43.36 10.22 -16.89
CA VAL S 93 42.74 11.54 -16.87
C VAL S 93 42.67 12.11 -18.27
N LEU S 94 43.63 11.75 -19.11
CA LEU S 94 43.62 12.23 -20.50
C LEU S 94 42.42 11.61 -21.22
N ALA S 95 42.12 10.34 -20.91
CA ALA S 95 41.01 9.66 -21.52
C ALA S 95 39.69 10.29 -21.10
N GLN S 96 39.57 10.62 -19.81
CA GLN S 96 38.34 11.24 -19.30
C GLN S 96 38.08 12.54 -20.03
N ALA S 97 39.14 13.31 -20.25
CA ALA S 97 39.06 14.61 -20.94
C ALA S 97 38.61 14.50 -22.39
N ILE S 98 39.29 13.65 -23.16
CA ILE S 98 38.94 13.46 -24.55
C ILE S 98 37.51 12.91 -24.66
N ILE S 99 37.19 11.88 -23.87
CA ILE S 99 35.87 11.28 -23.91
C ILE S 99 34.75 12.26 -23.54
N THR S 100 34.96 13.02 -22.46
CA THR S 100 33.97 13.97 -22.02
C THR S 100 33.59 14.96 -23.10
N GLU S 101 34.58 15.64 -23.67
CA GLU S 101 34.29 16.61 -24.72
C GLU S 101 33.88 15.94 -26.03
N GLY S 102 34.56 14.85 -26.36
CA GLY S 102 34.23 14.13 -27.58
C GLY S 102 32.77 13.73 -27.61
N LEU S 103 32.27 13.23 -26.48
CA LEU S 103 30.88 12.82 -26.40
C LEU S 103 29.91 14.01 -26.50
N LYS S 104 30.33 15.16 -25.98
CA LYS S 104 29.48 16.35 -26.06
C LYS S 104 29.30 16.66 -27.52
N ALA S 105 30.40 16.70 -28.26
CA ALA S 105 30.34 17.00 -29.68
C ALA S 105 29.42 16.03 -30.38
N VAL S 106 29.48 14.76 -29.99
CA VAL S 106 28.61 13.76 -30.63
C VAL S 106 27.14 14.07 -30.38
N ALA S 107 26.80 14.35 -29.13
CA ALA S 107 25.42 14.68 -28.76
C ALA S 107 24.98 15.95 -29.47
N ALA S 108 25.94 16.81 -29.82
CA ALA S 108 25.62 18.05 -30.51
C ALA S 108 25.37 17.73 -31.99
N GLY S 109 25.50 16.47 -32.34
CA GLY S 109 25.25 16.08 -33.71
C GLY S 109 26.44 15.99 -34.63
N MET S 110 27.65 16.07 -34.08
CA MET S 110 28.83 15.99 -34.94
C MET S 110 29.18 14.55 -35.28
N ASN S 111 29.86 14.38 -36.41
CA ASN S 111 30.23 13.05 -36.90
C ASN S 111 31.29 12.37 -36.02
N PRO S 112 30.93 11.23 -35.40
CA PRO S 112 31.88 10.52 -34.54
C PRO S 112 33.20 10.20 -35.27
N MET S 113 33.09 9.62 -36.47
CA MET S 113 34.27 9.26 -37.23
C MET S 113 35.18 10.45 -37.52
N ASP S 114 34.59 11.59 -37.90
CA ASP S 114 35.43 12.75 -38.16
C ASP S 114 36.05 13.25 -36.85
N LEU S 115 35.29 13.21 -35.76
CA LEU S 115 35.81 13.63 -34.48
C LEU S 115 37.03 12.77 -34.14
N LYS S 116 36.92 11.48 -34.41
CA LYS S 116 38.04 10.60 -34.11
C LYS S 116 39.24 10.92 -34.96
N ARG S 117 39.02 11.19 -36.25
CA ARG S 117 40.12 11.52 -37.14
C ARG S 117 40.86 12.77 -36.65
N GLY S 118 40.10 13.75 -36.18
CA GLY S 118 40.70 14.97 -35.68
C GLY S 118 41.55 14.75 -34.44
N ILE S 119 41.02 13.96 -33.50
CA ILE S 119 41.73 13.63 -32.27
C ILE S 119 43.06 12.98 -32.66
N ASP S 120 42.97 11.97 -33.52
CA ASP S 120 44.14 11.26 -33.99
C ASP S 120 45.14 12.17 -34.68
N LYS S 121 44.66 13.05 -35.55
CA LYS S 121 45.58 13.95 -36.23
C LYS S 121 46.30 14.82 -35.21
N ALA S 122 45.54 15.34 -34.24
CA ALA S 122 46.13 16.18 -33.21
C ALA S 122 47.17 15.42 -32.42
N VAL S 123 46.87 14.16 -32.10
CA VAL S 123 47.81 13.34 -31.34
C VAL S 123 49.10 13.09 -32.11
N THR S 124 48.99 12.77 -33.39
CA THR S 124 50.19 12.53 -34.18
C THR S 124 51.05 13.77 -34.18
N ALA S 125 50.43 14.91 -34.44
CA ALA S 125 51.15 16.18 -34.44
C ALA S 125 51.82 16.37 -33.08
N ALA S 126 51.06 16.14 -32.02
CA ALA S 126 51.57 16.29 -30.66
C ALA S 126 52.80 15.42 -30.36
N VAL S 127 52.76 14.17 -30.80
CA VAL S 127 53.88 13.26 -30.55
C VAL S 127 55.14 13.76 -31.22
N GLU S 128 55.01 14.35 -32.41
CA GLU S 128 56.16 14.88 -33.13
C GLU S 128 56.71 16.08 -32.37
N GLU S 129 55.81 16.96 -31.97
CA GLU S 129 56.15 18.15 -31.22
C GLU S 129 56.84 17.73 -29.91
N LEU S 130 56.46 16.56 -29.41
CA LEU S 130 56.99 16.01 -28.17
C LEU S 130 58.42 15.55 -28.38
N LYS S 131 58.68 14.93 -29.52
CA LYS S 131 60.04 14.48 -29.84
C LYS S 131 60.98 15.69 -29.95
N ALA S 132 60.48 16.76 -30.55
CA ALA S 132 61.25 17.96 -30.71
C ALA S 132 61.62 18.51 -29.32
N LEU S 133 60.63 18.61 -28.45
CA LEU S 133 60.84 19.14 -27.11
C LEU S 133 61.78 18.28 -26.29
N SER S 134 61.85 17.00 -26.62
CA SER S 134 62.67 16.04 -25.90
C SER S 134 64.17 16.35 -25.81
N VAL S 135 64.72 16.16 -24.62
CA VAL S 135 66.13 16.37 -24.34
C VAL S 135 66.78 15.01 -24.26
N PRO S 136 67.89 14.83 -24.97
CA PRO S 136 68.55 13.53 -24.93
C PRO S 136 69.11 13.19 -23.57
N CYS S 137 69.28 11.89 -23.35
CA CYS S 137 69.83 11.33 -22.12
C CYS S 137 70.72 10.17 -22.60
N SER S 138 71.87 10.52 -23.18
CA SER S 138 72.78 9.52 -23.74
C SER S 138 74.06 9.21 -22.99
N ASP S 139 74.60 10.17 -22.26
CA ASP S 139 75.84 9.90 -21.53
C ASP S 139 75.52 9.49 -20.08
N SER S 140 76.49 8.84 -19.43
CA SER S 140 76.29 8.38 -18.07
C SER S 140 75.99 9.52 -17.08
N LYS S 141 76.43 10.73 -17.40
CA LYS S 141 76.17 11.85 -16.51
C LYS S 141 74.66 12.05 -16.43
N ALA S 142 74.02 12.06 -17.59
CA ALA S 142 72.58 12.24 -17.70
C ALA S 142 71.89 11.03 -17.10
N ILE S 143 72.30 9.86 -17.54
CA ILE S 143 71.74 8.62 -17.03
C ILE S 143 71.67 8.64 -15.52
N ALA S 144 72.73 9.12 -14.88
CA ALA S 144 72.78 9.20 -13.43
C ALA S 144 71.81 10.24 -12.88
N GLN S 145 71.77 11.42 -13.49
CA GLN S 145 70.86 12.49 -13.03
C GLN S 145 69.42 12.01 -13.00
N VAL S 146 68.98 11.43 -14.12
CA VAL S 146 67.60 10.93 -14.24
C VAL S 146 67.33 9.87 -13.18
N GLY S 147 68.25 8.92 -13.05
CA GLY S 147 68.09 7.87 -12.06
C GLY S 147 67.97 8.45 -10.66
N THR S 148 68.77 9.47 -10.38
CA THR S 148 68.76 10.11 -9.09
C THR S 148 67.39 10.73 -8.84
N ILE S 149 66.89 11.43 -9.84
CA ILE S 149 65.59 12.07 -9.72
C ILE S 149 64.48 11.03 -9.51
N SER S 150 64.60 9.89 -10.17
CA SER S 150 63.62 8.83 -10.05
C SER S 150 63.68 8.17 -8.69
N ALA S 151 64.89 8.07 -8.13
CA ALA S 151 65.10 7.43 -6.83
C ALA S 151 64.79 8.41 -5.71
N ASN S 152 64.13 9.51 -6.05
CA ASN S 152 63.77 10.53 -5.09
C ASN S 152 64.99 11.26 -4.55
N SER S 153 65.88 11.65 -5.46
CA SER S 153 67.10 12.40 -5.12
C SER S 153 68.20 11.61 -4.41
N ASP S 154 68.24 10.30 -4.65
CA ASP S 154 69.26 9.43 -4.05
C ASP S 154 70.40 9.24 -5.06
N GLU S 155 71.45 10.05 -4.96
CA GLU S 155 72.58 9.95 -5.88
C GLU S 155 73.13 8.56 -5.98
N THR S 156 72.98 7.78 -4.91
CA THR S 156 73.47 6.41 -4.87
C THR S 156 72.85 5.59 -6.00
N VAL S 157 71.52 5.59 -6.04
CA VAL S 157 70.79 4.86 -7.05
C VAL S 157 71.21 5.32 -8.45
N GLY S 158 71.27 6.64 -8.64
CA GLY S 158 71.67 7.19 -9.92
C GLY S 158 73.01 6.62 -10.34
N LYS S 159 73.95 6.62 -9.40
CA LYS S 159 75.29 6.10 -9.65
C LYS S 159 75.22 4.62 -10.05
N LEU S 160 74.54 3.82 -9.22
CA LEU S 160 74.41 2.39 -9.51
C LEU S 160 73.92 2.10 -10.93
N ILE S 161 72.78 2.69 -11.29
CA ILE S 161 72.21 2.49 -12.61
C ILE S 161 73.17 2.86 -13.72
N ALA S 162 73.89 3.97 -13.54
CA ALA S 162 74.87 4.41 -14.54
C ALA S 162 76.03 3.44 -14.68
N GLU S 163 76.47 2.88 -13.55
CA GLU S 163 77.56 1.92 -13.54
C GLU S 163 77.07 0.64 -14.23
N ALA S 164 75.85 0.25 -13.90
CA ALA S 164 75.28 -0.95 -14.48
C ALA S 164 75.17 -0.84 -15.99
N MET S 165 74.67 0.29 -16.48
CA MET S 165 74.50 0.46 -17.93
C MET S 165 75.85 0.55 -18.61
N ASP S 166 76.84 1.04 -17.87
CA ASP S 166 78.18 1.18 -18.40
C ASP S 166 78.78 -0.20 -18.62
N LYS S 167 78.41 -1.13 -17.74
CA LYS S 167 78.88 -2.51 -17.80
C LYS S 167 78.27 -3.33 -18.94
N VAL S 168 76.95 -3.26 -19.09
CA VAL S 168 76.28 -4.05 -20.13
C VAL S 168 75.61 -3.26 -21.23
N GLY S 169 75.82 -1.94 -21.27
CA GLY S 169 75.21 -1.12 -22.30
C GLY S 169 73.86 -0.61 -21.84
N LYS S 170 73.37 0.49 -22.40
CA LYS S 170 72.07 0.99 -21.96
C LYS S 170 70.87 0.21 -22.51
N GLU S 171 71.16 -0.83 -23.28
CA GLU S 171 70.12 -1.68 -23.84
C GLU S 171 70.37 -3.09 -23.34
N GLY S 172 71.20 -3.21 -22.30
CA GLY S 172 71.52 -4.51 -21.74
C GLY S 172 70.63 -4.92 -20.59
N VAL S 173 70.61 -6.20 -20.28
CA VAL S 173 69.81 -6.73 -19.18
C VAL S 173 70.39 -6.35 -17.81
N ILE S 174 69.53 -5.81 -16.95
CA ILE S 174 69.91 -5.40 -15.60
C ILE S 174 68.84 -5.85 -14.63
N THR S 175 69.23 -6.55 -13.56
CA THR S 175 68.30 -7.04 -12.55
C THR S 175 68.71 -6.52 -11.18
N VAL S 176 67.76 -6.46 -10.25
CA VAL S 176 68.07 -6.00 -8.90
C VAL S 176 67.69 -7.08 -7.89
N GLU S 177 68.50 -7.26 -6.85
CA GLU S 177 68.24 -8.27 -5.84
C GLU S 177 68.55 -7.73 -4.46
N ASP S 178 68.02 -8.39 -3.43
CA ASP S 178 68.32 -7.98 -2.06
C ASP S 178 69.82 -8.14 -1.90
N GLY S 179 70.44 -7.26 -1.14
CA GLY S 179 71.88 -7.34 -0.94
C GLY S 179 72.27 -8.30 0.16
N THR S 180 73.57 -8.51 0.31
CA THR S 180 74.10 -9.39 1.34
C THR S 180 74.21 -8.62 2.65
N GLY S 181 73.94 -7.31 2.60
CA GLY S 181 73.97 -6.50 3.80
C GLY S 181 74.87 -5.27 3.76
N LEU S 182 74.25 -4.09 3.73
CA LEU S 182 74.98 -2.81 3.71
C LEU S 182 75.98 -2.76 2.58
N GLN S 183 75.91 -1.70 1.79
CA GLN S 183 76.81 -1.52 0.64
C GLN S 183 76.32 -2.32 -0.55
N ASP S 184 76.12 -1.62 -1.65
CA ASP S 184 75.64 -2.22 -2.87
C ASP S 184 76.75 -3.05 -3.54
N GLU S 185 76.36 -3.85 -4.51
CA GLU S 185 77.28 -4.71 -5.24
C GLU S 185 76.78 -4.82 -6.67
N LEU S 186 77.69 -4.64 -7.62
CA LEU S 186 77.32 -4.73 -9.03
C LEU S 186 78.12 -5.86 -9.68
N ASP S 187 77.43 -6.88 -10.19
CA ASP S 187 78.12 -8.00 -10.82
C ASP S 187 77.46 -8.38 -12.14
N VAL S 188 78.26 -8.86 -13.10
CA VAL S 188 77.71 -9.27 -14.38
C VAL S 188 77.89 -10.78 -14.46
N VAL S 189 76.82 -11.51 -14.70
CA VAL S 189 76.90 -12.96 -14.76
C VAL S 189 76.32 -13.51 -16.06
N GLU S 190 76.42 -14.82 -16.25
CA GLU S 190 75.88 -15.45 -17.44
C GLU S 190 74.37 -15.46 -17.24
N GLY S 191 73.66 -14.86 -18.19
CA GLY S 191 72.21 -14.81 -18.08
C GLY S 191 71.58 -14.40 -19.39
N MET S 192 70.26 -14.31 -19.38
CA MET S 192 69.53 -13.97 -20.58
C MET S 192 68.11 -13.54 -20.25
N GLN S 193 67.45 -12.93 -21.23
CA GLN S 193 66.08 -12.45 -21.05
C GLN S 193 65.31 -12.49 -22.35
N PHE S 194 64.12 -13.11 -22.34
CA PHE S 194 63.30 -13.18 -23.54
C PHE S 194 61.87 -12.70 -23.27
N ASP S 195 61.15 -12.37 -24.35
CA ASP S 195 59.79 -11.86 -24.24
C ASP S 195 58.68 -12.88 -24.09
N ARG S 196 58.60 -13.50 -22.93
CA ARG S 196 57.56 -14.48 -22.66
C ARG S 196 57.24 -14.36 -21.18
N GLY S 197 55.96 -14.12 -20.87
CA GLY S 197 55.56 -13.99 -19.47
C GLY S 197 55.07 -15.32 -18.93
N TYR S 198 54.67 -15.32 -17.66
CA TYR S 198 54.16 -16.53 -17.03
C TYR S 198 52.93 -17.02 -17.80
N LEU S 199 52.73 -18.33 -17.81
CA LEU S 199 51.60 -18.93 -18.52
C LEU S 199 50.30 -18.78 -17.76
N SER S 200 50.33 -18.00 -16.68
CA SER S 200 49.15 -17.77 -15.85
C SER S 200 49.59 -17.16 -14.53
N PRO S 201 48.74 -16.32 -13.93
CA PRO S 201 49.20 -15.76 -12.66
C PRO S 201 49.21 -16.95 -11.71
N TYR S 202 48.89 -16.76 -10.43
CA TYR S 202 48.91 -17.88 -9.49
C TYR S 202 50.36 -18.28 -9.24
N PHE S 203 51.15 -18.36 -10.32
CA PHE S 203 52.55 -18.70 -10.22
C PHE S 203 53.18 -17.55 -9.45
N ILE S 204 52.60 -16.36 -9.62
CA ILE S 204 53.06 -15.16 -8.94
C ILE S 204 53.21 -15.38 -7.44
N ASN S 205 54.44 -15.22 -6.95
CA ASN S 205 54.72 -15.38 -5.53
C ASN S 205 55.22 -14.08 -4.93
N LYS S 206 55.11 -13.01 -5.71
CA LYS S 206 55.51 -11.68 -5.29
C LYS S 206 54.50 -10.70 -5.88
N PRO S 207 53.26 -10.73 -5.36
CA PRO S 207 52.15 -9.88 -5.79
C PRO S 207 52.44 -8.38 -5.82
N GLU S 208 53.34 -7.92 -4.95
CA GLU S 208 53.68 -6.50 -4.92
C GLU S 208 54.15 -6.06 -6.30
N THR S 209 54.91 -6.94 -6.96
CA THR S 209 55.45 -6.68 -8.28
C THR S 209 54.74 -7.50 -9.35
N GLY S 210 53.80 -8.34 -8.92
CA GLY S 210 53.09 -9.17 -9.88
C GLY S 210 54.10 -9.96 -10.69
N ALA S 211 55.06 -10.55 -9.98
CA ALA S 211 56.12 -11.33 -10.62
C ALA S 211 56.33 -12.70 -9.99
N VAL S 212 56.94 -13.59 -10.74
CA VAL S 212 57.26 -14.93 -10.26
C VAL S 212 58.77 -14.93 -10.01
N GLU S 213 59.19 -15.34 -8.81
CA GLU S 213 60.60 -15.36 -8.46
C GLU S 213 61.03 -16.73 -7.91
N LEU S 214 61.85 -17.44 -8.67
CA LEU S 214 62.35 -18.76 -8.28
C LEU S 214 63.83 -18.69 -7.89
N GLU S 215 64.19 -19.40 -6.83
CA GLU S 215 65.57 -19.42 -6.36
C GLU S 215 66.25 -20.77 -6.57
N SER S 216 67.39 -20.75 -7.25
CA SER S 216 68.15 -21.96 -7.55
C SER S 216 67.22 -22.97 -8.20
N PRO S 217 66.52 -22.55 -9.27
CA PRO S 217 65.60 -23.46 -9.96
C PRO S 217 66.22 -24.32 -11.05
N PHE S 218 65.58 -25.45 -11.32
CA PHE S 218 66.02 -26.33 -12.40
C PHE S 218 65.28 -25.72 -13.59
N ILE S 219 65.66 -26.11 -14.81
CA ILE S 219 64.99 -25.58 -15.97
C ILE S 219 64.76 -26.68 -16.99
N LEU S 220 63.49 -26.96 -17.27
CA LEU S 220 63.13 -27.99 -18.23
C LEU S 220 62.85 -27.34 -19.58
N LEU S 221 63.62 -27.73 -20.59
CA LEU S 221 63.45 -27.19 -21.95
C LEU S 221 62.83 -28.26 -22.82
N ALA S 222 61.56 -28.07 -23.19
CA ALA S 222 60.86 -29.05 -24.00
C ALA S 222 60.33 -28.42 -25.27
N ASP S 223 60.83 -28.90 -26.40
CA ASP S 223 60.40 -28.39 -27.70
C ASP S 223 59.12 -29.07 -28.14
N LYS S 224 58.06 -28.85 -27.37
CA LYS S 224 56.75 -29.43 -27.67
C LYS S 224 55.68 -28.82 -26.77
N LYS S 225 54.43 -29.18 -27.01
CA LYS S 225 53.32 -28.70 -26.21
C LYS S 225 52.96 -29.79 -25.19
N ILE S 226 52.71 -29.38 -23.96
CA ILE S 226 52.40 -30.34 -22.91
C ILE S 226 50.91 -30.38 -22.56
N SER S 227 50.27 -31.53 -22.78
CA SER S 227 48.85 -31.70 -22.50
C SER S 227 48.63 -32.58 -21.29
N ASN S 228 49.17 -33.79 -21.35
CA ASN S 228 49.03 -34.78 -20.30
C ASN S 228 50.12 -34.59 -19.26
N ILE S 229 49.79 -34.01 -18.11
CA ILE S 229 50.80 -33.77 -17.11
C ILE S 229 51.43 -35.06 -16.57
N ARG S 230 50.95 -36.19 -17.07
CA ARG S 230 51.50 -37.48 -16.66
C ARG S 230 52.98 -37.54 -17.09
N GLU S 231 53.24 -37.15 -18.34
CA GLU S 231 54.60 -37.13 -18.90
C GLU S 231 55.61 -36.54 -17.94
N MET S 232 55.16 -35.53 -17.21
CA MET S 232 56.00 -34.81 -16.26
C MET S 232 56.33 -35.54 -14.97
N LEU S 233 55.33 -36.22 -14.39
CA LEU S 233 55.46 -36.94 -13.13
C LEU S 233 56.87 -37.45 -12.79
N PRO S 234 57.45 -38.33 -13.61
CA PRO S 234 58.79 -38.82 -13.28
C PRO S 234 59.79 -37.69 -13.01
N VAL S 235 59.75 -36.64 -13.82
CA VAL S 235 60.67 -35.51 -13.66
C VAL S 235 60.28 -34.63 -12.47
N LEU S 236 58.98 -34.33 -12.35
CA LEU S 236 58.49 -33.52 -11.26
C LEU S 236 58.78 -34.16 -9.91
N GLU S 237 58.70 -35.49 -9.84
CA GLU S 237 58.99 -36.20 -8.61
C GLU S 237 60.46 -36.01 -8.25
N ALA S 238 61.31 -36.03 -9.27
CA ALA S 238 62.74 -35.86 -9.09
C ALA S 238 63.02 -34.47 -8.53
N VAL S 239 62.35 -33.46 -9.10
CA VAL S 239 62.50 -32.09 -8.67
C VAL S 239 61.84 -31.92 -7.31
N ALA S 240 60.83 -32.74 -7.04
CA ALA S 240 60.11 -32.71 -5.77
C ALA S 240 61.15 -32.92 -4.71
N LYS S 241 61.88 -34.02 -4.80
CA LYS S 241 62.97 -34.26 -3.86
C LYS S 241 63.95 -33.16 -4.27
N ALA S 242 65.09 -33.08 -3.61
CA ALA S 242 66.05 -32.02 -3.95
C ALA S 242 65.51 -30.66 -3.48
N GLY S 243 64.18 -30.59 -3.37
CA GLY S 243 63.51 -29.38 -2.92
C GLY S 243 63.91 -28.11 -3.62
N LYS S 244 63.86 -28.16 -4.95
CA LYS S 244 64.21 -27.01 -5.76
C LYS S 244 63.05 -26.66 -6.65
N PRO S 245 62.88 -25.37 -6.99
CA PRO S 245 61.78 -24.96 -7.86
C PRO S 245 62.10 -25.35 -9.30
N LEU S 246 61.06 -25.44 -10.13
CA LEU S 246 61.25 -25.79 -11.53
C LEU S 246 60.59 -24.80 -12.49
N LEU S 247 61.34 -24.39 -13.50
CA LEU S 247 60.83 -23.50 -14.52
C LEU S 247 60.64 -24.35 -15.76
N ILE S 248 59.41 -24.40 -16.27
CA ILE S 248 59.08 -25.17 -17.46
C ILE S 248 59.09 -24.25 -18.67
N ILE S 249 59.96 -24.54 -19.63
CA ILE S 249 60.01 -23.74 -20.86
C ILE S 249 59.61 -24.67 -22.00
N ALA S 250 58.32 -24.67 -22.34
CA ALA S 250 57.82 -25.52 -23.42
C ALA S 250 57.16 -24.71 -24.53
N GLU S 251 56.79 -25.39 -25.60
CA GLU S 251 56.16 -24.72 -26.72
C GLU S 251 54.86 -24.16 -26.19
N ASP S 252 54.36 -24.81 -25.14
CA ASP S 252 53.12 -24.38 -24.51
C ASP S 252 52.65 -25.42 -23.50
N VAL S 253 51.97 -24.95 -22.46
CA VAL S 253 51.43 -25.82 -21.43
C VAL S 253 49.91 -25.58 -21.43
N GLU S 254 49.16 -26.60 -21.85
CA GLU S 254 47.71 -26.50 -21.93
C GLU S 254 46.94 -26.54 -20.62
N GLY S 255 45.74 -26.00 -20.69
CA GLY S 255 44.82 -25.91 -19.55
C GLY S 255 44.89 -26.87 -18.40
N GLU S 256 44.49 -28.12 -18.60
CA GLU S 256 44.50 -29.08 -17.51
C GLU S 256 45.89 -29.25 -16.89
N ALA S 257 46.91 -29.45 -17.72
CA ALA S 257 48.28 -29.62 -17.24
C ALA S 257 48.67 -28.43 -16.37
N LEU S 258 48.45 -27.24 -16.91
CA LEU S 258 48.76 -26.00 -16.21
C LEU S 258 48.00 -25.94 -14.88
N ALA S 259 46.76 -26.37 -14.89
CA ALA S 259 45.94 -26.37 -13.69
C ALA S 259 46.61 -27.21 -12.62
N THR S 260 47.06 -28.38 -13.02
CA THR S 260 47.71 -29.31 -12.12
C THR S 260 48.95 -28.64 -11.48
N LEU S 261 49.77 -27.99 -12.30
CA LEU S 261 50.96 -27.33 -11.79
C LEU S 261 50.60 -26.30 -10.71
N VAL S 262 49.66 -25.41 -11.03
CA VAL S 262 49.24 -24.40 -10.06
C VAL S 262 48.80 -25.03 -8.76
N VAL S 263 47.85 -25.96 -8.84
CA VAL S 263 47.34 -26.64 -7.65
C VAL S 263 48.44 -27.23 -6.77
N ASN S 264 49.22 -28.13 -7.35
CA ASN S 264 50.30 -28.80 -6.63
C ASN S 264 51.40 -27.90 -6.03
N THR S 265 51.83 -26.88 -6.75
CA THR S 265 52.86 -26.02 -6.20
C THR S 265 52.25 -25.17 -5.08
N MET S 266 50.95 -25.01 -5.15
CA MET S 266 50.20 -24.23 -4.17
C MET S 266 49.97 -25.06 -2.91
N ARG S 267 50.22 -26.37 -2.99
CA ARG S 267 50.05 -27.26 -1.84
C ARG S 267 51.40 -27.55 -1.17
N GLY S 268 52.46 -26.90 -1.67
CA GLY S 268 53.77 -27.11 -1.07
C GLY S 268 54.60 -28.20 -1.74
N ILE S 269 53.94 -29.11 -2.45
CA ILE S 269 54.64 -30.19 -3.13
C ILE S 269 55.09 -29.73 -4.50
N VAL S 270 56.39 -29.50 -4.65
CA VAL S 270 56.93 -29.06 -5.94
C VAL S 270 56.52 -27.65 -6.38
N LYS S 271 57.50 -26.76 -6.52
CA LYS S 271 57.25 -25.40 -6.97
C LYS S 271 57.56 -25.33 -8.45
N VAL S 272 56.53 -25.05 -9.26
CA VAL S 272 56.68 -24.98 -10.70
C VAL S 272 56.15 -23.68 -11.28
N ALA S 273 56.68 -23.30 -12.43
CA ALA S 273 56.29 -22.08 -13.15
C ALA S 273 56.61 -22.39 -14.60
N ALA S 274 55.69 -22.06 -15.51
CA ALA S 274 55.91 -22.35 -16.91
C ALA S 274 55.71 -21.12 -17.77
N VAL S 275 56.40 -21.10 -18.90
CA VAL S 275 56.33 -20.01 -19.86
C VAL S 275 56.58 -20.59 -21.25
N LYS S 276 56.06 -19.95 -22.28
CA LYS S 276 56.26 -20.44 -23.63
C LYS S 276 57.69 -20.25 -24.07
N ALA S 277 58.14 -21.07 -25.01
CA ALA S 277 59.50 -20.93 -25.53
C ALA S 277 59.53 -19.62 -26.35
N PRO S 278 60.66 -18.91 -26.32
CA PRO S 278 60.80 -17.66 -27.07
C PRO S 278 60.70 -17.83 -28.58
N GLY S 279 60.17 -16.80 -29.23
CA GLY S 279 60.04 -16.81 -30.68
C GLY S 279 59.15 -17.91 -31.24
N PHE S 280 59.17 -18.06 -32.55
CA PHE S 280 58.37 -19.08 -33.22
C PHE S 280 59.16 -19.63 -34.42
N GLY S 281 58.59 -20.64 -35.07
CA GLY S 281 59.23 -21.23 -36.23
C GLY S 281 60.58 -21.89 -35.93
N ASP S 282 61.57 -21.60 -36.77
CA ASP S 282 62.90 -22.17 -36.63
C ASP S 282 63.77 -21.42 -35.62
N ARG S 283 63.66 -20.10 -35.59
CA ARG S 283 64.44 -19.32 -34.64
C ARG S 283 64.04 -19.67 -33.21
N ARG S 284 62.99 -20.49 -33.08
CA ARG S 284 62.52 -20.92 -31.77
C ARG S 284 63.36 -22.09 -31.31
N LYS S 285 63.49 -23.09 -32.17
CA LYS S 285 64.29 -24.27 -31.85
C LYS S 285 65.72 -23.85 -31.53
N ALA S 286 66.20 -22.84 -32.25
CA ALA S 286 67.56 -22.35 -32.02
C ALA S 286 67.67 -21.70 -30.64
N MET S 287 66.80 -20.75 -30.37
CA MET S 287 66.82 -20.05 -29.09
C MET S 287 66.63 -20.99 -27.90
N LEU S 288 65.82 -22.02 -28.11
CA LEU S 288 65.57 -22.98 -27.03
C LEU S 288 66.89 -23.62 -26.65
N GLN S 289 67.72 -23.86 -27.66
CA GLN S 289 69.03 -24.46 -27.47
C GLN S 289 69.98 -23.50 -26.74
N ASP S 290 69.97 -22.23 -27.14
CA ASP S 290 70.82 -21.23 -26.50
C ASP S 290 70.61 -21.29 -25.00
N ILE S 291 69.35 -21.27 -24.57
CA ILE S 291 69.00 -21.32 -23.16
C ILE S 291 69.55 -22.60 -22.54
N ALA S 292 69.50 -23.68 -23.30
CA ALA S 292 70.00 -24.96 -22.82
C ALA S 292 71.47 -24.83 -22.54
N THR S 293 72.23 -24.36 -23.52
CA THR S 293 73.67 -24.19 -23.37
C THR S 293 74.02 -23.22 -22.24
N LEU S 294 73.25 -22.14 -22.14
CA LEU S 294 73.46 -21.10 -21.13
C LEU S 294 73.22 -21.62 -19.71
N THR S 295 72.28 -22.53 -19.57
CA THR S 295 71.92 -23.08 -18.27
C THR S 295 72.43 -24.51 -18.07
N GLY S 296 73.18 -25.01 -19.05
CA GLY S 296 73.71 -26.35 -18.96
C GLY S 296 72.65 -27.43 -18.98
N GLY S 297 71.57 -27.17 -19.70
CA GLY S 297 70.48 -28.13 -19.78
C GLY S 297 70.40 -28.78 -21.15
N THR S 298 69.56 -29.80 -21.26
CA THR S 298 69.39 -30.50 -22.52
C THR S 298 67.98 -30.33 -23.04
N VAL S 299 67.86 -29.83 -24.27
CA VAL S 299 66.56 -29.63 -24.87
C VAL S 299 65.94 -31.01 -25.13
N ILE S 300 64.65 -31.13 -24.82
CA ILE S 300 63.96 -32.39 -25.03
C ILE S 300 62.93 -32.24 -26.15
N SER S 301 63.32 -32.67 -27.35
CA SER S 301 62.46 -32.59 -28.53
C SER S 301 62.01 -33.97 -29.00
N GLU S 302 60.76 -34.04 -29.47
CA GLU S 302 60.18 -35.29 -29.96
C GLU S 302 60.81 -35.70 -31.28
N GLU S 303 61.20 -34.69 -32.07
CA GLU S 303 61.83 -34.94 -33.36
C GLU S 303 62.95 -35.98 -33.23
N ILE S 304 63.93 -35.70 -32.38
CA ILE S 304 65.05 -36.61 -32.17
C ILE S 304 64.58 -37.89 -31.50
N GLY S 305 63.32 -37.90 -31.06
CA GLY S 305 62.76 -39.09 -30.44
C GLY S 305 62.93 -39.16 -28.93
N MET S 306 63.14 -38.02 -28.29
CA MET S 306 63.29 -37.97 -26.84
C MET S 306 61.93 -37.93 -26.16
N GLU S 307 61.83 -38.47 -24.96
CA GLU S 307 60.59 -38.48 -24.21
C GLU S 307 60.74 -37.80 -22.86
N LEU S 308 59.67 -37.16 -22.39
CA LEU S 308 59.71 -36.49 -21.10
C LEU S 308 59.79 -37.46 -19.94
N GLU S 309 59.11 -38.60 -20.06
CA GLU S 309 59.12 -39.58 -18.98
C GLU S 309 60.54 -40.07 -18.68
N LYS S 310 61.40 -40.08 -19.68
CA LYS S 310 62.77 -40.54 -19.52
C LYS S 310 63.76 -39.41 -19.22
N ALA S 311 63.24 -38.25 -18.85
CA ALA S 311 64.09 -37.11 -18.55
C ALA S 311 64.48 -37.11 -17.06
N THR S 312 65.77 -36.96 -16.79
CA THR S 312 66.29 -36.94 -15.42
C THR S 312 66.78 -35.55 -15.05
N LEU S 313 67.04 -35.32 -13.77
CA LEU S 313 67.50 -34.03 -13.31
C LEU S 313 68.72 -33.56 -14.10
N GLU S 314 69.51 -34.52 -14.57
CA GLU S 314 70.72 -34.19 -15.30
C GLU S 314 70.43 -33.53 -16.65
N ASP S 315 69.22 -33.73 -17.15
CA ASP S 315 68.82 -33.13 -18.42
C ASP S 315 68.39 -31.69 -18.21
N LEU S 316 67.96 -31.39 -16.99
CA LEU S 316 67.50 -30.05 -16.63
C LEU S 316 68.62 -29.04 -16.52
N GLY S 317 68.33 -27.82 -16.96
CA GLY S 317 69.30 -26.74 -16.88
C GLY S 317 69.36 -26.26 -15.46
N GLN S 318 70.03 -25.14 -15.21
CA GLN S 318 70.12 -24.65 -13.84
C GLN S 318 70.61 -23.21 -13.81
N ALA S 319 70.07 -22.43 -12.87
CA ALA S 319 70.44 -21.03 -12.71
C ALA S 319 70.18 -20.64 -11.27
N LYS S 320 70.84 -19.57 -10.81
CA LYS S 320 70.68 -19.11 -9.44
C LYS S 320 69.35 -18.39 -9.18
N ARG S 321 68.76 -17.82 -10.22
CA ARG S 321 67.50 -17.09 -10.05
C ARG S 321 66.85 -16.74 -11.38
N VAL S 322 65.53 -16.92 -11.45
CA VAL S 322 64.77 -16.58 -12.65
C VAL S 322 63.65 -15.66 -12.20
N VAL S 323 63.31 -14.70 -13.03
CA VAL S 323 62.24 -13.77 -12.70
C VAL S 323 61.24 -13.69 -13.87
N ILE S 324 59.98 -14.02 -13.59
CA ILE S 324 58.96 -14.01 -14.62
C ILE S 324 57.97 -12.86 -14.45
N ASN S 325 57.71 -12.18 -15.56
CA ASN S 325 56.82 -11.03 -15.59
C ASN S 325 55.49 -11.36 -16.24
N LYS S 326 54.68 -10.32 -16.40
CA LYS S 326 53.38 -10.42 -17.05
C LYS S 326 53.68 -10.82 -18.50
N ASP S 327 54.87 -10.45 -18.96
CA ASP S 327 55.29 -10.78 -20.33
C ASP S 327 56.80 -10.76 -20.55
N THR S 328 57.54 -11.22 -19.54
CA THR S 328 58.99 -11.30 -19.64
C THR S 328 59.58 -12.36 -18.72
N THR S 329 60.65 -13.02 -19.19
CA THR S 329 61.34 -14.03 -18.40
C THR S 329 62.83 -13.77 -18.50
N THR S 330 63.48 -13.67 -17.35
CA THR S 330 64.90 -13.41 -17.29
C THR S 330 65.64 -14.41 -16.38
N ILE S 331 66.58 -15.12 -16.98
CA ILE S 331 67.40 -16.14 -16.31
C ILE S 331 68.69 -15.51 -15.79
N ILE S 332 68.93 -15.61 -14.48
CA ILE S 332 70.13 -15.02 -13.88
C ILE S 332 71.16 -16.01 -13.35
N ASP S 333 72.38 -15.90 -13.87
CA ASP S 333 73.50 -16.75 -13.47
C ASP S 333 73.31 -18.22 -13.87
N GLY S 334 73.46 -18.49 -15.16
CA GLY S 334 73.29 -19.84 -15.66
C GLY S 334 74.50 -20.71 -15.34
N VAL S 335 74.25 -21.99 -15.10
CA VAL S 335 75.30 -22.93 -14.77
C VAL S 335 76.13 -23.36 -15.98
N GLY S 336 75.54 -23.26 -17.17
CA GLY S 336 76.25 -23.63 -18.37
C GLY S 336 77.73 -23.27 -18.33
N GLU S 337 78.58 -24.19 -18.80
CA GLU S 337 80.03 -24.00 -18.82
C GLU S 337 80.42 -22.90 -19.78
N GLU S 338 81.33 -22.03 -19.36
CA GLU S 338 81.78 -20.93 -20.20
C GLU S 338 82.38 -21.45 -21.50
N ALA S 339 82.92 -22.67 -21.44
CA ALA S 339 83.52 -23.28 -22.63
C ALA S 339 82.44 -23.52 -23.66
N ALA S 340 81.33 -24.12 -23.22
CA ALA S 340 80.19 -24.41 -24.11
C ALA S 340 79.47 -23.15 -24.57
N ILE S 341 79.24 -22.23 -23.63
CA ILE S 341 78.55 -20.98 -23.93
C ILE S 341 79.34 -20.17 -24.96
N GLN S 342 80.59 -19.88 -24.61
CA GLN S 342 81.48 -19.11 -25.46
C GLN S 342 81.67 -19.77 -26.83
N GLY S 343 81.66 -21.09 -26.85
CA GLY S 343 81.82 -21.81 -28.09
C GLY S 343 80.56 -21.66 -28.92
N ARG S 344 79.42 -21.68 -28.24
CA ARG S 344 78.12 -21.52 -28.89
C ARG S 344 78.08 -20.16 -29.59
N VAL S 345 78.61 -19.14 -28.91
CA VAL S 345 78.67 -17.77 -29.44
C VAL S 345 79.48 -17.75 -30.74
N ALA S 346 80.55 -18.54 -30.77
CA ALA S 346 81.40 -18.62 -31.94
C ALA S 346 80.60 -19.12 -33.14
N GLN S 347 79.83 -20.20 -32.93
CA GLN S 347 79.01 -20.80 -33.98
C GLN S 347 78.02 -19.82 -34.57
N ILE S 348 77.40 -19.01 -33.71
CA ILE S 348 76.41 -18.04 -34.17
C ILE S 348 77.07 -16.89 -34.95
N ARG S 349 78.30 -16.55 -34.58
CA ARG S 349 79.02 -15.47 -35.25
C ARG S 349 79.47 -15.85 -36.66
N GLN S 350 79.61 -17.15 -36.92
CA GLN S 350 79.97 -17.62 -38.24
C GLN S 350 78.70 -17.59 -39.07
N GLN S 351 77.58 -17.89 -38.41
CA GLN S 351 76.27 -17.87 -39.06
C GLN S 351 76.11 -16.49 -39.68
N ILE S 352 76.50 -15.47 -38.90
CA ILE S 352 76.41 -14.07 -39.33
C ILE S 352 77.27 -13.82 -40.57
N GLU S 353 78.36 -14.59 -40.68
CA GLU S 353 79.26 -14.45 -41.82
C GLU S 353 78.58 -15.06 -43.04
N GLU S 354 78.20 -16.33 -42.90
CA GLU S 354 77.53 -17.09 -43.95
C GLU S 354 76.13 -16.54 -44.22
N ALA S 355 75.77 -15.48 -43.50
CA ALA S 355 74.46 -14.85 -43.66
C ALA S 355 74.29 -14.24 -45.04
N THR S 356 73.27 -14.71 -45.74
CA THR S 356 72.96 -14.22 -47.09
C THR S 356 71.73 -13.30 -47.04
N SER S 357 71.58 -12.58 -45.93
CA SER S 357 70.46 -11.68 -45.74
C SER S 357 70.69 -10.74 -44.56
N ASP S 358 70.00 -9.60 -44.57
CA ASP S 358 70.11 -8.64 -43.49
C ASP S 358 69.24 -9.06 -42.32
N TYR S 359 68.05 -9.54 -42.64
CA TYR S 359 67.12 -9.99 -41.61
C TYR S 359 67.77 -11.12 -40.84
N ASP S 360 68.09 -12.21 -41.55
CA ASP S 360 68.72 -13.38 -40.94
C ASP S 360 69.95 -12.95 -40.13
N ARG S 361 70.57 -11.86 -40.56
CA ARG S 361 71.74 -11.34 -39.90
C ARG S 361 71.37 -10.65 -38.59
N GLU S 362 70.33 -9.83 -38.63
CA GLU S 362 69.87 -9.10 -37.45
C GLU S 362 69.41 -10.07 -36.37
N LYS S 363 68.77 -11.16 -36.78
CA LYS S 363 68.27 -12.16 -35.85
C LYS S 363 69.40 -12.90 -35.15
N LEU S 364 70.47 -13.17 -35.88
CA LEU S 364 71.63 -13.87 -35.32
C LEU S 364 72.35 -12.97 -34.32
N GLN S 365 72.48 -11.68 -34.65
CA GLN S 365 73.14 -10.74 -33.75
C GLN S 365 72.38 -10.63 -32.43
N GLU S 366 71.05 -10.64 -32.52
CA GLU S 366 70.21 -10.57 -31.33
C GLU S 366 70.51 -11.72 -30.39
N ARG S 367 70.69 -12.91 -30.95
CA ARG S 367 70.99 -14.09 -30.15
C ARG S 367 72.33 -14.03 -29.43
N VAL S 368 73.39 -13.65 -30.15
CA VAL S 368 74.70 -13.57 -29.51
C VAL S 368 74.68 -12.50 -28.42
N ALA S 369 74.08 -11.35 -28.73
CA ALA S 369 73.99 -10.25 -27.77
C ALA S 369 73.43 -10.78 -26.44
N LYS S 370 72.40 -11.64 -26.52
CA LYS S 370 71.80 -12.20 -25.32
C LYS S 370 72.78 -13.12 -24.61
N LEU S 371 73.26 -14.10 -25.37
CA LEU S 371 74.19 -15.11 -24.88
C LEU S 371 75.53 -14.53 -24.41
N ALA S 372 76.11 -13.63 -25.21
CA ALA S 372 77.39 -13.04 -24.86
C ALA S 372 77.28 -11.86 -23.88
N GLY S 373 76.22 -11.07 -24.02
CA GLY S 373 76.02 -9.90 -23.18
C GLY S 373 75.90 -10.14 -21.70
N GLY S 374 75.30 -11.26 -21.31
CA GLY S 374 75.13 -11.54 -19.89
C GLY S 374 74.06 -10.70 -19.23
N VAL S 375 74.13 -10.58 -17.91
CA VAL S 375 73.15 -9.82 -17.16
C VAL S 375 73.78 -9.08 -15.98
N ALA S 376 73.50 -7.78 -15.88
CA ALA S 376 74.03 -6.97 -14.81
C ALA S 376 73.16 -7.15 -13.57
N VAL S 377 73.80 -7.51 -12.46
CA VAL S 377 73.06 -7.73 -11.22
C VAL S 377 73.38 -6.70 -10.15
N ILE S 378 72.39 -5.88 -9.82
CA ILE S 378 72.56 -4.85 -8.78
C ILE S 378 72.02 -5.40 -7.48
N LYS S 379 72.89 -5.49 -6.47
CA LYS S 379 72.48 -5.99 -5.16
C LYS S 379 72.35 -4.80 -4.22
N VAL S 380 71.11 -4.40 -3.98
CA VAL S 380 70.83 -3.25 -3.12
C VAL S 380 71.46 -3.30 -1.73
N GLY S 381 72.04 -2.16 -1.32
CA GLY S 381 72.68 -2.02 -0.03
C GLY S 381 71.74 -2.42 1.09
N ALA S 382 72.04 -2.02 2.33
CA ALA S 382 71.16 -2.42 3.43
C ALA S 382 71.10 -1.63 4.72
N ALA S 383 71.36 -2.33 5.82
CA ALA S 383 71.28 -1.78 7.17
C ALA S 383 69.79 -1.84 7.53
N THR S 384 69.36 -3.02 7.98
CA THR S 384 67.97 -3.36 8.35
C THR S 384 67.19 -3.84 7.13
N GLU S 385 66.57 -5.00 7.28
CA GLU S 385 65.80 -5.63 6.21
C GLU S 385 64.74 -4.70 5.62
N VAL S 386 64.19 -3.81 6.45
CA VAL S 386 63.16 -2.90 5.97
C VAL S 386 63.68 -1.87 4.97
N GLU S 387 64.71 -1.12 5.37
CA GLU S 387 65.28 -0.10 4.49
C GLU S 387 65.77 -0.74 3.19
N MET S 388 66.34 -1.93 3.33
CA MET S 388 66.86 -2.67 2.19
C MET S 388 65.76 -2.94 1.16
N LYS S 389 64.61 -3.39 1.62
CA LYS S 389 63.49 -3.67 0.71
C LYS S 389 62.92 -2.40 0.11
N GLU S 390 62.96 -1.31 0.87
CA GLU S 390 62.44 -0.02 0.41
C GLU S 390 63.34 0.62 -0.66
N LYS S 391 64.65 0.49 -0.49
CA LYS S 391 65.61 1.03 -1.42
C LYS S 391 65.55 0.21 -2.71
N LYS S 392 65.42 -1.10 -2.55
CA LYS S 392 65.34 -2.01 -3.69
C LYS S 392 64.19 -1.59 -4.60
N ALA S 393 63.13 -1.06 -3.99
CA ALA S 393 61.97 -0.62 -4.75
C ALA S 393 62.31 0.63 -5.56
N ARG S 394 62.89 1.62 -4.89
CA ARG S 394 63.27 2.86 -5.56
C ARG S 394 64.22 2.59 -6.72
N VAL S 395 65.13 1.64 -6.51
CA VAL S 395 66.10 1.28 -7.54
C VAL S 395 65.38 0.69 -8.74
N GLU S 396 64.47 -0.24 -8.48
CA GLU S 396 63.72 -0.88 -9.55
C GLU S 396 62.95 0.13 -10.39
N ASP S 397 62.34 1.12 -9.73
CA ASP S 397 61.60 2.14 -10.45
C ASP S 397 62.56 3.04 -11.21
N ALA S 398 63.54 3.58 -10.51
CA ALA S 398 64.54 4.45 -11.12
C ALA S 398 65.12 3.76 -12.37
N LEU S 399 65.27 2.45 -12.30
CA LEU S 399 65.80 1.70 -13.44
C LEU S 399 64.87 1.83 -14.64
N HIS S 400 63.59 1.51 -14.44
CA HIS S 400 62.60 1.60 -15.53
C HIS S 400 62.55 3.00 -16.13
N ALA S 401 62.62 4.00 -15.26
CA ALA S 401 62.56 5.38 -15.70
C ALA S 401 63.77 5.72 -16.54
N THR S 402 64.93 5.30 -16.06
CA THR S 402 66.17 5.59 -16.76
C THR S 402 66.20 4.86 -18.10
N ARG S 403 65.73 3.62 -18.10
CA ARG S 403 65.73 2.84 -19.33
C ARG S 403 64.94 3.56 -20.41
N ALA S 404 63.77 4.08 -20.03
CA ALA S 404 62.90 4.79 -20.97
C ALA S 404 63.51 6.12 -21.38
N ALA S 405 64.15 6.80 -20.43
CA ALA S 405 64.77 8.09 -20.73
C ALA S 405 65.91 7.90 -21.73
N VAL S 406 66.58 6.75 -21.66
CA VAL S 406 67.68 6.45 -22.57
C VAL S 406 67.18 6.17 -23.98
N GLU S 407 65.95 5.69 -24.09
CA GLU S 407 65.34 5.37 -25.38
C GLU S 407 64.79 6.56 -26.14
N GLU S 408 64.16 7.49 -25.44
CA GLU S 408 63.55 8.61 -26.13
C GLU S 408 63.76 9.96 -25.47
N GLY S 409 64.62 10.00 -24.46
CA GLY S 409 64.88 11.26 -23.80
C GLY S 409 63.88 11.65 -22.74
N VAL S 410 63.93 12.91 -22.32
CA VAL S 410 63.03 13.41 -21.29
C VAL S 410 62.39 14.72 -21.70
N VAL S 411 61.30 15.06 -21.06
CA VAL S 411 60.58 16.29 -21.32
C VAL S 411 60.07 16.86 -20.00
N ALA S 412 59.65 18.13 -20.01
CA ALA S 412 59.16 18.79 -18.80
C ALA S 412 57.97 18.10 -18.20
N GLY S 413 58.13 17.60 -16.97
CA GLY S 413 57.04 16.92 -16.28
C GLY S 413 56.00 17.85 -15.67
N GLY S 414 55.33 17.38 -14.63
CA GLY S 414 54.33 18.20 -13.98
C GLY S 414 53.23 18.50 -14.96
N GLY S 415 53.18 17.71 -16.03
CA GLY S 415 52.18 17.91 -17.07
C GLY S 415 52.40 19.09 -18.01
N VAL S 416 53.54 19.79 -17.89
CA VAL S 416 53.75 20.94 -18.75
C VAL S 416 54.17 20.60 -20.16
N ALA S 417 54.81 19.45 -20.34
CA ALA S 417 55.23 19.09 -21.69
C ALA S 417 53.98 18.96 -22.55
N LEU S 418 52.94 18.29 -22.05
CA LEU S 418 51.71 18.11 -22.81
C LEU S 418 51.01 19.44 -23.13
N ILE S 419 50.89 20.31 -22.14
CA ILE S 419 50.24 21.59 -22.36
C ILE S 419 51.06 22.47 -23.29
N ARG S 420 52.38 22.36 -23.20
CA ARG S 420 53.29 23.12 -24.05
C ARG S 420 53.13 22.66 -25.51
N VAL S 421 53.16 21.35 -25.71
CA VAL S 421 53.03 20.78 -27.03
C VAL S 421 51.71 21.20 -27.67
N ALA S 422 50.64 21.21 -26.90
CA ALA S 422 49.35 21.58 -27.45
C ALA S 422 49.32 23.04 -27.81
N SER S 423 49.94 23.90 -27.00
CA SER S 423 49.94 25.32 -27.30
C SER S 423 50.54 25.62 -28.70
N LYS S 424 51.32 24.69 -29.23
CA LYS S 424 51.94 24.90 -30.53
C LYS S 424 51.07 24.43 -31.69
N LEU S 425 50.06 23.62 -31.41
CA LEU S 425 49.21 23.11 -32.48
C LEU S 425 47.92 23.91 -32.68
N ALA S 426 47.94 25.18 -32.27
CA ALA S 426 46.75 26.03 -32.39
C ALA S 426 46.19 26.19 -33.79
N ASP S 427 47.02 25.98 -34.80
CA ASP S 427 46.56 26.13 -36.18
C ASP S 427 46.30 24.80 -36.88
N LEU S 428 46.51 23.69 -36.19
CA LEU S 428 46.29 22.38 -36.81
C LEU S 428 44.83 22.26 -37.27
N ARG S 429 44.62 21.84 -38.52
CA ARG S 429 43.26 21.71 -39.04
C ARG S 429 43.05 20.38 -39.75
N GLY S 430 41.78 20.02 -39.93
CA GLY S 430 41.43 18.79 -40.59
C GLY S 430 40.78 19.01 -41.95
N GLN S 431 39.97 18.04 -42.38
CA GLN S 431 39.32 18.14 -43.67
C GLN S 431 37.92 18.77 -43.61
N ASN S 432 37.34 18.82 -42.42
CA ASN S 432 36.04 19.46 -42.27
C ASN S 432 35.91 19.99 -40.86
N GLU S 433 34.82 20.68 -40.57
CA GLU S 433 34.65 21.25 -39.24
C GLU S 433 34.57 20.25 -38.10
N ASP S 434 34.00 19.07 -38.37
CA ASP S 434 33.93 18.07 -37.33
C ASP S 434 35.35 17.68 -36.93
N GLN S 435 36.20 17.45 -37.92
CA GLN S 435 37.58 17.09 -37.66
C GLN S 435 38.31 18.20 -36.91
N ASN S 436 37.96 19.44 -37.16
CA ASN S 436 38.61 20.55 -36.47
C ASN S 436 38.22 20.49 -35.01
N VAL S 437 36.96 20.18 -34.74
CA VAL S 437 36.49 20.08 -33.35
C VAL S 437 37.26 18.98 -32.65
N GLY S 438 37.43 17.86 -33.35
CA GLY S 438 38.18 16.75 -32.78
C GLY S 438 39.56 17.23 -32.34
N ILE S 439 40.24 17.96 -33.22
CA ILE S 439 41.56 18.48 -32.92
C ILE S 439 41.52 19.33 -31.67
N LYS S 440 40.53 20.22 -31.58
CA LYS S 440 40.43 21.09 -30.41
C LYS S 440 40.11 20.31 -29.14
N VAL S 441 39.36 19.22 -29.31
CA VAL S 441 39.01 18.38 -28.18
C VAL S 441 40.29 17.79 -27.59
N ALA S 442 41.14 17.27 -28.45
CA ALA S 442 42.39 16.67 -28.03
C ALA S 442 43.33 17.70 -27.39
N LEU S 443 43.54 18.82 -28.05
CA LEU S 443 44.44 19.84 -27.52
C LEU S 443 43.98 20.34 -26.16
N ARG S 444 42.67 20.47 -26.01
CA ARG S 444 42.09 20.94 -24.76
C ARG S 444 42.38 19.90 -23.67
N ALA S 445 42.21 18.63 -24.04
CA ALA S 445 42.44 17.53 -23.11
C ALA S 445 43.86 17.50 -22.59
N MET S 446 44.82 17.80 -23.47
CA MET S 446 46.22 17.77 -23.08
C MET S 446 46.53 18.68 -21.90
N GLU S 447 45.54 19.46 -21.47
CA GLU S 447 45.72 20.36 -20.34
C GLU S 447 45.22 19.73 -19.04
N ALA S 448 44.51 18.62 -19.17
CA ALA S 448 43.95 17.93 -18.00
C ALA S 448 44.97 17.59 -16.91
N PRO S 449 46.08 16.94 -17.28
CA PRO S 449 47.07 16.60 -16.26
C PRO S 449 47.56 17.78 -15.44
N LEU S 450 48.03 18.85 -16.10
CA LEU S 450 48.52 20.02 -15.38
C LEU S 450 47.43 20.60 -14.52
N ARG S 451 46.28 20.85 -15.12
CA ARG S 451 45.14 21.43 -14.40
C ARG S 451 44.79 20.62 -13.17
N GLN S 452 44.80 19.29 -13.28
CA GLN S 452 44.47 18.43 -12.13
C GLN S 452 45.53 18.56 -11.04
N ILE S 453 46.79 18.57 -11.45
CA ILE S 453 47.89 18.72 -10.51
C ILE S 453 47.71 20.02 -9.75
N VAL S 454 47.39 21.09 -10.48
CA VAL S 454 47.19 22.38 -9.85
C VAL S 454 46.01 22.38 -8.91
N LEU S 455 44.92 21.73 -9.32
CA LEU S 455 43.74 21.68 -8.49
C LEU S 455 44.06 20.96 -7.17
N ASN S 456 44.84 19.88 -7.26
CA ASN S 456 45.19 19.16 -6.04
C ASN S 456 46.00 20.06 -5.07
N CYS S 457 46.72 21.02 -5.61
CA CYS S 457 47.51 21.94 -4.81
C CYS S 457 46.64 23.01 -4.16
N GLY S 458 45.39 23.10 -4.60
CA GLY S 458 44.51 24.11 -4.04
C GLY S 458 44.69 25.45 -4.75
N GLU S 459 45.20 25.40 -5.97
CA GLU S 459 45.41 26.60 -6.78
C GLU S 459 44.39 26.69 -7.92
N GLU S 460 44.47 27.75 -8.72
CA GLU S 460 43.53 27.92 -9.83
C GLU S 460 44.09 27.47 -11.18
N PRO S 461 43.63 26.30 -11.65
CA PRO S 461 44.08 25.71 -12.93
C PRO S 461 44.10 26.71 -14.09
N SER S 462 43.00 27.42 -14.29
CA SER S 462 42.89 28.38 -15.37
C SER S 462 44.07 29.33 -15.40
N VAL S 463 44.44 29.83 -14.23
CA VAL S 463 45.54 30.77 -14.14
C VAL S 463 46.92 30.13 -14.41
N VAL S 464 47.22 29.05 -13.71
CA VAL S 464 48.51 28.38 -13.93
C VAL S 464 48.63 27.88 -15.39
N ALA S 465 47.55 27.31 -15.91
CA ALA S 465 47.56 26.82 -17.28
C ALA S 465 47.80 27.99 -18.22
N ASN S 466 47.14 29.08 -17.93
CA ASN S 466 47.23 30.29 -18.72
C ASN S 466 48.67 30.81 -18.73
N THR S 467 49.31 30.78 -17.57
CA THR S 467 50.69 31.25 -17.44
C THR S 467 51.70 30.32 -18.12
N VAL S 468 51.53 29.02 -17.90
CA VAL S 468 52.45 28.07 -18.51
C VAL S 468 52.35 28.15 -20.03
N LYS S 469 51.14 28.31 -20.54
CA LYS S 469 50.95 28.43 -21.99
C LYS S 469 51.56 29.71 -22.52
N GLY S 470 51.55 30.76 -21.70
CA GLY S 470 52.11 32.04 -22.09
C GLY S 470 53.61 32.02 -22.38
N GLY S 471 54.34 31.18 -21.68
CA GLY S 471 55.77 31.07 -21.91
C GLY S 471 56.07 30.04 -22.99
N ASP S 472 57.30 29.54 -23.03
CA ASP S 472 57.68 28.55 -24.03
C ASP S 472 58.83 27.67 -23.58
N GLY S 473 59.20 26.71 -24.43
CA GLY S 473 60.27 25.80 -24.08
C GLY S 473 59.80 24.92 -22.94
N ASN S 474 60.69 24.68 -21.96
CA ASN S 474 60.32 23.86 -20.81
C ASN S 474 60.01 24.71 -19.60
N TYR S 475 59.41 25.87 -19.85
CA TYR S 475 59.00 26.78 -18.79
C TYR S 475 57.68 26.21 -18.27
N GLY S 476 57.61 25.96 -16.97
CA GLY S 476 56.39 25.40 -16.42
C GLY S 476 56.14 25.78 -14.98
N TYR S 477 55.22 25.04 -14.36
CA TYR S 477 54.86 25.30 -12.97
C TYR S 477 55.26 24.14 -12.09
N ASN S 478 56.19 24.43 -11.17
CA ASN S 478 56.68 23.43 -10.25
C ASN S 478 55.62 23.32 -9.16
N ALA S 479 54.80 22.27 -9.21
CA ALA S 479 53.74 22.06 -8.24
C ALA S 479 54.24 21.88 -6.80
N ALA S 480 55.45 21.36 -6.67
CA ALA S 480 56.05 21.15 -5.35
C ALA S 480 56.34 22.49 -4.67
N THR S 481 57.22 23.28 -5.27
CA THR S 481 57.59 24.58 -4.73
C THR S 481 56.55 25.65 -5.05
N GLU S 482 55.62 25.33 -5.95
CA GLU S 482 54.59 26.28 -6.36
C GLU S 482 55.24 27.56 -6.88
N GLU S 483 56.20 27.38 -7.78
CA GLU S 483 56.94 28.47 -8.38
C GLU S 483 57.18 28.11 -9.85
N TYR S 484 57.27 29.13 -10.72
CA TYR S 484 57.50 28.87 -12.14
C TYR S 484 59.00 28.85 -12.42
N GLY S 485 59.36 28.42 -13.62
CA GLY S 485 60.76 28.32 -14.01
C GLY S 485 60.97 27.22 -15.03
N ASN S 486 62.22 26.82 -15.25
CA ASN S 486 62.51 25.76 -16.21
C ASN S 486 62.29 24.40 -15.55
N MET S 487 61.34 23.64 -16.07
CA MET S 487 61.04 22.34 -15.50
C MET S 487 62.21 21.38 -15.44
N ILE S 488 63.02 21.34 -16.49
CA ILE S 488 64.17 20.43 -16.51
C ILE S 488 65.24 20.85 -15.48
N ASP S 489 65.59 22.13 -15.46
CA ASP S 489 66.57 22.61 -14.51
C ASP S 489 66.08 22.32 -13.10
N MET S 490 64.79 22.48 -12.86
CA MET S 490 64.25 22.24 -11.53
C MET S 490 64.13 20.74 -11.27
N GLY S 491 64.56 19.95 -12.25
CA GLY S 491 64.52 18.51 -12.08
C GLY S 491 63.16 17.87 -11.96
N ILE S 492 62.19 18.41 -12.68
CA ILE S 492 60.83 17.87 -12.68
C ILE S 492 60.56 17.46 -14.12
N LEU S 493 60.74 16.18 -14.41
CA LEU S 493 60.58 15.69 -15.76
C LEU S 493 60.08 14.27 -15.86
N ASP S 494 59.60 13.91 -17.04
CA ASP S 494 59.10 12.56 -17.29
C ASP S 494 59.77 12.05 -18.55
N PRO S 495 60.00 10.75 -18.63
CA PRO S 495 60.63 10.21 -19.84
C PRO S 495 59.70 10.52 -21.01
N THR S 496 60.24 11.08 -22.08
CA THR S 496 59.41 11.38 -23.24
C THR S 496 58.53 10.20 -23.61
N LYS S 497 59.04 9.00 -23.40
CA LYS S 497 58.29 7.79 -23.73
C LYS S 497 57.02 7.62 -22.90
N VAL S 498 57.09 7.95 -21.61
CA VAL S 498 55.92 7.79 -20.75
C VAL S 498 54.82 8.78 -21.13
N THR S 499 55.18 10.01 -21.42
CA THR S 499 54.21 11.02 -21.82
C THR S 499 53.60 10.61 -23.18
N ARG S 500 54.43 10.17 -24.09
CA ARG S 500 53.94 9.74 -25.41
C ARG S 500 52.95 8.57 -25.32
N SER S 501 53.32 7.54 -24.56
CA SER S 501 52.46 6.36 -24.42
C SER S 501 51.16 6.70 -23.75
N ALA S 502 51.23 7.55 -22.71
CA ALA S 502 50.03 7.93 -21.97
C ALA S 502 49.01 8.59 -22.91
N LEU S 503 49.50 9.53 -23.71
CA LEU S 503 48.67 10.24 -24.67
C LEU S 503 48.13 9.32 -25.76
N GLN S 504 48.99 8.53 -26.38
CA GLN S 504 48.53 7.65 -27.44
C GLN S 504 47.55 6.61 -26.96
N TYR S 505 47.79 6.07 -25.79
CA TYR S 505 46.88 5.06 -25.27
C TYR S 505 45.55 5.67 -24.86
N ALA S 506 45.58 6.88 -24.31
CA ALA S 506 44.36 7.58 -23.90
C ALA S 506 43.54 7.86 -25.16
N ALA S 507 44.18 8.51 -26.12
CA ALA S 507 43.54 8.86 -27.39
C ALA S 507 42.97 7.63 -28.06
N SER S 508 43.59 6.47 -27.84
CA SER S 508 43.11 5.25 -28.47
C SER S 508 41.75 4.81 -27.92
N VAL S 509 41.67 4.57 -26.62
CA VAL S 509 40.42 4.12 -26.04
C VAL S 509 39.35 5.20 -26.18
N ALA S 510 39.74 6.47 -26.11
CA ALA S 510 38.77 7.56 -26.25
C ALA S 510 38.16 7.48 -27.65
N GLY S 511 39.02 7.31 -28.64
CA GLY S 511 38.53 7.25 -30.00
C GLY S 511 37.57 6.10 -30.17
N LEU S 512 37.88 4.97 -29.55
CA LEU S 512 37.02 3.80 -29.67
C LEU S 512 35.65 4.02 -29.03
N MET S 513 35.62 4.63 -27.85
CA MET S 513 34.37 4.88 -27.18
C MET S 513 33.51 5.87 -27.94
N ILE S 514 34.13 6.93 -28.45
CA ILE S 514 33.40 7.96 -29.20
C ILE S 514 32.74 7.35 -30.42
N THR S 515 33.30 6.25 -30.93
CA THR S 515 32.75 5.63 -32.11
C THR S 515 32.04 4.33 -31.81
N THR S 516 31.47 4.25 -30.61
CA THR S 516 30.74 3.07 -30.17
C THR S 516 29.26 3.41 -30.26
N GLU S 517 28.48 2.52 -30.86
CA GLU S 517 27.05 2.72 -31.02
C GLU S 517 26.18 1.68 -30.33
N CYS S 518 26.79 0.58 -29.91
CA CYS S 518 26.03 -0.45 -29.25
C CYS S 518 26.83 -1.21 -28.19
N MET S 519 26.18 -1.51 -27.07
CA MET S 519 26.81 -2.23 -25.97
C MET S 519 25.96 -3.44 -25.58
N VAL S 520 26.61 -4.57 -25.38
CA VAL S 520 25.92 -5.81 -25.01
C VAL S 520 26.51 -6.39 -23.74
N THR S 521 25.67 -6.66 -22.76
CA THR S 521 26.12 -7.26 -21.50
C THR S 521 25.02 -8.16 -20.94
N ASP S 522 25.38 -9.03 -20.01
CA ASP S 522 24.40 -9.93 -19.43
C ASP S 522 23.36 -9.16 -18.62
N LEU S 523 22.16 -9.72 -18.53
CA LEU S 523 21.09 -9.10 -17.79
C LEU S 523 21.45 -9.23 -16.32
N PRO S 524 21.23 -8.16 -15.54
CA PRO S 524 21.55 -8.20 -14.10
C PRO S 524 20.86 -9.33 -13.35
N LYS S 525 19.96 -10.03 -14.04
CA LYS S 525 19.24 -11.15 -13.46
C LYS S 525 20.11 -12.40 -13.45
N SER T 1 37.81 -37.84 -8.70
CA SER T 1 38.18 -37.74 -10.11
C SER T 1 39.69 -37.81 -10.29
N TRP T 2 40.41 -37.04 -9.48
CA TRP T 2 41.87 -37.00 -9.55
C TRP T 2 42.51 -38.06 -8.70
N MET T 3 43.80 -38.30 -8.95
CA MET T 3 44.57 -39.30 -8.20
C MET T 3 45.76 -38.65 -7.52
N THR T 4 46.42 -39.40 -6.62
CA THR T 4 47.57 -38.87 -5.91
C THR T 4 48.77 -39.81 -5.96
N THR T 5 49.92 -39.27 -6.32
CA THR T 5 51.12 -40.09 -6.39
C THR T 5 51.60 -40.28 -4.97
N PRO T 6 52.52 -41.23 -4.75
CA PRO T 6 53.04 -41.46 -3.39
C PRO T 6 53.59 -40.17 -2.81
N TRP T 7 54.34 -39.42 -3.61
CA TRP T 7 54.92 -38.16 -3.14
C TRP T 7 53.93 -37.02 -2.97
N GLY T 8 52.65 -37.30 -3.15
CA GLY T 8 51.63 -36.29 -2.96
C GLY T 8 51.19 -35.45 -4.15
N PHE T 9 51.65 -35.76 -5.34
CA PHE T 9 51.25 -34.98 -6.53
C PHE T 9 49.82 -35.33 -6.92
N LEU T 10 48.96 -34.31 -6.90
CA LEU T 10 47.54 -34.47 -7.27
C LEU T 10 47.42 -34.30 -8.79
N HIS T 11 46.77 -35.24 -9.46
CA HIS T 11 46.64 -35.14 -10.91
C HIS T 11 45.51 -35.98 -11.52
N PRO T 12 45.08 -35.65 -12.75
CA PRO T 12 44.02 -36.40 -13.43
C PRO T 12 44.51 -37.79 -13.86
N ALA U 1 34.65 -7.45 -6.74
CA ALA U 1 33.19 -7.19 -6.88
C ALA U 1 32.92 -5.71 -7.13
N ALA U 2 31.67 -5.39 -7.45
CA ALA U 2 31.32 -4.01 -7.67
C ALA U 2 31.64 -3.22 -6.39
N LYS U 3 32.19 -2.02 -6.56
CA LYS U 3 32.54 -1.19 -5.41
C LYS U 3 31.59 -0.01 -5.27
N ASP U 4 31.61 0.59 -4.10
CA ASP U 4 30.81 1.77 -3.83
C ASP U 4 31.92 2.79 -3.62
N VAL U 5 31.95 3.84 -4.43
CA VAL U 5 33.00 4.83 -4.32
C VAL U 5 32.46 6.16 -3.84
N LYS U 6 33.01 6.68 -2.74
CA LYS U 6 32.58 7.96 -2.21
C LYS U 6 33.68 8.99 -2.35
N PHE U 7 33.31 10.27 -2.44
CA PHE U 7 34.29 11.33 -2.61
C PHE U 7 34.21 12.48 -1.62
N GLY U 8 35.26 13.30 -1.63
CA GLY U 8 35.38 14.49 -0.79
C GLY U 8 34.58 14.56 0.49
N ASN U 9 33.62 15.47 0.53
CA ASN U 9 32.81 15.67 1.73
C ASN U 9 32.01 14.45 2.18
N ASP U 10 31.39 13.73 1.24
CA ASP U 10 30.63 12.55 1.62
C ASP U 10 31.55 11.55 2.32
N ALA U 11 32.72 11.31 1.72
CA ALA U 11 33.71 10.39 2.26
C ALA U 11 34.18 10.83 3.64
N ARG U 12 34.44 12.12 3.79
CA ARG U 12 34.89 12.65 5.06
C ARG U 12 33.88 12.50 6.21
N VAL U 13 32.62 12.87 5.99
CA VAL U 13 31.66 12.74 7.07
C VAL U 13 31.51 11.30 7.53
N LYS U 14 31.60 10.37 6.60
CA LYS U 14 31.50 8.96 6.94
C LYS U 14 32.64 8.59 7.90
N MET U 15 33.86 8.95 7.53
CA MET U 15 35.00 8.65 8.38
C MET U 15 34.82 9.27 9.75
N LEU U 16 34.44 10.54 9.77
CA LEU U 16 34.23 11.23 11.05
C LEU U 16 33.26 10.43 11.97
N ARG U 17 32.11 10.05 11.42
CA ARG U 17 31.14 9.30 12.19
C ARG U 17 31.74 8.02 12.73
N GLY U 18 32.51 7.34 11.89
CA GLY U 18 33.14 6.11 12.30
C GLY U 18 34.09 6.29 13.49
N VAL U 19 35.01 7.24 13.42
CA VAL U 19 35.92 7.44 14.53
C VAL U 19 35.18 8.01 15.74
N ASN U 20 34.04 8.67 15.51
CA ASN U 20 33.28 9.18 16.65
C ASN U 20 32.71 8.01 17.45
N VAL U 21 32.26 6.96 16.76
CA VAL U 21 31.74 5.82 17.48
C VAL U 21 32.88 5.16 18.29
N LEU U 22 34.03 5.00 17.64
CA LEU U 22 35.20 4.41 18.27
C LEU U 22 35.68 5.25 19.46
N ALA U 23 36.10 6.47 19.20
CA ALA U 23 36.58 7.34 20.27
C ALA U 23 35.56 7.50 21.40
N ASP U 24 34.31 7.81 21.05
CA ASP U 24 33.28 7.98 22.09
C ASP U 24 33.12 6.77 22.99
N ALA U 25 33.26 5.58 22.41
CA ALA U 25 33.15 4.32 23.15
C ALA U 25 34.34 4.13 24.07
N VAL U 26 35.52 4.42 23.55
CA VAL U 26 36.75 4.25 24.28
C VAL U 26 37.06 5.32 25.33
N LYS U 27 36.84 6.58 25.01
CA LYS U 27 37.17 7.64 25.95
C LYS U 27 36.40 7.68 27.25
N VAL U 28 35.30 6.95 27.35
CA VAL U 28 34.53 6.97 28.60
C VAL U 28 35.32 6.29 29.71
N THR U 29 36.33 5.51 29.33
CA THR U 29 37.13 4.78 30.30
C THR U 29 38.32 5.57 30.81
N LEU U 30 38.67 6.63 30.10
CA LEU U 30 39.81 7.45 30.43
C LEU U 30 39.81 8.10 31.83
N GLY U 31 40.96 8.05 32.51
CA GLY U 31 41.08 8.65 33.83
C GLY U 31 40.65 7.81 35.02
N PRO U 32 41.00 8.23 36.26
CA PRO U 32 40.64 7.52 37.48
C PRO U 32 39.16 7.44 37.77
N LYS U 33 38.36 8.26 37.11
CA LYS U 33 36.90 8.19 37.33
C LYS U 33 36.26 7.63 36.07
N GLY U 34 37.07 6.92 35.29
CA GLY U 34 36.59 6.30 34.06
C GLY U 34 35.38 5.42 34.29
N ARG U 35 34.50 5.38 33.29
CA ARG U 35 33.27 4.61 33.36
C ARG U 35 33.45 3.20 32.78
N ASN U 36 32.49 2.32 33.09
CA ASN U 36 32.53 0.95 32.60
C ASN U 36 31.88 0.84 31.23
N VAL U 37 32.41 -0.07 30.42
CA VAL U 37 31.87 -0.35 29.11
C VAL U 37 31.51 -1.83 29.16
N VAL U 38 30.32 -2.16 28.69
CA VAL U 38 29.89 -3.54 28.71
C VAL U 38 30.02 -4.15 27.32
N LEU U 39 30.86 -5.17 27.20
CA LEU U 39 31.10 -5.83 25.92
C LEU U 39 30.41 -7.19 25.97
N ASP U 40 29.53 -7.41 25.02
CA ASP U 40 28.77 -8.66 24.96
C ASP U 40 29.64 -9.84 24.52
N LYS U 41 29.18 -11.05 24.81
CA LYS U 41 29.89 -12.26 24.43
C LYS U 41 28.90 -13.20 23.78
N SER U 42 29.37 -14.03 22.85
CA SER U 42 28.49 -14.98 22.19
C SER U 42 27.91 -15.97 23.20
N PHE U 43 28.73 -16.40 24.16
CA PHE U 43 28.28 -17.34 25.18
C PHE U 43 28.79 -16.99 26.57
N GLY U 44 27.86 -16.80 27.49
CA GLY U 44 28.24 -16.46 28.85
C GLY U 44 27.66 -15.15 29.33
N ALA U 45 28.38 -14.50 30.26
CA ALA U 45 27.95 -13.24 30.81
C ALA U 45 28.76 -12.15 30.18
N PRO U 46 28.16 -10.99 29.94
CA PRO U 46 28.87 -9.87 29.31
C PRO U 46 30.15 -9.53 30.06
N THR U 47 31.06 -8.86 29.38
CA THR U 47 32.30 -8.44 29.99
C THR U 47 32.14 -6.98 30.40
N ILE U 48 32.49 -6.67 31.65
CA ILE U 48 32.41 -5.30 32.12
C ILE U 48 33.86 -4.83 32.27
N THR U 49 34.25 -3.85 31.47
CA THR U 49 35.63 -3.40 31.51
C THR U 49 35.83 -1.88 31.43
N LYS U 50 36.98 -1.45 31.93
CA LYS U 50 37.37 -0.05 31.89
C LYS U 50 38.65 0.01 31.10
N ASP U 51 38.92 -1.05 30.33
CA ASP U 51 40.13 -1.14 29.51
C ASP U 51 39.88 -0.67 28.06
N GLY U 52 40.22 0.59 27.80
CA GLY U 52 40.04 1.16 26.48
C GLY U 52 40.49 0.26 25.35
N VAL U 53 41.60 -0.45 25.52
CA VAL U 53 42.07 -1.33 24.46
C VAL U 53 41.07 -2.44 24.17
N SER U 54 40.48 -3.02 25.22
CA SER U 54 39.52 -4.09 25.04
C SER U 54 38.31 -3.59 24.25
N VAL U 55 37.84 -2.39 24.59
CA VAL U 55 36.70 -1.80 23.91
C VAL U 55 37.02 -1.57 22.43
N ALA U 56 38.17 -0.98 22.17
CA ALA U 56 38.61 -0.71 20.81
C ALA U 56 38.57 -1.97 19.93
N ARG U 57 39.04 -3.08 20.48
CA ARG U 57 39.10 -4.34 19.75
C ARG U 57 37.73 -4.78 19.27
N GLU U 58 36.71 -4.50 20.07
CA GLU U 58 35.35 -4.89 19.73
C GLU U 58 34.62 -4.01 18.74
N ILE U 59 35.17 -2.84 18.44
CA ILE U 59 34.49 -1.92 17.55
C ILE U 59 34.56 -2.19 16.06
N GLU U 60 33.40 -2.48 15.48
CA GLU U 60 33.25 -2.73 14.03
C GLU U 60 31.89 -2.17 13.64
N LEU U 61 31.87 -1.27 12.67
CA LEU U 61 30.61 -0.64 12.26
C LEU U 61 29.91 -1.25 11.03
N GLU U 62 28.59 -1.14 10.99
CA GLU U 62 27.82 -1.67 9.89
C GLU U 62 28.08 -0.92 8.60
N ASP U 63 28.09 0.41 8.65
CA ASP U 63 28.38 1.20 7.44
C ASP U 63 29.85 1.02 7.05
N LYS U 64 30.11 0.42 5.89
CA LYS U 64 31.46 0.18 5.41
C LYS U 64 32.41 1.40 5.42
N PHE U 65 31.89 2.57 5.05
CA PHE U 65 32.72 3.76 5.06
C PHE U 65 33.02 4.21 6.50
N GLU U 66 32.00 4.21 7.33
CA GLU U 66 32.17 4.59 8.72
C GLU U 66 33.12 3.60 9.38
N ASN U 67 33.03 2.34 8.97
CA ASN U 67 33.89 1.31 9.52
C ASN U 67 35.35 1.53 9.16
N MET U 68 35.61 1.90 7.91
CA MET U 68 36.98 2.19 7.48
C MET U 68 37.54 3.31 8.34
N GLY U 69 36.68 4.27 8.69
CA GLY U 69 37.13 5.35 9.54
C GLY U 69 37.62 4.83 10.87
N ALA U 70 36.81 4.00 11.51
CA ALA U 70 37.14 3.42 12.79
C ALA U 70 38.38 2.52 12.70
N GLN U 71 38.42 1.65 11.70
CA GLN U 71 39.57 0.76 11.57
C GLN U 71 40.91 1.49 11.38
N MET U 72 40.88 2.64 10.72
CA MET U 72 42.11 3.39 10.49
C MET U 72 42.72 3.95 11.77
N VAL U 73 41.95 4.71 12.56
CA VAL U 73 42.55 5.24 13.77
C VAL U 73 42.79 4.08 14.75
N LYS U 74 41.90 3.11 14.72
CA LYS U 74 42.01 1.94 15.57
C LYS U 74 43.39 1.29 15.33
N GLU U 75 43.80 1.26 14.07
CA GLU U 75 45.08 0.68 13.67
C GLU U 75 46.35 1.42 14.13
N VAL U 76 46.46 2.70 13.82
CA VAL U 76 47.65 3.45 14.20
C VAL U 76 47.65 3.71 15.68
N ALA U 77 46.46 3.76 16.29
CA ALA U 77 46.41 3.99 17.72
C ALA U 77 47.08 2.81 18.41
N SER U 78 46.80 1.61 17.91
CA SER U 78 47.41 0.42 18.51
C SER U 78 48.91 0.46 18.34
N LYS U 79 49.41 1.06 17.26
CA LYS U 79 50.84 1.16 17.06
C LYS U 79 51.50 1.83 18.27
N ALA U 80 50.77 2.75 18.90
CA ALA U 80 51.29 3.44 20.07
C ALA U 80 51.55 2.46 21.20
N ASN U 81 50.51 1.69 21.55
CA ASN U 81 50.61 0.71 22.63
C ASN U 81 51.78 -0.24 22.36
N ASP U 82 52.01 -0.57 21.10
CA ASP U 82 53.10 -1.46 20.73
C ASP U 82 54.45 -0.80 21.01
N ALA U 83 54.54 0.47 20.68
CA ALA U 83 55.78 1.23 20.85
C ALA U 83 56.13 1.60 22.31
N ALA U 84 55.13 1.86 23.14
CA ALA U 84 55.41 2.26 24.52
C ALA U 84 54.61 1.49 25.56
N GLY U 85 53.88 0.48 25.13
CA GLY U 85 53.10 -0.31 26.07
C GLY U 85 51.91 0.44 26.66
N ASP U 86 51.56 1.57 26.07
CA ASP U 86 50.43 2.35 26.55
C ASP U 86 50.14 3.55 25.62
N GLY U 87 48.97 4.15 25.79
CA GLY U 87 48.64 5.30 24.97
C GLY U 87 47.61 5.16 23.86
N THR U 88 47.12 3.95 23.58
CA THR U 88 46.13 3.80 22.50
C THR U 88 44.89 4.65 22.73
N THR U 89 44.31 4.55 23.91
CA THR U 89 43.12 5.34 24.21
C THR U 89 43.43 6.81 24.03
N THR U 90 44.54 7.27 24.59
CA THR U 90 44.91 8.67 24.46
C THR U 90 45.04 9.03 22.98
N ALA U 91 45.73 8.18 22.23
CA ALA U 91 45.94 8.41 20.80
C ALA U 91 44.57 8.50 20.08
N THR U 92 43.64 7.67 20.50
CA THR U 92 42.33 7.64 19.92
C THR U 92 41.58 8.94 20.19
N VAL U 93 41.56 9.43 21.43
CA VAL U 93 40.82 10.68 21.67
C VAL U 93 41.53 11.86 21.01
N LEU U 94 42.85 11.81 20.95
CA LEU U 94 43.60 12.87 20.31
C LEU U 94 43.24 12.91 18.81
N ALA U 95 43.07 11.71 18.23
CA ALA U 95 42.76 11.61 16.81
C ALA U 95 41.39 12.17 16.54
N GLN U 96 40.45 11.87 17.43
CA GLN U 96 39.08 12.37 17.25
C GLN U 96 39.10 13.89 17.26
N ALA U 97 39.89 14.45 18.18
CA ALA U 97 40.00 15.91 18.31
C ALA U 97 40.59 16.58 17.07
N ILE U 98 41.74 16.09 16.62
CA ILE U 98 42.37 16.68 15.44
C ILE U 98 41.44 16.52 14.23
N ILE U 99 40.93 15.32 14.02
CA ILE U 99 40.07 15.06 12.87
C ILE U 99 38.81 15.91 12.86
N THR U 100 38.15 16.00 14.00
CA THR U 100 36.92 16.79 14.10
C THR U 100 37.13 18.22 13.67
N GLU U 101 38.10 18.91 14.26
CA GLU U 101 38.36 20.30 13.89
C GLU U 101 38.97 20.41 12.51
N GLY U 102 39.90 19.52 12.21
CA GLY U 102 40.55 19.54 10.91
C GLY U 102 39.55 19.45 9.79
N LEU U 103 38.57 18.57 9.94
CA LEU U 103 37.54 18.41 8.91
C LEU U 103 36.66 19.65 8.83
N LYS U 104 36.44 20.32 9.96
CA LYS U 104 35.62 21.53 9.94
C LYS U 104 36.33 22.57 9.07
N ALA U 105 37.63 22.74 9.30
CA ALA U 105 38.42 23.69 8.53
C ALA U 105 38.35 23.34 7.03
N VAL U 106 38.37 22.06 6.72
CA VAL U 106 38.29 21.63 5.33
C VAL U 106 36.97 22.06 4.71
N ALA U 107 35.88 21.77 5.41
CA ALA U 107 34.56 22.11 4.92
C ALA U 107 34.43 23.63 4.78
N ALA U 108 35.17 24.37 5.59
CA ALA U 108 35.13 25.81 5.53
C ALA U 108 35.92 26.30 4.32
N GLY U 109 36.45 25.33 3.56
CA GLY U 109 37.21 25.65 2.37
C GLY U 109 38.72 25.82 2.52
N MET U 110 39.28 25.42 3.65
CA MET U 110 40.71 25.56 3.83
C MET U 110 41.47 24.42 3.17
N ASN U 111 42.72 24.70 2.81
CA ASN U 111 43.57 23.74 2.12
C ASN U 111 43.97 22.54 2.99
N PRO U 112 43.53 21.33 2.62
CA PRO U 112 43.85 20.13 3.41
C PRO U 112 45.35 19.96 3.63
N MET U 113 46.12 20.08 2.56
CA MET U 113 47.57 19.91 2.66
C MET U 113 48.20 20.93 3.61
N ASP U 114 47.78 22.19 3.56
CA ASP U 114 48.35 23.18 4.48
C ASP U 114 47.91 22.86 5.90
N LEU U 115 46.65 22.45 6.08
CA LEU U 115 46.17 22.10 7.39
C LEU U 115 47.05 21.01 7.97
N LYS U 116 47.40 20.04 7.12
CA LYS U 116 48.22 18.93 7.59
C LYS U 116 49.59 19.39 7.98
N ARG U 117 50.18 20.28 7.16
CA ARG U 117 51.51 20.80 7.45
C ARG U 117 51.53 21.51 8.82
N GLY U 118 50.50 22.30 9.09
CA GLY U 118 50.42 22.99 10.37
C GLY U 118 50.34 22.02 11.54
N ILE U 119 49.47 21.01 11.43
CA ILE U 119 49.30 20.03 12.50
C ILE U 119 50.66 19.40 12.77
N ASP U 120 51.34 19.00 11.71
CA ASP U 120 52.64 18.38 11.84
C ASP U 120 53.65 19.31 12.48
N LYS U 121 53.67 20.56 12.04
CA LYS U 121 54.61 21.50 12.62
C LYS U 121 54.35 21.63 14.11
N ALA U 122 53.08 21.77 14.48
CA ALA U 122 52.73 21.90 15.89
C ALA U 122 53.14 20.66 16.69
N VAL U 123 53.00 19.48 16.09
CA VAL U 123 53.37 18.25 16.76
C VAL U 123 54.87 18.17 16.98
N THR U 124 55.65 18.52 15.95
CA THR U 124 57.09 18.48 16.10
C THR U 124 57.51 19.39 17.24
N ALA U 125 56.98 20.61 17.23
CA ALA U 125 57.28 21.58 18.29
C ALA U 125 56.90 20.98 19.65
N ALA U 126 55.70 20.43 19.72
CA ALA U 126 55.21 19.83 20.95
C ALA U 126 56.12 18.70 21.48
N VAL U 127 56.62 17.84 20.60
CA VAL U 127 57.48 16.74 21.05
C VAL U 127 58.77 17.27 21.64
N GLU U 128 59.28 18.36 21.09
CA GLU U 128 60.50 18.95 21.63
C GLU U 128 60.21 19.52 23.01
N GLU U 129 59.12 20.26 23.10
CA GLU U 129 58.69 20.88 24.36
C GLU U 129 58.47 19.78 25.38
N LEU U 130 58.09 18.59 24.89
CA LEU U 130 57.82 17.44 25.74
C LEU U 130 59.12 16.90 26.31
N LYS U 131 60.16 16.86 25.48
CA LYS U 131 61.48 16.38 25.91
C LYS U 131 62.02 17.30 26.99
N ALA U 132 61.81 18.60 26.80
CA ALA U 132 62.26 19.58 27.78
C ALA U 132 61.59 19.33 29.13
N LEU U 133 60.27 19.18 29.11
CA LEU U 133 59.49 18.95 30.32
C LEU U 133 59.86 17.64 31.00
N SER U 134 60.35 16.69 30.23
CA SER U 134 60.70 15.38 30.74
C SER U 134 61.73 15.34 31.88
N VAL U 135 61.45 14.50 32.86
CA VAL U 135 62.31 14.30 34.02
C VAL U 135 63.00 12.95 33.81
N PRO U 136 64.33 12.90 33.93
CA PRO U 136 65.05 11.64 33.74
C PRO U 136 64.72 10.57 34.77
N CYS U 137 64.95 9.33 34.39
CA CYS U 137 64.72 8.17 35.23
C CYS U 137 65.89 7.25 34.92
N SER U 138 67.08 7.61 35.43
CA SER U 138 68.30 6.85 35.17
C SER U 138 68.88 5.98 36.29
N ASP U 139 68.65 6.35 37.54
CA ASP U 139 69.18 5.56 38.63
C ASP U 139 68.13 4.58 39.15
N SER U 140 68.58 3.54 39.84
CA SER U 140 67.68 2.52 40.35
C SER U 140 66.63 3.06 41.32
N LYS U 141 66.93 4.18 41.96
CA LYS U 141 65.96 4.77 42.88
C LYS U 141 64.73 5.19 42.08
N ALA U 142 64.97 5.87 40.97
CA ALA U 142 63.90 6.34 40.09
C ALA U 142 63.21 5.14 39.44
N ILE U 143 64.02 4.25 38.88
CA ILE U 143 63.50 3.06 38.24
C ILE U 143 62.51 2.36 39.16
N ALA U 144 62.84 2.29 40.44
CA ALA U 144 61.97 1.65 41.42
C ALA U 144 60.69 2.45 41.64
N GLN U 145 60.83 3.76 41.81
CA GLN U 145 59.65 4.60 42.05
C GLN U 145 58.62 4.43 40.94
N VAL U 146 59.08 4.56 39.69
CA VAL U 146 58.20 4.43 38.53
C VAL U 146 57.54 3.07 38.51
N GLY U 147 58.33 2.03 38.69
CA GLY U 147 57.78 0.68 38.70
C GLY U 147 56.73 0.52 39.77
N THR U 148 56.97 1.12 40.93
CA THR U 148 56.05 1.04 42.05
C THR U 148 54.73 1.70 41.67
N ILE U 149 54.84 2.88 41.05
CA ILE U 149 53.66 3.62 40.63
C ILE U 149 52.87 2.82 39.58
N SER U 150 53.58 2.13 38.70
CA SER U 150 52.95 1.35 37.65
C SER U 150 52.28 0.10 38.22
N ALA U 151 52.88 -0.46 39.26
CA ALA U 151 52.35 -1.67 39.88
C ALA U 151 51.23 -1.31 40.86
N ASN U 152 50.75 -0.08 40.76
CA ASN U 152 49.68 0.39 41.62
C ASN U 152 50.15 0.56 43.06
N SER U 153 51.32 1.16 43.24
CA SER U 153 51.90 1.40 44.56
C SER U 153 52.44 0.18 45.30
N ASP U 154 52.88 -0.83 44.55
CA ASP U 154 53.44 -2.04 45.14
C ASP U 154 54.96 -1.93 45.13
N GLU U 155 55.54 -1.47 46.24
CA GLU U 155 57.00 -1.32 46.32
C GLU U 155 57.76 -2.58 45.94
N THR U 156 57.13 -3.73 46.17
CA THR U 156 57.73 -5.03 45.84
C THR U 156 58.10 -5.07 44.36
N VAL U 157 57.11 -4.81 43.51
CA VAL U 157 57.31 -4.81 42.07
C VAL U 157 58.43 -3.82 41.69
N GLY U 158 58.32 -2.60 42.21
CA GLY U 158 59.33 -1.60 41.91
C GLY U 158 60.71 -2.13 42.24
N LYS U 159 60.84 -2.76 43.42
CA LYS U 159 62.11 -3.31 43.84
C LYS U 159 62.57 -4.37 42.85
N LEU U 160 61.71 -5.34 42.56
CA LEU U 160 62.06 -6.40 41.62
C LEU U 160 62.63 -5.87 40.30
N ILE U 161 61.88 -4.99 39.65
CA ILE U 161 62.30 -4.43 38.37
C ILE U 161 63.64 -3.77 38.47
N ALA U 162 63.87 -3.04 39.56
CA ALA U 162 65.13 -2.33 39.76
C ALA U 162 66.29 -3.33 39.92
N GLU U 163 66.04 -4.41 40.65
CA GLU U 163 67.06 -5.44 40.85
C GLU U 163 67.36 -6.11 39.51
N ALA U 164 66.30 -6.41 38.76
CA ALA U 164 66.42 -7.04 37.46
C ALA U 164 67.24 -6.20 36.51
N MET U 165 66.95 -4.90 36.44
CA MET U 165 67.69 -4.03 35.54
C MET U 165 69.13 -3.86 36.01
N ASP U 166 69.33 -3.97 37.30
CA ASP U 166 70.66 -3.83 37.86
C ASP U 166 71.49 -5.03 37.43
N LYS U 167 70.83 -6.18 37.31
CA LYS U 167 71.50 -7.41 36.90
C LYS U 167 71.88 -7.46 35.42
N VAL U 168 70.97 -7.09 34.53
CA VAL U 168 71.25 -7.16 33.11
C VAL U 168 71.27 -5.82 32.37
N GLY U 169 71.23 -4.72 33.12
CA GLY U 169 71.24 -3.39 32.51
C GLY U 169 69.84 -2.95 32.18
N LYS U 170 69.60 -1.65 32.07
CA LYS U 170 68.24 -1.20 31.77
C LYS U 170 67.83 -1.38 30.31
N GLU U 171 68.73 -1.96 29.52
CA GLU U 171 68.44 -2.24 28.12
C GLU U 171 68.57 -3.75 27.90
N GLY U 172 68.60 -4.48 29.01
CA GLY U 172 68.74 -5.92 28.95
C GLY U 172 67.42 -6.69 28.91
N VAL U 173 67.47 -7.95 28.50
CA VAL U 173 66.27 -8.75 28.42
C VAL U 173 65.76 -9.18 29.79
N ILE U 174 64.48 -8.97 30.03
CA ILE U 174 63.86 -9.34 31.30
C ILE U 174 62.51 -10.01 31.01
N THR U 175 62.27 -11.17 31.62
CA THR U 175 61.03 -11.91 31.43
C THR U 175 60.40 -12.21 32.78
N VAL U 176 59.09 -12.42 32.79
CA VAL U 176 58.40 -12.74 34.04
C VAL U 176 57.69 -14.10 33.89
N GLU U 177 57.69 -14.89 34.97
CA GLU U 177 57.04 -16.20 34.93
C GLU U 177 56.35 -16.45 36.27
N ASP U 178 55.44 -17.43 36.27
CA ASP U 178 54.74 -17.77 37.49
C ASP U 178 55.81 -18.27 38.45
N GLY U 179 55.63 -18.00 39.73
CA GLY U 179 56.62 -18.43 40.69
C GLY U 179 56.42 -19.86 41.18
N THR U 180 57.37 -20.33 41.98
CA THR U 180 57.29 -21.67 42.52
C THR U 180 56.42 -21.66 43.77
N GLY U 181 56.00 -20.47 44.19
CA GLY U 181 55.14 -20.34 45.34
C GLY U 181 55.62 -19.44 46.46
N LEU U 182 54.94 -18.29 46.63
CA LEU U 182 55.26 -17.32 47.68
C LEU U 182 56.72 -16.91 47.62
N GLN U 183 56.96 -15.59 47.61
CA GLN U 183 58.31 -15.05 47.55
C GLN U 183 58.83 -15.07 46.12
N ASP U 184 59.24 -13.90 45.64
CA ASP U 184 59.75 -13.75 44.30
C ASP U 184 61.14 -14.35 44.17
N GLU U 185 61.59 -14.51 42.93
CA GLU U 185 62.90 -15.06 42.64
C GLU U 185 63.43 -14.38 41.40
N LEU U 186 64.68 -13.94 41.44
CA LEU U 186 65.28 -13.27 40.29
C LEU U 186 66.50 -14.06 39.86
N ASP U 187 66.49 -14.57 38.63
CA ASP U 187 67.61 -15.34 38.15
C ASP U 187 68.04 -14.91 36.77
N VAL U 188 69.33 -14.96 36.51
CA VAL U 188 69.82 -14.62 35.20
C VAL U 188 70.29 -15.93 34.61
N VAL U 189 69.78 -16.27 33.43
CA VAL U 189 70.15 -17.52 32.78
C VAL U 189 70.61 -17.28 31.36
N GLU U 190 71.08 -18.35 30.71
CA GLU U 190 71.54 -18.24 29.34
C GLU U 190 70.29 -18.07 28.51
N GLY U 191 70.23 -16.99 27.75
CA GLY U 191 69.06 -16.74 26.94
C GLY U 191 69.31 -15.66 25.92
N MET U 192 68.31 -15.39 25.10
CA MET U 192 68.44 -14.39 24.05
C MET U 192 67.08 -13.93 23.57
N GLN U 193 67.07 -12.82 22.83
CA GLN U 193 65.82 -12.26 22.31
C GLN U 193 66.09 -11.55 21.00
N PHE U 194 65.31 -11.89 19.96
CA PHE U 194 65.45 -11.24 18.65
C PHE U 194 64.12 -10.68 18.12
N ASP U 195 64.19 -9.77 17.14
CA ASP U 195 62.99 -9.14 16.58
C ASP U 195 62.25 -9.89 15.48
N ARG U 196 61.56 -10.96 15.86
CA ARG U 196 60.78 -11.76 14.93
C ARG U 196 59.60 -12.31 15.70
N GLY U 197 58.39 -12.02 15.23
CA GLY U 197 57.20 -12.49 15.90
C GLY U 197 56.70 -13.80 15.30
N TYR U 198 55.62 -14.33 15.85
CA TYR U 198 55.07 -15.58 15.35
C TYR U 198 54.72 -15.43 13.88
N LEU U 199 54.85 -16.52 13.14
CA LEU U 199 54.56 -16.52 11.71
C LEU U 199 53.07 -16.55 11.43
N SER U 200 52.28 -16.39 12.48
CA SER U 200 50.82 -16.38 12.36
C SER U 200 50.22 -16.53 13.73
N PRO U 201 49.03 -15.95 13.95
CA PRO U 201 48.47 -16.13 15.29
C PRO U 201 48.09 -17.62 15.33
N TYR U 202 47.03 -17.98 16.02
CA TYR U 202 46.66 -19.39 16.10
C TYR U 202 47.67 -20.11 16.98
N PHE U 203 48.95 -19.80 16.76
CA PHE U 203 50.02 -20.38 17.58
C PHE U 203 49.81 -19.86 18.99
N ILE U 204 49.24 -18.66 19.07
CA ILE U 204 48.95 -18.01 20.33
C ILE U 204 48.16 -18.93 21.25
N ASN U 205 48.74 -19.25 22.40
CA ASN U 205 48.08 -20.13 23.37
C ASN U 205 47.85 -19.36 24.67
N LYS U 206 48.05 -18.05 24.59
CA LYS U 206 47.84 -17.15 25.73
C LYS U 206 47.27 -15.84 25.18
N PRO U 207 46.00 -15.89 24.71
CA PRO U 207 45.26 -14.76 24.13
C PRO U 207 45.24 -13.50 24.99
N GLU U 208 45.25 -13.67 26.31
CA GLU U 208 45.22 -12.52 27.20
C GLU U 208 46.36 -11.59 26.83
N THR U 209 47.52 -12.17 26.52
CA THR U 209 48.72 -11.41 26.17
C THR U 209 49.00 -11.50 24.68
N GLY U 210 48.20 -12.29 23.98
CA GLY U 210 48.40 -12.44 22.55
C GLY U 210 49.81 -12.90 22.32
N ALA U 211 50.21 -13.89 23.11
CA ALA U 211 51.54 -14.47 23.05
C ALA U 211 51.56 -15.99 22.95
N VAL U 212 52.66 -16.51 22.41
CA VAL U 212 52.85 -17.95 22.29
C VAL U 212 53.84 -18.34 23.39
N GLU U 213 53.49 -19.32 24.20
CA GLU U 213 54.36 -19.74 25.29
C GLU U 213 54.59 -21.25 25.26
N LEU U 214 55.83 -21.65 25.01
CA LEU U 214 56.20 -23.06 24.95
C LEU U 214 57.07 -23.44 26.15
N GLU U 215 56.82 -24.62 26.70
CA GLU U 215 57.57 -25.09 27.85
C GLU U 215 58.48 -26.27 27.52
N SER U 216 59.76 -26.13 27.83
CA SER U 216 60.74 -27.19 27.57
C SER U 216 60.66 -27.59 26.11
N PRO U 217 60.71 -26.62 25.20
CA PRO U 217 60.62 -26.91 23.78
C PRO U 217 61.93 -27.24 23.10
N PHE U 218 61.84 -27.99 22.00
CA PHE U 218 63.01 -28.31 21.20
C PHE U 218 63.09 -27.11 20.28
N ILE U 219 64.19 -26.94 19.58
CA ILE U 219 64.33 -25.81 18.69
C ILE U 219 65.01 -26.25 17.40
N LEU U 220 64.29 -26.14 16.29
CA LEU U 220 64.81 -26.52 14.98
C LEU U 220 65.31 -25.28 14.26
N LEU U 221 66.59 -25.27 13.95
CA LEU U 221 67.20 -24.14 13.24
C LEU U 221 67.46 -24.57 11.80
N ALA U 222 66.70 -24.00 10.86
CA ALA U 222 66.86 -24.36 9.45
C ALA U 222 67.14 -23.13 8.59
N ASP U 223 68.34 -23.09 8.01
CA ASP U 223 68.75 -21.96 7.18
C ASP U 223 68.18 -22.10 5.79
N LYS U 224 66.85 -22.10 5.70
CA LYS U 224 66.18 -22.24 4.42
C LYS U 224 64.69 -21.95 4.59
N LYS U 225 63.97 -21.90 3.46
CA LYS U 225 62.52 -21.67 3.46
C LYS U 225 61.81 -23.03 3.36
N ILE U 226 60.77 -23.22 4.19
CA ILE U 226 60.05 -24.49 4.20
C ILE U 226 58.71 -24.44 3.47
N SER U 227 58.62 -25.18 2.37
CA SER U 227 57.41 -25.24 1.55
C SER U 227 56.63 -26.51 1.74
N ASN U 228 57.32 -27.64 1.54
CA ASN U 228 56.72 -28.96 1.65
C ASN U 228 56.87 -29.47 3.06
N ILE U 229 55.79 -29.49 3.82
CA ILE U 229 55.85 -29.95 5.20
C ILE U 229 56.23 -31.43 5.31
N ARG U 230 56.42 -32.08 4.18
CA ARG U 230 56.82 -33.48 4.19
C ARG U 230 58.22 -33.58 4.80
N GLU U 231 59.12 -32.68 4.40
CA GLU U 231 60.50 -32.65 4.90
C GLU U 231 60.53 -32.77 6.41
N MET U 232 59.56 -32.13 7.06
CA MET U 232 59.46 -32.11 8.51
C MET U 232 59.05 -33.42 9.19
N LEU U 233 58.05 -34.09 8.62
CA LEU U 233 57.49 -35.34 9.17
C LEU U 233 58.43 -36.20 10.04
N PRO U 234 59.57 -36.64 9.49
CA PRO U 234 60.46 -37.46 10.31
C PRO U 234 60.84 -36.81 11.64
N VAL U 235 61.12 -35.50 11.60
CA VAL U 235 61.49 -34.74 12.79
C VAL U 235 60.29 -34.48 13.68
N LEU U 236 59.19 -34.04 13.08
CA LEU U 236 57.96 -33.78 13.84
C LEU U 236 57.49 -35.03 14.57
N GLU U 237 57.59 -36.18 13.91
CA GLU U 237 57.18 -37.43 14.53
C GLU U 237 58.02 -37.67 15.76
N ALA U 238 59.30 -37.35 15.66
CA ALA U 238 60.24 -37.55 16.77
C ALA U 238 59.85 -36.65 17.92
N VAL U 239 59.49 -35.41 17.60
CA VAL U 239 59.09 -34.44 18.61
C VAL U 239 57.71 -34.82 19.10
N ALA U 240 56.94 -35.50 18.24
CA ALA U 240 55.60 -35.93 18.58
C ALA U 240 55.74 -36.80 19.82
N LYS U 241 56.58 -37.82 19.74
CA LYS U 241 56.84 -38.67 20.89
C LYS U 241 57.64 -37.71 21.76
N ALA U 242 58.03 -38.13 22.95
CA ALA U 242 58.79 -37.24 23.84
C ALA U 242 57.84 -36.17 24.38
N GLY U 243 56.74 -35.95 23.66
CA GLY U 243 55.73 -34.99 24.04
C GLY U 243 56.26 -33.63 24.46
N LYS U 244 57.03 -33.02 23.56
CA LYS U 244 57.59 -31.71 23.84
C LYS U 244 57.22 -30.77 22.71
N PRO U 245 57.03 -29.48 23.03
CA PRO U 245 56.67 -28.53 21.98
C PRO U 245 57.89 -28.26 21.11
N LEU U 246 57.67 -27.75 19.90
CA LEU U 246 58.75 -27.44 18.97
C LEU U 246 58.68 -26.02 18.42
N LEU U 247 59.81 -25.32 18.45
CA LEU U 247 59.88 -23.98 17.90
C LEU U 247 60.68 -24.08 16.62
N ILE U 248 60.09 -23.66 15.50
CA ILE U 248 60.74 -23.70 14.19
C ILE U 248 61.31 -22.34 13.89
N ILE U 249 62.62 -22.29 13.67
CA ILE U 249 63.28 -21.04 13.32
C ILE U 249 63.86 -21.26 11.95
N ALA U 250 63.12 -20.86 10.92
CA ALA U 250 63.57 -21.03 9.55
C ALA U 250 63.62 -19.70 8.83
N GLU U 251 64.16 -19.71 7.62
CA GLU U 251 64.26 -18.50 6.84
C GLU U 251 62.83 -18.02 6.58
N ASP U 252 61.89 -18.97 6.64
CA ASP U 252 60.47 -18.70 6.43
C ASP U 252 59.67 -19.99 6.27
N VAL U 253 58.41 -19.96 6.70
CA VAL U 253 57.54 -21.12 6.60
C VAL U 253 56.35 -20.67 5.77
N GLU U 254 56.25 -21.22 4.56
CA GLU U 254 55.19 -20.85 3.64
C GLU U 254 53.80 -21.36 3.94
N GLY U 255 52.82 -20.62 3.42
CA GLY U 255 51.41 -20.91 3.57
C GLY U 255 50.94 -22.31 3.91
N GLU U 256 50.97 -23.22 2.94
CA GLU U 256 50.50 -24.58 3.17
C GLU U 256 51.18 -25.28 4.35
N ALA U 257 52.52 -25.23 4.39
CA ALA U 257 53.28 -25.85 5.47
C ALA U 257 52.84 -25.28 6.82
N LEU U 258 52.77 -23.96 6.88
CA LEU U 258 52.34 -23.26 8.07
C LEU U 258 50.93 -23.73 8.45
N ALA U 259 50.05 -23.83 7.45
CA ALA U 259 48.67 -24.26 7.70
C ALA U 259 48.68 -25.62 8.38
N THR U 260 49.52 -26.52 7.87
CA THR U 260 49.61 -27.86 8.41
C THR U 260 49.98 -27.81 9.87
N LEU U 261 50.99 -27.00 10.20
CA LEU U 261 51.44 -26.88 11.57
C LEU U 261 50.33 -26.43 12.51
N VAL U 262 49.63 -25.35 12.13
CA VAL U 262 48.53 -24.83 12.94
C VAL U 262 47.48 -25.92 13.19
N VAL U 263 46.99 -26.53 12.11
CA VAL U 263 45.98 -27.58 12.20
C VAL U 263 46.36 -28.69 13.17
N ASN U 264 47.47 -29.35 12.87
CA ASN U 264 47.95 -30.46 13.69
C ASN U 264 48.25 -30.16 15.15
N THR U 265 48.82 -28.99 15.46
CA THR U 265 49.11 -28.69 16.85
C THR U 265 47.81 -28.39 17.55
N MET U 266 46.82 -27.97 16.76
CA MET U 266 45.50 -27.65 17.26
C MET U 266 44.70 -28.92 17.52
N ARG U 267 45.18 -30.04 17.01
CA ARG U 267 44.50 -31.31 17.21
C ARG U 267 45.14 -32.10 18.32
N GLY U 268 46.12 -31.48 18.99
CA GLY U 268 46.78 -32.16 20.09
C GLY U 268 48.03 -32.94 19.71
N ILE U 269 48.16 -33.28 18.44
CA ILE U 269 49.32 -34.02 17.96
C ILE U 269 50.44 -33.05 17.62
N VAL U 270 51.48 -33.02 18.45
CA VAL U 270 52.61 -32.13 18.20
C VAL U 270 52.31 -30.64 18.30
N LYS U 271 52.94 -29.97 19.26
CA LYS U 271 52.77 -28.53 19.43
C LYS U 271 53.93 -27.84 18.73
N VAL U 272 53.62 -27.04 17.72
CA VAL U 272 54.64 -26.32 16.96
C VAL U 272 54.33 -24.83 16.87
N ALA U 273 55.39 -24.06 16.69
CA ALA U 273 55.31 -22.62 16.55
C ALA U 273 56.52 -22.26 15.68
N ALA U 274 56.35 -21.39 14.68
CA ALA U 274 57.45 -21.02 13.81
C ALA U 274 57.61 -19.52 13.72
N VAL U 275 58.83 -19.07 13.46
CA VAL U 275 59.14 -17.65 13.34
C VAL U 275 60.32 -17.54 12.39
N LYS U 276 60.45 -16.40 11.71
CA LYS U 276 61.55 -16.23 10.78
C LYS U 276 62.90 -16.11 11.51
N ALA U 277 63.98 -16.46 10.82
CA ALA U 277 65.30 -16.33 11.42
C ALA U 277 65.59 -14.83 11.54
N PRO U 278 66.29 -14.42 12.60
CA PRO U 278 66.61 -13.00 12.82
C PRO U 278 67.52 -12.43 11.74
N GLY U 279 67.35 -11.14 11.48
CA GLY U 279 68.17 -10.45 10.50
C GLY U 279 68.05 -10.99 9.08
N PHE U 280 68.93 -10.49 8.20
CA PHE U 280 68.96 -10.92 6.80
C PHE U 280 70.40 -10.97 6.30
N GLY U 281 70.57 -11.42 5.06
CA GLY U 281 71.89 -11.50 4.48
C GLY U 281 72.84 -12.44 5.19
N ASP U 282 74.05 -11.96 5.45
CA ASP U 282 75.08 -12.76 6.10
C ASP U 282 74.95 -12.76 7.62
N ARG U 283 74.58 -11.61 8.19
CA ARG U 283 74.44 -11.53 9.64
C ARG U 283 73.32 -12.45 10.11
N ARG U 284 72.59 -13.04 9.16
CA ARG U 284 71.50 -13.94 9.47
C ARG U 284 72.07 -15.33 9.75
N LYS U 285 72.91 -15.79 8.84
CA LYS U 285 73.53 -17.09 8.98
C LYS U 285 74.32 -17.15 10.28
N ALA U 286 74.94 -16.01 10.63
CA ALA U 286 75.73 -15.92 11.85
C ALA U 286 74.82 -16.02 13.08
N MET U 287 73.81 -15.17 13.12
CA MET U 287 72.89 -15.18 14.24
C MET U 287 72.19 -16.52 14.40
N LEU U 288 71.89 -17.17 13.28
CA LEU U 288 71.22 -18.47 13.34
C LEU U 288 72.09 -19.43 14.11
N GLN U 289 73.39 -19.28 13.94
CA GLN U 289 74.37 -20.13 14.60
C GLN U 289 74.42 -19.81 16.10
N ASP U 290 74.44 -18.51 16.44
CA ASP U 290 74.47 -18.10 17.84
C ASP U 290 73.38 -18.83 18.63
N ILE U 291 72.17 -18.79 18.08
CA ILE U 291 71.03 -19.45 18.70
C ILE U 291 71.31 -20.94 18.87
N ALA U 292 71.95 -21.53 17.86
CA ALA U 292 72.29 -22.95 17.91
C ALA U 292 73.21 -23.21 19.10
N THR U 293 74.29 -22.44 19.17
CA THR U 293 75.25 -22.62 20.23
C THR U 293 74.62 -22.37 21.59
N LEU U 294 73.74 -21.37 21.64
CA LEU U 294 73.07 -20.97 22.88
C LEU U 294 72.08 -22.03 23.36
N THR U 295 71.47 -22.75 22.43
CA THR U 295 70.52 -23.78 22.79
C THR U 295 71.04 -25.19 22.58
N GLY U 296 72.32 -25.30 22.21
CA GLY U 296 72.90 -26.61 22.00
C GLY U 296 72.32 -27.34 20.80
N GLY U 297 71.92 -26.59 19.79
CA GLY U 297 71.33 -27.18 18.61
C GLY U 297 72.26 -27.08 17.41
N THR U 298 71.89 -27.75 16.32
CA THR U 298 72.70 -27.75 15.12
C THR U 298 71.93 -27.11 13.99
N VAL U 299 72.50 -26.07 13.39
CA VAL U 299 71.86 -25.41 12.26
C VAL U 299 71.82 -26.37 11.09
N ILE U 300 70.68 -26.42 10.40
CA ILE U 300 70.51 -27.29 9.24
C ILE U 300 70.42 -26.46 7.96
N SER U 301 71.55 -26.32 7.27
CA SER U 301 71.60 -25.54 6.03
C SER U 301 71.82 -26.43 4.81
N GLU U 302 71.19 -26.05 3.70
CA GLU U 302 71.31 -26.80 2.47
C GLU U 302 72.70 -26.64 1.86
N GLU U 303 73.31 -25.48 2.09
CA GLU U 303 74.63 -25.19 1.56
C GLU U 303 75.62 -26.31 1.86
N ILE U 304 75.74 -26.68 3.14
CA ILE U 304 76.64 -27.76 3.55
C ILE U 304 76.11 -29.11 3.06
N GLY U 305 74.89 -29.10 2.53
CA GLY U 305 74.29 -30.31 2.01
C GLY U 305 73.47 -31.11 3.01
N MET U 306 73.01 -30.46 4.08
CA MET U 306 72.20 -31.13 5.09
C MET U 306 70.75 -31.17 4.66
N GLU U 307 70.03 -32.19 5.14
CA GLU U 307 68.63 -32.36 4.80
C GLU U 307 67.79 -32.45 6.06
N LEU U 308 66.57 -31.91 5.98
CA LEU U 308 65.66 -31.94 7.11
C LEU U 308 65.17 -33.34 7.44
N GLU U 309 64.96 -34.15 6.40
CA GLU U 309 64.46 -35.50 6.61
C GLU U 309 65.41 -36.31 7.47
N LYS U 310 66.70 -36.00 7.37
CA LYS U 310 67.71 -36.73 8.13
C LYS U 310 68.06 -36.07 9.47
N ALA U 311 67.21 -35.16 9.93
CA ALA U 311 67.45 -34.46 11.19
C ALA U 311 66.81 -35.21 12.35
N THR U 312 67.58 -35.44 13.40
CA THR U 312 67.09 -36.16 14.57
C THR U 312 66.97 -35.20 15.75
N LEU U 313 66.36 -35.67 16.83
CA LEU U 313 66.17 -34.84 18.02
C LEU U 313 67.48 -34.27 18.53
N GLU U 314 68.57 -35.00 18.28
CA GLU U 314 69.89 -34.57 18.73
C GLU U 314 70.40 -33.32 18.01
N ASP U 315 69.84 -33.02 16.84
CA ASP U 315 70.22 -31.84 16.07
C ASP U 315 69.49 -30.61 16.57
N LEU U 316 68.35 -30.86 17.22
CA LEU U 316 67.50 -29.80 17.78
C LEU U 316 68.07 -29.17 19.05
N GLY U 317 67.90 -27.86 19.14
CA GLY U 317 68.37 -27.15 20.32
C GLY U 317 67.42 -27.45 21.46
N GLN U 318 67.53 -26.69 22.54
CA GLN U 318 66.66 -26.93 23.68
C GLN U 318 66.73 -25.77 24.65
N ALA U 319 65.61 -25.47 25.31
CA ALA U 319 65.53 -24.36 26.27
C ALA U 319 64.35 -24.63 27.17
N LYS U 320 64.37 -24.04 28.37
CA LYS U 320 63.28 -24.25 29.31
C LYS U 320 61.98 -23.53 28.97
N ARG U 321 62.09 -22.42 28.23
CA ARG U 321 60.89 -21.67 27.89
C ARG U 321 61.15 -20.65 26.79
N VAL U 322 60.23 -20.56 25.84
CA VAL U 322 60.34 -19.56 24.77
C VAL U 322 59.03 -18.79 24.75
N VAL U 323 59.12 -17.49 24.47
CA VAL U 323 57.92 -16.66 24.42
C VAL U 323 57.90 -15.88 23.11
N ILE U 324 56.83 -16.07 22.35
CA ILE U 324 56.72 -15.39 21.07
C ILE U 324 55.65 -14.30 21.05
N ASN U 325 56.02 -13.15 20.50
CA ASN U 325 55.16 -11.99 20.42
C ASN U 325 54.64 -11.74 19.03
N LYS U 326 53.91 -10.64 18.92
CA LYS U 326 53.35 -10.19 17.67
C LYS U 326 54.57 -9.89 16.79
N ASP U 327 55.69 -9.56 17.43
CA ASP U 327 56.91 -9.27 16.68
C ASP U 327 58.21 -9.43 17.47
N THR U 328 58.22 -10.41 18.38
CA THR U 328 59.39 -10.67 19.20
C THR U 328 59.47 -12.13 19.65
N THR U 329 60.69 -12.65 19.73
CA THR U 329 60.93 -14.02 20.19
C THR U 329 62.04 -14.00 21.22
N THR U 330 61.78 -14.60 22.39
CA THR U 330 62.75 -14.65 23.46
C THR U 330 62.95 -16.06 24.01
N ILE U 331 64.19 -16.53 23.93
CA ILE U 331 64.58 -17.87 24.38
C ILE U 331 65.12 -17.81 25.81
N ILE U 332 64.49 -18.55 26.70
CA ILE U 332 64.88 -18.56 28.11
C ILE U 332 65.51 -19.84 28.67
N ASP U 333 66.76 -19.72 29.12
CA ASP U 333 67.51 -20.82 29.69
C ASP U 333 67.87 -21.87 28.66
N GLY U 334 68.83 -21.54 27.81
CA GLY U 334 69.29 -22.45 26.78
C GLY U 334 70.18 -23.54 27.34
N VAL U 335 70.06 -24.74 26.77
CA VAL U 335 70.84 -25.88 27.22
C VAL U 335 72.31 -25.83 26.80
N GLY U 336 72.60 -25.09 25.72
CA GLY U 336 73.96 -24.97 25.25
C GLY U 336 74.98 -24.96 26.37
N GLU U 337 76.09 -25.67 26.17
CA GLU U 337 77.17 -25.73 27.16
C GLU U 337 77.88 -24.38 27.31
N GLU U 338 78.09 -23.97 28.54
CA GLU U 338 78.76 -22.70 28.81
C GLU U 338 80.10 -22.63 28.14
N ALA U 339 80.74 -23.79 27.98
CA ALA U 339 82.04 -23.87 27.34
C ALA U 339 81.90 -23.42 25.88
N ALA U 340 80.91 -23.95 25.19
CA ALA U 340 80.68 -23.62 23.81
C ALA U 340 80.16 -22.19 23.64
N ILE U 341 79.24 -21.79 24.51
CA ILE U 341 78.67 -20.45 24.46
C ILE U 341 79.75 -19.41 24.71
N GLN U 342 80.42 -19.54 25.84
CA GLN U 342 81.48 -18.62 26.20
C GLN U 342 82.60 -18.57 25.17
N GLY U 343 82.87 -19.71 24.54
CA GLY U 343 83.92 -19.76 23.54
C GLY U 343 83.46 -19.00 22.32
N ARG U 344 82.18 -19.15 21.99
CA ARG U 344 81.57 -18.48 20.85
C ARG U 344 81.74 -16.97 21.03
N VAL U 345 81.49 -16.49 22.25
CA VAL U 345 81.61 -15.08 22.55
C VAL U 345 83.01 -14.59 22.27
N ALA U 346 83.99 -15.43 22.58
CA ALA U 346 85.39 -15.10 22.35
C ALA U 346 85.64 -14.85 20.86
N GLN U 347 85.14 -15.75 20.02
CA GLN U 347 85.31 -15.64 18.59
C GLN U 347 84.76 -14.32 18.05
N ILE U 348 83.59 -13.94 18.53
CA ILE U 348 82.95 -12.70 18.09
C ILE U 348 83.72 -11.47 18.56
N ARG U 349 84.34 -11.58 19.74
CA ARG U 349 85.09 -10.46 20.29
C ARG U 349 86.37 -10.19 19.51
N GLN U 350 86.89 -11.21 18.83
CA GLN U 350 88.10 -11.04 18.02
C GLN U 350 87.66 -10.39 16.72
N GLN U 351 86.45 -10.76 16.29
CA GLN U 351 85.86 -10.23 15.07
C GLN U 351 85.87 -8.72 15.23
N ILE U 352 85.48 -8.28 16.42
CA ILE U 352 85.42 -6.86 16.74
C ILE U 352 86.79 -6.21 16.63
N GLU U 353 87.84 -7.01 16.90
CA GLU U 353 89.21 -6.52 16.82
C GLU U 353 89.57 -6.35 15.36
N GLU U 354 89.44 -7.46 14.61
CA GLU U 354 89.74 -7.49 13.18
C GLU U 354 88.74 -6.65 12.37
N ALA U 355 87.83 -5.99 13.08
CA ALA U 355 86.82 -5.15 12.45
C ALA U 355 87.44 -3.94 11.76
N THR U 356 87.20 -3.83 10.46
CA THR U 356 87.72 -2.72 9.67
C THR U 356 86.59 -1.74 9.35
N SER U 357 85.64 -1.62 10.27
CA SER U 357 84.49 -0.74 10.09
C SER U 357 83.74 -0.52 11.40
N ASP U 358 83.01 0.59 11.49
CA ASP U 358 82.24 0.88 12.69
C ASP U 358 80.92 0.13 12.66
N TYR U 359 80.31 0.08 11.49
CA TYR U 359 79.05 -0.64 11.33
C TYR U 359 79.27 -2.10 11.70
N ASP U 360 80.16 -2.75 10.96
CA ASP U 360 80.48 -4.15 11.19
C ASP U 360 80.83 -4.39 12.66
N ARG U 361 81.35 -3.34 13.30
CA ARG U 361 81.74 -3.41 14.71
C ARG U 361 80.51 -3.36 15.60
N GLU U 362 79.59 -2.45 15.30
CA GLU U 362 78.37 -2.31 16.09
C GLU U 362 77.53 -3.57 16.02
N LYS U 363 77.52 -4.20 14.84
CA LYS U 363 76.74 -5.42 14.63
C LYS U 363 77.29 -6.59 15.44
N LEU U 364 78.61 -6.68 15.53
CA LEU U 364 79.24 -7.75 16.28
C LEU U 364 79.00 -7.56 17.78
N GLN U 365 79.02 -6.30 18.24
CA GLN U 365 78.80 -6.02 19.65
C GLN U 365 77.38 -6.44 20.01
N GLU U 366 76.44 -6.15 19.12
CA GLU U 366 75.05 -6.50 19.36
C GLU U 366 74.91 -7.99 19.62
N ARG U 367 75.65 -8.79 18.85
CA ARG U 367 75.58 -10.24 18.99
C ARG U 367 76.16 -10.76 20.31
N VAL U 368 77.31 -10.26 20.73
CA VAL U 368 77.88 -10.71 21.99
C VAL U 368 76.98 -10.29 23.16
N ALA U 369 76.51 -9.05 23.11
CA ALA U 369 75.63 -8.54 24.13
C ALA U 369 74.50 -9.52 24.35
N LYS U 370 73.94 -10.04 23.27
CA LYS U 370 72.84 -10.99 23.37
C LYS U 370 73.34 -12.30 23.99
N LEU U 371 74.38 -12.85 23.38
CA LEU U 371 74.93 -14.12 23.81
C LEU U 371 75.53 -14.09 25.19
N ALA U 372 76.25 -13.02 25.51
CA ALA U 372 76.89 -12.88 26.81
C ALA U 372 75.98 -12.31 27.91
N GLY U 373 75.10 -11.39 27.53
CA GLY U 373 74.22 -10.76 28.49
C GLY U 373 73.20 -11.64 29.22
N GLY U 374 72.74 -12.70 28.57
CA GLY U 374 71.78 -13.57 29.20
C GLY U 374 70.40 -12.95 29.31
N VAL U 375 69.58 -13.51 30.18
CA VAL U 375 68.21 -13.04 30.39
C VAL U 375 67.81 -13.06 31.87
N ALA U 376 67.31 -11.93 32.36
CA ALA U 376 66.88 -11.82 33.74
C ALA U 376 65.47 -12.37 33.83
N VAL U 377 65.28 -13.38 34.70
CA VAL U 377 63.98 -14.02 34.87
C VAL U 377 63.36 -13.71 36.22
N ILE U 378 62.25 -12.99 36.21
CA ILE U 378 61.55 -12.65 37.44
C ILE U 378 60.45 -13.66 37.65
N LYS U 379 60.47 -14.35 38.79
CA LYS U 379 59.45 -15.34 39.11
C LYS U 379 58.56 -14.73 40.18
N VAL U 380 57.38 -14.28 39.77
CA VAL U 380 56.42 -13.64 40.66
C VAL U 380 56.03 -14.45 41.89
N GLY U 381 56.01 -13.78 43.04
CA GLY U 381 55.66 -14.42 44.31
C GLY U 381 54.33 -15.13 44.24
N ALA U 382 53.72 -15.44 45.38
CA ALA U 382 52.46 -16.17 45.31
C ALA U 382 51.45 -16.09 46.45
N ALA U 383 51.10 -17.27 46.96
CA ALA U 383 50.11 -17.44 48.01
C ALA U 383 48.78 -17.39 47.28
N THR U 384 48.38 -18.53 46.73
CA THR U 384 47.15 -18.74 45.93
C THR U 384 47.39 -18.44 44.46
N GLU U 385 47.02 -19.39 43.61
CA GLU U 385 47.21 -19.28 42.18
C GLU U 385 46.61 -18.02 41.58
N VAL U 386 45.54 -17.53 42.19
CA VAL U 386 44.87 -16.33 41.69
C VAL U 386 45.68 -15.07 41.89
N GLU U 387 46.09 -14.81 43.14
CA GLU U 387 46.88 -13.62 43.43
C GLU U 387 48.18 -13.63 42.63
N MET U 388 48.75 -14.81 42.50
CA MET U 388 49.99 -14.99 41.76
C MET U 388 49.85 -14.55 40.30
N LYS U 389 48.76 -14.94 39.66
CA LYS U 389 48.53 -14.54 38.28
C LYS U 389 48.25 -13.06 38.15
N GLU U 390 47.59 -12.49 39.16
CA GLU U 390 47.23 -11.08 39.17
C GLU U 390 48.46 -10.18 39.37
N LYS U 391 49.37 -10.62 40.24
CA LYS U 391 50.59 -9.86 40.51
C LYS U 391 51.49 -9.94 39.28
N LYS U 392 51.54 -11.11 38.67
CA LYS U 392 52.35 -11.34 37.48
C LYS U 392 51.97 -10.33 36.40
N ALA U 393 50.69 -9.98 36.36
CA ALA U 393 50.20 -9.02 35.39
C ALA U 393 50.73 -7.62 35.69
N ARG U 394 50.59 -7.20 36.95
CA ARG U 394 51.05 -5.88 37.36
C ARG U 394 52.53 -5.72 37.12
N VAL U 395 53.27 -6.81 37.35
CA VAL U 395 54.71 -6.79 37.15
C VAL U 395 55.02 -6.59 35.67
N GLU U 396 54.34 -7.36 34.82
CA GLU U 396 54.56 -7.26 33.39
C GLU U 396 54.31 -5.83 32.89
N ASP U 397 53.23 -5.21 33.36
CA ASP U 397 52.93 -3.85 32.94
C ASP U 397 53.96 -2.90 33.50
N ALA U 398 54.16 -2.96 34.80
CA ALA U 398 55.14 -2.09 35.45
C ALA U 398 56.47 -2.18 34.70
N LEU U 399 56.78 -3.37 34.19
CA LEU U 399 58.03 -3.56 33.48
C LEU U 399 58.06 -2.71 32.22
N HIS U 400 57.01 -2.82 31.40
CA HIS U 400 56.93 -2.05 30.15
C HIS U 400 57.01 -0.55 30.42
N ALA U 401 56.34 -0.12 31.48
CA ALA U 401 56.31 1.28 31.84
C ALA U 401 57.69 1.77 32.23
N THR U 402 58.35 0.98 33.06
CA THR U 402 59.68 1.33 33.53
C THR U 402 60.66 1.35 32.36
N ARG U 403 60.55 0.37 31.48
CA ARG U 403 61.44 0.28 30.33
C ARG U 403 61.36 1.54 29.50
N ALA U 404 60.15 2.01 29.28
CA ALA U 404 59.93 3.21 28.50
C ALA U 404 60.42 4.45 29.26
N ALA U 405 60.18 4.48 30.57
CA ALA U 405 60.60 5.61 31.38
C ALA U 405 62.14 5.73 31.38
N VAL U 406 62.82 4.59 31.29
CA VAL U 406 64.28 4.57 31.27
C VAL U 406 64.82 5.10 29.94
N GLU U 407 64.03 4.96 28.89
CA GLU U 407 64.43 5.41 27.56
C GLU U 407 64.25 6.90 27.30
N GLU U 408 63.15 7.48 27.80
CA GLU U 408 62.90 8.89 27.56
C GLU U 408 62.41 9.71 28.77
N GLY U 409 62.44 9.13 29.96
CA GLY U 409 61.99 9.86 31.13
C GLY U 409 60.47 9.86 31.36
N VAL U 410 60.02 10.75 32.24
CA VAL U 410 58.61 10.84 32.55
C VAL U 410 58.15 12.29 32.52
N VAL U 411 56.83 12.46 32.39
CA VAL U 411 56.20 13.77 32.36
C VAL U 411 54.89 13.72 33.12
N ALA U 412 54.35 14.89 33.45
CA ALA U 412 53.11 14.97 34.21
C ALA U 412 51.93 14.29 33.52
N GLY U 413 51.41 13.23 34.13
CA GLY U 413 50.28 12.52 33.55
C GLY U 413 48.95 13.22 33.69
N GLY U 414 47.87 12.44 33.71
CA GLY U 414 46.54 12.99 33.86
C GLY U 414 46.27 13.94 32.72
N GLY U 415 47.06 13.81 31.67
CA GLY U 415 46.89 14.64 30.49
C GLY U 415 47.39 16.06 30.60
N VAL U 416 48.01 16.41 31.73
CA VAL U 416 48.51 17.77 31.88
C VAL U 416 49.80 18.07 31.09
N ALA U 417 50.62 17.06 30.82
CA ALA U 417 51.85 17.30 30.08
C ALA U 417 51.47 17.84 28.69
N LEU U 418 50.50 17.18 28.04
CA LEU U 418 50.08 17.62 26.71
C LEU U 418 49.51 19.04 26.70
N ILE U 419 48.63 19.34 27.66
CA ILE U 419 48.04 20.67 27.73
C ILE U 419 49.07 21.73 28.08
N ARG U 420 50.05 21.35 28.89
CA ARG U 420 51.12 22.26 29.29
C ARG U 420 52.02 22.56 28.09
N VAL U 421 52.37 21.51 27.36
CA VAL U 421 53.21 21.68 26.20
C VAL U 421 52.55 22.57 25.16
N ALA U 422 51.24 22.42 24.99
CA ALA U 422 50.51 23.22 24.01
C ALA U 422 50.43 24.68 24.44
N SER U 423 50.26 24.92 25.73
CA SER U 423 50.18 26.29 26.23
C SER U 423 51.42 27.11 25.87
N LYS U 424 52.55 26.43 25.61
CA LYS U 424 53.79 27.12 25.27
C LYS U 424 53.97 27.40 23.79
N LEU U 425 53.18 26.77 22.95
CA LEU U 425 53.28 26.97 21.51
C LEU U 425 52.26 27.97 20.94
N ALA U 426 51.78 28.87 21.80
CA ALA U 426 50.79 29.87 21.40
C ALA U 426 51.22 30.79 20.27
N ASP U 427 52.53 30.93 20.06
CA ASP U 427 52.99 31.80 18.98
C ASP U 427 53.49 31.04 17.75
N LEU U 428 53.43 29.71 17.79
CA LEU U 428 53.91 28.94 16.66
C LEU U 428 53.12 29.31 15.39
N ARG U 429 53.82 29.58 14.30
CA ARG U 429 53.15 29.96 13.05
C ARG U 429 53.69 29.20 11.86
N GLY U 430 52.90 29.18 10.80
CA GLY U 430 53.28 28.48 9.58
C GLY U 430 53.60 29.42 8.43
N GLN U 431 53.42 28.95 7.21
CA GLN U 431 53.73 29.76 6.06
C GLN U 431 52.53 30.54 5.52
N ASN U 432 51.34 30.12 5.90
CA ASN U 432 50.12 30.81 5.48
C ASN U 432 49.05 30.61 6.52
N GLU U 433 47.90 31.25 6.35
CA GLU U 433 46.82 31.15 7.32
C GLU U 433 46.25 29.76 7.51
N ASP U 434 46.19 28.97 6.43
CA ASP U 434 45.67 27.62 6.55
C ASP U 434 46.58 26.83 7.51
N GLN U 435 47.88 26.98 7.31
CA GLN U 435 48.84 26.30 8.16
C GLN U 435 48.71 26.75 9.62
N ASN U 436 48.37 28.03 9.82
CA ASN U 436 48.21 28.53 11.17
C ASN U 436 47.03 27.84 11.82
N VAL U 437 45.96 27.65 11.06
CA VAL U 437 44.76 27.01 11.56
C VAL U 437 45.11 25.58 11.96
N GLY U 438 45.91 24.93 11.11
CA GLY U 438 46.34 23.57 11.40
C GLY U 438 47.03 23.53 12.74
N ILE U 439 47.95 24.47 12.98
CA ILE U 439 48.65 24.53 14.25
C ILE U 439 47.69 24.70 15.42
N LYS U 440 46.70 25.57 15.28
CA LYS U 440 45.71 25.80 16.33
C LYS U 440 44.83 24.57 16.53
N VAL U 441 44.58 23.84 15.45
CA VAL U 441 43.78 22.63 15.54
C VAL U 441 44.47 21.60 16.41
N ALA U 442 45.77 21.43 16.20
CA ALA U 442 46.57 20.49 16.98
C ALA U 442 46.69 20.91 18.45
N LEU U 443 47.04 22.16 18.68
CA LEU U 443 47.19 22.63 20.05
C LEU U 443 45.89 22.51 20.82
N ARG U 444 44.79 22.76 20.14
CA ARG U 444 43.48 22.67 20.76
C ARG U 444 43.22 21.21 21.14
N ALA U 445 43.55 20.30 20.23
CA ALA U 445 43.36 18.87 20.43
C ALA U 445 44.14 18.35 21.63
N MET U 446 45.33 18.90 21.84
CA MET U 446 46.16 18.46 22.96
C MET U 446 45.48 18.61 24.31
N GLU U 447 44.32 19.25 24.32
CA GLU U 447 43.57 19.42 25.57
C GLU U 447 42.50 18.33 25.77
N ALA U 448 42.26 17.57 24.71
CA ALA U 448 41.24 16.52 24.74
C ALA U 448 41.40 15.55 25.90
N PRO U 449 42.59 14.96 26.07
CA PRO U 449 42.78 14.01 27.16
C PRO U 449 42.41 14.55 28.54
N LEU U 450 42.97 15.69 28.93
CA LEU U 450 42.66 16.26 30.25
C LEU U 450 41.17 16.54 30.36
N ARG U 451 40.64 17.26 29.37
CA ARG U 451 39.21 17.60 29.36
C ARG U 451 38.32 16.38 29.55
N GLN U 452 38.64 15.29 28.83
CA GLN U 452 37.86 14.07 28.94
C GLN U 452 37.95 13.49 30.33
N ILE U 453 39.17 13.46 30.88
CA ILE U 453 39.39 12.94 32.23
C ILE U 453 38.53 13.73 33.21
N VAL U 454 38.53 15.05 33.06
CA VAL U 454 37.76 15.91 33.95
C VAL U 454 36.26 15.67 33.79
N LEU U 455 35.82 15.49 32.54
CA LEU U 455 34.42 15.25 32.26
C LEU U 455 33.98 13.96 32.95
N ASN U 456 34.81 12.93 32.87
CA ASN U 456 34.45 11.68 33.52
C ASN U 456 34.31 11.84 35.04
N CYS U 457 35.02 12.81 35.62
CA CYS U 457 34.93 13.07 37.05
C CYS U 457 33.67 13.82 37.39
N GLY U 458 32.98 14.33 36.36
CA GLY U 458 31.76 15.09 36.61
C GLY U 458 32.10 16.55 36.90
N GLU U 459 33.26 17.01 36.46
CA GLU U 459 33.69 18.39 36.67
C GLU U 459 33.59 19.18 35.37
N GLU U 460 33.96 20.47 35.42
CA GLU U 460 33.91 21.31 34.23
C GLU U 460 35.26 21.45 33.55
N PRO U 461 35.44 20.76 32.42
CA PRO U 461 36.68 20.79 31.64
C PRO U 461 37.22 22.20 31.40
N SER U 462 36.36 23.09 30.93
CA SER U 462 36.78 24.45 30.63
C SER U 462 37.51 25.09 31.79
N VAL U 463 36.98 24.88 32.99
CA VAL U 463 37.58 25.46 34.18
C VAL U 463 38.89 24.80 34.60
N VAL U 464 38.92 23.48 34.68
CA VAL U 464 40.15 22.77 35.04
C VAL U 464 41.23 23.02 33.99
N ALA U 465 40.87 22.95 32.71
CA ALA U 465 41.81 23.19 31.63
C ALA U 465 42.37 24.61 31.76
N ASN U 466 41.47 25.53 32.03
CA ASN U 466 41.81 26.94 32.17
C ASN U 466 42.80 27.15 33.32
N THR U 467 42.58 26.46 34.43
CA THR U 467 43.46 26.57 35.60
C THR U 467 44.82 25.91 35.38
N VAL U 468 44.81 24.70 34.81
CA VAL U 468 46.06 24.01 34.54
C VAL U 468 46.91 24.83 33.59
N LYS U 469 46.28 25.41 32.58
CA LYS U 469 47.01 26.24 31.62
C LYS U 469 47.59 27.48 32.29
N GLY U 470 46.86 28.01 33.28
CA GLY U 470 47.29 29.20 33.98
C GLY U 470 48.60 29.06 34.72
N GLY U 471 48.88 27.86 35.24
CA GLY U 471 50.12 27.63 35.95
C GLY U 471 51.22 27.21 34.98
N ASP U 472 52.28 26.59 35.50
CA ASP U 472 53.37 26.13 34.65
C ASP U 472 54.12 24.95 35.23
N GLY U 473 55.13 24.48 34.50
CA GLY U 473 55.89 23.34 34.96
C GLY U 473 54.99 22.11 34.96
N ASN U 474 55.08 21.29 36.00
CA ASN U 474 54.25 20.10 36.07
C ASN U 474 53.09 20.30 37.03
N TYR U 475 52.60 21.54 37.05
CA TYR U 475 51.45 21.90 37.86
C TYR U 475 50.22 21.38 37.09
N GLY U 476 49.41 20.55 37.74
CA GLY U 476 48.25 20.02 37.06
C GLY U 476 47.07 19.70 37.96
N TYR U 477 46.12 18.94 37.43
CA TYR U 477 44.94 18.58 38.18
C TYR U 477 44.92 17.09 38.45
N ASN U 478 45.00 16.73 39.73
CA ASN U 478 44.98 15.34 40.14
C ASN U 478 43.52 14.90 40.10
N ALA U 479 43.13 14.20 39.05
CA ALA U 479 41.75 13.75 38.89
C ALA U 479 41.30 12.80 40.02
N ALA U 480 42.24 12.07 40.60
CA ALA U 480 41.90 11.17 41.69
C ALA U 480 41.43 11.95 42.92
N THR U 481 42.34 12.75 43.47
CA THR U 481 42.03 13.55 44.65
C THR U 481 41.24 14.81 44.32
N GLU U 482 41.16 15.14 43.03
CA GLU U 482 40.44 16.32 42.56
C GLU U 482 41.00 17.55 43.24
N GLU U 483 42.33 17.65 43.22
CA GLU U 483 43.07 18.75 43.82
C GLU U 483 44.23 19.11 42.89
N TYR U 484 44.65 20.36 42.89
CA TYR U 484 45.76 20.76 42.04
C TYR U 484 47.06 20.61 42.79
N GLY U 485 48.17 20.72 42.07
CA GLY U 485 49.49 20.59 42.67
C GLY U 485 50.50 20.11 41.65
N ASN U 486 51.67 19.67 42.10
CA ASN U 486 52.69 19.18 41.19
C ASN U 486 52.37 17.74 40.85
N MET U 487 52.13 17.47 39.57
CA MET U 487 51.77 16.14 39.11
C MET U 487 52.81 15.07 39.42
N ILE U 488 54.09 15.40 39.27
CA ILE U 488 55.14 14.41 39.55
C ILE U 488 55.23 14.10 41.05
N ASP U 489 55.22 15.14 41.88
CA ASP U 489 55.29 14.92 43.31
C ASP U 489 54.10 14.08 43.76
N MET U 490 52.94 14.32 43.18
CA MET U 490 51.74 13.56 43.55
C MET U 490 51.77 12.18 42.93
N GLY U 491 52.86 11.91 42.20
CA GLY U 491 53.02 10.59 41.60
C GLY U 491 52.02 10.22 40.52
N ILE U 492 51.64 11.20 39.72
CA ILE U 492 50.71 10.97 38.63
C ILE U 492 51.50 11.36 37.38
N LEU U 493 52.05 10.35 36.71
CA LEU U 493 52.87 10.60 35.55
C LEU U 493 52.82 9.52 34.49
N ASP U 494 53.24 9.86 33.27
CA ASP U 494 53.28 8.91 32.18
C ASP U 494 54.67 8.96 31.57
N PRO U 495 55.14 7.83 31.04
CA PRO U 495 56.47 7.82 30.43
C PRO U 495 56.45 8.81 29.29
N THR U 496 57.44 9.69 29.23
CA THR U 496 57.49 10.68 28.14
C THR U 496 57.26 10.01 26.81
N LYS U 497 57.76 8.77 26.67
CA LYS U 497 57.61 8.01 25.43
C LYS U 497 56.16 7.68 25.09
N VAL U 498 55.34 7.34 26.09
CA VAL U 498 53.96 7.00 25.82
C VAL U 498 53.19 8.22 25.35
N THR U 499 53.38 9.36 26.00
CA THR U 499 52.71 10.59 25.58
C THR U 499 53.17 10.97 24.16
N ARG U 500 54.47 10.90 23.90
CA ARG U 500 55.00 11.23 22.58
C ARG U 500 54.42 10.37 21.47
N SER U 501 54.43 9.06 21.68
CA SER U 501 53.91 8.13 20.68
C SER U 501 52.40 8.32 20.45
N ALA U 502 51.66 8.54 21.53
CA ALA U 502 50.21 8.73 21.40
C ALA U 502 49.92 9.93 20.50
N LEU U 503 50.63 11.02 20.73
CA LEU U 503 50.46 12.25 19.97
C LEU U 503 50.89 12.09 18.51
N GLN U 504 52.09 11.55 18.30
CA GLN U 504 52.57 11.39 16.93
C GLN U 504 51.72 10.43 16.13
N TYR U 505 51.28 9.34 16.74
CA TYR U 505 50.45 8.39 16.02
C TYR U 505 49.05 8.93 15.72
N ALA U 506 48.52 9.74 16.64
CA ALA U 506 47.20 10.33 16.45
C ALA U 506 47.30 11.33 15.31
N ALA U 507 48.28 12.21 15.40
CA ALA U 507 48.51 13.24 14.39
C ALA U 507 48.73 12.63 13.01
N SER U 508 49.29 11.43 12.99
CA SER U 508 49.56 10.75 11.74
C SER U 508 48.27 10.34 11.04
N VAL U 509 47.44 9.51 11.68
CA VAL U 509 46.23 9.08 11.05
C VAL U 509 45.29 10.26 10.80
N ALA U 510 45.31 11.26 11.68
CA ALA U 510 44.45 12.43 11.51
C ALA U 510 44.85 13.16 10.23
N GLY U 511 46.16 13.35 10.07
CA GLY U 511 46.65 14.02 8.88
C GLY U 511 46.27 13.26 7.63
N LEU U 512 46.33 11.94 7.68
CA LEU U 512 45.98 11.13 6.52
C LEU U 512 44.50 11.28 6.14
N MET U 513 43.62 11.21 7.14
CA MET U 513 42.19 11.34 6.90
C MET U 513 41.83 12.72 6.37
N ILE U 514 42.41 13.78 6.95
CA ILE U 514 42.14 15.13 6.50
C ILE U 514 42.55 15.32 5.04
N THR U 515 43.49 14.51 4.57
CA THR U 515 43.92 14.64 3.19
C THR U 515 43.43 13.49 2.31
N THR U 516 42.26 12.93 2.67
CA THR U 516 41.66 11.83 1.92
C THR U 516 40.55 12.43 1.10
N GLU U 517 40.49 12.06 -0.18
CA GLU U 517 39.47 12.57 -1.09
C GLU U 517 38.57 11.53 -1.70
N CYS U 518 38.96 10.26 -1.58
CA CYS U 518 38.17 9.19 -2.15
C CYS U 518 38.27 7.90 -1.34
N MET U 519 37.15 7.21 -1.20
CA MET U 519 37.08 5.96 -0.46
C MET U 519 36.40 4.89 -1.31
N VAL U 520 36.98 3.69 -1.32
CA VAL U 520 36.45 2.59 -2.10
C VAL U 520 36.23 1.36 -1.21
N THR U 521 35.03 0.80 -1.28
CA THR U 521 34.71 -0.39 -0.50
C THR U 521 33.71 -1.23 -1.27
N ASP U 522 33.56 -2.49 -0.87
CA ASP U 522 32.61 -3.36 -1.55
C ASP U 522 31.18 -2.90 -1.34
N LEU U 523 30.33 -3.23 -2.30
CA LEU U 523 28.94 -2.85 -2.22
C LEU U 523 28.32 -3.72 -1.14
N PRO U 524 27.47 -3.13 -0.29
CA PRO U 524 26.83 -3.90 0.79
C PRO U 524 26.05 -5.12 0.28
N LYS U 525 25.94 -5.24 -1.04
CA LYS U 525 25.24 -6.35 -1.67
C LYS U 525 26.12 -7.59 -1.72
N SER V 1 41.33 -34.95 0.51
CA SER V 1 42.45 -34.27 -0.11
C SER V 1 43.72 -34.53 0.69
N TRP V 2 43.64 -34.35 2.00
CA TRP V 2 44.78 -34.56 2.90
C TRP V 2 44.90 -36.00 3.38
N MET V 3 46.08 -36.34 3.90
CA MET V 3 46.36 -37.68 4.39
C MET V 3 46.69 -37.64 5.88
N THR V 4 46.81 -38.81 6.48
CA THR V 4 47.13 -38.89 7.90
C THR V 4 48.22 -39.91 8.16
N THR V 5 49.21 -39.50 8.95
CA THR V 5 50.31 -40.39 9.29
C THR V 5 49.81 -41.31 10.39
N PRO V 6 50.54 -42.39 10.66
CA PRO V 6 50.14 -43.32 11.73
C PRO V 6 49.95 -42.58 13.05
N TRP V 7 50.87 -41.69 13.37
CA TRP V 7 50.81 -40.91 14.60
C TRP V 7 49.73 -39.82 14.62
N GLY V 8 48.96 -39.73 13.54
CA GLY V 8 47.88 -38.76 13.46
C GLY V 8 48.13 -37.41 12.81
N PHE V 9 49.32 -37.20 12.24
CA PHE V 9 49.61 -35.91 11.62
C PHE V 9 48.83 -35.76 10.32
N LEU V 10 47.98 -34.74 10.27
CA LEU V 10 47.17 -34.45 9.09
C LEU V 10 48.01 -33.58 8.14
N HIS V 11 48.10 -33.95 6.87
CA HIS V 11 48.91 -33.19 5.91
C HIS V 11 48.58 -33.44 4.44
N PRO V 12 48.99 -32.52 3.56
CA PRO V 12 48.76 -32.65 2.12
C PRO V 12 49.62 -33.77 1.51
N ALA W 1 31.84 -9.24 13.96
CA ALA W 1 30.76 -8.70 13.07
C ALA W 1 30.43 -7.25 13.42
N ALA W 2 29.62 -6.60 12.59
CA ALA W 2 29.24 -5.22 12.88
C ALA W 2 28.55 -5.22 14.24
N LYS W 3 28.80 -4.18 15.04
CA LYS W 3 28.20 -4.09 16.35
C LYS W 3 27.16 -2.98 16.39
N ASP W 4 26.33 -3.02 17.43
CA ASP W 4 25.33 -1.99 17.65
C ASP W 4 25.86 -1.40 18.93
N VAL W 5 26.17 -0.10 18.93
CA VAL W 5 26.71 0.57 20.11
C VAL W 5 25.75 1.59 20.69
N LYS W 6 25.38 1.42 21.95
CA LYS W 6 24.48 2.35 22.62
C LYS W 6 25.24 3.10 23.71
N PHE W 7 24.77 4.31 24.02
CA PHE W 7 25.42 5.13 25.03
C PHE W 7 24.51 5.67 26.12
N GLY W 8 25.16 6.22 27.14
CA GLY W 8 24.48 6.82 28.28
C GLY W 8 23.05 6.40 28.60
N ASN W 9 22.12 7.34 28.48
CA ASN W 9 20.73 7.07 28.82
C ASN W 9 20.09 5.93 28.04
N ASP W 10 20.34 5.85 26.74
CA ASP W 10 19.75 4.77 25.94
C ASP W 10 20.22 3.43 26.48
N ALA W 11 21.52 3.33 26.74
CA ALA W 11 22.13 2.10 27.27
C ALA W 11 21.55 1.75 28.65
N ARG W 12 21.41 2.74 29.51
CA ARG W 12 20.87 2.53 30.83
C ARG W 12 19.42 2.01 30.84
N VAL W 13 18.51 2.65 30.11
CA VAL W 13 17.12 2.19 30.12
C VAL W 13 17.02 0.74 29.65
N LYS W 14 17.85 0.36 28.68
CA LYS W 14 17.84 -1.00 28.18
C LYS W 14 18.18 -1.95 29.31
N MET W 15 19.28 -1.67 30.01
CA MET W 15 19.68 -2.53 31.11
C MET W 15 18.57 -2.60 32.14
N LEU W 16 18.01 -1.45 32.51
CA LEU W 16 16.94 -1.42 33.47
C LEU W 16 15.79 -2.38 33.09
N ARG W 17 15.33 -2.30 31.84
CA ARG W 17 14.25 -3.14 31.37
C ARG W 17 14.64 -4.61 31.47
N GLY W 18 15.88 -4.92 31.11
CA GLY W 18 16.35 -6.28 31.20
C GLY W 18 16.28 -6.83 32.63
N VAL W 19 16.84 -6.12 33.61
CA VAL W 19 16.80 -6.63 34.97
C VAL W 19 15.39 -6.60 35.53
N ASN W 20 14.53 -5.75 35.00
CA ASN W 20 13.15 -5.70 35.48
C ASN W 20 12.46 -7.02 35.10
N VAL W 21 12.68 -7.51 33.88
CA VAL W 21 12.07 -8.76 33.48
C VAL W 21 12.62 -9.87 34.40
N LEU W 22 13.94 -9.86 34.62
CA LEU W 22 14.54 -10.87 35.48
C LEU W 22 13.98 -10.83 36.89
N ALA W 23 14.23 -9.71 37.58
CA ALA W 23 13.78 -9.55 38.95
C ALA W 23 12.26 -9.76 39.11
N ASP W 24 11.48 -9.18 38.22
CA ASP W 24 10.03 -9.33 38.31
C ASP W 24 9.60 -10.78 38.22
N ALA W 25 10.29 -11.55 37.38
CA ALA W 25 9.97 -12.96 37.21
C ALA W 25 10.37 -13.79 38.43
N VAL W 26 11.51 -13.45 39.01
CA VAL W 26 12.03 -14.16 40.15
C VAL W 26 11.40 -13.79 41.47
N LYS W 27 11.22 -12.51 41.72
CA LYS W 27 10.68 -12.11 43.02
C LYS W 27 9.27 -12.57 43.36
N VAL W 28 8.52 -13.06 42.40
CA VAL W 28 7.18 -13.50 42.71
C VAL W 28 7.23 -14.76 43.58
N THR W 29 8.40 -15.41 43.64
CA THR W 29 8.52 -16.65 44.41
C THR W 29 8.96 -16.40 45.84
N LEU W 30 9.44 -15.19 46.09
CA LEU W 30 9.97 -14.82 47.40
C LEU W 30 8.99 -14.94 48.57
N GLY W 31 9.45 -15.51 49.67
CA GLY W 31 8.60 -15.63 50.85
C GLY W 31 7.71 -16.86 50.96
N PRO W 32 7.11 -17.10 52.15
CA PRO W 32 6.25 -18.26 52.37
C PRO W 32 4.95 -18.23 51.57
N LYS W 33 4.56 -17.07 51.04
CA LYS W 33 3.34 -17.00 50.24
C LYS W 33 3.74 -16.78 48.78
N GLY W 34 4.99 -17.16 48.47
CA GLY W 34 5.51 -17.01 47.12
C GLY W 34 4.60 -17.65 46.09
N ARG W 35 4.57 -17.08 44.89
CA ARG W 35 3.74 -17.60 43.84
C ARG W 35 4.50 -18.57 42.94
N ASN W 36 3.76 -19.33 42.13
CA ASN W 36 4.35 -20.29 41.21
C ASN W 36 4.71 -19.64 39.89
N VAL W 37 5.79 -20.11 39.29
CA VAL W 37 6.24 -19.63 37.99
C VAL W 37 6.21 -20.87 37.12
N VAL W 38 5.68 -20.74 35.91
CA VAL W 38 5.61 -21.88 35.02
C VAL W 38 6.67 -21.78 33.96
N LEU W 39 7.58 -22.75 33.96
CA LEU W 39 8.65 -22.75 32.99
C LEU W 39 8.38 -23.82 31.95
N ASP W 40 8.33 -23.41 30.69
CA ASP W 40 8.05 -24.33 29.60
C ASP W 40 9.21 -25.27 29.30
N LYS W 41 8.91 -26.38 28.64
CA LYS W 41 9.92 -27.38 28.28
C LYS W 41 9.74 -27.73 26.81
N SER W 42 10.83 -28.07 26.14
CA SER W 42 10.75 -28.45 24.74
C SER W 42 9.88 -29.69 24.57
N PHE W 43 10.01 -30.65 25.48
CA PHE W 43 9.22 -31.88 25.39
C PHE W 43 8.69 -32.30 26.76
N GLY W 44 7.37 -32.44 26.85
CA GLY W 44 6.75 -32.85 28.10
C GLY W 44 5.74 -31.85 28.65
N ALA W 45 5.59 -31.86 29.97
CA ALA W 45 4.66 -30.95 30.65
C ALA W 45 5.47 -29.84 31.27
N PRO W 46 4.94 -28.62 31.28
CA PRO W 46 5.64 -27.47 31.84
C PRO W 46 6.11 -27.74 33.26
N THR W 47 7.11 -26.99 33.70
CA THR W 47 7.60 -27.12 35.05
C THR W 47 6.93 -26.04 35.89
N ILE W 48 6.38 -26.43 37.04
CA ILE W 48 5.75 -25.46 37.92
C ILE W 48 6.67 -25.35 39.14
N THR W 49 7.27 -24.17 39.32
CA THR W 49 8.21 -24.01 40.41
C THR W 49 8.13 -22.72 41.19
N LYS W 50 8.60 -22.77 42.44
CA LYS W 50 8.66 -21.61 43.31
C LYS W 50 10.14 -21.35 43.62
N ASP W 51 11.02 -21.96 42.83
CA ASP W 51 12.46 -21.84 43.02
C ASP W 51 13.04 -20.73 42.20
N GLY W 52 13.21 -19.59 42.85
CA GLY W 52 13.78 -18.44 42.17
C GLY W 52 15.01 -18.76 41.33
N VAL W 53 15.86 -19.67 41.79
CA VAL W 53 17.05 -19.98 41.01
C VAL W 53 16.67 -20.63 39.68
N SER W 54 15.70 -21.52 39.71
CA SER W 54 15.28 -22.20 38.49
C SER W 54 14.76 -21.20 37.46
N VAL W 55 13.97 -20.25 37.92
CA VAL W 55 13.41 -19.23 37.06
C VAL W 55 14.52 -18.39 36.43
N ALA W 56 15.44 -17.91 37.26
CA ALA W 56 16.55 -17.09 36.81
C ALA W 56 17.32 -17.77 35.65
N ARG W 57 17.55 -19.07 35.80
CA ARG W 57 18.30 -19.83 34.80
C ARG W 57 17.64 -19.76 33.44
N GLU W 58 16.31 -19.73 33.43
CA GLU W 58 15.56 -19.68 32.18
C GLU W 58 15.43 -18.32 31.51
N ILE W 59 15.82 -17.25 32.21
CA ILE W 59 15.67 -15.91 31.65
C ILE W 59 16.71 -15.46 30.62
N GLU W 60 16.23 -15.18 29.41
CA GLU W 60 17.07 -14.71 28.30
C GLU W 60 16.13 -13.84 27.49
N LEU W 61 16.54 -12.61 27.23
CA LEU W 61 15.69 -11.69 26.49
C LEU W 61 16.06 -11.52 25.00
N GLU W 62 15.07 -11.17 24.20
CA GLU W 62 15.27 -10.99 22.78
C GLU W 62 16.11 -9.77 22.44
N ASP W 63 15.85 -8.64 23.12
CA ASP W 63 16.64 -7.42 22.89
C ASP W 63 18.04 -7.61 23.50
N LYS W 64 19.06 -7.63 22.66
CA LYS W 64 20.44 -7.84 23.11
C LYS W 64 20.91 -6.97 24.27
N PHE W 65 20.52 -5.70 24.27
CA PHE W 65 20.92 -4.80 25.34
C PHE W 65 20.19 -5.14 26.64
N GLU W 66 18.88 -5.36 26.52
CA GLU W 66 18.09 -5.72 27.66
C GLU W 66 18.61 -7.05 28.21
N ASN W 67 19.04 -7.92 27.30
CA ASN W 67 19.54 -9.22 27.72
C ASN W 67 20.83 -9.09 28.51
N MET W 68 21.72 -8.21 28.06
CA MET W 68 22.97 -8.02 28.78
C MET W 68 22.66 -7.55 30.20
N GLY W 69 21.60 -6.77 30.34
CA GLY W 69 21.21 -6.27 31.63
C GLY W 69 20.86 -7.43 32.53
N ALA W 70 20.01 -8.31 32.03
CA ALA W 70 19.58 -9.48 32.78
C ALA W 70 20.77 -10.42 33.11
N GLN W 71 21.59 -10.73 32.11
CA GLN W 71 22.72 -11.61 32.33
C GLN W 71 23.70 -11.11 33.39
N MET W 72 23.86 -9.80 33.49
CA MET W 72 24.80 -9.25 34.46
C MET W 72 24.37 -9.47 35.91
N VAL W 73 23.15 -9.08 36.27
CA VAL W 73 22.76 -9.30 37.65
C VAL W 73 22.55 -10.79 37.88
N LYS W 74 22.10 -11.46 36.84
CA LYS W 74 21.87 -12.90 36.91
C LYS W 74 23.19 -13.56 37.32
N GLU W 75 24.30 -13.06 36.77
CA GLU W 75 25.64 -13.58 37.04
C GLU W 75 26.18 -13.37 38.45
N VAL W 76 26.24 -12.12 38.92
CA VAL W 76 26.76 -11.87 40.25
C VAL W 76 25.78 -12.37 41.32
N ALA W 77 24.49 -12.39 40.98
CA ALA W 77 23.53 -12.88 41.95
C ALA W 77 23.84 -14.32 42.24
N SER W 78 24.16 -15.09 41.19
CA SER W 78 24.47 -16.49 41.41
C SER W 78 25.73 -16.64 42.25
N LYS W 79 26.63 -15.66 42.18
CA LYS W 79 27.85 -15.71 42.99
C LYS W 79 27.48 -15.83 44.46
N ALA W 80 26.35 -15.23 44.83
CA ALA W 80 25.87 -15.28 46.20
C ALA W 80 25.55 -16.71 46.62
N ASN W 81 24.70 -17.37 45.84
CA ASN W 81 24.31 -18.74 46.12
C ASN W 81 25.55 -19.62 46.25
N ASP W 82 26.57 -19.34 45.45
CA ASP W 82 27.80 -20.13 45.49
C ASP W 82 28.53 -19.91 46.81
N ALA W 83 28.58 -18.67 47.26
CA ALA W 83 29.26 -18.31 48.49
C ALA W 83 28.55 -18.72 49.79
N ALA W 84 27.22 -18.72 49.81
CA ALA W 84 26.51 -19.09 51.04
C ALA W 84 25.41 -20.10 50.85
N GLY W 85 25.30 -20.64 49.63
CA GLY W 85 24.29 -21.64 49.36
C GLY W 85 22.88 -21.09 49.32
N ASP W 86 22.75 -19.77 49.27
CA ASP W 86 21.44 -19.14 49.22
C ASP W 86 21.56 -17.64 49.01
N GLY W 87 20.44 -17.00 48.69
CA GLY W 87 20.43 -15.56 48.50
C GLY W 87 20.39 -14.99 47.10
N THR W 88 20.40 -15.82 46.06
CA THR W 88 20.36 -15.28 44.68
C THR W 88 19.12 -14.45 44.42
N THR W 89 17.95 -14.98 44.75
CA THR W 89 16.72 -14.25 44.57
C THR W 89 16.79 -12.93 45.35
N THR W 90 17.19 -12.99 46.61
CA THR W 90 17.30 -11.77 47.41
C THR W 90 18.25 -10.78 46.73
N ALA W 91 19.40 -11.28 46.32
CA ALA W 91 20.39 -10.43 45.64
C ALA W 91 19.78 -9.77 44.41
N THR W 92 18.97 -10.56 43.68
CA THR W 92 18.32 -10.08 42.48
C THR W 92 17.32 -8.97 42.76
N VAL W 93 16.47 -9.13 43.76
CA VAL W 93 15.51 -8.05 44.04
C VAL W 93 16.23 -6.84 44.62
N LEU W 94 17.31 -7.09 45.36
CA LEU W 94 18.07 -5.98 45.92
C LEU W 94 18.71 -5.18 44.79
N ALA W 95 19.18 -5.90 43.77
CA ALA W 95 19.82 -5.26 42.62
C ALA W 95 18.83 -4.41 41.85
N GLN W 96 17.61 -4.93 41.68
CA GLN W 96 16.59 -4.18 40.94
C GLN W 96 16.29 -2.88 41.67
N ALA W 97 16.22 -2.95 42.99
CA ALA W 97 15.94 -1.77 43.82
C ALA W 97 17.04 -0.72 43.74
N ILE W 98 18.29 -1.13 43.95
CA ILE W 98 19.39 -0.19 43.86
C ILE W 98 19.47 0.42 42.45
N ILE W 99 19.44 -0.42 41.43
CA ILE W 99 19.54 0.05 40.06
C ILE W 99 18.42 1.00 39.65
N THR W 100 17.18 0.64 39.99
CA THR W 100 16.03 1.48 39.66
C THR W 100 16.18 2.91 40.20
N GLU W 101 16.44 3.05 41.49
CA GLU W 101 16.58 4.38 42.07
C GLU W 101 17.89 5.02 41.65
N GLY W 102 18.96 4.23 41.63
CA GLY W 102 20.25 4.77 41.23
C GLY W 102 20.20 5.39 39.85
N LEU W 103 19.52 4.73 38.91
CA LEU W 103 19.41 5.25 37.56
C LEU W 103 18.55 6.50 37.53
N LYS W 104 17.55 6.58 38.40
CA LYS W 104 16.69 7.76 38.45
C LYS W 104 17.56 8.95 38.82
N ALA W 105 18.38 8.77 39.85
CA ALA W 105 19.27 9.83 40.30
C ALA W 105 20.20 10.27 39.17
N VAL W 106 20.66 9.31 38.37
CA VAL W 106 21.54 9.62 37.27
C VAL W 106 20.84 10.50 36.25
N ALA W 107 19.64 10.10 35.86
CA ALA W 107 18.86 10.86 34.87
C ALA W 107 18.52 12.24 35.42
N ALA W 108 18.47 12.37 36.74
CA ALA W 108 18.19 13.66 37.36
C ALA W 108 19.45 14.52 37.30
N GLY W 109 20.52 13.94 36.75
CA GLY W 109 21.77 14.68 36.63
C GLY W 109 22.80 14.50 37.73
N MET W 110 22.58 13.54 38.63
CA MET W 110 23.55 13.31 39.70
C MET W 110 24.77 12.51 39.23
N ASN W 111 25.90 12.73 39.92
CA ASN W 111 27.15 12.08 39.56
C ASN W 111 27.15 10.58 39.79
N PRO W 112 27.24 9.78 38.71
CA PRO W 112 27.23 8.32 38.85
C PRO W 112 28.27 7.82 39.84
N MET W 113 29.51 8.31 39.72
CA MET W 113 30.58 7.88 40.61
C MET W 113 30.31 8.19 42.08
N ASP W 114 29.78 9.36 42.38
CA ASP W 114 29.46 9.68 43.78
C ASP W 114 28.28 8.82 44.25
N LEU W 115 27.32 8.57 43.37
CA LEU W 115 26.18 7.72 43.74
C LEU W 115 26.71 6.36 44.12
N LYS W 116 27.68 5.86 43.36
CA LYS W 116 28.23 4.55 43.65
C LYS W 116 28.98 4.55 44.98
N ARG W 117 29.73 5.62 45.24
CA ARG W 117 30.47 5.71 46.48
C ARG W 117 29.51 5.65 47.68
N GLY W 118 28.40 6.37 47.57
CA GLY W 118 27.41 6.38 48.63
C GLY W 118 26.78 5.02 48.86
N ILE W 119 26.40 4.33 47.78
CA ILE W 119 25.81 3.00 47.89
C ILE W 119 26.78 2.08 48.63
N ASP W 120 28.04 2.12 48.20
CA ASP W 120 29.09 1.32 48.80
C ASP W 120 29.30 1.66 50.29
N LYS W 121 29.31 2.95 50.60
CA LYS W 121 29.50 3.35 51.99
C LYS W 121 28.36 2.80 52.81
N ALA W 122 27.15 2.94 52.30
CA ALA W 122 25.98 2.44 53.04
C ALA W 122 26.04 0.92 53.23
N VAL W 123 26.53 0.21 52.22
CA VAL W 123 26.63 -1.24 52.30
C VAL W 123 27.69 -1.65 53.34
N THR W 124 28.83 -0.98 53.35
CA THR W 124 29.85 -1.33 54.33
C THR W 124 29.28 -1.14 55.73
N ALA W 125 28.64 0.01 55.95
CA ALA W 125 28.04 0.29 57.24
C ALA W 125 27.05 -0.82 57.58
N ALA W 126 26.19 -1.14 56.62
CA ALA W 126 25.17 -2.16 56.82
C ALA W 126 25.74 -3.54 57.18
N VAL W 127 26.86 -3.94 56.56
CA VAL W 127 27.44 -5.24 56.87
C VAL W 127 27.94 -5.29 58.30
N GLU W 128 28.47 -4.16 58.79
CA GLU W 128 28.94 -4.11 60.16
C GLU W 128 27.76 -4.22 61.09
N GLU W 129 26.72 -3.46 60.79
CA GLU W 129 25.51 -3.45 61.59
C GLU W 129 24.90 -4.85 61.59
N LEU W 130 25.16 -5.59 60.51
CA LEU W 130 24.66 -6.94 60.35
C LEU W 130 25.41 -7.89 61.27
N LYS W 131 26.72 -7.72 61.36
CA LYS W 131 27.53 -8.56 62.24
C LYS W 131 27.09 -8.35 63.69
N ALA W 132 26.82 -7.11 64.06
CA ALA W 132 26.39 -6.80 65.40
C ALA W 132 25.09 -7.52 65.70
N LEU W 133 24.14 -7.43 64.79
CA LEU W 133 22.83 -8.05 64.95
C LEU W 133 22.91 -9.59 65.03
N SER W 134 23.95 -10.13 64.41
CA SER W 134 24.17 -11.58 64.34
C SER W 134 24.24 -12.31 65.67
N VAL W 135 23.61 -13.48 65.72
CA VAL W 135 23.62 -14.33 66.91
C VAL W 135 24.57 -15.51 66.59
N PRO W 136 25.56 -15.83 67.48
CA PRO W 136 26.47 -16.95 67.20
C PRO W 136 25.78 -18.31 67.15
N CYS W 137 26.43 -19.25 66.48
CA CYS W 137 25.93 -20.62 66.33
C CYS W 137 27.18 -21.50 66.43
N SER W 138 27.70 -21.63 67.65
CA SER W 138 28.93 -22.39 67.90
C SER W 138 28.82 -23.77 68.55
N ASP W 139 27.80 -23.99 69.36
CA ASP W 139 27.67 -25.29 70.01
C ASP W 139 26.72 -26.19 69.23
N SER W 140 26.82 -27.49 69.44
CA SER W 140 25.98 -28.44 68.72
C SER W 140 24.50 -28.23 68.96
N LYS W 141 24.13 -27.62 70.09
CA LYS W 141 22.72 -27.36 70.36
C LYS W 141 22.20 -26.41 69.29
N ALA W 142 22.96 -25.34 69.04
CA ALA W 142 22.60 -24.33 68.05
C ALA W 142 22.67 -24.93 66.67
N ILE W 143 23.78 -25.59 66.39
CA ILE W 143 23.99 -26.23 65.11
C ILE W 143 22.78 -27.08 64.75
N ALA W 144 22.26 -27.81 65.74
CA ALA W 144 21.10 -28.66 65.51
C ALA W 144 19.83 -27.85 65.25
N GLN W 145 19.60 -26.82 66.05
CA GLN W 145 18.42 -25.97 65.87
C GLN W 145 18.35 -25.39 64.45
N VAL W 146 19.46 -24.78 64.00
CA VAL W 146 19.53 -24.20 62.68
C VAL W 146 19.26 -25.25 61.61
N GLY W 147 19.94 -26.39 61.73
CA GLY W 147 19.73 -27.44 60.74
C GLY W 147 18.28 -27.91 60.71
N THR W 148 17.64 -27.96 61.87
CA THR W 148 16.26 -28.39 61.96
C THR W 148 15.37 -27.39 61.22
N ILE W 149 15.62 -26.11 61.46
CA ILE W 149 14.85 -25.07 60.81
C ILE W 149 15.05 -25.12 59.30
N SER W 150 16.26 -25.42 58.86
CA SER W 150 16.57 -25.52 57.43
C SER W 150 15.92 -26.74 56.78
N ALA W 151 15.82 -27.82 57.54
CA ALA W 151 15.24 -29.05 57.03
C ALA W 151 13.72 -28.99 57.14
N ASN W 152 13.19 -27.79 57.35
CA ASN W 152 11.76 -27.59 57.48
C ASN W 152 11.19 -28.22 58.76
N SER W 153 11.89 -27.99 59.87
CA SER W 153 11.46 -28.50 61.18
C SER W 153 11.64 -30.00 61.40
N ASP W 154 12.61 -30.60 60.72
CA ASP W 154 12.88 -32.02 60.86
C ASP W 154 14.04 -32.19 61.85
N GLU W 155 13.73 -32.42 63.12
CA GLU W 155 14.76 -32.60 64.13
C GLU W 155 15.79 -33.65 63.76
N THR W 156 15.38 -34.63 62.97
CA THR W 156 16.25 -35.70 62.54
C THR W 156 17.46 -35.12 61.81
N VAL W 157 17.18 -34.31 60.79
CA VAL W 157 18.23 -33.68 60.01
C VAL W 157 19.14 -32.85 60.91
N GLY W 158 18.52 -32.03 61.75
CA GLY W 158 19.30 -31.21 62.67
C GLY W 158 20.26 -32.07 63.45
N LYS W 159 19.75 -33.17 64.00
CA LYS W 159 20.56 -34.09 64.77
C LYS W 159 21.73 -34.64 63.94
N LEU W 160 21.42 -35.16 62.75
CA LEU W 160 22.44 -35.71 61.86
C LEU W 160 23.58 -34.76 61.60
N ILE W 161 23.26 -33.56 61.14
CA ILE W 161 24.29 -32.56 60.87
C ILE W 161 25.15 -32.27 62.11
N ALA W 162 24.53 -32.17 63.27
CA ALA W 162 25.25 -31.89 64.50
C ALA W 162 26.20 -33.03 64.83
N GLU W 163 25.75 -34.27 64.65
CA GLU W 163 26.58 -35.43 64.92
C GLU W 163 27.74 -35.45 63.93
N ALA W 164 27.44 -35.15 62.67
CA ALA W 164 28.46 -35.13 61.64
C ALA W 164 29.54 -34.10 61.93
N MET W 165 29.12 -32.89 62.32
CA MET W 165 30.10 -31.85 62.61
C MET W 165 30.90 -32.19 63.86
N ASP W 166 30.26 -32.92 64.77
CA ASP W 166 30.91 -33.31 66.01
C ASP W 166 32.02 -34.31 65.67
N LYS W 167 31.79 -35.12 64.65
CA LYS W 167 32.76 -36.12 64.21
C LYS W 167 33.97 -35.53 63.50
N VAL W 168 33.75 -34.65 62.55
CA VAL W 168 34.86 -34.08 61.78
C VAL W 168 35.13 -32.59 61.98
N GLY W 169 34.43 -31.97 62.94
CA GLY W 169 34.61 -30.54 63.18
C GLY W 169 33.64 -29.75 62.33
N LYS W 170 33.33 -28.52 62.72
CA LYS W 170 32.38 -27.74 61.91
C LYS W 170 32.98 -27.16 60.65
N GLU W 171 34.25 -27.45 60.42
CA GLU W 171 34.95 -26.97 59.23
C GLU W 171 35.44 -28.20 58.47
N GLY W 172 34.91 -29.37 58.83
CA GLY W 172 35.29 -30.61 58.19
C GLY W 172 34.43 -30.99 57.00
N VAL W 173 34.94 -31.90 56.18
CA VAL W 173 34.22 -32.35 54.99
C VAL W 173 33.05 -33.27 55.36
N ILE W 174 31.88 -32.97 54.82
CA ILE W 174 30.69 -33.77 55.06
C ILE W 174 29.95 -33.97 53.74
N THR W 175 29.61 -35.22 53.42
CA THR W 175 28.90 -35.56 52.19
C THR W 175 27.62 -36.31 52.52
N VAL W 176 26.64 -36.28 51.62
CA VAL W 176 25.40 -37.00 51.84
C VAL W 176 25.16 -37.98 50.68
N GLU W 177 24.64 -39.16 50.98
CA GLU W 177 24.39 -40.17 49.96
C GLU W 177 23.08 -40.87 50.25
N ASP W 178 22.54 -41.54 49.23
CA ASP W 178 21.30 -42.28 49.40
C ASP W 178 21.62 -43.36 50.43
N GLY W 179 20.64 -43.68 51.27
CA GLY W 179 20.87 -44.69 52.29
C GLY W 179 20.66 -46.10 51.79
N THR W 180 20.98 -47.07 52.65
CA THR W 180 20.82 -48.48 52.32
C THR W 180 19.37 -48.89 52.58
N GLY W 181 18.59 -47.96 53.16
CA GLY W 181 17.20 -48.23 53.41
C GLY W 181 16.71 -48.06 54.83
N LEU W 182 15.90 -47.04 55.07
CA LEU W 182 15.33 -46.74 56.38
C LEU W 182 16.41 -46.63 57.43
N GLN W 183 16.36 -45.54 58.20
CA GLN W 183 17.37 -45.28 59.24
C GLN W 183 18.65 -44.73 58.63
N ASP W 184 19.06 -43.58 59.15
CA ASP W 184 20.27 -42.91 58.67
C ASP W 184 21.50 -43.63 59.17
N GLU W 185 22.65 -43.27 58.60
CA GLU W 185 23.92 -43.85 58.97
C GLU W 185 24.98 -42.76 58.84
N LEU W 186 25.83 -42.64 59.84
CA LEU W 186 26.89 -41.64 59.80
C LEU W 186 28.24 -42.35 59.89
N ASP W 187 29.07 -42.19 58.88
CA ASP W 187 30.36 -42.86 58.90
C ASP W 187 31.49 -41.96 58.48
N VAL W 188 32.67 -42.29 58.96
CA VAL W 188 33.86 -41.53 58.60
C VAL W 188 34.80 -42.48 57.92
N VAL W 189 35.21 -42.14 56.70
CA VAL W 189 36.10 -42.99 55.93
C VAL W 189 37.30 -42.21 55.46
N GLU W 190 38.27 -42.90 54.87
CA GLU W 190 39.45 -42.23 54.35
C GLU W 190 39.00 -41.43 53.13
N GLY W 191 39.25 -40.13 53.13
CA GLY W 191 38.82 -39.31 52.02
C GLY W 191 39.49 -37.96 52.02
N MET W 192 39.17 -37.14 51.04
CA MET W 192 39.78 -35.83 50.93
C MET W 192 38.98 -34.93 50.01
N GLN W 193 39.26 -33.64 50.05
CA GLN W 193 38.54 -32.67 49.24
C GLN W 193 39.43 -31.46 48.91
N PHE W 194 39.56 -31.14 47.62
CA PHE W 194 40.36 -29.99 47.22
C PHE W 194 39.59 -29.01 46.35
N ASP W 195 40.12 -27.80 46.19
CA ASP W 195 39.43 -26.78 45.40
C ASP W 195 39.71 -26.76 43.91
N ARG W 196 39.16 -27.73 43.21
CA ARG W 196 39.30 -27.84 41.76
C ARG W 196 38.03 -28.46 41.25
N GLY W 197 37.34 -27.76 40.36
CA GLY W 197 36.11 -28.28 39.80
C GLY W 197 36.33 -29.05 38.51
N TYR W 198 35.25 -29.47 37.89
CA TYR W 198 35.35 -30.21 36.64
C TYR W 198 35.99 -29.33 35.60
N LEU W 199 36.71 -29.95 34.66
CA LEU W 199 37.40 -29.21 33.61
C LEU W 199 36.45 -28.80 32.49
N SER W 200 35.17 -29.03 32.72
CA SER W 200 34.13 -28.66 31.76
C SER W 200 32.84 -29.34 32.14
N PRO W 201 31.70 -28.71 31.85
CA PRO W 201 30.46 -29.39 32.23
C PRO W 201 30.42 -30.62 31.34
N TYR W 202 29.25 -31.03 30.89
CA TYR W 202 29.17 -32.22 30.05
C TYR W 202 29.50 -33.44 30.89
N PHE W 203 30.55 -33.34 31.71
CA PHE W 203 30.94 -34.44 32.57
C PHE W 203 29.79 -34.61 33.55
N ILE W 204 29.13 -33.49 33.83
CA ILE W 204 27.98 -33.46 34.74
C ILE W 204 26.97 -34.53 34.39
N ASN W 205 26.74 -35.46 35.31
CA ASN W 205 25.78 -36.53 35.10
C ASN W 205 24.64 -36.41 36.10
N LYS W 206 24.62 -35.31 36.83
CA LYS W 206 23.58 -35.03 37.82
C LYS W 206 23.27 -33.55 37.75
N PRO W 207 22.63 -33.11 36.65
CA PRO W 207 22.23 -31.73 36.36
C PRO W 207 21.44 -31.03 37.46
N GLU W 208 20.65 -31.79 38.22
CA GLU W 208 19.87 -31.22 39.30
C GLU W 208 20.82 -30.45 40.22
N THR W 209 21.98 -31.05 40.49
CA THR W 209 22.99 -30.47 41.37
C THR W 209 24.17 -29.89 40.59
N GLY W 210 24.15 -30.06 39.27
CA GLY W 210 25.23 -29.56 38.44
C GLY W 210 26.55 -30.14 38.95
N ALA W 211 26.53 -31.44 39.20
CA ALA W 211 27.69 -32.16 39.72
C ALA W 211 28.02 -33.43 38.94
N VAL W 212 29.26 -33.86 39.09
CA VAL W 212 29.71 -35.07 38.43
C VAL W 212 29.83 -36.10 39.55
N GLU W 213 29.24 -37.27 39.35
CA GLU W 213 29.27 -38.32 40.38
C GLU W 213 29.72 -39.66 39.82
N LEU W 214 30.91 -40.10 40.22
CA LEU W 214 31.46 -41.37 39.75
C LEU W 214 31.41 -42.44 40.85
N GLU W 215 31.07 -43.66 40.47
CA GLU W 215 30.99 -44.75 41.43
C GLU W 215 32.10 -45.80 41.22
N SER W 216 32.85 -46.06 42.28
CA SER W 216 33.95 -47.01 42.23
C SER W 216 34.87 -46.65 41.08
N PRO W 217 35.33 -45.40 41.03
CA PRO W 217 36.22 -44.95 39.95
C PRO W 217 37.72 -45.18 40.19
N PHE W 218 38.45 -45.28 39.09
CA PHE W 218 39.88 -45.43 39.14
C PHE W 218 40.31 -43.99 39.19
N ILE W 219 41.56 -43.73 39.54
CA ILE W 219 42.04 -42.36 39.60
C ILE W 219 43.45 -42.25 39.03
N LEU W 220 43.57 -41.53 37.91
CA LEU W 220 44.85 -41.32 37.26
C LEU W 220 45.47 -40.00 37.72
N LEU W 221 46.63 -40.10 38.35
CA LEU W 221 47.34 -38.93 38.84
C LEU W 221 48.51 -38.69 37.92
N ALA W 222 48.44 -37.60 37.14
CA ALA W 222 49.50 -37.28 36.20
C ALA W 222 50.04 -35.86 36.44
N ASP W 223 51.30 -35.77 36.83
CA ASP W 223 51.93 -34.49 37.10
C ASP W 223 52.41 -33.85 35.82
N LYS W 224 51.48 -33.59 34.91
CA LYS W 224 51.79 -32.97 33.63
C LYS W 224 50.52 -32.50 32.94
N LYS W 225 50.68 -31.82 31.81
CA LYS W 225 49.54 -31.34 31.03
C LYS W 225 49.32 -32.33 29.91
N ILE W 226 48.05 -32.68 29.67
CA ILE W 226 47.72 -33.64 28.61
C ILE W 226 47.15 -32.98 27.35
N SER W 227 47.88 -33.11 26.26
CA SER W 227 47.48 -32.53 24.99
C SER W 227 46.98 -33.61 24.03
N ASN W 228 47.86 -34.56 23.74
CA ASN W 228 47.58 -35.64 22.83
C ASN W 228 46.88 -36.77 23.56
N ILE W 229 45.57 -36.92 23.35
CA ILE W 229 44.84 -37.96 24.04
C ILE W 229 45.31 -39.35 23.65
N ARG W 230 46.28 -39.43 22.76
CA ARG W 230 46.82 -40.72 22.34
C ARG W 230 47.49 -41.39 23.54
N GLU W 231 48.28 -40.60 24.27
CA GLU W 231 49.00 -41.08 25.46
C GLU W 231 48.09 -41.90 26.37
N MET W 232 46.84 -41.47 26.46
CA MET W 232 45.84 -42.11 27.30
C MET W 232 45.32 -43.46 26.82
N LEU W 233 45.07 -43.57 25.52
CA LEU W 233 44.53 -44.79 24.93
C LEU W 233 44.83 -46.11 25.62
N PRO W 234 46.11 -46.45 25.78
CA PRO W 234 46.42 -47.71 26.46
C PRO W 234 45.74 -47.85 27.83
N VAL W 235 45.76 -46.77 28.61
CA VAL W 235 45.15 -46.75 29.94
C VAL W 235 43.63 -46.72 29.87
N LEU W 236 43.10 -45.85 29.01
CA LEU W 236 41.65 -45.73 28.84
C LEU W 236 41.04 -47.05 28.41
N GLU W 237 41.73 -47.76 27.52
CA GLU W 237 41.24 -49.06 27.05
C GLU W 237 41.14 -50.01 28.24
N ALA W 238 42.15 -49.95 29.10
CA ALA W 238 42.18 -50.80 30.28
C ALA W 238 40.99 -50.49 31.18
N VAL W 239 40.73 -49.19 31.35
CA VAL W 239 39.62 -48.75 32.18
C VAL W 239 38.32 -49.04 31.45
N ALA W 240 38.39 -49.10 30.12
CA ALA W 240 37.23 -49.38 29.27
C ALA W 240 36.69 -50.73 29.73
N LYS W 241 37.56 -51.74 29.71
CA LYS W 241 37.18 -53.06 30.19
C LYS W 241 37.05 -52.78 31.67
N ALA W 242 36.71 -53.79 32.47
CA ALA W 242 36.58 -53.57 33.91
C ALA W 242 35.31 -52.74 34.17
N GLY W 243 34.90 -51.99 33.15
CA GLY W 243 33.71 -51.16 33.23
C GLY W 243 33.62 -50.29 34.47
N LYS W 244 34.66 -49.47 34.69
CA LYS W 244 34.68 -48.57 35.82
C LYS W 244 34.97 -47.18 35.33
N PRO W 245 34.42 -46.16 36.00
CA PRO W 245 34.65 -44.78 35.59
C PRO W 245 36.08 -44.37 35.96
N LEU W 246 36.56 -43.30 35.34
CA LEU W 246 37.91 -42.84 35.59
C LEU W 246 37.96 -41.34 35.87
N LEU W 247 38.66 -40.97 36.93
CA LEU W 247 38.82 -39.57 37.26
C LEU W 247 40.26 -39.22 36.87
N ILE W 248 40.41 -38.20 36.03
CA ILE W 248 41.75 -37.76 35.60
C ILE W 248 42.16 -36.55 36.43
N ILE W 249 43.26 -36.66 37.17
CA ILE W 249 43.77 -35.54 37.94
C ILE W 249 45.14 -35.19 37.34
N ALA W 250 45.14 -34.21 36.44
CA ALA W 250 46.37 -33.79 35.77
C ALA W 250 46.63 -32.31 35.98
N GLU W 251 47.82 -31.87 35.61
CA GLU W 251 48.17 -30.47 35.74
C GLU W 251 47.16 -29.69 34.91
N ASP W 252 46.62 -30.36 33.90
CA ASP W 252 45.62 -29.77 33.01
C ASP W 252 45.33 -30.66 31.80
N VAL W 253 44.09 -30.59 31.31
CA VAL W 253 43.68 -31.36 30.14
C VAL W 253 43.24 -30.34 29.09
N GLU W 254 44.02 -30.22 28.01
CA GLU W 254 43.74 -29.25 26.95
C GLU W 254 42.56 -29.56 26.01
N GLY W 255 42.06 -28.48 25.41
CA GLY W 255 40.94 -28.54 24.48
C GLY W 255 40.59 -29.81 23.74
N GLU W 256 41.39 -30.16 22.73
CA GLU W 256 41.10 -31.35 21.95
C GLU W 256 41.00 -32.63 22.77
N ALA W 257 41.98 -32.86 23.64
CA ALA W 257 41.99 -34.06 24.47
C ALA W 257 40.72 -34.11 25.32
N LEU W 258 40.36 -32.96 25.89
CA LEU W 258 39.17 -32.84 26.72
C LEU W 258 37.93 -33.15 25.88
N ALA W 259 37.92 -32.64 24.65
CA ALA W 259 36.80 -32.87 23.74
C ALA W 259 36.62 -34.34 23.54
N THR W 260 37.71 -35.04 23.28
CA THR W 260 37.67 -36.48 23.06
C THR W 260 37.03 -37.19 24.25
N LEU W 261 37.46 -36.83 25.46
CA LEU W 261 36.93 -37.46 26.67
C LEU W 261 35.42 -37.29 26.76
N VAL W 262 34.94 -36.07 26.58
CA VAL W 262 33.50 -35.79 26.65
C VAL W 262 32.74 -36.64 25.63
N VAL W 263 33.16 -36.58 24.37
CA VAL W 263 32.52 -37.33 23.30
C VAL W 263 32.42 -38.80 23.64
N ASN W 264 33.57 -39.43 23.85
CA ASN W 264 33.62 -40.85 24.14
C ASN W 264 32.87 -41.36 25.36
N THR W 265 32.88 -40.61 26.46
CA THR W 265 32.15 -41.06 27.66
C THR W 265 30.66 -40.89 27.41
N MET W 266 30.35 -39.97 26.49
CA MET W 266 28.98 -39.65 26.11
C MET W 266 28.42 -40.70 25.17
N ARG W 267 29.30 -41.55 24.65
CA ARG W 267 28.90 -42.61 23.72
C ARG W 267 28.81 -43.95 24.45
N GLY W 268 29.01 -43.93 25.76
CA GLY W 268 28.94 -45.16 26.53
C GLY W 268 30.27 -45.87 26.70
N ILE W 269 31.22 -45.59 25.82
CA ILE W 269 32.53 -46.21 25.89
C ILE W 269 33.43 -45.44 26.84
N VAL W 270 33.69 -45.99 28.01
CA VAL W 270 34.56 -45.34 28.99
C VAL W 270 33.99 -44.06 29.59
N LYS W 271 33.77 -44.06 30.91
CA LYS W 271 33.29 -42.87 31.60
C LYS W 271 34.48 -42.14 32.22
N VAL W 272 34.73 -40.92 31.78
CA VAL W 272 35.85 -40.15 32.28
C VAL W 272 35.43 -38.78 32.77
N ALA W 273 36.26 -38.19 33.62
CA ALA W 273 36.03 -36.86 34.18
C ALA W 273 37.41 -36.38 34.56
N ALA W 274 37.74 -35.14 34.24
CA ALA W 274 39.06 -34.63 34.58
C ALA W 274 38.98 -33.30 35.35
N VAL W 275 39.99 -33.05 36.18
CA VAL W 275 40.08 -31.83 36.98
C VAL W 275 41.55 -31.53 37.18
N LYS W 276 41.89 -30.25 37.32
CA LYS W 276 43.28 -29.87 37.52
C LYS W 276 43.79 -30.35 38.87
N ALA W 277 45.10 -30.56 38.99
CA ALA W 277 45.70 -30.99 40.24
C ALA W 277 45.59 -29.82 41.21
N PRO W 278 45.37 -30.10 42.49
CA PRO W 278 45.25 -29.04 43.50
C PRO W 278 46.52 -28.22 43.68
N GLY W 279 46.34 -26.95 44.05
CA GLY W 279 47.47 -26.06 44.28
C GLY W 279 48.36 -25.84 43.08
N PHE W 280 49.48 -25.15 43.30
CA PHE W 280 50.43 -24.87 42.24
C PHE W 280 51.84 -24.95 42.79
N GLY W 281 52.84 -24.81 41.92
CA GLY W 281 54.22 -24.86 42.33
C GLY W 281 54.66 -26.19 42.94
N ASP W 282 55.34 -26.10 44.08
CA ASP W 282 55.83 -27.30 44.75
C ASP W 282 54.79 -27.97 45.61
N ARG W 283 53.96 -27.17 46.29
CA ARG W 283 52.92 -27.74 47.13
C ARG W 283 51.92 -28.51 46.27
N ARG W 284 52.10 -28.46 44.95
CA ARG W 284 51.22 -29.17 44.03
C ARG W 284 51.71 -30.60 43.90
N LYS W 285 53.01 -30.74 43.65
CA LYS W 285 53.61 -32.06 43.51
C LYS W 285 53.37 -32.86 44.78
N ALA W 286 53.43 -32.19 45.92
CA ALA W 286 53.23 -32.84 47.21
C ALA W 286 51.80 -33.32 47.38
N MET W 287 50.84 -32.42 47.13
CA MET W 287 49.44 -32.77 47.27
C MET W 287 49.04 -33.88 46.29
N LEU W 288 49.59 -33.85 45.09
CA LEU W 288 49.30 -34.88 44.10
C LEU W 288 49.65 -36.22 44.68
N GLN W 289 50.75 -36.27 45.44
CA GLN W 289 51.21 -37.50 46.08
C GLN W 289 50.27 -37.94 47.20
N ASP W 290 49.85 -36.98 48.01
CA ASP W 290 48.93 -37.29 49.10
C ASP W 290 47.74 -38.05 48.55
N ILE W 291 47.16 -37.54 47.47
CA ILE W 291 46.01 -38.18 46.84
C ILE W 291 46.37 -39.58 46.41
N ALA W 292 47.58 -39.75 45.89
CA ALA W 292 48.04 -41.05 45.44
C ALA W 292 48.04 -42.03 46.61
N THR W 293 48.68 -41.64 47.71
CA THR W 293 48.78 -42.47 48.89
C THR W 293 47.41 -42.74 49.46
N LEU W 294 46.54 -41.73 49.45
CA LEU W 294 45.20 -41.85 49.98
C LEU W 294 44.33 -42.82 49.17
N THR W 295 44.55 -42.86 47.86
CA THR W 295 43.77 -43.73 46.98
C THR W 295 44.56 -44.94 46.48
N GLY W 296 45.76 -45.11 47.03
CA GLY W 296 46.60 -46.23 46.64
C GLY W 296 47.02 -46.20 45.20
N GLY W 297 47.22 -44.99 44.67
CA GLY W 297 47.62 -44.87 43.28
C GLY W 297 49.04 -44.41 43.16
N THR W 298 49.57 -44.40 41.94
CA THR W 298 50.94 -43.99 41.70
C THR W 298 50.95 -42.75 40.83
N VAL W 299 51.61 -41.69 41.30
CA VAL W 299 51.70 -40.46 40.54
C VAL W 299 52.59 -40.71 39.32
N ILE W 300 52.15 -40.23 38.17
CA ILE W 300 52.90 -40.39 36.94
C ILE W 300 53.49 -39.07 36.49
N SER W 301 54.77 -38.85 36.83
CA SER W 301 55.47 -37.62 36.48
C SER W 301 56.56 -37.85 35.43
N GLU W 302 56.72 -36.89 34.51
CA GLU W 302 57.72 -36.97 33.45
C GLU W 302 59.12 -36.80 34.01
N GLU W 303 59.24 -36.02 35.07
CA GLU W 303 60.52 -35.78 35.72
C GLU W 303 61.26 -37.10 35.99
N ILE W 304 60.62 -38.01 36.70
CA ILE W 304 61.23 -39.31 37.01
C ILE W 304 61.37 -40.14 35.73
N GLY W 305 60.77 -39.65 34.63
CA GLY W 305 60.84 -40.35 33.36
C GLY W 305 59.74 -41.36 33.09
N MET W 306 58.61 -41.22 33.78
CA MET W 306 57.49 -42.13 33.58
C MET W 306 56.66 -41.68 32.38
N GLU W 307 55.99 -42.63 31.75
CA GLU W 307 55.16 -42.33 30.59
C GLU W 307 53.73 -42.82 30.80
N LEU W 308 52.77 -42.09 30.25
CA LEU W 308 51.38 -42.47 30.38
C LEU W 308 51.04 -43.73 29.59
N GLU W 309 51.67 -43.90 28.42
CA GLU W 309 51.43 -45.07 27.60
C GLU W 309 51.75 -46.36 28.36
N LYS W 310 52.74 -46.30 29.25
CA LYS W 310 53.13 -47.47 30.01
C LYS W 310 52.44 -47.60 31.36
N ALA W 311 51.36 -46.85 31.55
CA ALA W 311 50.62 -46.89 32.81
C ALA W 311 49.55 -47.96 32.77
N THR W 312 49.50 -48.80 33.80
CA THR W 312 48.51 -49.87 33.88
C THR W 312 47.51 -49.57 34.98
N LEU W 313 46.43 -50.35 35.04
CA LEU W 313 45.40 -50.17 36.06
C LEU W 313 45.99 -50.17 37.47
N GLU W 314 47.08 -50.91 37.65
CA GLU W 314 47.72 -51.02 38.94
C GLU W 314 48.34 -49.69 39.39
N ASP W 315 48.59 -48.80 38.45
CA ASP W 315 49.17 -47.50 38.77
C ASP W 315 48.07 -46.54 39.23
N LEU W 316 46.85 -46.84 38.80
CA LEU W 316 45.69 -46.02 39.14
C LEU W 316 45.23 -46.19 40.58
N GLY W 317 44.81 -45.08 41.18
CA GLY W 317 44.33 -45.10 42.54
C GLY W 317 42.93 -45.66 42.51
N GLN W 318 42.21 -45.55 43.61
CA GLN W 318 40.85 -46.10 43.64
C GLN W 318 40.10 -45.56 44.84
N ALA W 319 38.80 -45.38 44.69
CA ALA W 319 37.93 -44.88 45.76
C ALA W 319 36.51 -45.34 45.48
N LYS W 320 35.68 -45.36 46.51
CA LYS W 320 34.31 -45.80 46.32
C LYS W 320 33.42 -44.77 45.62
N ARG W 321 33.75 -43.49 45.77
CA ARG W 321 32.94 -42.44 45.16
C ARG W 321 33.64 -41.11 45.11
N VAL W 322 33.49 -40.41 44.00
CA VAL W 322 34.09 -39.08 43.87
C VAL W 322 32.97 -38.14 43.43
N VAL W 323 33.00 -36.91 43.91
CA VAL W 323 31.99 -35.94 43.56
C VAL W 323 32.65 -34.66 43.12
N ILE W 324 32.36 -34.24 41.89
CA ILE W 324 32.97 -33.03 41.35
C ILE W 324 31.96 -31.88 41.20
N ASN W 325 32.39 -30.71 41.63
CA ASN W 325 31.57 -29.50 41.59
C ASN W 325 31.99 -28.55 40.50
N LYS W 326 31.35 -27.38 40.54
CA LYS W 326 31.63 -26.30 39.62
C LYS W 326 33.06 -25.87 39.95
N ASP W 327 33.47 -26.10 41.19
CA ASP W 327 34.82 -25.75 41.63
C ASP W 327 35.33 -26.52 42.86
N THR W 328 34.94 -27.79 42.96
CA THR W 328 35.36 -28.62 44.09
C THR W 328 35.36 -30.10 43.73
N THR W 329 36.33 -30.83 44.26
CA THR W 329 36.44 -32.26 44.04
C THR W 329 36.62 -32.96 45.37
N THR W 330 35.79 -33.96 45.63
CA THR W 330 35.90 -34.68 46.89
C THR W 330 35.94 -36.20 46.68
N ILE W 331 37.03 -36.82 47.15
CA ILE W 331 37.27 -38.26 47.04
C ILE W 331 36.80 -38.99 48.29
N ILE W 332 35.86 -39.91 48.11
CA ILE W 332 35.28 -40.64 49.24
C ILE W 332 35.67 -42.12 49.34
N ASP W 333 36.20 -42.48 50.51
CA ASP W 333 36.63 -43.83 50.79
C ASP W 333 37.74 -44.30 49.86
N GLY W 334 38.96 -43.83 50.13
CA GLY W 334 40.11 -44.21 49.34
C GLY W 334 40.62 -45.59 49.73
N VAL W 335 41.09 -46.34 48.74
CA VAL W 335 41.60 -47.69 48.95
C VAL W 335 42.96 -47.72 49.63
N GLY W 336 43.71 -46.62 49.52
CA GLY W 336 45.02 -46.55 50.13
C GLY W 336 45.12 -47.25 51.47
N GLU W 337 46.20 -48.01 51.67
CA GLU W 337 46.39 -48.74 52.91
C GLU W 337 46.58 -47.80 54.09
N GLU W 338 45.91 -48.08 55.19
CA GLU W 338 46.04 -47.23 56.37
C GLU W 338 47.47 -47.12 56.84
N ALA W 339 48.27 -48.15 56.57
CA ALA W 339 49.67 -48.17 56.96
C ALA W 339 50.43 -47.07 56.20
N ALA W 340 50.19 -47.01 54.89
CA ALA W 340 50.83 -46.01 54.02
C ALA W 340 50.30 -44.62 54.28
N ILE W 341 48.98 -44.50 54.45
CA ILE W 341 48.35 -43.20 54.70
C ILE W 341 48.83 -42.64 56.03
N GLN W 342 48.66 -43.42 57.09
CA GLN W 342 49.07 -43.00 58.42
C GLN W 342 50.55 -42.68 58.49
N GLY W 343 51.33 -43.44 57.74
CA GLY W 343 52.77 -43.20 57.73
C GLY W 343 53.07 -41.88 57.05
N ARG W 344 52.33 -41.60 55.98
CA ARG W 344 52.46 -40.37 55.21
C ARG W 344 52.21 -39.17 56.13
N VAL W 345 51.17 -39.30 56.96
CA VAL W 345 50.82 -38.25 57.89
C VAL W 345 51.99 -37.98 58.81
N ALA W 346 52.67 -39.04 59.24
CA ALA W 346 53.82 -38.92 60.13
C ALA W 346 54.91 -38.06 59.49
N GLN W 347 55.20 -38.34 58.22
CA GLN W 347 56.21 -37.60 57.49
C GLN W 347 55.90 -36.11 57.44
N ILE W 348 54.64 -35.78 57.19
CA ILE W 348 54.24 -34.38 57.12
C ILE W 348 54.32 -33.68 58.47
N ARG W 349 54.06 -34.42 59.54
CA ARG W 349 54.11 -33.86 60.88
C ARG W 349 55.51 -33.53 61.35
N GLN W 350 56.52 -34.18 60.76
CA GLN W 350 57.91 -33.89 61.10
C GLN W 350 58.28 -32.65 60.31
N GLN W 351 57.72 -32.55 59.11
CA GLN W 351 57.95 -31.40 58.24
C GLN W 351 57.59 -30.19 59.07
N ILE W 352 56.46 -30.28 59.77
CA ILE W 352 55.96 -29.20 60.61
C ILE W 352 56.95 -28.84 61.72
N GLU W 353 57.73 -29.83 62.14
CA GLU W 353 58.73 -29.65 63.19
C GLU W 353 59.91 -28.89 62.58
N GLU W 354 60.45 -29.46 61.51
CA GLU W 354 61.60 -28.88 60.80
C GLU W 354 61.19 -27.58 60.08
N ALA W 355 59.94 -27.19 60.26
CA ALA W 355 59.43 -25.97 59.64
C ALA W 355 60.12 -24.71 60.17
N THR W 356 60.73 -23.97 59.27
CA THR W 356 61.44 -22.75 59.63
C THR W 356 60.61 -21.53 59.22
N SER W 357 59.28 -21.69 59.23
CA SER W 357 58.39 -20.62 58.82
C SER W 357 56.95 -20.90 59.27
N ASP W 358 56.15 -19.85 59.40
CA ASP W 358 54.76 -20.01 59.80
C ASP W 358 53.94 -20.41 58.60
N TYR W 359 54.20 -19.77 57.47
CA TYR W 359 53.47 -20.07 56.25
C TYR W 359 53.66 -21.55 55.91
N ASP W 360 54.92 -21.95 55.72
CA ASP W 360 55.25 -23.32 55.39
C ASP W 360 54.64 -24.27 56.40
N ARG W 361 54.43 -23.77 57.60
CA ARG W 361 53.86 -24.55 58.67
C ARG W 361 52.36 -24.70 58.48
N GLU W 362 51.68 -23.60 58.17
CA GLU W 362 50.23 -23.61 57.98
C GLU W 362 49.86 -24.50 56.81
N LYS W 363 50.68 -24.47 55.75
CA LYS W 363 50.42 -25.27 54.56
C LYS W 363 50.55 -26.77 54.85
N LEU W 364 51.49 -27.14 55.71
CA LEU W 364 51.69 -28.54 56.06
C LEU W 364 50.55 -29.05 56.94
N GLN W 365 50.05 -28.20 57.82
CA GLN W 365 48.94 -28.58 58.69
C GLN W 365 47.70 -28.83 57.84
N GLU W 366 47.50 -27.97 56.84
CA GLU W 366 46.36 -28.12 55.94
C GLU W 366 46.35 -29.51 55.31
N ARG W 367 47.51 -29.95 54.86
CA ARG W 367 47.63 -31.26 54.23
C ARG W 367 47.33 -32.44 55.16
N VAL W 368 47.87 -32.42 56.37
CA VAL W 368 47.60 -33.53 57.30
C VAL W 368 46.13 -33.53 57.64
N ALA W 369 45.58 -32.34 57.90
CA ALA W 369 44.17 -32.23 58.25
C ALA W 369 43.32 -32.95 57.20
N LYS W 370 43.70 -32.80 55.94
CA LYS W 370 42.96 -33.44 54.86
C LYS W 370 43.16 -34.94 54.91
N LEU W 371 44.43 -35.33 54.91
CA LEU W 371 44.80 -36.74 54.94
C LEU W 371 44.36 -37.47 56.21
N ALA W 372 44.57 -36.83 57.36
CA ALA W 372 44.21 -37.44 58.63
C ALA W 372 42.73 -37.28 59.02
N GLY W 373 42.15 -36.14 58.66
CA GLY W 373 40.76 -35.86 59.00
C GLY W 373 39.68 -36.78 58.41
N GLY W 374 39.92 -37.29 57.21
CA GLY W 374 38.95 -38.16 56.59
C GLY W 374 37.73 -37.41 56.09
N VAL W 375 36.64 -38.13 55.87
CA VAL W 375 35.40 -37.57 55.38
C VAL W 375 34.18 -38.21 56.05
N ALA W 376 33.28 -37.37 56.56
CA ALA W 376 32.07 -37.83 57.21
C ALA W 376 31.01 -38.05 56.13
N VAL W 377 30.36 -39.18 56.20
CA VAL W 377 29.36 -39.53 55.22
C VAL W 377 28.01 -39.77 55.85
N ILE W 378 27.04 -38.94 55.49
CA ILE W 378 25.68 -39.07 56.01
C ILE W 378 24.86 -39.85 54.99
N LYS W 379 24.33 -40.99 55.40
CA LYS W 379 23.50 -41.80 54.50
C LYS W 379 22.05 -41.61 54.90
N VAL W 380 21.33 -40.82 54.12
CA VAL W 380 19.93 -40.50 54.40
C VAL W 380 19.02 -41.71 54.54
N GLY W 381 18.17 -41.65 55.56
CA GLY W 381 17.21 -42.72 55.85
C GLY W 381 16.37 -43.09 54.66
N ALA W 382 15.24 -43.76 54.87
CA ALA W 382 14.46 -44.12 53.69
C ALA W 382 12.96 -44.42 53.83
N ALA W 383 12.57 -45.62 53.39
CA ALA W 383 11.18 -46.07 53.37
C ALA W 383 10.61 -45.43 52.11
N THR W 384 10.83 -46.09 50.97
CA THR W 384 10.42 -45.68 49.62
C THR W 384 11.48 -44.77 48.99
N GLU W 385 11.89 -45.15 47.78
CA GLU W 385 12.90 -44.41 47.05
C GLU W 385 12.57 -42.94 46.89
N VAL W 386 11.29 -42.61 46.84
CA VAL W 386 10.88 -41.22 46.67
C VAL W 386 11.17 -40.36 47.90
N GLU W 387 10.68 -40.78 49.06
CA GLU W 387 10.89 -40.03 50.30
C GLU W 387 12.38 -39.90 50.57
N MET W 388 13.11 -40.98 50.29
CA MET W 388 14.53 -41.01 50.50
C MET W 388 15.25 -39.91 49.71
N LYS W 389 14.89 -39.76 48.45
CA LYS W 389 15.51 -38.73 47.60
C LYS W 389 15.11 -37.31 48.05
N GLU W 390 13.90 -37.19 48.56
CA GLU W 390 13.37 -35.90 49.02
C GLU W 390 14.03 -35.45 50.31
N LYS W 391 14.27 -36.40 51.21
CA LYS W 391 14.90 -36.09 52.49
C LYS W 391 16.35 -35.75 52.25
N LYS W 392 16.99 -36.49 51.33
CA LYS W 392 18.39 -36.27 50.97
C LYS W 392 18.58 -34.84 50.51
N ALA W 393 17.56 -34.27 49.88
CA ALA W 393 17.61 -32.90 49.40
C ALA W 393 17.58 -31.93 50.58
N ARG W 394 16.64 -32.13 51.49
CA ARG W 394 16.51 -31.26 52.67
C ARG W 394 17.77 -31.30 53.50
N VAL W 395 18.39 -32.47 53.60
CA VAL W 395 19.62 -32.63 54.36
C VAL W 395 20.72 -31.82 53.70
N GLU W 396 20.85 -31.96 52.39
CA GLU W 396 21.87 -31.24 51.65
C GLU W 396 21.76 -29.74 51.84
N ASP W 397 20.54 -29.22 51.80
CA ASP W 397 20.34 -27.79 51.98
C ASP W 397 20.62 -27.41 53.42
N ALA W 398 19.99 -28.11 54.36
CA ALA W 398 20.20 -27.84 55.77
C ALA W 398 21.69 -27.82 56.06
N LEU W 399 22.44 -28.67 55.38
CA LEU W 399 23.88 -28.72 55.61
C LEU W 399 24.55 -27.40 55.22
N HIS W 400 24.29 -26.92 54.00
CA HIS W 400 24.85 -25.66 53.52
C HIS W 400 24.48 -24.50 54.45
N ALA W 401 23.23 -24.49 54.89
CA ALA W 401 22.75 -23.44 55.78
C ALA W 401 23.48 -23.47 57.10
N THR W 402 23.61 -24.66 57.67
CA THR W 402 24.27 -24.83 58.94
C THR W 402 25.76 -24.47 58.83
N ARG W 403 26.38 -24.87 57.73
CA ARG W 403 27.79 -24.57 57.53
C ARG W 403 28.03 -23.06 57.55
N ALA W 404 27.14 -22.33 56.88
CA ALA W 404 27.23 -20.88 56.82
C ALA W 404 26.93 -20.25 58.19
N ALA W 405 25.93 -20.78 58.87
CA ALA W 405 25.58 -20.25 60.18
C ALA W 405 26.73 -20.43 61.15
N VAL W 406 27.49 -21.51 60.98
CA VAL W 406 28.63 -21.80 61.86
C VAL W 406 29.77 -20.83 61.60
N GLU W 407 29.85 -20.30 60.38
CA GLU W 407 30.92 -19.38 60.02
C GLU W 407 30.67 -17.94 60.46
N GLU W 408 29.43 -17.46 60.37
CA GLU W 408 29.11 -16.08 60.72
C GLU W 408 27.83 -15.85 61.54
N GLY W 409 27.19 -16.90 62.03
CA GLY W 409 25.99 -16.75 62.84
C GLY W 409 24.69 -16.61 62.05
N VAL W 410 23.62 -16.19 62.73
CA VAL W 410 22.33 -16.01 62.08
C VAL W 410 21.71 -14.67 62.44
N VAL W 411 20.77 -14.25 61.60
CA VAL W 411 20.06 -12.98 61.79
C VAL W 411 18.59 -13.19 61.42
N ALA W 412 17.75 -12.24 61.83
CA ALA W 412 16.31 -12.33 61.57
C ALA W 412 16.00 -12.40 60.09
N GLY W 413 15.39 -13.52 59.69
CA GLY W 413 15.01 -13.69 58.29
C GLY W 413 13.76 -12.94 57.88
N GLY W 414 13.09 -13.43 56.82
CA GLY W 414 11.89 -12.78 56.34
C GLY W 414 12.21 -11.37 55.87
N GLY W 415 13.49 -11.10 55.66
CA GLY W 415 13.93 -9.80 55.19
C GLY W 415 13.97 -8.72 56.24
N VAL W 416 13.70 -9.06 57.50
CA VAL W 416 13.73 -8.02 58.53
C VAL W 416 15.12 -7.60 58.96
N ALA W 417 16.10 -8.50 58.87
CA ALA W 417 17.45 -8.13 59.27
C ALA W 417 17.91 -6.96 58.42
N LEU W 418 17.69 -7.04 57.11
CA LEU W 418 18.11 -5.97 56.21
C LEU W 418 17.40 -4.65 56.50
N ILE W 419 16.08 -4.71 56.70
CA ILE W 419 15.35 -3.50 56.96
C ILE W 419 15.72 -2.91 58.32
N ARG W 420 16.02 -3.78 59.28
CA ARG W 420 16.42 -3.36 60.63
C ARG W 420 17.76 -2.65 60.57
N VAL W 421 18.70 -3.27 59.86
CA VAL W 421 20.02 -2.71 59.72
C VAL W 421 19.99 -1.34 59.06
N ALA W 422 19.14 -1.17 58.05
CA ALA W 422 19.05 0.10 57.37
C ALA W 422 18.44 1.16 58.27
N SER W 423 17.46 0.78 59.09
CA SER W 423 16.83 1.75 59.97
C SER W 423 17.84 2.41 60.91
N LYS W 424 18.97 1.76 61.13
CA LYS W 424 19.99 2.31 62.02
C LYS W 424 20.99 3.24 61.33
N LEU W 425 21.02 3.21 60.00
CA LEU W 425 21.94 4.05 59.27
C LEU W 425 21.32 5.35 58.74
N ALA W 426 20.25 5.79 59.38
CA ALA W 426 19.55 7.01 58.99
C ALA W 426 20.42 8.28 58.97
N ASP W 427 21.51 8.30 59.73
CA ASP W 427 22.36 9.49 59.75
C ASP W 427 23.64 9.34 58.94
N LEU W 428 23.84 8.18 58.31
CA LEU W 428 25.05 7.95 57.54
C LEU W 428 25.16 9.00 56.43
N ARG W 429 26.31 9.65 56.30
CA ARG W 429 26.50 10.68 55.29
C ARG W 429 27.80 10.51 54.50
N GLY W 430 27.85 11.14 53.33
CA GLY W 430 29.02 11.03 52.49
C GLY W 430 29.79 12.34 52.42
N GLN W 431 30.50 12.55 51.32
CA GLN W 431 31.30 13.75 51.16
C GLN W 431 30.55 14.87 50.44
N ASN W 432 29.48 14.52 49.73
CA ASN W 432 28.69 15.51 49.03
C ASN W 432 27.25 15.03 48.94
N GLU W 433 26.37 15.86 48.39
CA GLU W 433 24.97 15.48 48.29
C GLU W 433 24.70 14.27 47.39
N ASP W 434 25.46 14.13 46.31
CA ASP W 434 25.25 12.98 45.43
C ASP W 434 25.50 11.71 46.23
N GLN W 435 26.60 11.69 46.97
CA GLN W 435 26.92 10.54 47.81
C GLN W 435 25.84 10.29 48.85
N ASN W 436 25.22 11.35 49.35
CA ASN W 436 24.17 11.17 50.34
C ASN W 436 22.99 10.47 49.70
N VAL W 437 22.68 10.86 48.46
CA VAL W 437 21.57 10.23 47.73
C VAL W 437 21.87 8.74 47.54
N GLY W 438 23.13 8.44 47.17
CA GLY W 438 23.55 7.07 46.99
C GLY W 438 23.26 6.26 48.25
N ILE W 439 23.62 6.81 49.41
CA ILE W 439 23.37 6.16 50.69
C ILE W 439 21.88 5.91 50.89
N LYS W 440 21.06 6.90 50.59
CA LYS W 440 19.60 6.75 50.75
C LYS W 440 19.03 5.74 49.77
N VAL W 441 19.66 5.65 48.60
CA VAL W 441 19.22 4.72 47.59
C VAL W 441 19.41 3.31 48.10
N ALA W 442 20.57 3.05 48.68
CA ALA W 442 20.89 1.73 49.22
C ALA W 442 20.01 1.35 50.39
N LEU W 443 19.89 2.26 51.37
CA LEU W 443 19.06 2.00 52.54
C LEU W 443 17.61 1.73 52.18
N ARG W 444 17.13 2.45 51.17
CA ARG W 444 15.76 2.30 50.70
C ARG W 444 15.62 0.90 50.07
N ALA W 445 16.63 0.51 49.29
CA ALA W 445 16.60 -0.79 48.63
C ALA W 445 16.56 -1.94 49.63
N MET W 446 17.23 -1.77 50.76
CA MET W 446 17.29 -2.82 51.76
C MET W 446 15.92 -3.21 52.26
N GLU W 447 14.90 -2.47 51.83
CA GLU W 447 13.52 -2.76 52.22
C GLU W 447 12.79 -3.63 51.19
N ALA W 448 13.38 -3.76 50.02
CA ALA W 448 12.80 -4.52 48.92
C ALA W 448 12.41 -5.95 49.31
N PRO W 449 13.35 -6.72 49.87
CA PRO W 449 12.98 -8.09 50.24
C PRO W 449 11.74 -8.21 51.11
N LEU W 450 11.71 -7.51 52.25
CA LEU W 450 10.56 -7.58 53.14
C LEU W 450 9.29 -7.15 52.41
N ARG W 451 9.35 -5.97 51.80
CA ARG W 451 8.19 -5.45 51.08
C ARG W 451 7.66 -6.44 50.05
N GLN W 452 8.55 -7.09 49.31
CA GLN W 452 8.12 -8.06 48.31
C GLN W 452 7.46 -9.25 48.98
N ILE W 453 8.04 -9.73 50.08
CA ILE W 453 7.47 -10.85 50.80
C ILE W 453 6.07 -10.49 51.24
N VAL W 454 5.91 -9.28 51.76
CA VAL W 454 4.62 -8.82 52.22
C VAL W 454 3.62 -8.72 51.09
N LEU W 455 4.08 -8.22 49.94
CA LEU W 455 3.21 -8.08 48.78
C LEU W 455 2.70 -9.44 48.34
N ASN W 456 3.57 -10.45 48.35
CA ASN W 456 3.16 -11.78 47.94
C ASN W 456 2.07 -12.33 48.88
N CYS W 457 2.08 -11.89 50.14
CA CYS W 457 1.07 -12.31 51.11
C CYS W 457 -0.26 -11.60 50.90
N GLY W 458 -0.26 -10.58 50.04
CA GLY W 458 -1.49 -9.84 49.80
C GLY W 458 -1.71 -8.78 50.86
N GLU W 459 -0.63 -8.35 51.51
CA GLU W 459 -0.71 -7.33 52.56
C GLU W 459 -0.13 -6.01 52.05
N GLU W 460 -0.10 -4.99 52.91
CA GLU W 460 0.43 -3.69 52.52
C GLU W 460 1.87 -3.47 53.01
N PRO W 461 2.84 -3.54 52.08
CA PRO W 461 4.26 -3.36 52.38
C PRO W 461 4.55 -2.11 53.22
N SER W 462 4.03 -0.97 52.79
CA SER W 462 4.25 0.28 53.52
C SER W 462 3.96 0.13 55.01
N VAL W 463 2.84 -0.51 55.32
CA VAL W 463 2.46 -0.67 56.71
C VAL W 463 3.36 -1.64 57.49
N VAL W 464 3.56 -2.84 56.96
CA VAL W 464 4.41 -3.81 57.63
C VAL W 464 5.84 -3.29 57.75
N ALA W 465 6.34 -2.67 56.70
CA ALA W 465 7.70 -2.12 56.71
C ALA W 465 7.78 -1.04 57.79
N ASN W 466 6.72 -0.24 57.84
CA ASN W 466 6.61 0.85 58.80
C ASN W 466 6.64 0.33 60.24
N THR W 467 5.93 -0.76 60.46
CA THR W 467 5.86 -1.37 61.80
C THR W 467 7.15 -2.07 62.20
N VAL W 468 7.73 -2.83 61.28
CA VAL W 468 8.97 -3.50 61.58
C VAL W 468 10.05 -2.46 61.89
N LYS W 469 10.07 -1.37 61.13
CA LYS W 469 11.06 -0.34 61.36
C LYS W 469 10.85 0.35 62.71
N GLY W 470 9.59 0.42 63.13
CA GLY W 470 9.25 1.06 64.39
C GLY W 470 9.84 0.37 65.60
N GLY W 471 9.98 -0.96 65.55
CA GLY W 471 10.53 -1.69 66.67
C GLY W 471 12.04 -1.76 66.56
N ASP W 472 12.64 -2.73 67.24
CA ASP W 472 14.09 -2.91 67.18
C ASP W 472 14.53 -4.34 67.47
N GLY W 473 15.84 -4.57 67.44
CA GLY W 473 16.36 -5.90 67.67
C GLY W 473 15.92 -6.82 66.54
N ASN W 474 15.48 -8.03 66.88
CA ASN W 474 15.04 -8.95 65.85
C ASN W 474 13.53 -9.05 65.83
N TYR W 475 12.89 -7.91 66.09
CA TYR W 475 11.43 -7.80 66.05
C TYR W 475 11.07 -7.68 64.59
N GLY W 476 10.21 -8.56 64.09
CA GLY W 476 9.85 -8.49 62.70
C GLY W 476 8.48 -9.00 62.38
N TYR W 477 8.25 -9.26 61.10
CA TYR W 477 6.96 -9.75 60.64
C TYR W 477 7.08 -11.16 60.10
N ASN W 478 6.45 -12.08 60.79
CA ASN W 478 6.45 -13.48 60.37
C ASN W 478 5.43 -13.56 59.24
N ALA W 479 5.90 -13.66 58.01
CA ALA W 479 5.01 -13.74 56.83
C ALA W 479 4.14 -15.00 56.83
N ALA W 480 4.63 -16.07 57.42
CA ALA W 480 3.89 -17.33 57.49
C ALA W 480 2.62 -17.16 58.33
N THR W 481 2.81 -16.87 59.61
CA THR W 481 1.69 -16.69 60.54
C THR W 481 1.04 -15.31 60.40
N GLU W 482 1.72 -14.41 59.69
CA GLU W 482 1.25 -13.04 59.50
C GLU W 482 1.02 -12.38 60.86
N GLU W 483 2.02 -12.51 61.74
CA GLU W 483 1.99 -11.96 63.10
C GLU W 483 3.38 -11.40 63.40
N TYR W 484 3.46 -10.39 64.25
CA TYR W 484 4.75 -9.81 64.59
C TYR W 484 5.32 -10.51 65.80
N GLY W 485 6.59 -10.24 66.10
CA GLY W 485 7.24 -10.86 67.23
C GLY W 485 8.73 -10.97 67.00
N ASN W 486 9.43 -11.76 67.81
CA ASN W 486 10.88 -11.92 67.64
C ASN W 486 11.14 -12.96 66.56
N MET W 487 11.78 -12.53 65.48
CA MET W 487 12.06 -13.41 64.36
C MET W 487 12.86 -14.65 64.71
N ILE W 488 13.86 -14.51 65.57
CA ILE W 488 14.68 -15.66 65.96
C ILE W 488 13.88 -16.66 66.80
N ASP W 489 13.17 -16.15 67.80
CA ASP W 489 12.38 -17.03 68.64
C ASP W 489 11.38 -17.78 67.77
N MET W 490 10.75 -17.10 66.82
CA MET W 490 9.77 -17.73 65.94
C MET W 490 10.44 -18.66 64.92
N GLY W 491 11.77 -18.72 65.00
CA GLY W 491 12.53 -19.60 64.13
C GLY W 491 12.51 -19.24 62.67
N ILE W 492 12.54 -17.95 62.38
CA ILE W 492 12.56 -17.47 61.00
C ILE W 492 13.85 -16.69 60.89
N LEU W 493 14.87 -17.32 60.34
CA LEU W 493 16.16 -16.67 60.23
C LEU W 493 16.95 -17.10 59.01
N ASP W 494 17.98 -16.31 58.71
CA ASP W 494 18.88 -16.60 57.60
C ASP W 494 20.31 -16.53 58.12
N PRO W 495 21.20 -17.32 57.55
CA PRO W 495 22.60 -17.27 58.01
C PRO W 495 23.10 -15.84 57.73
N THR W 496 23.70 -15.20 58.72
CA THR W 496 24.20 -13.85 58.50
C THR W 496 25.01 -13.78 57.19
N LYS W 497 25.71 -14.86 56.86
CA LYS W 497 26.51 -14.89 55.65
C LYS W 497 25.68 -14.77 54.37
N VAL W 498 24.52 -15.42 54.32
CA VAL W 498 23.69 -15.35 53.12
C VAL W 498 23.15 -13.94 52.91
N THR W 499 22.68 -13.29 53.98
CA THR W 499 22.17 -11.92 53.86
C THR W 499 23.34 -10.99 53.45
N ARG W 500 24.50 -11.16 54.08
CA ARG W 500 25.66 -10.33 53.74
C ARG W 500 26.08 -10.45 52.28
N SER W 501 26.18 -11.68 51.78
CA SER W 501 26.59 -11.94 50.40
C SER W 501 25.57 -11.43 49.42
N ALA W 502 24.29 -11.62 49.72
CA ALA W 502 23.24 -11.15 48.83
C ALA W 502 23.35 -9.64 48.63
N LEU W 503 23.49 -8.91 49.74
CA LEU W 503 23.60 -7.47 49.69
C LEU W 503 24.84 -7.01 48.97
N GLN W 504 26.00 -7.55 49.36
CA GLN W 504 27.24 -7.12 48.73
C GLN W 504 27.28 -7.44 47.23
N TYR W 505 26.76 -8.59 46.85
CA TYR W 505 26.76 -8.95 45.43
C TYR W 505 25.80 -8.08 44.63
N ALA W 506 24.67 -7.74 45.24
CA ALA W 506 23.68 -6.92 44.58
C ALA W 506 24.29 -5.55 44.39
N ALA W 507 24.79 -4.99 45.49
CA ALA W 507 25.38 -3.67 45.49
C ALA W 507 26.50 -3.59 44.46
N SER W 508 27.18 -4.70 44.24
CA SER W 508 28.28 -4.73 43.30
C SER W 508 27.83 -4.51 41.87
N VAL W 509 26.96 -5.39 41.37
CA VAL W 509 26.49 -5.28 40.01
C VAL W 509 25.70 -3.99 39.80
N ALA W 510 24.96 -3.55 40.82
CA ALA W 510 24.19 -2.30 40.73
C ALA W 510 25.15 -1.11 40.53
N GLY W 511 26.24 -1.11 41.29
CA GLY W 511 27.18 -0.02 41.17
C GLY W 511 27.81 -0.02 39.80
N LEU W 512 28.07 -1.21 39.28
CA LEU W 512 28.69 -1.29 37.97
C LEU W 512 27.79 -0.76 36.88
N MET W 513 26.51 -1.13 36.94
CA MET W 513 25.56 -0.67 35.94
C MET W 513 25.34 0.84 36.00
N ILE W 514 25.21 1.37 37.21
CA ILE W 514 25.00 2.79 37.38
C ILE W 514 26.16 3.58 36.81
N THR W 515 27.33 2.95 36.71
CA THR W 515 28.52 3.64 36.18
C THR W 515 28.88 3.13 34.80
N THR W 516 27.87 2.68 34.07
CA THR W 516 28.09 2.21 32.71
C THR W 516 27.65 3.30 31.75
N GLU W 517 28.49 3.61 30.76
CA GLU W 517 28.17 4.65 29.78
C GLU W 517 28.07 4.16 28.35
N CYS W 518 28.56 2.95 28.08
CA CYS W 518 28.51 2.43 26.74
C CYS W 518 28.32 0.91 26.71
N MET W 519 27.50 0.44 25.78
CA MET W 519 27.22 -0.99 25.62
C MET W 519 27.46 -1.41 24.17
N VAL W 520 28.12 -2.53 23.98
CA VAL W 520 28.43 -3.04 22.66
C VAL W 520 27.96 -4.47 22.49
N THR W 521 27.20 -4.74 21.43
CA THR W 521 26.70 -6.08 21.16
C THR W 521 26.56 -6.26 19.67
N ASP W 522 26.46 -7.51 19.24
CA ASP W 522 26.32 -7.79 17.83
C ASP W 522 25.02 -7.27 17.28
N LEU W 523 25.02 -6.95 15.99
CA LEU W 523 23.83 -6.44 15.33
C LEU W 523 22.84 -7.61 15.21
N PRO W 524 21.56 -7.36 15.48
CA PRO W 524 20.55 -8.42 15.39
C PRO W 524 20.51 -9.11 14.03
N LYS W 525 21.27 -8.56 13.09
CA LYS W 525 21.32 -9.13 11.74
C LYS W 525 22.25 -10.33 11.70
N SER X 1 37.74 -37.06 9.92
CA SER X 1 38.85 -36.42 10.60
C SER X 1 39.36 -37.28 11.75
N TRP X 2 38.43 -37.76 12.58
CA TRP X 2 38.77 -38.60 13.73
C TRP X 2 38.86 -40.09 13.40
N MET X 3 39.47 -40.86 14.29
CA MET X 3 39.64 -42.29 14.11
C MET X 3 38.96 -43.04 15.24
N THR X 4 38.85 -44.36 15.09
CA THR X 4 38.22 -45.18 16.11
C THR X 4 39.07 -46.39 16.47
N THR X 5 39.27 -46.60 17.76
CA THR X 5 40.05 -47.73 18.21
C THR X 5 39.16 -48.96 18.15
N PRO X 6 39.74 -50.16 18.21
CA PRO X 6 38.93 -51.38 18.15
C PRO X 6 37.80 -51.36 19.19
N TRP X 7 38.15 -50.96 20.41
CA TRP X 7 37.17 -50.89 21.50
C TRP X 7 36.15 -49.74 21.36
N GLY X 8 36.21 -49.01 20.24
CA GLY X 8 35.26 -47.94 20.03
C GLY X 8 35.59 -46.53 20.49
N PHE X 9 36.82 -46.28 20.94
CA PHE X 9 37.20 -44.95 21.39
C PHE X 9 37.41 -44.02 20.18
N LEU X 10 36.63 -42.95 20.11
CA LEU X 10 36.70 -41.97 19.04
C LEU X 10 37.74 -40.92 19.42
N HIS X 11 38.70 -40.66 18.54
CA HIS X 11 39.76 -39.69 18.84
C HIS X 11 40.50 -39.13 17.62
N PRO X 12 41.18 -38.00 17.80
CA PRO X 12 41.94 -37.36 16.71
C PRO X 12 43.17 -38.19 16.35
N ALA Y 1 17.19 -20.08 24.50
CA ALA Y 1 16.87 -19.01 23.52
C ALA Y 1 16.12 -17.86 24.22
N ALA Y 2 15.88 -16.78 23.50
CA ALA Y 2 15.16 -15.66 24.08
C ALA Y 2 13.77 -16.18 24.49
N LYS Y 3 13.29 -15.73 25.64
CA LYS Y 3 11.99 -16.16 26.13
C LYS Y 3 10.95 -15.04 26.04
N ASP Y 4 9.69 -15.42 26.14
CA ASP Y 4 8.61 -14.47 26.14
C ASP Y 4 8.10 -14.66 27.56
N VAL Y 5 8.09 -13.61 28.36
CA VAL Y 5 7.63 -13.71 29.73
C VAL Y 5 6.33 -12.92 29.96
N LYS Y 6 5.32 -13.61 30.46
CA LYS Y 6 4.04 -13.00 30.75
C LYS Y 6 3.77 -12.97 32.26
N PHE Y 7 3.00 -11.99 32.73
CA PHE Y 7 2.73 -11.85 34.16
C PHE Y 7 1.27 -11.75 34.54
N GLY Y 8 1.02 -11.86 35.84
CA GLY Y 8 -0.31 -11.78 36.39
C GLY Y 8 -1.52 -12.10 35.51
N ASN Y 9 -2.32 -11.07 35.28
CA ASN Y 9 -3.54 -11.22 34.49
C ASN Y 9 -3.32 -11.72 33.07
N ASP Y 10 -2.32 -11.19 32.36
CA ASP Y 10 -2.07 -11.65 31.00
C ASP Y 10 -1.79 -13.15 31.02
N ALA Y 11 -0.93 -13.57 31.94
CA ALA Y 11 -0.58 -14.99 32.07
C ALA Y 11 -1.81 -15.84 32.39
N ARG Y 12 -2.62 -15.34 33.31
CA ARG Y 12 -3.81 -16.09 33.68
C ARG Y 12 -4.82 -16.29 32.53
N VAL Y 13 -5.19 -15.24 31.82
CA VAL Y 13 -6.17 -15.41 30.75
C VAL Y 13 -5.67 -16.42 29.73
N LYS Y 14 -4.37 -16.42 29.47
CA LYS Y 14 -3.80 -17.35 28.50
C LYS Y 14 -4.06 -18.77 28.96
N MET Y 15 -3.72 -19.04 30.23
CA MET Y 15 -3.94 -20.38 30.75
C MET Y 15 -5.42 -20.76 30.68
N LEU Y 16 -6.28 -19.83 31.09
CA LEU Y 16 -7.70 -20.10 31.05
C LEU Y 16 -8.14 -20.54 29.65
N ARG Y 17 -7.76 -19.79 28.62
CA ARG Y 17 -8.11 -20.12 27.23
C ARG Y 17 -7.60 -21.50 26.85
N GLY Y 18 -6.38 -21.81 27.26
CA GLY Y 18 -5.81 -23.10 26.96
C GLY Y 18 -6.63 -24.24 27.54
N VAL Y 19 -6.97 -24.18 28.83
CA VAL Y 19 -7.74 -25.27 29.42
C VAL Y 19 -9.16 -25.29 28.88
N ASN Y 20 -9.66 -24.13 28.44
CA ASN Y 20 -11.01 -24.08 27.88
C ASN Y 20 -11.07 -24.89 26.59
N VAL Y 21 -10.02 -24.81 25.78
CA VAL Y 21 -9.99 -25.58 24.56
C VAL Y 21 -9.95 -27.07 24.92
N LEU Y 22 -9.09 -27.42 25.89
CA LEU Y 22 -8.96 -28.80 26.34
C LEU Y 22 -10.27 -29.32 26.92
N ALA Y 23 -10.70 -28.74 28.02
CA ALA Y 23 -11.93 -29.18 28.66
C ALA Y 23 -13.13 -29.18 27.70
N ASP Y 24 -13.32 -28.10 26.94
CA ASP Y 24 -14.45 -28.03 26.02
C ASP Y 24 -14.46 -29.16 25.02
N ALA Y 25 -13.28 -29.56 24.57
CA ALA Y 25 -13.16 -30.63 23.58
C ALA Y 25 -13.46 -31.99 24.22
N VAL Y 26 -12.96 -32.18 25.42
CA VAL Y 26 -13.14 -33.44 26.13
C VAL Y 26 -14.50 -33.64 26.77
N LYS Y 27 -15.05 -32.60 27.40
CA LYS Y 27 -16.34 -32.76 28.05
C LYS Y 27 -17.54 -33.08 27.18
N VAL Y 28 -17.42 -32.93 25.86
CA VAL Y 28 -18.57 -33.24 25.02
C VAL Y 28 -18.83 -34.74 25.01
N THR Y 29 -17.84 -35.53 25.45
CA THR Y 29 -17.98 -36.99 25.44
C THR Y 29 -18.58 -37.54 26.71
N LEU Y 30 -18.60 -36.72 27.76
CA LEU Y 30 -19.09 -37.11 29.08
C LEU Y 30 -20.54 -37.56 29.15
N GLY Y 31 -20.77 -38.69 29.81
CA GLY Y 31 -22.14 -39.18 29.97
C GLY Y 31 -22.64 -40.14 28.90
N PRO Y 32 -23.77 -40.81 29.16
CA PRO Y 32 -24.35 -41.77 28.22
C PRO Y 32 -24.84 -41.13 26.91
N LYS Y 33 -25.04 -39.82 26.89
CA LYS Y 33 -25.48 -39.16 25.66
C LYS Y 33 -24.31 -38.33 25.12
N GLY Y 34 -23.10 -38.73 25.50
CA GLY Y 34 -21.89 -38.05 25.06
C GLY Y 34 -21.80 -37.98 23.55
N ARG Y 35 -21.21 -36.91 23.05
CA ARG Y 35 -21.09 -36.69 21.63
C ARG Y 35 -19.76 -37.24 21.08
N ASN Y 36 -19.68 -37.38 19.76
CA ASN Y 36 -18.47 -37.88 19.12
C ASN Y 36 -17.49 -36.74 18.83
N VAL Y 37 -16.21 -37.06 18.92
CA VAL Y 37 -15.18 -36.09 18.61
C VAL Y 37 -14.43 -36.74 17.43
N VAL Y 38 -14.09 -35.97 16.42
CA VAL Y 38 -13.40 -36.52 15.28
C VAL Y 38 -11.95 -36.10 15.33
N LEU Y 39 -11.05 -37.08 15.44
CA LEU Y 39 -9.63 -36.79 15.52
C LEU Y 39 -9.00 -37.18 14.20
N ASP Y 40 -8.32 -36.23 13.57
CA ASP Y 40 -7.69 -36.45 12.29
C ASP Y 40 -6.44 -37.32 12.40
N LYS Y 41 -6.05 -37.91 11.28
CA LYS Y 41 -4.87 -38.77 11.22
C LYS Y 41 -4.03 -38.35 10.02
N SER Y 42 -2.72 -38.51 10.12
CA SER Y 42 -1.85 -38.15 9.02
C SER Y 42 -2.15 -38.98 7.79
N PHE Y 43 -2.45 -40.26 7.99
CA PHE Y 43 -2.76 -41.15 6.88
C PHE Y 43 -3.93 -42.08 7.19
N GLY Y 44 -4.96 -42.01 6.34
CA GLY Y 44 -6.13 -42.86 6.53
C GLY Y 44 -7.42 -42.09 6.70
N ALA Y 45 -8.35 -42.68 7.44
CA ALA Y 45 -9.64 -42.07 7.72
C ALA Y 45 -9.62 -41.53 9.13
N PRO Y 46 -10.27 -40.38 9.37
CA PRO Y 46 -10.30 -39.79 10.71
C PRO Y 46 -10.78 -40.80 11.74
N THR Y 47 -10.45 -40.54 13.00
CA THR Y 47 -10.89 -41.40 14.08
C THR Y 47 -12.12 -40.75 14.68
N ILE Y 48 -13.18 -41.52 14.89
CA ILE Y 48 -14.39 -40.99 15.50
C ILE Y 48 -14.46 -41.64 16.88
N THR Y 49 -14.36 -40.83 17.93
CA THR Y 49 -14.35 -41.38 19.29
C THR Y 49 -15.15 -40.62 20.32
N LYS Y 50 -15.55 -41.35 21.36
CA LYS Y 50 -16.26 -40.77 22.49
C LYS Y 50 -15.39 -40.97 23.74
N ASP Y 51 -14.10 -41.27 23.50
CA ASP Y 51 -13.16 -41.49 24.59
C ASP Y 51 -12.40 -40.22 24.96
N GLY Y 52 -12.88 -39.55 26.00
CA GLY Y 52 -12.23 -38.33 26.46
C GLY Y 52 -10.72 -38.42 26.57
N VAL Y 53 -10.19 -39.58 26.97
CA VAL Y 53 -8.74 -39.69 27.07
C VAL Y 53 -8.10 -39.54 25.70
N SER Y 54 -8.68 -40.19 24.70
CA SER Y 54 -8.12 -40.11 23.35
C SER Y 54 -8.07 -38.68 22.86
N VAL Y 55 -9.13 -37.93 23.12
CA VAL Y 55 -9.22 -36.54 22.70
C VAL Y 55 -8.15 -35.70 23.41
N ALA Y 56 -8.06 -35.86 24.72
CA ALA Y 56 -7.07 -35.12 25.51
C ALA Y 56 -5.64 -35.29 24.94
N ARG Y 57 -5.30 -36.52 24.55
CA ARG Y 57 -3.99 -36.82 24.03
C ARG Y 57 -3.64 -35.99 22.80
N GLU Y 58 -4.65 -35.72 21.99
CA GLU Y 58 -4.45 -34.96 20.77
C GLU Y 58 -4.39 -33.45 20.92
N ILE Y 59 -4.75 -32.93 22.09
CA ILE Y 59 -4.77 -31.48 22.27
C ILE Y 59 -3.43 -30.79 22.50
N GLU Y 60 -3.09 -29.91 21.58
CA GLU Y 60 -1.85 -29.13 21.64
C GLU Y 60 -2.21 -27.81 20.95
N LEU Y 61 -2.00 -26.69 21.65
CA LEU Y 61 -2.35 -25.39 21.10
C LEU Y 61 -1.19 -24.62 20.48
N GLU Y 62 -1.51 -23.76 19.50
CA GLU Y 62 -0.51 -22.95 18.81
C GLU Y 62 0.10 -21.89 19.73
N ASP Y 63 -0.74 -21.17 20.47
CA ASP Y 63 -0.22 -20.17 21.41
C ASP Y 63 0.49 -20.89 22.58
N LYS Y 64 1.80 -20.65 22.70
CA LYS Y 64 2.62 -21.29 23.73
C LYS Y 64 2.07 -21.16 25.17
N PHE Y 65 1.53 -19.99 25.51
CA PHE Y 65 1.00 -19.79 26.86
C PHE Y 65 -0.28 -20.59 27.03
N GLU Y 66 -1.16 -20.52 26.05
CA GLU Y 66 -2.41 -21.24 26.11
C GLU Y 66 -2.11 -22.73 26.15
N ASN Y 67 -1.05 -23.13 25.44
CA ASN Y 67 -0.68 -24.54 25.41
C ASN Y 67 -0.20 -25.03 26.77
N MET Y 68 0.59 -24.21 27.46
CA MET Y 68 1.06 -24.57 28.78
C MET Y 68 -0.15 -24.79 29.67
N GLY Y 69 -1.17 -23.97 29.49
CA GLY Y 69 -2.39 -24.13 30.29
C GLY Y 69 -3.00 -25.50 30.08
N ALA Y 70 -3.15 -25.89 28.82
CA ALA Y 70 -3.72 -27.18 28.47
C ALA Y 70 -2.84 -28.32 28.93
N GLN Y 71 -1.54 -28.23 28.71
CA GLN Y 71 -0.65 -29.31 29.13
C GLN Y 71 -0.64 -29.56 30.64
N MET Y 72 -0.86 -28.52 31.43
CA MET Y 72 -0.84 -28.67 32.87
C MET Y 72 -2.00 -29.49 33.41
N VAL Y 73 -3.23 -29.11 33.07
CA VAL Y 73 -4.36 -29.88 33.58
C VAL Y 73 -4.37 -31.24 32.89
N LYS Y 74 -3.96 -31.24 31.64
CA LYS Y 74 -3.88 -32.47 30.86
C LYS Y 74 -3.00 -33.47 31.63
N GLU Y 75 -1.92 -32.97 32.22
CA GLU Y 75 -0.98 -33.77 32.99
C GLU Y 75 -1.45 -34.36 34.31
N VAL Y 76 -1.98 -33.53 35.20
CA VAL Y 76 -2.45 -34.03 36.48
C VAL Y 76 -3.76 -34.78 36.30
N ALA Y 77 -4.52 -34.44 35.26
CA ALA Y 77 -5.77 -35.14 35.04
C ALA Y 77 -5.44 -36.59 34.73
N SER Y 78 -4.38 -36.81 33.94
CA SER Y 78 -4.02 -38.17 33.60
C SER Y 78 -3.56 -38.92 34.84
N LYS Y 79 -3.01 -38.20 35.83
CA LYS Y 79 -2.57 -38.85 37.06
C LYS Y 79 -3.75 -39.58 37.71
N ALA Y 80 -4.95 -39.04 37.52
CA ALA Y 80 -6.15 -39.66 38.08
C ALA Y 80 -6.36 -41.02 37.45
N ASN Y 81 -6.41 -41.08 36.11
CA ASN Y 81 -6.63 -42.32 35.39
C ASN Y 81 -5.60 -43.36 35.83
N ASP Y 82 -4.39 -42.90 36.09
CA ASP Y 82 -3.33 -43.81 36.53
C ASP Y 82 -3.61 -44.38 37.91
N ALA Y 83 -4.09 -43.53 38.81
CA ALA Y 83 -4.41 -43.93 40.17
C ALA Y 83 -5.66 -44.78 40.36
N ALA Y 84 -6.70 -44.57 39.53
CA ALA Y 84 -7.93 -45.34 39.67
C ALA Y 84 -8.46 -45.93 38.37
N GLY Y 85 -7.68 -45.82 37.30
CA GLY Y 85 -8.09 -46.37 36.03
C GLY Y 85 -9.25 -45.62 35.39
N ASP Y 86 -9.56 -44.43 35.90
CA ASP Y 86 -10.66 -43.65 35.35
C ASP Y 86 -10.72 -42.27 36.01
N GLY Y 87 -11.48 -41.37 35.39
CA GLY Y 87 -11.63 -40.03 35.96
C GLY Y 87 -10.92 -38.85 35.30
N THR Y 88 -10.11 -39.08 34.29
CA THR Y 88 -9.41 -37.96 33.67
C THR Y 88 -10.36 -36.91 33.13
N THR Y 89 -11.34 -37.35 32.36
CA THR Y 89 -12.30 -36.41 31.80
C THR Y 89 -12.94 -35.64 32.94
N THR Y 90 -13.43 -36.36 33.94
CA THR Y 90 -14.07 -35.71 35.09
C THR Y 90 -13.13 -34.69 35.72
N ALA Y 91 -11.89 -35.12 35.95
CA ALA Y 91 -10.88 -34.25 36.54
C ALA Y 91 -10.70 -33.00 35.69
N THR Y 92 -10.74 -33.19 34.37
CA THR Y 92 -10.57 -32.08 33.44
C THR Y 92 -11.71 -31.06 33.53
N VAL Y 93 -12.96 -31.52 33.54
CA VAL Y 93 -14.06 -30.57 33.61
C VAL Y 93 -14.11 -29.93 34.98
N LEU Y 94 -13.71 -30.68 36.01
CA LEU Y 94 -13.69 -30.14 37.36
C LEU Y 94 -12.64 -29.04 37.44
N ALA Y 95 -11.52 -29.27 36.75
CA ALA Y 95 -10.44 -28.29 36.73
C ALA Y 95 -10.90 -27.02 36.04
N GLN Y 96 -11.59 -27.16 34.91
CA GLN Y 96 -12.06 -25.98 34.17
C GLN Y 96 -13.01 -25.16 35.05
N ALA Y 97 -13.83 -25.85 35.83
CA ALA Y 97 -14.79 -25.19 36.70
C ALA Y 97 -14.12 -24.40 37.82
N ILE Y 98 -13.21 -25.04 38.54
CA ILE Y 98 -12.52 -24.38 39.63
C ILE Y 98 -11.69 -23.22 39.09
N ILE Y 99 -10.95 -23.46 38.00
CA ILE Y 99 -10.10 -22.43 37.44
C ILE Y 99 -10.88 -21.22 36.94
N THR Y 100 -11.96 -21.47 36.23
CA THR Y 100 -12.77 -20.39 35.70
C THR Y 100 -13.25 -19.45 36.80
N GLU Y 101 -13.90 -20.00 37.82
CA GLU Y 101 -14.40 -19.16 38.90
C GLU Y 101 -13.28 -18.61 39.74
N GLY Y 102 -12.29 -19.46 40.03
CA GLY Y 102 -11.14 -19.05 40.81
C GLY Y 102 -10.46 -17.83 40.22
N LEU Y 103 -10.27 -17.85 38.90
CA LEU Y 103 -9.63 -16.72 38.22
C LEU Y 103 -10.51 -15.48 38.28
N LYS Y 104 -11.83 -15.66 38.22
CA LYS Y 104 -12.71 -14.50 38.27
C LYS Y 104 -12.49 -13.80 39.62
N ALA Y 105 -12.49 -14.59 40.69
CA ALA Y 105 -12.30 -14.05 42.03
C ALA Y 105 -10.97 -13.30 42.09
N VAL Y 106 -9.94 -13.83 41.45
CA VAL Y 106 -8.65 -13.18 41.47
C VAL Y 106 -8.71 -11.83 40.79
N ALA Y 107 -9.34 -11.79 39.62
CA ALA Y 107 -9.47 -10.53 38.86
C ALA Y 107 -10.29 -9.52 39.65
N ALA Y 108 -11.19 -10.04 40.50
CA ALA Y 108 -12.03 -9.17 41.32
C ALA Y 108 -11.19 -8.64 42.48
N GLY Y 109 -9.92 -9.04 42.54
CA GLY Y 109 -9.04 -8.56 43.58
C GLY Y 109 -8.90 -9.41 44.83
N MET Y 110 -9.42 -10.63 44.78
CA MET Y 110 -9.32 -11.49 45.96
C MET Y 110 -7.95 -12.16 46.05
N ASN Y 111 -7.56 -12.51 47.28
CA ASN Y 111 -6.26 -13.12 47.53
C ASN Y 111 -6.12 -14.52 46.96
N PRO Y 112 -5.22 -14.72 46.00
CA PRO Y 112 -5.04 -16.04 45.39
C PRO Y 112 -4.75 -17.13 46.42
N MET Y 113 -3.84 -16.85 47.36
CA MET Y 113 -3.49 -17.83 48.39
C MET Y 113 -4.68 -18.21 49.27
N ASP Y 114 -5.47 -17.24 49.70
CA ASP Y 114 -6.64 -17.60 50.50
C ASP Y 114 -7.66 -18.38 49.64
N LEU Y 115 -7.82 -17.98 48.38
CA LEU Y 115 -8.75 -18.69 47.51
C LEU Y 115 -8.33 -20.16 47.45
N LYS Y 116 -7.03 -20.38 47.33
CA LYS Y 116 -6.53 -21.74 47.24
C LYS Y 116 -6.80 -22.51 48.51
N ARG Y 117 -6.60 -21.86 49.65
CA ARG Y 117 -6.82 -22.52 50.94
C ARG Y 117 -8.27 -22.95 51.05
N GLY Y 118 -9.18 -22.08 50.63
CA GLY Y 118 -10.60 -22.39 50.67
C GLY Y 118 -10.96 -23.58 49.80
N ILE Y 119 -10.45 -23.58 48.58
CA ILE Y 119 -10.71 -24.68 47.65
C ILE Y 119 -10.26 -25.97 48.31
N ASP Y 120 -9.03 -25.98 48.82
CA ASP Y 120 -8.46 -27.14 49.47
C ASP Y 120 -9.29 -27.58 50.68
N LYS Y 121 -9.71 -26.62 51.50
CA LYS Y 121 -10.51 -26.99 52.67
C LYS Y 121 -11.79 -27.66 52.23
N ALA Y 122 -12.44 -27.11 51.22
CA ALA Y 122 -13.68 -27.68 50.73
C ALA Y 122 -13.45 -29.08 50.18
N VAL Y 123 -12.32 -29.28 49.49
CA VAL Y 123 -12.02 -30.59 48.92
C VAL Y 123 -11.81 -31.62 50.02
N THR Y 124 -11.05 -31.25 51.05
CA THR Y 124 -10.81 -32.19 52.15
C THR Y 124 -12.16 -32.60 52.77
N ALA Y 125 -12.99 -31.61 53.04
CA ALA Y 125 -14.29 -31.88 53.61
C ALA Y 125 -15.04 -32.83 52.67
N ALA Y 126 -15.04 -32.49 51.38
CA ALA Y 126 -15.74 -33.28 50.39
C ALA Y 126 -15.27 -34.73 50.35
N VAL Y 127 -13.96 -34.97 50.46
CA VAL Y 127 -13.47 -36.33 50.40
C VAL Y 127 -13.97 -37.16 51.56
N GLU Y 128 -14.08 -36.53 52.72
CA GLU Y 128 -14.57 -37.22 53.91
C GLU Y 128 -16.05 -37.54 53.71
N GLU Y 129 -16.80 -36.56 53.24
CA GLU Y 129 -18.22 -36.72 52.97
C GLU Y 129 -18.40 -37.83 51.94
N LEU Y 130 -17.39 -37.97 51.08
CA LEU Y 130 -17.42 -38.99 50.03
C LEU Y 130 -17.24 -40.39 50.61
N LYS Y 131 -16.35 -40.51 51.59
CA LYS Y 131 -16.10 -41.79 52.25
C LYS Y 131 -17.36 -42.24 52.96
N ALA Y 132 -18.04 -41.27 53.60
CA ALA Y 132 -19.27 -41.58 54.33
C ALA Y 132 -20.31 -42.13 53.35
N LEU Y 133 -20.49 -41.45 52.22
CA LEU Y 133 -21.46 -41.84 51.20
C LEU Y 133 -21.13 -43.21 50.58
N SER Y 134 -19.85 -43.56 50.62
CA SER Y 134 -19.38 -44.81 50.03
C SER Y 134 -20.00 -46.10 50.56
N VAL Y 135 -20.32 -46.99 49.64
CA VAL Y 135 -20.90 -48.31 49.95
C VAL Y 135 -19.79 -49.34 49.74
N PRO Y 136 -19.59 -50.27 50.68
CA PRO Y 136 -18.53 -51.27 50.52
C PRO Y 136 -18.75 -52.28 49.41
N CYS Y 137 -17.65 -52.88 48.95
CA CYS Y 137 -17.65 -53.89 47.91
C CYS Y 137 -16.60 -54.90 48.35
N SER Y 138 -16.93 -55.69 49.37
CA SER Y 138 -16.01 -56.66 49.95
C SER Y 138 -16.22 -58.14 49.65
N ASP Y 139 -17.45 -58.56 49.42
CA ASP Y 139 -17.69 -59.97 49.13
C ASP Y 139 -17.73 -60.21 47.62
N SER Y 140 -17.53 -61.45 47.21
CA SER Y 140 -17.52 -61.79 45.79
C SER Y 140 -18.84 -61.46 45.08
N LYS Y 141 -19.94 -61.44 45.83
CA LYS Y 141 -21.21 -61.11 45.23
C LYS Y 141 -21.14 -59.69 44.68
N ALA Y 142 -20.65 -58.78 45.51
CA ALA Y 142 -20.51 -57.37 45.14
C ALA Y 142 -19.46 -57.23 44.04
N ILE Y 143 -18.31 -57.86 44.27
CA ILE Y 143 -17.22 -57.83 43.31
C ILE Y 143 -17.74 -58.19 41.93
N ALA Y 144 -18.61 -59.20 41.88
CA ALA Y 144 -19.17 -59.63 40.60
C ALA Y 144 -20.13 -58.59 40.02
N GLN Y 145 -21.02 -58.04 40.84
CA GLN Y 145 -21.97 -57.03 40.38
C GLN Y 145 -21.25 -55.86 39.73
N VAL Y 146 -20.26 -55.31 40.43
CA VAL Y 146 -19.49 -54.17 39.93
C VAL Y 146 -18.81 -54.51 38.62
N GLY Y 147 -18.15 -55.67 38.58
CA GLY Y 147 -17.49 -56.08 37.36
C GLY Y 147 -18.47 -56.21 36.21
N THR Y 148 -19.65 -56.75 36.49
CA THR Y 148 -20.68 -56.92 35.47
C THR Y 148 -21.09 -55.55 34.92
N ILE Y 149 -21.30 -54.59 35.82
CA ILE Y 149 -21.69 -53.24 35.41
C ILE Y 149 -20.60 -52.60 34.57
N SER Y 150 -19.34 -52.85 34.93
CA SER Y 150 -18.22 -52.29 34.20
C SER Y 150 -18.06 -52.93 32.83
N ALA Y 151 -18.40 -54.21 32.74
CA ALA Y 151 -18.28 -54.93 31.49
C ALA Y 151 -19.50 -54.69 30.62
N ASN Y 152 -20.26 -53.66 30.98
CA ASN Y 152 -21.46 -53.30 30.23
C ASN Y 152 -22.55 -54.38 30.37
N SER Y 153 -22.78 -54.83 31.61
CA SER Y 153 -23.81 -55.82 31.90
C SER Y 153 -23.51 -57.25 31.44
N ASP Y 154 -22.23 -57.59 31.36
CA ASP Y 154 -21.83 -58.93 30.96
C ASP Y 154 -21.53 -59.76 32.22
N GLU Y 155 -22.52 -60.50 32.70
CA GLU Y 155 -22.33 -61.31 33.91
C GLU Y 155 -21.10 -62.21 33.84
N THR Y 156 -20.72 -62.60 32.63
CA THR Y 156 -19.57 -63.47 32.42
C THR Y 156 -18.33 -62.81 33.01
N VAL Y 157 -18.05 -61.60 32.56
CA VAL Y 157 -16.91 -60.85 33.04
C VAL Y 157 -16.95 -60.72 34.57
N GLY Y 158 -18.11 -60.32 35.09
CA GLY Y 158 -18.26 -60.18 36.52
C GLY Y 158 -17.84 -61.45 37.21
N LYS Y 159 -18.34 -62.58 36.70
CA LYS Y 159 -18.02 -63.88 37.28
C LYS Y 159 -16.52 -64.13 37.25
N LEU Y 160 -15.91 -63.98 36.07
CA LEU Y 160 -14.48 -64.18 35.91
C LEU Y 160 -13.65 -63.43 36.93
N ILE Y 161 -13.87 -62.12 37.02
CA ILE Y 161 -13.12 -61.28 37.94
C ILE Y 161 -13.29 -61.77 39.38
N ALA Y 162 -14.51 -62.14 39.74
CA ALA Y 162 -14.78 -62.62 41.10
C ALA Y 162 -14.03 -63.93 41.37
N GLU Y 163 -14.00 -64.83 40.39
CA GLU Y 163 -13.30 -66.10 40.55
C GLU Y 163 -11.81 -65.83 40.65
N ALA Y 164 -11.32 -64.91 39.84
CA ALA Y 164 -9.90 -64.57 39.85
C ALA Y 164 -9.48 -64.01 41.20
N MET Y 165 -10.27 -63.08 41.75
CA MET Y 165 -9.93 -62.49 43.04
C MET Y 165 -10.05 -63.50 44.15
N ASP Y 166 -10.93 -64.47 43.97
CA ASP Y 166 -11.12 -65.50 44.97
C ASP Y 166 -9.88 -66.38 45.01
N LYS Y 167 -9.25 -66.56 43.85
CA LYS Y 167 -8.04 -67.37 43.72
C LYS Y 167 -6.79 -66.72 44.32
N VAL Y 168 -6.54 -65.45 43.99
CA VAL Y 168 -5.35 -64.78 44.49
C VAL Y 168 -5.57 -63.63 45.46
N GLY Y 169 -6.82 -63.44 45.88
CA GLY Y 169 -7.13 -62.35 46.81
C GLY Y 169 -7.49 -61.10 46.04
N LYS Y 170 -8.23 -60.18 46.65
CA LYS Y 170 -8.61 -58.97 45.92
C LYS Y 170 -7.47 -57.95 45.81
N GLU Y 171 -6.31 -58.31 46.34
CA GLU Y 171 -5.13 -57.44 46.27
C GLU Y 171 -4.04 -58.23 45.53
N GLY Y 172 -4.44 -59.30 44.87
CA GLY Y 172 -3.49 -60.12 44.14
C GLY Y 172 -3.33 -59.75 42.68
N VAL Y 173 -2.24 -60.20 42.08
CA VAL Y 173 -1.98 -59.91 40.68
C VAL Y 173 -2.90 -60.70 39.75
N ILE Y 174 -3.51 -59.99 38.81
CA ILE Y 174 -4.41 -60.61 37.84
C ILE Y 174 -4.11 -60.02 36.45
N THR Y 175 -3.91 -60.89 35.46
CA THR Y 175 -3.61 -60.46 34.09
C THR Y 175 -4.63 -61.05 33.13
N VAL Y 176 -4.81 -60.43 31.97
CA VAL Y 176 -5.75 -60.96 30.98
C VAL Y 176 -4.99 -61.21 29.68
N GLU Y 177 -5.34 -62.29 28.98
CA GLU Y 177 -4.70 -62.62 27.72
C GLU Y 177 -5.72 -63.16 26.74
N ASP Y 178 -5.36 -63.15 25.46
CA ASP Y 178 -6.25 -63.68 24.42
C ASP Y 178 -6.44 -65.14 24.75
N GLY Y 179 -7.64 -65.67 24.52
CA GLY Y 179 -7.89 -67.06 24.82
C GLY Y 179 -7.44 -68.01 23.73
N THR Y 180 -7.54 -69.30 24.02
CA THR Y 180 -7.17 -70.33 23.05
C THR Y 180 -8.34 -70.57 22.10
N GLY Y 181 -9.48 -69.93 22.39
CA GLY Y 181 -10.64 -70.07 21.53
C GLY Y 181 -11.94 -70.52 22.18
N LEU Y 182 -12.91 -69.61 22.30
CA LEU Y 182 -14.22 -69.90 22.88
C LEU Y 182 -14.08 -70.48 24.27
N GLN Y 183 -14.79 -69.89 25.23
CA GLN Y 183 -14.75 -70.34 26.62
C GLN Y 183 -13.52 -69.78 27.32
N ASP Y 184 -13.76 -69.08 28.42
CA ASP Y 184 -12.69 -68.48 29.20
C ASP Y 184 -11.90 -69.54 29.96
N GLU Y 185 -10.75 -69.13 30.49
CA GLU Y 185 -9.89 -70.04 31.27
C GLU Y 185 -9.24 -69.21 32.36
N LEU Y 186 -9.23 -69.73 33.58
CA LEU Y 186 -8.61 -69.03 34.69
C LEU Y 186 -7.52 -69.92 35.26
N ASP Y 187 -6.30 -69.43 35.23
CA ASP Y 187 -5.20 -70.23 35.75
C ASP Y 187 -4.29 -69.38 36.62
N VAL Y 188 -3.79 -69.98 37.68
CA VAL Y 188 -2.89 -69.27 38.54
C VAL Y 188 -1.53 -69.89 38.28
N VAL Y 189 -0.55 -69.07 37.93
CA VAL Y 189 0.76 -69.60 37.65
C VAL Y 189 1.81 -68.89 38.47
N GLU Y 190 3.06 -69.33 38.34
CA GLU Y 190 4.14 -68.69 39.08
C GLU Y 190 4.40 -67.38 38.37
N GLY Y 191 4.28 -66.29 39.10
CA GLY Y 191 4.51 -64.99 38.51
C GLY Y 191 4.74 -63.93 39.57
N MET Y 192 4.94 -62.71 39.12
CA MET Y 192 5.19 -61.62 40.04
C MET Y 192 4.98 -60.28 39.35
N GLN Y 193 4.90 -59.21 40.15
CA GLN Y 193 4.68 -57.87 39.61
C GLN Y 193 5.34 -56.80 40.49
N PHE Y 194 6.17 -55.94 39.89
CA PHE Y 194 6.81 -54.88 40.66
C PHE Y 194 6.58 -53.50 40.05
N ASP Y 195 6.82 -52.45 40.84
CA ASP Y 195 6.61 -51.07 40.40
C ASP Y 195 7.75 -50.41 39.65
N ARG Y 196 7.94 -50.83 38.41
CA ARG Y 196 8.96 -50.28 37.54
C ARG Y 196 8.42 -50.35 36.12
N GLY Y 197 8.33 -49.20 35.46
CA GLY Y 197 7.83 -49.18 34.10
C GLY Y 197 8.96 -49.29 33.10
N TYR Y 198 8.63 -49.24 31.81
CA TYR Y 198 9.65 -49.33 30.77
C TYR Y 198 10.64 -48.18 30.90
N LEU Y 199 11.88 -48.42 30.50
CA LEU Y 199 12.92 -47.41 30.59
C LEU Y 199 12.82 -46.40 29.48
N SER Y 200 11.73 -46.48 28.72
CA SER Y 200 11.48 -45.55 27.62
C SER Y 200 10.38 -46.12 26.73
N PRO Y 201 9.60 -45.23 26.08
CA PRO Y 201 8.57 -45.82 25.23
C PRO Y 201 9.34 -46.48 24.09
N TYR Y 202 8.82 -46.45 22.87
CA TYR Y 202 9.52 -47.09 21.77
C TYR Y 202 9.50 -48.61 21.96
N PHE Y 203 9.76 -49.05 23.19
CA PHE Y 203 9.72 -50.47 23.51
C PHE Y 203 8.27 -50.90 23.31
N ILE Y 204 7.37 -49.95 23.57
CA ILE Y 204 5.94 -50.18 23.42
C ILE Y 204 5.62 -50.81 22.07
N ASN Y 205 5.04 -52.00 22.09
CA ASN Y 205 4.66 -52.68 20.86
C ASN Y 205 3.15 -52.88 20.83
N LYS Y 206 2.46 -52.25 21.76
CA LYS Y 206 0.99 -52.32 21.84
C LYS Y 206 0.50 -50.93 22.25
N PRO Y 207 0.63 -49.95 21.34
CA PRO Y 207 0.23 -48.55 21.52
C PRO Y 207 -1.19 -48.32 22.03
N GLU Y 208 -2.09 -49.24 21.69
CA GLU Y 208 -3.48 -49.12 22.13
C GLU Y 208 -3.52 -49.03 23.64
N THR Y 209 -2.66 -49.82 24.27
CA THR Y 209 -2.56 -49.88 25.73
C THR Y 209 -1.31 -49.19 26.23
N GLY Y 210 -0.47 -48.74 25.31
CA GLY Y 210 0.76 -48.08 25.71
C GLY Y 210 1.53 -49.02 26.61
N ALA Y 211 1.64 -50.26 26.17
CA ALA Y 211 2.33 -51.31 26.92
C ALA Y 211 3.36 -52.10 26.08
N VAL Y 212 4.28 -52.76 26.78
CA VAL Y 212 5.29 -53.58 26.12
C VAL Y 212 4.88 -55.01 26.44
N GLU Y 213 4.79 -55.85 25.42
CA GLU Y 213 4.37 -57.24 25.62
C GLU Y 213 5.32 -58.21 24.94
N LEU Y 214 6.06 -58.96 25.73
CA LEU Y 214 7.02 -59.93 25.21
C LEU Y 214 6.52 -61.35 25.40
N GLU Y 215 6.78 -62.20 24.41
CA GLU Y 215 6.32 -63.59 24.48
C GLU Y 215 7.48 -64.58 24.59
N SER Y 216 7.43 -65.42 25.61
CA SER Y 216 8.48 -66.41 25.84
C SER Y 216 9.83 -65.72 25.87
N PRO Y 217 9.94 -64.64 26.66
CA PRO Y 217 11.20 -63.90 26.75
C PRO Y 217 12.23 -64.42 27.77
N PHE Y 218 13.50 -64.13 27.50
CA PHE Y 218 14.58 -64.49 28.40
C PHE Y 218 14.58 -63.33 29.36
N ILE Y 219 15.25 -63.47 30.48
CA ILE Y 219 15.29 -62.39 31.45
C ILE Y 219 16.70 -62.25 32.03
N LEU Y 220 17.33 -61.12 31.72
CA LEU Y 220 18.68 -60.83 32.22
C LEU Y 220 18.59 -59.99 33.48
N LEU Y 221 19.11 -60.54 34.57
CA LEU Y 221 19.09 -59.82 35.84
C LEU Y 221 20.52 -59.35 36.11
N ALA Y 222 20.72 -58.05 36.09
CA ALA Y 222 22.03 -57.49 36.33
C ALA Y 222 22.01 -56.46 37.46
N ASP Y 223 22.71 -56.76 38.54
CA ASP Y 223 22.77 -55.87 39.71
C ASP Y 223 23.80 -54.77 39.49
N LYS Y 224 23.61 -53.96 38.46
CA LYS Y 224 24.52 -52.87 38.13
C LYS Y 224 23.90 -51.96 37.08
N LYS Y 225 24.59 -50.86 36.77
CA LYS Y 225 24.10 -49.92 35.78
C LYS Y 225 24.83 -50.22 34.47
N ILE Y 226 24.10 -50.20 33.36
CA ILE Y 226 24.70 -50.49 32.07
C ILE Y 226 24.94 -49.25 31.22
N SER Y 227 26.20 -48.97 30.92
CA SER Y 227 26.58 -47.81 30.12
C SER Y 227 27.03 -48.20 28.73
N ASN Y 228 28.04 -49.06 28.67
CA ASN Y 228 28.60 -49.52 27.42
C ASN Y 228 27.83 -50.74 26.95
N ILE Y 229 27.02 -50.58 25.93
CA ILE Y 229 26.24 -51.70 25.44
C ILE Y 229 27.12 -52.82 24.87
N ARG Y 230 28.43 -52.60 24.84
CA ARG Y 230 29.36 -53.61 24.36
C ARG Y 230 29.27 -54.85 25.26
N GLU Y 231 29.23 -54.63 26.57
CA GLU Y 231 29.13 -55.72 27.55
C GLU Y 231 28.05 -56.71 27.19
N MET Y 232 26.97 -56.18 26.62
CA MET Y 232 25.80 -56.97 26.23
C MET Y 232 25.97 -57.85 24.99
N LEU Y 233 26.61 -57.31 23.96
CA LEU Y 233 26.81 -58.01 22.70
C LEU Y 233 26.87 -59.54 22.78
N PRO Y 234 27.84 -60.10 23.52
CA PRO Y 234 27.89 -61.56 23.58
C PRO Y 234 26.56 -62.20 23.96
N VAL Y 235 25.86 -61.62 24.94
CA VAL Y 235 24.58 -62.15 25.39
C VAL Y 235 23.47 -61.86 24.39
N LEU Y 236 23.41 -60.63 23.91
CA LEU Y 236 22.39 -60.23 22.94
C LEU Y 236 22.47 -61.08 21.68
N GLU Y 237 23.68 -61.37 21.22
CA GLU Y 237 23.86 -62.19 20.04
C GLU Y 237 23.25 -63.57 20.31
N ALA Y 238 23.44 -64.07 21.53
CA ALA Y 238 22.90 -65.38 21.90
C ALA Y 238 21.38 -65.34 21.85
N VAL Y 239 20.82 -64.25 22.36
CA VAL Y 239 19.37 -64.09 22.37
C VAL Y 239 18.90 -63.79 20.94
N ALA Y 240 19.78 -63.21 20.13
CA ALA Y 240 19.48 -62.91 18.74
C ALA Y 240 19.08 -64.22 18.09
N LYS Y 241 19.96 -65.22 18.18
CA LYS Y 241 19.64 -66.54 17.66
C LYS Y 241 18.59 -67.00 18.65
N ALA Y 242 18.01 -68.17 18.45
CA ALA Y 242 16.96 -68.63 19.35
C ALA Y 242 15.69 -67.82 19.10
N GLY Y 243 15.87 -66.64 18.50
CA GLY Y 243 14.75 -65.77 18.18
C GLY Y 243 13.74 -65.55 19.29
N LYS Y 244 14.22 -65.14 20.46
CA LYS Y 244 13.36 -64.88 21.59
C LYS Y 244 13.59 -63.47 22.11
N PRO Y 245 12.55 -62.83 22.62
CA PRO Y 245 12.71 -61.46 23.14
C PRO Y 245 13.47 -61.49 24.45
N LEU Y 246 14.04 -60.35 24.82
CA LEU Y 246 14.82 -60.24 26.06
C LEU Y 246 14.39 -59.08 26.95
N LEU Y 247 14.17 -59.38 28.22
CA LEU Y 247 13.81 -58.35 29.18
C LEU Y 247 15.04 -58.07 30.02
N ILE Y 248 15.50 -56.83 30.02
CA ILE Y 248 16.67 -56.46 30.80
C ILE Y 248 16.21 -55.84 32.10
N ILE Y 249 16.62 -56.43 33.22
CA ILE Y 249 16.26 -55.88 34.52
C ILE Y 249 17.58 -55.49 35.17
N ALA Y 250 17.99 -54.24 35.00
CA ALA Y 250 19.24 -53.76 35.57
C ALA Y 250 19.01 -52.61 36.55
N GLU Y 251 20.06 -52.23 37.27
CA GLU Y 251 19.95 -51.15 38.21
C GLU Y 251 19.56 -49.91 37.41
N ASP Y 252 19.90 -49.94 36.12
CA ASP Y 252 19.58 -48.85 35.22
C ASP Y 252 20.29 -49.01 33.87
N VAL Y 253 19.65 -48.54 32.81
CA VAL Y 253 20.24 -48.60 31.46
C VAL Y 253 20.36 -47.17 30.95
N GLU Y 254 21.60 -46.69 30.86
CA GLU Y 254 21.85 -45.33 30.44
C GLU Y 254 21.63 -44.99 28.97
N GLY Y 255 21.36 -43.70 28.76
CA GLY Y 255 21.10 -43.15 27.44
C GLY Y 255 21.58 -43.83 26.17
N GLU Y 256 22.88 -43.79 25.90
CA GLU Y 256 23.41 -44.40 24.68
C GLU Y 256 23.08 -45.90 24.58
N ALA Y 257 23.35 -46.65 25.64
CA ALA Y 257 23.06 -48.08 25.65
C ALA Y 257 21.58 -48.31 25.33
N LEU Y 258 20.71 -47.55 26.00
CA LEU Y 258 19.27 -47.65 25.79
C LEU Y 258 18.92 -47.33 24.33
N ALA Y 259 19.54 -46.30 23.80
CA ALA Y 259 19.31 -45.88 22.43
C ALA Y 259 19.61 -47.04 21.48
N THR Y 260 20.73 -47.72 21.73
CA THR Y 260 21.13 -48.86 20.92
C THR Y 260 20.05 -49.93 20.94
N LEU Y 261 19.57 -50.28 22.13
CA LEU Y 261 18.54 -51.30 22.24
C LEU Y 261 17.30 -50.95 21.40
N VAL Y 262 16.80 -49.73 21.58
CA VAL Y 262 15.63 -49.30 20.81
C VAL Y 262 15.85 -49.45 19.31
N VAL Y 263 16.92 -48.84 18.80
CA VAL Y 263 17.25 -48.91 17.39
C VAL Y 263 17.27 -50.34 16.86
N ASN Y 264 18.16 -51.16 17.41
CA ASN Y 264 18.30 -52.55 16.98
C ASN Y 264 17.06 -53.43 17.08
N THR Y 265 16.25 -53.30 18.13
CA THR Y 265 15.06 -54.14 18.21
C THR Y 265 14.07 -53.63 17.19
N MET Y 266 14.21 -52.36 16.83
CA MET Y 266 13.34 -51.70 15.87
C MET Y 266 13.72 -52.09 14.43
N ARG Y 267 14.89 -52.70 14.28
CA ARG Y 267 15.34 -53.14 12.96
C ARG Y 267 15.11 -54.62 12.78
N GLY Y 268 14.45 -55.24 13.76
CA GLY Y 268 14.15 -56.66 13.66
C GLY Y 268 15.17 -57.57 14.31
N ILE Y 269 16.40 -57.08 14.43
CA ILE Y 269 17.47 -57.85 15.05
C ILE Y 269 17.38 -57.76 16.56
N VAL Y 270 16.95 -58.84 17.21
CA VAL Y 270 16.86 -58.87 18.66
C VAL Y 270 15.81 -57.94 19.26
N LYS Y 271 14.83 -58.52 19.96
CA LYS Y 271 13.80 -57.73 20.62
C LYS Y 271 14.15 -57.58 22.10
N VAL Y 272 14.38 -56.34 22.52
CA VAL Y 272 14.75 -56.08 23.90
C VAL Y 272 13.84 -55.05 24.55
N ALA Y 273 13.84 -55.06 25.87
CA ALA Y 273 13.05 -54.15 26.69
C ALA Y 273 13.73 -54.12 28.04
N ALA Y 274 13.96 -52.93 28.58
CA ALA Y 274 14.62 -52.80 29.87
C ALA Y 274 13.81 -52.01 30.87
N VAL Y 275 14.03 -52.31 32.15
CA VAL Y 275 13.35 -51.63 33.24
C VAL Y 275 14.28 -51.69 34.46
N LYS Y 276 14.19 -50.70 35.34
CA LYS Y 276 15.04 -50.69 36.53
C LYS Y 276 14.67 -51.82 37.48
N ALA Y 277 15.63 -52.24 38.29
CA ALA Y 277 15.38 -53.29 39.27
C ALA Y 277 14.46 -52.71 40.34
N PRO Y 278 13.57 -53.54 40.89
CA PRO Y 278 12.64 -53.08 41.93
C PRO Y 278 13.31 -52.62 43.22
N GLY Y 279 12.70 -51.66 43.87
CA GLY Y 279 13.24 -51.16 45.11
C GLY Y 279 14.62 -50.54 45.03
N PHE Y 280 15.18 -50.23 46.19
CA PHE Y 280 16.50 -49.63 46.27
C PHE Y 280 17.23 -50.17 47.48
N GLY Y 281 18.49 -49.78 47.64
CA GLY Y 281 19.28 -50.24 48.77
C GLY Y 281 19.50 -51.74 48.82
N ASP Y 282 19.29 -52.32 50.00
CA ASP Y 282 19.47 -53.76 50.19
C ASP Y 282 18.25 -54.57 49.76
N ARG Y 283 17.05 -54.06 50.01
CA ARG Y 283 15.85 -54.78 49.61
C ARG Y 283 15.80 -54.93 48.08
N ARG Y 284 16.74 -54.28 47.40
CA ARG Y 284 16.80 -54.34 45.95
C ARG Y 284 17.55 -55.60 45.53
N LYS Y 285 18.72 -55.81 46.14
CA LYS Y 285 19.54 -56.98 45.83
C LYS Y 285 18.74 -58.25 46.15
N ALA Y 286 17.94 -58.19 47.21
CA ALA Y 286 17.13 -59.34 47.60
C ALA Y 286 16.04 -59.60 46.56
N MET Y 287 15.26 -58.57 46.22
CA MET Y 287 14.20 -58.72 45.26
C MET Y 287 14.73 -59.19 43.91
N LEU Y 288 15.89 -58.67 43.53
CA LEU Y 288 16.47 -59.05 42.26
C LEU Y 288 16.65 -60.55 42.23
N GLN Y 289 17.00 -61.09 43.40
CA GLN Y 289 17.22 -62.53 43.52
C GLN Y 289 15.91 -63.28 43.41
N ASP Y 290 14.88 -62.77 44.08
CA ASP Y 290 13.59 -63.42 44.05
C ASP Y 290 13.19 -63.65 42.59
N ILE Y 291 13.32 -62.60 41.79
CA ILE Y 291 12.95 -62.69 40.38
C ILE Y 291 13.77 -63.78 39.71
N ALA Y 292 15.05 -63.87 40.09
CA ALA Y 292 15.94 -64.87 39.53
C ALA Y 292 15.39 -66.27 39.82
N THR Y 293 15.13 -66.53 41.09
CA THR Y 293 14.61 -67.82 41.52
C THR Y 293 13.27 -68.12 40.88
N LEU Y 294 12.43 -67.10 40.78
CA LEU Y 294 11.09 -67.23 40.20
C LEU Y 294 11.14 -67.57 38.71
N THR Y 295 12.12 -67.02 38.00
CA THR Y 295 12.27 -67.25 36.58
C THR Y 295 13.41 -68.22 36.23
N GLY Y 296 14.06 -68.78 37.25
CA GLY Y 296 15.14 -69.71 37.01
C GLY Y 296 16.36 -69.08 36.38
N GLY Y 297 16.58 -67.82 36.70
CA GLY Y 297 17.73 -67.14 36.14
C GLY Y 297 18.77 -66.89 37.21
N THR Y 298 19.94 -66.41 36.79
CA THR Y 298 21.03 -66.13 37.71
C THR Y 298 21.33 -64.65 37.72
N VAL Y 299 21.31 -64.04 38.91
CA VAL Y 299 21.61 -62.63 39.02
C VAL Y 299 23.09 -62.43 38.72
N ILE Y 300 23.39 -61.40 37.93
CA ILE Y 300 24.77 -61.08 37.56
C ILE Y 300 25.25 -59.81 38.24
N SER Y 301 25.94 -59.97 39.37
CA SER Y 301 26.45 -58.84 40.13
C SER Y 301 27.97 -58.73 40.07
N GLU Y 302 28.47 -57.49 40.02
CA GLU Y 302 29.90 -57.21 39.96
C GLU Y 302 30.57 -57.55 41.29
N GLU Y 303 29.84 -57.37 42.38
CA GLU Y 303 30.36 -57.65 43.71
C GLU Y 303 31.03 -59.02 43.74
N ILE Y 304 30.28 -60.07 43.40
CA ILE Y 304 30.81 -61.44 43.39
C ILE Y 304 31.88 -61.60 42.31
N GLY Y 305 32.00 -60.59 41.45
CA GLY Y 305 33.00 -60.62 40.40
C GLY Y 305 32.54 -61.19 39.08
N MET Y 306 31.23 -61.21 38.85
CA MET Y 306 30.68 -61.73 37.61
C MET Y 306 30.71 -60.66 36.53
N GLU Y 307 30.81 -61.09 35.28
CA GLU Y 307 30.85 -60.16 34.14
C GLU Y 307 29.73 -60.46 33.14
N LEU Y 308 29.21 -59.41 32.51
CA LEU Y 308 28.15 -59.59 31.54
C LEU Y 308 28.64 -60.29 30.28
N GLU Y 309 29.86 -59.97 29.86
CA GLU Y 309 30.41 -60.58 28.66
C GLU Y 309 30.44 -62.09 28.77
N LYS Y 310 30.61 -62.60 29.99
CA LYS Y 310 30.69 -64.05 30.18
C LYS Y 310 29.35 -64.66 30.55
N ALA Y 311 28.27 -63.93 30.29
CA ALA Y 311 26.94 -64.44 30.61
C ALA Y 311 26.36 -65.19 29.42
N THR Y 312 25.86 -66.40 29.67
CA THR Y 312 25.27 -67.22 28.61
C THR Y 312 23.76 -67.32 28.78
N LEU Y 313 23.08 -67.86 27.78
CA LEU Y 313 21.63 -68.00 27.85
C LEU Y 313 21.22 -68.75 29.11
N GLU Y 314 22.07 -69.67 29.56
CA GLU Y 314 21.75 -70.46 30.74
C GLU Y 314 21.65 -69.62 32.01
N ASP Y 315 22.28 -68.45 32.00
CA ASP Y 315 22.24 -67.55 33.17
C ASP Y 315 20.93 -66.76 33.19
N LEU Y 316 20.34 -66.61 32.00
CA LEU Y 316 19.09 -65.86 31.84
C LEU Y 316 17.86 -66.60 32.40
N GLY Y 317 16.94 -65.82 32.98
CA GLY Y 317 15.72 -66.38 33.53
C GLY Y 317 14.80 -66.65 32.35
N GLN Y 318 13.54 -66.98 32.62
CA GLN Y 318 12.64 -67.28 31.53
C GLN Y 318 11.19 -67.30 32.02
N ALA Y 319 10.28 -66.80 31.19
CA ALA Y 319 8.86 -66.75 31.53
C ALA Y 319 8.05 -66.80 30.25
N LYS Y 320 6.78 -67.20 30.35
CA LYS Y 320 5.93 -67.28 29.15
C LYS Y 320 5.47 -65.94 28.62
N ARG Y 321 5.42 -64.93 29.48
CA ARG Y 321 4.96 -63.62 29.06
C ARG Y 321 5.24 -62.54 30.09
N VAL Y 322 5.71 -61.39 29.63
CA VAL Y 322 5.97 -60.26 30.52
C VAL Y 322 5.23 -59.07 29.94
N VAL Y 323 4.69 -58.24 30.82
CA VAL Y 323 3.97 -57.06 30.36
C VAL Y 323 4.46 -55.81 31.09
N ILE Y 324 4.98 -54.85 30.31
CA ILE Y 324 5.49 -53.62 30.88
C ILE Y 324 4.60 -52.40 30.65
N ASN Y 325 4.40 -51.65 31.72
CA ASN Y 325 3.56 -50.46 31.73
C ASN Y 325 4.38 -49.19 31.77
N LYS Y 326 3.66 -48.08 31.90
CA LYS Y 326 4.24 -46.76 32.01
C LYS Y 326 5.00 -46.75 33.34
N ASP Y 327 4.58 -47.62 34.26
CA ASP Y 327 5.25 -47.72 35.55
C ASP Y 327 5.01 -49.03 36.31
N THR Y 328 4.92 -50.13 35.56
CA THR Y 328 4.70 -51.45 36.16
C THR Y 328 5.25 -52.56 35.27
N THR Y 329 5.77 -53.61 35.90
CA THR Y 329 6.29 -54.76 35.16
C THR Y 329 5.73 -56.02 35.81
N THR Y 330 5.14 -56.89 35.00
CA THR Y 330 4.55 -58.11 35.52
C THR Y 330 5.03 -59.36 34.75
N ILE Y 331 5.67 -60.28 35.48
CA ILE Y 331 6.22 -61.52 34.92
C ILE Y 331 5.21 -62.66 35.08
N ILE Y 332 4.83 -63.27 33.96
CA ILE Y 332 3.83 -64.32 33.98
C ILE Y 332 4.35 -65.71 33.62
N ASP Y 333 4.12 -66.65 34.53
CA ASP Y 333 4.54 -68.04 34.38
C ASP Y 333 6.05 -68.20 34.29
N GLY Y 334 6.71 -68.05 35.44
CA GLY Y 334 8.16 -68.18 35.50
C GLY Y 334 8.59 -69.64 35.43
N VAL Y 335 9.72 -69.90 34.78
CA VAL Y 335 10.24 -71.25 34.63
C VAL Y 335 10.84 -71.82 35.91
N GLY Y 336 11.28 -70.93 36.80
CA GLY Y 336 11.87 -71.37 38.05
C GLY Y 336 11.22 -72.63 38.62
N GLU Y 337 12.04 -73.54 39.14
CA GLU Y 337 11.55 -74.79 39.72
C GLU Y 337 10.79 -74.54 41.00
N GLU Y 338 9.64 -75.18 41.14
CA GLU Y 338 8.82 -75.01 42.33
C GLU Y 338 9.60 -75.35 43.59
N ALA Y 339 10.58 -76.25 43.45
CA ALA Y 339 11.41 -76.65 44.57
C ALA Y 339 12.22 -75.46 45.04
N ALA Y 340 12.84 -74.77 44.10
CA ALA Y 340 13.66 -73.60 44.41
C ALA Y 340 12.81 -72.42 44.87
N ILE Y 341 11.71 -72.18 44.16
CA ILE Y 341 10.83 -71.09 44.52
C ILE Y 341 10.25 -71.29 45.91
N GLN Y 342 9.59 -72.43 46.11
CA GLN Y 342 8.98 -72.75 47.38
C GLN Y 342 9.99 -72.76 48.53
N GLY Y 343 11.22 -73.17 48.23
CA GLY Y 343 12.25 -73.20 49.25
C GLY Y 343 12.64 -71.78 49.59
N ARG Y 344 12.69 -70.92 48.57
CA ARG Y 344 13.04 -69.52 48.74
C ARG Y 344 12.03 -68.86 49.68
N VAL Y 345 10.76 -69.20 49.50
CA VAL Y 345 9.68 -68.67 50.33
C VAL Y 345 9.93 -69.02 51.79
N ALA Y 346 10.39 -70.25 52.02
CA ALA Y 346 10.69 -70.73 53.36
C ALA Y 346 11.74 -69.85 54.03
N GLN Y 347 12.81 -69.56 53.31
CA GLN Y 347 13.89 -68.73 53.83
C GLN Y 347 13.40 -67.36 54.27
N ILE Y 348 12.51 -66.76 53.47
CA ILE Y 348 11.98 -65.44 53.77
C ILE Y 348 11.04 -65.48 54.98
N ARG Y 349 10.32 -66.59 55.13
CA ARG Y 349 9.41 -66.73 56.26
C ARG Y 349 10.14 -66.87 57.60
N GLN Y 350 11.38 -67.32 57.57
CA GLN Y 350 12.17 -67.43 58.78
C GLN Y 350 12.70 -66.04 59.08
N GLN Y 351 12.98 -65.30 58.01
CA GLN Y 351 13.47 -63.93 58.14
C GLN Y 351 12.45 -63.18 58.98
N ILE Y 352 11.17 -63.44 58.67
CA ILE Y 352 10.07 -62.80 59.37
C ILE Y 352 10.05 -63.17 60.84
N GLU Y 353 10.56 -64.36 61.17
CA GLU Y 353 10.62 -64.82 62.55
C GLU Y 353 11.74 -64.06 63.26
N GLU Y 354 12.94 -64.15 62.69
CA GLU Y 354 14.13 -63.50 63.21
C GLU Y 354 14.02 -61.98 63.09
N ALA Y 355 12.88 -61.52 62.59
CA ALA Y 355 12.63 -60.09 62.41
C ALA Y 355 12.56 -59.35 63.75
N THR Y 356 13.46 -58.38 63.92
CA THR Y 356 13.51 -57.58 65.15
C THR Y 356 12.91 -56.20 64.89
N SER Y 357 11.93 -56.14 63.99
CA SER Y 357 11.28 -54.88 63.64
C SER Y 357 9.97 -55.12 62.89
N ASP Y 358 9.08 -54.14 62.92
CA ASP Y 358 7.81 -54.24 62.22
C ASP Y 358 8.00 -53.89 60.76
N TYR Y 359 8.80 -52.85 60.51
CA TYR Y 359 9.07 -52.44 59.15
C TYR Y 359 9.72 -53.59 58.40
N ASP Y 360 10.88 -54.03 58.88
CA ASP Y 360 11.61 -55.13 58.26
C ASP Y 360 10.70 -56.35 58.09
N ARG Y 361 9.69 -56.46 58.96
CA ARG Y 361 8.75 -57.56 58.91
C ARG Y 361 7.76 -57.36 57.76
N GLU Y 362 7.23 -56.14 57.65
CA GLU Y 362 6.27 -55.82 56.59
C GLU Y 362 6.90 -56.01 55.21
N LYS Y 363 8.16 -55.62 55.09
CA LYS Y 363 8.89 -55.74 53.83
C LYS Y 363 9.09 -57.19 53.41
N LEU Y 364 9.35 -58.05 54.39
CA LEU Y 364 9.56 -59.47 54.10
C LEU Y 364 8.26 -60.13 53.67
N GLN Y 365 7.17 -59.74 54.32
CA GLN Y 365 5.86 -60.30 53.98
C GLN Y 365 5.51 -59.92 52.55
N GLU Y 366 5.79 -58.69 52.17
CA GLU Y 366 5.52 -58.23 50.82
C GLU Y 366 6.19 -59.14 49.81
N ARG Y 367 7.44 -59.50 50.07
CA ARG Y 367 8.19 -60.36 49.17
C ARG Y 367 7.62 -61.76 49.02
N VAL Y 368 7.27 -62.39 50.13
CA VAL Y 368 6.71 -63.73 50.04
C VAL Y 368 5.36 -63.68 49.31
N ALA Y 369 4.56 -62.67 49.63
CA ALA Y 369 3.25 -62.53 49.02
C ALA Y 369 3.41 -62.55 47.51
N LYS Y 370 4.44 -61.88 47.01
CA LYS Y 370 4.69 -61.83 45.58
C LYS Y 370 5.09 -63.20 45.07
N LEU Y 371 6.13 -63.74 45.67
CA LEU Y 371 6.67 -65.03 45.31
C LEU Y 371 5.69 -66.18 45.47
N ALA Y 372 5.02 -66.24 46.62
CA ALA Y 372 4.08 -67.31 46.91
C ALA Y 372 2.71 -67.12 46.27
N GLY Y 373 2.26 -65.87 46.21
CA GLY Y 373 0.94 -65.59 45.67
C GLY Y 373 0.69 -65.93 44.21
N GLY Y 374 1.72 -65.84 43.39
CA GLY Y 374 1.55 -66.16 41.99
C GLY Y 374 0.78 -65.08 41.25
N VAL Y 375 0.23 -65.46 40.09
CA VAL Y 375 -0.51 -64.53 39.23
C VAL Y 375 -1.72 -65.22 38.59
N ALA Y 376 -2.88 -64.59 38.74
CA ALA Y 376 -4.11 -65.12 38.16
C ALA Y 376 -4.16 -64.70 36.70
N VAL Y 377 -4.26 -65.69 35.83
CA VAL Y 377 -4.31 -65.42 34.41
C VAL Y 377 -5.69 -65.72 33.82
N ILE Y 378 -6.39 -64.67 33.39
CA ILE Y 378 -7.70 -64.80 32.78
C ILE Y 378 -7.53 -64.84 31.26
N LYS Y 379 -7.96 -65.94 30.64
CA LYS Y 379 -7.85 -66.07 29.19
C LYS Y 379 -9.24 -65.87 28.60
N VAL Y 380 -9.46 -64.68 28.05
CA VAL Y 380 -10.76 -64.32 27.49
C VAL Y 380 -11.27 -65.27 26.44
N GLY Y 381 -12.57 -65.59 26.55
CA GLY Y 381 -13.26 -66.50 25.62
C GLY Y 381 -13.09 -66.07 24.17
N ALA Y 382 -13.93 -66.56 23.27
CA ALA Y 382 -13.73 -66.18 21.88
C ALA Y 382 -14.88 -66.26 20.90
N ALA Y 383 -14.66 -67.02 19.82
CA ALA Y 383 -15.62 -67.16 18.72
C ALA Y 383 -15.40 -65.93 17.87
N THR Y 384 -14.38 -65.99 17.01
CA THR Y 384 -13.93 -64.92 16.10
C THR Y 384 -12.92 -64.01 16.80
N GLU Y 385 -11.79 -63.81 16.14
CA GLU Y 385 -10.71 -62.99 16.66
C GLU Y 385 -11.16 -61.58 17.04
N VAL Y 386 -12.16 -61.06 16.36
CA VAL Y 386 -12.64 -59.71 16.64
C VAL Y 386 -13.36 -59.62 17.99
N GLU Y 387 -14.38 -60.45 18.19
CA GLU Y 387 -15.13 -60.44 19.44
C GLU Y 387 -14.20 -60.71 20.61
N MET Y 388 -13.26 -61.62 20.39
CA MET Y 388 -12.30 -61.99 21.43
C MET Y 388 -11.50 -60.78 21.90
N LYS Y 389 -11.02 -59.97 20.95
CA LYS Y 389 -10.24 -58.79 21.30
C LYS Y 389 -11.11 -57.72 21.97
N GLU Y 390 -12.38 -57.66 21.58
CA GLU Y 390 -13.31 -56.68 22.13
C GLU Y 390 -13.71 -57.02 23.57
N LYS Y 391 -13.90 -58.31 23.83
CA LYS Y 391 -14.26 -58.77 25.16
C LYS Y 391 -13.07 -58.58 26.09
N LYS Y 392 -11.88 -58.88 25.57
CA LYS Y 392 -10.65 -58.75 26.32
C LYS Y 392 -10.51 -57.33 26.85
N ALA Y 393 -11.00 -56.38 26.08
CA ALA Y 393 -10.93 -54.98 26.47
C ALA Y 393 -11.88 -54.71 27.63
N ARG Y 394 -13.13 -55.15 27.50
CA ARG Y 394 -14.13 -54.94 28.54
C ARG Y 394 -13.69 -55.59 29.84
N VAL Y 395 -13.05 -56.75 29.74
CA VAL Y 395 -12.56 -57.45 30.91
C VAL Y 395 -11.49 -56.62 31.59
N GLU Y 396 -10.52 -56.15 30.81
CA GLU Y 396 -9.44 -55.35 31.33
C GLU Y 396 -9.94 -54.11 32.07
N ASP Y 397 -10.96 -53.46 31.51
CA ASP Y 397 -11.51 -52.27 32.17
C ASP Y 397 -12.27 -52.67 33.42
N ALA Y 398 -13.18 -53.63 33.27
CA ALA Y 398 -13.97 -54.12 34.39
C ALA Y 398 -13.04 -54.49 35.53
N LEU Y 399 -11.87 -55.01 35.19
CA LEU Y 399 -10.90 -55.40 36.22
C LEU Y 399 -10.43 -54.18 37.00
N HIS Y 400 -9.96 -53.14 36.30
CA HIS Y 400 -9.49 -51.92 36.95
C HIS Y 400 -10.57 -51.30 37.82
N ALA Y 401 -11.81 -51.30 37.32
CA ALA Y 401 -12.93 -50.75 38.05
C ALA Y 401 -13.20 -51.52 39.34
N THR Y 402 -13.22 -52.84 39.22
CA THR Y 402 -13.49 -53.70 40.36
C THR Y 402 -12.36 -53.56 41.39
N ARG Y 403 -11.11 -53.49 40.92
CA ARG Y 403 -9.97 -53.37 41.81
C ARG Y 403 -10.10 -52.12 42.68
N ALA Y 404 -10.51 -51.02 42.04
CA ALA Y 404 -10.69 -49.76 42.75
C ALA Y 404 -11.89 -49.83 43.69
N ALA Y 405 -12.97 -50.45 43.23
CA ALA Y 405 -14.17 -50.59 44.05
C ALA Y 405 -13.88 -51.39 45.32
N VAL Y 406 -12.97 -52.36 45.19
CA VAL Y 406 -12.60 -53.21 46.32
C VAL Y 406 -11.77 -52.44 47.34
N GLU Y 407 -11.05 -51.43 46.87
CA GLU Y 407 -10.21 -50.61 47.75
C GLU Y 407 -10.93 -49.52 48.54
N GLU Y 408 -11.91 -48.87 47.92
CA GLU Y 408 -12.62 -47.80 48.60
C GLU Y 408 -14.13 -47.78 48.45
N GLY Y 409 -14.69 -48.85 47.90
CA GLY Y 409 -16.13 -48.89 47.76
C GLY Y 409 -16.64 -48.15 46.54
N VAL Y 410 -17.95 -47.94 46.50
CA VAL Y 410 -18.56 -47.25 45.38
C VAL Y 410 -19.52 -46.15 45.83
N VAL Y 411 -19.81 -45.22 44.93
CA VAL Y 411 -20.70 -44.11 45.20
C VAL Y 411 -21.52 -43.86 43.96
N ALA Y 412 -22.59 -43.08 44.14
CA ALA Y 412 -23.51 -42.77 43.06
C ALA Y 412 -22.83 -42.06 41.88
N GLY Y 413 -22.82 -42.71 40.73
CA GLY Y 413 -22.22 -42.14 39.53
C GLY Y 413 -23.06 -41.08 38.85
N GLY Y 414 -22.84 -40.89 37.55
CA GLY Y 414 -23.58 -39.89 36.79
C GLY Y 414 -23.30 -38.51 37.37
N GLY Y 415 -22.23 -38.42 38.15
CA GLY Y 415 -21.86 -37.15 38.74
C GLY Y 415 -22.70 -36.72 39.94
N VAL Y 416 -23.60 -37.58 40.41
CA VAL Y 416 -24.42 -37.18 41.54
C VAL Y 416 -23.71 -37.26 42.89
N ALA Y 417 -22.74 -38.16 43.01
CA ALA Y 417 -22.03 -38.25 44.28
C ALA Y 417 -21.36 -36.92 44.61
N LEU Y 418 -20.71 -36.32 43.61
CA LEU Y 418 -20.03 -35.05 43.81
C LEU Y 418 -20.98 -33.92 44.15
N ILE Y 419 -22.10 -33.85 43.44
CA ILE Y 419 -23.06 -32.79 43.70
C ILE Y 419 -23.74 -33.01 45.06
N ARG Y 420 -23.93 -34.28 45.43
CA ARG Y 420 -24.54 -34.63 46.70
C ARG Y 420 -23.62 -34.22 47.84
N VAL Y 421 -22.35 -34.60 47.71
CA VAL Y 421 -21.37 -34.27 48.72
C VAL Y 421 -21.26 -32.75 48.92
N ALA Y 422 -21.31 -31.99 47.84
CA ALA Y 422 -21.20 -30.54 47.96
C ALA Y 422 -22.43 -29.94 48.63
N SER Y 423 -23.61 -30.49 48.36
CA SER Y 423 -24.83 -29.97 48.97
C SER Y 423 -24.77 -30.02 50.48
N LYS Y 424 -23.90 -30.87 51.03
CA LYS Y 424 -23.78 -31.01 52.48
C LYS Y 424 -22.79 -30.03 53.13
N LEU Y 425 -21.91 -29.46 52.32
CA LEU Y 425 -20.91 -28.54 52.85
C LEU Y 425 -21.32 -27.07 52.76
N ALA Y 426 -22.62 -26.81 52.68
CA ALA Y 426 -23.13 -25.45 52.56
C ALA Y 426 -22.71 -24.49 53.67
N ASP Y 427 -22.34 -25.03 54.84
CA ASP Y 427 -21.93 -24.17 55.94
C ASP Y 427 -20.43 -24.14 56.17
N LEU Y 428 -19.66 -24.86 55.36
CA LEU Y 428 -18.21 -24.89 55.51
C LEU Y 428 -17.66 -23.46 55.37
N ARG Y 429 -16.81 -23.06 56.30
CA ARG Y 429 -16.24 -21.70 56.27
C ARG Y 429 -14.75 -21.71 56.52
N GLY Y 430 -14.09 -20.63 56.13
CA GLY Y 430 -12.66 -20.53 56.30
C GLY Y 430 -12.28 -19.51 57.36
N GLN Y 431 -11.10 -18.93 57.22
CA GLN Y 431 -10.61 -17.93 58.17
C GLN Y 431 -10.94 -16.50 57.78
N ASN Y 432 -11.26 -16.28 56.52
CA ASN Y 432 -11.60 -14.95 56.04
C ASN Y 432 -12.54 -15.07 54.83
N GLU Y 433 -13.06 -13.94 54.35
CA GLU Y 433 -13.99 -13.98 53.24
C GLU Y 433 -13.41 -14.56 51.94
N ASP Y 434 -12.13 -14.29 51.67
CA ASP Y 434 -11.52 -14.82 50.46
C ASP Y 434 -11.59 -16.35 50.53
N GLN Y 435 -11.23 -16.90 51.67
CA GLN Y 435 -11.26 -18.34 51.85
C GLN Y 435 -12.69 -18.88 51.72
N ASN Y 436 -13.67 -18.10 52.14
CA ASN Y 436 -15.04 -18.55 52.00
C ASN Y 436 -15.37 -18.64 50.51
N VAL Y 437 -14.92 -17.64 49.74
CA VAL Y 437 -15.18 -17.64 48.30
C VAL Y 437 -14.56 -18.88 47.68
N GLY Y 438 -13.34 -19.18 48.10
CA GLY Y 438 -12.67 -20.37 47.60
C GLY Y 438 -13.54 -21.60 47.82
N ILE Y 439 -14.07 -21.73 49.03
CA ILE Y 439 -14.92 -22.87 49.36
C ILE Y 439 -16.13 -22.93 48.41
N LYS Y 440 -16.77 -21.79 48.20
CA LYS Y 440 -17.94 -21.75 47.33
C LYS Y 440 -17.56 -22.07 45.89
N VAL Y 441 -16.37 -21.67 45.50
CA VAL Y 441 -15.89 -21.93 44.15
C VAL Y 441 -15.79 -23.43 43.93
N ALA Y 442 -15.22 -24.12 44.91
CA ALA Y 442 -15.05 -25.56 44.79
C ALA Y 442 -16.39 -26.28 44.79
N LEU Y 443 -17.25 -25.96 45.75
CA LEU Y 443 -18.55 -26.60 45.86
C LEU Y 443 -19.36 -26.40 44.58
N ARG Y 444 -19.26 -25.22 43.99
CA ARG Y 444 -19.99 -24.89 42.77
C ARG Y 444 -19.46 -25.79 41.65
N ALA Y 445 -18.14 -25.90 41.59
CA ALA Y 445 -17.50 -26.71 40.57
C ALA Y 445 -17.93 -28.18 40.61
N MET Y 446 -18.14 -28.70 41.81
CA MET Y 446 -18.52 -30.09 41.99
C MET Y 446 -19.81 -30.42 41.27
N GLU Y 447 -20.44 -29.41 40.70
CA GLU Y 447 -21.68 -29.63 39.97
C GLU Y 447 -21.43 -29.77 38.47
N ALA Y 448 -20.22 -29.40 38.05
CA ALA Y 448 -19.85 -29.43 36.64
C ALA Y 448 -20.11 -30.76 35.94
N PRO Y 449 -19.62 -31.87 36.54
CA PRO Y 449 -19.85 -33.15 35.88
C PRO Y 449 -21.30 -33.46 35.59
N LEU Y 450 -22.16 -33.37 36.60
CA LEU Y 450 -23.57 -33.67 36.40
C LEU Y 450 -24.16 -32.74 35.36
N ARG Y 451 -23.97 -31.44 35.58
CA ARG Y 451 -24.49 -30.44 34.65
C ARG Y 451 -24.10 -30.73 33.21
N GLN Y 452 -22.83 -31.08 32.98
CA GLN Y 452 -22.35 -31.37 31.64
C GLN Y 452 -23.06 -32.61 31.07
N ILE Y 453 -23.19 -33.63 31.90
CA ILE Y 453 -23.84 -34.85 31.49
C ILE Y 453 -25.25 -34.51 31.05
N VAL Y 454 -25.95 -33.70 31.84
CA VAL Y 454 -27.32 -33.31 31.51
C VAL Y 454 -27.37 -32.48 30.23
N LEU Y 455 -26.39 -31.58 30.06
CA LEU Y 455 -26.36 -30.75 28.87
C LEU Y 455 -26.20 -31.60 27.64
N ASN Y 456 -25.37 -32.64 27.71
CA ASN Y 456 -25.19 -33.52 26.57
C ASN Y 456 -26.50 -34.25 26.20
N CYS Y 457 -27.35 -34.46 27.20
CA CYS Y 457 -28.62 -35.14 26.98
C CYS Y 457 -29.63 -34.21 26.34
N GLY Y 458 -29.31 -32.93 26.30
CA GLY Y 458 -30.24 -31.96 25.73
C GLY Y 458 -31.27 -31.52 26.76
N GLU Y 459 -30.93 -31.65 28.05
CA GLU Y 459 -31.82 -31.24 29.13
C GLU Y 459 -31.32 -29.97 29.80
N GLU Y 460 -32.04 -29.50 30.82
CA GLU Y 460 -31.64 -28.27 31.52
C GLU Y 460 -30.90 -28.57 32.83
N PRO Y 461 -29.57 -28.35 32.83
CA PRO Y 461 -28.70 -28.58 33.98
C PRO Y 461 -29.22 -27.95 35.27
N SER Y 462 -29.60 -26.68 35.21
CA SER Y 462 -30.11 -25.99 36.38
C SER Y 462 -31.21 -26.76 37.07
N VAL Y 463 -32.15 -27.28 36.28
CA VAL Y 463 -33.28 -28.03 36.82
C VAL Y 463 -32.87 -29.38 37.40
N VAL Y 464 -32.16 -30.19 36.62
CA VAL Y 464 -31.73 -31.49 37.12
C VAL Y 464 -30.83 -31.35 38.35
N ALA Y 465 -29.91 -30.40 38.30
CA ALA Y 465 -29.01 -30.18 39.41
C ALA Y 465 -29.83 -29.80 40.63
N ASN Y 466 -30.78 -28.91 40.41
CA ASN Y 466 -31.67 -28.41 41.45
C ASN Y 466 -32.44 -29.56 42.10
N THR Y 467 -32.91 -30.49 41.28
CA THR Y 467 -33.69 -31.62 41.78
C THR Y 467 -32.82 -32.64 42.51
N VAL Y 468 -31.66 -32.95 41.95
CA VAL Y 468 -30.78 -33.90 42.59
C VAL Y 468 -30.36 -33.36 43.94
N LYS Y 469 -30.07 -32.06 44.01
CA LYS Y 469 -29.66 -31.46 45.26
C LYS Y 469 -30.79 -31.46 46.27
N GLY Y 470 -32.02 -31.38 45.77
CA GLY Y 470 -33.18 -31.38 46.65
C GLY Y 470 -33.35 -32.65 47.46
N GLY Y 471 -32.96 -33.78 46.89
CA GLY Y 471 -33.09 -35.05 47.58
C GLY Y 471 -31.85 -35.32 48.42
N ASP Y 472 -31.63 -36.59 48.76
CA ASP Y 472 -30.46 -36.94 49.55
C ASP Y 472 -30.06 -38.38 49.34
N GLY Y 473 -28.98 -38.79 50.00
CA GLY Y 473 -28.50 -40.15 49.85
C GLY Y 473 -27.95 -40.32 48.45
N ASN Y 474 -28.23 -41.47 47.84
CA ASN Y 474 -27.75 -41.69 46.48
C ASN Y 474 -28.87 -41.48 45.47
N TYR Y 475 -29.74 -40.53 45.78
CA TYR Y 475 -30.84 -40.16 44.90
C TYR Y 475 -30.21 -39.29 43.81
N GLY Y 476 -30.40 -39.68 42.55
CA GLY Y 476 -29.82 -38.90 41.48
C GLY Y 476 -30.59 -38.94 40.18
N TYR Y 477 -29.94 -38.51 39.10
CA TYR Y 477 -30.55 -38.48 37.79
C TYR Y 477 -29.86 -39.46 36.87
N ASN Y 478 -30.62 -40.48 36.45
CA ASN Y 478 -30.10 -41.48 35.54
C ASN Y 478 -30.13 -40.86 34.15
N ALA Y 479 -28.98 -40.41 33.66
CA ALA Y 479 -28.91 -39.78 32.35
C ALA Y 479 -29.32 -40.71 31.22
N ALA Y 480 -29.12 -42.02 31.41
CA ALA Y 480 -29.49 -42.99 30.37
C ALA Y 480 -31.00 -43.04 30.17
N THR Y 481 -31.71 -43.41 31.23
CA THR Y 481 -33.16 -43.52 31.20
C THR Y 481 -33.85 -42.16 31.37
N GLU Y 482 -33.06 -41.16 31.76
CA GLU Y 482 -33.58 -39.81 31.99
C GLU Y 482 -34.72 -39.86 32.99
N GLU Y 483 -34.46 -40.56 34.10
CA GLU Y 483 -35.41 -40.73 35.20
C GLU Y 483 -34.65 -40.65 36.53
N TYR Y 484 -35.31 -40.14 37.57
CA TYR Y 484 -34.65 -40.05 38.86
C TYR Y 484 -34.84 -41.34 39.64
N GLY Y 485 -34.11 -41.47 40.74
CA GLY Y 485 -34.19 -42.65 41.57
C GLY Y 485 -32.88 -42.89 42.31
N ASN Y 486 -32.71 -44.08 42.87
CA ASN Y 486 -31.49 -44.39 43.59
C ASN Y 486 -30.43 -44.81 42.60
N MET Y 487 -29.36 -44.03 42.53
CA MET Y 487 -28.28 -44.30 41.59
C MET Y 487 -27.65 -45.69 41.72
N ILE Y 488 -27.45 -46.15 42.96
CA ILE Y 488 -26.85 -47.46 43.18
C ILE Y 488 -27.78 -48.59 42.75
N ASP Y 489 -29.05 -48.49 43.13
CA ASP Y 489 -30.00 -49.53 42.75
C ASP Y 489 -30.10 -49.58 41.24
N MET Y 490 -30.07 -48.42 40.59
CA MET Y 490 -30.16 -48.38 39.14
C MET Y 490 -28.87 -48.83 38.48
N GLY Y 491 -27.89 -49.14 39.31
CA GLY Y 491 -26.60 -49.61 38.81
C GLY Y 491 -25.75 -48.59 38.09
N ILE Y 492 -25.82 -47.35 38.53
CA ILE Y 492 -25.04 -46.29 37.90
C ILE Y 492 -24.13 -45.78 39.01
N LEU Y 493 -22.90 -46.25 39.00
CA LEU Y 493 -21.97 -45.87 40.05
C LEU Y 493 -20.52 -45.81 39.62
N ASP Y 494 -19.71 -45.13 40.42
CA ASP Y 494 -18.29 -45.02 40.15
C ASP Y 494 -17.54 -45.44 41.40
N PRO Y 495 -16.35 -46.04 41.24
CA PRO Y 495 -15.59 -46.43 42.42
C PRO Y 495 -15.30 -45.18 43.23
N THR Y 496 -15.55 -45.20 44.52
CA THR Y 496 -15.30 -44.01 45.32
C THR Y 496 -13.91 -43.45 45.05
N LYS Y 497 -12.96 -44.34 44.77
CA LYS Y 497 -11.58 -43.92 44.51
C LYS Y 497 -11.43 -43.06 43.26
N VAL Y 498 -12.15 -43.41 42.19
CA VAL Y 498 -12.05 -42.63 40.96
C VAL Y 498 -12.61 -41.22 41.16
N THR Y 499 -13.76 -41.09 41.83
CA THR Y 499 -14.33 -39.77 42.07
C THR Y 499 -13.37 -38.98 42.95
N ARG Y 500 -12.84 -39.61 43.98
CA ARG Y 500 -11.93 -38.93 44.89
C ARG Y 500 -10.69 -38.42 44.17
N SER Y 501 -10.08 -39.27 43.37
CA SER Y 501 -8.86 -38.88 42.67
C SER Y 501 -9.11 -37.79 41.66
N ALA Y 502 -10.23 -37.87 40.96
CA ALA Y 502 -10.58 -36.87 39.95
C ALA Y 502 -10.69 -35.50 40.60
N LEU Y 503 -11.39 -35.44 41.74
CA LEU Y 503 -11.55 -34.20 42.45
C LEU Y 503 -10.23 -33.68 43.04
N GLN Y 504 -9.47 -34.53 43.73
CA GLN Y 504 -8.23 -34.07 44.31
C GLN Y 504 -7.22 -33.62 43.28
N TYR Y 505 -7.15 -34.33 42.15
CA TYR Y 505 -6.21 -33.97 41.10
C TYR Y 505 -6.60 -32.69 40.38
N ALA Y 506 -7.90 -32.48 40.23
CA ALA Y 506 -8.42 -31.28 39.58
C ALA Y 506 -8.10 -30.10 40.49
N ALA Y 507 -8.50 -30.23 41.76
CA ALA Y 507 -8.28 -29.19 42.77
C ALA Y 507 -6.81 -28.82 42.87
N SER Y 508 -5.96 -29.81 42.63
CA SER Y 508 -4.53 -29.59 42.70
C SER Y 508 -4.02 -28.64 41.61
N VAL Y 509 -4.21 -29.02 40.35
CA VAL Y 509 -3.74 -28.17 39.26
C VAL Y 509 -4.46 -26.83 39.24
N ALA Y 510 -5.73 -26.81 39.64
CA ALA Y 510 -6.48 -25.56 39.67
C ALA Y 510 -5.86 -24.62 40.69
N GLY Y 511 -5.54 -25.16 41.86
CA GLY Y 511 -4.93 -24.34 42.90
C GLY Y 511 -3.60 -23.77 42.45
N LEU Y 512 -2.83 -24.57 41.71
CA LEU Y 512 -1.54 -24.13 41.23
C LEU Y 512 -1.68 -22.99 40.23
N MET Y 513 -2.62 -23.13 39.31
CA MET Y 513 -2.82 -22.10 38.29
C MET Y 513 -3.31 -20.80 38.90
N ILE Y 514 -4.25 -20.89 39.82
CA ILE Y 514 -4.78 -19.70 40.49
C ILE Y 514 -3.68 -18.95 41.24
N THR Y 515 -2.62 -19.66 41.62
CA THR Y 515 -1.55 -19.02 42.34
C THR Y 515 -0.30 -18.85 41.48
N THR Y 516 -0.51 -18.70 40.18
CA THR Y 516 0.58 -18.52 39.24
C THR Y 516 0.63 -17.04 38.86
N GLU Y 517 1.81 -16.45 38.91
CA GLU Y 517 1.99 -15.03 38.60
C GLU Y 517 2.89 -14.76 37.41
N CYS Y 518 3.62 -15.76 36.97
CA CYS Y 518 4.52 -15.55 35.86
C CYS Y 518 4.68 -16.81 35.03
N MET Y 519 4.77 -16.63 33.71
CA MET Y 519 4.94 -17.73 32.78
C MET Y 519 6.09 -17.45 31.81
N VAL Y 520 6.95 -18.45 31.60
CA VAL Y 520 8.09 -18.31 30.72
C VAL Y 520 8.10 -19.39 29.64
N THR Y 521 8.22 -18.97 28.38
CA THR Y 521 8.25 -19.91 27.26
C THR Y 521 9.09 -19.33 26.15
N ASP Y 522 9.52 -20.19 25.23
CA ASP Y 522 10.35 -19.74 24.12
C ASP Y 522 9.59 -18.80 23.21
N LEU Y 523 10.33 -17.90 22.58
CA LEU Y 523 9.73 -16.94 21.67
C LEU Y 523 9.29 -17.73 20.44
N PRO Y 524 8.08 -17.44 19.94
CA PRO Y 524 7.58 -18.14 18.75
C PRO Y 524 8.52 -18.07 17.56
N LYS Y 525 9.59 -17.28 17.69
CA LYS Y 525 10.59 -17.13 16.62
C LYS Y 525 11.58 -18.30 16.62
N SER Z 1 29.79 -43.33 12.27
CA SER Z 1 30.10 -43.25 13.70
C SER Z 1 29.93 -44.61 14.36
N TRP Z 2 28.79 -45.26 14.11
CA TRP Z 2 28.47 -46.57 14.68
C TRP Z 2 29.03 -47.73 13.85
N MET Z 3 29.07 -48.91 14.47
CA MET Z 3 29.56 -50.12 13.82
C MET Z 3 28.47 -51.19 13.79
N THR Z 4 28.70 -52.24 13.01
CA THR Z 4 27.74 -53.33 12.87
C THR Z 4 28.39 -54.69 13.09
N THR Z 5 27.78 -55.49 13.95
CA THR Z 5 28.29 -56.82 14.22
C THR Z 5 27.90 -57.71 13.05
N PRO Z 6 28.51 -58.90 12.95
CA PRO Z 6 28.16 -59.80 11.85
C PRO Z 6 26.65 -60.06 11.82
N TRP Z 7 26.08 -60.32 12.99
CA TRP Z 7 24.64 -60.59 13.11
C TRP Z 7 23.76 -59.37 12.94
N GLY Z 8 24.37 -58.24 12.58
CA GLY Z 8 23.59 -57.03 12.33
C GLY Z 8 23.31 -56.04 13.44
N PHE Z 9 23.90 -56.25 14.61
CA PHE Z 9 23.67 -55.34 15.73
C PHE Z 9 24.41 -54.01 15.51
N LEU Z 10 23.65 -52.92 15.44
CA LEU Z 10 24.20 -51.58 15.24
C LEU Z 10 24.57 -51.01 16.61
N HIS Z 11 25.80 -50.53 16.77
CA HIS Z 11 26.23 -49.99 18.07
C HIS Z 11 27.45 -49.08 17.98
N PRO Z 12 27.67 -48.26 19.03
CA PRO Z 12 28.80 -47.34 19.07
C PRO Z 12 30.11 -48.11 19.27
N ALA AA 1 1.68 -31.90 16.92
CA ALA AA 1 1.84 -30.44 16.61
C ALA AA 1 0.61 -29.67 17.08
N ALA AA 2 0.68 -28.34 16.99
CA ALA AA 2 -0.45 -27.53 17.41
C ALA AA 2 -1.66 -27.95 16.57
N LYS AA 3 -2.83 -28.02 17.20
CA LYS AA 3 -4.02 -28.41 16.49
C LYS AA 3 -4.97 -27.23 16.32
N ASP AA 4 -5.89 -27.38 15.40
CA ASP AA 4 -6.93 -26.38 15.15
C ASP AA 4 -8.18 -27.13 15.60
N VAL AA 5 -8.85 -26.62 16.63
CA VAL AA 5 -10.04 -27.29 17.12
C VAL AA 5 -11.33 -26.51 16.82
N LYS AA 6 -12.27 -27.16 16.13
CA LYS AA 6 -13.54 -26.55 15.81
C LYS AA 6 -14.67 -27.22 16.59
N PHE AA 7 -15.75 -26.48 16.84
CA PHE AA 7 -16.87 -27.00 17.60
C PHE AA 7 -18.24 -26.84 16.96
N GLY AA 8 -19.21 -27.50 17.56
CA GLY AA 8 -20.60 -27.48 17.11
C GLY AA 8 -20.91 -27.13 15.68
N ASN AA 9 -21.60 -26.00 15.50
CA ASN AA 9 -21.99 -25.55 14.18
C ASN AA 9 -20.83 -25.34 13.18
N ASP AA 10 -19.74 -24.71 13.62
CA ASP AA 10 -18.61 -24.49 12.72
C ASP AA 10 -18.11 -25.84 12.20
N ALA AA 11 -17.95 -26.78 13.11
CA ALA AA 11 -17.47 -28.12 12.78
C ALA AA 11 -18.42 -28.81 11.79
N ARG AA 12 -19.71 -28.70 12.06
CA ARG AA 12 -20.71 -29.32 11.19
C ARG AA 12 -20.74 -28.77 9.76
N VAL AA 13 -20.77 -27.45 9.58
CA VAL AA 13 -20.81 -26.91 8.23
C VAL AA 13 -19.58 -27.36 7.44
N LYS AA 14 -18.44 -27.45 8.09
CA LYS AA 14 -17.22 -27.88 7.41
C LYS AA 14 -17.42 -29.30 6.87
N MET AA 15 -17.89 -30.20 7.72
CA MET AA 15 -18.12 -31.57 7.28
C MET AA 15 -19.11 -31.60 6.13
N LEU AA 16 -20.22 -30.86 6.28
CA LEU AA 16 -21.22 -30.80 5.23
C LEU AA 16 -20.59 -30.45 3.88
N ARG AA 17 -19.83 -29.36 3.85
CA ARG AA 17 -19.17 -28.90 2.62
C ARG AA 17 -18.28 -29.99 2.04
N GLY AA 18 -17.55 -30.67 2.93
CA GLY AA 18 -16.67 -31.75 2.52
C GLY AA 18 -17.43 -32.88 1.83
N VAL AA 19 -18.49 -33.38 2.44
CA VAL AA 19 -19.22 -34.46 1.80
C VAL AA 19 -19.95 -33.96 0.57
N ASN AA 20 -20.27 -32.67 0.52
CA ASN AA 20 -20.95 -32.15 -0.66
C ASN AA 20 -20.03 -32.21 -1.89
N VAL AA 21 -18.75 -31.93 -1.69
CA VAL AA 21 -17.83 -32.02 -2.80
C VAL AA 21 -17.75 -33.47 -3.23
N LEU AA 22 -17.60 -34.37 -2.26
CA LEU AA 22 -17.50 -35.79 -2.55
C LEU AA 22 -18.76 -36.30 -3.27
N ALA AA 23 -19.89 -36.26 -2.58
CA ALA AA 23 -21.12 -36.73 -3.16
C ALA AA 23 -21.43 -36.07 -4.52
N ASP AA 24 -21.34 -34.75 -4.60
CA ASP AA 24 -21.64 -34.07 -5.84
C ASP AA 24 -20.77 -34.57 -7.00
N ALA AA 25 -19.52 -34.89 -6.71
CA ALA AA 25 -18.60 -35.36 -7.74
C ALA AA 25 -18.95 -36.78 -8.19
N VAL AA 26 -19.31 -37.59 -7.21
CA VAL AA 26 -19.64 -38.98 -7.48
C VAL AA 26 -21.02 -39.21 -8.07
N LYS AA 27 -22.04 -38.57 -7.53
CA LYS AA 27 -23.41 -38.80 -8.02
C LYS AA 27 -23.71 -38.43 -9.45
N VAL AA 28 -22.82 -37.70 -10.13
CA VAL AA 28 -23.09 -37.35 -11.52
C VAL AA 28 -22.97 -38.59 -12.40
N THR AA 29 -22.39 -39.65 -11.86
CA THR AA 29 -22.18 -40.87 -12.64
C THR AA 29 -23.31 -41.86 -12.48
N LEU AA 30 -24.13 -41.64 -11.46
CA LEU AA 30 -25.22 -42.54 -11.15
C LEU AA 30 -26.25 -42.72 -12.25
N GLY AA 31 -26.65 -43.97 -12.50
CA GLY AA 31 -27.67 -44.23 -13.50
C GLY AA 31 -27.22 -44.45 -14.93
N PRO AA 32 -28.10 -44.99 -15.79
CA PRO AA 32 -27.76 -45.24 -17.19
C PRO AA 32 -27.44 -43.98 -18.01
N LYS AA 33 -27.85 -42.81 -17.53
CA LYS AA 33 -27.56 -41.57 -18.25
C LYS AA 33 -26.50 -40.80 -17.46
N GLY AA 34 -25.72 -41.56 -16.67
CA GLY AA 34 -24.69 -40.96 -15.85
C GLY AA 34 -23.73 -40.16 -16.71
N ARG AA 35 -23.15 -39.11 -16.12
CA ARG AA 35 -22.22 -38.26 -16.82
C ARG AA 35 -20.78 -38.69 -16.58
N ASN AA 36 -19.87 -38.18 -17.40
CA ASN AA 36 -18.45 -38.49 -17.28
C ASN AA 36 -17.76 -37.57 -16.29
N VAL AA 37 -16.76 -38.10 -15.59
CA VAL AA 37 -15.95 -37.33 -14.66
C VAL AA 37 -14.55 -37.46 -15.18
N VAL AA 38 -13.84 -36.33 -15.29
CA VAL AA 38 -12.47 -36.35 -15.79
C VAL AA 38 -11.47 -36.26 -14.63
N LEU AA 39 -10.68 -37.31 -14.48
CA LEU AA 39 -9.69 -37.38 -13.41
C LEU AA 39 -8.31 -37.19 -14.00
N ASP AA 40 -7.61 -36.19 -13.51
CA ASP AA 40 -6.30 -35.85 -14.02
C ASP AA 40 -5.25 -36.86 -13.59
N LYS AA 41 -4.13 -36.89 -14.30
CA LYS AA 41 -3.03 -37.79 -13.99
C LYS AA 41 -1.74 -36.98 -14.00
N SER AA 42 -0.77 -37.41 -13.20
CA SER AA 42 0.50 -36.71 -13.16
C SER AA 42 1.19 -36.77 -14.52
N PHE AA 43 1.10 -37.92 -15.18
CA PHE AA 43 1.73 -38.08 -16.50
C PHE AA 43 0.85 -38.83 -17.47
N GLY AA 44 0.58 -38.21 -18.61
CA GLY AA 44 -0.25 -38.83 -19.63
C GLY AA 44 -1.50 -38.06 -19.97
N ALA AA 45 -2.54 -38.77 -20.39
CA ALA AA 45 -3.82 -38.15 -20.73
C ALA AA 45 -4.78 -38.36 -19.59
N PRO AA 46 -5.65 -37.39 -19.33
CA PRO AA 46 -6.62 -37.52 -18.24
C PRO AA 46 -7.43 -38.80 -18.35
N THR AA 47 -8.00 -39.24 -17.24
CA THR AA 47 -8.87 -40.42 -17.24
C THR AA 47 -10.33 -39.96 -17.33
N ILE AA 48 -11.09 -40.54 -18.24
CA ILE AA 48 -12.49 -40.18 -18.41
C ILE AA 48 -13.27 -41.37 -17.91
N THR AA 49 -14.01 -41.19 -16.83
CA THR AA 49 -14.73 -42.31 -16.22
C THR AA 49 -16.13 -42.02 -15.72
N LYS AA 50 -16.93 -43.07 -15.67
CA LYS AA 50 -18.29 -42.99 -15.15
C LYS AA 50 -18.34 -43.93 -13.94
N ASP AA 51 -17.16 -44.29 -13.41
CA ASP AA 51 -17.08 -45.16 -12.25
C ASP AA 51 -16.99 -44.39 -10.94
N GLY AA 52 -18.14 -44.26 -10.29
CA GLY AA 52 -18.20 -43.54 -9.03
C GLY AA 52 -17.09 -43.90 -8.06
N VAL AA 53 -16.71 -45.17 -8.00
CA VAL AA 53 -15.65 -45.57 -7.07
C VAL AA 53 -14.33 -44.89 -7.44
N SER AA 54 -14.00 -44.88 -8.73
CA SER AA 54 -12.75 -44.26 -9.16
C SER AA 54 -12.71 -42.77 -8.75
N VAL AA 55 -13.84 -42.08 -8.92
CA VAL AA 55 -13.93 -40.66 -8.60
C VAL AA 55 -13.70 -40.46 -7.10
N ALA AA 56 -14.41 -41.25 -6.31
CA ALA AA 56 -14.31 -41.17 -4.86
C ALA AA 56 -12.86 -41.29 -4.34
N ARG AA 57 -12.09 -42.20 -4.95
CA ARG AA 57 -10.71 -42.45 -4.58
C ARG AA 57 -9.85 -41.19 -4.76
N GLU AA 58 -10.16 -40.40 -5.77
CA GLU AA 58 -9.40 -39.18 -6.04
C GLU AA 58 -9.76 -37.97 -5.21
N ILE AA 59 -10.86 -38.03 -4.46
CA ILE AA 59 -11.27 -36.87 -3.69
C ILE AA 59 -10.56 -36.62 -2.38
N GLU AA 60 -9.88 -35.48 -2.31
CA GLU AA 60 -9.16 -35.04 -1.11
C GLU AA 60 -9.27 -33.52 -1.15
N LEU AA 61 -9.74 -32.93 -0.06
CA LEU AA 61 -9.94 -31.50 -0.02
C LEU AA 61 -8.82 -30.72 0.69
N GLU AA 62 -8.63 -29.46 0.30
CA GLU AA 62 -7.60 -28.61 0.89
C GLU AA 62 -7.92 -28.23 2.33
N ASP AA 63 -9.18 -27.87 2.62
CA ASP AA 63 -9.55 -27.52 3.98
C ASP AA 63 -9.57 -28.81 4.81
N LYS AA 64 -8.72 -28.87 5.84
CA LYS AA 64 -8.62 -30.07 6.67
C LYS AA 64 -9.94 -30.56 7.27
N PHE AA 65 -10.78 -29.64 7.72
CA PHE AA 65 -12.06 -30.03 8.30
C PHE AA 65 -13.01 -30.58 7.23
N GLU AA 66 -13.07 -29.89 6.11
CA GLU AA 66 -13.91 -30.32 5.01
C GLU AA 66 -13.41 -31.68 4.54
N ASN AA 67 -12.10 -31.85 4.58
CA ASN AA 67 -11.51 -33.10 4.12
C ASN AA 67 -11.90 -34.25 5.03
N MET AA 68 -11.88 -34.01 6.33
CA MET AA 68 -12.27 -35.06 7.27
C MET AA 68 -13.71 -35.46 6.97
N GLY AA 69 -14.53 -34.50 6.57
CA GLY AA 69 -15.91 -34.82 6.22
C GLY AA 69 -15.95 -35.81 5.06
N ALA AA 70 -15.26 -35.47 3.98
CA ALA AA 70 -15.21 -36.32 2.82
C ALA AA 70 -14.61 -37.70 3.15
N GLN AA 71 -13.50 -37.72 3.88
CA GLN AA 71 -12.87 -39.00 4.18
C GLN AA 71 -13.74 -39.94 4.98
N MET AA 72 -14.59 -39.39 5.84
CA MET AA 72 -15.45 -40.23 6.67
C MET AA 72 -16.50 -40.98 5.86
N VAL AA 73 -17.28 -40.28 5.06
CA VAL AA 73 -18.31 -41.00 4.30
C VAL AA 73 -17.63 -41.84 3.22
N LYS AA 74 -16.53 -41.32 2.71
CA LYS AA 74 -15.75 -42.01 1.70
C LYS AA 74 -15.37 -43.38 2.26
N GLU AA 75 -15.00 -43.41 3.55
CA GLU AA 75 -14.61 -44.64 4.23
C GLU AA 75 -15.71 -45.69 4.45
N VAL AA 76 -16.81 -45.30 5.08
CA VAL AA 76 -17.87 -46.27 5.34
C VAL AA 76 -18.59 -46.62 4.05
N ALA AA 77 -18.59 -45.70 3.11
CA ALA AA 77 -19.25 -46.00 1.86
C ALA AA 77 -18.50 -47.15 1.21
N SER AA 78 -17.18 -47.12 1.28
CA SER AA 78 -16.41 -48.19 0.66
C SER AA 78 -16.69 -49.52 1.35
N LYS AA 79 -17.02 -49.47 2.65
CA LYS AA 79 -17.34 -50.70 3.37
C LYS AA 79 -18.48 -51.43 2.68
N ALA AA 80 -19.38 -50.67 2.06
CA ALA AA 80 -20.51 -51.26 1.34
C ALA AA 80 -20.02 -52.10 0.18
N ASN AA 81 -19.22 -51.50 -0.69
CA ASN AA 81 -18.69 -52.19 -1.86
C ASN AA 81 -17.99 -53.47 -1.42
N ASP AA 82 -17.31 -53.42 -0.28
CA ASP AA 82 -16.59 -54.59 0.22
C ASP AA 82 -17.57 -55.69 0.61
N ALA AA 83 -18.67 -55.30 1.26
CA ALA AA 83 -19.67 -56.25 1.72
C ALA AA 83 -20.55 -56.86 0.64
N ALA AA 84 -20.85 -56.10 -0.42
CA ALA AA 84 -21.73 -56.63 -1.46
C ALA AA 84 -21.20 -56.42 -2.87
N GLY AA 85 -19.98 -55.93 -2.98
CA GLY AA 85 -19.41 -55.74 -4.30
C GLY AA 85 -20.04 -54.59 -5.06
N ASP AA 86 -20.83 -53.77 -4.38
CA ASP AA 86 -21.45 -52.64 -5.05
C ASP AA 86 -22.18 -51.75 -4.06
N GLY AA 87 -22.55 -50.55 -4.48
CA GLY AA 87 -23.28 -49.64 -3.60
C GLY AA 87 -22.57 -48.45 -2.97
N THR AA 88 -21.28 -48.28 -3.21
CA THR AA 88 -20.58 -47.13 -2.61
C THR AA 88 -21.16 -45.80 -3.06
N THR AA 89 -21.35 -45.64 -4.36
CA THR AA 89 -21.92 -44.41 -4.87
C THR AA 89 -23.28 -44.18 -4.23
N THR AA 90 -24.14 -45.20 -4.25
CA THR AA 90 -25.46 -45.08 -3.65
C THR AA 90 -25.33 -44.66 -2.17
N ALA AA 91 -24.47 -45.37 -1.45
CA ALA AA 91 -24.24 -45.08 -0.04
C ALA AA 91 -23.84 -43.62 0.12
N THR AA 92 -22.98 -43.16 -0.78
CA THR AA 92 -22.51 -41.78 -0.73
C THR AA 92 -23.62 -40.75 -0.92
N VAL AA 93 -24.48 -40.93 -1.92
CA VAL AA 93 -25.55 -39.96 -2.12
C VAL AA 93 -26.58 -40.09 -0.99
N LEU AA 94 -26.76 -41.29 -0.47
CA LEU AA 94 -27.69 -41.48 0.63
C LEU AA 94 -27.16 -40.73 1.86
N ALA AA 95 -25.84 -40.80 2.07
CA ALA AA 95 -25.21 -40.12 3.19
C ALA AA 95 -25.37 -38.61 3.09
N GLN AA 96 -25.15 -38.07 1.88
CA GLN AA 96 -25.29 -36.62 1.68
C GLN AA 96 -26.71 -36.18 2.01
N ALA AA 97 -27.67 -37.01 1.64
CA ALA AA 97 -29.09 -36.71 1.87
C ALA AA 97 -29.43 -36.69 3.36
N ILE AA 98 -29.07 -37.76 4.07
CA ILE AA 98 -29.35 -37.82 5.48
C ILE AA 98 -28.63 -36.68 6.21
N ILE AA 99 -27.35 -36.51 5.92
CA ILE AA 99 -26.56 -35.48 6.59
C ILE AA 99 -27.06 -34.08 6.35
N THR AA 100 -27.43 -33.79 5.10
CA THR AA 100 -27.91 -32.46 4.77
C THR AA 100 -29.13 -32.08 5.58
N GLU AA 101 -30.15 -32.91 5.57
CA GLU AA 101 -31.37 -32.62 6.31
C GLU AA 101 -31.15 -32.77 7.80
N GLY AA 102 -30.41 -33.80 8.20
CA GLY AA 102 -30.14 -34.01 9.61
C GLY AA 102 -29.50 -32.79 10.24
N LEU AA 103 -28.53 -32.21 9.54
CA LEU AA 103 -27.83 -31.04 10.06
C LEU AA 103 -28.76 -29.83 10.13
N LYS AA 104 -29.69 -29.74 9.19
CA LYS AA 104 -30.63 -28.62 9.20
C LYS AA 104 -31.44 -28.72 10.48
N ALA AA 105 -31.94 -29.92 10.76
CA ALA AA 105 -32.73 -30.12 11.98
C ALA AA 105 -31.92 -29.74 13.22
N VAL AA 106 -30.64 -30.08 13.23
CA VAL AA 106 -29.80 -29.75 14.37
C VAL AA 106 -29.69 -28.24 14.54
N ALA AA 107 -29.44 -27.53 13.44
CA ALA AA 107 -29.31 -26.08 13.48
C ALA AA 107 -30.62 -25.45 13.92
N ALA AA 108 -31.73 -26.15 13.65
CA ALA AA 108 -33.05 -25.66 14.02
C ALA AA 108 -33.25 -25.87 15.52
N GLY AA 109 -32.25 -26.47 16.15
CA GLY AA 109 -32.32 -26.69 17.58
C GLY AA 109 -32.84 -28.04 18.03
N MET AA 110 -32.96 -28.98 17.10
CA MET AA 110 -33.42 -30.31 17.48
C MET AA 110 -32.30 -31.17 18.10
N ASN AA 111 -32.69 -32.11 18.96
CA ASN AA 111 -31.76 -33.00 19.64
C ASN AA 111 -31.03 -33.96 18.70
N PRO AA 112 -29.71 -33.81 18.57
CA PRO AA 112 -28.95 -34.69 17.69
C PRO AA 112 -29.18 -36.17 17.97
N MET AA 113 -29.09 -36.55 19.25
CA MET AA 113 -29.26 -37.94 19.65
C MET AA 113 -30.63 -38.48 19.27
N ASP AA 114 -31.68 -37.69 19.47
CA ASP AA 114 -33.00 -38.19 19.09
C ASP AA 114 -33.10 -38.29 17.56
N LEU AA 115 -32.52 -37.32 16.86
CA LEU AA 115 -32.55 -37.35 15.40
C LEU AA 115 -31.89 -38.64 14.95
N LYS AA 116 -30.78 -39.00 15.57
CA LYS AA 116 -30.08 -40.22 15.20
C LYS AA 116 -30.93 -41.44 15.46
N ARG AA 117 -31.59 -41.48 16.62
CA ARG AA 117 -32.43 -42.61 16.97
C ARG AA 117 -33.52 -42.79 15.91
N GLY AA 118 -34.11 -41.68 15.48
CA GLY AA 118 -35.15 -41.74 14.47
C GLY AA 118 -34.67 -42.30 13.14
N ILE AA 119 -33.51 -41.82 12.69
CA ILE AA 119 -32.91 -42.26 11.43
C ILE AA 119 -32.71 -43.77 11.53
N ASP AA 120 -32.12 -44.21 12.63
CA ASP AA 120 -31.86 -45.62 12.84
C ASP AA 120 -33.15 -46.43 12.85
N LYS AA 121 -34.17 -45.95 13.54
CA LYS AA 121 -35.43 -46.68 13.59
C LYS AA 121 -35.99 -46.82 12.19
N ALA AA 122 -35.96 -45.74 11.44
CA ALA AA 122 -36.46 -45.78 10.06
C ALA AA 122 -35.66 -46.77 9.23
N VAL AA 123 -34.35 -46.78 9.39
CA VAL AA 123 -33.51 -47.70 8.63
C VAL AA 123 -33.83 -49.16 8.96
N THR AA 124 -33.98 -49.48 10.24
CA THR AA 124 -34.30 -50.85 10.62
C THR AA 124 -35.60 -51.26 9.94
N ALA AA 125 -36.60 -50.41 10.06
CA ALA AA 125 -37.89 -50.69 9.46
C ALA AA 125 -37.71 -50.91 7.96
N ALA AA 126 -36.96 -50.01 7.32
CA ALA AA 126 -36.73 -50.09 5.89
C ALA AA 126 -36.05 -51.39 5.46
N VAL AA 127 -35.08 -51.86 6.26
CA VAL AA 127 -34.39 -53.11 5.91
C VAL AA 127 -35.34 -54.31 5.95
N GLU AA 128 -36.28 -54.28 6.88
CA GLU AA 128 -37.24 -55.37 6.98
C GLU AA 128 -38.14 -55.31 5.76
N GLU AA 129 -38.64 -54.12 5.48
CA GLU AA 129 -39.53 -53.90 4.33
C GLU AA 129 -38.80 -54.32 3.05
N LEU AA 130 -37.46 -54.21 3.08
CA LEU AA 130 -36.63 -54.55 1.95
C LEU AA 130 -36.59 -56.05 1.77
N LYS AA 131 -36.48 -56.77 2.88
CA LYS AA 131 -36.45 -58.24 2.83
C LYS AA 131 -37.78 -58.75 2.28
N ALA AA 132 -38.87 -58.12 2.70
CA ALA AA 132 -40.18 -58.51 2.22
C ALA AA 132 -40.26 -58.35 0.71
N LEU AA 133 -39.83 -57.19 0.21
CA LEU AA 133 -39.85 -56.88 -1.21
C LEU AA 133 -38.96 -57.80 -2.03
N SER AA 134 -37.93 -58.32 -1.38
CA SER AA 134 -36.96 -59.19 -2.05
C SER AA 134 -37.51 -60.45 -2.70
N VAL AA 135 -37.00 -60.76 -3.89
CA VAL AA 135 -37.37 -61.95 -4.66
C VAL AA 135 -36.19 -62.92 -4.56
N PRO AA 136 -36.46 -64.19 -4.21
CA PRO AA 136 -35.37 -65.16 -4.10
C PRO AA 136 -34.68 -65.45 -5.42
N CYS AA 137 -33.45 -65.94 -5.32
CA CYS AA 137 -32.63 -66.31 -6.45
C CYS AA 137 -31.90 -67.58 -5.99
N SER AA 138 -32.64 -68.69 -5.95
CA SER AA 138 -32.08 -69.95 -5.46
C SER AA 138 -31.77 -71.04 -6.49
N ASP AA 139 -32.50 -71.07 -7.60
CA ASP AA 139 -32.23 -72.10 -8.59
C ASP AA 139 -31.30 -71.57 -9.68
N SER AA 140 -30.65 -72.48 -10.40
CA SER AA 140 -29.71 -72.08 -11.44
C SER AA 140 -30.34 -71.23 -12.54
N LYS AA 141 -31.65 -71.37 -12.75
CA LYS AA 141 -32.31 -70.58 -13.77
C LYS AA 141 -32.19 -69.11 -13.38
N ALA AA 142 -32.48 -68.82 -12.11
CA ALA AA 142 -32.42 -67.46 -11.59
C ALA AA 142 -30.97 -67.00 -11.55
N ILE AA 143 -30.11 -67.84 -11.00
CA ILE AA 143 -28.70 -67.54 -10.91
C ILE AA 143 -28.18 -67.08 -12.28
N ALA AA 144 -28.61 -67.78 -13.32
CA ALA AA 144 -28.18 -67.44 -14.67
C ALA AA 144 -28.75 -66.09 -15.13
N GLN AA 145 -30.04 -65.87 -14.91
CA GLN AA 145 -30.67 -64.62 -15.31
C GLN AA 145 -29.94 -63.42 -14.71
N VAL AA 146 -29.73 -63.45 -13.40
CA VAL AA 146 -29.05 -62.37 -12.70
C VAL AA 146 -27.65 -62.15 -13.25
N GLY AA 147 -26.91 -63.25 -13.44
CA GLY AA 147 -25.57 -63.14 -13.96
C GLY AA 147 -25.56 -62.53 -15.35
N THR AA 148 -26.56 -62.89 -16.14
CA THR AA 148 -26.69 -62.37 -17.50
C THR AA 148 -26.93 -60.86 -17.46
N ILE AA 149 -27.83 -60.44 -16.58
CA ILE AA 149 -28.13 -59.02 -16.43
C ILE AA 149 -26.89 -58.26 -15.96
N SER AA 150 -26.11 -58.87 -15.08
CA SER AA 150 -24.89 -58.25 -14.57
C SER AA 150 -23.81 -58.16 -15.62
N ALA AA 151 -23.76 -59.16 -16.49
CA ALA AA 151 -22.77 -59.19 -17.56
C ALA AA 151 -23.22 -58.35 -18.75
N ASN AA 152 -24.22 -57.51 -18.52
CA ASN AA 152 -24.74 -56.63 -19.55
C ASN AA 152 -25.44 -57.41 -20.64
N SER AA 153 -26.29 -58.35 -20.22
CA SER AA 153 -27.06 -59.17 -21.15
C SER AA 153 -26.29 -60.22 -21.93
N ASP AA 154 -25.20 -60.71 -21.35
CA ASP AA 154 -24.40 -61.74 -22.00
C ASP AA 154 -24.79 -63.10 -21.42
N GLU AA 155 -25.70 -63.81 -22.08
CA GLU AA 155 -26.14 -65.11 -21.59
C GLU AA 155 -24.99 -66.07 -21.30
N THR AA 156 -23.88 -65.88 -22.02
CA THR AA 156 -22.70 -66.73 -21.85
C THR AA 156 -22.24 -66.68 -20.39
N VAL AA 157 -21.98 -65.46 -19.92
CA VAL AA 157 -21.54 -65.25 -18.55
C VAL AA 157 -22.53 -65.86 -17.56
N GLY AA 158 -23.81 -65.58 -17.75
CA GLY AA 158 -24.83 -66.11 -16.89
C GLY AA 158 -24.71 -67.62 -16.82
N LYS AA 159 -24.57 -68.24 -18.00
CA LYS AA 159 -24.45 -69.68 -18.07
C LYS AA 159 -23.23 -70.15 -17.27
N LEU AA 160 -22.08 -69.55 -17.56
CA LEU AA 160 -20.85 -69.91 -16.86
C LEU AA 160 -21.01 -69.91 -15.35
N ILE AA 161 -21.45 -68.78 -14.80
CA ILE AA 161 -21.62 -68.65 -13.37
C ILE AA 161 -22.52 -69.72 -12.80
N ALA AA 162 -23.62 -70.00 -13.50
CA ALA AA 162 -24.56 -71.03 -13.04
C ALA AA 162 -23.89 -72.42 -13.03
N GLU AA 163 -23.11 -72.72 -14.06
CA GLU AA 163 -22.43 -74.01 -14.14
C GLU AA 163 -21.42 -74.10 -13.01
N ALA AA 164 -20.70 -73.01 -12.79
CA ALA AA 164 -19.69 -72.96 -11.73
C ALA AA 164 -20.31 -73.19 -10.36
N MET AA 165 -21.44 -72.52 -10.07
CA MET AA 165 -22.07 -72.68 -8.77
C MET AA 165 -22.66 -74.08 -8.65
N ASP AA 166 -23.04 -74.66 -9.78
CA ASP AA 166 -23.60 -76.00 -9.77
C ASP AA 166 -22.51 -76.99 -9.37
N LYS AA 167 -21.29 -76.71 -9.80
CA LYS AA 167 -20.14 -77.56 -9.51
C LYS AA 167 -19.68 -77.51 -8.05
N VAL AA 168 -19.52 -76.31 -7.50
CA VAL AA 168 -19.03 -76.18 -6.13
C VAL AA 168 -20.03 -75.62 -5.11
N GLY AA 169 -21.28 -75.45 -5.52
CA GLY AA 169 -22.29 -74.91 -4.60
C GLY AA 169 -22.33 -73.40 -4.72
N LYS AA 170 -23.44 -72.76 -4.35
CA LYS AA 170 -23.50 -71.30 -4.47
C LYS AA 170 -22.75 -70.57 -3.36
N GLU AA 171 -22.13 -71.34 -2.49
CA GLU AA 171 -21.35 -70.76 -1.39
C GLU AA 171 -19.92 -71.28 -1.53
N GLY AA 172 -19.61 -71.82 -2.72
CA GLY AA 172 -18.29 -72.36 -2.96
C GLY AA 172 -17.33 -71.36 -3.60
N VAL AA 173 -16.04 -71.65 -3.54
CA VAL AA 173 -15.04 -70.77 -4.10
C VAL AA 173 -15.03 -70.82 -5.63
N ILE AA 174 -15.03 -69.65 -6.25
CA ILE AA 174 -15.00 -69.55 -7.71
C ILE AA 174 -14.03 -68.43 -8.11
N THR AA 175 -13.09 -68.74 -9.00
CA THR AA 175 -12.11 -67.77 -9.46
C THR AA 175 -12.19 -67.65 -10.96
N VAL AA 176 -11.73 -66.52 -11.51
CA VAL AA 176 -11.73 -66.33 -12.97
C VAL AA 176 -10.30 -66.03 -13.43
N GLU AA 177 -9.93 -66.57 -14.59
CA GLU AA 177 -8.59 -66.36 -15.15
C GLU AA 177 -8.67 -66.16 -16.65
N ASP AA 178 -7.62 -65.61 -17.23
CA ASP AA 178 -7.56 -65.41 -18.66
C ASP AA 178 -7.63 -66.81 -19.26
N GLY AA 179 -8.30 -66.93 -20.40
CA GLY AA 179 -8.42 -68.24 -21.03
C GLY AA 179 -7.22 -68.61 -21.89
N THR AA 180 -7.24 -69.84 -22.40
CA THR AA 180 -6.17 -70.31 -23.25
C THR AA 180 -6.43 -69.84 -24.69
N GLY AA 181 -7.60 -69.23 -24.92
CA GLY AA 181 -7.93 -68.73 -26.23
C GLY AA 181 -9.23 -69.20 -26.85
N LEU AA 182 -10.21 -68.31 -26.94
CA LEU AA 182 -11.52 -68.61 -27.53
C LEU AA 182 -12.17 -69.80 -26.84
N GLN AA 183 -13.41 -69.63 -26.42
CA GLN AA 183 -14.14 -70.69 -25.73
C GLN AA 183 -13.74 -70.77 -24.27
N ASP AA 184 -14.74 -70.68 -23.40
CA ASP AA 184 -14.52 -70.73 -21.97
C ASP AA 184 -14.20 -72.14 -21.51
N GLU AA 185 -13.73 -72.25 -20.28
CA GLU AA 185 -13.37 -73.53 -19.69
C GLU AA 185 -13.70 -73.46 -18.21
N LEU AA 186 -14.34 -74.50 -17.69
CA LEU AA 186 -14.69 -74.54 -16.27
C LEU AA 186 -14.04 -75.77 -15.67
N ASP AA 187 -13.18 -75.57 -14.68
CA ASP AA 187 -12.51 -76.70 -14.03
C ASP AA 187 -12.49 -76.55 -12.53
N VAL AA 188 -12.58 -77.65 -11.81
CA VAL AA 188 -12.54 -77.63 -10.34
C VAL AA 188 -11.21 -78.26 -9.92
N VAL AA 189 -10.43 -77.55 -9.12
CA VAL AA 189 -9.14 -78.07 -8.70
C VAL AA 189 -8.98 -78.03 -7.20
N GLU AA 190 -7.87 -78.58 -6.72
CA GLU AA 190 -7.61 -78.57 -5.29
C GLU AA 190 -7.24 -77.14 -4.95
N GLY AA 191 -7.99 -76.54 -4.04
CA GLY AA 191 -7.69 -75.18 -3.65
C GLY AA 191 -8.38 -74.82 -2.36
N MET AA 192 -8.21 -73.58 -1.93
CA MET AA 192 -8.80 -73.12 -0.68
C MET AA 192 -8.79 -71.59 -0.59
N GLN AA 193 -9.57 -71.05 0.33
CA GLN AA 193 -9.66 -69.61 0.50
C GLN AA 193 -9.92 -69.25 1.95
N PHE AA 194 -9.14 -68.33 2.50
CA PHE AA 194 -9.34 -67.91 3.89
C PHE AA 194 -9.43 -66.40 4.01
N ASP AA 195 -9.93 -65.92 5.15
CA ASP AA 195 -10.09 -64.48 5.38
C ASP AA 195 -8.88 -63.74 5.93
N ARG AA 196 -7.89 -63.54 5.08
CA ARG AA 196 -6.67 -62.81 5.44
C ARG AA 196 -6.19 -62.10 4.18
N GLY AA 197 -6.08 -60.78 4.26
CA GLY AA 197 -5.63 -60.02 3.10
C GLY AA 197 -4.14 -59.81 3.12
N TYR AA 198 -3.61 -59.12 2.11
CA TYR AA 198 -2.19 -58.84 2.06
C TYR AA 198 -1.77 -58.06 3.30
N LEU AA 199 -0.52 -58.25 3.73
CA LEU AA 199 0.03 -57.60 4.92
C LEU AA 199 0.44 -56.16 4.65
N SER AA 200 0.13 -55.69 3.44
CA SER AA 200 0.41 -54.32 3.03
C SER AA 200 0.22 -54.21 1.53
N PRO AA 201 -0.18 -53.03 1.05
CA PRO AA 201 -0.34 -52.95 -0.40
C PRO AA 201 1.07 -53.08 -0.93
N TYR AA 202 1.41 -52.38 -1.99
CA TYR AA 202 2.76 -52.48 -2.55
C TYR AA 202 2.92 -53.87 -3.16
N PHE AA 203 2.48 -54.89 -2.43
CA PHE AA 203 2.55 -56.25 -2.94
C PHE AA 203 1.65 -56.27 -4.17
N ILE AA 204 0.61 -55.43 -4.12
CA ILE AA 204 -0.35 -55.34 -5.20
C ILE AA 204 0.35 -55.17 -6.54
N ASN AA 205 0.11 -56.10 -7.45
CA ASN AA 205 0.70 -56.06 -8.79
C ASN AA 205 -0.39 -55.98 -9.85
N LYS AA 206 -1.62 -55.73 -9.40
CA LYS AA 206 -2.77 -55.59 -10.29
C LYS AA 206 -3.68 -54.52 -9.69
N PRO AA 207 -3.22 -53.26 -9.67
CA PRO AA 207 -3.93 -52.09 -9.13
C PRO AA 207 -5.36 -51.93 -9.60
N GLU AA 208 -5.64 -52.38 -10.82
CA GLU AA 208 -6.99 -52.27 -11.36
C GLU AA 208 -7.95 -52.93 -10.37
N THR AA 209 -7.54 -54.07 -9.85
CA THR AA 209 -8.33 -54.84 -8.91
C THR AA 209 -7.82 -54.70 -7.50
N GLY AA 210 -6.72 -53.98 -7.33
CA GLY AA 210 -6.16 -53.82 -6.00
C GLY AA 210 -5.93 -55.18 -5.40
N ALA AA 211 -5.32 -56.05 -6.20
CA ALA AA 211 -5.05 -57.43 -5.80
C ALA AA 211 -3.62 -57.86 -6.06
N VAL AA 212 -3.22 -58.92 -5.37
CA VAL AA 212 -1.90 -59.49 -5.53
C VAL AA 212 -2.11 -60.80 -6.28
N GLU AA 213 -1.38 -61.01 -7.37
CA GLU AA 213 -1.53 -62.22 -8.16
C GLU AA 213 -0.18 -62.86 -8.45
N LEU AA 214 0.05 -64.04 -7.87
CA LEU AA 214 1.30 -64.77 -8.04
C LEU AA 214 1.08 -66.00 -8.90
N GLU AA 215 2.04 -66.29 -9.77
CA GLU AA 215 1.94 -67.44 -10.66
C GLU AA 215 2.96 -68.51 -10.32
N SER AA 216 2.48 -69.74 -10.13
CA SER AA 216 3.34 -70.87 -9.78
C SER AA 216 4.23 -70.50 -8.60
N PRO AA 217 3.61 -70.00 -7.51
CA PRO AA 217 4.38 -69.61 -6.33
C PRO AA 217 4.65 -70.73 -5.33
N PHE AA 218 5.71 -70.54 -4.56
CA PHE AA 218 6.06 -71.47 -3.51
C PHE AA 218 5.24 -70.93 -2.35
N ILE AA 219 5.08 -71.71 -1.30
CA ILE AA 219 4.33 -71.24 -0.16
C ILE AA 219 5.04 -71.63 1.15
N LEU AA 220 5.46 -70.61 1.90
CA LEU AA 220 6.13 -70.83 3.18
C LEU AA 220 5.12 -70.73 4.30
N LEU AA 221 4.96 -71.81 5.06
CA LEU AA 221 4.02 -71.85 6.18
C LEU AA 221 4.83 -71.82 7.46
N ALA AA 222 4.79 -70.71 8.18
CA ALA AA 222 5.53 -70.56 9.42
C ALA AA 222 4.62 -70.21 10.58
N ASP AA 223 4.53 -71.11 11.56
CA ASP AA 223 3.69 -70.90 12.73
C ASP AA 223 4.40 -70.03 13.77
N LYS AA 224 4.75 -68.81 13.36
CA LYS AA 224 5.43 -67.84 14.23
C LYS AA 224 5.41 -66.45 13.61
N LYS AA 225 5.86 -65.46 14.38
CA LYS AA 225 5.91 -64.09 13.90
C LYS AA 225 7.33 -63.83 13.42
N ILE AA 226 7.45 -63.17 12.27
CA ILE AA 226 8.76 -62.90 11.70
C ILE AA 226 9.21 -61.45 11.89
N SER AA 227 10.31 -61.28 12.62
CA SER AA 227 10.86 -59.96 12.90
C SER AA 227 12.15 -59.70 12.14
N ASN AA 228 13.11 -60.60 12.32
CA ASN AA 228 14.39 -60.48 11.69
C ASN AA 228 14.36 -61.16 10.35
N ILE AA 229 14.31 -60.38 9.28
CA ILE AA 229 14.24 -60.97 7.96
C ILE AA 229 15.48 -61.79 7.63
N ARG AA 230 16.44 -61.82 8.54
CA ARG AA 230 17.65 -62.59 8.32
C ARG AA 230 17.28 -64.07 8.25
N GLU AA 231 16.40 -64.51 9.15
CA GLU AA 231 15.94 -65.91 9.18
C GLU AA 231 15.54 -66.40 7.81
N MET AA 232 14.96 -65.50 7.02
CA MET AA 232 14.48 -65.81 5.69
C MET AA 232 15.54 -66.00 4.61
N LEU AA 233 16.55 -65.12 4.61
CA LEU AA 233 17.63 -65.15 3.62
C LEU AA 233 17.95 -66.50 2.98
N PRO AA 234 18.31 -67.51 3.77
CA PRO AA 234 18.62 -68.80 3.14
C PRO AA 234 17.50 -69.33 2.25
N VAL AA 235 16.25 -69.18 2.69
CA VAL AA 235 15.10 -69.64 1.92
C VAL AA 235 14.79 -68.71 0.74
N LEU AA 236 14.79 -67.40 1.00
CA LEU AA 236 14.53 -66.42 -0.04
C LEU AA 236 15.54 -66.56 -1.17
N GLU AA 237 16.80 -66.80 -0.83
CA GLU AA 237 17.84 -66.98 -1.84
C GLU AA 237 17.48 -68.17 -2.73
N ALA AA 238 16.98 -69.22 -2.11
CA ALA AA 238 16.58 -70.44 -2.81
C ALA AA 238 15.46 -70.14 -3.78
N VAL AA 239 14.47 -69.38 -3.29
CA VAL AA 239 13.33 -69.00 -4.09
C VAL AA 239 13.81 -67.97 -5.13
N ALA AA 240 14.87 -67.24 -4.78
CA ALA AA 240 15.44 -66.24 -5.69
C ALA AA 240 15.78 -66.98 -6.97
N LYS AA 241 16.58 -68.03 -6.84
CA LYS AA 241 16.92 -68.85 -8.00
C LYS AA 241 15.59 -69.53 -8.26
N ALA AA 242 15.50 -70.36 -9.30
CA ALA AA 242 14.25 -71.03 -9.61
C ALA AA 242 13.26 -70.01 -10.18
N GLY AA 243 13.52 -68.73 -9.88
CA GLY AA 243 12.68 -67.65 -10.37
C GLY AA 243 11.18 -67.81 -10.21
N LYS AA 244 10.76 -68.11 -8.99
CA LYS AA 244 9.35 -68.28 -8.70
C LYS AA 244 8.94 -67.36 -7.56
N PRO AA 245 7.69 -66.88 -7.59
CA PRO AA 245 7.24 -65.99 -6.52
C PRO AA 245 7.03 -66.78 -5.23
N LEU AA 246 6.98 -66.07 -4.11
CA LEU AA 246 6.80 -66.72 -2.82
C LEU AA 246 5.70 -66.07 -1.99
N LEU AA 247 4.84 -66.90 -1.42
CA LEU AA 247 3.77 -66.42 -0.57
C LEU AA 247 4.14 -66.81 0.85
N ILE AA 248 4.26 -65.81 1.72
CA ILE AA 248 4.59 -66.05 3.11
C ILE AA 248 3.33 -66.11 3.97
N ILE AA 249 3.06 -67.24 4.60
CA ILE AA 249 1.89 -67.36 5.46
C ILE AA 249 2.43 -67.57 6.88
N ALA AA 250 2.58 -66.47 7.62
CA ALA AA 250 3.10 -66.55 8.98
C ALA AA 250 2.09 -66.00 9.98
N GLU AA 251 2.39 -66.16 11.25
CA GLU AA 251 1.51 -65.66 12.30
C GLU AA 251 1.44 -64.15 12.12
N ASP AA 252 2.49 -63.60 11.50
CA ASP AA 252 2.59 -62.17 11.23
C ASP AA 252 3.99 -61.80 10.74
N VAL AA 253 4.08 -60.75 9.95
CA VAL AA 253 5.37 -60.27 9.46
C VAL AA 253 5.48 -58.82 9.92
N GLU AA 254 6.40 -58.56 10.83
CA GLU AA 254 6.56 -57.22 11.38
C GLU AA 254 7.21 -56.17 10.49
N GLY AA 255 6.93 -54.92 10.84
CA GLY AA 255 7.43 -53.75 10.13
C GLY AA 255 8.67 -53.81 9.26
N GLU AA 256 9.83 -53.85 9.91
CA GLU AA 256 11.10 -53.87 9.18
C GLU AA 256 11.20 -55.03 8.20
N ALA AA 257 10.88 -56.24 8.66
CA ALA AA 257 10.94 -57.42 7.82
C ALA AA 257 10.05 -57.23 6.59
N LEU AA 258 8.84 -56.75 6.82
CA LEU AA 258 7.87 -56.51 5.77
C LEU AA 258 8.43 -55.48 4.79
N ALA AA 259 9.04 -54.43 5.34
CA ALA AA 259 9.62 -53.36 4.53
C ALA AA 259 10.65 -53.95 3.58
N THR AA 260 11.49 -54.85 4.11
CA THR AA 260 12.51 -55.49 3.31
C THR AA 260 11.91 -56.26 2.14
N LEU AA 261 10.86 -57.03 2.41
CA LEU AA 261 10.20 -57.81 1.36
C LEU AA 261 9.71 -56.89 0.24
N VAL AA 262 8.98 -55.85 0.62
CA VAL AA 262 8.46 -54.90 -0.37
C VAL AA 262 9.59 -54.34 -1.24
N VAL AA 263 10.61 -53.77 -0.59
CA VAL AA 263 11.74 -53.19 -1.31
C VAL AA 263 12.37 -54.15 -2.33
N ASN AA 264 12.84 -55.29 -1.82
CA ASN AA 264 13.48 -56.29 -2.66
C ASN AA 264 12.65 -56.88 -3.79
N THR AA 265 11.38 -57.17 -3.56
CA THR AA 265 10.57 -57.71 -4.65
C THR AA 265 10.32 -56.59 -5.67
N MET AA 266 10.40 -55.36 -5.19
CA MET AA 266 10.22 -54.19 -6.02
C MET AA 266 11.47 -53.91 -6.87
N ARG AA 267 12.57 -54.56 -6.55
CA ARG AA 267 13.80 -54.35 -7.30
C ARG AA 267 14.02 -55.51 -8.27
N GLY AA 268 13.03 -56.39 -8.36
CA GLY AA 268 13.14 -57.53 -9.27
C GLY AA 268 13.72 -58.80 -8.67
N ILE AA 269 14.49 -58.65 -7.58
CA ILE AA 269 15.10 -59.79 -6.92
C ILE AA 269 14.10 -60.43 -5.97
N VAL AA 270 13.59 -61.60 -6.34
CA VAL AA 270 12.64 -62.29 -5.48
C VAL AA 270 11.28 -61.60 -5.32
N LYS AA 271 10.21 -62.27 -5.76
CA LYS AA 271 8.87 -61.74 -5.63
C LYS AA 271 8.23 -62.38 -4.41
N VAL AA 272 7.87 -61.56 -3.44
CA VAL AA 272 7.27 -62.06 -2.21
C VAL AA 272 5.99 -61.32 -1.87
N ALA AA 273 5.15 -62.00 -1.10
CA ALA AA 273 3.88 -61.46 -0.64
C ALA AA 273 3.60 -62.22 0.65
N ALA AA 274 3.14 -61.50 1.68
CA ALA AA 274 2.88 -62.15 2.96
C ALA AA 274 1.49 -61.83 3.47
N VAL AA 275 0.91 -62.75 4.24
CA VAL AA 275 -0.40 -62.60 4.84
C VAL AA 275 -0.40 -63.38 6.15
N LYS AA 276 -1.25 -62.96 7.09
CA LYS AA 276 -1.34 -63.64 8.37
C LYS AA 276 -1.95 -65.02 8.20
N ALA AA 277 -1.65 -65.92 9.14
CA ALA AA 277 -2.20 -67.27 9.12
C ALA AA 277 -3.68 -67.14 9.46
N PRO AA 278 -4.53 -67.96 8.84
CA PRO AA 278 -5.97 -67.90 9.11
C PRO AA 278 -6.32 -68.25 10.56
N GLY AA 279 -7.39 -67.64 11.06
CA GLY AA 279 -7.84 -67.89 12.41
C GLY AA 279 -6.86 -67.55 13.51
N PHE AA 280 -7.19 -67.96 14.73
CA PHE AA 280 -6.35 -67.71 15.89
C PHE AA 280 -6.43 -68.89 16.83
N GLY AA 281 -5.64 -68.84 17.91
CA GLY AA 281 -5.64 -69.92 18.88
C GLY AA 281 -5.18 -71.27 18.37
N ASP AA 282 -5.96 -72.30 18.68
CA ASP AA 282 -5.62 -73.65 18.26
C ASP AA 282 -6.12 -73.96 16.85
N ARG AA 283 -7.30 -73.46 16.51
CA ARG AA 283 -7.84 -73.70 15.18
C ARG AA 283 -6.92 -73.06 14.13
N ARG AA 284 -5.92 -72.31 14.59
CA ARG AA 284 -4.97 -71.67 13.70
C ARG AA 284 -3.90 -72.68 13.29
N LYS AA 285 -3.34 -73.34 14.29
CA LYS AA 285 -2.31 -74.33 14.04
C LYS AA 285 -2.87 -75.43 13.13
N ALA AA 286 -4.14 -75.76 13.33
CA ALA AA 286 -4.77 -76.79 12.54
C ALA AA 286 -4.92 -76.35 11.09
N MET AA 287 -5.50 -75.18 10.88
CA MET AA 287 -5.69 -74.65 9.54
C MET AA 287 -4.36 -74.45 8.79
N LEU AA 288 -3.33 -74.04 9.53
CA LEU AA 288 -2.03 -73.82 8.93
C LEU AA 288 -1.59 -75.15 8.33
N GLN AA 289 -1.91 -76.23 9.01
CA GLN AA 289 -1.54 -77.57 8.52
C GLN AA 289 -2.36 -77.96 7.28
N ASP AA 290 -3.66 -77.69 7.31
CA ASP AA 290 -4.50 -78.01 6.17
C ASP AA 290 -3.88 -77.44 4.91
N ILE AA 291 -3.48 -76.17 4.96
CA ILE AA 291 -2.87 -75.49 3.83
C ILE AA 291 -1.61 -76.21 3.39
N ALA AA 292 -0.86 -76.70 4.38
CA ALA AA 292 0.37 -77.43 4.12
C ALA AA 292 0.06 -78.69 3.32
N THR AA 293 -0.87 -79.49 3.83
CA THR AA 293 -1.27 -80.71 3.16
C THR AA 293 -1.83 -80.42 1.76
N LEU AA 294 -2.64 -79.38 1.67
CA LEU AA 294 -3.26 -78.99 0.42
C LEU AA 294 -2.23 -78.56 -0.63
N THR AA 295 -1.17 -77.90 -0.19
CA THR AA 295 -0.15 -77.43 -1.10
C THR AA 295 1.12 -78.27 -1.11
N GLY AA 296 1.10 -79.36 -0.34
CA GLY AA 296 2.27 -80.24 -0.27
C GLY AA 296 3.47 -79.59 0.40
N GLY AA 297 3.21 -78.73 1.37
CA GLY AA 297 4.28 -78.06 2.07
C GLY AA 297 4.38 -78.54 3.51
N THR AA 298 5.42 -78.08 4.20
CA THR AA 298 5.66 -78.46 5.58
C THR AA 298 5.60 -77.24 6.50
N VAL AA 299 4.73 -77.30 7.50
CA VAL AA 299 4.60 -76.19 8.42
C VAL AA 299 5.88 -76.10 9.23
N ILE AA 300 6.37 -74.88 9.43
CA ILE AA 300 7.60 -74.66 10.20
C ILE AA 300 7.29 -73.98 11.53
N SER AA 301 7.16 -74.77 12.58
CA SER AA 301 6.86 -74.25 13.91
C SER AA 301 8.05 -74.38 14.86
N GLU AA 302 8.20 -73.37 15.73
CA GLU AA 302 9.28 -73.35 16.72
C GLU AA 302 9.04 -74.39 17.80
N GLU AA 303 7.78 -74.66 18.10
CA GLU AA 303 7.42 -75.63 19.13
C GLU AA 303 8.17 -76.95 18.91
N ILE AA 304 8.03 -77.54 17.72
CA ILE AA 304 8.72 -78.80 17.39
C ILE AA 304 10.23 -78.57 17.32
N GLY AA 305 10.63 -77.31 17.35
CA GLY AA 305 12.04 -76.98 17.31
C GLY AA 305 12.61 -76.77 15.91
N MET AA 306 11.75 -76.44 14.94
CA MET AA 306 12.20 -76.20 13.56
C MET AA 306 12.66 -74.76 13.41
N GLU AA 307 13.58 -74.55 12.49
CA GLU AA 307 14.12 -73.22 12.26
C GLU AA 307 13.93 -72.80 10.80
N LEU AA 308 13.73 -71.51 10.57
CA LEU AA 308 13.55 -71.02 9.22
C LEU AA 308 14.84 -71.08 8.42
N GLU AA 309 15.98 -70.81 9.06
CA GLU AA 309 17.26 -70.84 8.37
C GLU AA 309 17.54 -72.20 7.75
N LYS AA 310 17.01 -73.25 8.36
CA LYS AA 310 17.23 -74.59 7.86
C LYS AA 310 16.12 -75.09 6.94
N ALA AA 311 15.28 -74.17 6.46
CA ALA AA 311 14.17 -74.53 5.58
C ALA AA 311 14.60 -74.51 4.11
N THR AA 312 14.32 -75.59 3.40
CA THR AA 312 14.68 -75.69 1.99
C THR AA 312 13.42 -75.62 1.12
N LEU AA 313 13.62 -75.46 -0.18
CA LEU AA 313 12.50 -75.39 -1.11
C LEU AA 313 11.56 -76.58 -0.94
N GLU AA 314 12.11 -77.71 -0.54
CA GLU AA 314 11.31 -78.91 -0.37
C GLU AA 314 10.30 -78.79 0.77
N ASP AA 315 10.53 -77.85 1.68
CA ASP AA 315 9.62 -77.65 2.80
C ASP AA 315 8.45 -76.77 2.38
N LEU AA 316 8.68 -75.96 1.35
CA LEU AA 316 7.67 -75.05 0.81
C LEU AA 316 6.55 -75.75 0.05
N GLY AA 317 5.33 -75.22 0.22
CA GLY AA 317 4.20 -75.78 -0.47
C GLY AA 317 4.25 -75.30 -1.92
N GLN AA 318 3.18 -75.50 -2.68
CA GLN AA 318 3.21 -75.10 -4.06
C GLN AA 318 1.79 -75.11 -4.65
N ALA AA 319 1.52 -74.15 -5.53
CA ALA AA 319 0.22 -74.02 -6.17
C ALA AA 319 0.41 -73.31 -7.50
N LYS AA 320 -0.53 -73.47 -8.43
CA LYS AA 320 -0.41 -72.82 -9.73
C LYS AA 320 -0.71 -71.33 -9.68
N ARG AA 321 -1.52 -70.90 -8.72
CA ARG AA 321 -1.88 -69.49 -8.64
C ARG AA 321 -2.51 -69.12 -7.30
N VAL AA 322 -2.11 -67.97 -6.77
CA VAL AA 322 -2.67 -67.47 -5.51
C VAL AA 322 -3.12 -66.04 -5.78
N VAL AA 323 -4.23 -65.65 -5.17
CA VAL AA 323 -4.77 -64.30 -5.35
C VAL AA 323 -5.05 -63.68 -3.98
N ILE AA 324 -4.42 -62.55 -3.71
CA ILE AA 324 -4.62 -61.89 -2.44
C ILE AA 324 -5.40 -60.58 -2.57
N ASN AA 325 -6.34 -60.42 -1.66
CA ASN AA 325 -7.23 -59.26 -1.61
C ASN AA 325 -6.89 -58.30 -0.47
N LYS AA 326 -7.73 -57.29 -0.34
CA LYS AA 326 -7.60 -56.31 0.70
C LYS AA 326 -7.82 -57.07 2.00
N ASP AA 327 -8.55 -58.19 1.91
CA ASP AA 327 -8.81 -59.02 3.09
C ASP AA 327 -9.17 -60.48 2.79
N THR AA 328 -8.58 -61.04 1.75
CA THR AA 328 -8.84 -62.42 1.37
C THR AA 328 -7.66 -63.03 0.64
N THR AA 329 -7.47 -64.33 0.84
CA THR AA 329 -6.38 -65.06 0.18
C THR AA 329 -6.94 -66.36 -0.36
N THR AA 330 -6.72 -66.63 -1.64
CA THR AA 330 -7.23 -67.85 -2.24
C THR AA 330 -6.15 -68.58 -3.02
N ILE AA 331 -5.92 -69.84 -2.61
CA ILE AA 331 -4.91 -70.70 -3.22
C ILE AA 331 -5.52 -71.58 -4.29
N ILE AA 332 -5.02 -71.48 -5.51
CA ILE AA 332 -5.57 -72.24 -6.64
C ILE AA 332 -4.70 -73.35 -7.20
N ASP AA 333 -5.25 -74.56 -7.17
CA ASP AA 333 -4.58 -75.76 -7.68
C ASP AA 333 -3.35 -76.11 -6.86
N GLY AA 334 -3.56 -76.64 -5.66
CA GLY AA 334 -2.46 -77.04 -4.79
C GLY AA 334 -1.79 -78.33 -5.24
N VAL AA 335 -0.47 -78.41 -5.06
CA VAL AA 335 0.29 -79.59 -5.46
C VAL AA 335 0.09 -80.80 -4.55
N GLY AA 336 -0.29 -80.54 -3.31
CA GLY AA 336 -0.51 -81.62 -2.36
C GLY AA 336 -1.12 -82.85 -3.01
N GLU AA 337 -0.63 -84.03 -2.61
CA GLU AA 337 -1.12 -85.29 -3.16
C GLU AA 337 -2.53 -85.58 -2.71
N GLU AA 338 -3.37 -86.02 -3.65
CA GLU AA 338 -4.75 -86.33 -3.34
C GLU AA 338 -4.85 -87.37 -2.22
N ALA AA 339 -3.85 -88.24 -2.14
CA ALA AA 339 -3.80 -89.27 -1.12
C ALA AA 339 -3.72 -88.62 0.27
N ALA AA 340 -2.81 -87.67 0.42
CA ALA AA 340 -2.61 -86.96 1.68
C ALA AA 340 -3.78 -86.02 1.99
N ILE AA 341 -4.24 -85.30 0.97
CA ILE AA 341 -5.35 -84.36 1.14
C ILE AA 341 -6.59 -85.13 1.56
N GLN AA 342 -6.99 -86.09 0.74
CA GLN AA 342 -8.17 -86.89 1.01
C GLN AA 342 -8.10 -87.62 2.35
N GLY AA 343 -6.89 -88.02 2.72
CA GLY AA 343 -6.71 -88.71 3.99
C GLY AA 343 -6.91 -87.72 5.13
N ARG AA 344 -6.44 -86.49 4.91
CA ARG AA 344 -6.56 -85.42 5.89
C ARG AA 344 -8.04 -85.15 6.16
N VAL AA 345 -8.84 -85.16 5.09
CA VAL AA 345 -10.27 -84.92 5.20
C VAL AA 345 -10.89 -85.98 6.09
N ALA AA 346 -10.41 -87.22 5.93
CA ALA AA 346 -10.92 -88.33 6.73
C ALA AA 346 -10.70 -88.05 8.22
N GLN AA 347 -9.49 -87.63 8.57
CA GLN AA 347 -9.15 -87.34 9.97
C GLN AA 347 -10.08 -86.29 10.60
N ILE AA 348 -10.39 -85.24 9.83
CA ILE AA 348 -11.25 -84.18 10.31
C ILE AA 348 -12.70 -84.64 10.44
N ARG AA 349 -13.11 -85.58 9.59
CA ARG AA 349 -14.47 -86.09 9.65
C ARG AA 349 -14.72 -86.98 10.88
N GLN AA 350 -13.65 -87.55 11.42
CA GLN AA 350 -13.78 -88.37 12.61
C GLN AA 350 -13.83 -87.40 13.78
N GLN AA 351 -13.12 -86.29 13.65
CA GLN AA 351 -13.09 -85.28 14.69
C GLN AA 351 -14.53 -84.86 14.91
N ILE AA 352 -15.26 -84.73 13.80
CA ILE AA 352 -16.66 -84.34 13.85
C ILE AA 352 -17.49 -85.36 14.59
N GLU AA 353 -17.05 -86.61 14.57
CA GLU AA 353 -17.75 -87.70 15.24
C GLU AA 353 -17.48 -87.57 16.74
N GLU AA 354 -16.20 -87.57 17.07
CA GLU AA 354 -15.75 -87.45 18.45
C GLU AA 354 -16.07 -86.07 19.01
N ALA AA 355 -16.72 -85.24 18.20
CA ALA AA 355 -17.08 -83.88 18.62
C ALA AA 355 -18.11 -83.88 19.75
N THR AA 356 -17.72 -83.28 20.88
CA THR AA 356 -18.58 -83.20 22.06
C THR AA 356 -19.15 -81.79 22.18
N SER AA 357 -19.37 -81.15 21.05
CA SER AA 357 -19.91 -79.79 21.02
C SER AA 357 -20.40 -79.41 19.63
N ASP AA 358 -21.33 -78.46 19.57
CA ASP AA 358 -21.86 -78.01 18.29
C ASP AA 358 -20.88 -77.02 17.66
N TYR AA 359 -20.30 -76.15 18.47
CA TYR AA 359 -19.35 -75.17 17.99
C TYR AA 359 -18.17 -75.90 17.37
N ASP AA 360 -17.51 -76.71 18.19
CA ASP AA 360 -16.35 -77.48 17.74
C ASP AA 360 -16.68 -78.28 16.49
N ARG AA 361 -17.96 -78.63 16.37
CA ARG AA 361 -18.44 -79.40 15.23
C ARG AA 361 -18.53 -78.49 14.01
N GLU AA 362 -19.09 -77.30 14.19
CA GLU AA 362 -19.24 -76.36 13.09
C GLU AA 362 -17.89 -75.95 12.53
N LYS AA 363 -16.92 -75.78 13.42
CA LYS AA 363 -15.57 -75.39 13.01
C LYS AA 363 -14.87 -76.45 12.19
N LEU AA 364 -15.08 -77.71 12.55
CA LEU AA 364 -14.48 -78.82 11.83
C LEU AA 364 -15.09 -78.97 10.44
N GLN AA 365 -16.40 -78.75 10.34
CA GLN AA 365 -17.09 -78.87 9.06
C GLN AA 365 -16.56 -77.79 8.12
N GLU AA 366 -16.36 -76.59 8.65
CA GLU AA 366 -15.83 -75.49 7.84
C GLU AA 366 -14.51 -75.89 7.17
N ARG AA 367 -13.63 -76.51 7.96
CA ARG AA 367 -12.33 -76.93 7.45
C ARG AA 367 -12.41 -77.98 6.34
N VAL AA 368 -13.24 -79.01 6.52
CA VAL AA 368 -13.34 -80.03 5.49
C VAL AA 368 -13.94 -79.41 4.23
N ALA AA 369 -14.96 -78.58 4.42
CA ALA AA 369 -15.62 -77.95 3.29
C ALA AA 369 -14.58 -77.28 2.41
N LYS AA 370 -13.62 -76.61 3.05
CA LYS AA 370 -12.57 -75.92 2.33
C LYS AA 370 -11.66 -76.92 1.63
N LEU AA 371 -11.14 -77.86 2.41
CA LEU AA 371 -10.22 -78.87 1.91
C LEU AA 371 -10.85 -79.80 0.86
N ALA AA 372 -12.07 -80.25 1.13
CA ALA AA 372 -12.76 -81.16 0.22
C ALA AA 372 -13.46 -80.46 -0.95
N GLY AA 373 -14.01 -79.29 -0.67
CA GLY AA 373 -14.74 -78.53 -1.68
C GLY AA 373 -13.98 -78.09 -2.91
N GLY AA 374 -12.70 -77.77 -2.74
CA GLY AA 374 -11.91 -77.34 -3.87
C GLY AA 374 -12.24 -75.94 -4.31
N VAL AA 375 -11.88 -75.62 -5.55
CA VAL AA 375 -12.11 -74.30 -6.13
C VAL AA 375 -12.48 -74.36 -7.62
N ALA AA 376 -13.57 -73.70 -7.96
CA ALA AA 376 -14.06 -73.67 -9.34
C ALA AA 376 -13.29 -72.59 -10.11
N VAL AA 377 -12.72 -72.98 -11.25
CA VAL AA 377 -11.93 -72.06 -12.06
C VAL AA 377 -12.56 -71.80 -13.42
N ILE AA 378 -13.02 -70.56 -13.62
CA ILE AA 378 -13.62 -70.15 -14.88
C ILE AA 378 -12.53 -69.49 -15.74
N LYS AA 379 -12.26 -70.05 -16.92
CA LYS AA 379 -11.27 -69.47 -17.82
C LYS AA 379 -12.01 -68.77 -18.95
N VAL AA 380 -12.07 -67.44 -18.86
CA VAL AA 380 -12.77 -66.64 -19.85
C VAL AA 380 -12.34 -66.86 -21.30
N GLY AA 381 -13.35 -66.97 -22.18
CA GLY AA 381 -13.15 -67.17 -23.61
C GLY AA 381 -12.20 -66.14 -24.20
N ALA AA 382 -12.20 -65.98 -25.52
CA ALA AA 382 -11.24 -65.02 -26.07
C ALA AA 382 -11.50 -64.40 -27.44
N ALA AA 383 -10.52 -64.57 -28.33
CA ALA AA 383 -10.53 -64.01 -29.68
C ALA AA 383 -10.08 -62.57 -29.47
N THR AA 384 -8.76 -62.40 -29.42
CA THR AA 384 -8.07 -61.12 -29.20
C THR AA 384 -7.90 -60.85 -27.71
N GLU AA 385 -6.66 -60.57 -27.32
CA GLU AA 385 -6.32 -60.30 -25.93
C GLU AA 385 -7.17 -59.21 -25.30
N VAL AA 386 -7.61 -58.24 -26.10
CA VAL AA 386 -8.41 -57.15 -25.59
C VAL AA 386 -9.79 -57.59 -25.15
N GLU AA 387 -10.54 -58.22 -26.05
CA GLU AA 387 -11.88 -58.67 -25.73
C GLU AA 387 -11.84 -59.63 -24.55
N MET AA 388 -10.83 -60.48 -24.54
CA MET AA 388 -10.65 -61.46 -23.48
C MET AA 388 -10.55 -60.79 -22.10
N LYS AA 389 -9.76 -59.73 -22.00
CA LYS AA 389 -9.60 -59.01 -20.74
C LYS AA 389 -10.89 -58.27 -20.36
N GLU AA 390 -11.62 -57.79 -21.36
CA GLU AA 390 -12.86 -57.06 -21.13
C GLU AA 390 -13.99 -57.98 -20.64
N LYS AA 391 -14.06 -59.17 -21.21
CA LYS AA 391 -15.08 -60.14 -20.84
C LYS AA 391 -14.78 -60.64 -19.44
N LYS AA 392 -13.50 -60.86 -19.15
CA LYS AA 392 -13.05 -61.34 -17.86
C LYS AA 392 -13.55 -60.40 -16.78
N ALA AA 393 -13.61 -59.11 -17.10
CA ALA AA 393 -14.06 -58.11 -16.15
C ALA AA 393 -15.54 -58.27 -15.88
N ARG AA 394 -16.31 -58.38 -16.95
CA ARG AA 394 -17.75 -58.52 -16.83
C ARG AA 394 -18.12 -59.76 -16.04
N VAL AA 395 -17.35 -60.82 -16.26
CA VAL AA 395 -17.58 -62.08 -15.56
C VAL AA 395 -17.32 -61.90 -14.07
N GLU AA 396 -16.19 -61.26 -13.75
CA GLU AA 396 -15.83 -61.02 -12.34
C GLU AA 396 -16.91 -60.21 -11.61
N ASP AA 397 -17.46 -59.21 -12.28
CA ASP AA 397 -18.51 -58.40 -11.67
C ASP AA 397 -19.78 -59.22 -11.56
N ALA AA 398 -20.19 -59.82 -12.67
CA ALA AA 398 -21.39 -60.64 -12.68
C ALA AA 398 -21.33 -61.66 -11.56
N LEU AA 399 -20.12 -62.18 -11.31
CA LEU AA 399 -19.94 -63.15 -10.25
C LEU AA 399 -20.31 -62.58 -8.89
N HIS AA 400 -19.71 -61.45 -8.52
CA HIS AA 400 -19.99 -60.79 -7.24
C HIS AA 400 -21.48 -60.49 -7.09
N ALA AA 401 -22.10 -60.03 -8.16
CA ALA AA 401 -23.52 -59.70 -8.14
C ALA AA 401 -24.36 -60.94 -7.89
N THR AA 402 -24.02 -62.01 -8.59
CA THR AA 402 -24.76 -63.24 -8.46
C THR AA 402 -24.57 -63.82 -7.06
N ARG AA 403 -23.36 -63.75 -6.56
CA ARG AA 403 -23.07 -64.28 -5.23
C ARG AA 403 -23.96 -63.60 -4.20
N ALA AA 404 -24.08 -62.28 -4.32
CA ALA AA 404 -24.89 -61.50 -3.39
C ALA AA 404 -26.37 -61.80 -3.57
N ALA AA 405 -26.79 -61.93 -4.82
CA ALA AA 405 -28.19 -62.22 -5.13
C ALA AA 405 -28.59 -63.57 -4.54
N VAL AA 406 -27.63 -64.50 -4.52
CA VAL AA 406 -27.87 -65.84 -3.98
C VAL AA 406 -28.01 -65.81 -2.45
N GLU AA 407 -27.37 -64.84 -1.81
CA GLU AA 407 -27.42 -64.70 -0.37
C GLU AA 407 -28.66 -64.02 0.19
N GLU AA 408 -29.17 -63.01 -0.50
CA GLU AA 408 -30.34 -62.29 0.01
C GLU AA 408 -31.40 -61.92 -1.03
N GLY AA 409 -31.28 -62.46 -2.24
CA GLY AA 409 -32.28 -62.17 -3.28
C GLY AA 409 -32.05 -60.86 -4.00
N VAL AA 410 -33.04 -60.43 -4.75
CA VAL AA 410 -32.95 -59.19 -5.50
C VAL AA 410 -34.16 -58.30 -5.30
N VAL AA 411 -34.00 -57.03 -5.61
CA VAL AA 411 -35.07 -56.06 -5.48
C VAL AA 411 -35.02 -55.11 -6.67
N ALA AA 412 -36.09 -54.34 -6.86
CA ALA AA 412 -36.15 -53.40 -7.97
C ALA AA 412 -35.05 -52.34 -7.93
N GLY AA 413 -34.19 -52.34 -8.95
CA GLY AA 413 -33.09 -51.39 -9.02
C GLY AA 413 -33.52 -50.00 -9.48
N GLY AA 414 -32.57 -49.26 -10.05
CA GLY AA 414 -32.87 -47.92 -10.52
C GLY AA 414 -33.29 -47.03 -9.36
N GLY AA 415 -32.99 -47.49 -8.14
CA GLY AA 415 -33.35 -46.74 -6.95
C GLY AA 415 -34.81 -46.83 -6.54
N VAL AA 416 -35.59 -47.64 -7.20
CA VAL AA 416 -37.01 -47.71 -6.83
C VAL AA 416 -37.28 -48.54 -5.60
N ALA AA 417 -36.46 -49.54 -5.33
CA ALA AA 417 -36.67 -50.36 -4.15
C ALA AA 417 -36.64 -49.47 -2.93
N LEU AA 418 -35.64 -48.60 -2.85
CA LEU AA 418 -35.51 -47.70 -1.71
C LEU AA 418 -36.68 -46.75 -1.56
N ILE AA 419 -37.09 -46.14 -2.67
CA ILE AA 419 -38.20 -45.20 -2.60
C ILE AA 419 -39.51 -45.94 -2.28
N ARG AA 420 -39.64 -47.17 -2.79
CA ARG AA 420 -40.83 -47.98 -2.54
C ARG AA 420 -40.91 -48.32 -1.06
N VAL AA 421 -39.79 -48.79 -0.53
CA VAL AA 421 -39.73 -49.17 0.87
C VAL AA 421 -40.08 -47.98 1.79
N ALA AA 422 -39.59 -46.80 1.45
CA ALA AA 422 -39.87 -45.63 2.27
C ALA AA 422 -41.35 -45.24 2.18
N SER AA 423 -41.95 -45.35 1.00
CA SER AA 423 -43.36 -45.01 0.85
C SER AA 423 -44.25 -45.81 1.81
N LYS AA 424 -43.78 -46.96 2.28
CA LYS AA 424 -44.56 -47.78 3.20
C LYS AA 424 -44.39 -47.42 4.67
N LEU AA 425 -43.34 -46.66 4.98
CA LEU AA 425 -43.09 -46.30 6.36
C LEU AA 425 -43.62 -44.92 6.76
N ALA AA 426 -44.62 -44.44 6.03
CA ALA AA 426 -45.21 -43.13 6.28
C ALA AA 426 -45.78 -42.93 7.69
N ASP AA 427 -46.10 -44.02 8.39
CA ASP AA 427 -46.66 -43.87 9.72
C ASP AA 427 -45.65 -44.21 10.82
N LEU AA 428 -44.43 -44.58 10.45
CA LEU AA 428 -43.43 -44.92 11.47
C LEU AA 428 -43.20 -43.73 12.40
N ARG AA 429 -43.22 -43.96 13.70
CA ARG AA 429 -43.03 -42.87 14.66
C ARG AA 429 -42.02 -43.24 15.74
N GLY AA 430 -41.53 -42.23 16.43
CA GLY AA 430 -40.58 -42.47 17.49
C GLY AA 430 -41.14 -42.16 18.85
N GLN AA 431 -40.28 -41.82 19.81
CA GLN AA 431 -40.70 -41.51 21.17
C GLN AA 431 -41.01 -40.04 21.39
N ASN AA 432 -40.49 -39.18 20.53
CA ASN AA 432 -40.75 -37.75 20.63
C ASN AA 432 -40.70 -37.13 19.24
N GLU AA 433 -40.99 -35.84 19.16
CA GLU AA 433 -40.98 -35.16 17.86
C GLU AA 433 -39.63 -35.13 17.16
N ASP AA 434 -38.54 -35.00 17.91
CA ASP AA 434 -37.22 -34.98 17.30
C ASP AA 434 -37.01 -36.31 16.58
N GLN AA 435 -37.32 -37.40 17.27
CA GLN AA 435 -37.19 -38.72 16.67
C GLN AA 435 -38.07 -38.87 15.42
N ASN AA 436 -39.24 -38.24 15.42
CA ASN AA 436 -40.12 -38.30 14.26
C ASN AA 436 -39.46 -37.61 13.09
N VAL AA 437 -38.82 -36.46 13.35
CA VAL AA 437 -38.12 -35.72 12.31
C VAL AA 437 -36.99 -36.59 11.74
N GLY AA 438 -36.26 -37.27 12.64
CA GLY AA 438 -35.20 -38.16 12.20
C GLY AA 438 -35.76 -39.19 11.22
N ILE AA 439 -36.89 -39.81 11.57
CA ILE AA 439 -37.51 -40.79 10.69
C ILE AA 439 -37.83 -40.17 9.33
N LYS AA 440 -38.42 -38.98 9.32
CA LYS AA 440 -38.76 -38.34 8.06
C LYS AA 440 -37.51 -37.97 7.27
N VAL AA 441 -36.44 -37.64 7.99
CA VAL AA 441 -35.18 -37.29 7.33
C VAL AA 441 -34.66 -38.50 6.54
N ALA AA 442 -34.71 -39.66 7.17
CA ALA AA 442 -34.23 -40.88 6.53
C ALA AA 442 -35.11 -41.27 5.35
N LEU AA 443 -36.43 -41.29 5.56
CA LEU AA 443 -37.35 -41.67 4.49
C LEU AA 443 -37.22 -40.77 3.29
N ARG AA 444 -37.04 -39.48 3.54
CA ARG AA 444 -36.90 -38.50 2.49
C ARG AA 444 -35.60 -38.80 1.70
N ALA AA 445 -34.53 -39.13 2.43
CA ALA AA 445 -33.25 -39.42 1.83
C ALA AA 445 -33.30 -40.64 0.92
N MET AA 446 -34.12 -41.61 1.29
CA MET AA 446 -34.23 -42.82 0.50
C MET AA 446 -34.67 -42.55 -0.93
N GLU AA 447 -35.04 -41.30 -1.21
CA GLU AA 447 -35.46 -40.92 -2.55
C GLU AA 447 -34.29 -40.36 -3.38
N ALA AA 448 -33.21 -40.04 -2.70
CA ALA AA 448 -32.05 -39.45 -3.34
C ALA AA 448 -31.56 -40.22 -4.56
N PRO AA 449 -31.31 -41.53 -4.41
CA PRO AA 449 -30.83 -42.29 -5.56
C PRO AA 449 -31.69 -42.17 -6.82
N LEU AA 450 -32.99 -42.45 -6.69
CA LEU AA 450 -33.87 -42.36 -7.85
C LEU AA 450 -33.86 -40.96 -8.42
N ARG AA 451 -34.10 -39.97 -7.56
CA ARG AA 451 -34.13 -38.58 -7.99
C ARG AA 451 -32.87 -38.19 -8.76
N GLN AA 452 -31.71 -38.62 -8.26
CA GLN AA 452 -30.45 -38.30 -8.92
C GLN AA 452 -30.41 -38.97 -10.31
N ILE AA 453 -30.81 -40.23 -10.35
CA ILE AA 453 -30.80 -40.96 -11.60
C ILE AA 453 -31.66 -40.21 -12.60
N VAL AA 454 -32.83 -39.76 -12.14
CA VAL AA 454 -33.75 -39.04 -13.02
C VAL AA 454 -33.17 -37.70 -13.45
N LEU AA 455 -32.50 -37.03 -12.53
CA LEU AA 455 -31.90 -35.75 -12.87
C LEU AA 455 -30.84 -35.92 -13.96
N ASN AA 456 -30.04 -36.99 -13.87
CA ASN AA 456 -29.02 -37.22 -14.87
C ASN AA 456 -29.63 -37.45 -16.24
N CYS AA 457 -30.85 -37.96 -16.27
CA CYS AA 457 -31.54 -38.23 -17.53
C CYS AA 457 -32.11 -36.95 -18.12
N GLY AA 458 -32.09 -35.88 -17.34
CA GLY AA 458 -32.63 -34.62 -17.82
C GLY AA 458 -34.14 -34.54 -17.63
N GLU AA 459 -34.66 -35.34 -16.70
CA GLU AA 459 -36.09 -35.37 -16.39
C GLU AA 459 -36.38 -34.69 -15.06
N GLU AA 460 -37.66 -34.65 -14.66
CA GLU AA 460 -38.03 -34.01 -13.40
C GLU AA 460 -38.22 -35.01 -12.27
N PRO AA 461 -37.26 -35.06 -11.33
CA PRO AA 461 -37.27 -35.95 -10.17
C PRO AA 461 -38.61 -35.95 -9.42
N SER AA 462 -39.09 -34.76 -9.07
CA SER AA 462 -40.34 -34.66 -8.32
C SER AA 462 -41.44 -35.46 -8.98
N VAL AA 463 -41.54 -35.37 -10.30
CA VAL AA 463 -42.60 -36.06 -11.01
C VAL AA 463 -42.39 -37.57 -11.05
N VAL AA 464 -41.20 -38.00 -11.44
CA VAL AA 464 -40.93 -39.43 -11.50
C VAL AA 464 -41.04 -40.06 -10.13
N ALA AA 465 -40.50 -39.39 -9.11
CA ALA AA 465 -40.56 -39.88 -7.74
C ALA AA 465 -42.01 -40.00 -7.31
N ASN AA 466 -42.76 -38.97 -7.65
CA ASN AA 466 -44.18 -38.89 -7.33
C ASN AA 466 -44.95 -40.05 -7.96
N THR AA 467 -44.63 -40.38 -9.21
CA THR AA 467 -45.28 -41.47 -9.93
C THR AA 467 -44.89 -42.84 -9.41
N VAL AA 468 -43.60 -43.05 -9.16
CA VAL AA 468 -43.13 -44.33 -8.65
C VAL AA 468 -43.76 -44.59 -7.29
N LYS AA 469 -43.82 -43.55 -6.46
CA LYS AA 469 -44.42 -43.70 -5.14
C LYS AA 469 -45.92 -44.01 -5.26
N GLY AA 470 -46.56 -43.47 -6.29
CA GLY AA 470 -47.97 -43.68 -6.49
C GLY AA 470 -48.37 -45.13 -6.71
N GLY AA 471 -47.48 -45.91 -7.32
CA GLY AA 471 -47.77 -47.32 -7.58
C GLY AA 471 -47.29 -48.16 -6.42
N ASP AA 472 -47.10 -49.45 -6.66
CA ASP AA 472 -46.64 -50.35 -5.62
C ASP AA 472 -45.90 -51.58 -6.16
N GLY AA 473 -45.43 -52.43 -5.26
CA GLY AA 473 -44.70 -53.61 -5.68
C GLY AA 473 -43.37 -53.17 -6.26
N ASN AA 474 -42.97 -53.79 -7.37
CA ASN AA 474 -41.73 -53.40 -8.02
C ASN AA 474 -42.00 -52.55 -9.26
N TYR AA 475 -43.01 -51.69 -9.14
CA TYR AA 475 -43.37 -50.79 -10.22
C TYR AA 475 -42.39 -49.64 -10.10
N GLY AA 476 -41.69 -49.33 -11.18
CA GLY AA 476 -40.73 -48.24 -11.10
C GLY AA 476 -40.50 -47.52 -12.42
N TYR AA 477 -39.41 -46.74 -12.46
CA TYR AA 477 -39.07 -45.97 -13.64
C TYR AA 477 -37.77 -46.50 -14.23
N ASN AA 478 -37.87 -47.01 -15.44
CA ASN AA 478 -36.72 -47.55 -16.16
C ASN AA 478 -36.01 -46.34 -16.75
N ALA AA 479 -34.93 -45.93 -16.12
CA ALA AA 479 -34.19 -44.76 -16.58
C ALA AA 479 -33.63 -44.95 -18.00
N ALA AA 480 -33.33 -46.18 -18.36
CA ALA AA 480 -32.77 -46.46 -19.67
C ALA AA 480 -33.78 -46.15 -20.76
N THR AA 481 -34.90 -46.86 -20.74
CA THR AA 481 -35.95 -46.68 -21.74
C THR AA 481 -36.85 -45.49 -21.41
N GLU AA 482 -36.69 -44.95 -20.21
CA GLU AA 482 -37.50 -43.81 -19.76
C GLU AA 482 -38.97 -44.15 -19.89
N GLU AA 483 -39.34 -45.32 -19.37
CA GLU AA 483 -40.70 -45.83 -19.38
C GLU AA 483 -40.97 -46.52 -18.06
N TYR AA 484 -42.22 -46.50 -17.60
CA TYR AA 484 -42.55 -47.14 -16.33
C TYR AA 484 -42.93 -48.60 -16.57
N GLY AA 485 -43.02 -49.37 -15.49
CA GLY AA 485 -43.37 -50.78 -15.58
C GLY AA 485 -42.79 -51.55 -14.41
N ASN AA 486 -42.77 -52.88 -14.51
CA ASN AA 486 -42.22 -53.70 -13.44
C ASN AA 486 -40.71 -53.76 -13.58
N MET AA 487 -40.01 -53.23 -12.58
CA MET AA 487 -38.56 -53.20 -12.62
C MET AA 487 -37.89 -54.56 -12.80
N ILE AA 488 -38.42 -55.58 -12.12
CA ILE AA 488 -37.83 -56.92 -12.22
C ILE AA 488 -38.04 -57.52 -13.60
N ASP AA 489 -39.26 -57.45 -14.11
CA ASP AA 489 -39.55 -57.97 -15.43
C ASP AA 489 -38.68 -57.26 -16.47
N MET AA 490 -38.48 -55.96 -16.31
CA MET AA 490 -37.66 -55.22 -17.24
C MET AA 490 -36.18 -55.49 -17.03
N GLY AA 491 -35.89 -56.35 -16.05
CA GLY AA 491 -34.52 -56.73 -15.76
C GLY AA 491 -33.61 -55.64 -15.21
N ILE AA 492 -34.17 -54.76 -14.38
CA ILE AA 492 -33.42 -53.69 -13.78
C ILE AA 492 -33.53 -53.93 -12.30
N LEU AA 493 -32.49 -54.54 -11.74
CA LEU AA 493 -32.51 -54.87 -10.33
C LEU AA 493 -31.15 -54.82 -9.64
N ASP AA 494 -31.17 -54.80 -8.32
CA ASP AA 494 -29.96 -54.80 -7.52
C ASP AA 494 -30.08 -55.88 -6.46
N PRO AA 495 -28.94 -56.51 -6.10
CA PRO AA 495 -29.01 -57.55 -5.08
C PRO AA 495 -29.55 -56.91 -3.80
N THR AA 496 -30.55 -57.52 -3.19
CA THR AA 496 -31.10 -56.96 -1.95
C THR AA 496 -29.98 -56.59 -1.00
N LYS AA 497 -28.92 -57.39 -1.01
CA LYS AA 497 -27.80 -57.13 -0.12
C LYS AA 497 -27.08 -55.80 -0.39
N VAL AA 498 -26.89 -55.46 -1.66
CA VAL AA 498 -26.20 -54.22 -1.99
C VAL AA 498 -27.03 -53.00 -1.56
N THR AA 499 -28.34 -53.03 -1.81
CA THR AA 499 -29.19 -51.92 -1.39
C THR AA 499 -29.18 -51.82 0.13
N ARG AA 500 -29.30 -52.96 0.81
CA ARG AA 500 -29.30 -52.97 2.27
C ARG AA 500 -28.01 -52.38 2.87
N SER AA 501 -26.88 -52.84 2.36
CA SER AA 501 -25.60 -52.37 2.85
C SER AA 501 -25.40 -50.89 2.58
N ALA AA 502 -25.79 -50.45 1.39
CA ALA AA 502 -25.63 -49.04 1.04
C ALA AA 502 -26.36 -48.16 2.03
N LEU AA 503 -27.60 -48.52 2.32
CA LEU AA 503 -28.42 -47.77 3.25
C LEU AA 503 -27.88 -47.83 4.68
N GLN AA 504 -27.57 -49.01 5.17
CA GLN AA 504 -27.09 -49.11 6.53
C GLN AA 504 -25.76 -48.38 6.71
N TYR AA 505 -24.88 -48.48 5.74
CA TYR AA 505 -23.59 -47.82 5.88
C TYR AA 505 -23.71 -46.32 5.79
N ALA AA 506 -24.63 -45.86 4.95
CA ALA AA 506 -24.85 -44.43 4.80
C ALA AA 506 -25.40 -43.91 6.11
N ALA AA 507 -26.45 -44.57 6.61
CA ALA AA 507 -27.12 -44.18 7.84
C ALA AA 507 -26.15 -44.17 9.01
N SER AA 508 -25.16 -45.05 8.94
CA SER AA 508 -24.17 -45.13 10.00
C SER AA 508 -23.30 -43.86 10.08
N VAL AA 509 -22.57 -43.57 9.01
CA VAL AA 509 -21.72 -42.39 9.02
C VAL AA 509 -22.53 -41.10 9.20
N ALA AA 510 -23.73 -41.06 8.64
CA ALA AA 510 -24.56 -39.87 8.76
C ALA AA 510 -24.90 -39.66 10.23
N GLY AA 511 -25.31 -40.75 10.88
CA GLY AA 511 -25.65 -40.65 12.29
C GLY AA 511 -24.49 -40.16 13.14
N LEU AA 512 -23.29 -40.64 12.81
CA LEU AA 512 -22.09 -40.24 13.53
C LEU AA 512 -21.79 -38.77 13.35
N MET AA 513 -21.88 -38.27 12.13
CA MET AA 513 -21.62 -36.86 11.86
C MET AA 513 -22.64 -35.95 12.54
N ILE AA 514 -23.91 -36.33 12.49
CA ILE AA 514 -24.95 -35.53 13.11
C ILE AA 514 -24.73 -35.42 14.61
N THR AA 515 -24.05 -36.39 15.19
CA THR AA 515 -23.79 -36.37 16.62
C THR AA 515 -22.35 -36.03 16.94
N THR AA 516 -21.72 -35.26 16.07
CA THR AA 516 -20.34 -34.83 16.27
C THR AA 516 -20.38 -33.38 16.76
N GLU AA 517 -19.63 -33.09 17.82
CA GLU AA 517 -19.58 -31.74 18.40
C GLU AA 517 -18.21 -31.09 18.37
N CYS AA 518 -17.17 -31.87 18.08
CA CYS AA 518 -15.84 -31.31 18.06
C CYS AA 518 -14.94 -32.01 17.08
N MET AA 519 -14.12 -31.23 16.37
CA MET AA 519 -13.19 -31.75 15.38
C MET AA 519 -11.77 -31.24 15.66
N VAL AA 520 -10.79 -32.13 15.57
CA VAL AA 520 -9.41 -31.78 15.82
C VAL AA 520 -8.54 -32.20 14.65
N THR AA 521 -7.72 -31.27 14.15
CA THR AA 521 -6.82 -31.56 13.05
C THR AA 521 -5.58 -30.67 13.17
N ASP AA 522 -4.52 -31.03 12.46
CA ASP AA 522 -3.31 -30.25 12.53
C ASP AA 522 -3.52 -28.88 11.94
N LEU AA 523 -2.72 -27.93 12.41
CA LEU AA 523 -2.80 -26.56 11.93
C LEU AA 523 -2.22 -26.56 10.52
N PRO AA 524 -2.87 -25.85 9.59
CA PRO AA 524 -2.37 -25.80 8.21
C PRO AA 524 -0.93 -25.32 8.10
N LYS AA 525 -0.36 -24.89 9.23
CA LYS AA 525 1.01 -24.42 9.27
C LYS AA 525 1.99 -25.59 9.33
N SER BA 1 23.36 -48.08 6.18
CA SER BA 1 22.69 -48.78 7.28
C SER BA 1 22.41 -50.24 6.92
N TRP BA 2 21.82 -50.46 5.75
CA TRP BA 2 21.49 -51.79 5.27
C TRP BA 2 22.65 -52.46 4.53
N MET BA 3 22.54 -53.77 4.35
CA MET BA 3 23.57 -54.53 3.67
C MET BA 3 22.97 -55.24 2.43
N THR BA 4 23.84 -55.84 1.62
CA THR BA 4 23.39 -56.54 0.43
C THR BA 4 24.00 -57.92 0.30
N THR BA 5 23.16 -58.91 0.09
CA THR BA 5 23.64 -60.27 -0.08
C THR BA 5 24.23 -60.38 -1.49
N PRO BA 6 24.99 -61.45 -1.75
CA PRO BA 6 25.57 -61.61 -3.09
C PRO BA 6 24.49 -61.57 -4.16
N TRP BA 7 23.37 -62.24 -3.92
CA TRP BA 7 22.27 -62.29 -4.86
C TRP BA 7 21.45 -61.02 -4.94
N GLY BA 8 21.90 -59.97 -4.27
CA GLY BA 8 21.22 -58.68 -4.33
C GLY BA 8 20.13 -58.34 -3.32
N PHE BA 9 19.89 -59.20 -2.35
CA PHE BA 9 18.85 -58.92 -1.37
C PHE BA 9 19.31 -57.83 -0.40
N LEU BA 10 18.58 -56.72 -0.38
CA LEU BA 10 18.88 -55.58 0.50
C LEU BA 10 18.20 -55.83 1.86
N HIS BA 11 18.96 -55.71 2.95
CA HIS BA 11 18.38 -55.97 4.28
C HIS BA 11 19.19 -55.37 5.44
N PRO BA 12 18.53 -55.22 6.61
CA PRO BA 12 19.17 -54.66 7.80
C PRO BA 12 20.22 -55.62 8.33
#